data_7E81
#
_entry.id   7E81
#
_cell.length_a   1.00
_cell.length_b   1.00
_cell.length_c   1.00
_cell.angle_alpha   90.00
_cell.angle_beta   90.00
_cell.angle_gamma   90.00
#
_symmetry.space_group_name_H-M   'P 1'
#
loop_
_entity.id
_entity.type
_entity.pdbx_description
1 polymer 'Flagellar M-ring protein'
2 polymer 'FlgB-Dc loop'
3 polymer 'FliE helix 1'
#
loop_
_entity_poly.entity_id
_entity_poly.type
_entity_poly.pdbx_seq_one_letter_code
_entity_poly.pdbx_strand_id
1 'polypeptide(L)'
;MSATASTATQPKPLEWLNRLRANPRIPLIVAGSAAVAIVVAMVLWAKTPDYRTLFSNLSDQDGGAIVAQLTQMNIPYRFA
NGSGAIEVPADKVHELRLRLAQQGLPKGGAVGFELLDQEKFGISQFSEQVNYQRALEGELARTIETLGPVKSARVHLAMP
KPSLFVREQKSPSASVTVTLEPGRALDEGQISAVVHLVSSAVAGLPPGNVTLVDQSGHLLTQSNTSGRDLNDAQLKFAND
VESRIQRRIEAILSPIVGNGNVHAQVTAQLDFANKEQTEEHYSPNGDASKATLRSRQLNISEQVGAGYPGGVPGALSNQP
APPNEAPIATPPTNQQNAQNTPQTSTSTNSNSAGPRSTQRNETSNYEVDRTIRHTKMNVGDIERLSVAVVVNYKTLADGK
PLPLTADQMKQIEDLTREAMGFSDKRGDTLNVVNSPFSAVDNTGGELPFWQQQSFIDQLLAAGRWLLVLVVAWILWRKAV
RPQLTRRVEEAKAAQEQAQVRQETEEAVEVRLSKDEQLQQRRANQRLGAEVMSQRIREMSDNDPRVVALVIRQWMSNDHE
;
Da,Db,Dc,Dd,De,Df,Dg,Dh,Di,Dj,Dk,Dl,Dm,Dn,Do,Dp,Dq,Dr,Ds,Dt,Du,Dv,Dw,Ca,Cb,Cc,Cd,Ce,Cf,cg,Ch,Ci,Cj,Ck,Cl,Cm,Cn,Co,Cp,Cq,Cr,Cs,Ct,Cu,Cv,Cw,Cx,Cy,Cz,Ea,Eb,Ec,Ed,Ee,Ef,Eg,Fh
2 'polypeptide(L)' (UNK)(UNK)(UNK)(UNK)(UNK)(UNK)(UNK)(UNK)(UNK)(UNK)(UNK)(UNK) GA,GC,GE,GD,GB
3 'polypeptide(L)'
;(UNK)(UNK)(UNK)(UNK)(UNK)(UNK)(UNK)(UNK)(UNK)(UNK)(UNK)(UNK)(UNK)(UNK)(UNK)(UNK)
(UNK)(UNK)
;
GF,GG,GH,GI,GJ,GK
#
# COMPACT_ATOMS: atom_id res chain seq x y z
N PHE A 113 18.53 61.41 15.85
CA PHE A 113 17.56 62.48 15.50
C PHE A 113 17.76 62.90 14.04
N GLU A 114 18.99 63.31 13.69
CA GLU A 114 19.29 63.77 12.31
C GLU A 114 19.03 62.63 11.33
N LEU A 115 19.50 61.41 11.65
CA LEU A 115 19.28 60.25 10.75
C LEU A 115 17.78 60.00 10.64
N LEU A 116 17.07 60.08 11.77
CA LEU A 116 15.60 59.89 11.82
C LEU A 116 14.95 61.00 10.99
N ASP A 117 15.48 62.22 11.13
CA ASP A 117 15.00 63.42 10.39
C ASP A 117 15.19 63.19 8.88
N GLN A 118 16.30 62.56 8.50
CA GLN A 118 16.58 62.31 7.06
C GLN A 118 15.81 61.07 6.61
N GLU A 119 14.53 61.26 6.25
CA GLU A 119 13.65 60.16 5.76
C GLU A 119 13.47 60.36 4.25
N LYS A 120 13.79 59.32 3.46
CA LYS A 120 13.70 59.41 1.98
C LYS A 120 12.95 58.19 1.43
N PHE A 121 12.44 58.30 0.19
CA PHE A 121 11.69 57.20 -0.44
C PHE A 121 12.60 55.97 -0.56
N GLY A 122 13.85 56.18 -0.96
CA GLY A 122 14.79 55.05 -1.06
C GLY A 122 15.00 54.44 0.32
N ILE A 123 14.97 53.11 0.42
CA ILE A 123 15.17 52.45 1.75
C ILE A 123 16.36 51.51 1.66
N SER A 124 17.33 51.67 2.57
CA SER A 124 18.52 50.78 2.59
C SER A 124 18.51 50.01 3.91
N GLN A 125 18.13 48.73 3.85
CA GLN A 125 18.09 47.90 5.10
C GLN A 125 19.43 48.03 5.84
N PHE A 126 20.44 48.62 5.21
CA PHE A 126 21.74 48.77 5.86
C PHE A 126 21.98 50.22 6.25
N SER A 127 21.72 51.14 5.33
CA SER A 127 21.80 52.57 5.66
C SER A 127 20.74 52.99 6.68
N GLU A 128 19.91 52.05 7.13
CA GLU A 128 18.99 52.30 8.22
C GLU A 128 19.72 52.14 9.56
N GLN A 129 20.40 51.02 9.75
CA GLN A 129 21.17 50.78 10.96
C GLN A 129 22.53 51.45 10.94
N VAL A 130 22.76 52.38 10.01
CA VAL A 130 24.02 53.11 9.94
C VAL A 130 23.73 54.58 10.12
N ASN A 131 22.67 55.07 9.46
CA ASN A 131 22.19 56.42 9.75
C ASN A 131 21.76 56.56 11.19
N TYR A 132 21.44 55.45 11.85
CA TYR A 132 21.08 55.46 13.27
C TYR A 132 22.33 55.48 14.14
N GLN A 133 23.29 54.60 13.86
CA GLN A 133 24.52 54.58 14.62
C GLN A 133 25.25 55.90 14.54
N ARG A 134 25.22 56.56 13.39
CA ARG A 134 25.84 57.87 13.26
C ARG A 134 25.13 58.91 14.12
N ALA A 135 23.88 58.68 14.47
CA ALA A 135 23.15 59.60 15.35
C ALA A 135 23.42 59.31 16.81
N LEU A 136 23.50 58.02 17.17
CA LEU A 136 23.90 57.64 18.51
C LEU A 136 25.26 58.24 18.86
N GLU A 137 26.25 58.05 17.98
CA GLU A 137 27.57 58.62 18.19
C GLU A 137 27.52 60.13 18.37
N GLY A 138 26.66 60.80 17.61
CA GLY A 138 26.54 62.25 17.75
C GLY A 138 25.77 62.69 18.96
N GLU A 139 24.89 61.83 19.46
CA GLU A 139 24.15 62.09 20.69
C GLU A 139 24.99 61.77 21.93
N LEU A 140 25.67 60.62 21.90
CA LEU A 140 26.55 60.25 23.02
C LEU A 140 27.65 61.27 23.21
N ALA A 141 28.17 61.83 22.13
CA ALA A 141 29.22 62.83 22.23
C ALA A 141 28.71 64.21 22.61
N ARG A 142 27.40 64.43 22.54
CA ARG A 142 26.84 65.70 22.99
C ARG A 142 26.67 65.75 24.49
N THR A 143 26.59 64.60 25.16
CA THR A 143 26.47 64.57 26.60
C THR A 143 27.82 64.63 27.26
N ILE A 144 28.78 63.86 26.76
CA ILE A 144 30.15 63.91 27.27
C ILE A 144 30.71 65.31 27.15
N GLU A 145 30.22 66.10 26.19
CA GLU A 145 30.61 67.50 26.15
C GLU A 145 30.05 68.26 27.33
N THR A 146 28.80 67.99 27.70
CA THR A 146 28.16 68.63 28.86
C THR A 146 28.51 67.86 30.13
N LEU A 147 29.81 67.84 30.44
CA LEU A 147 30.27 67.04 31.54
C LEU A 147 31.34 67.72 32.39
N GLY A 148 31.65 68.98 32.16
CA GLY A 148 32.58 69.69 33.00
C GLY A 148 33.95 69.83 32.38
N PRO A 149 34.90 68.98 32.81
CA PRO A 149 36.26 69.06 32.27
C PRO A 149 36.35 68.85 30.78
N VAL A 150 35.43 68.12 30.18
CA VAL A 150 35.46 67.84 28.75
C VAL A 150 35.00 69.06 27.99
N LYS A 151 35.78 69.45 26.97
CA LYS A 151 35.41 70.54 26.08
C LYS A 151 34.71 70.06 24.81
N SER A 152 35.13 68.90 24.30
CA SER A 152 34.49 68.33 23.11
C SER A 152 34.87 66.86 23.00
N ALA A 153 33.88 65.98 22.89
CA ALA A 153 34.14 64.56 22.76
C ALA A 153 33.91 64.12 21.32
N ARG A 154 34.33 62.90 21.03
CA ARG A 154 34.20 62.35 19.69
C ARG A 154 34.20 60.82 19.76
N VAL A 155 33.04 60.19 19.69
CA VAL A 155 32.90 58.77 19.96
C VAL A 155 32.54 58.04 18.68
N HIS A 156 33.17 56.88 18.45
CA HIS A 156 32.81 55.97 17.38
C HIS A 156 32.42 54.63 17.98
N LEU A 157 31.36 54.03 17.46
CA LEU A 157 30.92 52.73 17.91
C LEU A 157 31.31 51.67 16.89
N ALA A 158 31.36 50.42 17.36
CA ALA A 158 31.80 49.31 16.55
C ALA A 158 30.82 48.14 16.69
N MET A 159 29.54 48.47 16.54
CA MET A 159 28.45 47.45 16.69
C MET A 159 28.47 46.47 15.51
N PRO A 160 28.75 45.17 15.75
CA PRO A 160 28.76 44.14 14.71
C PRO A 160 27.60 43.19 15.03
N LYS A 161 26.41 43.46 14.46
CA LYS A 161 25.23 42.63 14.80
C LYS A 161 25.17 41.45 13.83
N PRO A 162 25.45 41.65 12.52
CA PRO A 162 25.41 40.52 11.61
C PRO A 162 26.48 39.51 12.05
N SER A 163 26.12 38.22 12.07
CA SER A 163 27.05 37.13 12.47
C SER A 163 26.82 35.92 11.56
N LEU A 164 27.80 35.62 10.70
CA LEU A 164 27.63 34.47 9.76
C LEU A 164 28.44 33.29 10.28
N PHE A 165 27.75 32.24 10.75
CA PHE A 165 28.42 31.01 11.24
C PHE A 165 29.51 31.36 12.27
N VAL A 166 29.21 32.22 13.24
CA VAL A 166 30.24 32.59 14.25
C VAL A 166 29.76 32.13 15.64
N ARG A 167 30.56 31.28 16.31
CA ARG A 167 30.19 30.77 17.65
C ARG A 167 30.14 31.94 18.63
N GLU A 168 31.08 32.89 18.51
CA GLU A 168 31.14 34.05 19.42
C GLU A 168 30.82 35.33 18.65
N GLN A 169 29.87 36.12 19.15
CA GLN A 169 29.46 37.39 18.50
C GLN A 169 30.62 38.37 18.47
N LYS A 170 31.37 38.44 19.58
CA LYS A 170 32.56 39.30 19.89
C LYS A 170 32.13 40.68 20.41
N SER A 171 30.81 40.94 20.43
CA SER A 171 30.17 42.16 20.98
C SER A 171 30.53 43.45 20.25
N PRO A 172 30.30 44.63 20.87
CA PRO A 172 30.59 45.94 20.32
C PRO A 172 31.68 46.66 21.13
N SER A 173 32.25 47.73 20.57
CA SER A 173 33.30 48.52 21.18
C SER A 173 33.01 49.99 20.88
N ALA A 174 33.72 50.86 21.61
CA ALA A 174 33.58 52.29 21.40
C ALA A 174 34.94 52.94 21.65
N SER A 175 35.08 54.17 21.19
CA SER A 175 36.36 54.86 21.38
C SER A 175 36.07 56.35 21.54
N VAL A 176 35.94 56.78 22.79
CA VAL A 176 35.76 58.18 23.06
C VAL A 176 37.11 58.90 22.93
N THR A 177 37.06 60.16 22.54
CA THR A 177 38.27 60.92 22.27
C THR A 177 38.12 62.32 22.90
N VAL A 178 37.77 62.35 24.18
CA VAL A 178 37.53 63.61 24.87
C VAL A 178 38.70 64.57 24.70
N THR A 179 38.39 65.86 24.72
CA THR A 179 39.36 66.93 24.59
C THR A 179 39.15 67.84 25.80
N LEU A 180 39.88 67.58 26.86
CA LEU A 180 39.62 68.25 28.14
C LEU A 180 39.81 69.76 28.02
N GLU A 181 39.18 70.48 28.94
CA GLU A 181 39.29 71.93 28.95
C GLU A 181 40.73 72.33 29.24
N PRO A 182 41.13 73.54 28.83
CA PRO A 182 42.51 73.98 29.08
C PRO A 182 42.90 73.91 30.54
N GLY A 183 43.89 73.07 30.84
CA GLY A 183 44.35 72.91 32.21
C GLY A 183 43.44 72.06 33.05
N ARG A 184 43.28 70.80 32.67
CA ARG A 184 42.41 69.88 33.38
C ARG A 184 42.83 68.46 33.05
N ALA A 185 42.41 67.54 33.91
CA ALA A 185 42.75 66.12 33.72
C ALA A 185 41.75 65.29 34.48
N LEU A 186 41.23 64.25 33.82
CA LEU A 186 40.21 63.41 34.42
C LEU A 186 40.83 62.53 35.50
N ASP A 187 40.19 62.49 36.67
CA ASP A 187 40.70 61.73 37.79
C ASP A 187 40.51 60.24 37.54
N GLU A 188 40.84 59.40 38.53
CA GLU A 188 40.74 57.96 38.33
C GLU A 188 39.29 57.49 38.37
N GLY A 189 38.42 58.24 39.03
CA GLY A 189 37.01 57.89 39.11
C GLY A 189 36.19 58.69 38.12
N GLN A 190 36.82 59.70 37.52
CA GLN A 190 36.22 60.46 36.45
C GLN A 190 36.36 59.77 35.10
N ILE A 191 37.14 58.69 35.04
CA ILE A 191 37.23 57.89 33.83
C ILE A 191 36.05 56.95 33.72
N SER A 192 35.73 56.26 34.83
CA SER A 192 34.57 55.39 34.83
C SER A 192 33.28 56.16 34.62
N ALA A 193 33.26 57.45 34.95
CA ALA A 193 32.10 58.27 34.60
C ALA A 193 31.88 58.26 33.10
N VAL A 194 32.94 58.52 32.31
CA VAL A 194 32.81 58.56 30.87
C VAL A 194 32.78 57.16 30.26
N VAL A 195 33.30 56.15 30.95
CA VAL A 195 33.22 54.80 30.43
C VAL A 195 31.80 54.26 30.55
N HIS A 196 31.22 54.33 31.76
CA HIS A 196 29.86 53.85 31.96
C HIS A 196 28.83 54.73 31.27
N LEU A 197 29.15 56.00 31.04
CA LEU A 197 28.28 56.87 30.27
C LEU A 197 28.08 56.37 28.84
N VAL A 198 28.98 55.52 28.35
CA VAL A 198 28.92 55.02 26.99
C VAL A 198 28.66 53.53 27.01
N SER A 199 29.26 52.83 27.97
CA SER A 199 29.04 51.40 28.09
C SER A 199 27.57 51.07 28.28
N SER A 200 26.81 51.96 28.94
CA SER A 200 25.41 51.72 29.23
C SER A 200 24.48 52.25 28.17
N ALA A 201 24.86 53.28 27.46
CA ALA A 201 24.03 53.85 26.40
C ALA A 201 24.11 53.06 25.10
N VAL A 202 24.82 51.94 25.07
CA VAL A 202 24.97 51.13 23.87
C VAL A 202 24.69 49.67 24.23
N ALA A 203 23.86 49.02 23.43
CA ALA A 203 23.36 47.70 23.75
C ALA A 203 24.47 46.66 23.67
N GLY A 204 24.70 45.97 24.79
CA GLY A 204 25.65 44.87 24.80
C GLY A 204 27.10 45.26 24.82
N LEU A 205 27.42 46.48 25.28
CA LEU A 205 28.78 46.98 25.31
C LEU A 205 29.32 46.97 26.73
N PRO A 206 30.17 46.02 27.10
CA PRO A 206 30.74 46.01 28.44
C PRO A 206 31.67 47.19 28.63
N PRO A 207 31.99 47.57 29.86
CA PRO A 207 32.92 48.68 30.09
C PRO A 207 34.36 48.31 29.79
N GLY A 208 34.67 47.04 29.53
CA GLY A 208 35.99 46.64 29.15
C GLY A 208 36.34 46.85 27.70
N ASN A 209 35.39 47.33 26.90
CA ASN A 209 35.60 47.61 25.49
C ASN A 209 35.63 49.09 25.16
N VAL A 210 35.31 49.96 26.12
CA VAL A 210 35.31 51.39 25.84
C VAL A 210 36.73 51.91 25.99
N THR A 211 37.14 52.75 25.03
CA THR A 211 38.49 53.28 24.96
C THR A 211 38.41 54.80 25.05
N LEU A 212 39.05 55.36 26.07
CA LEU A 212 39.04 56.80 26.28
C LEU A 212 40.44 57.35 26.04
N VAL A 213 40.53 58.42 25.27
CA VAL A 213 41.80 59.00 24.85
C VAL A 213 41.66 60.51 24.90
N ASP A 214 42.71 61.19 25.39
CA ASP A 214 42.66 62.64 25.51
C ASP A 214 43.01 63.28 24.18
N GLN A 215 43.26 64.60 24.22
CA GLN A 215 43.80 65.34 23.10
C GLN A 215 45.32 65.35 23.12
N SER A 216 45.94 64.55 23.97
CA SER A 216 47.39 64.46 24.06
C SER A 216 47.79 62.99 24.13
N GLY A 217 47.21 62.18 23.25
CA GLY A 217 47.42 60.75 23.36
C GLY A 217 46.83 60.25 24.65
N HIS A 218 47.67 59.62 25.48
CA HIS A 218 47.29 59.28 26.84
C HIS A 218 46.05 58.41 26.91
N LEU A 219 46.13 57.19 26.41
CA LEU A 219 45.06 56.22 26.59
C LEU A 219 44.71 56.10 28.06
N LEU A 220 43.50 56.49 28.44
CA LEU A 220 43.15 56.55 29.86
C LEU A 220 42.60 55.22 30.36
N THR A 221 41.91 54.50 29.48
CA THR A 221 41.30 53.18 29.83
C THR A 221 42.39 52.11 29.89
N PHE B 113 29.79 59.14 7.09
CA PHE B 113 28.70 60.15 7.14
C PHE B 113 28.55 60.79 5.75
N GLU B 114 29.64 61.34 5.22
CA GLU B 114 29.61 61.99 3.88
C GLU B 114 29.22 60.94 2.85
N LEU B 115 29.79 59.74 2.94
CA LEU B 115 29.46 58.64 1.99
C LEU B 115 27.98 58.31 2.15
N LEU B 116 27.51 58.24 3.41
CA LEU B 116 26.08 57.96 3.70
C LEU B 116 25.24 59.11 3.14
N ASP B 117 25.73 60.34 3.29
CA ASP B 117 25.03 61.55 2.80
C ASP B 117 24.87 61.44 1.28
N GLN B 118 25.92 60.99 0.59
CA GLN B 118 25.84 60.82 -0.88
C GLN B 118 24.73 59.80 -1.18
N GLU B 119 23.89 60.08 -2.17
CA GLU B 119 22.76 59.19 -2.55
C GLU B 119 22.92 58.73 -3.99
N LYS B 120 22.78 57.44 -4.25
CA LYS B 120 22.92 56.88 -5.62
C LYS B 120 21.60 56.22 -6.05
N PHE B 121 21.09 56.58 -7.23
CA PHE B 121 19.83 56.00 -7.75
C PHE B 121 20.04 54.50 -7.96
N GLY B 122 21.20 54.12 -8.49
CA GLY B 122 21.55 52.71 -8.74
C GLY B 122 21.83 51.94 -7.46
N ILE B 123 21.74 50.62 -7.52
CA ILE B 123 21.98 49.73 -6.34
C ILE B 123 23.31 48.99 -6.53
N SER B 124 24.19 49.09 -5.52
CA SER B 124 25.53 48.42 -5.56
C SER B 124 25.74 47.66 -4.25
N GLN B 125 25.22 46.43 -4.18
CA GLN B 125 25.33 45.55 -2.98
C GLN B 125 26.77 45.59 -2.45
N PHE B 126 27.76 45.43 -3.34
CA PHE B 126 29.17 45.44 -3.00
C PHE B 126 29.65 46.87 -2.82
N SER B 127 29.30 47.77 -3.75
CA SER B 127 29.61 49.18 -3.59
C SER B 127 28.86 49.81 -2.41
N GLU B 128 28.05 49.03 -1.72
CA GLU B 128 27.44 49.47 -0.47
C GLU B 128 28.43 49.32 0.69
N GLN B 129 29.00 48.13 0.84
CA GLN B 129 29.99 47.87 1.87
C GLN B 129 31.38 48.36 1.50
N VAL B 130 31.50 49.18 0.46
CA VAL B 130 32.78 49.73 0.04
C VAL B 130 32.71 51.24 0.12
N ASN B 131 31.60 51.81 -0.33
CA ASN B 131 31.34 53.22 -0.08
C ASN B 131 31.27 53.53 1.40
N TYR B 132 30.97 52.52 2.23
CA TYR B 132 30.96 52.69 3.67
C TYR B 132 32.36 52.61 4.25
N GLN B 133 33.13 51.59 3.86
CA GLN B 133 34.49 51.45 4.35
C GLN B 133 35.33 52.67 3.98
N ARG B 134 35.11 53.23 2.80
CA ARG B 134 35.82 54.44 2.41
C ARG B 134 35.45 55.63 3.29
N ALA B 135 34.28 55.60 3.92
CA ALA B 135 33.88 56.66 4.84
C ALA B 135 34.45 56.43 6.23
N LEU B 136 34.45 55.18 6.69
CA LEU B 136 35.11 54.85 7.95
C LEU B 136 36.56 55.29 7.94
N GLU B 137 37.30 54.89 6.89
CA GLU B 137 38.69 55.31 6.76
C GLU B 137 38.85 56.82 6.79
N GLY B 138 37.93 57.55 6.17
CA GLY B 138 38.01 59.00 6.19
C GLY B 138 37.57 59.62 7.49
N GLU B 139 36.74 58.93 8.25
CA GLU B 139 36.33 59.37 9.58
C GLU B 139 37.39 59.03 10.63
N LEU B 140 37.91 57.81 10.57
CA LEU B 140 38.96 57.40 11.49
C LEU B 140 40.20 58.29 11.36
N ALA B 141 40.52 58.69 10.14
CA ALA B 141 41.67 59.55 9.91
C ALA B 141 41.42 60.99 10.26
N ARG B 142 40.16 61.39 10.44
CA ARG B 142 39.85 62.74 10.87
C ARG B 142 40.04 62.94 12.36
N THR B 143 39.98 61.85 13.14
CA THR B 143 40.18 61.94 14.58
C THR B 143 41.65 61.88 14.92
N ILE B 144 42.37 60.95 14.30
CA ILE B 144 43.81 60.85 14.50
C ILE B 144 44.49 62.16 14.13
N GLU B 145 43.90 62.93 13.23
CA GLU B 145 44.42 64.26 12.96
C GLU B 145 44.23 65.17 14.16
N THR B 146 43.07 65.09 14.81
CA THR B 146 42.79 65.89 16.00
C THR B 146 43.32 65.17 17.24
N LEU B 147 44.64 65.01 17.27
CA LEU B 147 45.25 64.23 18.33
C LEU B 147 46.55 64.82 18.85
N GLY B 148 46.93 66.02 18.43
CA GLY B 148 48.11 66.65 18.98
C GLY B 148 49.31 66.57 18.08
N PRO B 149 50.23 65.63 18.37
CA PRO B 149 51.44 65.50 17.56
C PRO B 149 51.16 65.17 16.10
N VAL B 150 50.05 64.52 15.80
CA VAL B 150 49.74 64.14 14.42
C VAL B 150 49.26 65.35 13.65
N LYS B 151 49.83 65.57 12.46
CA LYS B 151 49.39 66.63 11.56
C LYS B 151 48.38 66.14 10.54
N SER B 152 48.54 64.91 10.06
CA SER B 152 47.59 64.34 9.11
C SER B 152 47.76 62.83 9.05
N ALA B 153 46.69 62.09 9.24
CA ALA B 153 46.74 60.64 9.21
C ALA B 153 46.15 60.14 7.90
N ARG B 154 46.35 58.84 7.66
CA ARG B 154 45.87 58.22 6.44
C ARG B 154 45.71 56.72 6.65
N VAL B 155 44.50 56.25 6.90
CA VAL B 155 44.27 54.88 7.32
C VAL B 155 43.55 54.11 6.23
N HIS B 156 43.98 52.87 5.99
CA HIS B 156 43.28 51.93 5.13
C HIS B 156 42.88 50.70 5.92
N LEU B 157 41.67 50.22 5.70
CA LEU B 157 41.20 49.01 6.36
C LEU B 157 41.23 47.84 5.40
N ALA B 158 41.25 46.64 5.96
CA ALA B 158 41.37 45.42 5.19
C ALA B 158 40.32 44.41 5.66
N MET B 159 39.07 44.89 5.75
CA MET B 159 37.94 44.04 6.25
C MET B 159 37.28 43.27 5.10
N PRO B 160 37.37 41.82 5.13
CA PRO B 160 36.92 40.45 4.25
C PRO B 160 35.61 39.80 4.75
N LYS B 161 34.92 39.08 3.86
CA LYS B 161 33.63 38.43 4.17
C LYS B 161 33.82 36.96 4.57
N PRO B 162 35.05 36.41 4.61
CA PRO B 162 35.19 34.98 4.97
C PRO B 162 35.35 34.80 6.48
N SER B 163 34.34 34.21 7.14
CA SER B 163 34.38 33.99 8.61
C SER B 163 34.76 32.53 8.93
N LEU B 164 34.10 31.57 8.27
CA LEU B 164 34.39 30.14 8.54
C LEU B 164 34.90 29.48 7.26
N PHE B 165 36.08 28.86 7.34
CA PHE B 165 36.72 28.15 6.20
C PHE B 165 37.85 27.30 6.78
N VAL B 166 39.07 27.84 6.71
CA VAL B 166 40.30 27.20 7.26
C VAL B 166 40.32 27.45 8.78
N ARG B 167 41.19 26.73 9.50
CA ARG B 167 41.26 26.89 10.98
C ARG B 167 41.62 28.33 11.32
N GLU B 168 42.56 28.95 10.59
CA GLU B 168 42.97 30.35 10.87
C GLU B 168 41.76 31.28 10.66
N GLN B 169 41.53 32.19 11.62
CA GLN B 169 40.42 33.17 11.58
C GLN B 169 40.63 34.14 10.41
N LYS B 170 41.87 34.61 10.22
CA LYS B 170 42.21 35.57 9.13
C LYS B 170 41.34 36.82 9.23
N SER B 171 41.16 37.37 10.44
CA SER B 171 40.34 38.59 10.67
C SER B 171 41.11 39.84 10.21
N PRO B 172 40.38 41.12 9.93
CA PRO B 172 40.71 42.48 9.46
C PRO B 172 41.97 43.18 9.98
N SER B 173 42.52 44.09 9.15
CA SER B 173 43.76 44.78 9.46
C SER B 173 43.58 46.25 9.08
N ALA B 174 44.53 47.07 9.53
CA ALA B 174 44.51 48.48 9.22
C ALA B 174 45.94 48.97 9.13
N SER B 175 46.13 50.13 8.52
CA SER B 175 47.48 50.65 8.36
C SER B 175 47.42 52.18 8.43
N VAL B 176 47.61 52.71 9.64
CA VAL B 176 47.67 54.15 9.79
C VAL B 176 49.02 54.66 9.30
N THR B 177 49.02 55.89 8.81
CA THR B 177 50.22 56.47 8.22
C THR B 177 50.38 57.90 8.71
N VAL B 178 50.34 58.08 10.03
CA VAL B 178 50.39 59.41 10.63
C VAL B 178 51.60 60.18 10.12
N THR B 179 51.45 61.50 10.08
CA THR B 179 52.48 62.44 9.64
C THR B 179 52.64 63.44 10.76
N LEU B 180 53.56 63.17 11.68
CA LEU B 180 53.66 63.95 12.90
C LEU B 180 54.00 65.40 12.59
N GLU B 181 53.67 66.27 13.55
CA GLU B 181 53.95 67.68 13.39
C GLU B 181 55.45 67.93 13.33
N PRO B 182 55.89 69.03 12.73
CA PRO B 182 57.32 69.30 12.63
C PRO B 182 58.03 69.28 13.97
N GLY B 183 58.96 68.34 14.14
CA GLY B 183 59.69 68.23 15.38
C GLY B 183 58.90 67.57 16.47
N ARG B 184 58.52 66.30 16.26
CA ARG B 184 57.72 65.57 17.24
C ARG B 184 57.90 64.09 16.97
N ALA B 185 57.58 63.29 17.98
CA ALA B 185 57.71 61.84 17.87
C ALA B 185 56.81 61.19 18.90
N LEU B 186 56.05 60.20 18.48
CA LEU B 186 55.11 59.54 19.37
C LEU B 186 55.84 58.67 20.37
N ASP B 187 55.48 58.79 21.64
CA ASP B 187 56.14 58.05 22.71
C ASP B 187 55.72 56.59 22.64
N GLU B 188 56.17 55.79 23.62
CA GLU B 188 55.87 54.37 23.60
C GLU B 188 54.42 54.10 23.99
N GLY B 189 53.80 55.01 24.74
CA GLY B 189 52.42 54.85 25.15
C GLY B 189 51.51 55.68 24.29
N GLN B 190 52.09 56.55 23.48
CA GLN B 190 51.35 57.30 22.48
C GLN B 190 51.11 56.50 21.21
N ILE B 191 51.73 55.33 21.09
CA ILE B 191 51.46 54.44 19.97
C ILE B 191 50.19 53.65 20.22
N SER B 192 50.05 53.09 21.42
CA SER B 192 48.82 52.39 21.78
C SER B 192 47.61 53.31 21.76
N ALA B 193 47.81 54.61 21.96
CA ALA B 193 46.72 55.55 21.78
C ALA B 193 46.15 55.45 20.36
N VAL B 194 47.03 55.51 19.36
CA VAL B 194 46.58 55.47 17.97
C VAL B 194 46.26 54.05 17.52
N VAL B 195 46.81 53.03 18.19
CA VAL B 195 46.46 51.67 17.84
C VAL B 195 45.05 51.34 18.32
N HIS B 196 44.78 51.57 19.60
CA HIS B 196 43.45 51.28 20.13
C HIS B 196 42.40 52.24 19.59
N LEU B 197 42.80 53.43 19.17
CA LEU B 197 41.88 54.36 18.52
C LEU B 197 41.32 53.78 17.23
N VAL B 198 41.97 52.79 16.64
CA VAL B 198 41.56 52.20 15.38
C VAL B 198 41.15 50.76 15.60
N SER B 199 41.87 50.06 16.48
CA SER B 199 41.50 48.69 16.79
C SER B 199 40.09 48.58 17.32
N SER B 200 39.61 49.60 18.02
CA SER B 200 38.29 49.57 18.64
C SER B 200 37.21 50.14 17.75
N ALA B 201 37.54 51.06 16.87
CA ALA B 201 36.56 51.65 15.97
C ALA B 201 36.25 50.77 14.77
N VAL B 202 36.80 49.56 14.70
CA VAL B 202 36.59 48.65 13.58
C VAL B 202 36.24 47.28 14.13
N ALA B 203 35.18 46.70 13.59
CA ALA B 203 34.62 45.47 14.15
C ALA B 203 35.57 44.29 13.94
N GLY B 204 35.95 43.65 15.04
CA GLY B 204 36.75 42.45 14.96
C GLY B 204 38.21 42.64 14.64
N LEU B 205 38.75 43.84 14.90
CA LEU B 205 40.14 44.15 14.58
C LEU B 205 40.98 44.17 15.85
N PRO B 206 41.77 43.15 16.12
CA PRO B 206 42.62 43.16 17.30
C PRO B 206 43.70 44.23 17.16
N PRO B 207 44.32 44.64 18.27
CA PRO B 207 45.40 45.63 18.17
C PRO B 207 46.69 45.06 17.61
N GLY B 208 46.78 43.75 17.43
CA GLY B 208 47.94 43.14 16.81
C GLY B 208 47.97 43.20 15.31
N ASN B 209 46.92 43.74 14.68
CA ASN B 209 46.85 43.88 13.24
C ASN B 209 46.98 45.33 12.77
N VAL B 210 46.97 46.29 13.68
CA VAL B 210 47.07 47.68 13.27
C VAL B 210 48.54 48.03 13.05
N THR B 211 48.82 48.72 11.95
CA THR B 211 50.16 49.08 11.54
C THR B 211 50.29 50.59 11.50
N LEU B 212 51.20 51.14 12.30
CA LEU B 212 51.40 52.57 12.37
C LEU B 212 52.76 52.91 11.77
N VAL B 213 52.80 53.91 10.89
CA VAL B 213 53.99 54.28 10.16
C VAL B 213 54.05 55.79 10.10
N ASP B 214 55.24 56.36 10.26
CA ASP B 214 55.40 57.81 10.26
C ASP B 214 55.51 58.31 8.83
N GLN B 215 55.90 59.57 8.68
CA GLN B 215 56.26 60.15 7.40
C GLN B 215 57.74 59.97 7.10
N SER B 216 58.44 59.16 7.88
CA SER B 216 59.85 58.88 7.67
C SER B 216 60.09 57.37 7.79
N GLY B 217 59.24 56.59 7.14
CA GLY B 217 59.30 55.16 7.34
C GLY B 217 58.97 54.84 8.78
N HIS B 218 59.89 54.16 9.45
CA HIS B 218 59.80 53.97 10.89
C HIS B 218 58.50 53.28 11.32
N LEU B 219 58.33 52.03 10.94
CA LEU B 219 57.23 51.22 11.43
C LEU B 219 57.21 51.26 12.96
N LEU B 220 56.16 51.83 13.55
CA LEU B 220 56.14 52.04 14.98
C LEU B 220 55.58 50.84 15.73
N THR B 221 54.63 50.14 15.09
CA THR B 221 53.97 48.96 15.69
C THR B 221 54.91 47.74 15.62
N PHE C 113 38.63 54.63 -5.16
CA PHE C 113 37.85 55.77 -4.63
C PHE C 113 37.35 56.65 -5.79
N GLU C 114 38.27 57.23 -6.56
CA GLU C 114 37.91 58.11 -7.70
C GLU C 114 37.13 57.31 -8.75
N LEU C 115 37.57 56.08 -9.03
CA LEU C 115 36.91 55.21 -10.03
C LEU C 115 35.49 54.90 -9.60
N LEU C 116 35.29 54.67 -8.30
CA LEU C 116 33.95 54.34 -7.73
C LEU C 116 32.98 55.49 -8.00
N ASP C 117 33.45 56.73 -7.86
CA ASP C 117 32.59 57.93 -8.10
C ASP C 117 32.08 57.90 -9.54
N GLN C 118 32.93 57.55 -10.50
CA GLN C 118 32.50 57.47 -11.92
C GLN C 118 31.42 56.40 -12.03
N GLU C 119 30.37 56.67 -12.82
CA GLU C 119 29.23 55.72 -12.98
C GLU C 119 29.37 55.00 -14.33
N LYS C 120 29.27 53.66 -14.32
CA LYS C 120 29.41 52.85 -15.55
C LYS C 120 28.05 52.22 -15.91
N PHE C 121 27.62 52.41 -17.16
CA PHE C 121 26.32 51.87 -17.66
C PHE C 121 26.35 50.33 -17.62
N GLY C 122 27.48 49.74 -17.99
CA GLY C 122 27.61 48.27 -18.02
C GLY C 122 27.42 47.63 -16.65
N ILE C 123 26.70 46.51 -16.61
CA ILE C 123 26.41 45.75 -15.36
C ILE C 123 27.49 44.67 -15.16
N SER C 124 28.47 44.63 -16.06
CA SER C 124 29.59 43.65 -16.03
C SER C 124 30.11 43.45 -14.62
N GLN C 125 29.50 42.51 -13.89
CA GLN C 125 29.91 42.19 -12.49
C GLN C 125 31.43 42.00 -12.43
N PHE C 126 32.14 42.26 -13.53
CA PHE C 126 33.58 42.07 -13.50
C PHE C 126 34.31 43.40 -13.54
N SER C 127 33.89 44.30 -14.44
CA SER C 127 34.44 45.64 -14.45
C SER C 127 34.08 46.44 -13.20
N GLU C 128 33.32 45.83 -12.29
CA GLU C 128 33.08 46.43 -10.99
C GLU C 128 34.26 46.17 -10.05
N GLN C 129 34.66 44.91 -9.93
CA GLN C 129 35.81 44.54 -9.10
C GLN C 129 37.14 44.76 -9.80
N VAL C 130 37.15 45.50 -10.90
CA VAL C 130 38.39 45.82 -11.62
C VAL C 130 38.56 47.32 -11.64
N ASN C 131 37.47 48.05 -11.90
CA ASN C 131 37.50 49.50 -11.71
C ASN C 131 37.80 49.87 -10.27
N TYR C 132 37.54 48.97 -9.33
CA TYR C 132 37.87 49.19 -7.93
C TYR C 132 39.32 48.91 -7.65
N GLN C 133 39.82 47.75 -8.11
CA GLN C 133 41.23 47.42 -7.91
C GLN C 133 42.14 48.46 -8.53
N ARG C 134 41.76 49.00 -9.69
CA ARG C 134 42.55 50.05 -10.30
C ARG C 134 42.56 51.32 -9.47
N ALA C 135 41.58 51.51 -8.60
CA ALA C 135 41.54 52.67 -7.71
C ALA C 135 42.36 52.41 -6.45
N LEU C 136 42.27 51.21 -5.90
CA LEU C 136 43.12 50.82 -4.78
C LEU C 136 44.59 51.01 -5.14
N GLU C 137 45.02 50.46 -6.28
CA GLU C 137 46.40 50.62 -6.73
C GLU C 137 46.78 52.10 -6.85
N GLY C 138 45.86 52.94 -7.32
CA GLY C 138 46.18 54.35 -7.43
C GLY C 138 46.13 55.09 -6.13
N GLU C 139 45.39 54.58 -5.15
CA GLU C 139 45.36 55.14 -3.82
C GLU C 139 46.54 54.68 -2.99
N LEU C 140 46.86 53.39 -3.05
CA LEU C 140 48.00 52.85 -2.33
C LEU C 140 49.29 53.51 -2.79
N ALA C 141 49.40 53.81 -4.08
CA ALA C 141 50.60 54.44 -4.60
C ALA C 141 50.64 55.94 -4.33
N ARG C 142 49.53 56.54 -3.92
CA ARG C 142 49.55 57.94 -3.55
C ARG C 142 50.07 58.17 -2.14
N THR C 143 50.03 57.14 -1.30
CA THR C 143 50.54 57.26 0.06
C THR C 143 52.02 56.96 0.11
N ILE C 144 52.45 55.90 -0.58
CA ILE C 144 53.86 55.57 -0.68
C ILE C 144 54.63 56.74 -1.29
N GLU C 145 53.98 57.55 -2.10
CA GLU C 145 54.63 58.77 -2.58
C GLU C 145 54.85 59.75 -1.44
N THR C 146 53.86 59.89 -0.55
CA THR C 146 53.97 60.78 0.61
C THR C 146 54.65 60.05 1.75
N LEU C 147 55.90 59.66 1.52
CA LEU C 147 56.60 58.84 2.49
C LEU C 147 58.06 59.23 2.68
N GLY C 148 58.52 60.32 2.09
CA GLY C 148 59.86 60.78 2.34
C GLY C 148 60.82 60.45 1.21
N PRO C 149 61.62 59.40 1.39
CA PRO C 149 62.58 59.02 0.35
C PRO C 149 61.96 58.68 -0.99
N VAL C 150 60.71 58.22 -1.01
CA VAL C 150 60.05 57.83 -2.25
C VAL C 150 59.62 59.07 -2.99
N LYS C 151 59.93 59.14 -4.29
CA LYS C 151 59.48 60.21 -5.16
C LYS C 151 58.21 59.86 -5.91
N SER C 152 58.07 58.60 -6.31
CA SER C 152 56.86 58.16 -7.00
C SER C 152 56.79 56.63 -6.97
N ALA C 153 55.67 56.09 -6.50
CA ALA C 153 55.51 54.65 -6.44
C ALA C 153 54.57 54.20 -7.54
N ARG C 154 54.51 52.88 -7.73
CA ARG C 154 53.68 52.29 -8.76
C ARG C 154 53.35 50.85 -8.40
N VAL C 155 52.17 50.60 -7.88
CA VAL C 155 51.82 49.30 -7.31
C VAL C 155 50.77 48.61 -8.17
N HIS C 156 50.95 47.31 -8.38
CA HIS C 156 49.94 46.47 -9.01
C HIS C 156 49.55 45.36 -8.05
N LEU C 157 48.26 45.07 -7.98
CA LEU C 157 47.77 43.99 -7.15
C LEU C 157 47.40 42.79 -8.00
N ALA C 158 47.36 41.63 -7.36
CA ALA C 158 47.12 40.38 -8.04
C ALA C 158 46.06 39.57 -7.30
N MET C 159 44.94 40.25 -7.01
CA MET C 159 43.79 39.64 -6.28
C MET C 159 42.95 38.83 -7.27
N PRO C 160 42.63 37.54 -6.99
CA PRO C 160 41.83 36.70 -7.88
C PRO C 160 40.31 36.90 -7.74
N LYS C 161 39.52 36.03 -8.39
CA LYS C 161 38.04 36.11 -8.34
C LYS C 161 37.33 34.86 -7.76
N PRO C 162 37.74 33.61 -8.07
CA PRO C 162 36.93 32.46 -7.61
C PRO C 162 36.68 32.31 -6.11
N SER C 163 35.42 32.06 -5.72
CA SER C 163 35.05 31.88 -4.29
C SER C 163 33.89 30.88 -4.12
N LEU C 164 33.57 30.07 -5.13
CA LEU C 164 32.40 29.15 -5.01
C LEU C 164 32.80 27.84 -4.32
N PHE C 165 33.11 27.90 -3.01
CA PHE C 165 33.47 26.69 -2.21
C PHE C 165 34.63 25.92 -2.86
N VAL C 166 35.65 26.65 -3.34
CA VAL C 166 36.84 26.04 -3.99
C VAL C 166 37.85 25.69 -2.91
N ARG C 167 38.45 24.51 -2.98
CA ARG C 167 39.43 24.07 -1.95
C ARG C 167 40.64 25.00 -1.91
N GLU C 168 41.16 25.40 -3.08
CA GLU C 168 42.37 26.27 -3.09
C GLU C 168 42.04 27.63 -2.48
N GLN C 169 42.84 28.06 -1.49
CA GLN C 169 42.62 29.39 -0.85
C GLN C 169 42.94 30.51 -1.84
N LYS C 170 44.07 30.39 -2.57
CA LYS C 170 44.62 31.36 -3.56
C LYS C 170 44.94 32.73 -2.92
N SER C 171 46.23 32.97 -2.62
CA SER C 171 46.65 34.24 -1.97
C SER C 171 46.75 35.40 -2.97
N PRO C 172 46.84 36.66 -2.50
CA PRO C 172 46.98 37.82 -3.36
C PRO C 172 48.44 38.31 -3.30
N SER C 173 48.89 39.04 -4.31
CA SER C 173 50.26 39.54 -4.34
C SER C 173 50.23 40.98 -4.77
N ALA C 174 51.36 41.66 -4.59
CA ALA C 174 51.50 43.04 -5.00
C ALA C 174 52.93 43.28 -5.43
N SER C 175 53.16 44.36 -6.16
CA SER C 175 54.51 44.65 -6.63
C SER C 175 54.69 46.17 -6.66
N VAL C 176 55.22 46.71 -5.58
CA VAL C 176 55.52 48.13 -5.55
C VAL C 176 56.80 48.38 -6.35
N THR C 177 56.89 49.57 -6.92
CA THR C 177 58.00 49.92 -7.79
C THR C 177 58.48 51.33 -7.46
N VAL C 178 58.75 51.57 -6.18
CA VAL C 178 59.14 52.89 -5.71
C VAL C 178 60.31 53.43 -6.52
N THR C 179 60.35 54.76 -6.63
CA THR C 179 61.40 55.49 -7.35
C THR C 179 61.95 56.50 -6.36
N LEU C 180 63.00 56.12 -5.64
CA LEU C 180 63.49 56.92 -4.53
C LEU C 180 63.96 58.30 -5.02
N GLU C 181 63.99 59.24 -4.09
CA GLU C 181 64.43 60.58 -4.40
C GLU C 181 65.90 60.56 -4.80
N PRO C 182 66.37 61.56 -5.56
CA PRO C 182 67.77 61.58 -5.98
C PRO C 182 68.74 61.50 -4.81
N GLY C 183 69.52 60.42 -4.77
CA GLY C 183 70.49 60.25 -3.70
C GLY C 183 69.86 59.77 -2.41
N ARG C 184 69.25 58.59 -2.45
CA ARG C 184 68.59 58.05 -1.28
C ARG C 184 68.48 56.54 -1.45
N ALA C 185 68.27 55.85 -0.34
CA ALA C 185 68.15 54.39 -0.37
C ALA C 185 67.41 53.94 0.88
N LEU C 186 66.42 53.08 0.70
CA LEU C 186 65.60 52.63 1.81
C LEU C 186 66.40 51.69 2.71
N ASP C 187 66.35 51.93 4.01
CA ASP C 187 67.11 51.14 4.97
C ASP C 187 66.47 49.76 5.12
N GLU C 188 66.99 48.94 6.03
CA GLU C 188 66.48 47.59 6.19
C GLU C 188 65.12 47.58 6.90
N GLY C 189 64.84 48.61 7.69
CA GLY C 189 63.57 48.71 8.38
C GLY C 189 62.62 49.63 7.66
N GLN C 190 63.14 50.35 6.68
CA GLN C 190 62.32 51.18 5.80
C GLN C 190 61.69 50.38 4.68
N ILE C 191 62.09 49.11 4.53
CA ILE C 191 61.45 48.23 3.56
C ILE C 191 60.16 47.68 4.13
N SER C 192 60.19 47.20 5.37
CA SER C 192 58.99 46.72 6.03
C SER C 192 57.96 47.83 6.19
N ALA C 193 58.39 49.09 6.25
CA ALA C 193 57.43 50.19 6.22
C ALA C 193 56.58 50.13 4.97
N VAL C 194 57.21 49.99 3.80
CA VAL C 194 56.47 49.97 2.54
C VAL C 194 55.84 48.60 2.28
N VAL C 195 56.36 47.54 2.90
CA VAL C 195 55.74 46.24 2.74
C VAL C 195 54.43 46.16 3.51
N HIS C 196 54.48 46.49 4.81
CA HIS C 196 53.28 46.45 5.62
C HIS C 196 52.29 47.55 5.24
N LEU C 197 52.77 48.64 4.66
CA LEU C 197 51.89 49.67 4.15
C LEU C 197 50.97 49.15 3.05
N VAL C 198 51.33 48.03 2.42
CA VAL C 198 50.56 47.47 1.32
C VAL C 198 49.99 46.13 1.74
N SER C 199 50.76 45.36 2.49
CA SER C 199 50.28 44.08 2.99
C SER C 199 49.01 44.23 3.80
N SER C 200 48.86 45.35 4.51
CA SER C 200 47.72 45.56 5.39
C SER C 200 46.57 46.25 4.70
N ALA C 201 46.83 47.08 3.70
CA ALA C 201 45.79 47.77 2.98
C ALA C 201 45.10 46.91 1.94
N VAL C 202 45.43 45.62 1.86
CA VAL C 202 44.85 44.71 0.87
C VAL C 202 44.41 43.44 1.60
N ALA C 203 43.18 43.02 1.34
CA ALA C 203 42.58 41.93 2.09
C ALA C 203 43.26 40.61 1.78
N GLY C 204 43.78 39.95 2.82
CA GLY C 204 44.35 38.63 2.67
C GLY C 204 45.71 38.58 2.04
N LEU C 205 46.47 39.67 2.09
CA LEU C 205 47.79 39.74 1.46
C LEU C 205 48.87 39.68 2.52
N PRO C 206 49.54 38.54 2.70
CA PRO C 206 50.63 38.47 3.68
C PRO C 206 51.79 39.33 3.24
N PRO C 207 52.70 39.69 4.16
CA PRO C 207 53.88 40.48 3.75
C PRO C 207 54.91 39.68 2.99
N GLY C 208 54.75 38.35 2.89
CA GLY C 208 55.64 37.55 2.10
C GLY C 208 55.35 37.54 0.62
N ASN C 209 54.29 38.21 0.19
CA ASN C 209 53.93 38.31 -1.21
C ASN C 209 54.17 39.68 -1.81
N VAL C 210 54.51 40.67 -1.01
CA VAL C 210 54.73 42.01 -1.52
C VAL C 210 56.15 42.10 -2.07
N THR C 211 56.28 42.69 -3.26
CA THR C 211 57.55 42.79 -3.96
C THR C 211 57.88 44.26 -4.15
N LEU C 212 59.01 44.69 -3.60
CA LEU C 212 59.45 46.06 -3.69
C LEU C 212 60.68 46.15 -4.58
N VAL C 213 60.68 47.09 -5.52
CA VAL C 213 61.73 47.22 -6.51
C VAL C 213 62.00 48.71 -6.71
N ASP C 214 63.27 49.07 -6.83
CA ASP C 214 63.64 50.48 -6.99
C ASP C 214 63.51 50.89 -8.45
N GLN C 215 64.05 52.06 -8.77
CA GLN C 215 64.21 52.51 -10.14
C GLN C 215 65.54 52.07 -10.73
N SER C 216 66.26 51.19 -10.06
CA SER C 216 67.53 50.68 -10.53
C SER C 216 67.56 49.17 -10.33
N GLY C 217 66.48 48.49 -10.73
CA GLY C 217 66.36 47.08 -10.44
C GLY C 217 66.31 46.89 -8.94
N HIS C 218 67.24 46.10 -8.42
CA HIS C 218 67.43 45.99 -6.99
C HIS C 218 66.18 45.55 -6.24
N LEU C 219 65.73 44.32 -6.49
CA LEU C 219 64.66 43.74 -5.71
C LEU C 219 64.98 43.83 -4.22
N LEU C 220 64.18 44.60 -3.47
CA LEU C 220 64.51 44.87 -2.08
C LEU C 220 63.94 43.82 -1.15
N THR C 221 62.79 43.26 -1.52
CA THR C 221 62.10 42.22 -0.70
C THR C 221 62.81 40.88 -0.88
N PHE D 113 42.45 50.29 -18.66
CA PHE D 113 42.04 51.69 -18.34
C PHE D 113 41.31 52.29 -19.54
N GLU D 114 42.02 52.44 -20.67
CA GLU D 114 41.44 53.01 -21.90
C GLU D 114 40.31 52.11 -22.39
N LEU D 115 40.51 50.79 -22.32
CA LEU D 115 39.50 49.79 -22.77
C LEU D 115 38.22 49.96 -21.94
N LEU D 116 38.36 50.21 -20.63
CA LEU D 116 37.21 50.39 -19.71
C LEU D 116 36.39 51.61 -20.14
N ASP D 117 37.07 52.67 -20.59
CA ASP D 117 36.41 53.95 -20.98
C ASP D 117 35.42 53.72 -22.14
N GLN D 118 35.79 52.90 -23.12
CA GLN D 118 34.89 52.67 -24.29
C GLN D 118 33.85 51.59 -23.97
N GLU D 119 32.92 51.88 -23.07
CA GLU D 119 31.86 50.92 -22.68
C GLU D 119 30.88 50.77 -23.85
N LYS D 120 30.44 49.54 -24.11
CA LYS D 120 29.48 49.28 -25.21
C LYS D 120 28.31 48.48 -24.63
N PHE D 121 27.12 48.55 -25.24
CA PHE D 121 25.96 47.80 -24.72
C PHE D 121 26.31 46.31 -24.77
N GLY D 122 26.89 45.86 -25.88
CA GLY D 122 27.34 44.46 -26.00
C GLY D 122 28.44 44.20 -25.00
N ILE D 123 28.41 43.02 -24.35
CA ILE D 123 29.46 42.65 -23.35
C ILE D 123 29.96 41.24 -23.69
N SER D 124 30.76 41.13 -24.76
CA SER D 124 31.33 39.83 -25.22
C SER D 124 31.92 39.08 -24.03
N GLN D 125 31.23 38.02 -23.58
CA GLN D 125 31.70 37.22 -22.43
C GLN D 125 33.16 36.83 -22.70
N PHE D 126 33.74 37.32 -23.81
CA PHE D 126 35.12 36.92 -24.08
C PHE D 126 35.98 38.15 -24.36
N SER D 127 35.49 39.06 -25.20
CA SER D 127 36.19 40.32 -25.42
C SER D 127 36.21 41.19 -24.19
N GLU D 128 35.61 40.73 -23.08
CA GLU D 128 35.74 41.39 -21.80
C GLU D 128 37.06 41.01 -21.13
N GLN D 129 37.32 39.72 -21.02
CA GLN D 129 38.56 39.22 -20.44
C GLN D 129 39.72 39.24 -21.42
N VAL D 130 39.58 39.94 -22.55
CA VAL D 130 40.65 40.05 -23.53
C VAL D 130 41.01 41.52 -23.69
N ASN D 131 39.99 42.38 -23.74
CA ASN D 131 40.24 43.81 -23.66
C ASN D 131 40.89 44.19 -22.35
N TYR D 132 40.75 43.36 -21.32
CA TYR D 132 41.40 43.59 -20.04
C TYR D 132 42.84 43.12 -20.07
N GLN D 133 43.07 41.89 -20.56
CA GLN D 133 44.43 41.38 -20.64
C GLN D 133 45.30 42.25 -21.52
N ARG D 134 44.74 42.81 -22.59
CA ARG D 134 45.50 43.72 -23.43
C ARG D 134 45.86 45.01 -22.70
N ALA D 135 45.11 45.36 -21.65
CA ALA D 135 45.44 46.53 -20.85
C ALA D 135 46.48 46.21 -19.78
N LEU D 136 46.36 45.05 -19.16
CA LEU D 136 47.39 44.59 -18.23
C LEU D 136 48.75 44.57 -18.91
N GLU D 137 48.84 43.92 -20.07
CA GLU D 137 50.10 43.88 -20.83
C GLU D 137 50.62 45.28 -21.12
N GLY D 138 49.73 46.22 -21.42
CA GLY D 138 50.19 47.57 -21.70
C GLY D 138 50.54 48.36 -20.46
N GLU D 139 49.96 47.98 -19.31
CA GLU D 139 50.31 48.60 -18.04
C GLU D 139 51.58 48.00 -17.46
N LEU D 140 51.70 46.67 -17.51
CA LEU D 140 52.92 46.02 -17.03
C LEU D 140 54.14 46.48 -17.80
N ALA D 141 53.99 46.71 -19.10
CA ALA D 141 55.10 47.16 -19.91
C ALA D 141 55.40 48.65 -19.75
N ARG D 142 54.49 49.41 -19.15
CA ARG D 142 54.76 50.80 -18.87
C ARG D 142 55.62 51.00 -17.63
N THR D 143 55.63 50.03 -16.73
CA THR D 143 56.45 50.12 -15.52
C THR D 143 57.86 49.63 -15.79
N ILE D 144 57.98 48.49 -16.49
CA ILE D 144 59.28 47.97 -16.87
C ILE D 144 60.04 48.99 -17.69
N GLU D 145 59.33 49.87 -18.41
CA GLU D 145 60.00 50.97 -19.09
C GLU D 145 60.59 51.95 -18.09
N THR D 146 59.85 52.26 -17.02
CA THR D 146 60.32 53.15 -15.97
C THR D 146 61.15 52.38 -14.95
N LEU D 147 62.26 51.82 -15.43
CA LEU D 147 63.05 50.94 -14.59
C LEU D 147 64.54 51.14 -14.74
N GLY D 148 65.00 52.14 -15.48
CA GLY D 148 66.41 52.41 -15.57
C GLY D 148 67.04 51.92 -16.85
N PRO D 149 67.72 50.77 -16.79
CA PRO D 149 68.37 50.24 -17.99
C PRO D 149 67.42 49.94 -19.13
N VAL D 150 66.16 49.65 -18.85
CA VAL D 150 65.20 49.31 -19.89
C VAL D 150 64.76 50.58 -20.60
N LYS D 151 64.79 50.55 -21.93
CA LYS D 151 64.29 51.65 -22.75
C LYS D 151 62.85 51.45 -23.18
N SER D 152 62.46 50.20 -23.46
CA SER D 152 61.09 49.91 -23.85
C SER D 152 60.83 48.41 -23.70
N ALA D 153 59.80 48.04 -22.96
CA ALA D 153 59.47 46.65 -22.77
C ALA D 153 58.26 46.27 -23.62
N ARG D 154 57.99 44.99 -23.70
CA ARG D 154 56.88 44.47 -24.49
C ARG D 154 56.46 43.10 -23.98
N VAL D 155 55.40 43.04 -23.19
CA VAL D 155 55.04 41.82 -22.48
C VAL D 155 53.75 41.25 -23.05
N HIS D 156 53.70 39.93 -23.21
CA HIS D 156 52.48 39.21 -23.55
C HIS D 156 52.18 38.19 -22.47
N LEU D 157 50.92 38.09 -22.10
CA LEU D 157 50.49 37.12 -21.11
C LEU D 157 49.80 35.95 -21.79
N ALA D 158 49.75 34.82 -21.08
CA ALA D 158 49.22 33.59 -21.61
C ALA D 158 48.25 32.97 -20.59
N MET D 159 47.22 33.71 -20.17
CA MET D 159 46.24 33.09 -19.23
C MET D 159 45.30 32.14 -20.00
N PRO D 160 45.24 30.82 -19.71
CA PRO D 160 44.43 29.84 -20.43
C PRO D 160 43.83 28.75 -19.51
N LYS D 161 42.67 28.99 -18.91
CA LYS D 161 42.19 27.92 -17.99
C LYS D 161 41.00 27.18 -18.61
N PRO D 162 40.53 27.53 -19.82
CA PRO D 162 39.37 26.82 -20.36
C PRO D 162 39.72 25.33 -20.55
N SER D 163 38.82 24.45 -20.10
CA SER D 163 39.04 22.98 -20.24
C SER D 163 37.69 22.27 -20.29
N LEU D 164 37.59 21.15 -21.03
CA LEU D 164 36.32 20.39 -21.10
C LEU D 164 36.49 19.08 -20.31
N PHE D 165 35.74 18.94 -19.21
CA PHE D 165 35.81 17.74 -18.33
C PHE D 165 37.27 17.48 -17.92
N VAL D 166 37.99 18.52 -17.51
CA VAL D 166 39.42 18.38 -17.12
C VAL D 166 39.70 19.22 -15.87
N ARG D 167 40.59 18.75 -15.01
CA ARG D 167 40.97 19.47 -13.76
C ARG D 167 42.39 20.05 -13.90
N GLU D 168 42.90 20.12 -15.13
CA GLU D 168 44.29 20.62 -15.37
C GLU D 168 44.46 22.06 -14.86
N GLN D 169 45.59 22.32 -14.18
CA GLN D 169 45.91 23.66 -13.62
C GLN D 169 46.07 24.70 -14.73
N LYS D 170 46.80 24.36 -15.80
CA LYS D 170 47.00 25.31 -16.94
C LYS D 170 47.48 26.67 -16.44
N SER D 171 48.54 26.71 -15.62
CA SER D 171 49.04 28.00 -15.07
C SER D 171 49.50 28.95 -16.18
N PRO D 172 49.33 30.28 -16.02
CA PRO D 172 49.70 31.25 -17.05
C PRO D 172 51.21 31.46 -17.20
N SER D 173 51.60 32.16 -18.28
CA SER D 173 52.97 32.46 -18.63
C SER D 173 53.04 33.88 -19.14
N ALA D 174 54.25 34.40 -19.25
CA ALA D 174 54.46 35.74 -19.77
C ALA D 174 55.77 35.76 -20.52
N SER D 175 55.97 36.79 -21.34
CA SER D 175 57.21 36.87 -22.11
C SER D 175 57.57 38.35 -22.29
N VAL D 176 58.40 38.85 -21.38
CA VAL D 176 58.86 40.21 -21.50
C VAL D 176 59.95 40.26 -22.57
N THR D 177 60.05 41.41 -23.23
CA THR D 177 60.98 41.58 -24.34
C THR D 177 61.70 42.92 -24.21
N VAL D 178 62.27 43.15 -23.03
CA VAL D 178 62.92 44.43 -22.75
C VAL D 178 63.94 44.78 -23.83
N THR D 179 64.12 46.08 -24.03
CA THR D 179 65.06 46.64 -25.00
C THR D 179 65.95 47.60 -24.23
N LEU D 180 67.07 47.10 -23.73
CA LEU D 180 67.89 47.86 -22.80
C LEU D 180 68.40 49.14 -23.46
N GLU D 181 68.77 50.11 -22.62
CA GLU D 181 69.29 51.37 -23.12
C GLU D 181 70.63 51.14 -23.82
N PRO D 182 71.02 52.03 -24.73
CA PRO D 182 72.29 51.84 -25.44
C PRO D 182 73.47 51.67 -24.51
N GLY D 183 74.11 50.51 -24.56
CA GLY D 183 75.26 50.23 -23.74
C GLY D 183 74.88 49.90 -22.30
N ARG D 184 74.14 48.80 -22.13
CA ARG D 184 73.70 48.39 -20.82
C ARG D 184 73.36 46.91 -20.87
N ALA D 185 73.31 46.29 -19.69
CA ALA D 185 73.01 44.87 -19.60
C ALA D 185 72.52 44.57 -18.20
N LEU D 186 71.42 43.83 -18.10
CA LEU D 186 70.83 43.54 -16.81
C LEU D 186 71.68 42.52 -16.06
N ASP D 187 71.96 42.82 -14.79
CA ASP D 187 72.80 41.97 -13.97
C ASP D 187 72.04 40.70 -13.60
N GLU D 188 72.65 39.85 -12.78
CA GLU D 188 72.02 38.58 -12.42
C GLU D 188 70.86 38.78 -11.44
N GLY D 189 70.90 39.86 -10.68
CA GLY D 189 69.83 40.15 -9.73
C GLY D 189 68.88 41.18 -10.27
N GLN D 190 69.24 41.79 -11.40
CA GLN D 190 68.36 42.69 -12.11
C GLN D 190 67.41 41.95 -13.03
N ILE D 191 67.59 40.63 -13.18
CA ILE D 191 66.64 39.82 -13.93
C ILE D 191 65.45 39.46 -13.06
N SER D 192 65.71 39.02 -11.83
CA SER D 192 64.63 38.74 -10.89
C SER D 192 63.81 39.99 -10.58
N ALA D 193 64.40 41.17 -10.69
CA ALA D 193 63.61 42.38 -10.58
C ALA D 193 62.49 42.40 -11.62
N VAL D 194 62.83 42.15 -12.88
CA VAL D 194 61.83 42.18 -13.94
C VAL D 194 61.00 40.90 -13.97
N VAL D 195 61.50 39.80 -13.42
CA VAL D 195 60.70 38.58 -13.36
C VAL D 195 59.60 38.73 -12.31
N HIS D 196 59.97 39.08 -11.09
CA HIS D 196 58.99 39.23 -10.02
C HIS D 196 58.10 40.44 -10.25
N LEU D 197 58.56 41.43 -10.99
CA LEU D 197 57.71 42.56 -11.36
C LEU D 197 56.52 42.13 -12.20
N VAL D 198 56.58 40.96 -12.82
CA VAL D 198 55.53 40.47 -13.69
C VAL D 198 54.90 39.23 -13.08
N SER D 199 55.72 38.39 -12.45
CA SER D 199 55.20 37.20 -11.79
C SER D 199 54.18 37.55 -10.73
N SER D 200 54.33 38.70 -10.08
CA SER D 200 53.46 39.10 -8.99
C SER D 200 52.27 39.93 -9.45
N ALA D 201 52.41 40.67 -10.54
CA ALA D 201 51.32 41.48 -11.06
C ALA D 201 50.31 40.68 -11.85
N VAL D 202 50.45 39.36 -11.94
CA VAL D 202 49.56 38.51 -12.70
C VAL D 202 49.14 37.33 -11.83
N ALA D 203 47.84 37.06 -11.78
CA ALA D 203 47.28 36.09 -10.85
C ALA D 203 47.72 34.68 -11.22
N GLY D 204 48.37 34.00 -10.27
CA GLY D 204 48.72 32.61 -10.45
C GLY D 204 49.89 32.35 -11.37
N LEU D 205 50.77 33.32 -11.55
CA LEU D 205 51.91 33.18 -12.46
C LEU D 205 53.19 33.02 -11.66
N PRO D 206 53.74 31.81 -11.56
CA PRO D 206 54.99 31.63 -10.83
C PRO D 206 56.14 32.31 -11.57
N PRO D 207 57.25 32.57 -10.90
CA PRO D 207 58.40 33.17 -11.60
C PRO D 207 59.12 32.21 -12.52
N GLY D 208 58.79 30.93 -12.50
CA GLY D 208 59.37 29.96 -13.41
C GLY D 208 58.75 29.95 -14.78
N ASN D 209 57.72 30.75 -15.01
CA ASN D 209 57.07 30.85 -16.31
C ASN D 209 57.33 32.15 -17.03
N VAL D 210 57.96 33.12 -16.39
CA VAL D 210 58.23 34.39 -17.03
C VAL D 210 59.49 34.27 -17.87
N THR D 211 59.42 34.80 -19.09
CA THR D 211 60.51 34.70 -20.06
C THR D 211 60.98 36.10 -20.41
N LEU D 212 62.24 36.39 -20.15
CA LEU D 212 62.83 37.70 -20.42
C LEU D 212 63.82 37.58 -21.56
N VAL D 213 63.72 38.48 -22.54
CA VAL D 213 64.54 38.44 -23.74
C VAL D 213 64.94 39.86 -24.09
N ASP D 214 66.18 40.05 -24.50
CA ASP D 214 66.68 41.38 -24.82
C ASP D 214 66.28 41.75 -26.24
N GLN D 215 66.88 42.84 -26.74
CA GLN D 215 66.77 43.21 -28.14
C GLN D 215 67.88 42.58 -28.98
N SER D 216 68.62 41.63 -28.42
CA SER D 216 69.68 40.93 -29.13
C SER D 216 69.55 39.43 -28.85
N GLY D 217 68.34 38.91 -28.96
CA GLY D 217 68.11 37.54 -28.56
C GLY D 217 68.37 37.40 -27.08
N HIS D 218 69.29 36.50 -26.73
CA HIS D 218 69.78 36.42 -25.35
C HIS D 218 68.69 36.18 -24.34
N LEU D 219 68.04 35.02 -24.40
CA LEU D 219 67.10 34.61 -23.37
C LEU D 219 67.75 34.71 -21.99
N LEU D 220 67.25 35.61 -21.15
CA LEU D 220 67.92 35.88 -19.87
C LEU D 220 67.45 34.95 -18.78
N THR D 221 66.17 34.54 -18.85
CA THR D 221 65.57 33.63 -17.85
C THR D 221 66.05 32.20 -18.08
N PHE E 113 43.93 45.20 -31.42
CA PHE E 113 44.03 46.01 -32.63
C PHE E 113 42.94 45.64 -33.64
N GLU E 114 43.24 44.66 -34.48
CA GLU E 114 42.27 44.21 -35.47
C GLU E 114 41.02 43.62 -34.80
N LEU E 115 41.23 42.83 -33.73
CA LEU E 115 40.10 42.32 -32.97
C LEU E 115 39.30 43.44 -32.34
N LEU E 116 39.99 44.47 -31.82
CA LEU E 116 39.31 45.63 -31.27
C LEU E 116 38.51 46.35 -32.36
N ASP E 117 39.09 46.46 -33.56
CA ASP E 117 38.38 47.08 -34.67
C ASP E 117 37.34 46.16 -35.28
N GLN E 118 37.34 44.88 -34.89
CA GLN E 118 36.38 43.92 -35.42
C GLN E 118 35.05 44.01 -34.68
N GLU E 119 34.44 45.20 -34.68
CA GLU E 119 33.15 45.42 -34.02
C GLU E 119 32.10 45.63 -35.10
N LYS E 120 31.05 44.81 -35.08
CA LYS E 120 29.97 44.97 -36.10
C LYS E 120 28.63 44.57 -35.52
N PHE E 121 27.54 44.77 -36.29
CA PHE E 121 26.18 44.39 -35.86
C PHE E 121 26.15 42.87 -35.70
N GLY E 122 26.77 42.15 -36.63
CA GLY E 122 26.89 40.69 -36.57
C GLY E 122 28.28 40.31 -36.06
N ILE E 123 28.34 39.55 -34.98
CA ILE E 123 29.63 39.13 -34.37
C ILE E 123 29.62 37.61 -34.22
N SER E 124 29.92 36.90 -35.30
CA SER E 124 29.91 35.42 -35.27
C SER E 124 30.91 34.93 -34.22
N GLN E 125 30.48 33.99 -33.38
CA GLN E 125 31.37 33.43 -32.33
C GLN E 125 32.64 32.87 -32.97
N PHE E 126 32.52 32.05 -34.01
CA PHE E 126 33.74 31.49 -34.59
C PHE E 126 34.65 32.61 -35.11
N SER E 127 34.07 33.57 -35.84
CA SER E 127 34.83 34.73 -36.26
C SER E 127 35.24 35.61 -35.10
N GLU E 128 34.87 35.23 -33.87
CA GLU E 128 35.38 35.89 -32.68
C GLU E 128 36.76 35.36 -32.33
N GLN E 129 36.90 34.04 -32.23
CA GLN E 129 38.18 33.41 -31.95
C GLN E 129 39.07 33.29 -33.17
N VAL E 130 38.75 34.00 -34.26
CA VAL E 130 39.55 33.97 -35.47
C VAL E 130 40.02 35.39 -35.75
N ASN E 131 39.12 36.36 -35.60
CA ASN E 131 39.53 37.76 -35.64
C ASN E 131 40.52 38.08 -34.53
N TYR E 132 40.53 37.27 -33.46
CA TYR E 132 41.49 37.44 -32.39
C TYR E 132 42.83 36.81 -32.74
N GLN E 133 42.80 35.57 -33.21
CA GLN E 133 44.03 34.89 -33.60
C GLN E 133 44.77 35.66 -34.69
N ARG E 134 44.03 36.26 -35.62
CA ARG E 134 44.66 37.08 -36.65
C ARG E 134 45.31 38.32 -36.07
N ALA E 135 44.89 38.76 -34.88
CA ALA E 135 45.52 39.89 -34.22
C ALA E 135 46.73 39.47 -33.43
N LEU E 136 46.65 38.33 -32.75
CA LEU E 136 47.81 37.77 -32.08
C LEU E 136 48.97 37.59 -33.05
N GLU E 137 48.71 36.92 -34.18
CA GLU E 137 49.72 36.74 -35.21
C GLU E 137 50.32 38.06 -35.66
N GLY E 138 49.49 39.09 -35.80
CA GLY E 138 50.00 40.38 -36.20
C GLY E 138 50.72 41.14 -35.11
N GLU E 139 50.41 40.84 -33.85
CA GLU E 139 51.11 41.43 -32.72
C GLU E 139 52.41 40.70 -32.44
N LEU E 140 52.37 39.36 -32.47
CA LEU E 140 53.58 38.57 -32.26
C LEU E 140 54.63 38.89 -33.31
N ALA E 141 54.20 39.12 -34.55
CA ALA E 141 55.13 39.43 -35.62
C ALA E 141 55.62 40.87 -35.58
N ARG E 142 54.97 41.74 -34.81
CA ARG E 142 55.45 43.10 -34.65
C ARG E 142 56.59 43.21 -33.66
N THR E 143 56.71 42.24 -32.76
CA THR E 143 57.80 42.25 -31.78
C THR E 143 59.04 41.60 -32.35
N ILE E 144 58.87 40.46 -33.02
CA ILE E 144 59.98 39.80 -33.67
C ILE E 144 60.62 40.71 -34.70
N GLU E 145 59.86 41.66 -35.25
CA GLU E 145 60.47 42.66 -36.11
C GLU E 145 61.38 43.59 -35.31
N THR E 146 60.96 43.98 -34.11
CA THR E 146 61.76 44.83 -33.23
C THR E 146 62.71 43.97 -32.41
N LEU E 147 63.61 43.29 -33.12
CA LEU E 147 64.48 42.33 -32.46
C LEU E 147 65.90 42.36 -32.96
N GLY E 148 66.28 43.30 -33.83
CA GLY E 148 67.65 43.40 -34.24
C GLY E 148 67.90 42.83 -35.62
N PRO E 149 68.45 41.62 -35.68
CA PRO E 149 68.73 41.01 -36.98
C PRO E 149 67.51 40.80 -37.86
N VAL E 150 66.33 40.66 -37.28
CA VAL E 150 65.13 40.42 -38.05
C VAL E 150 64.66 41.73 -38.68
N LYS E 151 64.36 41.68 -39.98
CA LYS E 151 63.82 42.83 -40.69
C LYS E 151 62.30 42.78 -40.77
N SER E 152 61.72 41.59 -40.90
CA SER E 152 60.28 41.45 -40.95
C SER E 152 59.89 40.00 -40.69
N ALA E 153 59.03 39.75 -39.72
CA ALA E 153 58.60 38.40 -39.40
C ALA E 153 57.20 38.17 -39.94
N ARG E 154 56.78 36.91 -39.91
CA ARG E 154 55.46 36.52 -40.39
C ARG E 154 55.04 35.21 -39.75
N VAL E 155 54.19 35.27 -38.73
CA VAL E 155 53.88 34.11 -37.92
C VAL E 155 52.44 33.69 -38.13
N HIS E 156 52.22 32.38 -38.23
CA HIS E 156 50.88 31.79 -38.26
C HIS E 156 50.74 30.83 -37.10
N LEU E 157 49.59 30.88 -36.43
CA LEU E 157 49.32 29.97 -35.34
C LEU E 157 48.35 28.88 -35.79
N ALA E 158 48.36 27.77 -35.05
CA ALA E 158 47.58 26.61 -35.40
C ALA E 158 46.83 26.11 -34.17
N MET E 159 46.07 27.02 -33.53
CA MET E 159 45.33 26.65 -32.28
C MET E 159 43.91 26.14 -32.58
N PRO E 160 43.64 24.81 -32.47
CA PRO E 160 42.31 24.22 -32.66
C PRO E 160 41.78 23.60 -31.36
N SER E 171 46.22 20.34 -29.32
CA SER E 171 47.68 20.73 -29.42
C SER E 171 47.95 21.86 -30.46
N PRO E 172 48.72 22.96 -30.17
CA PRO E 172 48.91 24.05 -31.14
C PRO E 172 50.32 24.06 -31.70
N SER E 173 50.52 24.94 -32.67
CA SER E 173 51.80 25.08 -33.35
C SER E 173 51.89 26.48 -33.91
N ALA E 174 53.09 26.86 -34.32
CA ALA E 174 53.31 28.17 -34.93
C ALA E 174 54.41 28.03 -35.97
N SER E 175 54.51 29.02 -36.84
CA SER E 175 55.53 28.95 -37.89
C SER E 175 55.98 30.37 -38.19
N VAL E 176 57.07 30.78 -37.52
CA VAL E 176 57.63 32.09 -37.81
C VAL E 176 58.43 32.01 -39.10
N THR E 177 58.50 33.13 -39.81
CA THR E 177 59.15 33.17 -41.10
C THR E 177 60.02 34.43 -41.20
N VAL E 178 60.88 34.61 -40.19
CA VAL E 178 61.71 35.81 -40.12
C VAL E 178 62.47 36.03 -41.42
N THR E 179 62.74 37.30 -41.70
CA THR E 179 63.47 37.74 -42.89
C THR E 179 64.61 38.60 -42.38
N LEU E 180 65.77 37.98 -42.14
CA LEU E 180 66.87 38.65 -41.47
C LEU E 180 67.34 39.86 -42.27
N GLU E 181 67.99 40.78 -41.57
CA GLU E 181 68.51 41.98 -42.22
C GLU E 181 69.61 41.59 -43.21
N PRO E 182 69.87 42.42 -44.21
CA PRO E 182 70.91 42.09 -45.20
C PRO E 182 72.26 41.79 -44.58
N GLY E 183 72.74 40.57 -44.74
CA GLY E 183 74.01 40.17 -44.20
C GLY E 183 73.95 39.89 -42.71
N ARG E 184 73.16 38.89 -42.32
CA ARG E 184 72.99 38.54 -40.92
C ARG E 184 72.50 37.10 -40.84
N ALA E 185 72.67 36.50 -39.67
CA ALA E 185 72.24 35.13 -39.46
C ALA E 185 72.07 34.90 -37.97
N LEU E 186 70.95 34.29 -37.59
CA LEU E 186 70.66 34.08 -36.18
C LEU E 186 71.54 32.98 -35.62
N ASP E 187 72.15 33.26 -34.47
CA ASP E 187 73.06 32.32 -33.84
C ASP E 187 72.28 31.14 -33.26
N GLU E 188 72.98 30.24 -32.57
CA GLU E 188 72.31 29.06 -32.04
C GLU E 188 71.46 29.39 -30.82
N GLY E 189 71.78 30.48 -30.11
CA GLY E 189 71.03 30.89 -28.96
C GLY E 189 70.08 32.01 -29.29
N GLN E 190 70.23 32.57 -30.49
CA GLN E 190 69.31 33.55 -31.02
C GLN E 190 68.08 32.91 -31.64
N ILE E 191 68.09 31.59 -31.79
CA ILE E 191 66.91 30.87 -32.26
C ILE E 191 65.92 30.67 -31.13
N SER E 192 66.42 30.22 -29.98
CA SER E 192 65.57 30.07 -28.80
C SER E 192 64.99 31.39 -28.36
N ALA E 193 65.66 32.51 -28.65
CA ALA E 193 65.05 33.80 -28.39
C ALA E 193 63.73 33.93 -29.13
N VAL E 194 63.73 33.64 -30.43
CA VAL E 194 62.51 33.77 -31.22
C VAL E 194 61.57 32.60 -31.02
N VAL E 195 62.06 31.45 -30.56
CA VAL E 195 61.17 30.34 -30.27
C VAL E 195 60.37 30.60 -29.00
N HIS E 196 61.07 30.93 -27.90
CA HIS E 196 60.38 31.20 -26.65
C HIS E 196 59.60 32.49 -26.70
N LEU E 197 59.98 33.43 -27.57
CA LEU E 197 59.20 34.64 -27.77
C LEU E 197 57.80 34.34 -28.29
N VAL E 198 57.59 33.16 -28.86
CA VAL E 198 56.31 32.79 -29.44
C VAL E 198 55.71 31.64 -28.65
N SER E 199 56.56 30.71 -28.21
CA SER E 199 56.09 29.59 -27.40
C SER E 199 55.40 30.07 -26.14
N SER E 200 55.83 31.20 -25.59
CA SER E 200 55.28 31.70 -24.33
C SER E 200 54.12 32.66 -24.54
N ALA E 201 54.07 33.37 -25.65
CA ALA E 201 52.99 34.29 -25.93
C ALA E 201 51.73 33.60 -26.44
N VAL E 202 51.71 32.28 -26.50
CA VAL E 202 50.57 31.52 -27.00
C VAL E 202 50.25 30.42 -26.01
N ALA E 203 48.98 30.30 -25.65
CA ALA E 203 48.55 29.40 -24.58
C ALA E 203 48.74 27.95 -24.99
N GLY E 204 49.50 27.21 -24.21
CA GLY E 204 49.65 25.78 -24.41
C GLY E 204 50.53 25.38 -25.56
N LEU E 205 51.45 26.25 -26.00
CA LEU E 205 52.32 25.97 -27.13
C LEU E 205 53.73 25.67 -26.65
N PRO E 206 54.15 24.41 -26.63
CA PRO E 206 55.52 24.09 -26.23
C PRO E 206 56.51 24.63 -27.24
N PRO E 207 57.78 24.76 -26.85
CA PRO E 207 58.79 25.23 -27.83
C PRO E 207 59.17 24.19 -28.86
N GLY E 208 58.71 22.96 -28.71
CA GLY E 208 58.94 21.93 -29.70
C GLY E 208 58.02 21.97 -30.89
N ASN E 209 57.05 22.88 -30.90
CA ASN E 209 56.12 23.03 -32.00
C ASN E 209 56.35 24.29 -32.82
N VAL E 210 57.22 25.18 -32.37
CA VAL E 210 57.46 26.42 -33.10
C VAL E 210 58.46 26.14 -34.22
N THR E 211 58.17 26.67 -35.40
CA THR E 211 58.97 26.44 -36.60
C THR E 211 59.49 27.78 -37.10
N LEU E 212 60.81 27.92 -37.16
CA LEU E 212 61.44 29.15 -37.60
C LEU E 212 62.12 28.91 -38.93
N VAL E 213 61.88 29.81 -39.89
CA VAL E 213 62.38 29.66 -41.24
C VAL E 213 62.84 31.03 -41.73
N ASP E 214 63.97 31.07 -42.43
CA ASP E 214 64.52 32.34 -42.91
C ASP E 214 63.83 32.74 -44.21
N GLN E 215 64.39 33.74 -44.88
CA GLN E 215 64.02 34.11 -46.23
C GLN E 215 64.81 33.35 -47.28
N SER E 216 65.55 32.33 -46.87
CA SER E 216 66.33 31.51 -47.79
C SER E 216 66.11 30.04 -47.44
N GLY E 217 64.86 29.66 -47.23
CA GLY E 217 64.59 28.32 -46.75
C GLY E 217 65.18 28.17 -45.36
N HIS E 218 66.04 27.18 -45.20
CA HIS E 218 66.84 27.05 -43.99
C HIS E 218 66.00 26.94 -42.73
N LEU E 219 65.24 25.87 -42.60
CA LEU E 219 64.54 25.58 -41.36
C LEU E 219 65.51 25.61 -40.19
N LEU E 220 65.32 26.57 -39.27
CA LEU E 220 66.29 26.77 -38.21
C LEU E 220 66.00 25.90 -36.99
N THR E 221 64.71 25.65 -36.76
CA THR E 221 64.27 24.83 -35.60
C THR E 221 64.51 23.34 -35.88
N GLN F 125 26.77 28.22 -41.71
CA GLN F 125 27.76 27.70 -40.78
C GLN F 125 28.84 26.92 -41.51
N PHE F 126 28.45 26.21 -42.57
CA PHE F 126 29.44 25.50 -43.37
C PHE F 126 30.26 26.47 -44.21
N SER F 127 29.60 27.42 -44.87
CA SER F 127 30.31 28.47 -45.59
C SER F 127 31.08 29.39 -44.66
N GLU F 128 31.01 29.14 -43.35
CA GLU F 128 31.86 29.84 -42.40
C GLU F 128 33.25 29.19 -42.35
N GLN F 129 33.29 27.88 -42.15
CA GLN F 129 34.55 27.15 -42.13
C GLN F 129 35.08 26.84 -43.53
N VAL F 130 34.55 27.47 -44.56
CA VAL F 130 35.01 27.28 -45.93
C VAL F 130 35.49 28.62 -46.47
N ASN F 131 34.74 29.69 -46.19
CA ASN F 131 35.24 31.02 -46.48
C ASN F 131 36.51 31.32 -45.69
N TYR F 132 36.73 30.61 -44.58
CA TYR F 132 37.94 30.77 -43.79
C TYR F 132 39.09 29.97 -44.40
N GLN F 133 38.84 28.70 -44.73
CA GLN F 133 39.87 27.87 -45.34
C GLN F 133 40.36 28.48 -46.65
N ARG F 134 39.45 29.07 -47.42
CA ARG F 134 39.86 29.73 -48.66
C ARG F 134 40.75 30.94 -48.39
N ALA F 135 40.68 31.51 -47.19
CA ALA F 135 41.54 32.63 -46.83
C ALA F 135 42.89 32.15 -46.33
N LEU F 136 42.89 31.09 -45.53
CA LEU F 136 44.13 30.45 -45.12
C LEU F 136 44.98 30.08 -46.33
N GLU F 137 44.38 29.36 -47.29
CA GLU F 137 45.09 28.99 -48.51
C GLU F 137 45.65 30.21 -49.23
N GLY F 138 44.89 31.31 -49.25
CA GLY F 138 45.39 32.49 -49.92
C GLY F 138 46.42 33.26 -49.12
N GLU F 139 46.42 33.09 -47.80
CA GLU F 139 47.44 33.69 -46.94
C GLU F 139 48.71 32.85 -46.91
N LEU F 140 48.56 31.53 -46.79
CA LEU F 140 49.71 30.63 -46.82
C LEU F 140 50.47 30.76 -48.13
N ALA F 141 49.76 30.93 -49.23
CA ALA F 141 50.41 31.06 -50.52
C ALA F 141 51.00 32.44 -50.76
N ARG F 142 50.64 33.43 -49.94
CA ARG F 142 51.25 34.75 -50.05
C ARG F 142 52.62 34.81 -49.39
N THR F 143 52.90 33.92 -48.46
CA THR F 143 54.19 33.88 -47.79
C THR F 143 55.19 33.07 -48.59
N ILE F 144 54.75 31.89 -49.06
CA ILE F 144 55.60 31.07 -49.91
C ILE F 144 56.03 31.83 -51.15
N GLU F 145 55.23 32.80 -51.59
CA GLU F 145 55.67 33.68 -52.66
C GLU F 145 56.84 34.56 -52.22
N THR F 146 56.77 35.08 -51.00
CA THR F 146 57.83 35.91 -50.45
C THR F 146 58.90 35.02 -49.80
N LEU F 147 59.52 34.20 -50.64
CA LEU F 147 60.45 33.21 -50.11
C LEU F 147 61.70 33.05 -50.97
N GLY F 148 61.91 33.87 -51.99
CA GLY F 148 63.13 33.81 -52.75
C GLY F 148 62.97 33.10 -54.08
N PRO F 149 63.38 31.84 -54.15
CA PRO F 149 63.27 31.09 -55.41
C PRO F 149 61.85 30.95 -55.93
N VAL F 150 60.85 30.98 -55.06
CA VAL F 150 59.47 30.81 -55.47
C VAL F 150 58.97 32.10 -56.11
N LYS F 151 58.35 31.99 -57.27
CA LYS F 151 57.72 33.12 -57.94
C LYS F 151 56.23 33.24 -57.63
N SER F 152 55.55 32.10 -57.49
CA SER F 152 54.14 32.11 -57.15
C SER F 152 53.72 30.72 -56.67
N ALA F 153 53.12 30.64 -55.49
CA ALA F 153 52.69 29.38 -54.93
C ALA F 153 51.17 29.25 -55.07
N ARG F 154 50.67 28.05 -54.81
CA ARG F 154 49.25 27.77 -54.91
C ARG F 154 48.90 26.56 -54.04
N VAL F 155 48.37 26.79 -52.86
CA VAL F 155 48.18 25.73 -51.88
C VAL F 155 46.70 25.44 -51.69
N HIS F 156 46.35 24.17 -51.59
CA HIS F 156 45.01 23.73 -51.21
C HIS F 156 45.10 22.88 -49.97
N LEU F 157 44.17 23.10 -49.05
CA LEU F 157 44.12 22.31 -47.82
C LEU F 157 42.99 21.29 -47.91
N ALA F 158 43.09 20.26 -47.09
CA ALA F 158 42.16 19.15 -47.11
C ALA F 158 41.71 18.83 -45.68
N MET F 159 41.15 19.82 -44.97
CA MET F 159 40.71 19.60 -43.57
C MET F 159 39.26 19.11 -43.45
N PRO F 160 38.99 17.76 -43.01
CA PRO F 160 37.70 16.69 -42.72
C PRO F 160 37.34 16.51 -41.25
N LYS F 161 36.04 16.47 -40.93
CA LYS F 161 35.57 16.29 -39.53
C LYS F 161 35.69 14.82 -39.12
N PRO F 162 36.53 14.46 -38.13
CA PRO F 162 36.68 13.05 -37.73
C PRO F 162 35.46 12.46 -36.99
N SER F 163 35.28 11.14 -37.07
CA SER F 163 34.16 10.42 -36.41
C SER F 163 34.69 9.66 -35.19
N LEU F 164 34.06 9.88 -34.02
CA LEU F 164 34.48 9.22 -32.76
C LEU F 164 34.27 7.70 -32.87
N PHE F 165 35.20 6.92 -32.31
CA PHE F 165 35.14 5.44 -32.31
C PHE F 165 35.02 4.89 -33.73
N VAL F 166 35.79 5.47 -34.67
CA VAL F 166 35.75 5.03 -36.10
C VAL F 166 37.15 4.52 -36.48
N ARG F 167 37.21 3.40 -37.19
CA ARG F 167 38.52 2.82 -37.62
C ARG F 167 39.22 3.83 -38.55
N GLU F 168 38.46 4.45 -39.45
CA GLU F 168 39.00 5.46 -40.40
C GLU F 168 39.01 6.85 -39.75
N GLN F 169 39.94 7.08 -38.81
CA GLN F 169 40.05 8.40 -38.12
C GLN F 169 40.44 9.51 -39.12
N LYS F 170 41.46 9.23 -39.97
CA LYS F 170 42.03 10.10 -41.04
C LYS F 170 42.94 11.21 -40.48
N SER F 171 43.43 12.09 -41.37
CA SER F 171 44.32 13.26 -41.05
C SER F 171 44.02 14.39 -42.06
N PRO F 172 44.73 15.72 -42.01
CA PRO F 172 44.69 16.97 -42.78
C PRO F 172 45.81 16.93 -43.82
N SER F 173 45.56 17.41 -45.05
CA SER F 173 46.62 17.36 -46.04
C SER F 173 46.67 18.70 -46.74
N ALA F 174 47.76 18.91 -47.48
CA ALA F 174 47.92 20.14 -48.25
C ALA F 174 48.70 19.80 -49.50
N SER F 175 48.65 20.71 -50.48
CA SER F 175 49.35 20.45 -51.73
C SER F 175 49.84 21.79 -52.29
N VAL F 176 51.07 22.14 -51.95
CA VAL F 176 51.65 23.34 -52.50
C VAL F 176 52.09 23.09 -53.94
N THR F 177 52.06 24.13 -54.75
CA THR F 177 52.34 24.01 -56.17
C THR F 177 53.26 25.15 -56.61
N VAL F 178 54.36 25.32 -55.88
CA VAL F 178 55.27 26.43 -56.14
C VAL F 178 55.69 26.47 -57.60
N THR F 179 55.98 27.68 -58.07
CA THR F 179 56.41 27.94 -59.44
C THR F 179 57.71 28.71 -59.32
N LEU F 180 58.83 28.01 -59.32
CA LEU F 180 60.12 28.61 -59.02
C LEU F 180 60.47 29.69 -60.03
N GLU F 181 61.35 30.59 -59.62
CA GLU F 181 61.78 31.67 -60.50
C GLU F 181 62.55 31.08 -61.68
N PRO F 182 62.62 31.82 -62.80
CA PRO F 182 63.32 31.29 -63.98
C PRO F 182 64.77 30.91 -63.68
N GLY F 183 65.07 29.62 -63.83
CA GLY F 183 66.42 29.15 -63.58
C GLY F 183 66.72 28.99 -62.10
N ARG F 184 65.97 28.12 -61.44
CA ARG F 184 66.16 27.90 -60.01
C ARG F 184 65.58 26.54 -59.66
N ALA F 185 66.00 26.02 -58.51
CA ALA F 185 65.54 24.71 -58.06
C ALA F 185 65.73 24.62 -56.56
N LEU F 186 64.70 24.16 -55.85
CA LEU F 186 64.77 24.10 -54.40
C LEU F 186 65.69 22.96 -53.97
N ASP F 187 66.58 23.26 -53.04
CA ASP F 187 67.56 22.28 -52.56
C ASP F 187 66.85 21.25 -51.68
N GLU F 188 67.63 20.32 -51.11
CA GLU F 188 67.04 19.28 -50.30
C GLU F 188 66.56 19.79 -48.96
N GLY F 189 67.14 20.89 -48.47
CA GLY F 189 66.73 21.46 -47.21
C GLY F 189 65.83 22.65 -47.41
N GLN F 190 65.71 23.09 -48.66
CA GLN F 190 64.76 24.12 -49.04
C GLN F 190 63.37 23.56 -49.27
N ILE F 191 63.23 22.24 -49.28
CA ILE F 191 61.91 21.62 -49.36
C ILE F 191 61.25 21.61 -48.00
N SER F 192 61.99 21.20 -46.97
CA SER F 192 61.46 21.23 -45.61
C SER F 192 61.12 22.64 -45.17
N ALA F 193 61.78 23.65 -45.73
CA ALA F 193 61.37 25.02 -45.47
C ALA F 193 59.92 25.24 -45.87
N VAL F 194 59.55 24.83 -47.09
CA VAL F 194 58.18 25.03 -47.56
C VAL F 194 57.23 23.98 -47.00
N VAL F 195 57.74 22.84 -46.57
CA VAL F 195 56.86 21.84 -45.95
C VAL F 195 56.45 22.29 -44.56
N HIS F 196 57.43 22.63 -43.71
CA HIS F 196 57.12 23.06 -42.36
C HIS F 196 56.45 24.43 -42.35
N LEU F 197 56.66 25.24 -43.37
CA LEU F 197 55.96 26.51 -43.49
C LEU F 197 54.45 26.32 -43.61
N VAL F 198 54.01 25.12 -43.99
CA VAL F 198 52.60 24.84 -44.19
C VAL F 198 52.14 23.82 -43.16
N SER F 199 52.99 22.86 -42.86
CA SER F 199 52.65 21.87 -41.84
C SER F 199 52.35 22.51 -40.51
N SER F 200 53.00 23.62 -40.20
CA SER F 200 52.84 24.27 -38.91
C SER F 200 51.75 25.33 -38.91
N ALA F 201 51.47 25.95 -40.05
CA ALA F 201 50.43 26.96 -40.13
C ALA F 201 49.03 26.37 -40.24
N VAL F 202 48.89 25.05 -40.15
CA VAL F 202 47.60 24.38 -40.27
C VAL F 202 47.46 23.39 -39.13
N ALA F 203 46.31 23.43 -38.45
CA ALA F 203 46.12 22.68 -37.23
C ALA F 203 46.06 21.19 -37.51
N GLY F 204 46.96 20.43 -36.87
CA GLY F 204 46.93 18.99 -36.96
C GLY F 204 47.45 18.41 -38.26
N LEU F 205 48.29 19.14 -38.98
CA LEU F 205 48.81 18.69 -40.27
C LEU F 205 50.27 18.28 -40.12
N PRO F 206 50.57 16.98 -40.08
CA PRO F 206 51.96 16.56 -40.01
C PRO F 206 52.70 16.91 -41.28
N PRO F 207 54.04 16.94 -41.24
CA PRO F 207 54.80 17.23 -42.48
C PRO F 207 54.81 16.06 -43.46
N GLY F 208 54.30 14.90 -43.08
CA GLY F 208 54.19 13.77 -43.98
C GLY F 208 53.00 13.81 -44.90
N ASN F 209 52.14 14.83 -44.76
CA ASN F 209 50.97 14.98 -45.61
C ASN F 209 51.08 16.15 -46.58
N VAL F 210 52.11 16.98 -46.46
CA VAL F 210 52.25 18.12 -47.34
C VAL F 210 52.90 17.66 -48.63
N THR F 211 52.35 18.11 -49.76
CA THR F 211 52.80 17.71 -51.09
C THR F 211 53.27 18.93 -51.84
N LEU F 212 54.54 18.93 -52.24
CA LEU F 212 55.13 20.05 -52.94
C LEU F 212 55.42 19.64 -54.38
N VAL F 213 55.02 20.48 -55.34
CA VAL F 213 55.14 20.18 -56.76
C VAL F 213 55.57 21.44 -57.47
N ASP F 214 56.47 21.32 -58.44
CA ASP F 214 56.97 22.47 -59.16
C ASP F 214 56.01 22.84 -60.28
N GLN F 215 56.47 23.72 -61.17
CA GLN F 215 55.78 24.03 -62.41
C GLN F 215 56.21 23.10 -63.55
N SER F 216 56.95 22.04 -63.23
CA SER F 216 57.40 21.08 -64.22
C SER F 216 57.16 19.67 -63.68
N GLY F 217 55.98 19.43 -63.14
CA GLY F 217 55.73 18.18 -62.46
C GLY F 217 56.64 18.08 -61.25
N HIS F 218 57.44 17.02 -61.22
CA HIS F 218 58.52 16.91 -60.25
C HIS F 218 58.02 16.99 -58.81
N LEU F 219 57.24 16.01 -58.37
CA LEU F 219 56.85 15.89 -56.98
C LEU F 219 58.09 15.92 -56.10
N LEU F 220 58.23 16.96 -55.28
CA LEU F 220 59.46 17.15 -54.51
C LEU F 220 59.42 16.41 -53.18
N THR F 221 58.21 16.30 -52.60
CA THR F 221 58.02 15.63 -51.29
C THR F 221 58.06 14.11 -51.47
N GLN G 125 20.57 23.28 -48.45
CA GLN G 125 21.68 22.69 -47.73
C GLN G 125 22.46 21.72 -48.60
N PHE G 126 21.75 20.99 -49.46
CA PHE G 126 22.41 20.10 -50.40
C PHE G 126 23.11 20.89 -51.50
N SER G 127 22.42 21.86 -52.08
CA SER G 127 23.05 22.75 -53.04
C SER G 127 24.13 23.62 -52.43
N GLU G 128 24.36 23.48 -51.11
CA GLU G 128 25.49 24.12 -50.46
C GLU G 128 26.76 23.30 -50.67
N GLN G 129 26.70 22.01 -50.37
CA GLN G 129 27.83 21.12 -50.57
C GLN G 129 27.96 20.64 -52.00
N VAL G 130 27.27 21.26 -52.94
CA VAL G 130 27.34 20.91 -54.35
C VAL G 130 27.85 22.12 -55.12
N ASN G 131 27.32 23.30 -54.79
CA ASN G 131 27.88 24.53 -55.32
C ASN G 131 29.32 24.71 -54.89
N TYR G 132 29.72 24.05 -53.79
CA TYR G 132 31.11 24.10 -53.34
C TYR G 132 31.97 23.11 -54.10
N GLN G 133 31.50 21.86 -54.23
CA GLN G 133 32.25 20.86 -54.99
C GLN G 133 32.47 21.30 -56.43
N ARG G 134 31.47 21.95 -57.02
CA ARG G 134 31.64 22.47 -58.37
C ARG G 134 32.70 23.55 -58.45
N ALA G 135 32.99 24.22 -57.34
CA ALA G 135 34.05 25.23 -57.31
C ALA G 135 35.41 24.60 -57.07
N LEU G 136 35.48 23.60 -56.20
CA LEU G 136 36.71 22.84 -56.03
C LEU G 136 37.17 22.27 -57.36
N GLU G 137 36.28 21.57 -58.07
CA GLU G 137 36.62 21.02 -59.37
C GLU G 137 37.12 22.09 -60.33
N GLY G 138 36.52 23.27 -60.29
CA GLY G 138 36.98 24.34 -61.17
C GLY G 138 38.25 25.00 -60.72
N GLU G 139 38.56 24.94 -59.42
CA GLU G 139 39.82 25.44 -58.89
C GLU G 139 40.94 24.45 -59.08
N LEU G 140 40.67 23.17 -58.80
CA LEU G 140 41.68 22.12 -59.00
C LEU G 140 42.10 22.05 -60.46
N ALA G 141 41.16 22.24 -61.38
CA ALA G 141 41.49 22.19 -62.79
C ALA G 141 42.15 23.46 -63.30
N ARG G 142 42.13 24.54 -62.53
CA ARG G 142 42.85 25.74 -62.91
C ARG G 142 44.33 25.66 -62.60
N THR G 143 44.72 24.81 -61.67
CA THR G 143 46.13 24.65 -61.32
C THR G 143 46.79 23.65 -62.25
N ILE G 144 46.13 22.51 -62.48
CA ILE G 144 46.64 21.52 -63.40
C ILE G 144 46.83 22.13 -64.79
N GLU G 145 46.07 23.16 -65.12
CA GLU G 145 46.33 23.89 -66.36
C GLU G 145 47.66 24.63 -66.29
N THR G 146 47.96 25.25 -65.15
CA THR G 146 49.22 25.96 -64.95
C THR G 146 50.29 24.98 -64.49
N LEU G 147 50.60 24.02 -65.35
CA LEU G 147 51.50 22.95 -64.97
C LEU G 147 52.47 22.56 -66.07
N GLY G 148 52.53 23.27 -67.18
CA GLY G 148 53.49 22.98 -68.20
C GLY G 148 52.94 22.22 -69.38
N PRO G 149 53.17 20.91 -69.41
CA PRO G 149 52.67 20.10 -70.52
C PRO G 149 51.16 20.11 -70.68
N VAL G 150 50.41 20.34 -69.60
CA VAL G 150 48.96 20.33 -69.67
C VAL G 150 48.48 21.64 -70.29
N LYS G 151 47.58 21.52 -71.26
CA LYS G 151 46.94 22.68 -71.88
C LYS G 151 45.61 23.02 -71.24
N SER G 152 44.84 22.01 -70.83
CA SER G 152 43.56 22.23 -70.17
C SER G 152 43.13 20.95 -69.46
N ALA G 153 42.83 21.04 -68.18
CA ALA G 153 42.40 19.90 -67.41
C ALA G 153 40.89 19.97 -67.18
N ARG G 154 40.34 18.87 -66.68
CA ARG G 154 38.92 18.78 -66.42
C ARG G 154 38.65 17.70 -65.38
N VAL G 155 38.45 18.07 -64.13
CA VAL G 155 38.38 17.12 -63.02
C VAL G 155 36.98 17.07 -62.46
N HIS G 156 36.51 15.86 -62.16
CA HIS G 156 35.27 15.64 -61.43
C HIS G 156 35.56 14.88 -60.17
N LEU G 157 34.92 15.28 -59.08
CA LEU G 157 35.06 14.60 -57.81
C LEU G 157 33.85 13.75 -57.52
N ALA G 158 34.03 12.77 -56.64
CA ALA G 158 32.99 11.80 -56.33
C ALA G 158 32.89 11.66 -54.81
N MET G 159 32.70 12.78 -54.12
CA MET G 159 32.62 12.77 -52.62
C MET G 159 31.18 12.59 -52.12
N PRO G 160 30.79 11.40 -51.60
CA PRO G 160 29.45 11.16 -51.04
C PRO G 160 29.54 10.83 -49.54
N SER G 171 33.80 6.80 -49.08
CA SER G 171 35.06 6.81 -49.92
C SER G 171 34.96 7.71 -51.19
N PRO G 172 35.95 8.59 -51.54
CA PRO G 172 35.80 9.48 -52.69
C PRO G 172 36.74 9.07 -53.83
N SER G 173 36.57 9.76 -54.96
CA SER G 173 37.35 9.50 -56.15
C SER G 173 37.38 10.76 -56.99
N ALA G 174 38.26 10.78 -57.97
CA ALA G 174 38.38 11.90 -58.88
C ALA G 174 38.78 11.38 -60.24
N SER G 175 38.60 12.20 -61.26
CA SER G 175 38.93 11.77 -62.62
C SER G 175 39.42 12.98 -63.41
N VAL G 176 40.74 13.18 -63.41
CA VAL G 176 41.30 14.25 -64.19
C VAL G 176 41.33 13.83 -65.66
N THR G 177 41.22 14.81 -66.55
CA THR G 177 41.14 14.54 -67.98
C THR G 177 42.04 15.52 -68.72
N VAL G 178 43.31 15.58 -68.30
CA VAL G 178 44.25 16.54 -68.88
C VAL G 178 44.30 16.41 -70.39
N THR G 179 44.61 17.54 -71.04
CA THR G 179 44.72 17.63 -72.49
C THR G 179 46.09 18.23 -72.77
N LEU G 180 47.08 17.37 -72.95
CA LEU G 180 48.46 17.82 -73.02
C LEU G 180 48.67 18.76 -74.20
N GLU G 181 49.73 19.56 -74.09
CA GLU G 181 50.06 20.50 -75.15
C GLU G 181 50.44 19.74 -76.41
N PRO G 182 50.30 20.37 -77.59
CA PRO G 182 50.64 19.67 -78.85
C PRO G 182 52.06 19.12 -78.85
N GLY G 183 52.17 17.79 -78.94
CA GLY G 183 53.47 17.15 -78.96
C GLY G 183 54.10 17.06 -77.59
N ARG G 184 53.45 16.35 -76.68
CA ARG G 184 53.95 16.21 -75.31
C ARG G 184 53.32 14.97 -74.70
N ALA G 185 53.94 14.48 -73.65
CA ALA G 185 53.46 13.28 -72.96
C ALA G 185 54.00 13.27 -71.55
N LEU G 186 53.14 13.02 -70.58
CA LEU G 186 53.54 13.05 -69.18
C LEU G 186 54.40 11.83 -68.85
N ASP G 187 55.53 12.07 -68.20
CA ASP G 187 56.46 11.00 -67.87
C ASP G 187 55.89 10.13 -66.75
N GLU G 188 56.67 9.17 -66.28
CA GLU G 188 56.18 8.26 -65.25
C GLU G 188 56.10 8.94 -63.89
N GLY G 189 56.91 9.97 -63.67
CA GLY G 189 56.90 10.70 -62.42
C GLY G 189 56.11 11.98 -62.52
N GLN G 190 55.75 12.34 -63.75
CA GLN G 190 54.86 13.45 -64.00
C GLN G 190 53.39 13.08 -63.84
N ILE G 191 53.11 11.79 -63.68
CA ILE G 191 51.74 11.35 -63.38
C ILE G 191 51.44 11.53 -61.91
N SER G 192 52.35 11.10 -61.05
CA SER G 192 52.18 11.30 -59.61
C SER G 192 52.13 12.77 -59.25
N ALA G 193 52.74 13.64 -60.06
CA ALA G 193 52.57 15.08 -59.85
C ALA G 193 51.10 15.46 -59.90
N VAL G 194 50.40 15.02 -60.96
CA VAL G 194 48.99 15.37 -61.12
C VAL G 194 48.09 14.51 -60.24
N VAL G 195 48.55 13.32 -59.83
CA VAL G 195 47.75 12.52 -58.93
C VAL G 195 47.75 13.12 -57.53
N HIS G 196 48.93 13.37 -56.98
CA HIS G 196 49.01 13.94 -55.64
C HIS G 196 48.53 15.39 -55.61
N LEU G 197 48.59 16.09 -56.74
CA LEU G 197 48.03 17.43 -56.82
C LEU G 197 46.52 17.44 -56.57
N VAL G 198 45.86 16.30 -56.71
CA VAL G 198 44.43 16.20 -56.53
C VAL G 198 44.11 15.33 -55.32
N SER G 199 44.89 14.28 -55.14
CA SER G 199 44.71 13.41 -53.98
C SER G 199 44.82 14.18 -52.67
N SER G 200 45.64 15.23 -52.64
CA SER G 200 45.89 15.98 -51.43
C SER G 200 44.96 17.17 -51.28
N ALA G 201 44.49 17.74 -52.38
CA ALA G 201 43.58 18.87 -52.32
C ALA G 201 42.14 18.48 -52.04
N VAL G 202 41.87 17.20 -51.79
CA VAL G 202 40.52 16.71 -51.53
C VAL G 202 40.55 15.83 -50.29
N ALA G 203 39.62 16.08 -49.37
CA ALA G 203 39.64 15.45 -48.06
C ALA G 203 39.35 13.97 -48.17
N GLY G 204 40.29 13.14 -47.69
CA GLY G 204 40.06 11.72 -47.62
C GLY G 204 40.17 10.97 -48.93
N LEU G 205 40.89 11.53 -49.90
CA LEU G 205 41.03 10.93 -51.23
C LEU G 205 42.40 10.32 -51.39
N PRO G 206 42.56 9.01 -51.28
CA PRO G 206 43.88 8.40 -51.49
C PRO G 206 44.31 8.55 -52.94
N PRO G 207 45.61 8.40 -53.21
CA PRO G 207 46.06 8.49 -54.61
C PRO G 207 45.71 7.28 -55.44
N GLY G 208 45.18 6.21 -54.84
CA GLY G 208 44.72 5.06 -55.57
C GLY G 208 43.35 5.20 -56.18
N ASN G 209 42.68 6.32 -55.94
CA ASN G 209 41.36 6.58 -56.52
C ASN G 209 41.36 7.65 -57.60
N VAL G 210 42.48 8.33 -57.80
CA VAL G 210 42.54 9.38 -58.81
C VAL G 210 42.79 8.74 -60.17
N THR G 211 42.04 9.18 -61.18
CA THR G 211 42.09 8.63 -62.52
C THR G 211 42.51 9.72 -63.48
N LEU G 212 43.63 9.51 -64.17
CA LEU G 212 44.16 10.49 -65.10
C LEU G 212 44.04 9.93 -66.52
N VAL G 213 43.52 10.75 -67.43
CA VAL G 213 43.24 10.33 -68.79
C VAL G 213 43.63 11.48 -69.72
N ASP G 214 44.25 11.15 -70.86
CA ASP G 214 44.69 12.18 -71.79
C ASP G 214 43.53 12.59 -72.69
N GLN G 215 43.85 13.33 -73.74
CA GLN G 215 42.92 13.64 -74.81
C GLN G 215 42.95 12.58 -75.92
N SER G 216 43.60 11.47 -75.68
CA SER G 216 43.69 10.38 -76.64
C SER G 216 43.43 9.05 -75.92
N GLY G 217 42.39 9.03 -75.09
CA GLY G 217 42.18 7.87 -74.25
C GLY G 217 43.34 7.73 -73.28
N HIS G 218 44.01 6.58 -73.33
CA HIS G 218 45.26 6.39 -72.63
C HIS G 218 45.15 6.64 -71.13
N LEU G 219 44.38 5.81 -70.43
CA LEU G 219 44.34 5.85 -68.98
C LEU G 219 45.75 5.77 -68.42
N LEU G 220 46.21 6.83 -67.76
CA LEU G 220 47.59 6.90 -67.32
C LEU G 220 47.80 6.28 -65.95
N THR G 221 46.77 6.38 -65.10
CA THR G 221 46.83 5.84 -63.72
C THR G 221 46.65 4.32 -63.75
N GLN H 125 12.35 17.19 -52.08
CA GLN H 125 13.58 16.55 -51.62
C GLN H 125 14.01 15.45 -52.56
N PHE H 126 13.04 14.73 -53.14
CA PHE H 126 13.37 13.70 -54.11
C PHE H 126 13.79 14.33 -55.43
N SER H 127 13.04 15.32 -55.92
CA SER H 127 13.45 16.06 -57.10
C SER H 127 14.71 16.87 -56.87
N GLU H 128 15.27 16.81 -55.67
CA GLU H 128 16.59 17.39 -55.41
C GLU H 128 17.68 16.44 -55.86
N GLN H 129 17.63 15.19 -55.42
CA GLN H 129 18.58 14.17 -55.81
C GLN H 129 18.29 13.58 -57.18
N VAL H 130 17.41 14.20 -57.96
CA VAL H 130 17.08 13.73 -59.29
C VAL H 130 17.43 14.82 -60.29
N ASN H 131 17.09 16.07 -59.95
CA ASN H 131 17.58 17.19 -60.74
C ASN H 131 19.10 17.26 -60.72
N TYR H 132 19.74 16.66 -59.71
CA TYR H 132 21.19 16.61 -59.64
C TYR H 132 21.74 15.48 -60.51
N GLN H 133 21.17 14.28 -60.38
CA GLN H 133 21.60 13.16 -61.20
C GLN H 133 21.45 13.45 -62.68
N ARG H 134 20.38 14.16 -63.06
CA ARG H 134 20.21 14.54 -64.46
C ARG H 134 21.28 15.52 -64.92
N ALA H 135 21.92 16.24 -63.99
CA ALA H 135 23.00 17.13 -64.34
C ALA H 135 24.33 16.40 -64.42
N LEU H 136 24.57 15.48 -63.50
CA LEU H 136 25.74 14.61 -63.58
C LEU H 136 25.78 13.89 -64.92
N GLU H 137 24.69 13.23 -65.29
CA GLU H 137 24.61 12.55 -66.58
C GLU H 137 24.91 13.49 -67.73
N GLY H 138 24.44 14.73 -67.67
CA GLY H 138 24.70 15.67 -68.74
C GLY H 138 26.10 16.24 -68.71
N GLU H 139 26.73 16.24 -67.54
CA GLU H 139 28.12 16.68 -67.41
C GLU H 139 29.09 15.56 -67.79
N LEU H 140 28.82 14.35 -67.32
CA LEU H 140 29.65 13.20 -67.67
C LEU H 140 29.65 12.96 -69.17
N ALA H 141 28.52 13.17 -69.82
CA ALA H 141 28.43 12.98 -71.27
C ALA H 141 29.03 14.13 -72.06
N ARG H 142 29.30 15.26 -71.41
CA ARG H 142 29.96 16.37 -72.10
C ARG H 142 31.46 16.17 -72.19
N THR H 143 32.03 15.35 -71.30
CA THR H 143 33.46 15.09 -71.33
C THR H 143 33.78 13.96 -72.29
N ILE H 144 33.00 12.88 -72.22
CA ILE H 144 33.17 11.77 -73.15
C ILE H 144 33.03 12.25 -74.58
N GLU H 145 32.27 13.33 -74.81
CA GLU H 145 32.23 13.92 -76.15
C GLU H 145 33.58 14.53 -76.50
N THR H 146 34.22 15.21 -75.55
CA THR H 146 35.53 15.81 -75.76
C THR H 146 36.62 14.77 -75.50
N LEU H 147 36.61 13.73 -76.32
CA LEU H 147 37.50 12.61 -76.08
C LEU H 147 38.12 12.03 -77.35
N GLY H 148 37.91 12.66 -78.51
CA GLY H 148 38.55 12.19 -79.71
C GLY H 148 37.63 11.40 -80.61
N PRO H 149 37.75 10.07 -80.57
CA PRO H 149 36.91 9.22 -81.43
C PRO H 149 35.43 9.37 -81.17
N VAL H 150 35.02 9.76 -79.97
CA VAL H 150 33.61 9.88 -79.65
C VAL H 150 33.06 11.17 -80.25
N LYS H 151 31.93 11.07 -80.93
CA LYS H 151 31.23 12.23 -81.48
C LYS H 151 30.15 12.74 -80.54
N SER H 152 29.46 11.84 -79.85
CA SER H 152 28.43 12.23 -78.90
C SER H 152 28.11 11.07 -77.97
N ALA H 153 28.18 11.29 -76.67
CA ALA H 153 27.89 10.25 -75.71
C ALA H 153 26.52 10.49 -75.09
N ARG H 154 26.05 9.48 -74.35
CA ARG H 154 24.74 9.55 -73.71
C ARG H 154 24.70 8.58 -72.54
N VAL H 155 24.86 9.09 -71.32
CA VAL H 155 25.05 8.23 -70.15
C VAL H 155 23.84 8.36 -69.23
N HIS H 156 23.38 7.22 -68.70
CA HIS H 156 22.38 7.18 -67.66
C HIS H 156 22.94 6.50 -66.43
N LEU H 157 22.65 7.04 -65.26
CA LEU H 157 23.10 6.45 -64.01
C LEU H 157 21.94 5.75 -63.33
N ALA H 158 22.29 4.83 -62.44
CA ALA H 158 21.32 3.99 -61.76
C ALA H 158 21.61 3.98 -60.27
N MET H 159 21.71 5.17 -59.66
CA MET H 159 22.03 5.27 -58.21
C MET H 159 20.78 5.28 -57.33
N PRO H 160 20.45 4.18 -56.61
CA PRO H 160 19.31 4.10 -55.69
C PRO H 160 19.78 3.89 -54.24
N SER H 171 23.70 -0.48 -54.52
CA SER H 171 24.68 -0.65 -55.66
C SER H 171 24.31 0.14 -56.94
N PRO H 172 25.23 0.90 -57.63
CA PRO H 172 24.83 1.71 -58.78
C PRO H 172 25.39 1.13 -60.08
N SER H 173 24.97 1.74 -61.19
CA SER H 173 25.38 1.30 -62.51
C SER H 173 25.27 2.48 -63.45
N ALA H 174 25.86 2.34 -64.63
CA ALA H 174 25.79 3.37 -65.65
C ALA H 174 25.76 2.71 -67.01
N SER H 175 25.38 3.47 -68.02
CA SER H 175 25.30 2.89 -69.36
C SER H 175 25.63 3.99 -70.36
N VAL H 176 26.91 4.06 -70.74
CA VAL H 176 27.31 5.01 -71.75
C VAL H 176 26.91 4.47 -73.12
N THR H 177 26.64 5.39 -74.05
CA THR H 177 26.15 5.01 -75.37
C THR H 177 26.88 5.84 -76.42
N VAL H 178 28.22 5.81 -76.36
CA VAL H 178 29.04 6.62 -77.26
C VAL H 178 28.66 6.37 -78.71
N THR H 179 28.85 7.41 -79.52
CA THR H 179 28.57 7.38 -80.96
C THR H 179 29.85 7.83 -81.65
N LEU H 180 30.70 6.86 -81.99
CA LEU H 180 32.04 7.16 -82.48
C LEU H 180 31.99 7.99 -83.75
N GLU H 181 33.08 8.70 -84.01
CA GLU H 181 33.17 9.51 -85.21
C GLU H 181 33.14 8.61 -86.45
N PRO H 182 32.74 9.16 -87.60
CA PRO H 182 32.67 8.34 -88.82
C PRO H 182 33.99 7.65 -89.15
N GLY H 183 33.98 6.32 -89.12
CA GLY H 183 35.17 5.57 -89.42
C GLY H 183 36.15 5.51 -88.27
N ARG H 184 35.72 4.94 -87.15
CA ARG H 184 36.56 4.86 -85.97
C ARG H 184 36.03 3.74 -85.09
N ALA H 185 36.89 3.28 -84.18
CA ALA H 185 36.52 2.19 -83.28
C ALA H 185 37.43 2.25 -82.07
N LEU H 186 36.84 2.15 -80.88
CA LEU H 186 37.62 2.25 -79.66
C LEU H 186 38.45 0.99 -79.45
N ASP H 187 39.72 1.16 -79.14
CA ASP H 187 40.63 0.05 -78.96
C ASP H 187 40.32 -0.67 -77.65
N GLU H 188 41.13 -1.67 -77.30
CA GLU H 188 40.87 -2.44 -76.09
C GLU H 188 41.22 -1.66 -74.84
N GLY H 189 42.13 -0.69 -74.95
CA GLY H 189 42.51 0.13 -73.82
C GLY H 189 41.83 1.47 -73.84
N GLN H 190 41.16 1.76 -74.96
CA GLN H 190 40.33 2.94 -75.07
C GLN H 190 38.94 2.72 -74.50
N ILE H 191 38.60 1.49 -74.13
CA ILE H 191 37.35 1.19 -73.45
C ILE H 191 37.47 1.51 -71.97
N SER H 192 38.56 1.07 -71.34
CA SER H 192 38.79 1.40 -69.94
C SER H 192 38.94 2.90 -69.73
N ALA H 193 39.38 3.64 -70.76
CA ALA H 193 39.37 5.09 -70.65
C ALA H 193 37.97 5.60 -70.36
N VAL H 194 36.98 5.16 -71.14
CA VAL H 194 35.61 5.62 -70.96
C VAL H 194 34.92 4.92 -69.80
N VAL H 195 35.39 3.74 -69.40
CA VAL H 195 34.81 3.08 -68.24
C VAL H 195 35.24 3.79 -66.96
N HIS H 196 36.54 3.97 -66.76
CA HIS H 196 37.03 4.64 -65.57
C HIS H 196 36.67 6.12 -65.56
N LEU H 197 36.47 6.73 -66.72
CA LEU H 197 36.01 8.10 -66.78
C LEU H 197 34.64 8.28 -66.14
N VAL H 198 33.88 7.19 -65.99
CA VAL H 198 32.53 7.25 -65.43
C VAL H 198 32.50 6.50 -64.10
N SER H 199 33.24 5.40 -64.02
CA SER H 199 33.31 4.65 -62.77
C SER H 199 33.83 5.52 -61.63
N SER H 200 34.70 6.46 -61.93
CA SER H 200 35.32 7.29 -60.90
C SER H 200 34.55 8.58 -60.63
N ALA H 201 33.84 9.10 -61.62
CA ALA H 201 33.06 10.31 -61.44
C ALA H 201 31.73 10.07 -60.75
N VAL H 202 31.45 8.85 -60.30
CA VAL H 202 30.19 8.51 -59.65
C VAL H 202 30.49 7.75 -58.38
N ALA H 203 29.87 8.16 -57.28
CA ALA H 203 30.21 7.63 -55.97
C ALA H 203 29.79 6.17 -55.85
N GLY H 204 30.76 5.30 -55.54
CA GLY H 204 30.46 3.92 -55.28
C GLY H 204 30.16 3.07 -56.49
N LEU H 205 30.62 3.47 -57.67
CA LEU H 205 30.35 2.75 -58.90
C LEU H 205 31.59 2.01 -59.36
N PRO H 206 31.67 0.70 -59.18
CA PRO H 206 32.83 -0.05 -59.66
C PRO H 206 32.88 -0.05 -61.17
N PRO H 207 34.03 -0.34 -61.77
CA PRO H 207 34.09 -0.40 -63.23
C PRO H 207 33.43 -1.64 -63.82
N GLY H 208 33.02 -2.60 -62.98
CA GLY H 208 32.29 -3.76 -63.45
C GLY H 208 30.83 -3.54 -63.69
N ASN H 209 30.32 -2.34 -63.40
CA ASN H 209 28.92 -2.00 -63.62
C ASN H 209 28.71 -1.03 -64.77
N VAL H 210 29.77 -0.47 -65.34
CA VAL H 210 29.62 0.47 -66.42
C VAL H 210 29.45 -0.29 -67.73
N THR H 211 28.48 0.14 -68.54
CA THR H 211 28.13 -0.52 -69.78
C THR H 211 28.35 0.46 -70.93
N LEU H 212 29.22 0.09 -71.86
CA LEU H 212 29.54 0.93 -73.00
C LEU H 212 29.00 0.28 -74.26
N VAL H 213 28.32 1.07 -75.10
CA VAL H 213 27.64 0.57 -76.29
C VAL H 213 27.84 1.59 -77.39
N ASP H 214 28.11 1.13 -78.61
CA ASP H 214 28.35 2.03 -79.72
C ASP H 214 27.02 2.49 -80.32
N GLN H 215 27.10 3.10 -81.50
CA GLN H 215 25.94 3.41 -82.30
C GLN H 215 25.58 2.28 -83.26
N SER H 216 26.20 1.11 -83.10
CA SER H 216 25.94 -0.04 -83.93
C SER H 216 25.80 -1.27 -83.03
N GLY H 217 25.02 -1.13 -81.96
CA GLY H 217 24.97 -2.20 -80.98
C GLY H 217 26.33 -2.38 -80.35
N HIS H 218 26.87 -3.58 -80.45
CA HIS H 218 28.26 -3.83 -80.09
C HIS H 218 28.57 -3.46 -78.65
N LEU H 219 27.98 -4.16 -77.69
CA LEU H 219 28.33 -4.00 -76.29
C LEU H 219 29.83 -4.16 -76.11
N LEU H 220 30.53 -3.09 -75.71
CA LEU H 220 31.99 -3.12 -75.67
C LEU H 220 32.51 -3.66 -74.36
N THR H 221 31.76 -3.39 -73.27
CA THR H 221 32.15 -3.83 -71.91
C THR H 221 31.87 -5.32 -71.74
N GLN I 125 2.71 12.85 -53.85
CA GLN I 125 3.92 12.07 -53.62
C GLN I 125 3.97 10.86 -54.53
N PHE I 126 2.81 10.26 -54.80
CA PHE I 126 2.75 9.13 -55.72
C PHE I 126 2.94 9.61 -57.16
N SER I 127 2.23 10.67 -57.55
CA SER I 127 2.44 11.28 -58.86
C SER I 127 3.82 11.90 -58.99
N GLU I 128 4.64 11.83 -57.95
CA GLU I 128 6.04 12.22 -58.03
C GLU I 128 6.87 11.09 -58.63
N GLN I 129 6.75 9.89 -58.07
CA GLN I 129 7.44 8.73 -58.58
C GLN I 129 6.76 8.09 -59.78
N VAL I 130 5.82 8.78 -60.40
CA VAL I 130 5.12 8.29 -61.58
C VAL I 130 5.38 9.25 -62.73
N ASN I 131 5.29 10.56 -62.44
CA ASN I 131 5.73 11.55 -63.42
C ASN I 131 7.20 11.39 -63.75
N TYR I 132 7.97 10.76 -62.85
CA TYR I 132 9.38 10.49 -63.11
C TYR I 132 9.55 9.25 -63.96
N GLN I 133 8.87 8.17 -63.60
CA GLN I 133 8.97 6.94 -64.38
C GLN I 133 8.51 7.16 -65.82
N ARG I 134 7.49 7.99 -66.01
CA ARG I 134 7.05 8.31 -67.36
C ARG I 134 8.09 9.08 -68.14
N ALA I 135 9.02 9.76 -67.45
CA ALA I 135 10.10 10.46 -68.12
C ALA I 135 11.26 9.53 -68.42
N LEU I 136 11.58 8.64 -67.49
CA LEU I 136 12.59 7.61 -67.75
C LEU I 136 12.22 6.81 -68.99
N GLU I 137 10.99 6.29 -69.05
CA GLU I 137 10.52 5.55 -70.22
C GLU I 137 10.67 6.36 -71.49
N GLY I 138 10.38 7.66 -71.43
CA GLY I 138 10.52 8.49 -72.61
C GLY I 138 11.94 8.85 -72.96
N GLU I 139 12.83 8.83 -71.97
CA GLU I 139 14.25 9.05 -72.20
C GLU I 139 14.94 7.79 -72.67
N LEU I 140 14.64 6.65 -72.04
CA LEU I 140 15.20 5.38 -72.45
C LEU I 140 14.83 5.06 -73.90
N ALA I 141 13.62 5.39 -74.30
CA ALA I 141 13.17 5.12 -75.66
C ALA I 141 13.70 6.11 -76.66
N ARG I 142 14.26 7.24 -76.22
CA ARG I 142 14.89 8.19 -77.13
C ARG I 142 16.28 7.77 -77.52
N THR I 143 16.94 6.93 -76.72
CA THR I 143 18.27 6.45 -77.04
C THR I 143 18.21 5.24 -77.93
N ILE I 144 17.32 4.29 -77.59
CA ILE I 144 17.13 3.12 -78.43
C ILE I 144 16.72 3.51 -79.83
N GLU I 145 16.08 4.67 -79.98
CA GLU I 145 15.81 5.18 -81.32
C GLU I 145 17.10 5.57 -82.03
N THR I 146 18.03 6.20 -81.31
CA THR I 146 19.32 6.58 -81.87
C THR I 146 20.30 5.41 -81.76
N LEU I 147 19.95 4.33 -82.45
CA LEU I 147 20.74 3.11 -82.32
C LEU I 147 20.94 2.38 -83.62
N GLY I 148 20.56 2.94 -84.76
CA GLY I 148 20.84 2.32 -86.03
C GLY I 148 19.63 1.62 -86.62
N PRO I 149 19.59 0.28 -86.49
CA PRO I 149 18.46 -0.47 -87.05
C PRO I 149 17.11 -0.09 -86.50
N VAL I 150 17.05 0.42 -85.26
CA VAL I 150 15.78 0.78 -84.65
C VAL I 150 15.29 2.10 -85.24
N LYS I 151 14.01 2.12 -85.63
CA LYS I 151 13.37 3.34 -86.10
C LYS I 151 12.61 4.06 -85.01
N SER I 152 11.99 3.32 -84.10
CA SER I 152 11.28 3.92 -82.98
C SER I 152 11.04 2.87 -81.91
N ALA I 153 11.44 3.16 -80.68
CA ALA I 153 11.25 2.24 -79.58
C ALA I 153 10.10 2.71 -78.70
N ARG I 154 9.68 1.84 -77.78
CA ARG I 154 8.59 2.14 -76.88
C ARG I 154 8.69 1.27 -75.64
N VAL I 155 9.20 1.81 -74.54
CA VAL I 155 9.54 1.01 -73.37
C VAL I 155 8.61 1.36 -72.22
N HIS I 156 8.15 0.35 -71.50
CA HIS I 156 7.41 0.52 -70.26
C HIS I 156 8.16 -0.16 -69.13
N LEU I 157 8.22 0.50 -67.99
CA LEU I 157 8.87 -0.07 -66.82
C LEU I 157 7.82 -0.56 -65.83
N ALA I 158 8.24 -1.46 -64.95
CA ALA I 158 7.36 -2.10 -64.00
C ALA I 158 7.98 -2.07 -62.61
N MET I 159 8.37 -0.87 -62.16
CA MET I 159 9.05 -0.72 -60.83
C MET I 159 8.03 -0.48 -59.70
N PRO I 160 7.75 -1.47 -58.83
CA PRO I 160 6.86 -1.32 -57.67
C PRO I 160 7.62 -1.51 -56.35
N SER I 171 10.77 -6.41 -57.08
CA SER I 171 11.41 -6.82 -58.39
C SER I 171 10.86 -6.05 -59.63
N PRO I 172 11.68 -5.48 -60.57
CA PRO I 172 11.14 -4.70 -61.68
C PRO I 172 11.30 -5.43 -63.00
N SER I 173 10.72 -4.84 -64.04
CA SER I 173 10.73 -5.41 -65.38
C SER I 173 10.57 -4.28 -66.37
N ALA I 174 10.84 -4.58 -67.64
CA ALA I 174 10.68 -3.62 -68.71
C ALA I 174 10.25 -4.35 -69.96
N SER I 175 9.73 -3.61 -70.93
CA SER I 175 9.27 -4.25 -72.17
C SER I 175 9.50 -3.28 -73.31
N VAL I 176 10.66 -3.42 -73.96
CA VAL I 176 10.93 -2.61 -75.13
C VAL I 176 10.15 -3.16 -76.32
N THR I 177 9.79 -2.28 -77.24
CA THR I 177 8.96 -2.65 -78.38
C THR I 177 9.53 -2.01 -79.64
N VAL I 178 10.83 -2.23 -79.88
CA VAL I 178 11.52 -1.61 -81.00
C VAL I 178 10.78 -1.88 -82.30
N THR I 179 10.90 -0.94 -83.24
CA THR I 179 10.30 -1.02 -84.56
C THR I 179 11.42 -0.82 -85.55
N LEU I 180 12.04 -1.91 -86.00
CA LEU I 180 13.25 -1.84 -86.78
C LEU I 180 13.01 -1.10 -88.10
N GLU I 181 14.10 -0.59 -88.67
CA GLU I 181 14.02 0.14 -89.92
C GLU I 181 13.58 -0.82 -91.03
N PRO I 182 12.99 -0.29 -92.10
CA PRO I 182 12.54 -1.17 -93.20
C PRO I 182 13.63 -2.06 -93.74
N GLY I 183 13.46 -3.37 -93.60
CA GLY I 183 14.44 -4.32 -94.08
C GLY I 183 15.64 -4.44 -93.17
N ARG I 184 15.42 -4.87 -91.93
CA ARG I 184 16.48 -5.00 -90.97
C ARG I 184 16.05 -5.98 -89.89
N ALA I 185 17.02 -6.51 -89.16
CA ALA I 185 16.73 -7.46 -88.10
C ALA I 185 17.90 -7.48 -87.13
N LEU I 186 17.60 -7.41 -85.84
CA LEU I 186 18.64 -7.35 -84.83
C LEU I 186 19.32 -8.71 -84.69
N ASP I 187 20.65 -8.71 -84.69
CA ASP I 187 21.42 -9.94 -84.62
C ASP I 187 21.34 -10.51 -83.21
N GLU I 188 22.07 -11.60 -82.96
CA GLU I 188 22.00 -12.24 -81.66
C GLU I 188 22.73 -11.44 -80.59
N GLY I 189 23.71 -10.64 -80.99
CA GLY I 189 24.45 -9.82 -80.05
C GLY I 189 23.95 -8.40 -80.05
N GLN I 190 23.09 -8.07 -81.01
CA GLN I 190 22.41 -6.80 -81.05
C GLN I 190 21.18 -6.77 -80.16
N ILE I 191 20.79 -7.92 -79.62
CA ILE I 191 19.70 -7.97 -78.65
C ILE I 191 20.20 -7.58 -77.27
N SER I 192 21.34 -8.14 -76.86
CA SER I 192 21.93 -7.77 -75.59
C SER I 192 22.33 -6.30 -75.56
N ALA I 193 22.60 -5.70 -76.72
CA ALA I 193 22.81 -4.26 -76.75
C ALA I 193 21.60 -3.53 -76.21
N VAL I 194 20.41 -3.86 -76.70
CA VAL I 194 19.19 -3.19 -76.26
C VAL I 194 18.70 -3.72 -74.92
N VAL I 195 19.10 -4.92 -74.52
CA VAL I 195 18.73 -5.41 -73.21
C VAL I 195 19.52 -4.70 -72.12
N HIS I 196 20.85 -4.70 -72.24
CA HIS I 196 21.68 -4.04 -71.26
C HIS I 196 21.54 -2.52 -71.30
N LEU I 197 21.15 -1.98 -72.45
CA LEU I 197 20.86 -0.55 -72.53
C LEU I 197 19.71 -0.13 -71.62
N VAL I 198 18.88 -1.08 -71.20
CA VAL I 198 17.73 -0.79 -70.37
C VAL I 198 17.91 -1.43 -69.01
N SER I 199 18.49 -2.63 -68.97
CA SER I 199 18.75 -3.30 -67.72
C SER I 199 19.63 -2.46 -66.80
N SER I 200 20.53 -1.67 -67.38
CA SER I 200 21.48 -0.88 -66.59
C SER I 200 20.96 0.52 -66.28
N ALA I 201 20.12 1.08 -67.13
CA ALA I 201 19.57 2.40 -66.90
C ALA I 201 18.41 2.41 -65.91
N VAL I 202 18.09 1.28 -65.30
CA VAL I 202 16.99 1.17 -64.36
C VAL I 202 17.48 0.44 -63.11
N ALA I 203 17.19 1.00 -61.95
CA ALA I 203 17.75 0.52 -60.70
C ALA I 203 17.18 -0.86 -60.35
N GLY I 204 18.07 -1.83 -60.19
CA GLY I 204 17.67 -3.14 -59.73
C GLY I 204 16.98 -4.01 -60.76
N LEU I 205 17.21 -3.75 -62.05
CA LEU I 205 16.56 -4.50 -63.12
C LEU I 205 17.56 -5.44 -63.77
N PRO I 206 17.51 -6.74 -63.49
CA PRO I 206 18.41 -7.67 -64.14
C PRO I 206 18.10 -7.78 -65.62
N PRO I 207 19.03 -8.28 -66.43
CA PRO I 207 18.74 -8.44 -67.87
C PRO I 207 17.80 -9.60 -68.16
N GLY I 208 17.47 -10.43 -67.18
CA GLY I 208 16.52 -11.50 -67.36
C GLY I 208 15.07 -11.07 -67.28
N ASN I 209 14.81 -9.80 -67.00
CA ASN I 209 13.46 -9.27 -66.93
C ASN I 209 13.11 -8.34 -68.09
N VAL I 210 14.07 -7.98 -68.93
CA VAL I 210 13.80 -7.10 -70.05
C VAL I 210 13.22 -7.91 -71.20
N THR I 211 12.17 -7.39 -71.81
CA THR I 211 11.45 -8.07 -72.88
C THR I 211 11.51 -7.20 -74.13
N LEU I 212 12.09 -7.75 -75.19
CA LEU I 212 12.24 -7.04 -76.45
C LEU I 212 11.34 -7.68 -77.49
N VAL I 213 10.60 -6.85 -78.22
CA VAL I 213 9.60 -7.32 -79.18
C VAL I 213 9.67 -6.40 -80.40
N ASP I 214 9.58 -6.98 -81.59
CA ASP I 214 9.67 -6.19 -82.82
C ASP I 214 8.31 -5.58 -83.14
N GLN I 215 8.19 -5.05 -84.35
CA GLN I 215 6.92 -4.62 -84.91
C GLN I 215 6.21 -5.75 -85.65
N SER I 216 6.69 -6.98 -85.52
CA SER I 216 6.09 -8.13 -86.16
C SER I 216 6.00 -9.27 -85.14
N GLY I 217 5.53 -8.95 -83.94
CA GLY I 217 5.56 -9.94 -82.88
C GLY I 217 7.01 -10.27 -82.56
N HIS I 218 7.35 -11.56 -82.66
CA HIS I 218 8.73 -11.99 -82.59
C HIS I 218 9.42 -11.57 -81.30
N LEU I 219 8.98 -12.12 -80.17
CA LEU I 219 9.66 -11.92 -78.91
C LEU I 219 11.13 -12.30 -79.06
N LEU I 220 12.03 -11.33 -78.93
CA LEU I 220 13.44 -11.58 -79.21
C LEU I 220 14.19 -12.10 -77.99
N THR I 221 13.75 -11.65 -76.81
CA THR I 221 14.40 -12.06 -75.53
C THR I 221 13.96 -13.48 -75.16
N GLN J 125 -7.86 8.37 -51.52
CA GLN J 125 -6.71 7.47 -51.53
C GLN J 125 -6.99 6.23 -52.35
N PHE J 126 -8.24 5.75 -52.32
CA PHE J 126 -8.60 4.61 -53.14
C PHE J 126 -8.72 5.02 -54.60
N SER J 127 -9.39 6.14 -54.88
CA SER J 127 -9.43 6.68 -56.24
C SER J 127 -8.07 7.14 -56.71
N GLU J 128 -7.04 7.02 -55.88
CA GLU J 128 -5.66 7.26 -56.30
C GLU J 128 -5.11 6.03 -57.01
N GLN J 129 -5.21 4.87 -56.37
CA GLN J 129 -4.76 3.62 -56.97
C GLN J 129 -5.77 3.03 -57.95
N VAL J 130 -6.76 3.80 -58.37
CA VAL J 130 -7.75 3.34 -59.34
C VAL J 130 -7.69 4.24 -60.56
N ASN J 131 -7.58 5.55 -60.33
CA ASN J 131 -7.28 6.46 -61.43
C ASN J 131 -5.94 6.14 -62.07
N TYR J 132 -5.05 5.46 -61.35
CA TYR J 132 -3.77 5.04 -61.90
C TYR J 132 -3.93 3.76 -62.71
N GLN J 133 -4.60 2.76 -62.15
CA GLN J 133 -4.81 1.50 -62.86
C GLN J 133 -5.57 1.74 -64.16
N ARG J 134 -6.52 2.66 -64.16
CA ARG J 134 -7.23 2.99 -65.38
C ARG J 134 -6.32 3.62 -66.43
N ALA J 135 -5.21 4.22 -66.00
CA ALA J 135 -4.25 4.78 -66.94
C ALA J 135 -3.27 3.72 -67.45
N LEU J 136 -2.83 2.83 -66.57
CA LEU J 136 -2.03 1.70 -66.99
C LEU J 136 -2.75 0.90 -68.07
N GLU J 137 -4.00 0.51 -67.82
CA GLU J 137 -4.79 -0.20 -68.81
C GLU J 137 -4.87 0.55 -70.13
N GLY J 138 -5.01 1.87 -70.08
CA GLY J 138 -5.07 2.64 -71.31
C GLY J 138 -3.73 2.85 -71.98
N GLU J 139 -2.65 2.75 -71.21
CA GLU J 139 -1.31 2.82 -71.78
C GLU J 139 -0.87 1.47 -72.32
N LEU J 140 -1.13 0.40 -71.58
CA LEU J 140 -0.79 -0.95 -72.05
C LEU J 140 -1.52 -1.27 -73.34
N ALA J 141 -2.76 -0.82 -73.47
CA ALA J 141 -3.53 -1.08 -74.68
C ALA J 141 -3.15 -0.17 -75.84
N ARG J 142 -2.40 0.90 -75.58
CA ARG J 142 -1.92 1.74 -76.66
C ARG J 142 -0.69 1.17 -77.35
N THR J 143 0.03 0.29 -76.66
CA THR J 143 1.21 -0.33 -77.25
C THR J 143 0.82 -1.57 -78.05
N ILE J 144 -0.03 -2.40 -77.46
CA ILE J 144 -0.54 -3.58 -78.17
C ILE J 144 -1.22 -3.17 -79.45
N GLU J 145 -1.76 -1.96 -79.53
CA GLU J 145 -2.28 -1.46 -80.79
C GLU J 145 -1.16 -1.24 -81.80
N THR J 146 -0.03 -0.69 -81.35
CA THR J 146 1.13 -0.47 -82.19
C THR J 146 1.98 -1.72 -82.26
N LEU J 147 1.39 -2.79 -82.78
CA LEU J 147 2.05 -4.08 -82.76
C LEU J 147 1.88 -4.87 -84.05
N GLY J 148 1.30 -4.30 -85.10
CA GLY J 148 1.21 -4.99 -86.37
C GLY J 148 -0.15 -5.58 -86.63
N PRO J 149 -0.29 -6.89 -86.42
CA PRO J 149 -1.58 -7.54 -86.66
C PRO J 149 -2.73 -7.00 -85.84
N VAL J 150 -2.45 -6.44 -84.66
CA VAL J 150 -3.50 -5.94 -83.78
C VAL J 150 -3.99 -4.60 -84.32
N LYS J 151 -5.31 -4.44 -84.42
CA LYS J 151 -5.93 -3.18 -84.80
C LYS J 151 -6.34 -2.35 -83.60
N SER J 152 -6.80 -2.99 -82.53
CA SER J 152 -7.18 -2.29 -81.31
C SER J 152 -7.27 -3.27 -80.16
N ALA J 153 -6.56 -2.99 -79.07
CA ALA J 153 -6.58 -3.86 -77.90
C ALA J 153 -7.44 -3.24 -76.81
N ARG J 154 -7.71 -4.04 -75.79
CA ARG J 154 -8.54 -3.59 -74.67
C ARG J 154 -8.23 -4.44 -73.45
N VAL J 155 -7.44 -3.92 -72.53
CA VAL J 155 -6.91 -4.71 -71.41
C VAL J 155 -7.52 -4.22 -70.11
N HIS J 156 -7.89 -5.17 -69.24
CA HIS J 156 -8.30 -4.88 -67.88
C HIS J 156 -7.37 -5.61 -66.92
N LEU J 157 -6.99 -4.93 -65.84
CA LEU J 157 -6.15 -5.52 -64.83
C LEU J 157 -6.98 -5.86 -63.60
N ALA J 158 -6.46 -6.78 -62.80
CA ALA J 158 -7.15 -7.29 -61.64
C ALA J 158 -6.22 -7.29 -60.44
N MET J 159 -5.62 -6.12 -60.15
CA MET J 159 -4.65 -6.01 -59.01
C MET J 159 -5.34 -5.62 -57.70
N PRO J 160 -5.51 -6.55 -56.73
CA PRO J 160 -6.09 -6.28 -55.41
C PRO J 160 -5.06 -6.50 -54.29
N SER J 171 -2.67 -11.74 -55.46
CA SER J 171 -2.38 -12.24 -56.86
C SER J 171 -3.13 -11.45 -57.98
N PRO J 172 -2.50 -11.01 -59.10
CA PRO J 172 -3.21 -10.21 -60.10
C PRO J 172 -3.43 -10.99 -61.39
N SER J 173 -4.17 -10.37 -62.30
CA SER J 173 -4.52 -10.99 -63.57
C SER J 173 -4.80 -9.87 -64.57
N ALA J 174 -4.87 -10.24 -65.84
CA ALA J 174 -5.18 -9.29 -66.89
C ALA J 174 -5.95 -10.01 -67.98
N SER J 175 -6.60 -9.25 -68.84
CA SER J 175 -7.40 -9.88 -69.90
C SER J 175 -7.35 -8.97 -71.12
N VAL J 176 -6.40 -9.24 -72.01
CA VAL J 176 -6.33 -8.51 -73.25
C VAL J 176 -7.41 -9.01 -74.20
N THR J 177 -7.88 -8.12 -75.06
CA THR J 177 -8.98 -8.43 -75.95
C THR J 177 -8.66 -7.90 -77.34
N VAL J 178 -7.48 -8.25 -77.86
CA VAL J 178 -7.02 -7.75 -79.14
C VAL J 178 -8.06 -7.98 -80.23
N THR J 179 -8.06 -7.09 -81.21
CA THR J 179 -8.97 -7.14 -82.36
C THR J 179 -8.08 -7.09 -83.60
N LEU J 180 -7.70 -8.26 -84.10
CA LEU J 180 -6.70 -8.33 -85.15
C LEU J 180 -7.17 -7.61 -86.41
N GLU J 181 -6.19 -7.24 -87.24
CA GLU J 181 -6.50 -6.55 -88.48
C GLU J 181 -7.28 -7.48 -89.41
N PRO J 182 -8.04 -6.93 -90.34
CA PRO J 182 -8.82 -7.78 -91.25
C PRO J 182 -7.96 -8.80 -91.99
N GLY J 183 -8.23 -10.08 -91.73
CA GLY J 183 -7.48 -11.14 -92.39
C GLY J 183 -6.12 -11.36 -91.77
N ARG J 184 -6.09 -11.72 -90.49
CA ARG J 184 -4.84 -11.94 -89.78
C ARG J 184 -5.11 -12.84 -88.58
N ALA J 185 -4.05 -13.45 -88.07
CA ALA J 185 -4.18 -14.33 -86.92
C ALA J 185 -2.82 -14.44 -86.24
N LEU J 186 -2.81 -14.31 -84.93
CA LEU J 186 -1.56 -14.33 -84.18
C LEU J 186 -1.00 -15.74 -84.14
N ASP J 187 0.28 -15.88 -84.44
CA ASP J 187 0.93 -17.19 -84.47
C ASP J 187 1.12 -17.71 -83.05
N GLU J 188 1.79 -18.86 -82.92
CA GLU J 188 1.95 -19.46 -81.60
C GLU J 188 2.99 -18.70 -80.78
N GLY J 189 3.91 -18.01 -81.42
CA GLY J 189 4.93 -17.25 -80.73
C GLY J 189 4.59 -15.78 -80.69
N GLN J 190 3.56 -15.40 -81.44
CA GLN J 190 3.02 -14.05 -81.40
C GLN J 190 2.04 -13.87 -80.25
N ILE J 191 1.67 -14.96 -79.57
CA ILE J 191 0.84 -14.86 -78.38
C ILE J 191 1.68 -14.50 -77.18
N SER J 192 2.82 -15.16 -77.00
CA SER J 192 3.72 -14.82 -75.92
C SER J 192 4.26 -13.40 -76.06
N ALA J 193 4.31 -12.86 -77.29
CA ALA J 193 4.64 -11.45 -77.44
C ALA J 193 3.66 -10.58 -76.66
N VAL J 194 2.37 -10.81 -76.87
CA VAL J 194 1.35 -10.00 -76.19
C VAL J 194 1.15 -10.42 -74.75
N VAL J 195 1.50 -11.65 -74.39
CA VAL J 195 1.40 -12.06 -73.00
C VAL J 195 2.48 -11.40 -72.17
N HIS J 196 3.75 -11.54 -72.59
CA HIS J 196 4.85 -10.95 -71.85
C HIS J 196 4.85 -9.43 -71.94
N LEU J 197 4.26 -8.87 -73.00
CA LEU J 197 4.09 -7.43 -73.09
C LEU J 197 3.24 -6.88 -71.97
N VAL J 198 2.44 -7.71 -71.32
CA VAL J 198 1.53 -7.28 -70.26
C VAL J 198 1.96 -7.90 -68.94
N SER J 199 2.43 -9.14 -68.99
CA SER J 199 2.90 -9.80 -67.78
C SER J 199 4.05 -9.03 -67.14
N SER J 200 4.86 -8.36 -67.94
CA SER J 200 6.03 -7.65 -67.44
C SER J 200 5.74 -6.20 -67.09
N ALA J 201 4.78 -5.58 -67.76
CA ALA J 201 4.43 -4.20 -67.48
C ALA J 201 3.55 -4.03 -66.25
N VAL J 202 3.26 -5.11 -65.53
CA VAL J 202 2.40 -5.08 -64.36
C VAL J 202 3.09 -5.82 -63.22
N ALA J 203 3.13 -5.19 -62.05
CA ALA J 203 3.92 -5.69 -60.93
C ALA J 203 3.33 -6.98 -60.40
N GLY J 204 4.13 -8.05 -60.38
CA GLY J 204 3.71 -9.30 -59.79
C GLY J 204 2.73 -10.11 -60.59
N LEU J 205 2.68 -9.92 -61.89
CA LEU J 205 1.73 -10.63 -62.75
C LEU J 205 2.44 -11.69 -63.57
N PRO J 206 2.34 -12.96 -63.20
CA PRO J 206 2.98 -14.01 -64.00
C PRO J 206 2.32 -14.12 -65.36
N PRO J 207 2.99 -14.74 -66.33
CA PRO J 207 2.35 -14.91 -67.65
C PRO J 207 1.27 -15.98 -67.67
N GLY J 208 1.10 -16.73 -66.59
CA GLY J 208 0.03 -17.70 -66.48
C GLY J 208 -1.31 -17.12 -66.11
N ASN J 209 -1.38 -15.82 -65.85
CA ASN J 209 -2.62 -15.15 -65.50
C ASN J 209 -3.14 -14.23 -66.59
N VAL J 210 -2.36 -14.01 -67.65
CA VAL J 210 -2.80 -13.12 -68.72
C VAL J 210 -3.70 -13.90 -69.66
N THR J 211 -4.81 -13.29 -70.05
CA THR J 211 -5.82 -13.92 -70.89
C THR J 211 -5.96 -13.11 -72.16
N LEU J 212 -5.70 -13.74 -73.30
CA LEU J 212 -5.78 -13.09 -74.60
C LEU J 212 -6.96 -13.66 -75.38
N VAL J 213 -7.77 -12.78 -75.95
CA VAL J 213 -8.99 -13.16 -76.63
C VAL J 213 -9.13 -12.29 -77.88
N ASP J 214 -9.55 -12.90 -78.99
CA ASP J 214 -9.67 -12.16 -80.24
C ASP J 214 -11.00 -11.43 -80.29
N GLN J 215 -11.35 -10.92 -81.46
CA GLN J 215 -12.66 -10.38 -81.74
C GLN J 215 -13.63 -11.44 -82.24
N SER J 216 -13.25 -12.71 -82.15
CA SER J 216 -14.10 -13.82 -82.57
C SER J 216 -14.05 -14.90 -81.51
N GLY J 217 -14.20 -14.50 -80.25
CA GLY J 217 -14.02 -15.45 -79.17
C GLY J 217 -12.59 -15.93 -79.17
N HIS J 218 -12.40 -17.25 -79.28
CA HIS J 218 -11.09 -17.82 -79.50
C HIS J 218 -10.08 -17.44 -78.43
N LEU J 219 -10.30 -17.90 -77.20
CA LEU J 219 -9.32 -17.74 -76.14
C LEU J 219 -7.98 -18.28 -76.60
N LEU J 220 -6.96 -17.41 -76.72
CA LEU J 220 -5.69 -17.80 -77.31
C LEU J 220 -4.74 -18.37 -76.27
N THR J 221 -4.85 -17.85 -75.04
CA THR J 221 -3.97 -18.29 -73.92
C THR J 221 -4.44 -19.64 -73.37
N GLN K 125 -17.96 5.36 -46.87
CA GLN K 125 -16.97 4.32 -47.08
C GLN K 125 -17.57 3.11 -47.77
N PHE K 126 -18.83 2.81 -47.44
CA PHE K 126 -19.51 1.71 -48.11
C PHE K 126 -19.89 2.10 -49.53
N SER K 127 -20.46 3.29 -49.70
CA SER K 127 -20.74 3.80 -51.05
C SER K 127 -19.47 4.07 -51.83
N GLU K 128 -18.30 3.83 -51.23
CA GLU K 128 -17.04 3.88 -51.95
C GLU K 128 -16.81 2.57 -52.70
N GLN K 129 -16.92 1.44 -52.01
CA GLN K 129 -16.77 0.13 -52.61
C GLN K 129 -18.02 -0.33 -53.33
N VAL K 130 -18.98 0.55 -53.56
CA VAL K 130 -20.21 0.20 -54.27
C VAL K 130 -20.30 1.07 -55.52
N ASN K 131 -19.98 2.35 -55.39
CA ASN K 131 -19.82 3.20 -56.57
C ASN K 131 -18.72 2.68 -57.47
N TYR K 132 -17.78 1.91 -56.92
CA TYR K 132 -16.72 1.31 -57.71
C TYR K 132 -17.20 0.04 -58.40
N GLN K 133 -17.85 -0.85 -57.65
CA GLN K 133 -18.37 -2.07 -58.25
C GLN K 133 -19.36 -1.77 -59.36
N ARG K 134 -20.17 -0.73 -59.20
CA ARG K 134 -21.09 -0.34 -60.26
C ARG K 134 -20.36 0.15 -61.50
N ALA K 135 -19.11 0.59 -61.36
CA ALA K 135 -18.31 1.00 -62.51
C ALA K 135 -17.62 -0.18 -63.16
N LEU K 136 -17.12 -1.11 -62.36
CA LEU K 136 -16.56 -2.34 -62.89
C LEU K 136 -17.60 -3.07 -63.76
N GLU K 137 -18.80 -3.27 -63.21
CA GLU K 137 -19.87 -3.90 -63.98
C GLU K 137 -20.15 -3.18 -65.28
N GLY K 138 -20.10 -1.84 -65.26
CA GLY K 138 -20.34 -1.10 -66.48
C GLY K 138 -19.18 -1.09 -67.44
N GLU K 139 -17.96 -1.31 -66.93
CA GLU K 139 -16.77 -1.43 -67.76
C GLU K 139 -16.64 -2.83 -68.33
N LEU K 140 -16.86 -3.85 -67.49
CA LEU K 140 -16.81 -5.23 -67.95
C LEU K 140 -17.84 -5.49 -69.04
N ALA K 141 -19.02 -4.88 -68.92
CA ALA K 141 -20.06 -5.06 -69.92
C ALA K 141 -19.82 -4.24 -71.17
N ARG K 142 -18.92 -3.27 -71.14
CA ARG K 142 -18.58 -2.52 -72.34
C ARG K 142 -17.62 -3.27 -73.24
N THR K 143 -16.87 -4.22 -72.70
CA THR K 143 -15.94 -5.00 -73.49
C THR K 143 -16.64 -6.20 -74.12
N ILE K 144 -17.45 -6.89 -73.33
CA ILE K 144 -18.24 -8.01 -73.84
C ILE K 144 -19.13 -7.54 -74.98
N GLU K 145 -19.52 -6.27 -74.98
CA GLU K 145 -20.24 -5.73 -76.13
C GLU K 145 -19.35 -5.68 -77.36
N THR K 146 -18.10 -5.27 -77.19
CA THR K 146 -17.13 -5.22 -78.28
C THR K 146 -16.48 -6.59 -78.46
N LEU K 147 -17.30 -7.58 -78.80
CA LEU K 147 -16.80 -8.94 -78.86
C LEU K 147 -17.35 -9.73 -80.05
N GLY K 148 -18.08 -9.11 -80.96
CA GLY K 148 -18.53 -9.81 -82.14
C GLY K 148 -19.98 -10.22 -82.07
N PRO K 149 -20.23 -11.49 -81.78
CA PRO K 149 -21.62 -11.98 -81.71
C PRO K 149 -22.47 -11.27 -80.68
N VAL K 150 -21.88 -10.73 -79.62
CA VAL K 150 -22.64 -10.08 -78.57
C VAL K 150 -23.05 -8.69 -79.04
N LYS K 151 -24.34 -8.36 -78.87
CA LYS K 151 -24.86 -7.03 -79.17
C LYS K 151 -24.89 -6.14 -77.95
N SER K 152 -25.19 -6.69 -76.77
CA SER K 152 -25.19 -5.91 -75.54
C SER K 152 -25.14 -6.85 -74.35
N ALA K 153 -24.20 -6.65 -73.45
CA ALA K 153 -24.07 -7.47 -72.28
C ALA K 153 -24.58 -6.72 -71.05
N ARG K 154 -24.72 -7.45 -69.95
CA ARG K 154 -25.21 -6.89 -68.71
C ARG K 154 -24.76 -7.73 -67.54
N VAL K 155 -23.72 -7.32 -66.84
CA VAL K 155 -23.06 -8.14 -65.84
C VAL K 155 -23.30 -7.55 -64.44
N HIS K 156 -23.58 -8.41 -63.48
CA HIS K 156 -23.64 -8.05 -62.08
C HIS K 156 -22.63 -8.87 -61.29
N LEU K 157 -21.94 -8.22 -60.38
CA LEU K 157 -20.97 -8.91 -59.53
C LEU K 157 -21.55 -9.11 -58.14
N ALA K 158 -20.98 -10.07 -57.42
CA ALA K 158 -21.47 -10.46 -56.11
C ALA K 158 -20.29 -10.55 -55.14
N MET K 159 -19.50 -9.47 -55.05
CA MET K 159 -18.31 -9.46 -54.16
C MET K 159 -18.63 -8.95 -52.75
N PRO K 160 -18.70 -9.84 -51.71
CA PRO K 160 -18.95 -9.46 -50.32
C PRO K 160 -17.73 -9.80 -49.45
N SER K 171 -16.32 -15.34 -50.84
CA SER K 171 -16.41 -15.90 -52.23
C SER K 171 -17.29 -15.04 -53.20
N PRO K 172 -16.87 -14.70 -54.45
CA PRO K 172 -17.67 -13.84 -55.32
C PRO K 172 -18.27 -14.61 -56.49
N SER K 173 -19.11 -13.92 -57.24
CA SER K 173 -19.81 -14.51 -58.38
C SER K 173 -20.16 -13.39 -59.35
N ALA K 174 -20.55 -13.78 -60.55
CA ALA K 174 -20.96 -12.82 -61.57
C ALA K 174 -22.04 -13.46 -62.41
N SER K 175 -22.76 -12.63 -63.15
CA SER K 175 -23.84 -13.16 -63.98
C SER K 175 -23.95 -12.29 -65.23
N VAL K 176 -23.26 -12.71 -66.29
CA VAL K 176 -23.37 -12.02 -67.55
C VAL K 176 -24.69 -12.40 -68.22
N THR K 177 -25.22 -11.47 -69.00
CA THR K 177 -26.53 -11.65 -69.62
C THR K 177 -26.45 -11.19 -71.08
N VAL K 178 -25.47 -11.72 -71.81
CA VAL K 178 -25.25 -11.30 -73.19
C VAL K 178 -26.53 -11.42 -74.02
N THR K 179 -26.62 -10.55 -75.02
CA THR K 179 -27.76 -10.51 -75.94
C THR K 179 -27.17 -10.60 -77.34
N LEU K 180 -27.06 -11.81 -77.86
CA LEU K 180 -26.33 -12.05 -79.08
C LEU K 180 -26.97 -11.30 -80.25
N GLU K 181 -26.16 -11.07 -81.29
CA GLU K 181 -26.64 -10.38 -82.47
C GLU K 181 -27.71 -11.22 -83.16
N PRO K 182 -28.59 -10.59 -83.95
CA PRO K 182 -29.66 -11.35 -84.62
C PRO K 182 -29.12 -12.49 -85.47
N GLY K 183 -29.47 -13.72 -85.10
CA GLY K 183 -29.03 -14.88 -85.83
C GLY K 183 -27.60 -15.27 -85.51
N ARG K 184 -27.35 -15.61 -84.26
CA ARG K 184 -26.00 -15.97 -83.83
C ARG K 184 -26.11 -16.79 -82.55
N ALA K 185 -25.05 -17.53 -82.25
CA ALA K 185 -25.03 -18.37 -81.06
C ALA K 185 -23.58 -18.64 -80.69
N LEU K 186 -23.26 -18.47 -79.42
CA LEU K 186 -21.89 -18.65 -78.96
C LEU K 186 -21.52 -20.13 -78.96
N ASP K 187 -20.36 -20.43 -79.52
CA ASP K 187 -19.90 -21.82 -79.63
C ASP K 187 -19.47 -22.33 -78.26
N GLU K 188 -18.95 -23.56 -78.22
CA GLU K 188 -18.57 -24.14 -76.93
C GLU K 188 -17.29 -23.52 -76.39
N GLY K 189 -16.45 -22.97 -77.26
CA GLY K 189 -15.22 -22.33 -76.84
C GLY K 189 -15.36 -20.83 -76.80
N GLN K 190 -16.46 -20.33 -77.33
CA GLN K 190 -16.82 -18.93 -77.24
C GLN K 190 -17.49 -18.60 -75.92
N ILE K 191 -17.83 -19.61 -75.13
CA ILE K 191 -18.36 -19.38 -73.79
C ILE K 191 -17.24 -19.10 -72.81
N SER K 192 -16.19 -19.90 -72.86
CA SER K 192 -15.02 -19.66 -72.02
C SER K 192 -14.36 -18.33 -72.34
N ALA K 193 -14.51 -17.84 -73.56
CA ALA K 193 -14.05 -16.48 -73.86
C ALA K 193 -14.72 -15.47 -72.94
N VAL K 194 -16.05 -15.53 -72.83
CA VAL K 194 -16.77 -14.57 -72.01
C VAL K 194 -16.71 -14.94 -70.53
N VAL K 195 -16.44 -16.20 -70.20
CA VAL K 195 -16.28 -16.56 -68.80
C VAL K 195 -14.96 -16.03 -68.25
N HIS K 196 -13.86 -16.35 -68.92
CA HIS K 196 -12.56 -15.89 -68.47
C HIS K 196 -12.39 -14.39 -68.65
N LEU K 197 -13.13 -13.78 -69.57
CA LEU K 197 -13.13 -12.33 -69.70
C LEU K 197 -13.63 -11.64 -68.45
N VAL K 198 -14.37 -12.35 -67.60
CA VAL K 198 -14.95 -11.78 -66.39
C VAL K 198 -14.33 -12.42 -65.17
N SER K 199 -14.05 -13.73 -65.26
CA SER K 199 -13.40 -14.41 -64.14
C SER K 199 -12.05 -13.79 -63.80
N SER K 200 -11.36 -13.24 -64.81
CA SER K 200 -10.03 -12.69 -64.59
C SER K 200 -10.05 -11.20 -64.27
N ALA K 201 -11.06 -10.48 -64.74
CA ALA K 201 -11.15 -9.05 -64.46
C ALA K 201 -11.73 -8.75 -63.08
N VAL K 202 -11.97 -9.77 -62.26
CA VAL K 202 -12.55 -9.59 -60.93
C VAL K 202 -11.72 -10.38 -59.93
N ALA K 203 -11.34 -9.75 -58.84
CA ALA K 203 -10.39 -10.32 -57.90
C ALA K 203 -11.01 -11.52 -57.18
N GLY K 204 -10.37 -12.68 -57.29
CA GLY K 204 -10.79 -13.84 -56.55
C GLY K 204 -12.02 -14.54 -57.07
N LEU K 205 -12.34 -14.37 -58.35
CA LEU K 205 -13.53 -14.96 -58.94
C LEU K 205 -13.15 -16.13 -59.85
N PRO K 206 -13.33 -17.37 -59.41
CA PRO K 206 -13.02 -18.51 -60.26
C PRO K 206 -13.97 -18.57 -61.44
N PRO K 207 -13.62 -19.28 -62.51
CA PRO K 207 -14.53 -19.40 -63.64
C PRO K 207 -15.72 -20.31 -63.37
N GLY K 208 -15.75 -21.02 -62.25
CA GLY K 208 -16.87 -21.82 -61.88
C GLY K 208 -18.02 -21.08 -61.25
N ASN K 209 -17.86 -19.77 -61.03
CA ASN K 209 -18.90 -18.92 -60.47
C ASN K 209 -19.53 -17.98 -61.48
N VAL K 210 -18.99 -17.87 -62.67
CA VAL K 210 -19.53 -16.96 -63.67
C VAL K 210 -20.71 -17.63 -64.36
N THR K 211 -21.80 -16.89 -64.52
CA THR K 211 -23.03 -17.39 -65.09
C THR K 211 -23.36 -16.60 -66.35
N LEU K 212 -23.43 -17.29 -67.48
CA LEU K 212 -23.71 -16.66 -68.76
C LEU K 212 -25.09 -17.09 -69.24
N VAL K 213 -25.89 -16.12 -69.67
CA VAL K 213 -27.28 -16.35 -70.05
C VAL K 213 -27.57 -15.51 -71.28
N ASP K 214 -28.30 -16.06 -72.24
CA ASP K 214 -28.60 -15.35 -73.48
C ASP K 214 -29.80 -14.45 -73.26
N GLN K 215 -30.34 -13.92 -74.36
CA GLN K 215 -31.60 -13.21 -74.37
C GLN K 215 -32.78 -14.14 -74.61
N SER K 216 -32.55 -15.45 -74.53
CA SER K 216 -33.60 -16.44 -74.72
C SER K 216 -33.46 -17.51 -73.62
N GLY K 217 -33.28 -17.06 -72.39
CA GLY K 217 -32.98 -18.01 -71.33
C GLY K 217 -31.65 -18.67 -71.61
N HIS K 218 -31.66 -20.00 -71.69
CA HIS K 218 -30.51 -20.75 -72.17
C HIS K 218 -29.25 -20.48 -71.35
N LEU K 219 -29.26 -20.89 -70.08
CA LEU K 219 -28.05 -20.84 -69.26
C LEU K 219 -26.92 -21.56 -69.98
N LEU K 220 -25.87 -20.82 -70.36
CA LEU K 220 -24.82 -21.40 -71.19
C LEU K 220 -23.73 -22.06 -70.34
N THR K 221 -23.50 -21.51 -69.15
CA THR K 221 -22.46 -22.03 -68.23
C THR K 221 -22.97 -23.30 -67.53
N GLN L 125 -27.80 5.46 -41.67
CA GLN L 125 -27.01 4.26 -41.97
C GLN L 125 -27.91 3.11 -42.40
N PHE L 126 -29.10 3.02 -41.81
CA PHE L 126 -30.04 1.99 -42.21
C PHE L 126 -30.65 2.33 -43.57
N SER L 127 -31.07 3.58 -43.77
CA SER L 127 -31.54 4.02 -45.07
C SER L 127 -30.43 4.03 -46.11
N GLU L 128 -29.21 3.66 -45.72
CA GLU L 128 -28.13 3.47 -46.66
C GLU L 128 -28.23 2.09 -47.31
N GLN L 129 -28.34 1.05 -46.49
CA GLN L 129 -28.49 -0.32 -46.98
C GLN L 129 -29.93 -0.65 -47.38
N VAL L 130 -30.78 0.36 -47.52
CA VAL L 130 -32.17 0.15 -47.94
C VAL L 130 -32.39 0.92 -49.24
N ASN L 131 -31.88 2.15 -49.30
CA ASN L 131 -31.85 2.87 -50.57
C ASN L 131 -31.03 2.12 -51.61
N TYR L 132 -30.11 1.27 -51.17
CA TYR L 132 -29.32 0.45 -52.09
C TYR L 132 -30.10 -0.77 -52.54
N GLN L 133 -30.69 -1.49 -51.59
CA GLN L 133 -31.49 -2.67 -51.94
C GLN L 133 -32.63 -2.31 -52.88
N ARG L 134 -33.24 -1.15 -52.68
CA ARG L 134 -34.29 -0.71 -53.58
C ARG L 134 -33.77 -0.44 -54.97
N ALA L 135 -32.48 -0.17 -55.12
CA ALA L 135 -31.88 0.03 -56.44
C ALA L 135 -31.50 -1.28 -57.08
N LEU L 136 -30.97 -2.22 -56.29
CA LEU L 136 -30.71 -3.56 -56.79
C LEU L 136 -31.98 -4.18 -57.36
N GLU L 137 -33.06 -4.16 -56.58
CA GLU L 137 -34.35 -4.67 -57.06
C GLU L 137 -34.78 -4.01 -58.36
N GLY L 138 -34.56 -2.71 -58.49
CA GLY L 138 -34.93 -2.04 -59.71
C GLY L 138 -33.99 -2.27 -60.86
N GLU L 139 -32.74 -2.63 -60.58
CA GLU L 139 -31.78 -3.00 -61.60
C GLU L 139 -31.95 -4.44 -62.03
N LEU L 140 -32.13 -5.34 -61.06
CA LEU L 140 -32.36 -6.75 -61.38
C LEU L 140 -33.61 -6.93 -62.23
N ALA L 141 -34.64 -6.14 -61.95
CA ALA L 141 -35.88 -6.23 -62.71
C ALA L 141 -35.80 -5.56 -64.07
N ARG L 142 -34.78 -4.74 -64.31
CA ARG L 142 -34.60 -4.14 -65.62
C ARG L 142 -33.95 -5.09 -66.61
N THR L 143 -33.23 -6.10 -66.11
CA THR L 143 -32.60 -7.07 -66.99
C THR L 143 -33.57 -8.18 -67.34
N ILE L 144 -34.29 -8.69 -66.34
CA ILE L 144 -35.30 -9.71 -66.58
C ILE L 144 -36.34 -9.21 -67.56
N GLU L 145 -36.55 -7.89 -67.63
CA GLU L 145 -37.41 -7.34 -68.68
C GLU L 145 -36.78 -7.53 -70.05
N THR L 146 -35.47 -7.30 -70.16
CA THR L 146 -34.75 -7.48 -71.42
C THR L 146 -34.33 -8.93 -71.57
N LEU L 147 -35.34 -9.81 -71.65
CA LEU L 147 -35.05 -11.23 -71.66
C LEU L 147 -35.92 -12.01 -72.63
N GLY L 148 -36.73 -11.36 -73.45
CA GLY L 148 -37.49 -12.07 -74.44
C GLY L 148 -38.95 -12.25 -74.07
N PRO L 149 -39.30 -13.44 -73.58
CA PRO L 149 -40.70 -13.71 -73.21
C PRO L 149 -41.22 -12.80 -72.11
N VAL L 150 -40.37 -12.29 -71.25
CA VAL L 150 -40.81 -11.44 -70.15
C VAL L 150 -41.12 -10.05 -70.67
N LYS L 151 -42.29 -9.53 -70.29
CA LYS L 151 -42.68 -8.16 -70.63
C LYS L 151 -42.34 -7.17 -69.52
N SER L 152 -42.46 -7.59 -68.27
CA SER L 152 -42.12 -6.73 -67.15
C SER L 152 -41.95 -7.57 -65.89
N ALA L 153 -40.82 -7.44 -65.21
CA ALA L 153 -40.57 -8.19 -64.00
C ALA L 153 -40.72 -7.29 -62.79
N ARG L 154 -40.72 -7.90 -61.61
CA ARG L 154 -40.88 -7.16 -60.36
C ARG L 154 -40.31 -7.98 -59.22
N VAL L 155 -39.11 -7.67 -58.78
CA VAL L 155 -38.38 -8.51 -57.83
C VAL L 155 -38.25 -7.79 -56.50
N HIS L 156 -38.44 -8.53 -55.41
CA HIS L 156 -38.17 -8.05 -54.06
C HIS L 156 -37.14 -8.95 -53.41
N LEU L 157 -36.19 -8.35 -52.71
CA LEU L 157 -35.18 -9.11 -52.00
C LEU L 157 -35.48 -9.12 -50.50
N ALA L 158 -34.92 -10.10 -49.82
CA ALA L 158 -35.18 -10.31 -48.40
C ALA L 158 -33.85 -10.50 -47.66
N MET L 159 -32.93 -9.55 -47.83
CA MET L 159 -31.58 -9.65 -47.20
C MET L 159 -31.54 -9.01 -45.81
N PRO L 160 -31.52 -9.78 -44.70
CA PRO L 160 -31.42 -9.26 -43.33
C PRO L 160 -30.11 -9.72 -42.67
N SER L 171 -29.76 -15.48 -43.72
CA SER L 171 -30.21 -16.13 -45.01
C SER L 171 -31.14 -15.24 -45.87
N PRO L 172 -30.94 -15.06 -47.22
CA PRO L 172 -31.78 -14.16 -48.00
C PRO L 172 -32.70 -14.92 -48.95
N SER L 173 -33.58 -14.17 -49.60
CA SER L 173 -34.55 -14.72 -50.52
C SER L 173 -34.94 -13.64 -51.51
N ALA L 174 -35.62 -14.05 -52.57
CA ALA L 174 -36.10 -13.12 -53.58
C ALA L 174 -37.41 -13.65 -54.13
N SER L 175 -38.14 -12.78 -54.81
CA SER L 175 -39.43 -13.20 -55.36
C SER L 175 -39.68 -12.43 -56.65
N VAL L 176 -39.27 -13.03 -57.77
CA VAL L 176 -39.54 -12.42 -59.05
C VAL L 176 -41.01 -12.64 -59.42
N THR L 177 -41.56 -11.70 -60.18
CA THR L 177 -42.97 -11.74 -60.51
C THR L 177 -43.15 -11.40 -62.00
N VAL L 178 -42.40 -12.13 -62.85
CA VAL L 178 -42.41 -11.85 -64.27
C VAL L 178 -43.83 -11.84 -64.82
N THR L 179 -44.01 -11.05 -65.88
CA THR L 179 -45.29 -10.89 -66.57
C THR L 179 -45.02 -11.18 -68.03
N LEU L 180 -45.18 -12.44 -68.43
CA LEU L 180 -44.75 -12.87 -69.76
C LEU L 180 -45.50 -12.12 -70.84
N GLU L 181 -44.90 -12.09 -72.03
CA GLU L 181 -45.51 -11.43 -73.16
C GLU L 181 -46.81 -12.15 -73.54
N PRO L 182 -47.74 -11.45 -74.21
CA PRO L 182 -49.00 -12.10 -74.59
C PRO L 182 -48.81 -13.37 -75.40
N GLY L 183 -49.24 -14.50 -74.85
CA GLY L 183 -49.11 -15.76 -75.54
C GLY L 183 -47.71 -16.34 -75.45
N ARG L 184 -47.25 -16.62 -74.24
CA ARG L 184 -45.92 -17.14 -74.03
C ARG L 184 -45.88 -17.84 -72.68
N ALA L 185 -44.87 -18.70 -72.52
CA ALA L 185 -44.73 -19.45 -71.27
C ALA L 185 -43.29 -19.90 -71.15
N LEU L 186 -42.69 -19.70 -69.99
CA LEU L 186 -41.30 -20.04 -69.78
C LEU L 186 -41.14 -21.55 -69.69
N ASP L 187 -40.16 -22.07 -70.43
CA ASP L 187 -39.93 -23.51 -70.49
C ASP L 187 -39.30 -23.97 -69.18
N GLU L 188 -38.94 -25.26 -69.11
CA GLU L 188 -38.40 -25.80 -67.87
C GLU L 188 -36.96 -25.34 -67.64
N GLY L 189 -36.25 -25.00 -68.71
CA GLY L 189 -34.88 -24.51 -68.59
C GLY L 189 -34.81 -23.01 -68.69
N GLN L 190 -35.93 -22.40 -69.04
CA GLN L 190 -36.06 -20.95 -69.03
C GLN L 190 -36.41 -20.42 -67.65
N ILE L 191 -36.71 -21.31 -66.70
CA ILE L 191 -36.93 -20.90 -65.32
C ILE L 191 -35.60 -20.72 -64.61
N SER L 192 -34.69 -21.68 -64.78
CA SER L 192 -33.36 -21.54 -64.20
C SER L 192 -32.61 -20.36 -64.77
N ALA L 193 -32.94 -19.94 -66.00
CA ALA L 193 -32.36 -18.70 -66.51
C ALA L 193 -32.70 -17.53 -65.59
N VAL L 194 -33.97 -17.38 -65.24
CA VAL L 194 -34.39 -16.27 -64.38
C VAL L 194 -34.06 -16.53 -62.92
N VAL L 195 -33.90 -17.78 -62.52
CA VAL L 195 -33.53 -18.06 -61.14
C VAL L 195 -32.07 -17.70 -60.92
N HIS L 196 -31.16 -18.23 -61.74
CA HIS L 196 -29.75 -17.94 -61.60
C HIS L 196 -29.43 -16.49 -61.95
N LEU L 197 -30.25 -15.86 -62.78
CA LEU L 197 -30.07 -14.43 -63.06
C LEU L 197 -30.22 -13.58 -61.81
N VAL L 198 -30.86 -14.11 -60.77
CA VAL L 198 -31.11 -13.37 -59.54
C VAL L 198 -30.34 -14.00 -58.39
N SER L 199 -30.26 -15.33 -58.39
CA SER L 199 -29.50 -16.03 -57.37
C SER L 199 -28.05 -15.58 -57.36
N SER L 200 -27.50 -15.23 -58.51
CA SER L 200 -26.09 -14.87 -58.62
C SER L 200 -25.84 -13.38 -58.45
N ALA L 201 -26.81 -12.55 -58.79
CA ALA L 201 -26.67 -11.11 -58.65
C ALA L 201 -26.90 -10.61 -57.23
N VAL L 202 -27.11 -11.52 -56.28
CA VAL L 202 -27.38 -11.15 -54.89
C VAL L 202 -26.48 -12.00 -53.99
N ALA L 203 -25.80 -11.33 -53.06
CA ALA L 203 -24.77 -11.98 -52.26
C ALA L 203 -25.38 -13.01 -51.31
N GLY L 204 -24.94 -14.26 -51.42
CA GLY L 204 -25.36 -15.29 -50.50
C GLY L 204 -26.75 -15.83 -50.71
N LEU L 205 -27.29 -15.71 -51.91
CA LEU L 205 -28.65 -16.16 -52.21
C LEU L 205 -28.61 -17.43 -53.03
N PRO L 206 -28.87 -18.60 -52.44
CA PRO L 206 -28.89 -19.83 -53.22
C PRO L 206 -30.06 -19.83 -54.18
N PRO L 207 -30.03 -20.67 -55.22
CA PRO L 207 -31.17 -20.74 -56.15
C PRO L 207 -32.38 -21.43 -55.56
N GLY L 208 -32.27 -22.04 -54.39
CA GLY L 208 -33.40 -22.63 -53.72
C GLY L 208 -34.28 -21.68 -52.97
N ASN L 209 -33.92 -20.40 -52.93
CA ASN L 209 -34.70 -19.37 -52.27
C ASN L 209 -35.38 -18.42 -53.22
N VAL L 210 -35.08 -18.48 -54.51
CA VAL L 210 -35.69 -17.58 -55.48
C VAL L 210 -37.06 -18.11 -55.85
N THR L 211 -38.05 -17.23 -55.89
CA THR L 211 -39.43 -17.58 -56.15
C THR L 211 -39.89 -16.86 -57.41
N LEU L 212 -40.29 -17.60 -58.43
CA LEU L 212 -40.73 -17.04 -59.68
C LEU L 212 -42.22 -17.28 -59.85
N VAL L 213 -42.97 -16.23 -60.21
CA VAL L 213 -44.42 -16.29 -60.31
C VAL L 213 -44.83 -15.50 -61.53
N ASP L 214 -45.81 -16.01 -62.28
CA ASP L 214 -46.26 -15.36 -63.50
C ASP L 214 -47.26 -14.26 -63.16
N GLN L 215 -47.93 -13.76 -64.18
CA GLN L 215 -49.07 -12.87 -64.03
C GLN L 215 -50.39 -13.63 -63.93
N SER L 216 -50.32 -14.94 -63.78
CA SER L 216 -51.50 -15.78 -63.65
C SER L 216 -51.29 -16.77 -62.50
N GLY L 217 -50.81 -16.26 -61.38
CA GLY L 217 -50.42 -17.15 -60.29
C GLY L 217 -49.29 -18.03 -60.76
N HIS L 218 -49.49 -19.34 -60.69
CA HIS L 218 -48.57 -20.29 -61.30
C HIS L 218 -47.14 -20.16 -60.77
N LEU L 219 -46.95 -20.46 -59.48
CA LEU L 219 -45.61 -20.53 -58.92
C LEU L 219 -44.75 -21.47 -59.76
N LEU L 220 -43.70 -20.93 -60.41
CA LEU L 220 -42.93 -21.72 -61.35
C LEU L 220 -41.80 -22.47 -60.67
N THR L 221 -41.25 -21.87 -59.61
CA THR L 221 -40.13 -22.48 -58.85
C THR L 221 -40.65 -23.60 -57.95
N GLN M 125 -35.61 6.43 -35.00
CA GLN M 125 -35.08 5.11 -35.32
C GLN M 125 -36.20 4.08 -35.43
N PHE M 126 -37.22 4.22 -34.59
CA PHE M 126 -38.38 3.33 -34.66
C PHE M 126 -39.22 3.66 -35.88
N SER M 127 -39.51 4.94 -36.10
CA SER M 127 -40.20 5.36 -37.32
C SER M 127 -39.38 5.13 -38.57
N GLU M 128 -38.16 4.61 -38.42
CA GLU M 128 -37.38 4.17 -39.56
C GLU M 128 -37.81 2.78 -40.01
N GLN M 129 -37.87 1.84 -39.08
CA GLN M 129 -38.32 0.49 -39.39
C GLN M 129 -39.84 0.36 -39.43
N VAL M 130 -40.56 1.47 -39.48
CA VAL M 130 -42.01 1.46 -39.56
C VAL M 130 -42.42 2.16 -40.83
N ASN M 131 -41.79 3.28 -41.15
CA ASN M 131 -41.96 3.90 -42.46
C ASN M 131 -41.51 2.97 -43.57
N TYR M 132 -40.64 2.00 -43.26
CA TYR M 132 -40.21 1.02 -44.24
C TYR M 132 -41.23 -0.10 -44.37
N GLN M 133 -41.69 -0.65 -43.24
CA GLN M 133 -42.69 -1.71 -43.28
C GLN M 133 -43.96 -1.24 -43.97
N ARG M 134 -44.35 0.02 -43.76
CA ARG M 134 -45.50 0.56 -44.45
C ARG M 134 -45.29 0.64 -45.96
N ALA M 135 -44.05 0.69 -46.41
CA ALA M 135 -43.76 0.70 -47.84
C ALA M 135 -43.72 -0.70 -48.41
N LEU M 136 -43.15 -1.64 -47.66
CA LEU M 136 -43.21 -3.05 -48.07
C LEU M 136 -44.65 -3.49 -48.28
N GLU M 137 -45.51 -3.25 -47.28
CA GLU M 137 -46.92 -3.58 -47.41
C GLU M 137 -47.55 -2.96 -48.63
N GLY M 138 -47.19 -1.72 -48.95
CA GLY M 138 -47.75 -1.08 -50.12
C GLY M 138 -47.15 -1.54 -51.42
N GLU M 139 -45.93 -2.07 -51.38
CA GLU M 139 -45.29 -2.65 -52.55
C GLU M 139 -45.75 -4.08 -52.79
N LEU M 140 -45.82 -4.87 -51.71
CA LEU M 140 -46.31 -6.24 -51.83
C LEU M 140 -47.75 -6.28 -52.35
N ALA M 141 -48.56 -5.32 -51.94
CA ALA M 141 -49.94 -5.27 -52.38
C ALA M 141 -50.09 -4.71 -53.79
N ARG M 142 -49.06 -4.08 -54.33
CA ARG M 142 -49.10 -3.61 -55.70
C ARG M 142 -48.84 -4.72 -56.70
N THR M 143 -48.18 -5.80 -56.28
CA THR M 143 -47.91 -6.91 -57.17
C THR M 143 -49.08 -7.88 -57.18
N ILE M 144 -49.61 -8.20 -56.00
CA ILE M 144 -50.78 -9.06 -55.90
C ILE M 144 -51.93 -8.46 -56.68
N GLU M 145 -51.97 -7.14 -56.84
CA GLU M 145 -52.97 -6.53 -57.71
C GLU M 145 -52.72 -6.91 -59.16
N THR M 146 -51.45 -6.90 -59.58
CA THR M 146 -51.08 -7.28 -60.94
C THR M 146 -50.91 -8.79 -61.04
N LEU M 147 -52.02 -9.50 -60.79
CA LEU M 147 -51.94 -10.94 -60.72
C LEU M 147 -53.11 -11.64 -61.38
N GLY M 148 -54.00 -10.93 -62.07
CA GLY M 148 -55.06 -11.57 -62.79
C GLY M 148 -56.40 -11.50 -62.08
N PRO M 149 -56.79 -12.59 -61.41
CA PRO M 149 -58.08 -12.60 -60.72
C PRO M 149 -58.21 -11.55 -59.63
N VAL M 150 -57.10 -11.12 -59.03
CA VAL M 150 -57.15 -10.14 -57.96
C VAL M 150 -57.38 -8.76 -58.54
N LYS M 151 -58.34 -8.02 -57.96
CA LYS M 151 -58.61 -6.65 -58.35
C LYS M 151 -57.89 -5.65 -57.45
N SER M 152 -57.77 -5.94 -56.16
CA SER M 152 -57.06 -5.08 -55.24
C SER M 152 -56.72 -5.85 -53.98
N ALA M 153 -55.45 -5.85 -53.59
CA ALA M 153 -55.03 -6.55 -52.39
C ALA M 153 -54.76 -5.55 -51.27
N ARG M 154 -54.58 -6.07 -50.07
CA ARG M 154 -54.33 -5.24 -48.90
C ARG M 154 -53.62 -6.06 -47.83
N VAL M 155 -52.32 -5.90 -47.70
CA VAL M 155 -51.51 -6.78 -46.86
C VAL M 155 -50.97 -6.00 -45.66
N HIS M 156 -51.01 -6.62 -44.49
CA HIS M 156 -50.36 -6.09 -43.29
C HIS M 156 -49.34 -7.10 -42.80
N LEU M 157 -48.18 -6.62 -42.39
CA LEU M 157 -47.14 -7.47 -41.85
C LEU M 157 -47.09 -7.32 -40.34
N ALA M 158 -46.51 -8.33 -39.69
CA ALA M 158 -46.46 -8.40 -38.24
C ALA M 158 -45.04 -8.74 -37.80
N MET M 159 -44.06 -7.97 -38.28
CA MET M 159 -42.63 -8.24 -37.95
C MET M 159 -42.18 -7.51 -36.67
N PRO M 160 -42.00 -8.21 -35.52
CA PRO M 160 -41.51 -7.62 -34.27
C PRO M 160 -40.16 -8.22 -33.87
N SER M 171 -40.86 -14.04 -34.36
CA SER M 171 -41.68 -14.69 -35.45
C SER M 171 -42.67 -13.72 -36.18
N PRO M 172 -42.76 -13.67 -37.54
CA PRO M 172 -43.63 -12.70 -38.21
C PRO M 172 -44.85 -13.37 -38.85
N SER M 173 -45.73 -12.53 -39.36
CA SER M 173 -46.97 -12.99 -39.97
C SER M 173 -47.43 -11.93 -40.96
N ALA M 174 -48.39 -12.30 -41.80
CA ALA M 174 -48.95 -11.38 -42.76
C ALA M 174 -50.41 -11.74 -42.96
N SER M 175 -51.16 -10.81 -43.54
CA SER M 175 -52.59 -11.07 -43.74
C SER M 175 -53.02 -10.35 -45.02
N VAL M 176 -52.99 -11.08 -46.13
CA VAL M 176 -53.46 -10.53 -47.37
C VAL M 176 -54.99 -10.54 -47.38
N THR M 177 -55.57 -9.59 -48.09
CA THR M 177 -57.01 -9.42 -48.10
C THR M 177 -57.48 -9.17 -49.54
N VAL M 178 -57.07 -10.05 -50.44
CA VAL M 178 -57.37 -9.88 -51.86
C VAL M 178 -58.86 -9.68 -52.08
N THR M 179 -59.19 -8.94 -53.14
CA THR M 179 -60.55 -8.64 -53.54
C THR M 179 -60.67 -9.07 -54.99
N LEU M 180 -61.09 -10.31 -55.21
CA LEU M 180 -61.06 -10.90 -56.55
C LEU M 180 -61.93 -10.11 -57.51
N GLU M 181 -61.63 -10.27 -58.80
CA GLU M 181 -62.39 -9.59 -59.83
C GLU M 181 -63.83 -10.13 -59.84
N PRO M 182 -64.78 -9.34 -60.35
CA PRO M 182 -66.17 -9.80 -60.37
C PRO M 182 -66.35 -11.13 -61.07
N GLY M 183 -66.79 -12.14 -60.33
CA GLY M 183 -67.01 -13.46 -60.87
C GLY M 183 -65.72 -14.24 -61.06
N ARG M 184 -65.03 -14.50 -59.95
CA ARG M 184 -63.77 -15.22 -59.99
C ARG M 184 -63.51 -15.81 -58.62
N ALA M 185 -62.63 -16.81 -58.59
CA ALA M 185 -62.29 -17.48 -57.34
C ALA M 185 -60.94 -18.15 -57.50
N LEU M 186 -60.07 -17.96 -56.52
CA LEU M 186 -58.72 -18.50 -56.60
C LEU M 186 -58.76 -20.01 -56.39
N ASP M 187 -58.06 -20.73 -57.27
CA ASP M 187 -58.05 -22.20 -57.23
C ASP M 187 -57.20 -22.65 -56.05
N GLU M 188 -57.02 -23.97 -55.93
CA GLU M 188 -56.27 -24.51 -54.79
C GLU M 188 -54.78 -24.25 -54.93
N GLY M 189 -54.29 -24.11 -56.17
CA GLY M 189 -52.90 -23.85 -56.40
C GLY M 189 -52.63 -22.38 -56.67
N GLN M 190 -53.71 -21.62 -56.83
CA GLN M 190 -53.64 -20.18 -56.93
C GLN M 190 -53.57 -19.50 -55.58
N ILE M 191 -53.76 -20.27 -54.50
CA ILE M 191 -53.58 -19.74 -53.16
C ILE M 191 -52.11 -19.72 -52.78
N SER M 192 -51.41 -20.82 -53.04
CA SER M 192 -49.98 -20.86 -52.79
C SER M 192 -49.23 -19.85 -53.64
N ALA M 193 -49.77 -19.46 -54.79
CA ALA M 193 -49.18 -18.37 -55.55
C ALA M 193 -49.12 -17.10 -54.71
N VAL M 194 -50.24 -16.73 -54.09
CA VAL M 194 -50.28 -15.51 -53.29
C VAL M 194 -49.67 -15.71 -51.91
N VAL M 195 -49.59 -16.94 -51.42
CA VAL M 195 -48.93 -17.18 -50.15
C VAL M 195 -47.42 -17.04 -50.29
N HIS M 196 -46.84 -17.77 -51.24
CA HIS M 196 -45.40 -17.69 -51.45
C HIS M 196 -44.97 -16.35 -52.01
N LEU M 197 -45.87 -15.64 -52.70
CA LEU M 197 -45.57 -14.30 -53.16
C LEU M 197 -45.30 -13.34 -52.00
N VAL M 198 -45.74 -13.69 -50.79
CA VAL M 198 -45.59 -12.83 -49.63
C VAL M 198 -44.66 -13.50 -48.63
N SER M 199 -44.77 -14.82 -48.50
CA SER M 199 -43.90 -15.55 -47.60
C SER M 199 -42.43 -15.35 -47.95
N SER M 200 -42.12 -15.17 -49.24
CA SER M 200 -40.76 -15.04 -49.69
C SER M 200 -40.27 -13.60 -49.74
N ALA M 201 -41.17 -12.65 -49.95
CA ALA M 201 -40.80 -11.25 -49.99
C ALA M 201 -40.63 -10.63 -48.61
N VAL M 202 -40.72 -11.42 -47.54
CA VAL M 202 -40.59 -10.92 -46.18
C VAL M 202 -39.64 -11.83 -45.42
N ALA M 203 -38.69 -11.22 -44.73
CA ALA M 203 -37.59 -11.96 -44.11
C ALA M 203 -38.10 -12.81 -42.95
N GLY M 204 -37.86 -14.12 -43.04
CA GLY M 204 -38.19 -15.01 -41.94
C GLY M 204 -39.65 -15.34 -41.78
N LEU M 205 -40.45 -15.21 -42.83
CA LEU M 205 -41.88 -15.46 -42.77
C LEU M 205 -42.22 -16.77 -43.44
N PRO M 206 -42.49 -17.84 -42.70
CA PRO M 206 -42.85 -19.11 -43.32
C PRO M 206 -44.21 -18.99 -44.00
N PRO M 207 -44.54 -19.89 -44.92
CA PRO M 207 -45.87 -19.84 -45.56
C PRO M 207 -46.99 -20.30 -44.65
N GLY M 208 -46.69 -20.83 -43.48
CA GLY M 208 -47.70 -21.19 -42.52
C GLY M 208 -48.25 -20.06 -41.68
N ASN M 209 -47.69 -18.86 -41.87
CA ASN M 209 -48.16 -17.67 -41.16
C ASN M 209 -48.91 -16.69 -42.03
N VAL M 210 -48.94 -16.89 -43.33
CA VAL M 210 -49.62 -15.97 -44.22
C VAL M 210 -51.10 -16.31 -44.24
N THR M 211 -51.94 -15.29 -44.13
CA THR M 211 -53.39 -15.43 -44.05
C THR M 211 -54.02 -14.73 -45.24
N LEU M 212 -54.75 -15.47 -46.07
CA LEU M 212 -55.39 -14.93 -47.25
C LEU M 212 -56.90 -14.95 -47.04
N VAL M 213 -57.55 -13.84 -47.35
CA VAL M 213 -58.98 -13.66 -47.11
C VAL M 213 -59.56 -12.91 -48.29
N ASP M 214 -60.74 -13.30 -48.74
CA ASP M 214 -61.37 -12.67 -49.89
C ASP M 214 -62.10 -11.41 -49.44
N GLN M 215 -62.93 -10.88 -50.35
CA GLN M 215 -63.86 -9.81 -50.04
C GLN M 215 -65.20 -10.34 -49.57
N SER M 216 -65.29 -11.64 -49.29
CA SER M 216 -66.51 -12.27 -48.83
C SER M 216 -66.18 -13.19 -47.66
N GLY M 217 -65.38 -12.69 -46.72
CA GLY M 217 -64.87 -13.56 -45.67
C GLY M 217 -64.00 -14.64 -46.28
N HIS M 218 -64.37 -15.89 -46.04
CA HIS M 218 -63.75 -17.01 -46.73
C HIS M 218 -62.24 -17.07 -46.54
N LEU M 219 -61.79 -17.30 -45.32
CA LEU M 219 -60.38 -17.56 -45.06
C LEU M 219 -59.88 -18.67 -45.97
N LEU M 220 -58.96 -18.35 -46.88
CA LEU M 220 -58.54 -19.32 -47.89
C LEU M 220 -57.40 -20.20 -47.40
N THR M 221 -56.53 -19.62 -46.55
CA THR M 221 -55.36 -20.33 -46.01
C THR M 221 -55.80 -21.29 -44.89
N GLN N 125 -41.20 9.82 -26.64
CA GLN N 125 -40.94 8.43 -26.93
C GLN N 125 -42.17 7.56 -26.70
N PHE N 126 -42.95 7.92 -25.67
CA PHE N 126 -44.20 7.20 -25.43
C PHE N 126 -45.25 7.58 -26.46
N SER N 127 -45.40 8.86 -26.74
CA SER N 127 -46.29 9.29 -27.82
C SER N 127 -45.80 8.86 -29.18
N GLU N 128 -44.65 8.17 -29.25
CA GLU N 128 -44.20 7.54 -30.48
C GLU N 128 -44.91 6.21 -30.70
N GLN N 129 -44.87 5.35 -29.68
CA GLN N 129 -45.55 4.06 -29.75
C GLN N 129 -47.05 4.15 -29.45
N VAL N 130 -47.61 5.36 -29.46
CA VAL N 130 -49.04 5.56 -29.24
C VAL N 130 -49.63 6.22 -30.47
N ASN N 131 -48.93 7.21 -31.02
CA ASN N 131 -49.30 7.76 -32.31
C ASN N 131 -49.24 6.69 -33.40
N TYR N 132 -48.45 5.64 -33.18
CA TYR N 132 -48.38 4.52 -34.12
C TYR N 132 -49.54 3.56 -33.93
N GLN N 133 -49.81 3.17 -32.68
CA GLN N 133 -50.93 2.27 -32.42
C GLN N 133 -52.24 2.88 -32.87
N ARG N 134 -52.40 4.19 -32.71
CA ARG N 134 -53.61 4.84 -33.19
C ARG N 134 -53.72 4.80 -34.71
N ALA N 135 -52.61 4.62 -35.41
CA ALA N 135 -52.64 4.49 -36.86
C ALA N 135 -52.92 3.07 -37.29
N LEU N 136 -52.32 2.10 -36.59
CA LEU N 136 -52.65 0.70 -36.82
C LEU N 136 -54.14 0.46 -36.68
N GLU N 137 -54.73 0.90 -35.56
CA GLU N 137 -56.17 0.76 -35.35
C GLU N 137 -56.97 1.39 -36.48
N GLY N 138 -56.51 2.54 -36.99
CA GLY N 138 -57.24 3.18 -38.07
C GLY N 138 -57.00 2.54 -39.42
N GLU N 139 -55.88 1.84 -39.58
CA GLU N 139 -55.60 1.08 -40.80
C GLU N 139 -56.28 -0.27 -40.78
N LEU N 140 -56.22 -0.96 -39.64
CA LEU N 140 -56.90 -2.26 -39.52
C LEU N 140 -58.39 -2.12 -39.72
N ALA N 141 -58.97 -1.03 -39.24
CA ALA N 141 -60.40 -0.79 -39.40
C ALA N 141 -60.78 -0.32 -40.79
N ARG N 142 -59.82 0.11 -41.59
CA ARG N 142 -60.10 0.49 -42.97
C ARG N 142 -60.22 -0.71 -43.89
N THR N 143 -59.62 -1.84 -43.50
CA THR N 143 -59.70 -3.05 -44.32
C THR N 143 -60.96 -3.83 -43.99
N ILE N 144 -61.25 -3.98 -42.69
CA ILE N 144 -62.47 -4.65 -42.27
C ILE N 144 -63.69 -3.95 -42.85
N GLU N 145 -63.58 -2.64 -43.12
CA GLU N 145 -64.67 -1.96 -43.83
C GLU N 145 -64.78 -2.47 -45.26
N THR N 146 -63.66 -2.68 -45.93
CA THR N 146 -63.64 -3.20 -47.29
C THR N 146 -63.70 -4.73 -47.27
N LEU N 147 -64.80 -5.24 -46.74
CA LEU N 147 -64.89 -6.67 -46.53
C LEU N 147 -66.27 -7.23 -46.86
N GLY N 148 -67.18 -6.45 -47.42
CA GLY N 148 -68.46 -6.98 -47.84
C GLY N 148 -69.58 -6.65 -46.88
N PRO N 149 -69.96 -7.63 -46.04
CA PRO N 149 -71.06 -7.39 -45.08
C PRO N 149 -70.80 -6.27 -44.11
N VAL N 150 -69.55 -5.96 -43.80
CA VAL N 150 -69.22 -4.91 -42.84
C VAL N 150 -69.40 -3.55 -43.50
N LYS N 151 -70.11 -2.66 -42.81
CA LYS N 151 -70.27 -1.28 -43.26
C LYS N 151 -69.25 -0.34 -42.64
N SER N 152 -68.89 -0.57 -41.39
CA SER N 152 -67.88 0.25 -40.72
C SER N 152 -67.37 -0.47 -39.48
N ALA N 153 -66.06 -0.63 -39.37
CA ALA N 153 -65.47 -1.30 -38.22
C ALA N 153 -64.85 -0.27 -37.29
N ARG N 154 -64.48 -0.73 -36.10
CA ARG N 154 -63.88 0.13 -35.10
C ARG N 154 -63.06 -0.70 -34.12
N VAL N 155 -61.74 -0.75 -34.29
CA VAL N 155 -60.90 -1.67 -33.55
C VAL N 155 -60.01 -0.90 -32.58
N HIS N 156 -59.87 -1.42 -31.36
CA HIS N 156 -58.91 -0.92 -30.39
C HIS N 156 -57.95 -2.02 -30.02
N LEU N 157 -56.68 -1.69 -29.91
CA LEU N 157 -55.67 -2.65 -29.51
C LEU N 157 -55.26 -2.41 -28.07
N ALA N 158 -54.69 -3.45 -27.46
CA ALA N 158 -54.33 -3.43 -26.05
C ALA N 158 -52.90 -3.95 -25.88
N MET N 159 -51.96 -3.36 -26.63
CA MET N 159 -50.54 -3.81 -26.57
C MET N 159 -49.73 -3.07 -25.51
N PRO N 160 -49.40 -3.70 -24.35
CA PRO N 160 -48.57 -3.10 -23.29
C PRO N 160 -47.25 -3.87 -23.13
N SER N 171 -48.80 -9.54 -22.88
CA SER N 171 -49.92 -10.13 -23.70
C SER N 171 -50.89 -9.09 -24.30
N PRO N 172 -51.29 -9.12 -25.61
CA PRO N 172 -52.14 -8.08 -26.19
C PRO N 172 -53.55 -8.61 -26.48
N SER N 173 -54.41 -7.68 -26.88
CA SER N 173 -55.80 -7.99 -27.17
C SER N 173 -56.32 -6.95 -28.14
N ALA N 174 -57.48 -7.23 -28.72
CA ALA N 174 -58.12 -6.30 -29.64
C ALA N 174 -59.62 -6.45 -29.50
N SER N 175 -60.36 -5.47 -29.99
CA SER N 175 -61.81 -5.52 -29.87
C SER N 175 -62.41 -4.84 -31.09
N VAL N 176 -62.72 -5.65 -32.10
CA VAL N 176 -63.39 -5.11 -33.27
C VAL N 176 -64.86 -4.90 -32.97
N THR N 177 -65.46 -3.92 -33.63
CA THR N 177 -66.83 -3.54 -33.35
C THR N 177 -67.56 -3.32 -34.68
N VAL N 178 -67.48 -4.32 -35.56
CA VAL N 178 -68.06 -4.20 -36.89
C VAL N 178 -69.53 -3.80 -36.82
N THR N 179 -69.98 -3.10 -37.85
CA THR N 179 -71.36 -2.63 -37.98
C THR N 179 -71.84 -3.13 -39.33
N LEU N 180 -72.46 -4.31 -39.34
CA LEU N 180 -72.79 -4.98 -40.58
C LEU N 180 -73.74 -4.15 -41.42
N GLU N 181 -73.76 -4.43 -42.72
CA GLU N 181 -74.63 -3.73 -43.63
C GLU N 181 -76.09 -4.05 -43.29
N PRO N 182 -77.02 -3.16 -43.66
CA PRO N 182 -78.44 -3.41 -43.35
C PRO N 182 -78.94 -4.75 -43.86
N GLY N 183 -79.33 -5.62 -42.94
CA GLY N 183 -79.83 -6.93 -43.31
C GLY N 183 -78.72 -7.90 -43.66
N ARG N 184 -77.85 -8.19 -42.71
CA ARG N 184 -76.73 -9.08 -42.94
C ARG N 184 -76.26 -9.62 -41.60
N ALA N 185 -75.53 -10.72 -41.66
CA ALA N 185 -75.01 -11.35 -40.44
C ALA N 185 -73.83 -12.22 -40.81
N LEU N 186 -72.75 -12.09 -40.05
CA LEU N 186 -71.53 -12.84 -40.36
C LEU N 186 -71.72 -14.30 -40.00
N ASP N 187 -71.34 -15.19 -40.92
CA ASP N 187 -71.50 -16.62 -40.74
C ASP N 187 -70.48 -17.13 -39.72
N GLU N 188 -70.46 -18.44 -39.52
CA GLU N 188 -69.55 -18.99 -38.51
C GLU N 188 -68.10 -18.98 -38.99
N GLY N 189 -67.89 -18.99 -40.30
CA GLY N 189 -66.55 -18.96 -40.85
C GLY N 189 -66.17 -17.57 -41.29
N GLN N 190 -67.15 -16.68 -41.32
CA GLN N 190 -66.91 -15.27 -41.57
C GLN N 190 -66.45 -14.52 -40.34
N ILE N 191 -66.51 -15.16 -39.18
CA ILE N 191 -65.97 -14.58 -37.95
C ILE N 191 -64.46 -14.74 -37.90
N SER N 192 -63.99 -15.96 -38.18
CA SER N 192 -62.55 -16.19 -38.24
C SER N 192 -61.88 -15.37 -39.32
N ALA N 193 -62.61 -14.99 -40.37
CA ALA N 193 -62.06 -14.05 -41.34
C ALA N 193 -61.65 -12.75 -40.66
N VAL N 194 -62.55 -12.17 -39.86
CA VAL N 194 -62.26 -10.91 -39.20
C VAL N 194 -61.39 -11.10 -37.96
N VAL N 195 -61.36 -12.29 -37.38
CA VAL N 195 -60.49 -12.54 -36.25
C VAL N 195 -59.05 -12.64 -36.72
N HIS N 196 -58.77 -13.51 -37.69
CA HIS N 196 -57.41 -13.65 -38.20
C HIS N 196 -56.95 -12.43 -38.97
N LEU N 197 -57.88 -11.65 -39.52
CA LEU N 197 -57.52 -10.40 -40.16
C LEU N 197 -56.88 -9.42 -39.19
N VAL N 198 -57.09 -9.61 -37.89
CA VAL N 198 -56.57 -8.71 -36.87
C VAL N 198 -55.54 -9.44 -36.02
N SER N 199 -55.79 -10.71 -35.74
CA SER N 199 -54.84 -11.51 -34.98
C SER N 199 -53.47 -11.55 -35.65
N SER N 200 -53.44 -11.50 -36.97
CA SER N 200 -52.19 -11.61 -37.72
C SER N 200 -51.55 -10.26 -38.00
N ALA N 201 -52.34 -9.21 -38.12
CA ALA N 201 -51.81 -7.88 -38.37
C ALA N 201 -51.26 -7.20 -37.13
N VAL N 202 -51.22 -7.89 -36.00
CA VAL N 202 -50.74 -7.33 -34.74
C VAL N 202 -49.76 -8.31 -34.12
N ALA N 203 -48.59 -7.80 -33.70
CA ALA N 203 -47.51 -8.67 -33.26
C ALA N 203 -47.86 -9.33 -31.94
N GLY N 204 -47.82 -10.67 -31.94
CA GLY N 204 -48.01 -11.42 -30.71
C GLY N 204 -49.43 -11.52 -30.22
N LEU N 205 -50.41 -11.35 -31.09
CA LEU N 205 -51.81 -11.38 -30.71
C LEU N 205 -52.46 -12.67 -31.17
N PRO N 206 -52.69 -13.64 -30.27
CA PRO N 206 -53.36 -14.87 -30.68
C PRO N 206 -54.79 -14.60 -31.07
N PRO N 207 -55.44 -15.52 -31.80
CA PRO N 207 -56.84 -15.30 -32.16
C PRO N 207 -57.80 -15.52 -30.99
N GLY N 208 -57.32 -16.01 -29.85
CA GLY N 208 -58.14 -16.15 -28.68
C GLY N 208 -58.33 -14.90 -27.88
N ASN N 209 -57.68 -13.80 -28.28
CA ASN N 209 -57.82 -12.52 -27.61
C ASN N 209 -58.61 -11.49 -28.40
N VAL N 210 -58.95 -11.78 -29.65
CA VAL N 210 -59.69 -10.83 -30.47
C VAL N 210 -61.17 -10.94 -30.13
N THR N 211 -61.82 -9.80 -29.97
CA THR N 211 -63.22 -9.73 -29.57
C THR N 211 -64.00 -9.02 -30.66
N LEU N 212 -64.98 -9.71 -31.24
CA LEU N 212 -65.79 -9.16 -32.31
C LEU N 212 -67.21 -8.95 -31.80
N VAL N 213 -67.76 -7.76 -32.06
CA VAL N 213 -69.07 -7.36 -31.55
C VAL N 213 -69.79 -6.61 -32.66
N ASP N 214 -71.08 -6.87 -32.81
CA ASP N 214 -71.86 -6.23 -33.86
C ASP N 214 -72.31 -4.84 -33.40
N GLN N 215 -73.23 -4.26 -34.16
CA GLN N 215 -73.93 -3.04 -33.78
C GLN N 215 -75.20 -3.34 -32.99
N SER N 216 -75.39 -4.59 -32.57
CA SER N 216 -76.55 -4.99 -31.80
C SER N 216 -76.08 -5.88 -30.64
N GLY N 217 -75.04 -5.43 -29.95
CA GLY N 217 -74.44 -6.29 -28.94
C GLY N 217 -73.87 -7.52 -29.61
N HIS N 218 -74.33 -8.69 -29.17
CA HIS N 218 -74.04 -9.94 -29.86
C HIS N 218 -72.54 -10.21 -29.99
N LEU N 219 -71.87 -10.42 -28.87
CA LEU N 219 -70.49 -10.85 -28.88
C LEU N 219 -70.34 -12.10 -29.76
N LEU N 220 -69.60 -11.97 -30.87
CA LEU N 220 -69.55 -13.07 -31.84
C LEU N 220 -68.45 -14.06 -31.52
N THR N 221 -67.36 -13.56 -30.93
CA THR N 221 -66.19 -14.40 -30.57
C THR N 221 -66.50 -15.21 -29.30
N GLN O 125 -44.57 14.66 -17.70
CA GLN O 125 -44.52 13.22 -17.91
C GLN O 125 -45.76 12.55 -17.34
N PHE O 126 -46.25 13.06 -16.20
CA PHE O 126 -47.47 12.52 -15.62
C PHE O 126 -48.69 12.95 -16.43
N SER O 127 -48.77 14.23 -16.80
CA SER O 127 -49.82 14.69 -17.68
C SER O 127 -49.70 14.11 -19.07
N GLU O 128 -48.69 13.28 -19.32
CA GLU O 128 -48.59 12.52 -20.56
C GLU O 128 -49.47 11.27 -20.49
N GLN O 129 -49.31 10.49 -19.43
CA GLN O 129 -50.10 9.29 -19.22
C GLN O 129 -51.47 9.58 -18.63
N VAL O 130 -51.90 10.85 -18.62
CA VAL O 130 -53.20 11.23 -18.11
C VAL O 130 -53.99 11.88 -19.24
N ASN O 131 -53.33 12.74 -20.01
CA ASN O 131 -53.93 13.24 -21.24
C ASN O 131 -54.22 12.11 -22.20
N TYR O 132 -53.53 10.97 -22.07
CA TYR O 132 -53.79 9.81 -22.89
C TYR O 132 -54.97 9.01 -22.36
N GLN O 133 -54.98 8.73 -21.06
CA GLN O 133 -56.10 8.00 -20.47
C GLN O 133 -57.42 8.74 -20.68
N ARG O 134 -57.39 10.07 -20.61
CA ARG O 134 -58.60 10.84 -20.87
C ARG O 134 -59.07 10.70 -22.32
N ALA O 135 -58.17 10.34 -23.23
CA ALA O 135 -58.55 10.12 -24.62
C ALA O 135 -59.06 8.71 -24.84
N LEU O 136 -58.43 7.73 -24.20
CA LEU O 136 -58.95 6.36 -24.22
C LEU O 136 -60.38 6.32 -23.73
N GLU O 137 -60.65 6.90 -22.57
CA GLU O 137 -62.00 6.96 -22.03
C GLU O 137 -62.96 7.60 -23.01
N GLY O 138 -62.54 8.66 -23.70
CA GLY O 138 -63.41 9.30 -24.67
C GLY O 138 -63.55 8.55 -25.97
N GLU O 139 -62.58 7.71 -26.30
CA GLU O 139 -62.67 6.85 -27.47
C GLU O 139 -63.46 5.59 -27.18
N LEU O 140 -63.22 4.96 -26.02
CA LEU O 140 -63.98 3.79 -25.64
C LEU O 140 -65.46 4.10 -25.51
N ALA O 141 -65.80 5.28 -25.02
CA ALA O 141 -67.19 5.67 -24.88
C ALA O 141 -67.83 6.10 -26.19
N ARG O 142 -67.04 6.35 -27.23
CA ARG O 142 -67.60 6.66 -28.53
C ARG O 142 -68.03 5.43 -29.29
N THR O 143 -67.49 4.27 -28.95
CA THR O 143 -67.88 3.02 -29.60
C THR O 143 -69.10 2.43 -28.93
N ILE O 144 -69.11 2.40 -27.60
CA ILE O 144 -70.26 1.92 -26.86
C ILE O 144 -71.50 2.73 -27.21
N GLU O 145 -71.32 3.98 -27.62
CA GLU O 145 -72.45 4.74 -28.14
C GLU O 145 -72.95 4.16 -29.45
N THR O 146 -72.03 3.77 -30.33
CA THR O 146 -72.39 3.16 -31.61
C THR O 146 -72.60 1.66 -31.44
N LEU O 147 -73.59 1.32 -30.63
CA LEU O 147 -73.80 -0.07 -30.27
C LEU O 147 -75.27 -0.48 -30.24
N GLY O 148 -76.20 0.37 -30.65
CA GLY O 148 -77.58 -0.02 -30.72
C GLY O 148 -78.41 0.51 -29.58
N PRO O 149 -78.67 -0.35 -28.59
CA PRO O 149 -79.50 0.07 -27.45
C PRO O 149 -78.92 1.23 -26.66
N VAL O 150 -77.60 1.39 -26.66
CA VAL O 150 -76.95 2.45 -25.90
C VAL O 150 -77.13 3.77 -26.63
N LYS O 151 -77.57 4.80 -25.90
CA LYS O 151 -77.68 6.16 -26.42
C LYS O 151 -76.45 7.00 -26.13
N SER O 152 -75.83 6.81 -24.97
CA SER O 152 -74.62 7.54 -24.62
C SER O 152 -73.92 6.85 -23.45
N ALA O 153 -72.65 6.53 -23.62
CA ALA O 153 -71.89 5.87 -22.57
C ALA O 153 -70.96 6.88 -21.91
N ARG O 154 -70.38 6.46 -20.79
CA ARG O 154 -69.47 7.31 -20.03
C ARG O 154 -68.55 6.45 -19.18
N VAL O 155 -67.33 6.23 -19.63
CA VAL O 155 -66.43 5.26 -19.02
C VAL O 155 -65.27 5.98 -18.34
N HIS O 156 -64.90 5.52 -17.14
CA HIS O 156 -63.70 5.97 -16.44
C HIS O 156 -62.80 4.77 -16.20
N LEU O 157 -61.51 4.96 -16.41
CA LEU O 157 -60.54 3.91 -16.15
C LEU O 157 -59.79 4.20 -14.86
N ALA O 158 -59.21 3.14 -14.30
CA ALA O 158 -58.54 3.22 -13.02
C ALA O 158 -57.18 2.53 -13.11
N MET O 159 -56.42 2.88 -14.17
CA MET O 159 -55.09 2.26 -14.43
C MET O 159 -54.02 2.82 -13.48
N PRO O 160 -53.43 1.98 -12.59
CA PRO O 160 -52.38 2.39 -11.67
C PRO O 160 -51.06 1.65 -11.94
N LYS O 161 -49.93 2.35 -11.94
CA LYS O 161 -48.65 1.63 -12.19
C LYS O 161 -47.67 1.85 -11.03
N PRO O 162 -47.99 2.68 -10.01
CA PRO O 162 -47.04 2.90 -8.91
C PRO O 162 -47.04 1.74 -7.91
N SER O 163 -45.85 1.29 -7.48
CA SER O 163 -45.76 0.21 -6.52
C SER O 163 -44.41 0.29 -5.84
N LEU O 164 -44.41 0.50 -4.52
CA LEU O 164 -43.18 0.67 -3.78
C LEU O 164 -43.14 -0.29 -2.60
N PHE O 165 -42.03 -1.00 -2.49
CA PHE O 165 -41.83 -2.00 -1.43
C PHE O 165 -42.97 -3.00 -1.39
N VAL O 166 -43.50 -3.33 -2.58
CA VAL O 166 -44.63 -4.23 -2.70
C VAL O 166 -44.37 -5.22 -3.84
N ARG O 167 -44.20 -6.50 -3.49
CA ARG O 167 -43.94 -7.51 -4.54
C ARG O 167 -45.25 -7.76 -5.30
N GLU O 168 -46.39 -7.39 -4.70
CA GLU O 168 -47.74 -7.56 -5.28
C GLU O 168 -48.04 -6.43 -6.27
N GLN O 169 -49.06 -6.62 -7.12
CA GLN O 169 -49.48 -5.60 -8.13
C GLN O 169 -51.01 -5.51 -8.13
N LYS O 170 -51.55 -4.33 -8.43
CA LYS O 170 -53.03 -4.13 -8.46
C LYS O 170 -53.48 -3.93 -9.91
N SER O 171 -54.47 -4.70 -10.35
CA SER O 171 -55.00 -4.61 -11.74
C SER O 171 -55.86 -3.36 -11.94
N PRO O 172 -56.09 -2.92 -13.19
CA PRO O 172 -56.90 -1.73 -13.47
C PRO O 172 -58.39 -2.07 -13.45
N SER O 173 -59.25 -1.04 -13.39
CA SER O 173 -60.70 -1.20 -13.35
C SER O 173 -61.31 -0.17 -14.27
N ALA O 174 -62.60 -0.35 -14.56
CA ALA O 174 -63.33 0.59 -15.39
C ALA O 174 -64.77 0.64 -14.91
N SER O 175 -65.49 1.67 -15.32
CA SER O 175 -66.87 1.81 -14.88
C SER O 175 -67.67 2.47 -16.00
N VAL O 176 -68.28 1.64 -16.83
CA VAL O 176 -69.13 2.17 -17.88
C VAL O 176 -70.47 2.59 -17.27
N THR O 177 -71.09 3.59 -17.87
CA THR O 177 -72.32 4.16 -17.34
C THR O 177 -73.31 4.37 -18.48
N VAL O 178 -73.53 3.31 -19.27
CA VAL O 178 -74.39 3.41 -20.45
C VAL O 178 -75.75 3.99 -20.08
N THR O 179 -76.35 4.68 -21.06
CA THR O 179 -77.66 5.31 -20.93
C THR O 179 -78.50 4.78 -22.09
N LEU O 180 -79.21 3.68 -21.84
CA LEU O 180 -79.89 2.97 -22.91
C LEU O 180 -80.93 3.86 -23.59
N GLU O 181 -81.26 3.49 -24.83
CA GLU O 181 -82.24 4.24 -25.58
C GLU O 181 -83.61 4.14 -24.91
N PRO O 182 -84.50 5.09 -25.14
CA PRO O 182 -85.82 5.05 -24.51
C PRO O 182 -86.57 3.75 -24.77
N GLY O 183 -86.82 2.99 -23.71
CA GLY O 183 -87.54 1.74 -23.83
C GLY O 183 -86.65 0.62 -24.33
N ARG O 184 -85.62 0.29 -23.57
CA ARG O 184 -84.68 -0.75 -23.96
C ARG O 184 -83.97 -1.25 -22.71
N ALA O 185 -83.39 -2.45 -22.82
CA ALA O 185 -82.69 -3.04 -21.70
C ALA O 185 -81.72 -4.08 -22.23
N LEU O 186 -80.48 -4.03 -21.75
CA LEU O 186 -79.45 -4.94 -22.25
C LEU O 186 -79.71 -6.35 -21.72
N ASP O 187 -79.64 -7.32 -22.62
CA ASP O 187 -79.91 -8.71 -22.27
C ASP O 187 -78.75 -9.27 -21.46
N GLU O 188 -78.80 -10.56 -21.13
CA GLU O 188 -77.76 -11.16 -20.31
C GLU O 188 -76.47 -11.36 -21.09
N GLY O 189 -76.56 -11.48 -22.41
CA GLY O 189 -75.39 -11.65 -23.24
C GLY O 189 -74.97 -10.35 -23.90
N GLN O 190 -75.83 -9.35 -23.78
CA GLN O 190 -75.52 -8.00 -24.22
C GLN O 190 -74.72 -7.23 -23.18
N ILE O 191 -74.56 -7.78 -21.98
CA ILE O 191 -73.71 -7.19 -20.97
C ILE O 191 -72.26 -7.54 -21.23
N SER O 192 -71.99 -8.81 -21.50
CA SER O 192 -70.62 -9.23 -21.84
C SER O 192 -70.14 -8.57 -23.13
N ALA O 193 -71.05 -8.17 -24.02
CA ALA O 193 -70.64 -7.37 -25.16
C ALA O 193 -69.95 -6.10 -24.72
N VAL O 194 -70.58 -5.36 -23.80
CA VAL O 194 -70.01 -4.10 -23.34
C VAL O 194 -68.91 -4.31 -22.31
N VAL O 195 -68.88 -5.46 -21.63
CA VAL O 195 -67.79 -5.74 -20.71
C VAL O 195 -66.51 -6.04 -21.47
N HIS O 196 -66.56 -7.00 -22.40
CA HIS O 196 -65.38 -7.35 -23.17
C HIS O 196 -64.99 -6.25 -24.13
N LEU O 197 -65.93 -5.40 -24.54
CA LEU O 197 -65.58 -4.24 -25.36
C LEU O 197 -64.65 -3.29 -24.65
N VAL O 198 -64.57 -3.37 -23.32
CA VAL O 198 -63.74 -2.47 -22.53
C VAL O 198 -62.62 -3.26 -21.87
N SER O 199 -62.93 -4.47 -21.42
CA SER O 199 -61.92 -5.32 -20.81
C SER O 199 -60.77 -5.58 -21.76
N SER O 200 -61.03 -5.63 -23.06
CA SER O 200 -60.00 -5.94 -24.05
C SER O 200 -59.31 -4.70 -24.59
N ALA O 201 -59.99 -3.57 -24.62
CA ALA O 201 -59.40 -2.34 -25.11
C ALA O 201 -58.50 -1.66 -24.09
N VAL O 202 -58.27 -2.26 -22.94
CA VAL O 202 -57.46 -1.68 -21.88
C VAL O 202 -56.47 -2.73 -21.39
N ALA O 203 -55.21 -2.35 -21.29
CA ALA O 203 -54.14 -3.30 -21.02
C ALA O 203 -54.25 -3.83 -19.60
N GLY O 204 -54.35 -5.16 -19.48
CA GLY O 204 -54.32 -5.79 -18.18
C GLY O 204 -55.60 -5.68 -17.37
N LEU O 205 -56.74 -5.46 -18.03
CA LEU O 205 -58.01 -5.29 -17.34
C LEU O 205 -58.87 -6.52 -17.53
N PRO O 206 -58.99 -7.38 -16.53
CA PRO O 206 -59.86 -8.55 -16.66
C PRO O 206 -61.31 -8.13 -16.73
N PRO O 207 -62.19 -9.00 -17.22
CA PRO O 207 -63.63 -8.65 -17.27
C PRO O 207 -64.30 -8.67 -15.92
N GLY O 208 -63.62 -9.14 -14.88
CA GLY O 208 -64.16 -9.10 -13.54
C GLY O 208 -64.03 -7.78 -12.83
N ASN O 209 -63.39 -6.80 -13.47
CA ASN O 209 -63.23 -5.46 -12.91
C ASN O 209 -64.06 -4.40 -13.60
N VAL O 210 -64.71 -4.73 -14.70
CA VAL O 210 -65.52 -3.75 -15.43
C VAL O 210 -66.88 -3.66 -14.77
N THR O 211 -67.36 -2.44 -14.57
CA THR O 211 -68.61 -2.16 -13.88
C THR O 211 -69.54 -1.45 -14.83
N LEU O 212 -70.69 -2.04 -15.12
CA LEU O 212 -71.67 -1.47 -16.03
C LEU O 212 -72.90 -1.05 -15.24
N VAL O 213 -73.36 0.18 -15.49
CA VAL O 213 -74.47 0.77 -14.74
C VAL O 213 -75.35 1.52 -15.73
N ASP O 214 -76.66 1.43 -15.57
CA ASP O 214 -77.58 2.08 -16.48
C ASP O 214 -77.77 3.53 -16.06
N GLN O 215 -78.77 4.18 -16.65
CA GLN O 215 -79.23 5.50 -16.23
C GLN O 215 -80.31 5.41 -15.17
N SER O 216 -80.53 4.23 -14.60
CA SER O 216 -81.52 4.02 -13.56
C SER O 216 -80.90 3.17 -12.45
N GLY O 217 -79.68 3.52 -12.05
CA GLY O 217 -78.96 2.67 -11.12
C GLY O 217 -78.69 1.33 -11.79
N HIS O 218 -79.17 0.26 -11.15
CA HIS O 218 -79.16 -1.05 -11.77
C HIS O 218 -77.78 -1.51 -12.19
N LEU O 219 -76.89 -1.74 -11.23
CA LEU O 219 -75.60 -2.34 -11.51
C LEU O 219 -75.80 -3.64 -12.28
N LEU O 220 -75.32 -3.69 -13.53
CA LEU O 220 -75.61 -4.84 -14.39
C LEU O 220 -74.57 -5.94 -14.22
N THR O 221 -73.33 -5.54 -13.94
CA THR O 221 -72.20 -6.50 -13.76
C THR O 221 -72.30 -7.16 -12.39
N PHE P 113 -60.48 18.00 -17.59
CA PHE P 113 -61.36 19.12 -17.17
C PHE P 113 -60.50 20.37 -16.97
N GLU P 114 -60.53 20.92 -15.75
CA GLU P 114 -59.76 22.14 -15.39
C GLU P 114 -58.26 21.86 -15.57
N LEU P 115 -57.82 20.66 -15.17
CA LEU P 115 -56.39 20.26 -15.27
C LEU P 115 -55.95 20.28 -16.73
N LEU P 116 -56.84 19.84 -17.64
CA LEU P 116 -56.55 19.84 -19.10
C LEU P 116 -56.33 21.30 -19.55
N ASP P 117 -57.16 22.23 -19.03
CA ASP P 117 -57.04 23.68 -19.34
C ASP P 117 -56.00 24.34 -18.42
N GLN P 118 -55.48 23.60 -17.43
CA GLN P 118 -54.48 24.16 -16.48
C GLN P 118 -53.06 24.03 -17.06
N GLU P 119 -52.69 24.93 -17.98
CA GLU P 119 -51.33 24.92 -18.59
C GLU P 119 -50.64 26.25 -18.30
N LYS P 120 -49.41 26.21 -17.77
CA LYS P 120 -48.66 27.46 -17.44
C LYS P 120 -47.15 27.19 -17.42
N PHE P 121 -46.35 28.27 -17.43
CA PHE P 121 -44.87 28.14 -17.39
C PHE P 121 -44.49 27.45 -16.07
N GLY P 122 -45.12 27.87 -14.97
CA GLY P 122 -44.89 27.23 -13.67
C GLY P 122 -45.39 25.80 -13.71
N ILE P 123 -44.65 24.86 -13.12
CA ILE P 123 -45.08 23.43 -13.16
C ILE P 123 -45.04 22.84 -11.75
N SER P 124 -45.99 23.23 -10.90
CA SER P 124 -46.01 22.68 -9.53
C SER P 124 -46.19 21.16 -9.63
N GLN P 125 -45.31 20.39 -8.98
CA GLN P 125 -45.37 18.91 -9.00
C GLN P 125 -46.58 18.45 -8.18
N PHE P 126 -46.59 18.76 -6.87
CA PHE P 126 -47.72 18.40 -5.99
C PHE P 126 -49.03 18.88 -6.64
N SER P 127 -49.08 20.18 -6.97
CA SER P 127 -50.24 20.76 -7.62
C SER P 127 -50.55 20.13 -8.95
N GLU P 128 -49.76 19.14 -9.37
CA GLU P 128 -50.08 18.33 -10.54
C GLU P 128 -51.08 17.25 -10.17
N GLN P 129 -50.78 16.47 -9.13
CA GLN P 129 -51.68 15.43 -8.65
C GLN P 129 -52.80 15.96 -7.77
N VAL P 130 -53.02 17.27 -7.76
CA VAL P 130 -54.09 17.88 -6.98
C VAL P 130 -55.02 18.60 -7.94
N ASN P 131 -54.45 19.32 -8.90
CA ASN P 131 -55.25 19.86 -9.99
C ASN P 131 -55.94 18.76 -10.78
N TYR P 132 -55.41 17.54 -10.73
CA TYR P 132 -56.03 16.40 -11.38
C TYR P 132 -57.15 15.82 -10.54
N GLN P 133 -56.89 15.60 -9.25
CA GLN P 133 -57.92 15.07 -8.36
C GLN P 133 -59.12 16.01 -8.30
N ARG P 134 -58.89 17.31 -8.34
CA ARG P 134 -60.00 18.26 -8.37
C ARG P 134 -60.81 18.14 -9.65
N ALA P 135 -60.23 17.62 -10.72
CA ALA P 135 -60.96 17.40 -11.96
C ALA P 135 -61.71 16.09 -11.95
N LEU P 136 -61.10 15.03 -11.40
CA LEU P 136 -61.80 13.77 -11.21
C LEU P 136 -63.06 13.99 -10.40
N GLU P 137 -62.95 14.64 -9.24
CA GLU P 137 -64.12 14.94 -8.41
C GLU P 137 -65.18 15.69 -9.18
N GLY P 138 -64.78 16.63 -10.04
CA GLY P 138 -65.75 17.37 -10.81
C GLY P 138 -66.32 16.61 -11.97
N GLU P 139 -65.59 15.61 -12.47
CA GLU P 139 -66.08 14.73 -13.52
C GLU P 139 -66.96 13.63 -12.96
N LEU P 140 -66.54 13.02 -11.85
CA LEU P 140 -67.35 11.99 -11.20
C LEU P 140 -68.69 12.54 -10.76
N ALA P 141 -68.72 13.78 -10.29
CA ALA P 141 -69.97 14.39 -9.87
C ALA P 141 -70.83 14.87 -11.01
N ARG P 142 -70.29 14.95 -12.22
CA ARG P 142 -71.09 15.30 -13.38
C ARG P 142 -71.88 14.12 -13.92
N THR P 143 -71.45 12.90 -13.63
CA THR P 143 -72.17 11.72 -14.07
C THR P 143 -73.26 11.35 -13.10
N ILE P 144 -72.94 11.37 -11.81
CA ILE P 144 -73.94 11.11 -10.78
C ILE P 144 -75.09 12.10 -10.90
N GLU P 145 -74.84 13.28 -11.43
CA GLU P 145 -75.94 14.20 -11.72
C GLU P 145 -76.82 13.66 -12.83
N THR P 146 -76.21 13.10 -13.87
CA THR P 146 -76.96 12.51 -14.98
C THR P 146 -77.33 11.06 -14.65
N LEU P 147 -78.15 10.92 -13.61
CA LEU P 147 -78.46 9.59 -13.12
C LEU P 147 -79.91 9.42 -12.71
N GLY P 148 -80.77 10.40 -12.95
CA GLY P 148 -82.18 10.23 -12.67
C GLY P 148 -82.62 10.92 -11.40
N PRO P 149 -82.77 10.15 -10.32
CA PRO P 149 -83.21 10.75 -9.05
C PRO P 149 -82.29 11.81 -8.51
N VAL P 150 -81.00 11.77 -8.83
CA VAL P 150 -80.05 12.75 -8.33
C VAL P 150 -80.20 14.06 -9.08
N LYS P 151 -80.29 15.16 -8.35
CA LYS P 151 -80.32 16.49 -8.93
C LYS P 151 -78.96 17.14 -9.00
N SER P 152 -78.11 16.90 -8.01
CA SER P 152 -76.75 17.43 -8.00
C SER P 152 -75.91 16.68 -6.99
N ALA P 153 -74.77 16.16 -7.42
CA ALA P 153 -73.88 15.43 -6.53
C ALA P 153 -72.68 16.29 -6.18
N ARG P 154 -71.91 15.83 -5.20
CA ARG P 154 -70.73 16.55 -4.74
C ARG P 154 -69.77 15.58 -4.08
N VAL P 155 -68.74 15.16 -4.78
CA VAL P 155 -67.86 14.08 -4.33
C VAL P 155 -66.49 14.63 -3.98
N HIS P 156 -65.91 14.17 -2.88
CA HIS P 156 -64.53 14.44 -2.52
C HIS P 156 -63.78 13.12 -2.40
N LEU P 157 -62.57 13.09 -2.92
CA LEU P 157 -61.73 11.91 -2.83
C LEU P 157 -60.65 12.12 -1.78
N ALA P 158 -60.12 11.00 -1.28
CA ALA P 158 -59.15 11.02 -0.20
C ALA P 158 -57.96 10.12 -0.57
N MET P 159 -57.44 10.32 -1.78
CA MET P 159 -56.30 9.51 -2.28
C MET P 159 -55.02 9.85 -1.52
N PRO P 160 -54.43 8.91 -0.75
CA PRO P 160 -53.18 9.13 -0.02
C PRO P 160 -52.17 8.28 -0.79
N LYS P 161 -51.26 8.92 -1.54
CA LYS P 161 -50.33 8.12 -2.37
C LYS P 161 -49.10 7.74 -1.55
N PRO P 162 -48.59 8.62 -0.66
CA PRO P 162 -47.36 8.29 0.07
C PRO P 162 -47.49 6.97 0.85
N SER P 163 -46.45 6.14 0.74
CA SER P 163 -46.37 4.82 1.42
C SER P 163 -44.95 4.61 1.94
N LEU P 164 -44.77 4.83 3.24
CA LEU P 164 -43.47 4.71 3.89
C LEU P 164 -43.70 4.69 5.40
N PHE P 165 -42.86 3.92 6.09
CA PHE P 165 -42.95 3.76 7.54
C PHE P 165 -44.33 3.24 7.95
N VAL P 166 -44.94 2.45 7.07
CA VAL P 166 -46.25 1.87 7.31
C VAL P 166 -46.31 0.50 6.68
N ARG P 167 -46.63 -0.51 7.48
CA ARG P 167 -46.81 -1.89 6.94
C ARG P 167 -48.19 -1.95 6.26
N GLU P 168 -49.01 -0.89 6.38
CA GLU P 168 -50.37 -0.86 5.78
C GLU P 168 -50.57 0.39 4.92
N GLN P 169 -51.08 0.18 3.70
CA GLN P 169 -51.29 1.21 2.63
C GLN P 169 -52.31 2.28 3.01
N LYS P 170 -53.38 1.93 3.76
CA LYS P 170 -54.42 2.93 4.11
C LYS P 170 -54.92 3.61 2.82
N SER P 171 -55.48 2.80 1.90
CA SER P 171 -55.95 3.23 0.56
C SER P 171 -57.12 4.23 0.60
N PRO P 172 -57.31 5.01 -0.49
CA PRO P 172 -58.34 6.07 -0.61
C PRO P 172 -59.81 5.80 -0.24
N SER P 173 -60.55 6.91 -0.09
CA SER P 173 -61.95 6.99 0.31
C SER P 173 -62.61 8.07 -0.53
N ALA P 174 -63.94 8.09 -0.49
CA ALA P 174 -64.71 9.10 -1.20
C ALA P 174 -65.95 9.41 -0.39
N SER P 175 -66.60 10.52 -0.70
CA SER P 175 -67.79 10.89 0.06
C SER P 175 -68.73 11.63 -0.90
N VAL P 176 -69.64 10.89 -1.51
CA VAL P 176 -70.63 11.51 -2.36
C VAL P 176 -71.71 12.15 -1.48
N THR P 177 -72.30 13.22 -2.00
CA THR P 177 -73.28 13.99 -1.24
C THR P 177 -74.47 14.32 -2.13
N VAL P 178 -75.03 13.28 -2.76
CA VAL P 178 -76.13 13.48 -3.71
C VAL P 178 -77.25 14.29 -3.08
N THR P 179 -77.97 15.01 -3.94
CA THR P 179 -79.10 15.85 -3.54
C THR P 179 -80.26 15.42 -4.44
N LEU P 180 -81.05 14.47 -3.95
CA LEU P 180 -82.06 13.84 -4.78
C LEU P 180 -83.09 14.85 -5.27
N GLU P 181 -83.76 14.50 -6.36
CA GLU P 181 -84.78 15.37 -6.91
C GLU P 181 -85.94 15.51 -5.92
N PRO P 182 -86.72 16.59 -6.02
CA PRO P 182 -87.84 16.77 -5.08
C PRO P 182 -88.80 15.61 -5.07
N GLY P 183 -88.91 14.93 -3.92
CA GLY P 183 -89.79 13.81 -3.79
C GLY P 183 -89.23 12.54 -4.40
N ARG P 184 -88.10 12.08 -3.88
CA ARG P 184 -87.45 10.89 -4.40
C ARG P 184 -86.55 10.33 -3.31
N ALA P 185 -86.19 9.06 -3.46
CA ALA P 185 -85.33 8.40 -2.49
C ALA P 185 -84.68 7.20 -3.17
N LEU P 186 -83.37 7.06 -3.00
CA LEU P 186 -82.64 5.99 -3.65
C LEU P 186 -82.96 4.66 -2.98
N ASP P 187 -83.26 3.65 -3.79
CA ASP P 187 -83.64 2.34 -3.29
C ASP P 187 -82.40 1.63 -2.73
N GLU P 188 -82.58 0.38 -2.31
CA GLU P 188 -81.46 -0.36 -1.71
C GLU P 188 -80.45 -0.79 -2.75
N GLY P 189 -80.87 -0.94 -4.00
CA GLY P 189 -79.97 -1.32 -5.07
C GLY P 189 -79.54 -0.13 -5.90
N GLN P 190 -80.19 1.00 -5.66
CA GLN P 190 -79.79 2.26 -6.26
C GLN P 190 -78.67 2.93 -5.50
N ILE P 191 -78.30 2.40 -4.33
CA ILE P 191 -77.15 2.89 -3.59
C ILE P 191 -75.88 2.30 -4.16
N SER P 192 -75.87 0.99 -4.40
CA SER P 192 -74.72 0.35 -5.01
C SER P 192 -74.46 0.89 -6.41
N ALA P 193 -75.49 1.39 -7.09
CA ALA P 193 -75.26 2.06 -8.36
C ALA P 193 -74.29 3.23 -8.18
N VAL P 194 -74.57 4.09 -7.20
CA VAL P 194 -73.72 5.26 -6.98
C VAL P 194 -72.45 4.91 -6.23
N VAL P 195 -72.42 3.80 -5.50
CA VAL P 195 -71.20 3.39 -4.83
C VAL P 195 -70.21 2.85 -5.85
N HIS P 196 -70.62 1.88 -6.66
CA HIS P 196 -69.73 1.32 -7.66
C HIS P 196 -69.42 2.31 -8.77
N LEU P 197 -70.29 3.28 -9.01
CA LEU P 197 -70.01 4.34 -9.97
C LEU P 197 -68.78 5.16 -9.57
N VAL P 198 -68.39 5.11 -8.29
CA VAL P 198 -67.28 5.89 -7.79
C VAL P 198 -66.16 4.96 -7.35
N SER P 199 -66.54 3.83 -6.76
CA SER P 199 -65.55 2.85 -6.34
C SER P 199 -64.70 2.38 -7.51
N SER P 200 -65.27 2.33 -8.70
CA SER P 200 -64.58 1.83 -9.88
C SER P 200 -63.86 2.90 -10.67
N ALA P 201 -64.35 4.13 -10.61
CA ALA P 201 -63.72 5.24 -11.32
C ALA P 201 -62.52 5.80 -10.59
N VAL P 202 -62.11 5.21 -9.48
CA VAL P 202 -60.98 5.69 -8.69
C VAL P 202 -60.08 4.52 -8.37
N ALA P 203 -58.78 4.69 -8.60
CA ALA P 203 -57.83 3.60 -8.51
C ALA P 203 -57.67 3.13 -7.07
N GLY P 204 -57.93 1.85 -6.83
CA GLY P 204 -57.69 1.26 -5.53
C GLY P 204 -58.70 1.61 -4.47
N LEU P 205 -59.91 1.99 -4.85
CA LEU P 205 -60.94 2.39 -3.90
C LEU P 205 -61.99 1.31 -3.78
N PRO P 206 -61.99 0.50 -2.72
CA PRO P 206 -63.03 -0.51 -2.55
C PRO P 206 -64.38 0.13 -2.33
N PRO P 207 -65.47 -0.60 -2.53
CA PRO P 207 -66.79 -0.03 -2.27
C PRO P 207 -67.12 0.11 -0.79
N GLY P 208 -66.28 -0.42 0.10
CA GLY P 208 -66.47 -0.25 1.52
C GLY P 208 -65.98 1.07 2.07
N ASN P 209 -65.37 1.91 1.23
CA ASN P 209 -64.88 3.21 1.64
C ASN P 209 -65.71 4.36 1.08
N VAL P 210 -66.64 4.10 0.18
CA VAL P 210 -67.44 5.17 -0.39
C VAL P 210 -68.58 5.50 0.57
N THR P 211 -68.81 6.79 0.78
CA THR P 211 -69.80 7.29 1.71
C THR P 211 -70.82 8.12 0.95
N LEU P 212 -72.08 7.70 1.00
CA LEU P 212 -73.16 8.39 0.30
C LEU P 212 -74.08 9.03 1.32
N VAL P 213 -74.41 10.30 1.09
CA VAL P 213 -75.20 11.08 2.03
C VAL P 213 -76.17 11.94 1.23
N ASP P 214 -77.41 12.05 1.70
CA ASP P 214 -78.42 12.82 0.99
C ASP P 214 -78.28 14.30 1.33
N GLN P 215 -79.29 15.08 0.93
CA GLN P 215 -79.44 16.46 1.35
C GLN P 215 -80.22 16.59 2.65
N SER P 216 -80.47 15.48 3.33
CA SER P 216 -81.19 15.47 4.60
C SER P 216 -80.45 14.58 5.58
N GLY P 217 -79.14 14.74 5.66
CA GLY P 217 -78.35 13.81 6.45
C GLY P 217 -78.45 12.43 5.85
N HIS P 218 -78.90 11.47 6.65
CA HIS P 218 -79.25 10.15 6.16
C HIS P 218 -78.09 9.47 5.45
N LEU P 219 -77.04 9.13 6.18
CA LEU P 219 -75.96 8.32 5.66
C LEU P 219 -76.52 7.04 5.06
N LEU P 220 -76.38 6.87 3.74
CA LEU P 220 -77.03 5.75 3.06
C LEU P 220 -76.16 4.50 3.06
N THR P 221 -74.83 4.71 3.02
CA THR P 221 -73.86 3.60 2.99
C THR P 221 -73.72 3.00 4.39
N PHE Q 113 -59.89 25.52 -3.35
CA PHE Q 113 -60.43 25.77 -4.71
C PHE Q 113 -59.81 27.04 -5.28
N GLU Q 114 -60.10 28.18 -4.64
CA GLU Q 114 -59.56 29.50 -5.08
C GLU Q 114 -58.03 29.49 -4.99
N LEU Q 115 -57.50 28.87 -3.93
CA LEU Q 115 -56.03 28.79 -3.68
C LEU Q 115 -55.35 28.03 -4.81
N LEU Q 116 -56.00 26.98 -5.34
CA LEU Q 116 -55.43 26.14 -6.43
C LEU Q 116 -55.18 27.03 -7.66
N ASP Q 117 -56.11 27.93 -7.97
CA ASP Q 117 -55.94 28.84 -9.13
C ASP Q 117 -54.70 29.71 -8.90
N GLN Q 118 -54.52 30.20 -7.68
CA GLN Q 118 -53.36 31.08 -7.36
C GLN Q 118 -52.05 30.31 -7.57
N GLU Q 119 -51.09 30.95 -8.24
CA GLU Q 119 -49.75 30.36 -8.50
C GLU Q 119 -48.70 31.46 -8.30
N LYS Q 120 -47.53 31.13 -7.77
CA LYS Q 120 -46.49 32.15 -7.52
C LYS Q 120 -45.10 31.59 -7.80
N PHE Q 121 -44.12 32.48 -8.00
CA PHE Q 121 -42.70 32.13 -8.26
C PHE Q 121 -42.11 31.41 -7.02
N GLY Q 122 -42.53 31.82 -5.83
CA GLY Q 122 -42.02 31.28 -4.56
C GLY Q 122 -42.22 29.77 -4.46
N ILE Q 123 -41.22 29.09 -3.88
CA ILE Q 123 -41.19 27.60 -3.75
C ILE Q 123 -41.76 27.16 -2.39
N SER Q 124 -42.41 28.08 -1.67
CA SER Q 124 -43.04 27.86 -0.32
C SER Q 124 -43.64 26.46 -0.21
N GLN Q 125 -42.78 25.47 0.09
CA GLN Q 125 -43.19 24.04 0.19
C GLN Q 125 -44.18 23.90 1.33
N PHE Q 126 -43.91 24.56 2.46
CA PHE Q 126 -44.82 24.45 3.59
C PHE Q 126 -46.11 25.20 3.31
N SER Q 127 -46.03 26.42 2.80
CA SER Q 127 -47.22 27.14 2.36
C SER Q 127 -47.90 26.48 1.18
N GLU Q 128 -47.36 25.38 0.69
CA GLU Q 128 -48.03 24.56 -0.31
C GLU Q 128 -49.06 23.66 0.35
N GLN Q 129 -48.64 22.90 1.36
CA GLN Q 129 -49.54 22.02 2.10
C GLN Q 129 -50.35 22.75 3.15
N VAL Q 130 -50.38 24.08 3.11
CA VAL Q 130 -51.16 24.87 4.05
C VAL Q 130 -52.19 25.68 3.26
N ASN Q 131 -51.76 26.26 2.14
CA ASN Q 131 -52.71 26.85 1.21
C ASN Q 131 -53.69 25.82 0.69
N TYR Q 132 -53.33 24.54 0.72
CA TYR Q 132 -54.22 23.47 0.31
C TYR Q 132 -55.19 23.11 1.42
N GLN Q 133 -54.67 22.91 2.64
CA GLN Q 133 -55.53 22.58 3.77
C GLN Q 133 -56.57 23.67 4.01
N ARG Q 134 -56.19 24.93 3.82
CA ARG Q 134 -57.14 26.02 3.96
C ARG Q 134 -58.23 25.96 2.90
N ALA Q 135 -57.97 25.31 1.77
CA ALA Q 135 -58.98 25.15 0.73
C ALA Q 135 -59.88 23.95 1.01
N LEU Q 136 -59.29 22.86 1.49
CA LEU Q 136 -60.09 21.71 1.93
C LEU Q 136 -61.10 22.14 2.99
N GLU Q 137 -60.65 22.83 4.03
CA GLU Q 137 -61.54 23.33 5.07
C GLU Q 137 -62.66 24.19 4.49
N GLY Q 138 -62.33 25.02 3.50
CA GLY Q 138 -63.36 25.86 2.90
C GLY Q 138 -64.27 25.12 1.95
N GLU Q 139 -63.80 24.01 1.39
CA GLU Q 139 -64.63 23.16 0.54
C GLU Q 139 -65.50 22.22 1.37
N LEU Q 140 -64.92 21.61 2.40
CA LEU Q 140 -65.68 20.75 3.29
C LEU Q 140 -66.81 21.51 3.97
N ALA Q 141 -66.58 22.75 4.33
CA ALA Q 141 -67.60 23.56 4.97
C ALA Q 141 -68.63 24.09 4.00
N ARG Q 142 -68.37 24.04 2.70
CA ARG Q 142 -69.36 24.45 1.72
C ARG Q 142 -70.39 23.38 1.46
N THR Q 143 -70.07 22.11 1.74
CA THR Q 143 -71.02 21.03 1.56
C THR Q 143 -71.90 20.87 2.77
N ILE Q 144 -71.30 20.90 3.97
CA ILE Q 144 -72.07 20.83 5.20
C ILE Q 144 -73.07 21.97 5.26
N GLU Q 145 -72.80 23.09 4.59
CA GLU Q 145 -73.81 24.13 4.48
C GLU Q 145 -74.99 23.68 3.63
N THR Q 146 -74.70 22.98 2.53
CA THR Q 146 -75.74 22.45 1.66
C THR Q 146 -76.22 21.09 2.17
N LEU Q 147 -76.79 21.11 3.38
CA LEU Q 147 -77.15 19.87 4.03
C LEU Q 147 -78.49 19.94 4.75
N GLY Q 148 -79.25 21.02 4.63
CA GLY Q 148 -80.56 21.06 5.21
C GLY Q 148 -80.61 21.86 6.49
N PRO Q 149 -80.61 21.18 7.63
CA PRO Q 149 -80.68 21.89 8.92
C PRO Q 149 -79.52 22.85 9.16
N VAL Q 150 -78.36 22.60 8.58
CA VAL Q 150 -77.19 23.45 8.78
C VAL Q 150 -77.35 24.73 7.98
N LYS Q 151 -77.11 25.87 8.63
CA LYS Q 151 -77.12 27.16 7.96
C LYS Q 151 -75.73 27.60 7.55
N SER Q 152 -74.72 27.29 8.35
CA SER Q 152 -73.34 27.63 8.01
C SER Q 152 -72.39 26.81 8.87
N ALA Q 153 -71.46 26.12 8.25
CA ALA Q 153 -70.49 25.31 8.98
C ALA Q 153 -69.15 26.00 8.99
N ARG Q 154 -68.24 25.47 9.81
CA ARG Q 154 -66.91 26.04 9.95
C ARG Q 154 -65.95 24.97 10.46
N VAL Q 155 -65.16 24.37 9.58
CA VAL Q 155 -64.36 23.21 9.93
C VAL Q 155 -62.88 23.57 9.91
N HIS Q 156 -62.14 23.08 10.90
CA HIS Q 156 -60.69 23.16 10.93
C HIS Q 156 -60.10 21.77 10.98
N LEU Q 157 -59.05 21.54 10.21
CA LEU Q 157 -58.37 20.26 10.22
C LEU Q 157 -57.07 20.36 11.00
N ALA Q 158 -56.58 19.21 11.44
CA ALA Q 158 -55.40 19.13 12.28
C ALA Q 158 -54.46 18.06 11.74
N MET Q 159 -54.11 18.12 10.45
CA MET Q 159 -53.15 17.13 9.84
C MET Q 159 -51.84 17.12 10.63
N PRO Q 160 -51.45 16.04 11.36
CA PRO Q 160 -50.30 16.07 12.26
C PRO Q 160 -49.34 14.90 12.53
N LYS Q 161 -48.15 15.25 13.04
CA LYS Q 161 -47.15 14.30 13.60
C LYS Q 161 -46.86 13.08 12.71
N PRO Q 162 -46.47 13.22 11.43
CA PRO Q 162 -46.16 11.99 10.68
C PRO Q 162 -44.95 11.34 11.39
N SER Q 163 -45.02 10.02 11.63
CA SER Q 163 -43.92 9.32 12.34
C SER Q 163 -43.94 7.83 11.97
N LEU Q 164 -43.20 7.00 12.72
CA LEU Q 164 -43.17 5.54 12.41
C LEU Q 164 -42.77 4.77 13.67
N PHE Q 165 -43.58 3.79 14.08
CA PHE Q 165 -43.35 2.94 15.27
C PHE Q 165 -43.23 3.78 16.55
N VAL Q 166 -44.03 4.84 16.66
CA VAL Q 166 -44.03 5.75 17.84
C VAL Q 166 -44.93 5.13 18.92
N ARG Q 167 -44.84 5.61 20.15
CA ARG Q 167 -45.74 5.07 21.20
C ARG Q 167 -47.17 5.37 20.77
N GLU Q 168 -47.43 6.62 20.33
CA GLU Q 168 -48.79 7.01 19.83
C GLU Q 168 -48.66 7.77 18.52
N GLN Q 169 -49.27 7.27 17.44
CA GLN Q 169 -49.21 7.96 16.12
C GLN Q 169 -50.16 9.16 16.16
N LYS Q 170 -51.09 9.17 17.11
CA LYS Q 170 -52.10 10.24 17.40
C LYS Q 170 -53.23 10.32 16.36
N SER Q 171 -52.87 10.57 15.08
CA SER Q 171 -53.72 10.74 13.86
C SER Q 171 -54.26 12.17 13.75
N PRO Q 172 -54.84 12.58 12.60
CA PRO Q 172 -55.32 13.95 12.41
C PRO Q 172 -56.75 14.17 12.92
N SER Q 173 -57.08 15.37 13.39
CA SER Q 173 -58.52 15.52 13.79
C SER Q 173 -59.16 16.71 13.05
N ALA Q 174 -60.47 16.92 13.28
CA ALA Q 174 -61.24 17.99 12.68
C ALA Q 174 -62.22 18.50 13.71
N SER Q 175 -62.77 19.69 13.46
CA SER Q 175 -63.71 20.26 14.42
C SER Q 175 -64.74 21.08 13.64
N VAL Q 176 -65.85 20.45 13.30
CA VAL Q 176 -66.93 21.16 12.64
C VAL Q 176 -67.68 21.99 13.67
N THR Q 177 -68.23 23.10 13.22
CA THR Q 177 -68.89 24.04 14.11
C THR Q 177 -70.21 24.51 13.47
N VAL Q 178 -71.03 23.52 13.07
CA VAL Q 178 -72.27 23.83 12.37
C VAL Q 178 -73.12 24.83 13.16
N THR Q 179 -73.90 25.60 12.42
CA THR Q 179 -74.80 26.61 12.98
C THR Q 179 -76.18 26.31 12.40
N LEU Q 180 -76.95 25.51 13.12
CA LEU Q 180 -78.20 24.99 12.59
C LEU Q 180 -79.17 26.11 12.25
N GLU Q 181 -80.12 25.81 11.37
CA GLU Q 181 -81.11 26.79 10.98
C GLU Q 181 -81.99 27.14 12.18
N PRO Q 182 -82.62 28.32 12.17
CA PRO Q 182 -83.46 28.71 13.31
C PRO Q 182 -84.55 27.69 13.62
N GLY Q 183 -84.48 27.10 14.82
CA GLY Q 183 -85.45 26.12 15.23
C GLY Q 183 -85.21 24.76 14.62
N ARG Q 184 -84.06 24.16 14.91
CA ARG Q 184 -83.70 22.86 14.36
C ARG Q 184 -82.64 22.23 15.26
N ALA Q 185 -82.51 20.92 15.13
CA ALA Q 185 -81.54 20.18 15.94
C ALA Q 185 -81.22 18.88 15.24
N LEU Q 186 -79.94 18.56 15.14
CA LEU Q 186 -79.52 17.36 14.43
C LEU Q 186 -79.84 16.12 15.25
N ASP Q 187 -80.45 15.13 14.60
CA ASP Q 187 -80.87 13.92 15.28
C ASP Q 187 -79.64 13.06 15.61
N GLU Q 188 -79.88 11.87 16.15
CA GLU Q 188 -78.76 11.02 16.56
C GLU Q 188 -78.06 10.40 15.35
N GLY Q 189 -78.78 10.25 14.23
CA GLY Q 189 -78.21 9.68 13.03
C GLY Q 189 -77.82 10.77 12.04
N GLN Q 190 -78.25 11.98 12.32
CA GLN Q 190 -77.84 13.15 11.56
C GLN Q 190 -76.49 13.69 12.00
N ILE Q 191 -75.95 13.17 13.10
CA ILE Q 191 -74.60 13.52 13.53
C ILE Q 191 -73.57 12.73 12.74
N SER Q 192 -73.79 11.42 12.62
CA SER Q 192 -72.90 10.59 11.81
C SER Q 192 -72.90 11.01 10.36
N ALA Q 193 -73.98 11.62 9.87
CA ALA Q 193 -73.95 12.20 8.55
C ALA Q 193 -72.84 13.23 8.42
N VAL Q 194 -72.78 14.17 9.36
CA VAL Q 194 -71.75 15.21 9.31
C VAL Q 194 -70.40 14.71 9.78
N VAL Q 195 -70.36 13.65 10.58
CA VAL Q 195 -69.08 13.09 10.99
C VAL Q 195 -68.41 12.37 9.83
N HIS Q 196 -69.12 11.44 9.20
CA HIS Q 196 -68.56 10.70 8.08
C HIS Q 196 -68.38 11.58 6.85
N LEU Q 197 -69.15 12.66 6.74
CA LEU Q 197 -68.95 13.61 5.66
C LEU Q 197 -67.58 14.27 5.72
N VAL Q 198 -66.92 14.23 6.88
CA VAL Q 198 -65.63 14.88 7.07
C VAL Q 198 -64.57 13.81 7.33
N SER Q 199 -64.95 12.78 8.07
CA SER Q 199 -64.02 11.69 8.33
C SER Q 199 -63.53 11.04 7.05
N SER Q 200 -64.36 11.02 6.02
CA SER Q 200 -64.02 10.36 4.77
C SER Q 200 -63.37 11.29 3.77
N ALA Q 201 -63.67 12.58 3.82
CA ALA Q 201 -63.08 13.54 2.91
C ALA Q 201 -61.68 13.96 3.31
N VAL Q 202 -61.11 13.37 4.36
CA VAL Q 202 -59.78 13.73 4.84
C VAL Q 202 -58.99 12.45 5.05
N ALA Q 203 -57.77 12.43 4.53
CA ALA Q 203 -56.97 11.21 4.49
C ALA Q 203 -56.55 10.79 5.90
N GLY Q 204 -56.91 9.57 6.29
CA GLY Q 204 -56.46 9.03 7.55
C GLY Q 204 -57.14 9.55 8.77
N LEU Q 205 -58.36 10.10 8.64
CA LEU Q 205 -59.09 10.68 9.76
C LEU Q 205 -60.22 9.77 10.18
N PRO Q 206 -60.08 9.03 11.28
CA PRO Q 206 -61.17 8.18 11.74
C PRO Q 206 -62.34 9.02 12.21
N PRO Q 207 -63.54 8.44 12.30
CA PRO Q 207 -64.68 9.21 12.80
C PRO Q 207 -64.65 9.47 14.29
N GLY Q 208 -63.71 8.86 15.02
CA GLY Q 208 -63.54 9.13 16.43
C GLY Q 208 -62.77 10.38 16.76
N ASN Q 209 -62.27 11.08 15.74
CA ASN Q 209 -61.53 12.32 15.94
C ASN Q 209 -62.31 13.56 15.49
N VAL Q 210 -63.44 13.38 14.83
CA VAL Q 210 -64.21 14.53 14.35
C VAL Q 210 -65.05 15.07 15.51
N THR Q 211 -65.06 16.38 15.67
CA THR Q 211 -65.75 17.06 16.75
C THR Q 211 -66.79 17.99 16.17
N LEU Q 212 -68.05 17.76 16.52
CA LEU Q 212 -69.16 18.56 16.01
C LEU Q 212 -69.73 19.39 17.16
N VAL Q 213 -69.94 20.67 16.92
CA VAL Q 213 -70.39 21.61 17.94
C VAL Q 213 -71.39 22.55 17.30
N ASP Q 214 -72.47 22.87 18.02
CA ASP Q 214 -73.51 23.74 17.49
C ASP Q 214 -73.12 25.19 17.67
N GLN Q 215 -74.07 26.09 17.45
CA GLN Q 215 -73.94 27.49 17.78
C GLN Q 215 -74.39 27.79 19.20
N SER Q 216 -74.63 26.76 20.01
CA SER Q 216 -75.04 26.93 21.39
C SER Q 216 -74.21 25.97 22.26
N GLY Q 217 -72.90 25.95 22.04
CA GLY Q 217 -72.08 24.96 22.71
C GLY Q 217 -72.49 23.58 22.25
N HIS Q 218 -72.88 22.74 23.21
CA HIS Q 218 -73.49 21.46 22.90
C HIS Q 218 -72.62 20.58 22.01
N LEU Q 219 -71.48 20.14 22.53
CA LEU Q 219 -70.66 19.16 21.84
C LEU Q 219 -71.50 17.94 21.48
N LEU Q 220 -71.69 17.69 20.18
CA LEU Q 220 -72.61 16.65 19.76
C LEU Q 220 -71.93 15.28 19.66
N THR Q 221 -70.64 15.30 19.31
CA THR Q 221 -69.85 14.05 19.16
C THR Q 221 -69.46 13.51 20.55
N PHE R 113 -55.87 32.40 5.91
CA PHE R 113 -56.50 33.63 5.36
C PHE R 113 -55.45 34.76 5.34
N GLU R 114 -55.04 35.20 6.54
CA GLU R 114 -54.03 36.27 6.68
C GLU R 114 -52.69 35.81 6.08
N LEU R 115 -52.36 34.54 6.28
CA LEU R 115 -51.07 33.97 5.78
C LEU R 115 -51.01 34.12 4.27
N LEU R 116 -52.11 33.84 3.58
CA LEU R 116 -52.14 33.99 2.09
C LEU R 116 -51.90 35.47 1.78
N ASP R 117 -52.56 36.36 2.53
CA ASP R 117 -52.41 37.83 2.38
C ASP R 117 -50.98 38.24 2.70
N GLN R 118 -50.37 37.58 3.69
CA GLN R 118 -49.00 37.91 4.16
C GLN R 118 -47.95 37.29 3.23
N GLU R 119 -47.67 37.96 2.10
CA GLU R 119 -46.63 37.53 1.13
C GLU R 119 -45.62 38.68 1.00
N LYS R 120 -44.32 38.41 1.19
CA LYS R 120 -43.30 39.49 1.11
C LYS R 120 -41.91 38.93 0.75
N PHE R 121 -40.99 39.82 0.36
CA PHE R 121 -39.60 39.46 -0.01
C PHE R 121 -39.01 38.49 1.01
N GLY R 122 -39.19 38.82 2.31
CA GLY R 122 -38.71 38.09 3.51
C GLY R 122 -38.48 36.61 3.29
N ILE R 123 -37.21 36.21 3.16
CA ILE R 123 -36.82 34.79 2.90
C ILE R 123 -36.68 34.03 4.22
N SER R 124 -36.87 34.70 5.36
CA SER R 124 -36.73 34.00 6.66
C SER R 124 -37.77 32.86 6.69
N GLN R 125 -37.32 31.65 7.05
CA GLN R 125 -38.22 30.47 7.12
C GLN R 125 -38.92 30.47 8.49
N PHE R 126 -38.28 31.02 9.53
CA PHE R 126 -38.87 31.04 10.86
C PHE R 126 -40.11 31.93 10.87
N SER R 127 -40.02 33.13 10.28
CA SER R 127 -41.19 33.98 10.12
C SER R 127 -42.22 33.39 9.19
N GLU R 128 -41.94 32.21 8.63
CA GLU R 128 -42.95 31.48 7.86
C GLU R 128 -43.87 30.71 8.81
N GLN R 129 -43.29 29.93 9.72
CA GLN R 129 -44.07 29.18 10.71
C GLN R 129 -44.50 30.04 11.88
N VAL R 130 -44.39 31.35 11.78
CA VAL R 130 -44.81 32.26 12.85
C VAL R 130 -45.90 33.17 12.30
N ASN R 131 -45.71 33.67 11.08
CA ASN R 131 -46.79 34.36 10.39
C ASN R 131 -47.99 33.45 10.18
N TYR R 132 -47.77 32.13 10.18
CA TYR R 132 -48.86 31.17 10.06
C TYR R 132 -49.55 30.96 11.40
N GLN R 133 -48.77 30.72 12.46
CA GLN R 133 -49.35 30.53 13.78
C GLN R 133 -50.14 31.74 14.21
N ARG R 134 -49.68 32.95 13.87
CA ARG R 134 -50.44 34.14 14.19
C ARG R 134 -51.76 34.20 13.43
N ALA R 135 -51.88 33.49 12.31
CA ALA R 135 -53.13 33.45 11.57
C ALA R 135 -54.05 32.37 12.13
N LEU R 136 -53.50 31.22 12.50
CA LEU R 136 -54.29 30.21 13.18
C LEU R 136 -54.95 30.78 14.43
N GLU R 137 -54.16 31.42 15.29
CA GLU R 137 -54.70 32.05 16.49
C GLU R 137 -55.82 33.04 16.16
N GLY R 138 -55.66 33.79 15.08
CA GLY R 138 -56.70 34.74 14.72
C GLY R 138 -57.90 34.11 14.06
N GLU R 139 -57.73 32.93 13.46
CA GLU R 139 -58.83 32.18 12.89
C GLU R 139 -59.56 31.37 13.95
N LEU R 140 -58.82 30.72 14.84
CA LEU R 140 -59.42 29.97 15.93
C LEU R 140 -60.26 30.87 16.82
N ALA R 141 -59.79 32.09 17.06
CA ALA R 141 -60.51 33.03 17.89
C ALA R 141 -61.69 33.68 17.18
N ARG R 142 -61.78 33.57 15.85
CA ARG R 142 -62.94 34.07 15.13
C ARG R 142 -64.11 33.13 15.19
N THR R 143 -63.87 31.85 15.46
CA THR R 143 -64.96 30.88 15.56
C THR R 143 -65.52 30.86 16.97
N ILE R 144 -64.64 30.85 17.97
CA ILE R 144 -65.06 30.90 19.36
C ILE R 144 -65.89 32.15 19.61
N GLU R 145 -65.67 33.21 18.83
CA GLU R 145 -66.54 34.38 18.92
C GLU R 145 -67.94 34.05 18.41
N THR R 146 -68.03 33.31 17.32
CA THR R 146 -69.30 32.89 16.76
C THR R 146 -69.80 31.61 17.45
N LEU R 147 -70.03 31.73 18.75
CA LEU R 147 -70.35 30.56 19.53
C LEU R 147 -71.44 30.80 20.56
N GLY R 148 -72.09 31.96 20.57
CA GLY R 148 -73.20 32.19 21.47
C GLY R 148 -72.83 33.02 22.67
N PRO R 149 -72.61 32.37 23.82
CA PRO R 149 -72.27 33.10 25.04
C PRO R 149 -70.99 33.91 24.94
N VAL R 150 -70.05 33.51 24.09
CA VAL R 150 -68.78 34.21 23.96
C VAL R 150 -68.99 35.48 23.16
N LYS R 151 -68.47 36.60 23.67
CA LYS R 151 -68.49 37.87 22.96
C LYS R 151 -67.20 38.12 22.18
N SER R 152 -66.07 37.70 22.72
CA SER R 152 -64.79 37.86 22.04
C SER R 152 -63.76 36.94 22.68
N ALA R 153 -63.10 36.11 21.88
CA ALA R 153 -62.08 35.21 22.38
C ALA R 153 -60.71 35.74 22.03
N ARG R 154 -59.69 35.11 22.62
CA ARG R 154 -58.31 35.52 22.40
C ARG R 154 -57.38 34.35 22.72
N VAL R 155 -56.91 33.64 21.71
CA VAL R 155 -56.19 32.39 21.90
C VAL R 155 -54.74 32.56 21.50
N HIS R 156 -53.82 32.01 22.29
CA HIS R 156 -52.42 31.90 21.95
C HIS R 156 -52.00 30.45 21.94
N LEU R 157 -51.22 30.07 20.95
CA LEU R 157 -50.71 28.71 20.85
C LEU R 157 -49.25 28.67 21.27
N ALA R 158 -48.80 27.47 21.64
CA ALA R 158 -47.47 27.26 22.16
C ALA R 158 -46.82 26.07 21.46
N MET R 159 -46.96 26.06 20.13
CA MET R 159 -46.46 24.93 19.30
C MET R 159 -44.92 24.94 19.20
N PRO R 160 -44.23 23.90 19.74
CA PRO R 160 -42.78 23.78 19.62
C PRO R 160 -42.61 22.91 18.38
N LYS R 161 -41.80 23.35 17.40
CA LYS R 161 -41.69 22.56 16.15
C LYS R 161 -40.43 21.71 16.02
N PRO R 162 -39.22 22.16 16.43
CA PRO R 162 -38.04 21.34 16.13
C PRO R 162 -38.04 19.91 16.70
N SER R 163 -37.81 18.90 15.84
CA SER R 163 -37.83 17.48 16.27
C SER R 163 -37.18 16.57 15.23
N LEU R 164 -35.85 16.46 15.21
CA LEU R 164 -35.18 15.56 14.21
C LEU R 164 -34.26 14.56 14.92
N PHE R 165 -34.47 13.26 14.67
CA PHE R 165 -33.63 12.18 15.23
C PHE R 165 -33.54 12.28 16.76
N VAL R 166 -34.67 12.54 17.43
CA VAL R 166 -34.69 12.67 18.92
C VAL R 166 -35.99 12.08 19.45
N ARG R 167 -36.06 11.79 20.75
CA ARG R 167 -37.28 11.19 21.37
C ARG R 167 -38.05 12.26 22.17
N GLU R 168 -37.58 13.51 22.14
CA GLU R 168 -38.23 14.62 22.90
C GLU R 168 -39.72 14.67 22.56
N GLN R 169 -40.58 14.77 23.59
CA GLN R 169 -42.06 14.80 23.41
C GLN R 169 -42.48 16.06 22.64
N LYS R 170 -41.98 17.23 23.05
CA LYS R 170 -42.31 18.52 22.36
C LYS R 170 -43.82 18.74 22.24
N SER R 171 -44.60 18.43 23.29
CA SER R 171 -46.07 18.64 23.24
C SER R 171 -46.38 20.14 23.41
N PRO R 172 -47.47 20.81 22.62
CA PRO R 172 -48.01 22.16 22.48
C PRO R 172 -49.07 22.45 23.52
N SER R 173 -49.52 23.70 23.53
CA SER R 173 -50.51 24.16 24.49
C SER R 173 -51.23 25.35 23.87
N ALA R 174 -52.34 25.72 24.50
CA ALA R 174 -53.10 26.88 24.05
C ALA R 174 -53.74 27.53 25.27
N SER R 175 -54.18 28.77 25.10
CA SER R 175 -54.78 29.48 26.23
C SER R 175 -55.86 30.40 25.69
N VAL R 176 -57.10 29.90 25.67
CA VAL R 176 -58.21 30.73 25.27
C VAL R 176 -58.57 31.68 26.40
N THR R 177 -59.09 32.84 26.04
CA THR R 177 -59.39 33.88 27.02
C THR R 177 -60.77 34.48 26.71
N VAL R 178 -61.77 33.61 26.57
CA VAL R 178 -63.10 34.04 26.19
C VAL R 178 -63.60 35.16 27.11
N THR R 179 -64.45 36.01 26.55
CA THR R 179 -65.06 37.14 27.27
C THR R 179 -66.56 37.00 27.06
N LEU R 180 -67.22 36.31 27.99
CA LEU R 180 -68.61 35.93 27.81
C LEU R 180 -69.49 37.17 27.67
N GLU R 181 -70.66 36.98 27.07
CA GLU R 181 -71.60 38.06 26.89
C GLU R 181 -72.11 38.54 28.24
N PRO R 182 -72.57 39.79 28.33
CA PRO R 182 -73.05 40.30 29.62
C PRO R 182 -74.13 39.43 30.25
N GLY R 183 -73.83 38.86 31.42
CA GLY R 183 -74.77 38.03 32.11
C GLY R 183 -74.85 36.63 31.52
N ARG R 184 -73.74 35.90 31.56
CA ARG R 184 -73.69 34.56 31.00
C ARG R 184 -72.53 33.82 31.65
N ALA R 185 -72.57 32.49 31.55
CA ALA R 185 -71.53 31.67 32.13
C ALA R 185 -71.55 30.31 31.45
N LEU R 186 -70.38 29.84 31.05
CA LEU R 186 -70.30 28.58 30.32
C LEU R 186 -70.55 27.41 31.27
N ASP R 187 -71.41 26.49 30.84
CA ASP R 187 -71.78 25.35 31.65
C ASP R 187 -70.62 24.36 31.71
N GLU R 188 -70.84 23.21 32.36
CA GLU R 188 -69.76 22.24 32.51
C GLU R 188 -69.47 21.51 31.21
N GLY R 189 -70.45 21.43 30.32
CA GLY R 189 -70.27 20.77 29.04
C GLY R 189 -70.03 21.77 27.93
N GLN R 190 -70.23 23.05 28.25
CA GLN R 190 -69.89 24.13 27.34
C GLN R 190 -68.42 24.51 27.41
N ILE R 191 -67.69 23.94 28.37
CA ILE R 191 -66.24 24.14 28.43
C ILE R 191 -65.55 23.21 27.46
N SER R 192 -65.94 21.93 27.46
CA SER R 192 -65.39 20.98 26.50
C SER R 192 -65.70 21.37 25.06
N ALA R 193 -66.79 22.10 24.84
CA ALA R 193 -67.04 22.63 23.51
C ALA R 193 -65.88 23.51 23.06
N VAL R 194 -65.46 24.46 23.91
CA VAL R 194 -64.38 25.36 23.55
C VAL R 194 -63.02 24.71 23.71
N VAL R 195 -62.90 23.67 24.51
CA VAL R 195 -61.62 22.97 24.62
C VAL R 195 -61.36 22.14 23.36
N HIS R 196 -62.32 21.29 22.98
CA HIS R 196 -62.14 20.47 21.80
C HIS R 196 -62.19 21.30 20.52
N LEU R 197 -62.83 22.45 20.54
CA LEU R 197 -62.80 23.36 19.41
C LEU R 197 -61.38 23.84 19.09
N VAL R 198 -60.47 23.74 20.05
CA VAL R 198 -59.11 24.22 19.87
C VAL R 198 -58.15 23.03 19.92
N SER R 199 -58.43 22.08 20.79
CA SER R 199 -57.60 20.88 20.87
C SER R 199 -57.53 20.15 19.54
N SER R 200 -58.60 20.21 18.75
CA SER R 200 -58.67 19.49 17.49
C SER R 200 -58.18 20.31 16.31
N ALA R 201 -58.31 21.63 16.37
CA ALA R 201 -57.86 22.49 15.29
C ALA R 201 -56.36 22.74 15.31
N VAL R 202 -55.62 22.11 16.21
CA VAL R 202 -54.18 22.30 16.33
C VAL R 202 -53.51 20.93 16.40
N ALA R 203 -52.47 20.76 15.59
CA ALA R 203 -51.85 19.44 15.42
C ALA R 203 -51.14 19.01 16.70
N GLY R 204 -51.54 17.86 17.23
CA GLY R 204 -50.85 17.27 18.37
C GLY R 204 -51.14 17.92 19.70
N LEU R 205 -52.28 18.60 19.83
CA LEU R 205 -52.62 19.30 21.07
C LEU R 205 -53.71 18.54 21.82
N PRO R 206 -53.38 17.81 22.88
CA PRO R 206 -54.41 17.12 23.64
C PRO R 206 -55.32 18.11 24.34
N PRO R 207 -56.51 17.68 24.76
CA PRO R 207 -57.40 18.60 25.49
C PRO R 207 -56.96 18.89 26.91
N GLY R 208 -55.94 18.18 27.41
CA GLY R 208 -55.40 18.45 28.72
C GLY R 208 -54.43 19.60 28.78
N ASN R 209 -54.12 20.22 27.63
CA ASN R 209 -53.23 21.37 27.57
C ASN R 209 -53.94 22.67 27.27
N VAL R 210 -55.22 22.63 26.92
CA VAL R 210 -55.94 23.86 26.59
C VAL R 210 -56.39 24.51 27.89
N THR R 211 -56.21 25.83 27.97
CA THR R 211 -56.51 26.61 29.16
C THR R 211 -57.56 27.65 28.81
N LEU R 212 -58.71 27.59 29.47
CA LEU R 212 -59.80 28.50 29.22
C LEU R 212 -59.97 29.42 30.42
N VAL R 213 -60.08 30.71 30.18
CA VAL R 213 -60.15 31.72 31.23
C VAL R 213 -61.16 32.78 30.81
N ASP R 214 -61.98 33.23 31.75
CA ASP R 214 -63.01 34.21 31.45
C ASP R 214 -62.42 35.61 31.45
N GLN R 215 -63.29 36.61 31.43
CA GLN R 215 -62.92 38.00 31.64
C GLN R 215 -62.96 38.39 33.12
N SER R 216 -63.10 37.41 34.01
CA SER R 216 -63.12 37.65 35.44
C SER R 216 -62.22 36.62 36.13
N GLY R 217 -61.02 36.44 35.59
CA GLY R 217 -60.18 35.37 36.09
C GLY R 217 -60.85 34.03 35.81
N HIS R 218 -61.07 33.27 36.87
CA HIS R 218 -61.89 32.07 36.79
C HIS R 218 -61.38 31.07 35.78
N LEU R 219 -60.21 30.50 36.02
CA LEU R 219 -59.70 29.41 35.20
C LEU R 219 -60.74 28.31 35.12
N LEU R 220 -61.28 28.05 33.93
CA LEU R 220 -62.40 27.12 33.79
C LEU R 220 -61.93 25.68 33.60
N THR R 221 -60.77 25.53 32.94
CA THR R 221 -60.19 24.18 32.67
C THR R 221 -59.54 23.63 33.94
N PHE S 113 -46.46 41.45 16.95
CA PHE S 113 -47.41 41.94 15.92
C PHE S 113 -46.68 42.90 14.98
N GLU S 114 -46.05 43.92 15.55
CA GLU S 114 -45.31 44.95 14.76
C GLU S 114 -44.15 44.29 14.00
N LEU S 115 -43.46 43.35 14.64
CA LEU S 115 -42.27 42.70 14.03
C LEU S 115 -42.67 41.98 12.73
N LEU S 116 -43.80 41.27 12.73
CA LEU S 116 -44.23 40.55 11.50
C LEU S 116 -44.44 41.56 10.38
N ASP S 117 -45.11 42.67 10.71
CA ASP S 117 -45.36 43.77 9.74
C ASP S 117 -44.02 44.38 9.32
N GLN S 118 -43.09 44.51 10.28
CA GLN S 118 -41.78 45.17 10.03
C GLN S 118 -41.00 44.39 8.96
N GLU S 119 -40.45 45.12 7.98
CA GLU S 119 -39.62 44.55 6.89
C GLU S 119 -38.36 45.41 6.73
N LYS S 120 -37.17 44.78 6.70
CA LYS S 120 -35.91 45.54 6.53
C LYS S 120 -34.95 44.74 5.65
N PHE S 121 -34.02 45.42 4.98
CA PHE S 121 -33.01 44.72 4.12
C PHE S 121 -32.16 43.81 5.01
N GLY S 122 -31.77 44.33 6.17
CA GLY S 122 -30.97 43.56 7.15
C GLY S 122 -31.78 42.38 7.67
N ILE S 123 -31.13 41.22 7.82
CA ILE S 123 -31.82 39.99 8.31
C ILE S 123 -31.00 39.40 9.46
N SER S 124 -30.61 40.25 10.42
CA SER S 124 -29.82 39.83 11.63
C SER S 124 -30.45 38.57 12.25
N GLN S 125 -29.66 37.51 12.37
CA GLN S 125 -30.13 36.21 12.93
C GLN S 125 -30.66 36.42 14.35
N PHE S 126 -29.92 37.14 15.19
CA PHE S 126 -30.32 37.34 16.61
C PHE S 126 -31.58 38.22 16.69
N SER S 127 -31.44 39.50 16.32
CA SER S 127 -32.54 40.46 16.34
C SER S 127 -33.80 39.92 15.70
N GLU S 128 -33.77 38.69 15.22
CA GLU S 128 -34.97 38.00 14.76
C GLU S 128 -35.72 37.41 15.94
N GLN S 129 -35.03 36.64 16.77
CA GLN S 129 -35.63 36.04 17.95
C GLN S 129 -35.71 37.01 19.12
N VAL S 130 -35.51 38.31 18.89
CA VAL S 130 -35.60 39.32 19.92
C VAL S 130 -36.70 40.30 19.55
N ASN S 131 -36.74 40.69 18.27
CA ASN S 131 -37.89 41.44 17.77
C ASN S 131 -39.18 40.65 17.91
N TYR S 132 -39.07 39.32 17.99
CA TYR S 132 -40.25 38.49 18.19
C TYR S 132 -40.64 38.42 19.66
N GLN S 133 -39.66 38.19 20.53
CA GLN S 133 -39.94 38.15 21.97
C GLN S 133 -40.52 39.47 22.45
N ARG S 134 -40.04 40.59 21.91
CA ARG S 134 -40.60 41.88 22.27
C ARG S 134 -42.05 42.03 21.82
N ALA S 135 -42.47 41.26 20.82
CA ALA S 135 -43.85 41.28 20.38
C ALA S 135 -44.73 40.37 21.21
N LEU S 136 -44.21 39.18 21.56
CA LEU S 136 -44.90 38.30 22.49
C LEU S 136 -45.21 39.03 23.79
N GLU S 137 -44.20 39.64 24.39
CA GLU S 137 -44.40 40.41 25.62
C GLU S 137 -45.47 41.48 25.45
N GLY S 138 -45.50 42.15 24.30
CA GLY S 138 -46.50 43.17 24.08
C GLY S 138 -47.87 42.62 23.76
N GLU S 139 -47.94 41.39 23.25
CA GLU S 139 -49.21 40.72 23.00
C GLU S 139 -49.76 40.08 24.27
N LEU S 140 -48.88 39.41 25.03
CA LEU S 140 -49.30 38.80 26.29
C LEU S 140 -49.82 39.85 27.25
N ALA S 141 -49.21 41.03 27.27
CA ALA S 141 -49.65 42.10 28.15
C ALA S 141 -50.90 42.81 27.65
N ARG S 142 -51.28 42.62 26.40
CA ARG S 142 -52.51 43.19 25.89
C ARG S 142 -53.73 42.38 26.29
N THR S 143 -53.56 41.11 26.62
CA THR S 143 -54.66 40.27 27.04
C THR S 143 -54.91 40.40 28.53
N ILE S 144 -53.82 40.36 29.31
CA ILE S 144 -53.92 40.56 30.75
C ILE S 144 -54.56 41.91 31.06
N GLU S 145 -54.42 42.89 30.17
CA GLU S 145 -55.15 44.13 30.34
C GLU S 145 -56.64 43.92 30.18
N THR S 146 -57.04 43.11 29.19
CA THR S 146 -58.45 42.80 28.97
C THR S 146 -58.87 41.64 29.85
N LEU S 147 -58.80 41.87 31.16
CA LEU S 147 -59.05 40.79 32.10
C LEU S 147 -59.85 41.22 33.32
N GLY S 148 -60.37 42.44 33.36
CA GLY S 148 -61.23 42.83 34.45
C GLY S 148 -60.52 43.71 35.46
N PRO S 149 -60.12 43.12 36.59
CA PRO S 149 -59.45 43.90 37.64
C PRO S 149 -58.16 44.56 37.19
N VAL S 150 -57.48 43.99 36.19
CA VAL S 150 -56.21 44.55 35.73
C VAL S 150 -56.48 45.78 34.88
N LYS S 151 -55.76 46.87 35.16
CA LYS S 151 -55.82 48.08 34.36
C LYS S 151 -54.74 48.14 33.31
N SER S 152 -53.54 47.65 33.63
CA SER S 152 -52.45 47.61 32.67
C SER S 152 -51.38 46.64 33.15
N ALA S 153 -50.99 45.71 32.31
CA ALA S 153 -49.97 44.73 32.67
C ALA S 153 -48.66 45.08 31.97
N ARG S 154 -47.60 44.40 32.39
CA ARG S 154 -46.27 44.63 31.83
C ARG S 154 -45.40 43.41 32.04
N VAL S 155 -45.24 42.57 31.03
CA VAL S 155 -44.61 41.28 31.17
C VAL S 155 -43.27 41.27 30.44
N HIS S 156 -42.26 40.67 31.08
CA HIS S 156 -40.98 40.40 30.45
C HIS S 156 -40.71 38.91 30.47
N LEU S 157 -40.20 38.39 29.38
CA LEU S 157 -39.85 36.98 29.29
C LEU S 157 -38.34 36.81 29.39
N ALA S 158 -37.93 35.60 29.76
CA ALA S 158 -36.53 35.29 30.01
C ALA S 158 -36.17 33.99 29.29
N MET S 159 -36.36 33.91 27.97
CA MET S 159 -35.98 32.64 27.26
C MET S 159 -34.45 32.57 27.05
N PRO S 160 -33.70 31.56 27.58
CA PRO S 160 -32.25 31.43 27.44
C PRO S 160 -31.83 29.96 27.24
N LYS S 161 -31.48 29.53 26.02
CA LYS S 161 -31.16 28.08 25.94
C LYS S 161 -29.69 27.84 25.59
N PRO S 162 -28.83 28.86 25.50
CA PRO S 162 -27.44 28.60 25.13
C PRO S 162 -26.71 27.72 26.17
N SER S 163 -25.90 26.77 25.69
CA SER S 163 -25.10 25.88 26.58
C SER S 163 -23.88 25.37 25.81
N LEU S 164 -22.81 24.95 26.49
CA LEU S 164 -21.62 24.44 25.78
C LEU S 164 -21.23 23.06 26.32
N PHE S 165 -21.18 22.05 25.44
CA PHE S 165 -20.78 20.67 25.82
C PHE S 165 -21.59 20.18 27.03
N VAL S 166 -22.91 20.40 27.01
CA VAL S 166 -23.79 19.99 28.14
C VAL S 166 -25.22 19.83 27.60
N ARG S 167 -26.07 19.12 28.34
CA ARG S 167 -27.46 18.88 27.91
C ARG S 167 -28.41 19.76 28.72
N GLU S 168 -27.88 20.82 29.36
CA GLU S 168 -28.71 21.68 30.24
C GLU S 168 -29.91 22.25 29.48
N GLN S 169 -31.11 22.09 30.06
CA GLN S 169 -32.40 22.58 29.51
C GLN S 169 -32.44 24.11 29.53
N LYS S 170 -31.93 24.73 30.60
CA LYS S 170 -31.93 26.21 30.77
C LYS S 170 -33.35 26.79 30.65
N SER S 171 -34.31 26.22 31.39
CA SER S 171 -35.74 26.65 31.41
C SER S 171 -35.85 28.16 31.65
N PRO S 172 -36.99 28.92 31.03
CA PRO S 172 -37.43 30.30 30.88
C PRO S 172 -38.21 30.78 32.12
N SER S 173 -38.53 32.06 32.11
CA SER S 173 -39.24 32.70 33.21
C SER S 173 -39.97 33.91 32.66
N ALA S 174 -40.87 34.44 33.47
CA ALA S 174 -41.61 35.63 33.10
C ALA S 174 -41.90 36.42 34.36
N SER S 175 -42.26 37.69 34.18
CA SER S 175 -42.52 38.53 35.34
C SER S 175 -43.62 39.53 34.97
N VAL S 176 -44.86 39.16 35.26
CA VAL S 176 -45.95 40.07 35.03
C VAL S 176 -45.97 41.13 36.13
N THR S 177 -46.46 42.31 35.79
CA THR S 177 -46.44 43.44 36.72
C THR S 177 -47.79 44.17 36.65
N VAL S 178 -48.87 43.39 36.81
CA VAL S 178 -50.22 43.94 36.69
C VAL S 178 -50.39 45.16 37.59
N THR S 179 -51.27 46.07 37.15
CA THR S 179 -51.59 47.29 37.87
C THR S 179 -53.11 47.29 38.02
N LEU S 180 -53.61 46.75 39.12
CA LEU S 180 -55.03 46.51 39.27
C LEU S 180 -55.81 47.83 39.23
N GLU S 181 -57.10 47.70 38.91
CA GLU S 181 -57.96 48.87 38.83
C GLU S 181 -58.09 49.49 40.23
N PRO S 182 -58.42 50.78 40.29
CA PRO S 182 -58.55 51.44 41.62
C PRO S 182 -59.53 50.73 42.53
N GLY S 183 -59.03 50.22 43.64
CA GLY S 183 -59.87 49.53 44.60
C GLY S 183 -60.19 48.11 44.18
N ARG S 184 -59.17 47.28 44.04
CA ARG S 184 -59.37 45.90 43.61
C ARG S 184 -58.16 45.09 44.05
N ALA S 185 -58.34 43.77 44.09
CA ALA S 185 -57.27 42.88 44.50
C ALA S 185 -57.57 41.50 43.96
N LEU S 186 -56.56 40.87 43.36
CA LEU S 186 -56.75 39.56 42.74
C LEU S 186 -56.88 38.50 43.83
N ASP S 187 -57.89 37.65 43.67
CA ASP S 187 -58.18 36.61 44.66
C ASP S 187 -57.12 35.50 44.56
N GLU S 188 -57.29 34.44 45.34
CA GLU S 188 -56.29 33.37 45.34
C GLU S 188 -56.37 32.53 44.07
N GLY S 189 -57.53 32.49 43.43
CA GLY S 189 -57.70 31.73 42.21
C GLY S 189 -57.63 32.61 40.99
N GLN S 190 -57.63 33.93 41.22
CA GLN S 190 -57.42 34.90 40.17
C GLN S 190 -55.94 35.13 39.89
N ILE S 191 -55.05 34.56 40.71
CA ILE S 191 -53.63 34.60 40.44
C ILE S 191 -53.25 33.54 39.43
N SER S 192 -53.74 32.31 39.62
CA SER S 192 -53.50 31.25 38.66
C SER S 192 -54.10 31.57 37.30
N ALA S 193 -55.14 32.39 37.25
CA ALA S 193 -55.63 32.86 35.96
C ALA S 193 -54.53 33.58 35.20
N VAL S 194 -53.86 34.53 35.84
CA VAL S 194 -52.81 35.29 35.18
C VAL S 194 -51.50 34.51 35.09
N VAL S 195 -51.29 33.51 35.95
CA VAL S 195 -50.11 32.69 35.84
C VAL S 195 -50.20 31.77 34.65
N HIS S 196 -51.28 30.99 34.56
CA HIS S 196 -51.46 30.08 33.44
C HIS S 196 -51.71 30.81 32.13
N LEU S 197 -52.23 32.03 32.19
CA LEU S 197 -52.37 32.84 30.99
C LEU S 197 -51.03 33.14 30.34
N VAL S 198 -49.93 33.03 31.08
CA VAL S 198 -48.61 33.34 30.58
C VAL S 198 -47.77 32.08 30.53
N SER S 199 -47.94 31.20 31.51
CA SER S 199 -47.22 29.94 31.52
C SER S 199 -47.51 29.12 30.27
N SER S 200 -48.72 29.23 29.72
CA SER S 200 -49.12 28.43 28.58
C SER S 200 -48.85 29.11 27.25
N ALA S 201 -48.84 30.44 27.23
CA ALA S 201 -48.58 31.18 26.00
C ALA S 201 -47.09 31.27 25.68
N VAL S 202 -46.22 30.62 26.45
CA VAL S 202 -44.78 30.67 26.24
C VAL S 202 -44.24 29.25 26.28
N ALA S 203 -43.43 28.90 25.30
CA ALA S 203 -42.99 27.54 25.12
C ALA S 203 -42.04 27.11 26.24
N GLY S 204 -42.41 26.05 26.94
CA GLY S 204 -41.54 25.48 27.95
C GLY S 204 -41.46 26.23 29.25
N LEU S 205 -42.48 27.04 29.57
CA LEU S 205 -42.48 27.86 30.78
C LEU S 205 -43.43 27.27 31.81
N PRO S 206 -42.94 26.59 32.83
CA PRO S 206 -43.83 26.06 33.86
C PRO S 206 -44.47 27.18 34.65
N PRO S 207 -45.57 26.92 35.35
CA PRO S 207 -46.19 27.98 36.16
C PRO S 207 -45.41 28.30 37.43
N GLY S 208 -44.38 27.53 37.76
CA GLY S 208 -43.53 27.83 38.89
C GLY S 208 -42.48 28.88 38.63
N ASN S 209 -42.38 29.38 37.40
CA ASN S 209 -41.43 30.42 37.04
C ASN S 209 -42.08 31.76 36.78
N VAL S 210 -43.39 31.85 36.72
CA VAL S 210 -44.06 33.11 36.45
C VAL S 210 -44.16 33.90 37.75
N THR S 211 -43.83 35.19 37.67
CA THR S 211 -43.80 36.08 38.82
C THR S 211 -44.80 37.19 38.62
N LEU S 212 -45.78 37.30 39.50
CA LEU S 212 -46.82 38.31 39.42
C LEU S 212 -46.63 39.31 40.54
N VAL S 213 -46.68 40.60 40.21
CA VAL S 213 -46.42 41.68 41.15
C VAL S 213 -47.41 42.79 40.87
N ASP S 214 -47.95 43.40 41.93
CA ASP S 214 -48.93 44.46 41.77
C ASP S 214 -48.23 45.79 41.51
N GLN S 215 -49.00 46.87 41.59
CA GLN S 215 -48.46 48.23 41.59
C GLN S 215 -48.14 48.71 43.00
N SER S 216 -48.16 47.82 43.98
CA SER S 216 -47.84 48.16 45.36
C SER S 216 -46.90 47.10 45.92
N GLY S 217 -45.88 46.75 45.16
CA GLY S 217 -45.04 45.62 45.55
C GLY S 217 -45.87 44.36 45.56
N HIS S 218 -45.91 43.69 46.71
CA HIS S 218 -46.83 42.58 46.92
C HIS S 218 -46.66 41.47 45.90
N LEU S 219 -45.51 40.80 45.93
CA LEU S 219 -45.30 39.61 45.13
C LEU S 219 -46.42 38.61 45.38
N LEU S 220 -47.24 38.33 44.36
CA LEU S 220 -48.43 37.52 44.55
C LEU S 220 -48.14 36.03 44.39
N THR S 221 -47.18 35.72 43.52
CA THR S 221 -46.80 34.31 43.25
C THR S 221 -45.92 33.77 44.39
N PHE T 113 -37.88 48.55 22.38
CA PHE T 113 -38.12 50.00 22.15
C PHE T 113 -36.81 50.66 21.72
N GLU T 114 -35.86 50.78 22.65
CA GLU T 114 -34.55 51.39 22.35
C GLU T 114 -33.86 50.55 21.29
N LEU T 115 -33.92 49.22 21.42
CA LEU T 115 -33.30 48.30 20.43
C LEU T 115 -34.01 48.51 19.09
N LEU T 116 -35.34 48.62 19.13
CA LEU T 116 -36.13 48.88 17.90
C LEU T 116 -35.70 50.23 17.35
N ASP T 117 -35.55 51.22 18.24
CA ASP T 117 -35.12 52.60 17.88
C ASP T 117 -33.72 52.52 17.28
N GLN T 118 -32.86 51.69 17.87
CA GLN T 118 -31.46 51.54 17.40
C GLN T 118 -31.42 50.54 16.24
N GLU T 119 -31.95 50.93 15.07
CA GLU T 119 -31.92 50.07 13.87
C GLU T 119 -31.07 50.78 12.81
N LYS T 120 -30.03 50.12 12.29
CA LYS T 120 -29.14 50.78 11.29
C LYS T 120 -28.45 49.74 10.40
N PHE T 121 -27.92 50.19 9.26
CA PHE T 121 -27.20 49.34 8.29
C PHE T 121 -25.94 48.77 8.95
N GLY T 122 -25.27 49.58 9.76
CA GLY T 122 -24.03 49.13 10.44
C GLY T 122 -24.33 47.93 11.31
N ILE T 123 -23.45 46.93 11.30
CA ILE T 123 -23.72 45.68 12.07
C ILE T 123 -22.55 45.33 12.98
N SER T 124 -22.42 46.01 14.12
CA SER T 124 -21.34 45.64 15.07
C SER T 124 -21.81 44.40 15.85
N GLN T 125 -21.05 43.30 15.78
CA GLN T 125 -21.45 42.02 16.42
C GLN T 125 -21.55 42.17 17.94
N PHE T 126 -20.60 42.87 18.56
CA PHE T 126 -20.61 43.07 20.04
C PHE T 126 -21.69 44.10 20.39
N SER T 127 -21.66 45.24 19.70
CA SER T 127 -22.60 46.35 19.91
C SER T 127 -24.03 45.95 19.64
N GLU T 128 -24.27 44.70 19.25
CA GLU T 128 -25.62 44.17 19.15
C GLU T 128 -26.12 43.74 20.51
N GLN T 129 -25.35 42.92 21.21
CA GLN T 129 -25.70 42.46 22.55
C GLN T 129 -25.37 43.49 23.63
N VAL T 130 -25.08 44.73 23.25
CA VAL T 130 -24.79 45.79 24.20
C VAL T 130 -25.83 46.89 24.03
N ASN T 131 -26.13 47.23 22.78
CA ASN T 131 -27.26 48.11 22.50
C ASN T 131 -28.56 47.51 23.00
N TYR T 132 -28.61 46.18 23.16
CA TYR T 132 -29.79 45.51 23.70
C TYR T 132 -29.81 45.58 25.21
N GLN T 133 -28.68 45.25 25.85
CA GLN T 133 -28.60 45.31 27.30
C GLN T 133 -28.88 46.72 27.81
N ARG T 134 -28.42 47.73 27.09
CA ARG T 134 -28.71 49.11 27.47
C ARG T 134 -30.19 49.42 27.37
N ALA T 135 -30.94 48.68 26.56
CA ALA T 135 -32.38 48.87 26.46
C ALA T 135 -33.12 48.12 27.54
N LEU T 136 -32.68 46.91 27.85
CA LEU T 136 -33.24 46.16 28.98
C LEU T 136 -33.12 46.98 30.26
N GLU T 137 -31.92 47.48 30.56
CA GLU T 137 -31.72 48.31 31.74
C GLU T 137 -32.66 49.51 31.75
N GLY T 138 -32.89 50.12 30.59
CA GLY T 138 -33.78 51.26 30.54
C GLY T 138 -35.24 50.89 30.60
N GLU T 139 -35.59 49.67 30.21
CA GLU T 139 -36.94 49.16 30.32
C GLU T 139 -37.24 48.66 31.72
N LEU T 140 -36.30 47.91 32.30
CA LEU T 140 -36.46 47.42 33.67
C LEU T 140 -36.59 48.57 34.65
N ALA T 141 -35.86 49.66 34.43
CA ALA T 141 -35.93 50.81 35.31
C ALA T 141 -37.17 51.66 35.07
N ARG T 142 -37.87 51.47 33.96
CA ARG T 142 -39.12 52.19 33.73
C ARG T 142 -40.28 51.57 34.47
N THR T 143 -40.19 50.29 34.83
CA THR T 143 -41.25 49.64 35.57
C THR T 143 -41.10 49.87 37.06
N ILE T 144 -39.87 49.71 37.55
CA ILE T 144 -39.59 49.99 38.96
C ILE T 144 -39.97 51.42 39.31
N GLU T 145 -39.93 52.32 38.34
CA GLU T 145 -40.44 53.66 38.58
C GLU T 145 -41.94 53.66 38.80
N THR T 146 -42.67 52.87 38.01
CA THR T 146 -44.11 52.74 38.15
C THR T 146 -44.44 51.68 39.19
N LEU T 147 -44.03 51.96 40.42
CA LEU T 147 -44.16 50.96 41.47
C LEU T 147 -44.59 51.55 42.81
N GLY T 148 -44.93 52.84 42.88
CA GLY T 148 -45.43 53.40 44.12
C GLY T 148 -44.41 54.21 44.86
N PRO T 149 -43.80 53.61 45.90
CA PRO T 149 -42.80 54.34 46.69
C PRO T 149 -41.60 54.79 45.90
N VAL T 150 -41.25 54.10 44.82
CA VAL T 150 -40.07 54.46 44.03
C VAL T 150 -40.40 55.68 43.18
N LYS T 151 -39.51 56.67 43.20
CA LYS T 151 -39.62 57.84 42.35
C LYS T 151 -38.82 57.71 41.07
N SER T 152 -37.65 57.07 41.13
CA SER T 152 -36.83 56.85 39.94
C SER T 152 -35.81 55.76 40.22
N ALA T 153 -35.77 54.74 39.38
CA ALA T 153 -34.82 53.66 39.56
C ALA T 153 -33.68 53.79 38.55
N ARG T 154 -32.64 52.99 38.75
CA ARG T 154 -31.48 53.01 37.88
C ARG T 154 -30.74 51.69 37.97
N VAL T 155 -30.93 50.81 37.01
CA VAL T 155 -30.44 49.43 37.09
C VAL T 155 -29.34 49.21 36.07
N HIS T 156 -28.29 48.51 36.49
CA HIS T 156 -27.23 48.05 35.59
C HIS T 156 -27.15 46.53 35.67
N LEU T 157 -26.99 45.89 34.52
CA LEU T 157 -26.85 44.45 34.47
C LEU T 157 -25.40 44.08 34.21
N ALA T 158 -25.06 42.85 34.57
CA ALA T 158 -23.70 42.36 34.49
C ALA T 158 -23.68 40.99 33.81
N MET T 159 -24.42 40.89 32.70
CA MET T 159 -24.48 39.60 31.98
C MET T 159 -23.10 39.31 31.38
N PRO T 160 -22.41 38.21 31.76
CA PRO T 160 -21.11 37.90 31.20
C PRO T 160 -21.27 36.78 30.16
N LYS T 161 -21.24 37.16 28.87
CA LYS T 161 -21.40 36.20 27.75
C LYS T 161 -20.20 35.23 27.68
N PRO T 162 -18.96 35.70 27.92
CA PRO T 162 -17.82 34.80 27.74
C PRO T 162 -17.84 33.55 28.64
N SER T 163 -17.60 32.39 28.04
CA SER T 163 -17.54 31.11 28.78
C SER T 163 -16.39 30.27 28.21
N LEU T 164 -15.16 30.78 28.29
CA LEU T 164 -13.99 30.05 27.74
C LEU T 164 -13.05 29.70 28.89
N PHE T 165 -12.67 28.42 28.98
CA PHE T 165 -11.76 27.92 30.04
C PHE T 165 -12.32 28.22 31.43
N VAL T 166 -13.63 28.06 31.61
CA VAL T 166 -14.29 28.32 32.93
C VAL T 166 -15.14 27.11 33.28
N ARG T 167 -14.95 26.55 34.48
CA ARG T 167 -15.76 25.39 34.89
C ARG T 167 -17.23 25.83 35.00
N GLU T 168 -17.47 27.03 35.55
CA GLU T 168 -18.87 27.53 35.70
C GLU T 168 -19.00 28.94 35.10
N GLN T 169 -20.22 29.28 34.67
CA GLN T 169 -20.56 30.60 34.06
C GLN T 169 -20.39 31.73 35.07
N LYS T 170 -20.79 31.48 36.33
CA LYS T 170 -20.78 32.37 37.53
C LYS T 170 -22.03 33.28 37.55
N SER T 171 -22.92 33.12 36.56
CA SER T 171 -24.24 33.80 36.43
C SER T 171 -24.14 35.30 36.12
N PRO T 172 -25.27 36.02 36.18
CA PRO T 172 -25.34 37.46 35.91
C PRO T 172 -25.72 38.21 37.20
N SER T 173 -25.49 39.53 37.24
CA SER T 173 -25.82 40.30 38.43
C SER T 173 -26.51 41.57 37.98
N ALA T 174 -27.12 42.26 38.95
CA ALA T 174 -27.79 43.52 38.67
C ALA T 174 -27.65 44.41 39.90
N SER T 175 -27.89 45.70 39.72
CA SER T 175 -27.75 46.62 40.85
C SER T 175 -28.77 47.74 40.66
N VAL T 176 -29.94 47.55 41.27
CA VAL T 176 -30.94 48.60 41.24
C VAL T 176 -30.55 49.69 42.24
N THR T 177 -30.96 50.92 41.93
CA THR T 177 -30.58 52.07 42.74
C THR T 177 -31.81 52.96 42.94
N VAL T 178 -32.89 52.36 43.41
CA VAL T 178 -34.15 53.08 43.57
C VAL T 178 -33.95 54.35 44.39
N THR T 179 -34.79 55.34 44.11
CA THR T 179 -34.79 56.63 44.80
C THR T 179 -36.20 56.85 45.30
N LEU T 180 -36.47 56.43 46.53
CA LEU T 180 -37.83 56.39 47.03
C LEU T 180 -38.44 57.80 47.07
N GLU T 181 -39.76 57.83 47.08
CA GLU T 181 -40.47 59.11 47.13
C GLU T 181 -40.18 59.80 48.45
N PRO T 182 -40.32 61.13 48.51
CA PRO T 182 -40.05 61.85 49.76
C PRO T 182 -40.85 61.32 50.94
N GLY T 183 -40.15 60.80 51.94
CA GLY T 183 -40.80 60.27 53.12
C GLY T 183 -41.40 58.89 52.90
N ARG T 184 -40.55 57.93 52.58
CA ARG T 184 -41.01 56.57 52.31
C ARG T 184 -39.84 55.62 52.50
N ALA T 185 -40.17 54.34 52.69
CA ALA T 185 -39.14 53.33 52.90
C ALA T 185 -39.72 51.97 52.55
N LEU T 186 -38.99 51.19 51.77
CA LEU T 186 -39.47 49.90 51.32
C LEU T 186 -39.47 48.91 52.48
N ASP T 187 -40.59 48.19 52.64
CA ASP T 187 -40.74 47.25 53.74
C ASP T 187 -39.88 46.01 53.47
N GLU T 188 -39.98 45.02 54.34
CA GLU T 188 -39.16 43.82 54.19
C GLU T 188 -39.65 42.93 53.04
N GLY T 189 -40.92 43.04 52.70
CA GLY T 189 -41.48 42.25 51.61
C GLY T 189 -41.60 43.07 50.36
N GLN T 190 -41.39 44.38 50.48
CA GLN T 190 -41.33 45.27 49.34
C GLN T 190 -39.95 45.27 48.69
N ILE T 191 -38.97 44.62 49.32
CA ILE T 191 -37.66 44.45 48.72
C ILE T 191 -37.67 43.31 47.73
N SER T 192 -38.24 42.18 48.13
CA SER T 192 -38.37 41.05 47.22
C SER T 192 -39.24 41.38 46.02
N ALA T 193 -40.16 42.34 46.16
CA ALA T 193 -40.89 42.82 45.00
C ALA T 193 -39.94 43.34 43.94
N VAL T 194 -39.01 44.22 44.33
CA VAL T 194 -38.06 44.80 43.38
C VAL T 194 -36.93 43.85 43.04
N VAL T 195 -36.66 42.87 43.90
CA VAL T 195 -35.62 41.89 43.57
C VAL T 195 -36.13 40.94 42.50
N HIS T 196 -37.28 40.32 42.74
CA HIS T 196 -37.84 39.38 41.76
C HIS T 196 -38.31 40.09 40.50
N LEU T 197 -38.64 41.37 40.59
CA LEU T 197 -38.98 42.14 39.40
C LEU T 197 -37.82 42.23 38.43
N VAL T 198 -36.59 41.99 38.89
CA VAL T 198 -35.41 42.10 38.07
C VAL T 198 -34.77 40.73 37.91
N SER T 199 -34.80 39.94 38.98
CA SER T 199 -34.26 38.58 38.91
C SER T 199 -34.94 37.76 37.83
N SER T 200 -36.23 38.02 37.58
CA SER T 200 -37.00 37.23 36.62
C SER T 200 -36.97 37.82 35.23
N ALA T 201 -36.81 39.12 35.10
CA ALA T 201 -36.77 39.76 33.79
C ALA T 201 -35.41 39.64 33.12
N VAL T 202 -34.47 38.91 33.71
CA VAL T 202 -33.12 38.76 33.16
C VAL T 202 -32.76 37.28 33.18
N ALA T 203 -32.27 36.78 32.06
CA ALA T 203 -32.05 35.35 31.88
C ALA T 203 -30.92 34.86 32.77
N GLY T 204 -31.23 33.88 33.62
CA GLY T 204 -30.22 33.24 34.43
C GLY T 204 -29.73 34.04 35.61
N LEU T 205 -30.52 34.99 36.11
CA LEU T 205 -30.12 35.85 37.21
C LEU T 205 -30.87 35.44 38.47
N PRO T 206 -30.22 34.75 39.41
CA PRO T 206 -30.89 34.38 40.65
C PRO T 206 -31.18 35.62 41.48
N PRO T 207 -32.10 35.54 42.45
CA PRO T 207 -32.36 36.70 43.30
C PRO T 207 -31.26 36.98 44.31
N GLY T 208 -30.28 36.09 44.44
CA GLY T 208 -29.15 36.32 45.32
C GLY T 208 -28.08 37.20 44.74
N ASN T 209 -28.22 37.63 43.49
CA ASN T 209 -27.27 38.51 42.83
C ASN T 209 -27.79 39.92 42.63
N VAL T 210 -29.06 40.17 42.89
CA VAL T 210 -29.62 41.51 42.69
C VAL T 210 -29.30 42.35 43.91
N THR T 211 -28.85 43.59 43.66
CA THR T 211 -28.42 44.51 44.70
C THR T 211 -29.30 45.74 44.65
N LEU T 212 -30.00 46.02 45.75
CA LEU T 212 -30.90 47.16 45.83
C LEU T 212 -30.32 48.18 46.80
N VAL T 213 -30.29 49.44 46.39
CA VAL T 213 -29.68 50.51 47.16
C VAL T 213 -30.57 51.74 47.04
N ASP T 214 -30.75 52.46 48.14
CA ASP T 214 -31.60 53.63 48.14
C ASP T 214 -30.83 54.84 47.63
N GLN T 215 -31.42 56.02 47.81
CA GLN T 215 -30.74 57.29 47.58
C GLN T 215 -30.02 57.79 48.82
N SER T 216 -29.91 56.95 49.85
CA SER T 216 -29.23 57.30 51.08
C SER T 216 -28.32 56.15 51.49
N GLY T 217 -27.55 55.62 50.53
CA GLY T 217 -26.79 54.43 50.80
C GLY T 217 -27.74 53.29 51.10
N HIS T 218 -27.58 52.68 52.27
CA HIS T 218 -28.55 51.71 52.78
C HIS T 218 -28.77 50.54 51.83
N LEU T 219 -27.74 49.73 51.64
CA LEU T 219 -27.88 48.47 50.90
C LEU T 219 -29.03 47.66 51.48
N LEU T 220 -30.09 47.45 50.71
CA LEU T 220 -31.29 46.82 51.24
C LEU T 220 -31.23 45.30 51.13
N THR T 221 -30.56 44.82 50.08
CA THR T 221 -30.43 43.36 49.83
C THR T 221 -29.38 42.76 50.78
N PHE U 113 -22.36 54.19 26.80
CA PHE U 113 -23.20 55.40 27.01
C PHE U 113 -23.11 56.31 25.79
N GLU U 114 -22.65 57.54 26.00
CA GLU U 114 -22.52 58.53 24.89
C GLU U 114 -21.51 57.98 23.88
N LEU U 115 -20.40 57.41 24.38
CA LEU U 115 -19.37 56.83 23.48
C LEU U 115 -19.98 55.67 22.70
N LEU U 116 -20.81 54.86 23.37
CA LEU U 116 -21.47 53.70 22.73
C LEU U 116 -22.38 54.22 21.61
N ASP U 117 -23.10 55.31 21.86
CA ASP U 117 -24.01 55.92 20.86
C ASP U 117 -23.19 56.37 19.64
N GLN U 118 -22.00 56.94 19.88
CA GLN U 118 -21.14 57.44 18.78
C GLN U 118 -20.81 56.27 17.85
N GLU U 119 -20.87 56.52 16.53
CA GLU U 119 -20.60 55.46 15.52
C GLU U 119 -19.46 55.93 14.60
N LYS U 120 -18.48 55.05 14.37
CA LYS U 120 -17.34 55.39 13.47
C LYS U 120 -17.23 54.28 12.41
N PHE U 121 -16.83 54.63 11.18
CA PHE U 121 -16.69 53.62 10.11
C PHE U 121 -15.61 52.62 10.52
N GLY U 122 -14.51 53.13 11.07
CA GLY U 122 -13.41 52.29 11.56
C GLY U 122 -13.81 51.59 12.84
N ILE U 123 -13.49 50.29 12.96
CA ILE U 123 -13.87 49.54 14.18
C ILE U 123 -12.68 48.74 14.72
N SER U 124 -11.70 49.41 15.33
CA SER U 124 -10.56 48.62 15.88
C SER U 124 -11.14 47.69 16.94
N GLN U 125 -10.73 46.41 16.86
CA GLN U 125 -11.14 45.23 17.68
C GLN U 125 -10.93 45.44 19.19
N PHE U 126 -9.74 45.89 19.59
CA PHE U 126 -9.30 46.26 20.94
C PHE U 126 -9.94 47.57 21.37
N SER U 127 -9.93 48.58 20.49
CA SER U 127 -10.64 49.82 20.78
C SER U 127 -12.14 49.63 20.84
N GLU U 128 -12.62 48.40 20.63
CA GLU U 128 -14.02 48.08 20.86
C GLU U 128 -14.28 47.83 22.34
N GLN U 129 -13.48 46.95 22.95
CA GLN U 129 -13.60 46.65 24.37
C GLN U 129 -12.90 47.69 25.25
N VAL U 130 -12.55 48.85 24.69
CA VAL U 130 -11.91 49.92 25.45
C VAL U 130 -12.81 51.15 25.38
N ASN U 131 -13.33 51.44 24.18
CA ASN U 131 -14.37 52.45 24.06
C ASN U 131 -15.61 52.09 24.87
N TYR U 132 -15.79 50.81 25.16
CA TYR U 132 -16.91 50.36 25.99
C TYR U 132 -16.59 50.54 27.47
N GLN U 133 -15.40 50.09 27.89
CA GLN U 133 -15.01 50.24 29.29
C GLN U 133 -14.98 51.71 29.70
N ARG U 134 -14.55 52.59 28.79
CA ARG U 134 -14.57 54.01 29.09
C ARG U 134 -15.99 54.55 29.26
N ALA U 135 -16.99 53.86 28.69
CA ALA U 135 -18.37 54.27 28.86
C ALA U 135 -18.97 53.71 30.15
N LEU U 136 -18.63 52.47 30.48
CA LEU U 136 -19.01 51.91 31.77
C LEU U 136 -18.52 52.79 32.91
N GLU U 137 -17.23 53.12 32.91
CA GLU U 137 -16.68 54.00 33.93
C GLU U 137 -17.42 55.32 34.00
N GLY U 138 -17.81 55.87 32.86
CA GLY U 138 -18.55 57.12 32.88
C GLY U 138 -19.99 56.99 33.26
N GLU U 139 -20.57 55.80 33.08
CA GLU U 139 -21.93 55.52 33.51
C GLU U 139 -21.97 55.17 35.00
N LEU U 140 -21.04 54.33 35.45
CA LEU U 140 -20.98 53.98 36.86
C LEU U 140 -20.74 55.20 37.73
N ALA U 141 -19.94 56.14 37.25
CA ALA U 141 -19.66 57.35 38.00
C ALA U 141 -20.79 58.37 37.93
N ARG U 142 -21.74 58.20 37.01
CA ARG U 142 -22.89 59.07 36.96
C ARG U 142 -23.95 58.70 37.98
N THR U 143 -23.95 57.46 38.44
CA THR U 143 -24.91 57.02 39.45
C THR U 143 -24.41 57.32 40.85
N ILE U 144 -23.14 57.03 41.11
CA ILE U 144 -22.53 57.35 42.38
C ILE U 144 -22.62 58.84 42.65
N GLU U 145 -22.69 59.66 41.60
CA GLU U 145 -22.94 61.09 41.80
C GLU U 145 -24.35 61.32 42.32
N THR U 146 -25.32 60.59 41.77
CA THR U 146 -26.71 60.70 42.22
C THR U 146 -26.95 59.78 43.41
N LEU U 147 -26.24 60.08 44.50
CA LEU U 147 -26.28 59.20 45.64
C LEU U 147 -26.33 59.94 46.98
N GLY U 148 -26.47 61.26 46.99
CA GLY U 148 -26.62 61.98 48.23
C GLY U 148 -25.36 62.67 48.66
N PRO U 149 -24.64 62.07 49.62
CA PRO U 149 -23.40 62.70 50.12
C PRO U 149 -22.35 62.90 49.06
N VAL U 150 -22.33 62.10 48.00
CA VAL U 150 -21.32 62.21 46.96
C VAL U 150 -21.65 63.40 46.07
N LYS U 151 -20.66 64.24 45.81
CA LYS U 151 -20.79 65.36 44.88
C LYS U 151 -20.31 65.01 43.48
N SER U 152 -19.25 64.21 43.38
CA SER U 152 -18.74 63.78 42.08
C SER U 152 -17.84 62.58 42.26
N ALA U 153 -18.11 61.50 41.53
CA ALA U 153 -17.29 60.31 41.62
C ALA U 153 -16.39 60.19 40.40
N ARG U 154 -15.45 59.26 40.46
CA ARG U 154 -14.51 59.04 39.38
C ARG U 154 -13.95 57.63 39.46
N VAL U 155 -14.46 56.72 38.64
CA VAL U 155 -14.15 55.30 38.77
C VAL U 155 -13.33 54.84 37.58
N HIS U 156 -12.31 54.02 37.85
CA HIS U 156 -11.55 53.34 36.81
C HIS U 156 -11.65 51.84 37.02
N LEU U 157 -11.83 51.11 35.94
CA LEU U 157 -11.89 49.66 36.01
C LEU U 157 -10.59 49.06 35.51
N ALA U 158 -10.35 47.82 35.91
CA ALA U 158 -9.11 47.12 35.60
C ALA U 158 -9.42 45.73 35.08
N MET U 159 -10.24 45.64 34.03
CA MET U 159 -10.63 44.32 33.45
C MET U 159 -9.47 43.66 32.67
N PRO U 160 -9.00 42.46 33.09
CA PRO U 160 -7.91 41.71 32.44
C PRO U 160 -8.36 40.26 32.16
N LYS U 161 -8.43 39.82 30.90
CA LYS U 161 -9.03 38.46 30.78
C LYS U 161 -7.95 37.40 30.54
N PRO U 162 -6.65 37.70 30.64
CA PRO U 162 -5.67 36.65 30.34
C PRO U 162 -5.42 35.68 31.51
N SER U 163 -6.42 34.87 31.86
CA SER U 163 -6.27 33.87 32.95
C SER U 163 -6.91 32.54 32.55
N LEU U 164 -6.13 31.46 32.51
CA LEU U 164 -6.70 30.12 32.20
C LEU U 164 -5.78 29.03 32.76
N PHE U 165 -6.31 28.09 33.53
CA PHE U 165 -5.52 26.95 34.06
C PHE U 165 -4.24 27.45 34.75
N VAL U 166 -4.36 28.46 35.61
CA VAL U 166 -3.16 29.04 36.29
C VAL U 166 -3.42 29.12 37.78
N ARG U 167 -2.38 28.92 38.59
CA ARG U 167 -2.53 29.01 40.06
C ARG U 167 -2.98 30.43 40.42
N GLU U 168 -2.38 31.43 39.77
CA GLU U 168 -2.68 32.87 39.98
C GLU U 168 -3.56 33.39 38.83
N GLN U 169 -4.85 33.05 38.87
CA GLN U 169 -5.82 33.47 37.82
C GLN U 169 -5.99 34.99 37.75
N LYS U 170 -6.01 35.66 38.91
CA LYS U 170 -6.18 37.13 39.13
C LYS U 170 -7.66 37.54 39.03
N SER U 171 -7.97 38.83 39.12
CA SER U 171 -9.39 39.29 39.08
C SER U 171 -9.51 40.75 38.61
N PRO U 172 -10.74 41.21 38.27
CA PRO U 172 -10.97 42.61 37.84
C PRO U 172 -11.01 43.52 39.07
N SER U 173 -10.63 44.80 38.94
CA SER U 173 -10.60 45.69 40.08
C SER U 173 -11.19 47.02 39.66
N ALA U 174 -11.49 47.86 40.64
CA ALA U 174 -12.01 49.19 40.39
C ALA U 174 -11.50 50.12 41.46
N SER U 175 -11.60 51.43 41.20
CA SER U 175 -11.11 52.39 42.18
C SER U 175 -11.99 53.64 42.09
N VAL U 176 -13.01 53.68 42.93
CA VAL U 176 -13.85 54.85 43.00
C VAL U 176 -13.12 55.94 43.78
N THR U 177 -13.41 57.19 43.44
CA THR U 177 -12.72 58.33 44.03
C THR U 177 -13.75 59.42 44.38
N VAL U 178 -14.78 59.01 45.11
CA VAL U 178 -15.87 59.93 45.46
C VAL U 178 -15.33 61.20 46.10
N THR U 179 -16.07 62.29 45.89
CA THR U 179 -15.75 63.61 46.42
C THR U 179 -16.99 64.08 47.17
N LEU U 180 -17.03 63.79 48.46
CA LEU U 180 -18.25 64.00 49.23
C LEU U 180 -18.64 65.47 49.24
N GLU U 181 -19.92 65.72 49.52
CA GLU U 181 -20.42 67.08 49.57
C GLU U 181 -19.77 67.82 50.75
N PRO U 182 -19.72 69.15 50.69
CA PRO U 182 -19.09 69.91 51.78
C PRO U 182 -19.68 69.59 53.14
N GLY U 183 -18.86 69.05 54.02
CA GLY U 183 -19.30 68.71 55.36
C GLY U 183 -20.12 67.43 55.40
N ARG U 184 -19.50 66.32 55.02
CA ARG U 184 -20.17 65.03 54.99
C ARG U 184 -19.13 63.94 55.04
N ALA U 185 -19.57 62.74 55.42
CA ALA U 185 -18.66 61.60 55.53
C ALA U 185 -19.48 60.33 55.44
N LEU U 186 -19.03 59.40 54.61
CA LEU U 186 -19.78 58.16 54.41
C LEU U 186 -19.66 57.26 55.63
N ASP U 187 -20.79 56.74 56.10
CA ASP U 187 -20.83 55.91 57.29
C ASP U 187 -20.23 54.55 56.98
N GLU U 188 -20.27 53.64 57.96
CA GLU U 188 -19.66 52.33 57.76
C GLU U 188 -20.50 51.44 56.83
N GLY U 189 -21.80 51.71 56.75
CA GLY U 189 -22.67 50.93 55.88
C GLY U 189 -22.95 51.67 54.59
N GLN U 190 -22.54 52.93 54.55
CA GLN U 190 -22.60 53.73 53.33
C GLN U 190 -21.42 53.47 52.42
N ILE U 191 -20.42 52.73 52.90
CA ILE U 191 -19.30 52.33 52.06
C ILE U 191 -19.67 51.12 51.22
N SER U 192 -20.29 50.12 51.84
CA SER U 192 -20.76 48.96 51.10
C SER U 192 -21.81 49.34 50.07
N ALA U 193 -22.54 50.43 50.29
CA ALA U 193 -23.44 50.93 49.25
C ALA U 193 -22.67 51.23 47.98
N VAL U 194 -21.57 51.97 48.09
CA VAL U 194 -20.79 52.34 46.91
C VAL U 194 -19.89 51.20 46.46
N VAL U 195 -19.56 50.26 47.33
CA VAL U 195 -18.77 49.12 46.91
C VAL U 195 -19.61 48.18 46.06
N HIS U 196 -20.76 47.75 46.59
CA HIS U 196 -21.63 46.85 45.85
C HIS U 196 -22.27 47.52 44.64
N LEU U 197 -22.40 48.84 44.66
CA LEU U 197 -22.88 49.57 43.49
C LEU U 197 -21.95 49.41 42.31
N VAL U 198 -20.70 49.03 42.53
CA VAL U 198 -19.71 48.89 41.48
C VAL U 198 -19.31 47.43 41.34
N SER U 199 -19.21 46.73 42.46
CA SER U 199 -18.88 45.31 42.42
C SER U 199 -19.89 44.52 41.60
N SER U 200 -21.14 44.95 41.59
CA SER U 200 -22.20 44.22 40.90
C SER U 200 -22.40 44.70 39.47
N ALA U 201 -22.10 45.95 39.17
CA ALA U 201 -22.25 46.47 37.83
C ALA U 201 -21.10 46.10 36.91
N VAL U 202 -20.15 45.29 37.38
CA VAL U 202 -18.99 44.89 36.58
C VAL U 202 -18.84 43.39 36.68
N ALA U 203 -18.67 42.73 35.53
CA ALA U 203 -18.68 41.28 35.46
C ALA U 203 -17.46 40.69 36.16
N GLY U 204 -17.71 39.83 37.15
CA GLY U 204 -16.64 39.11 37.80
C GLY U 204 -15.81 39.91 38.77
N LEU U 205 -16.34 41.00 39.31
CA LEU U 205 -15.61 41.86 40.22
C LEU U 205 -16.11 41.67 41.64
N PRO U 206 -15.38 40.96 42.50
CA PRO U 206 -15.80 40.79 43.88
C PRO U 206 -15.74 42.11 44.62
N PRO U 207 -16.43 42.24 45.75
CA PRO U 207 -16.35 43.50 46.52
C PRO U 207 -15.04 43.67 47.26
N GLY U 208 -14.18 42.66 47.28
CA GLY U 208 -12.86 42.78 47.87
C GLY U 208 -11.84 43.44 47.00
N ASN U 209 -12.19 43.80 45.77
CA ASN U 209 -11.29 44.47 44.85
C ASN U 209 -11.65 45.92 44.61
N VAL U 210 -12.79 46.38 45.10
CA VAL U 210 -13.19 47.77 44.87
C VAL U 210 -12.51 48.65 45.91
N THR U 211 -11.96 49.77 45.45
CA THR U 211 -11.21 50.70 46.28
C THR U 211 -11.91 52.04 46.29
N LEU U 212 -12.32 52.50 47.47
CA LEU U 212 -13.02 53.75 47.61
C LEU U 212 -12.12 54.75 48.33
N VAL U 213 -12.01 55.96 47.80
CA VAL U 213 -11.11 56.99 48.32
C VAL U 213 -11.83 58.32 48.25
N ASP U 214 -11.67 59.13 49.29
CA ASP U 214 -12.35 60.43 49.34
C ASP U 214 -11.55 61.46 48.56
N GLN U 215 -11.92 62.72 48.74
CA GLN U 215 -11.15 63.85 48.25
C GLN U 215 -10.12 64.33 49.26
N SER U 216 -9.90 63.56 50.32
CA SER U 216 -8.93 63.90 51.34
C SER U 216 -8.11 62.64 51.68
N GLY U 217 -7.66 61.94 50.64
CA GLY U 217 -7.01 60.67 50.88
C GLY U 217 -8.02 59.70 51.47
N HIS U 218 -7.69 59.17 52.65
CA HIS U 218 -8.65 58.40 53.43
C HIS U 218 -9.22 57.21 52.68
N LEU U 219 -8.37 56.24 52.37
CA LEU U 219 -8.83 54.98 51.80
C LEU U 219 -9.93 54.38 52.69
N LEU U 220 -11.15 54.28 52.17
CA LEU U 220 -12.28 53.88 53.00
C LEU U 220 -12.44 52.37 53.03
N THR U 221 -12.09 51.72 51.92
CA THR U 221 -12.21 50.23 51.80
C THR U 221 -11.06 49.56 52.57
N PHE V 113 -7.27 59.66 28.15
CA PHE V 113 -8.58 60.33 28.00
C PHE V 113 -8.58 61.16 26.71
N GLU V 114 -7.78 62.23 26.75
CA GLU V 114 -7.59 63.16 25.61
C GLU V 114 -7.01 62.34 24.46
N LEU V 115 -6.02 61.50 24.76
CA LEU V 115 -5.41 60.61 23.73
C LEU V 115 -6.49 59.65 23.24
N LEU V 116 -7.29 59.13 24.18
CA LEU V 116 -8.39 58.18 23.83
C LEU V 116 -9.39 58.93 22.95
N ASP V 117 -9.70 60.18 23.30
CA ASP V 117 -10.65 61.01 22.52
C ASP V 117 -10.09 61.23 21.12
N GLN V 118 -8.78 61.49 21.05
CA GLN V 118 -8.05 61.77 19.80
C GLN V 118 -8.24 60.63 18.80
N GLU V 119 -8.75 60.95 17.62
CA GLU V 119 -8.95 59.94 16.55
C GLU V 119 -7.63 59.89 15.77
N LYS V 120 -7.04 58.70 15.66
CA LYS V 120 -5.72 58.58 14.97
C LYS V 120 -5.91 58.07 13.54
N PHE V 121 -5.40 58.82 12.57
CA PHE V 121 -5.45 58.42 11.14
C PHE V 121 -4.61 57.14 10.98
N GLY V 122 -3.46 57.09 11.66
CA GLY V 122 -2.54 55.94 11.56
C GLY V 122 -3.22 54.64 11.98
N ILE V 123 -2.97 53.57 11.20
CA ILE V 123 -3.58 52.24 11.45
C ILE V 123 -2.54 51.33 12.15
N SER V 124 -1.45 51.91 12.64
CA SER V 124 -0.41 51.08 13.30
C SER V 124 -1.03 50.35 14.50
N GLN V 125 -0.76 49.04 14.60
CA GLN V 125 -1.31 48.19 15.69
C GLN V 125 -0.58 48.51 17.00
N PHE V 126 0.75 48.33 17.01
CA PHE V 126 1.56 48.65 18.17
C PHE V 126 1.23 50.04 18.69
N SER V 127 1.16 51.02 17.80
CA SER V 127 0.73 52.36 18.18
C SER V 127 -0.73 52.39 18.63
N GLU V 128 -1.41 51.25 18.62
CA GLU V 128 -2.74 51.13 19.19
C GLU V 128 -2.64 50.93 20.70
N GLN V 129 -1.84 49.96 21.13
CA GLN V 129 -1.63 49.71 22.55
C GLN V 129 -0.61 50.64 23.18
N VAL V 130 -0.25 51.72 22.50
CA VAL V 130 0.70 52.71 23.02
C VAL V 130 -0.01 54.04 23.11
N ASN V 131 -0.77 54.39 22.07
CA ASN V 131 -1.65 55.55 22.16
C ASN V 131 -2.68 55.38 23.26
N TYR V 132 -2.96 54.14 23.66
CA TYR V 132 -3.87 53.87 24.77
C TYR V 132 -3.17 54.02 26.11
N GLN V 133 -2.00 53.40 26.25
CA GLN V 133 -1.24 53.52 27.49
C GLN V 133 -0.91 54.98 27.80
N ARG V 134 -0.60 55.76 26.78
CA ARG V 134 -0.36 57.19 27.00
C ARG V 134 -1.60 57.92 27.49
N ALA V 135 -2.79 57.38 27.23
CA ALA V 135 -4.02 57.98 27.72
C ALA V 135 -4.33 57.53 29.13
N LEU V 136 -4.10 56.25 29.43
CA LEU V 136 -4.22 55.78 30.81
C LEU V 136 -3.34 56.59 31.74
N GLU V 137 -2.06 56.73 31.40
CA GLU V 137 -1.14 57.53 32.21
C GLU V 137 -1.66 58.96 32.40
N GLY V 138 -2.25 59.53 31.37
CA GLY V 138 -2.77 60.89 31.50
C GLY V 138 -4.08 60.97 32.25
N GLU V 139 -4.84 59.88 32.27
CA GLU V 139 -6.07 59.79 33.05
C GLU V 139 -5.79 59.48 34.50
N LEU V 140 -4.90 58.52 34.75
CA LEU V 140 -4.51 58.17 36.11
C LEU V 140 -3.91 59.36 36.83
N ALA V 141 -3.13 60.17 36.12
CA ALA V 141 -2.51 61.34 36.72
C ALA V 141 -3.47 62.50 36.89
N ARG V 142 -4.63 62.46 36.25
CA ARG V 142 -5.63 63.49 36.44
C ARG V 142 -6.44 63.29 37.72
N THR V 143 -6.49 62.06 38.22
CA THR V 143 -7.21 61.78 39.46
C THR V 143 -6.33 62.03 40.67
N ILE V 144 -5.09 61.56 40.61
CA ILE V 144 -4.14 61.81 41.68
C ILE V 144 -3.96 63.30 41.89
N GLU V 145 -4.16 64.11 40.85
CA GLU V 145 -4.16 65.56 41.03
C GLU V 145 -5.35 65.99 41.88
N THR V 146 -6.53 65.41 41.63
CA THR V 146 -7.74 65.72 42.40
C THR V 146 -7.78 64.86 43.66
N LEU V 147 -6.79 65.07 44.52
CA LEU V 147 -6.64 64.21 45.69
C LEU V 147 -6.26 64.98 46.94
N GLY V 148 -6.21 66.30 46.92
CA GLY V 148 -5.94 67.04 48.13
C GLY V 148 -4.52 67.56 48.20
N PRO V 149 -3.67 66.88 48.97
CA PRO V 149 -2.28 67.33 49.11
C PRO V 149 -1.50 67.36 47.81
N VAL V 150 -1.87 66.54 46.83
CA VAL V 150 -1.16 66.51 45.57
C VAL V 150 -1.54 67.70 44.72
N LYS V 151 -0.54 68.40 44.18
CA LYS V 151 -0.75 69.50 43.26
C LYS V 151 -0.69 69.08 41.81
N SER V 152 0.19 68.13 41.49
CA SER V 152 0.29 67.62 40.12
C SER V 152 1.04 66.29 40.12
N ALA V 153 0.46 65.26 39.55
CA ALA V 153 1.08 63.96 39.49
C ALA V 153 1.62 63.71 38.09
N ARG V 154 2.41 62.65 37.97
CA ARG V 154 3.01 62.28 36.69
C ARG V 154 3.37 60.81 36.69
N VAL V 155 2.55 59.97 36.09
CA VAL V 155 2.69 58.53 36.19
C VAL V 155 3.11 57.93 34.86
N HIS V 156 4.03 56.98 34.90
CA HIS V 156 4.40 56.18 33.74
C HIS V 156 4.16 54.71 34.04
N LEU V 157 3.62 54.00 33.08
CA LEU V 157 3.37 52.58 33.23
C LEU V 157 4.41 51.78 32.45
N ALA V 158 4.57 50.53 32.84
CA ALA V 158 5.60 49.66 32.27
C ALA V 158 4.97 48.31 31.91
N MET V 159 3.75 48.42 31.37
CA MET V 159 2.84 47.29 31.05
C MET V 159 3.48 46.24 30.12
N PRO V 160 3.55 44.96 30.56
CA PRO V 160 4.04 43.87 29.72
C PRO V 160 2.82 43.50 28.86
N LYS V 161 3.03 43.25 27.56
CA LYS V 161 1.87 42.95 26.65
C LYS V 161 2.17 41.79 25.69
N PRO V 162 3.30 41.06 25.81
CA PRO V 162 3.50 39.94 24.89
C PRO V 162 3.54 38.65 25.70
N SER V 163 2.60 37.73 25.44
CA SER V 163 2.52 36.43 26.17
C SER V 163 1.54 35.48 25.48
N LEU V 164 0.87 35.92 24.41
CA LEU V 164 -0.12 35.04 23.75
C LEU V 164 0.57 33.74 23.33
N PHE V 165 -0.05 32.60 23.67
CA PHE V 165 0.47 31.23 23.34
C PHE V 165 1.91 31.07 23.85
N VAL V 166 2.19 31.55 25.07
CA VAL V 166 3.56 31.47 25.65
C VAL V 166 3.46 30.94 27.07
N ARG V 167 4.32 30.00 27.43
CA ARG V 167 4.32 29.40 28.79
C ARG V 167 4.69 30.48 29.82
N GLU V 168 5.65 31.35 29.49
CA GLU V 168 6.21 32.38 30.42
C GLU V 168 5.19 33.47 30.79
N GLN V 169 5.40 34.11 31.94
CA GLN V 169 4.54 35.21 32.48
C GLN V 169 5.43 36.33 33.04
N LYS V 170 4.86 37.54 33.19
CA LYS V 170 5.60 38.73 33.70
C LYS V 170 4.60 39.71 34.35
N SER V 171 5.10 40.76 35.04
CA SER V 171 4.20 41.74 35.71
C SER V 171 4.52 43.17 35.28
N PRO V 172 3.58 44.13 35.43
CA PRO V 172 3.78 45.53 35.04
C PRO V 172 4.18 46.39 36.24
N SER V 173 4.66 47.62 35.98
CA SER V 173 5.11 48.52 37.05
C SER V 173 4.61 49.92 36.72
N ALA V 174 4.70 50.80 37.70
CA ALA V 174 4.30 52.19 37.51
C ALA V 174 5.20 53.05 38.39
N SER V 175 5.22 54.34 38.09
CA SER V 175 6.06 55.25 38.86
C SER V 175 5.37 56.61 38.95
N VAL V 176 4.62 56.80 40.02
CA VAL V 176 3.99 58.09 40.23
C VAL V 176 5.03 59.08 40.75
N THR V 177 4.84 60.35 40.43
CA THR V 177 5.80 61.38 40.77
C THR V 177 5.06 62.60 41.32
N VAL V 178 4.21 62.36 42.31
CA VAL V 178 3.37 63.43 42.86
C VAL V 178 4.22 64.63 43.27
N THR V 179 3.62 65.80 43.21
CA THR V 179 4.24 67.07 43.58
C THR V 179 3.30 67.72 44.58
N LEU V 180 3.54 67.46 45.87
CA LEU V 180 2.61 67.85 46.91
C LEU V 180 2.44 69.37 46.94
N GLU V 181 1.32 69.80 47.51
CA GLU V 181 1.04 71.21 47.63
C GLU V 181 2.06 71.87 48.56
N PRO V 182 2.28 73.18 48.43
CA PRO V 182 3.27 73.85 49.29
C PRO V 182 3.00 73.65 50.76
N GLY V 183 3.93 73.00 51.45
CA GLY V 183 3.80 72.75 52.87
C GLY V 183 2.87 71.59 53.17
N ARG V 184 3.20 70.40 52.70
CA ARG V 184 2.38 69.23 52.90
C ARG V 184 3.24 67.99 52.75
N ALA V 185 2.75 66.88 53.28
CA ALA V 185 3.49 65.63 53.21
C ALA V 185 2.51 64.48 53.40
N LEU V 186 2.59 63.48 52.53
CA LEU V 186 1.67 62.36 52.58
C LEU V 186 1.97 61.47 53.78
N ASP V 187 0.93 61.12 54.53
CA ASP V 187 1.09 60.32 55.74
C ASP V 187 1.40 58.88 55.36
N GLU V 188 1.48 58.00 56.35
CA GLU V 188 1.83 56.62 56.08
C GLU V 188 0.68 55.85 55.44
N GLY V 189 -0.55 56.30 55.67
CA GLY V 189 -1.71 55.65 55.08
C GLY V 189 -2.21 56.40 53.87
N GLN V 190 -1.66 57.60 53.66
CA GLN V 190 -1.92 58.37 52.46
C GLN V 190 -1.05 57.93 51.29
N ILE V 191 -0.07 57.07 51.54
CA ILE V 191 0.74 56.49 50.48
C ILE V 191 -0.01 55.35 49.81
N SER V 192 -0.57 54.45 50.62
CA SER V 192 -1.37 53.37 50.08
C SER V 192 -2.59 53.88 49.33
N ALA V 193 -3.09 55.06 49.67
CA ALA V 193 -4.14 55.68 48.87
C ALA V 193 -3.69 55.84 47.43
N VAL V 194 -2.51 56.43 47.22
CA VAL V 194 -2.01 56.66 45.87
C VAL V 194 -1.42 55.39 45.26
N VAL V 195 -1.00 54.43 46.06
CA VAL V 195 -0.52 53.17 45.52
C VAL V 195 -1.66 52.35 44.96
N HIS V 196 -2.69 52.10 45.77
CA HIS V 196 -3.83 51.32 45.32
C HIS V 196 -4.65 52.06 44.28
N LEU V 197 -4.59 53.40 44.27
CA LEU V 197 -5.25 54.17 43.22
C LEU V 197 -4.69 53.87 41.85
N VAL V 198 -3.48 53.30 41.78
CA VAL V 198 -2.82 53.01 40.51
C VAL V 198 -2.67 51.51 40.35
N SER V 199 -2.39 50.82 41.45
CA SER V 199 -2.27 49.37 41.40
C SER V 199 -3.56 48.72 40.89
N SER V 200 -4.70 49.33 41.17
CA SER V 200 -5.99 48.75 40.80
C SER V 200 -6.48 49.23 39.45
N ALA V 201 -6.10 50.42 39.02
CA ALA V 201 -6.51 50.95 37.74
C ALA V 201 -5.70 50.40 36.58
N VAL V 202 -4.79 49.46 36.83
CA VAL V 202 -3.93 48.89 35.79
C VAL V 202 -3.96 47.38 35.93
N ALA V 203 -4.18 46.69 34.80
CA ALA V 203 -4.41 45.26 34.82
C ALA V 203 -3.15 44.51 35.21
N GLY V 204 -3.24 43.71 36.27
CA GLY V 204 -2.15 42.84 36.67
C GLY V 204 -1.00 43.53 37.36
N LEU V 205 -1.23 44.70 37.97
CA LEU V 205 -0.18 45.46 38.62
C LEU V 205 -0.32 45.35 40.14
N PRO V 206 0.50 44.56 40.80
CA PRO V 206 0.43 44.47 42.25
C PRO V 206 0.85 45.78 42.89
N PRO V 207 0.49 46.02 44.16
CA PRO V 207 0.93 47.26 44.81
C PRO V 207 2.40 47.25 45.19
N GLY V 208 3.09 46.12 45.05
CA GLY V 208 4.52 46.06 45.29
C GLY V 208 5.38 46.55 44.16
N ASN V 209 4.78 46.94 43.03
CA ASN V 209 5.49 47.47 41.89
C ASN V 209 5.29 48.95 41.67
N VAL V 210 4.38 49.58 42.40
CA VAL V 210 4.13 51.01 42.23
C VAL V 210 5.17 51.79 43.01
N THR V 211 5.72 52.82 42.38
CA THR V 211 6.78 53.64 42.95
C THR V 211 6.29 55.07 43.06
N LEU V 212 6.27 55.59 44.28
CA LEU V 212 5.81 56.94 44.53
C LEU V 212 6.99 57.80 44.95
N VAL V 213 7.12 58.98 44.36
CA VAL V 213 8.26 59.87 44.58
C VAL V 213 7.73 61.29 44.63
N ASP V 214 8.25 62.09 45.56
CA ASP V 214 7.79 63.46 45.72
C ASP V 214 8.50 64.37 44.71
N GLN V 215 8.36 65.67 44.91
CA GLN V 215 9.13 66.67 44.18
C GLN V 215 10.44 67.00 44.89
N SER V 216 10.82 66.23 45.90
CA SER V 216 12.05 66.43 46.63
C SER V 216 12.75 65.08 46.81
N GLY V 217 12.83 64.31 45.72
CA GLY V 217 13.33 62.95 45.85
C GLY V 217 12.39 62.16 46.73
N HIS V 218 12.92 61.60 47.80
CA HIS V 218 12.10 60.98 48.85
C HIS V 218 11.21 59.88 48.32
N LEU V 219 11.81 58.79 47.85
CA LEU V 219 11.05 57.60 47.48
C LEU V 219 10.14 57.18 48.64
N LEU V 220 8.83 57.26 48.45
CA LEU V 220 7.90 57.02 49.55
C LEU V 220 7.55 55.55 49.71
N THR V 221 7.52 54.84 48.58
CA THR V 221 7.17 53.39 48.56
C THR V 221 8.37 52.57 49.05
N PHE W 113 3.41 60.41 21.43
CA PHE W 113 3.90 61.81 21.58
C PHE W 113 4.37 62.33 20.21
N GLU W 114 5.61 62.84 20.16
CA GLU W 114 6.18 63.39 18.91
C GLU W 114 6.28 62.30 17.85
N LEU W 115 6.72 61.09 18.24
CA LEU W 115 6.83 59.97 17.28
C LEU W 115 5.44 59.65 16.73
N LEU W 116 4.43 59.64 17.61
CA LEU W 116 3.02 59.37 17.19
C LEU W 116 2.59 60.48 16.23
N ASP W 117 2.96 61.73 16.54
CA ASP W 117 2.61 62.91 15.70
C ASP W 117 3.25 62.73 14.32
N GLN W 118 4.49 62.23 14.27
CA GLN W 118 5.19 62.02 12.98
C GLN W 118 4.71 60.69 12.40
N GLU W 119 3.52 60.70 11.80
CA GLU W 119 2.90 59.48 11.21
C GLU W 119 2.98 59.58 9.68
N LYS W 120 3.41 58.49 9.04
CA LYS W 120 3.55 58.45 7.56
C LYS W 120 2.74 57.27 7.01
N PHE W 121 2.35 57.36 5.73
CA PHE W 121 1.54 56.29 5.10
C PHE W 121 2.36 54.99 5.10
N GLY W 122 3.65 55.09 4.78
CA GLY W 122 4.52 53.89 4.76
C GLY W 122 4.61 53.29 6.14
N ILE W 123 4.46 51.95 6.23
CA ILE W 123 4.51 51.23 7.54
C ILE W 123 5.96 50.86 7.87
N SER W 124 6.78 51.84 8.28
CA SER W 124 8.18 51.49 8.64
C SER W 124 8.13 50.52 9.81
N GLN W 125 8.90 49.43 9.75
CA GLN W 125 8.85 48.41 10.82
C GLN W 125 9.81 48.80 11.95
N PHE W 126 11.10 48.87 11.62
CA PHE W 126 12.20 49.20 12.58
C PHE W 126 11.96 50.58 13.20
N SER W 127 12.28 51.63 12.44
CA SER W 127 12.08 53.02 12.82
C SER W 127 10.78 53.25 13.57
N GLU W 128 9.99 52.19 13.77
CA GLU W 128 8.82 52.26 14.63
C GLU W 128 9.22 52.11 16.09
N GLN W 129 9.98 51.07 16.40
CA GLN W 129 10.47 50.85 17.75
C GLN W 129 11.70 51.67 18.08
N VAL W 130 12.02 52.68 17.27
CA VAL W 130 13.15 53.55 17.52
C VAL W 130 12.64 54.97 17.68
N ASN W 131 11.72 55.37 16.80
CA ASN W 131 11.00 56.62 17.00
C ASN W 131 10.23 56.63 18.31
N TYR W 132 9.91 55.44 18.84
CA TYR W 132 9.24 55.33 20.13
C TYR W 132 10.23 55.44 21.27
N GLN W 133 11.33 54.69 21.20
CA GLN W 133 12.34 54.76 22.24
C GLN W 133 12.89 56.18 22.39
N ARG W 134 13.05 56.89 21.27
CA ARG W 134 13.50 58.28 21.34
C ARG W 134 12.48 59.18 22.04
N ALA W 135 11.22 58.78 22.07
CA ALA W 135 10.20 59.54 22.77
C ALA W 135 10.15 59.19 24.24
N LEU W 136 10.30 57.90 24.56
CA LEU W 136 10.43 57.50 25.96
C LEU W 136 11.58 58.23 26.64
N GLU W 137 12.76 58.20 26.02
CA GLU W 137 13.91 58.92 26.58
C GLU W 137 13.62 60.40 26.77
N GLY W 138 12.88 61.01 25.85
CA GLY W 138 12.55 62.42 26.01
C GLY W 138 11.46 62.68 27.01
N GLU W 139 10.60 61.69 27.26
CA GLU W 139 9.57 61.79 28.29
C GLU W 139 10.13 61.49 29.67
N LEU W 140 10.95 60.44 29.78
CA LEU W 140 11.57 60.11 31.05
C LEU W 140 12.46 61.24 31.55
N ALA W 141 13.14 61.92 30.64
CA ALA W 141 14.00 63.03 31.02
C ALA W 141 13.23 64.31 31.31
N ARG W 142 11.96 64.39 30.93
CA ARG W 142 11.16 65.54 31.27
C ARG W 142 10.63 65.48 32.70
N THR W 143 10.55 64.29 33.29
CA THR W 143 10.09 64.15 34.65
C THR W 143 11.23 64.34 35.62
N ILE W 144 12.37 63.71 35.34
CA ILE W 144 13.55 63.89 36.16
C ILE W 144 13.95 65.36 36.23
N GLU W 145 13.60 66.14 35.22
CA GLU W 145 13.81 67.58 35.31
C GLU W 145 12.88 68.20 36.35
N THR W 146 11.63 67.74 36.39
CA THR W 146 10.67 68.23 37.38
C THR W 146 10.80 67.44 38.67
N LEU W 147 11.97 67.55 39.28
CA LEU W 147 12.28 66.73 40.45
C LEU W 147 13.02 67.49 41.54
N GLY W 148 13.20 68.80 41.43
CA GLY W 148 13.80 69.55 42.50
C GLY W 148 15.25 69.89 42.24
N PRO W 149 16.17 69.13 42.86
CA PRO W 149 17.60 69.42 42.67
C PRO W 149 18.08 69.30 41.23
N VAL W 150 17.40 68.51 40.40
CA VAL W 150 17.82 68.32 39.02
C VAL W 150 17.40 69.54 38.20
N LYS W 151 18.33 70.07 37.42
CA LYS W 151 18.04 71.17 36.49
C LYS W 151 17.74 70.68 35.09
N SER W 152 18.41 69.62 34.65
CA SER W 152 18.15 69.05 33.34
C SER W 152 18.73 67.65 33.27
N ALA W 153 17.92 66.67 32.88
CA ALA W 153 18.38 65.31 32.78
C ALA W 153 18.56 64.93 31.32
N ARG W 154 19.18 63.78 31.10
CA ARG W 154 19.45 63.30 29.74
C ARG W 154 19.64 61.79 29.76
N VAL W 155 18.62 61.03 29.40
CA VAL W 155 18.62 59.59 29.57
C VAL W 155 18.66 58.90 28.22
N HIS W 156 19.47 57.84 28.12
CA HIS W 156 19.49 56.96 26.97
C HIS W 156 19.15 55.55 27.41
N LEU W 157 18.33 54.87 26.62
CA LEU W 157 17.97 53.49 26.91
C LEU W 157 18.71 52.55 25.98
N ALA W 158 18.83 51.30 26.41
CA ALA W 158 19.59 50.30 25.70
C ALA W 158 18.76 49.02 25.56
N MET W 159 17.54 49.13 25.03
CA MET W 159 16.68 47.91 24.87
C MET W 159 17.25 47.01 23.75
N PRO W 160 17.66 45.74 24.01
CA PRO W 160 18.24 44.84 23.02
C PRO W 160 17.69 43.41 23.20
N LYS W 161 16.60 43.03 22.52
CA LYS W 161 16.11 41.66 22.82
C LYS W 161 16.78 40.59 21.95
N PRO W 162 16.99 40.84 20.64
CA PRO W 162 17.56 39.85 19.70
C PRO W 162 18.54 38.75 20.19
N SER W 163 18.22 37.49 19.89
CA SER W 163 19.07 36.32 20.25
C SER W 163 19.26 35.44 19.00
N LEU W 164 20.48 34.99 18.73
CA LEU W 164 20.69 34.15 17.52
C LEU W 164 20.74 32.67 17.91
N PHE W 165 19.73 31.90 17.49
CA PHE W 165 19.65 30.44 17.75
C PHE W 165 19.78 30.15 19.26
N VAL W 166 19.13 30.95 20.11
CA VAL W 166 19.21 30.75 21.59
C VAL W 166 17.98 31.38 22.24
N ARG W 167 17.68 30.99 23.48
CA ARG W 167 16.51 31.53 24.21
C ARG W 167 16.96 32.55 25.26
N GLU W 168 18.23 32.97 25.23
CA GLU W 168 18.74 33.91 26.26
C GLU W 168 17.94 35.21 26.25
N GLN W 169 17.42 35.60 27.41
CA GLN W 169 16.59 36.82 27.62
C GLN W 169 17.40 38.12 27.51
N LYS W 170 18.59 38.17 28.11
CA LYS W 170 19.48 39.37 28.21
C LYS W 170 18.83 40.42 29.13
N SER W 171 19.17 41.71 29.00
CA SER W 171 18.56 42.76 29.86
C SER W 171 18.64 44.15 29.22
N PRO W 172 17.89 45.16 29.72
CA PRO W 172 17.91 46.52 29.19
C PRO W 172 18.71 47.42 30.14
N SER W 173 19.28 48.53 29.65
CA SER W 173 20.04 49.41 30.52
C SER W 173 19.64 50.84 30.21
N ALA W 174 20.04 51.74 31.10
CA ALA W 174 19.77 53.16 30.92
C ALA W 174 20.92 53.94 31.52
N SER W 175 21.01 55.21 31.15
CA SER W 175 22.11 56.03 31.66
C SER W 175 21.61 57.46 31.80
N VAL W 176 21.13 57.80 33.00
CA VAL W 176 20.71 59.16 33.26
C VAL W 176 21.95 60.03 33.47
N THR W 177 21.83 61.31 33.12
CA THR W 177 22.95 62.22 33.19
C THR W 177 22.49 63.55 33.80
N VAL W 178 21.84 63.45 34.97
CA VAL W 178 21.28 64.63 35.61
C VAL W 178 22.33 65.73 35.76
N THR W 179 21.84 66.97 35.75
CA THR W 179 22.68 68.16 35.90
C THR W 179 22.06 68.95 37.03
N LEU W 180 22.55 68.71 38.24
CA LEU W 180 21.91 69.26 39.44
C LEU W 180 21.93 70.78 39.41
N GLU W 181 21.02 71.37 40.18
CA GLU W 181 20.92 72.82 40.26
C GLU W 181 22.19 73.38 40.91
N PRO W 182 22.51 74.64 40.65
CA PRO W 182 23.73 75.23 41.24
C PRO W 182 23.78 75.11 42.75
N GLY W 183 24.77 74.37 43.26
CA GLY W 183 24.91 74.19 44.68
C GLY W 183 23.94 73.19 45.25
N ARG W 184 24.04 71.94 44.80
CA ARG W 184 23.15 70.88 45.25
C ARG W 184 23.82 69.55 45.00
N ALA W 185 23.34 68.52 45.69
CA ALA W 185 23.89 67.18 45.54
C ALA W 185 22.86 66.18 46.00
N LEU W 186 22.65 65.14 45.21
CA LEU W 186 21.64 64.15 45.52
C LEU W 186 22.10 63.27 46.68
N ASP W 187 21.22 63.09 47.66
CA ASP W 187 21.53 62.32 48.86
C ASP W 187 21.60 60.83 48.51
N GLU W 188 21.80 59.99 49.51
CA GLU W 188 21.93 58.56 49.26
C GLU W 188 20.59 57.92 48.93
N GLY W 189 19.49 58.53 49.39
CA GLY W 189 18.17 58.00 49.11
C GLY W 189 17.50 58.76 47.99
N GLN W 190 18.12 59.87 47.59
CA GLN W 190 17.69 60.62 46.42
C GLN W 190 18.24 60.04 45.13
N ILE W 191 19.15 59.07 45.22
CA ILE W 191 19.63 58.36 44.04
C ILE W 191 18.64 57.29 43.63
N SER W 192 18.16 56.50 44.58
CA SER W 192 17.15 55.49 44.30
C SER W 192 15.85 56.12 43.80
N ALA W 193 15.58 57.38 44.16
CA ALA W 193 14.46 58.08 43.56
C ALA W 193 14.60 58.13 42.06
N VAL W 194 15.76 58.56 41.56
CA VAL W 194 15.97 58.68 40.13
C VAL W 194 16.27 57.33 39.48
N VAL W 195 16.74 56.35 40.25
CA VAL W 195 16.96 55.03 39.68
C VAL W 195 15.63 54.33 39.43
N HIS W 196 14.79 54.24 40.47
CA HIS W 196 13.51 53.59 40.32
C HIS W 196 12.56 54.39 39.43
N LEU W 197 12.75 55.70 39.32
CA LEU W 197 11.98 56.51 38.39
C LEU W 197 12.19 56.09 36.95
N VAL W 198 13.28 55.37 36.66
CA VAL W 198 13.61 54.96 35.31
C VAL W 198 13.55 53.45 35.22
N SER W 199 14.00 52.76 36.27
CA SER W 199 13.93 51.31 36.29
C SER W 199 12.51 50.81 36.11
N SER W 200 11.52 51.56 36.59
CA SER W 200 10.14 51.13 36.53
C SER W 200 9.41 51.61 35.29
N ALA W 201 9.82 52.73 34.72
CA ALA W 201 9.19 53.25 33.52
C ALA W 201 9.67 52.56 32.25
N VAL W 202 10.51 51.54 32.36
CA VAL W 202 11.05 50.82 31.21
C VAL W 202 10.88 49.33 31.44
N ALA W 203 10.35 48.64 30.43
CA ALA W 203 9.96 47.25 30.58
C ALA W 203 11.20 46.35 30.75
N GLY W 204 11.24 45.62 31.85
CA GLY W 204 12.30 44.64 32.07
C GLY W 204 13.64 45.21 32.45
N LEU W 205 13.67 46.41 33.02
CA LEU W 205 14.93 47.07 33.39
C LEU W 205 15.10 47.05 34.89
N PRO W 206 15.96 46.17 35.42
CA PRO W 206 16.20 46.16 36.86
C PRO W 206 16.89 47.43 37.30
N PRO W 207 16.86 47.76 38.59
CA PRO W 207 17.57 48.96 39.07
C PRO W 207 19.06 48.78 39.12
N GLY W 208 19.58 47.58 38.91
CA GLY W 208 21.01 47.36 38.84
C GLY W 208 21.65 47.70 37.52
N ASN W 209 20.85 48.11 36.54
CA ASN W 209 21.36 48.51 35.23
C ASN W 209 21.28 50.00 34.97
N VAL W 210 20.63 50.76 35.84
CA VAL W 210 20.50 52.19 35.62
C VAL W 210 21.77 52.87 36.11
N THR W 211 22.27 53.80 35.32
CA THR W 211 23.52 54.50 35.59
C THR W 211 23.24 55.99 35.72
N LEU W 212 23.54 56.55 36.87
CA LEU W 212 23.30 57.96 37.14
C LEU W 212 24.63 58.68 37.25
N VAL W 213 24.75 59.81 36.55
CA VAL W 213 26.00 60.56 36.48
C VAL W 213 25.66 62.05 36.55
N ASP W 214 26.45 62.80 37.28
CA ASP W 214 26.19 64.23 37.44
C ASP W 214 26.76 65.00 36.26
N GLN W 215 26.81 66.32 36.40
CA GLN W 215 27.50 67.19 35.46
C GLN W 215 28.97 67.39 35.85
N SER W 216 29.46 66.61 36.80
CA SER W 216 30.86 66.69 37.24
C SER W 216 31.42 65.28 37.36
N GLY W 217 31.17 64.46 36.34
CA GLY W 217 31.53 63.06 36.44
C GLY W 217 30.73 62.41 37.54
N HIS W 218 31.42 61.83 38.52
CA HIS W 218 30.78 61.37 39.75
C HIS W 218 29.68 60.36 39.49
N LEU W 219 30.03 59.19 38.98
CA LEU W 219 29.08 58.09 38.86
C LEU W 219 28.43 57.83 40.20
N LEU W 220 27.10 58.06 40.29
CA LEU W 220 26.43 57.98 41.57
C LEU W 220 25.95 56.57 41.90
N THR W 221 25.60 55.83 40.85
CA THR W 221 25.10 54.43 41.00
C THR W 221 26.27 53.49 41.27
N UNK X 1 4.18 -19.82 59.37
CA UNK X 1 4.82 -19.10 58.25
C UNK X 1 5.30 -17.72 58.72
N UNK X 2 6.11 -17.05 57.91
CA UNK X 2 6.67 -15.72 58.24
C UNK X 2 5.55 -14.69 58.37
N UNK X 3 4.56 -14.76 57.48
CA UNK X 3 3.39 -13.83 57.41
C UNK X 3 3.84 -12.38 57.19
N UNK X 4 4.90 -12.19 56.39
CA UNK X 4 5.52 -10.92 55.94
C UNK X 4 6.38 -10.25 57.01
N UNK X 5 7.08 -9.18 56.64
CA UNK X 5 7.91 -8.42 57.60
C UNK X 5 7.16 -7.14 57.99
N UNK X 6 6.63 -6.47 56.97
CA UNK X 6 5.83 -5.22 57.03
C UNK X 6 6.66 -4.01 57.50
N UNK X 7 7.99 -4.08 57.38
CA UNK X 7 8.83 -2.93 57.78
C UNK X 7 8.56 -1.76 56.84
N UNK X 8 8.51 -2.07 55.54
CA UNK X 8 8.26 -1.09 54.44
C UNK X 8 9.29 0.05 54.48
N UNK X 9 10.55 -0.23 54.80
CA UNK X 9 11.62 0.79 54.85
C UNK X 9 12.99 0.11 54.87
N UNK X 10 13.60 0.03 56.05
CA UNK X 10 14.93 -0.60 56.24
C UNK X 10 14.84 -2.09 55.90
N UNK X 11 13.77 -2.75 56.33
CA UNK X 11 13.56 -4.19 56.07
C UNK X 11 14.84 -4.98 56.44
N UNK Y 1 51.55 6.51 16.78
CA UNK Y 1 51.83 7.93 16.48
C UNK Y 1 52.33 8.63 17.74
N UNK Y 2 53.55 9.17 17.69
CA UNK Y 2 54.14 9.87 18.85
C UNK Y 2 53.28 11.10 19.17
N UNK Y 3 52.85 11.81 18.12
CA UNK Y 3 52.00 13.02 18.31
C UNK Y 3 50.69 12.61 18.96
N UNK Y 4 50.12 11.48 18.52
CA UNK Y 4 48.84 10.98 19.08
C UNK Y 4 49.04 10.67 20.56
N UNK Y 5 50.17 10.03 20.90
CA UNK Y 5 50.45 9.68 22.31
C UNK Y 5 50.56 10.96 23.12
N UNK Y 6 51.23 11.99 22.58
CA UNK Y 6 51.40 13.27 23.29
C UNK Y 6 50.02 13.91 23.53
N UNK Y 7 49.15 13.85 22.51
CA UNK Y 7 47.80 14.43 22.61
C UNK Y 7 47.03 13.71 23.71
N UNK Y 8 47.13 12.38 23.77
CA UNK Y 8 46.41 11.62 24.82
C UNK Y 8 46.96 12.06 26.18
N UNK Y 9 48.29 12.16 26.27
CA UNK Y 9 48.94 12.63 27.51
C UNK Y 9 48.40 14.03 27.79
N UNK Y 10 48.44 14.92 26.79
CA UNK Y 10 47.94 16.29 27.03
C UNK Y 10 46.46 16.22 27.42
N UNK Y 11 45.69 15.38 26.72
CA UNK Y 11 44.24 15.23 26.98
C UNK Y 11 44.02 14.70 28.40
N UNK Y 12 44.83 13.72 28.81
CA UNK Y 12 44.70 13.13 30.16
C UNK Y 12 44.99 14.22 31.19
N UNK Y 13 46.02 15.02 30.94
CA UNK Y 13 46.40 16.11 31.86
C UNK Y 13 45.25 17.13 31.94
N UNK Y 14 44.63 17.43 30.79
CA UNK Y 14 43.51 18.38 30.72
C UNK Y 14 42.33 17.85 31.54
N UNK Y 15 42.08 16.54 31.44
CA UNK Y 15 40.99 15.88 32.19
C UNK Y 15 41.30 16.00 33.69
N UNK Y 16 42.57 15.81 34.07
CA UNK Y 16 42.97 15.92 35.48
C UNK Y 16 42.72 17.35 35.96
N UNK Y 17 43.05 18.33 35.12
CA UNK Y 17 42.85 19.75 35.49
C UNK Y 17 41.35 19.99 35.69
N UNK Y 18 40.52 19.45 34.81
CA UNK Y 18 39.05 19.58 34.91
C UNK Y 18 38.59 19.03 36.25
N UNK Z 1 7.71 14.08 52.99
CA UNK Z 1 8.18 15.42 53.38
C UNK Z 1 7.10 16.13 54.20
N UNK Z 2 7.33 17.39 54.59
CA UNK Z 2 6.34 18.17 55.36
C UNK Z 2 5.10 18.35 54.50
N UNK Z 3 5.32 18.65 53.22
CA UNK Z 3 4.22 18.83 52.25
C UNK Z 3 3.47 17.50 52.12
N UNK Z 4 4.20 16.40 52.08
CA UNK Z 4 3.56 15.07 51.96
C UNK Z 4 2.67 14.82 53.18
N UNK Z 5 3.15 15.16 54.38
CA UNK Z 5 2.35 14.96 55.60
C UNK Z 5 1.09 15.82 55.53
N UNK Z 6 1.24 17.06 55.07
CA UNK Z 6 0.08 17.97 54.95
C UNK Z 6 -0.93 17.39 53.96
N UNK Z 7 -0.43 16.84 52.86
CA UNK Z 7 -1.25 16.21 51.80
C UNK Z 7 -2.01 15.02 52.38
N UNK Z 8 -1.35 14.21 53.22
CA UNK Z 8 -2.02 13.05 53.85
C UNK Z 8 -3.14 13.58 54.75
N UNK Z 9 -2.87 14.67 55.48
CA UNK Z 9 -3.90 15.28 56.35
C UNK Z 9 -5.07 15.76 55.49
N UNK Z 10 -4.76 16.37 54.35
CA UNK Z 10 -5.78 16.89 53.40
C UNK Z 10 -6.62 15.72 52.88
N UNK Z 11 -5.97 14.60 52.60
CA UNK Z 11 -6.60 13.36 52.09
C UNK Z 11 -7.57 12.85 53.16
N UNK Z 12 -7.14 12.90 54.41
CA UNK Z 12 -8.00 12.49 55.54
C UNK Z 12 -9.22 13.40 55.57
N UNK Z 13 -9.01 14.71 55.39
CA UNK Z 13 -10.14 15.65 55.38
C UNK Z 13 -11.10 15.29 54.24
N UNK Z 14 -10.56 14.97 53.07
CA UNK Z 14 -11.41 14.62 51.90
C UNK Z 14 -12.22 13.37 52.22
N UNK Z 15 -11.57 12.39 52.85
CA UNK Z 15 -12.22 11.13 53.20
C UNK Z 15 -13.36 11.41 54.19
N UNK Z 16 -13.11 12.28 55.15
CA UNK Z 16 -14.12 12.65 56.16
C UNK Z 16 -15.30 13.31 55.45
N UNK Z 17 -15.01 14.17 54.48
CA UNK Z 17 -16.09 14.86 53.71
C UNK Z 17 -16.92 13.79 53.02
N UNK Z 18 -16.26 12.81 52.41
CA UNK Z 18 -16.96 11.69 51.76
C UNK Z 18 -17.79 10.95 52.82
N UNK AA 1 -44.49 -9.28 38.17
CA UNK AA 1 -45.34 -8.10 38.44
C UNK AA 1 -45.91 -7.56 37.13
N UNK AA 2 -45.63 -6.30 36.81
CA UNK AA 2 -46.11 -5.68 35.56
C UNK AA 2 -45.49 -6.44 34.38
N UNK AA 3 -44.20 -6.77 34.49
CA UNK AA 3 -43.48 -7.52 33.43
C UNK AA 3 -44.14 -8.90 33.27
N UNK AA 4 -44.48 -9.53 34.39
CA UNK AA 4 -45.13 -10.86 34.37
C UNK AA 4 -46.48 -10.75 33.65
N UNK AA 5 -47.23 -9.68 33.94
CA UNK AA 5 -48.56 -9.44 33.31
C UNK AA 5 -48.37 -9.28 31.79
N UNK AA 6 -47.34 -8.53 31.40
CA UNK AA 6 -47.05 -8.31 29.97
C UNK AA 6 -46.73 -9.66 29.31
N UNK AA 7 -45.96 -10.49 30.00
CA UNK AA 7 -45.58 -11.83 29.49
C UNK AA 7 -46.85 -12.67 29.31
N UNK AA 8 -47.77 -12.62 30.29
CA UNK AA 8 -49.02 -13.39 30.21
C UNK AA 8 -49.84 -12.92 28.99
N UNK AA 9 -49.90 -11.61 28.78
CA UNK AA 9 -50.66 -11.05 27.64
C UNK AA 9 -50.02 -11.54 26.33
N UNK AA 10 -48.68 -11.54 26.28
CA UNK AA 10 -47.93 -11.98 25.09
C UNK AA 10 -48.22 -13.45 24.82
N UNK AA 11 -48.25 -14.26 25.88
CA UNK AA 11 -48.51 -15.71 25.76
C UNK AA 11 -49.92 -15.90 25.20
N UNK AA 12 -50.87 -15.10 25.69
CA UNK AA 12 -52.28 -15.19 25.20
C UNK AA 12 -52.31 -14.85 23.72
N UNK AA 13 -51.57 -13.81 23.32
CA UNK AA 13 -51.54 -13.39 21.90
C UNK AA 13 -50.96 -14.53 21.06
N UNK AA 14 -49.89 -15.16 21.55
CA UNK AA 14 -49.24 -16.27 20.82
C UNK AA 14 -50.22 -17.43 20.67
N UNK AA 15 -50.96 -17.74 21.72
CA UNK AA 15 -51.95 -18.85 21.69
C UNK AA 15 -53.02 -18.53 20.65
N UNK AA 16 -53.49 -17.29 20.63
CA UNK AA 16 -54.54 -16.88 19.66
C UNK AA 16 -53.99 -17.01 18.24
N UNK AA 17 -52.72 -16.62 18.05
CA UNK AA 17 -52.06 -16.68 16.73
C UNK AA 17 -51.96 -18.13 16.27
N UNK AA 18 -51.64 -19.04 17.20
CA UNK AA 18 -51.51 -20.49 16.89
C UNK AA 18 -52.76 -20.96 16.14
N UNK BA 1 -45.83 -35.74 -15.26
CA UNK BA 1 -45.15 -34.47 -15.58
C UNK BA 1 -43.64 -34.71 -15.65
N UNK BA 2 -43.03 -35.01 -14.50
CA UNK BA 2 -41.57 -35.27 -14.43
C UNK BA 2 -41.25 -36.50 -15.30
N UNK BA 3 -42.09 -37.53 -15.23
CA UNK BA 3 -41.89 -38.77 -16.03
C UNK BA 3 -41.95 -38.43 -17.52
N UNK BA 4 -42.91 -37.58 -17.90
CA UNK BA 4 -43.07 -37.17 -19.33
C UNK BA 4 -41.80 -36.43 -19.76
N UNK BA 5 -41.29 -35.55 -18.89
CA UNK BA 5 -40.07 -34.78 -19.20
C UNK BA 5 -38.91 -35.75 -19.40
N UNK BA 6 -38.82 -36.77 -18.53
CA UNK BA 6 -37.75 -37.79 -18.59
C UNK BA 6 -37.87 -38.55 -19.92
N UNK BA 7 -39.09 -38.88 -20.34
CA UNK BA 7 -39.33 -39.60 -21.60
C UNK BA 7 -38.86 -38.72 -22.78
N UNK BA 8 -39.14 -37.43 -22.70
CA UNK BA 8 -38.73 -36.47 -23.76
C UNK BA 8 -37.19 -36.45 -23.80
N UNK BA 9 -36.56 -36.44 -22.63
CA UNK BA 9 -35.09 -36.43 -22.51
C UNK BA 9 -34.53 -37.71 -23.15
N UNK BA 10 -35.20 -38.85 -22.90
CA UNK BA 10 -34.78 -40.15 -23.46
C UNK BA 10 -34.87 -40.10 -24.99
N UNK BA 11 -35.94 -39.49 -25.50
CA UNK BA 11 -36.12 -39.35 -26.97
C UNK BA 11 -34.99 -38.50 -27.53
N UNK BA 12 -34.63 -37.43 -26.82
CA UNK BA 12 -33.54 -36.52 -27.24
C UNK BA 12 -32.22 -37.29 -27.26
N UNK BA 13 -32.00 -38.13 -26.25
CA UNK BA 13 -30.77 -38.95 -26.13
C UNK BA 13 -30.71 -39.91 -27.32
N UNK BA 14 -31.85 -40.52 -27.67
CA UNK BA 14 -31.91 -41.47 -28.80
C UNK BA 14 -31.56 -40.72 -30.08
N UNK BA 15 -32.08 -39.50 -30.23
CA UNK BA 15 -31.78 -38.67 -31.42
C UNK BA 15 -30.28 -38.37 -31.47
N UNK CA 1 41.51 -18.85 -31.46
CA UNK CA 1 41.54 -20.24 -30.95
C UNK CA 1 42.81 -20.46 -30.15
N UNK CA 2 43.63 -21.44 -30.57
CA UNK CA 2 44.91 -21.73 -29.89
C UNK CA 2 45.83 -20.51 -30.02
N UNK CA 3 45.83 -19.89 -31.20
CA UNK CA 3 46.66 -18.69 -31.46
C UNK CA 3 46.18 -17.57 -30.53
N UNK CA 4 44.87 -17.43 -30.38
CA UNK CA 4 44.28 -16.39 -29.50
C UNK CA 4 44.74 -16.65 -28.06
N UNK CA 5 44.72 -17.92 -27.64
CA UNK CA 5 45.15 -18.28 -26.28
C UNK CA 5 46.62 -17.90 -26.09
N UNK CA 6 47.44 -18.18 -27.11
CA UNK CA 6 48.89 -17.87 -27.06
C UNK CA 6 49.09 -16.36 -26.93
N UNK CA 7 48.31 -15.59 -27.70
CA UNK CA 7 48.40 -14.11 -27.68
C UNK CA 7 48.02 -13.62 -26.28
N UNK CA 8 46.98 -14.22 -25.70
CA UNK CA 8 46.50 -13.86 -24.35
C UNK CA 8 47.61 -14.16 -23.34
N UNK CA 9 48.30 -15.30 -23.51
CA UNK CA 9 49.39 -15.70 -22.61
C UNK CA 9 50.52 -14.67 -22.71
N UNK CA 10 50.83 -14.23 -23.93
CA UNK CA 10 51.90 -13.23 -24.15
C UNK CA 10 51.50 -11.92 -23.46
N UNK CA 11 50.23 -11.54 -23.59
CA UNK CA 11 49.72 -10.29 -22.98
C UNK CA 11 49.83 -10.40 -21.46
N UNK CA 12 49.51 -11.58 -20.92
CA UNK CA 12 49.57 -11.87 -19.47
C UNK CA 12 51.02 -11.73 -19.01
N UNK CA 13 51.96 -12.24 -19.80
CA UNK CA 13 53.40 -12.15 -19.49
C UNK CA 13 53.81 -10.67 -19.45
N UNK CA 14 53.32 -9.89 -20.41
CA UNK CA 14 53.63 -8.45 -20.48
C UNK CA 14 53.08 -7.76 -19.21
N UNK CA 15 51.87 -8.13 -18.80
CA UNK CA 15 51.22 -7.56 -17.60
C UNK CA 15 52.05 -7.92 -16.36
N UNK CA 16 52.55 -9.16 -16.32
CA UNK CA 16 53.38 -9.63 -15.19
C UNK CA 16 54.66 -8.79 -15.14
N UNK CA 17 55.25 -8.52 -16.31
CA UNK CA 17 56.48 -7.71 -16.39
C UNK CA 17 56.16 -6.31 -15.85
N UNK CA 18 55.01 -5.76 -16.24
CA UNK CA 18 54.59 -4.42 -15.76
C UNK CA 18 54.25 -4.52 -14.28
N UNK DA 1 -5.81 -42.29 -40.12
CA UNK DA 1 -6.51 -42.08 -41.41
C UNK DA 1 -5.87 -40.89 -42.13
N UNK DA 2 -6.64 -39.83 -42.36
CA UNK DA 2 -6.12 -38.62 -43.04
C UNK DA 2 -5.01 -38.02 -42.17
N UNK DA 3 -5.24 -37.98 -40.85
CA UNK DA 3 -4.24 -37.44 -39.89
C UNK DA 3 -2.97 -38.29 -39.97
N UNK DA 4 -3.12 -39.61 -40.04
CA UNK DA 4 -1.96 -40.53 -40.12
C UNK DA 4 -1.19 -40.26 -41.41
N UNK DA 5 -1.91 -40.04 -42.52
CA UNK DA 5 -1.30 -39.75 -43.84
C UNK DA 5 -0.52 -38.43 -43.74
N UNK DA 6 -1.11 -37.45 -43.04
CA UNK DA 6 -0.48 -36.13 -42.83
C UNK DA 6 0.82 -36.33 -42.02
N UNK DA 7 0.76 -37.20 -41.01
CA UNK DA 7 1.92 -37.53 -40.16
C UNK DA 7 3.01 -38.16 -41.02
N UNK DA 8 2.63 -39.04 -41.96
CA UNK DA 8 3.60 -39.70 -42.87
C UNK DA 8 4.26 -38.63 -43.74
N UNK DA 9 3.46 -37.67 -44.22
CA UNK DA 9 3.98 -36.57 -45.05
C UNK DA 9 4.96 -35.74 -44.22
N UNK DA 10 4.63 -35.51 -42.95
CA UNK DA 10 5.46 -34.76 -41.99
C UNK DA 10 6.78 -35.49 -41.79
N UNK DA 11 6.72 -36.83 -41.71
CA UNK DA 11 7.91 -37.69 -41.55
C UNK DA 11 8.80 -37.52 -42.79
N UNK DA 12 8.17 -37.47 -43.96
CA UNK DA 12 8.90 -37.25 -45.23
C UNK DA 12 9.58 -35.88 -45.18
N UNK DA 13 8.88 -34.87 -44.66
CA UNK DA 13 9.41 -33.49 -44.51
C UNK DA 13 10.60 -33.51 -43.55
N UNK DA 14 10.51 -34.29 -42.47
CA UNK DA 14 11.58 -34.44 -41.46
C UNK DA 14 12.80 -35.07 -42.14
N UNK DA 15 12.55 -36.05 -43.01
CA UNK DA 15 13.63 -36.72 -43.78
C UNK DA 15 14.29 -35.69 -44.69
N UNK DA 16 13.49 -34.81 -45.30
CA UNK DA 16 14.00 -33.74 -46.18
C UNK DA 16 14.90 -32.81 -45.35
N UNK DA 17 14.45 -32.49 -44.13
CA UNK DA 17 15.22 -31.60 -43.23
C UNK DA 17 16.57 -32.28 -42.92
N UNK DA 18 16.53 -33.58 -42.66
CA UNK DA 18 17.75 -34.37 -42.37
C UNK DA 18 18.41 -34.76 -43.70
N UNK EA 1 2.34 -57.14 -16.41
CA UNK EA 1 1.14 -57.80 -16.93
C UNK EA 1 0.37 -56.88 -17.86
N UNK EA 2 -0.86 -57.33 -18.21
CA UNK EA 2 -1.73 -56.55 -19.12
C UNK EA 2 -3.15 -56.48 -18.55
N UNK EA 3 -3.76 -55.28 -18.64
CA UNK EA 3 -5.11 -54.99 -18.12
C UNK EA 3 -6.19 -55.52 -19.07
N UNK EA 4 -7.45 -55.43 -18.64
CA UNK EA 4 -8.62 -55.89 -19.42
C UNK EA 4 -8.74 -55.05 -20.68
N UNK EA 5 -8.01 -53.93 -20.73
CA UNK EA 5 -8.03 -53.01 -21.90
C UNK EA 5 -9.41 -52.33 -22.00
N UNK EA 6 -10.04 -52.40 -23.18
CA UNK EA 6 -11.33 -51.70 -23.36
C UNK EA 6 -12.35 -52.21 -22.33
N UNK EA 7 -13.03 -51.28 -21.66
CA UNK EA 7 -14.05 -51.61 -20.65
C UNK EA 7 -15.35 -50.85 -20.97
N UNK EA 8 -16.47 -51.57 -21.05
CA UNK EA 8 -17.77 -50.91 -21.33
C UNK EA 8 -18.79 -51.30 -20.24
N UNK EA 9 -19.39 -50.31 -19.60
CA UNK EA 9 -20.43 -50.55 -18.56
C UNK EA 9 -19.79 -51.13 -17.29
N UNK EA 10 -19.12 -52.28 -17.41
CA UNK EA 10 -18.50 -52.94 -16.23
C UNK EA 10 -17.08 -53.42 -16.56
N UNK EA 11 -16.27 -53.61 -15.52
CA UNK EA 11 -14.87 -54.09 -15.67
C UNK EA 11 -14.41 -54.75 -14.38
N UNK FA 1 44.09 -19.49 37.82
CA UNK FA 1 44.20 -19.40 36.34
C UNK FA 1 45.26 -18.37 35.96
N UNK FA 2 45.56 -18.26 34.66
CA UNK FA 2 46.57 -17.30 34.16
C UNK FA 2 46.15 -15.86 34.46
N UNK FA 3 44.85 -15.58 34.34
CA UNK FA 3 44.24 -14.24 34.57
C UNK FA 3 44.82 -13.19 33.60
N UNK FA 4 45.06 -13.58 32.35
CA UNK FA 4 45.55 -12.74 31.21
C UNK FA 4 47.03 -12.35 31.27
N UNK FA 5 47.67 -12.27 30.09
CA UNK FA 5 49.09 -11.88 29.98
C UNK FA 5 49.25 -10.40 29.61
N UNK FA 6 48.13 -9.72 29.33
CA UNK FA 6 48.16 -8.27 28.99
C UNK FA 6 49.18 -8.02 27.87
N UNK FA 7 49.11 -8.80 26.79
CA UNK FA 7 50.10 -8.70 25.68
C UNK FA 7 49.74 -7.62 24.65
N UNK FA 8 50.65 -7.41 23.70
CA UNK FA 8 50.60 -6.47 22.56
C UNK FA 8 51.42 -7.13 21.44
N UNK FA 9 50.74 -7.58 20.38
CA UNK FA 9 51.34 -8.44 19.32
C UNK FA 9 52.29 -9.46 19.97
N UNK FA 10 51.90 -10.01 21.12
CA UNK FA 10 52.73 -11.01 21.83
C UNK FA 10 52.14 -12.40 21.62
N UNK FA 11 52.21 -13.25 22.65
CA UNK FA 11 51.67 -14.63 22.56
C UNK FA 11 50.84 -14.93 23.81
N UNK FA 12 49.91 -15.88 23.71
CA UNK FA 12 49.06 -16.24 24.86
C UNK FA 12 49.57 -15.55 26.12
N UNK GA 1 45.01 -35.01 -15.03
CA UNK GA 1 43.68 -34.58 -15.51
C UNK GA 1 43.59 -34.77 -17.03
N UNK GA 2 42.73 -35.68 -17.48
CA UNK GA 2 42.55 -35.97 -18.92
C UNK GA 2 42.03 -34.73 -19.66
N UNK GA 3 41.10 -34.00 -19.04
CA UNK GA 3 40.52 -32.77 -19.64
C UNK GA 3 39.98 -33.08 -21.05
N UNK GA 4 39.21 -34.17 -21.17
CA UNK GA 4 38.63 -34.61 -22.46
C UNK GA 4 37.22 -35.16 -22.20
N UNK GA 5 36.45 -35.45 -23.26
CA UNK GA 5 35.09 -36.00 -23.09
C UNK GA 5 35.22 -37.34 -22.34
N UNK GA 6 36.18 -38.17 -22.74
CA UNK GA 6 36.49 -39.40 -21.98
C UNK GA 6 37.69 -39.05 -21.11
N UNK GA 7 37.51 -39.06 -19.78
CA UNK GA 7 38.61 -38.68 -18.86
C UNK GA 7 38.70 -39.71 -17.74
N UNK GA 8 37.66 -39.77 -16.90
CA UNK GA 8 37.60 -40.75 -15.79
C UNK GA 8 38.89 -40.63 -14.96
N UNK GA 9 39.63 -41.73 -14.82
CA UNK GA 9 40.91 -41.77 -14.07
C UNK GA 9 40.75 -41.21 -12.65
N UNK GA 10 40.05 -41.96 -11.78
CA UNK GA 10 39.84 -41.52 -10.38
C UNK GA 10 41.18 -41.15 -9.75
N UNK HA 1 -33.29 -32.42 37.91
CA UNK HA 1 -32.36 -31.47 38.56
C UNK HA 1 -33.10 -30.70 39.65
N UNK HA 2 -32.37 -29.92 40.44
CA UNK HA 2 -33.00 -29.12 41.51
C UNK HA 2 -33.24 -27.73 40.95
N UNK HA 3 -33.98 -27.65 39.85
CA UNK HA 3 -34.30 -26.41 39.11
C UNK HA 3 -34.57 -25.26 40.07
N UNK HA 4 -33.53 -24.56 40.56
CA UNK HA 4 -33.94 -23.47 41.47
C UNK HA 4 -34.28 -22.24 40.64
N UNK HA 5 -33.46 -21.95 39.62
CA UNK HA 5 -33.66 -20.79 38.73
C UNK HA 5 -33.91 -19.53 39.56
N ASP IA 232 66.71 7.59 -34.49
CA ASP IA 232 66.41 8.99 -34.77
C ASP IA 232 67.39 9.95 -34.07
N ALA IA 233 67.06 10.37 -32.84
CA ALA IA 233 67.91 11.32 -32.14
C ALA IA 233 69.07 10.66 -31.41
N GLN IA 234 69.01 9.34 -31.21
CA GLN IA 234 70.07 8.64 -30.50
C GLN IA 234 71.42 8.88 -31.16
N LEU IA 235 71.47 8.91 -32.48
CA LEU IA 235 72.71 9.18 -33.17
C LEU IA 235 73.25 10.57 -32.85
N LYS IA 236 72.36 11.56 -32.76
CA LYS IA 236 72.80 12.92 -32.45
C LYS IA 236 73.35 13.00 -31.03
N PHE IA 237 72.67 12.35 -30.08
CA PHE IA 237 73.17 12.35 -28.70
C PHE IA 237 74.54 11.67 -28.62
N ALA IA 238 74.69 10.51 -29.26
CA ALA IA 238 75.98 9.84 -29.25
C ALA IA 238 77.06 10.69 -29.90
N ASN IA 239 76.72 11.37 -31.00
CA ASN IA 239 77.69 12.25 -31.65
C ASN IA 239 78.13 13.36 -30.73
N ASP IA 240 77.19 13.93 -29.97
CA ASP IA 240 77.56 15.00 -29.04
C ASP IA 240 78.51 14.48 -27.96
N VAL IA 241 78.22 13.32 -27.39
CA VAL IA 241 79.11 12.77 -26.36
C VAL IA 241 80.50 12.52 -26.93
N GLU IA 242 80.56 11.91 -28.11
CA GLU IA 242 81.85 11.66 -28.74
C GLU IA 242 82.61 12.95 -29.01
N SER IA 243 81.89 14.00 -29.43
CA SER IA 243 82.56 15.28 -29.69
C SER IA 243 83.14 15.86 -28.41
N ARG IA 244 82.39 15.80 -27.32
CA ARG IA 244 82.91 16.25 -26.03
C ARG IA 244 84.21 15.54 -25.69
N ILE IA 245 84.21 14.21 -25.70
CA ILE IA 245 85.40 13.48 -25.28
C ILE IA 245 86.57 13.77 -26.23
N GLN IA 246 86.29 13.88 -27.52
CA GLN IA 246 87.36 14.14 -28.49
C GLN IA 246 87.98 15.50 -28.27
N ARG IA 247 87.16 16.54 -28.12
CA ARG IA 247 87.71 17.88 -27.93
C ARG IA 247 88.48 17.96 -26.62
N ARG IA 248 88.03 17.25 -25.58
CA ARG IA 248 88.75 17.28 -24.32
C ARG IA 248 90.12 16.61 -24.46
N ILE IA 249 90.17 15.44 -25.09
CA ILE IA 249 91.45 14.76 -25.25
C ILE IA 249 92.41 15.62 -26.07
N GLU IA 250 91.93 16.17 -27.18
CA GLU IA 250 92.82 17.01 -27.97
C GLU IA 250 93.27 18.26 -27.24
N ALA IA 251 92.40 18.89 -26.46
CA ALA IA 251 92.77 20.10 -25.74
C ALA IA 251 93.75 19.84 -24.61
N ILE IA 252 93.67 18.68 -23.95
CA ILE IA 252 94.69 18.38 -22.94
C ILE IA 252 96.01 17.96 -23.57
N LEU IA 253 95.99 17.19 -24.66
CA LEU IA 253 97.24 16.70 -25.23
C LEU IA 253 97.93 17.67 -26.17
N SER IA 254 97.24 18.73 -26.62
CA SER IA 254 97.88 19.65 -27.55
C SER IA 254 99.05 20.42 -26.93
N PRO IA 255 98.97 21.02 -25.74
CA PRO IA 255 100.09 21.84 -25.26
C PRO IA 255 101.40 21.08 -25.15
N ILE IA 256 101.37 19.76 -25.00
CA ILE IA 256 102.61 19.00 -24.88
C ILE IA 256 103.25 18.79 -26.24
N VAL IA 257 102.48 18.30 -27.21
CA VAL IA 257 103.05 17.88 -28.49
C VAL IA 257 102.98 18.95 -29.58
N GLY IA 258 102.11 19.94 -29.44
CA GLY IA 258 102.03 21.01 -30.41
C GLY IA 258 100.59 21.42 -30.69
N ASN IA 259 100.47 22.40 -31.58
CA ASN IA 259 99.16 22.93 -31.90
C ASN IA 259 98.24 21.87 -32.50
N GLY IA 260 98.64 21.24 -33.60
CA GLY IA 260 97.77 20.34 -34.30
C GLY IA 260 98.42 19.05 -34.73
N ASN IA 261 99.37 18.57 -33.93
CA ASN IA 261 100.10 17.34 -34.25
C ASN IA 261 99.50 16.12 -33.55
N VAL IA 262 98.19 16.11 -33.34
CA VAL IA 262 97.52 14.96 -32.73
C VAL IA 262 96.06 14.97 -33.17
N HIS IA 263 95.51 13.77 -33.40
CA HIS IA 263 94.11 13.60 -33.73
C HIS IA 263 93.57 12.40 -32.98
N ALA IA 264 92.28 12.43 -32.66
CA ALA IA 264 91.65 11.34 -31.92
C ALA IA 264 90.22 11.16 -32.41
N GLN IA 265 89.76 9.91 -32.38
CA GLN IA 265 88.40 9.56 -32.73
C GLN IA 265 87.91 8.52 -31.75
N VAL IA 266 86.72 8.74 -31.18
CA VAL IA 266 86.20 7.90 -30.12
C VAL IA 266 84.87 7.30 -30.56
N THR IA 267 84.60 6.08 -30.15
CA THR IA 267 83.36 5.40 -30.47
C THR IA 267 82.67 5.01 -29.17
N ALA IA 268 81.49 5.55 -28.94
CA ALA IA 268 80.78 5.39 -27.68
C ALA IA 268 79.65 4.39 -27.85
N GLN IA 269 79.67 3.34 -27.03
CA GLN IA 269 78.58 2.38 -27.00
C GLN IA 269 77.56 2.83 -25.96
N LEU IA 270 76.52 3.53 -26.40
CA LEU IA 270 75.50 4.03 -25.49
C LEU IA 270 74.42 2.98 -25.28
N ASP IA 271 73.73 3.09 -24.15
CA ASP IA 271 72.66 2.15 -23.82
C ASP IA 271 71.38 2.96 -23.60
N PHE IA 272 70.30 2.53 -24.26
CA PHE IA 272 69.03 3.22 -24.18
C PHE IA 272 67.91 2.33 -23.65
N ALA IA 273 68.23 1.15 -23.14
CA ALA IA 273 67.21 0.24 -22.67
C ALA IA 273 66.64 0.72 -21.34
N ASN IA 274 65.34 1.06 -21.34
CA ASN IA 274 64.67 1.44 -20.11
C ASN IA 274 64.71 0.28 -19.12
N LYS IA 275 65.07 0.58 -17.87
CA LYS IA 275 65.36 -0.47 -16.90
C LYS IA 275 64.94 0.00 -15.52
N GLU IA 276 64.23 -0.86 -14.79
CA GLU IA 276 63.90 -0.63 -13.40
C GLU IA 276 64.59 -1.66 -12.53
N GLN IA 277 64.30 -1.62 -11.23
CA GLN IA 277 64.87 -2.58 -10.29
C GLN IA 277 64.19 -2.42 -8.94
N THR IA 278 64.18 -3.49 -8.15
CA THR IA 278 63.65 -3.45 -6.79
C THR IA 278 64.37 -4.50 -5.94
N GLU IA 279 65.39 -4.10 -5.20
CA GLU IA 279 65.99 -5.02 -4.27
C GLU IA 279 65.11 -5.15 -3.02
N GLU IA 280 65.41 -6.16 -2.22
CA GLU IA 280 64.79 -6.30 -0.90
C GLU IA 280 65.73 -7.16 -0.07
N HIS IA 281 66.51 -6.52 0.79
CA HIS IA 281 67.59 -7.19 1.50
C HIS IA 281 67.19 -7.44 2.95
N TYR IA 282 67.58 -8.62 3.45
CA TYR IA 282 67.28 -9.00 4.82
C TYR IA 282 68.57 -9.39 5.53
N SER IA 283 68.78 -8.83 6.70
CA SER IA 283 69.97 -9.18 7.43
C SER IA 283 69.76 -10.51 8.16
N PRO IA 284 70.77 -11.38 8.18
CA PRO IA 284 70.59 -12.69 8.82
C PRO IA 284 70.41 -12.56 10.32
N ASN IA 285 69.48 -13.32 10.86
CA ASN IA 285 69.25 -13.38 12.30
C ASN IA 285 69.27 -14.82 12.79
N GLY IA 286 70.09 -15.66 12.16
CA GLY IA 286 70.20 -17.03 12.60
C GLY IA 286 70.95 -17.16 13.91
N ASP IA 287 72.07 -16.45 14.04
CA ASP IA 287 72.87 -16.54 15.24
C ASP IA 287 72.12 -15.93 16.41
N ALA IA 288 72.11 -16.62 17.54
CA ALA IA 288 71.37 -16.16 18.70
C ALA IA 288 72.00 -14.95 19.38
N SER IA 289 73.18 -14.53 18.94
CA SER IA 289 73.85 -13.38 19.56
C SER IA 289 73.14 -12.07 19.27
N LYS IA 290 72.53 -11.92 18.10
CA LYS IA 290 71.81 -10.69 17.78
C LYS IA 290 70.46 -10.95 17.14
N ALA IA 291 69.76 -12.02 17.51
CA ALA IA 291 68.37 -12.17 17.11
C ALA IA 291 67.54 -11.07 17.74
N THR IA 292 66.33 -10.89 17.21
CA THR IA 292 65.40 -9.90 17.73
C THR IA 292 64.08 -10.58 18.03
N LEU IA 293 63.96 -11.15 19.22
CA LEU IA 293 62.77 -11.89 19.60
C LEU IA 293 61.63 -10.92 19.89
N ARG IA 294 60.46 -11.22 19.35
CA ARG IA 294 59.26 -10.49 19.74
C ARG IA 294 58.47 -11.29 20.77
N SER IA 295 58.42 -12.60 20.61
CA SER IA 295 57.80 -13.49 21.57
C SER IA 295 58.77 -14.63 21.87
N ARG IA 296 58.30 -15.57 22.69
CA ARG IA 296 59.08 -16.78 22.99
C ARG IA 296 58.22 -17.65 23.88
N GLN IA 297 58.52 -18.95 23.93
CA GLN IA 297 57.90 -19.87 24.87
C GLN IA 297 58.82 -21.08 24.99
N LEU IA 298 59.37 -21.29 26.18
CA LEU IA 298 60.39 -22.31 26.39
C LEU IA 298 59.95 -23.23 27.52
N ASN IA 299 59.39 -24.37 27.16
CA ASN IA 299 58.98 -25.37 28.15
C ASN IA 299 60.08 -26.40 28.29
N ILE IA 300 60.33 -26.83 29.52
CA ILE IA 300 61.39 -27.79 29.81
C ILE IA 300 60.87 -28.75 30.87
N SER IA 301 60.68 -30.00 30.52
CA SER IA 301 60.37 -31.06 31.47
C SER IA 301 61.59 -31.96 31.63
N GLU IA 302 61.64 -32.68 32.74
CA GLU IA 302 62.76 -33.58 33.00
C GLU IA 302 62.37 -34.52 34.13
N GLN IA 303 62.51 -35.82 33.90
CA GLN IA 303 62.18 -36.83 34.91
C GLN IA 303 63.38 -37.73 35.11
N VAL IA 304 63.46 -38.36 36.28
CA VAL IA 304 64.50 -39.33 36.56
C VAL IA 304 63.90 -40.53 37.29
N PRO IA 355 67.00 -43.67 33.64
CA PRO IA 355 65.72 -43.40 32.99
C PRO IA 355 65.49 -41.90 32.80
N ARG IA 356 66.54 -41.18 32.41
CA ARG IA 356 66.54 -39.73 32.36
C ARG IA 356 65.73 -39.27 31.14
N SER IA 357 64.41 -39.38 31.24
CA SER IA 357 63.52 -38.82 30.22
C SER IA 357 63.61 -37.31 30.24
N THR IA 358 63.45 -36.69 29.08
CA THR IA 358 63.59 -35.24 28.96
C THR IA 358 62.54 -34.72 28.00
N GLN IA 359 62.54 -33.40 27.80
CA GLN IA 359 61.64 -32.72 26.90
C GLN IA 359 62.08 -31.26 26.79
N ARG IA 360 61.89 -30.67 25.60
CA ARG IA 360 62.26 -29.27 25.42
C ARG IA 360 61.48 -28.72 24.23
N ASN IA 361 60.44 -27.95 24.48
CA ASN IA 361 59.72 -27.27 23.43
C ASN IA 361 60.12 -25.80 23.41
N GLU IA 362 60.09 -25.18 22.24
CA GLU IA 362 60.54 -23.79 22.12
C GLU IA 362 59.92 -23.17 20.88
N THR IA 363 58.98 -22.25 21.09
CA THR IA 363 58.44 -21.44 20.00
C THR IA 363 59.08 -20.05 20.05
N SER IA 364 59.39 -19.51 18.88
CA SER IA 364 60.02 -18.21 18.81
C SER IA 364 59.45 -17.41 17.65
N ASN IA 365 59.13 -16.15 17.89
CA ASN IA 365 58.71 -15.23 16.85
C ASN IA 365 59.75 -14.12 16.76
N TYR IA 366 60.23 -13.87 15.54
CA TYR IA 366 61.35 -12.97 15.35
C TYR IA 366 60.89 -11.66 14.72
N GLU IA 367 61.80 -10.70 14.71
CA GLU IA 367 61.66 -9.48 13.92
C GLU IA 367 62.92 -9.33 13.08
N VAL IA 368 62.77 -8.86 11.86
CA VAL IA 368 63.85 -8.88 10.88
C VAL IA 368 64.06 -7.49 10.32
N ASP IA 369 65.32 -7.16 10.03
CA ASP IA 369 65.64 -5.93 9.33
C ASP IA 369 65.09 -5.98 7.91
N ARG IA 370 65.16 -4.87 7.20
CA ARG IA 370 64.68 -4.83 5.83
C ARG IA 370 65.24 -3.60 5.13
N THR IA 371 65.66 -3.78 3.88
CA THR IA 371 66.06 -2.67 3.03
C THR IA 371 65.38 -2.82 1.67
N ILE IA 372 64.86 -1.72 1.15
CA ILE IA 372 64.10 -1.74 -0.09
C ILE IA 372 64.55 -0.55 -0.92
N ARG IA 373 65.09 -0.82 -2.11
CA ARG IA 373 65.48 0.23 -3.04
C ARG IA 373 64.66 0.10 -4.32
N HIS IA 374 64.36 1.23 -4.93
CA HIS IA 374 63.64 1.26 -6.21
C HIS IA 374 64.50 2.05 -7.18
N THR IA 375 65.46 1.38 -7.81
CA THR IA 375 66.41 2.04 -8.69
C THR IA 375 65.87 2.02 -10.11
N LYS IA 376 65.63 3.21 -10.66
CA LYS IA 376 65.19 3.35 -12.04
C LYS IA 376 66.35 3.91 -12.84
N MET IA 377 67.02 3.04 -13.60
CA MET IA 377 68.24 3.42 -14.30
C MET IA 377 67.97 4.55 -15.29
N ASN IA 378 69.05 5.17 -15.75
CA ASN IA 378 68.95 6.29 -16.67
C ASN IA 378 69.17 5.80 -18.10
N VAL IA 379 68.50 6.43 -19.04
CA VAL IA 379 68.61 6.07 -20.46
C VAL IA 379 69.56 7.06 -21.13
N GLY IA 380 70.74 6.58 -21.51
CA GLY IA 380 71.70 7.44 -22.15
C GLY IA 380 73.07 7.43 -21.51
N ASP IA 381 73.35 6.39 -20.73
CA ASP IA 381 74.65 6.28 -20.10
C ASP IA 381 75.66 5.67 -21.06
N ILE IA 382 76.93 5.75 -20.69
CA ILE IA 382 78.02 5.23 -21.51
C ILE IA 382 78.39 3.85 -21.01
N GLU IA 383 78.16 2.83 -21.85
CA GLU IA 383 78.44 1.47 -21.44
C GLU IA 383 79.87 1.05 -21.79
N ARG IA 384 80.44 1.63 -22.84
CA ARG IA 384 81.78 1.25 -23.25
C ARG IA 384 82.32 2.33 -24.18
N LEU IA 385 83.63 2.54 -24.12
CA LEU IA 385 84.30 3.50 -24.97
C LEU IA 385 85.43 2.81 -25.71
N SER IA 386 85.89 3.44 -26.78
CA SER IA 386 87.05 2.99 -27.53
C SER IA 386 87.67 4.21 -28.18
N VAL IA 387 88.96 4.43 -27.95
CA VAL IA 387 89.64 5.64 -28.38
C VAL IA 387 90.87 5.26 -29.17
N ALA IA 388 91.08 5.93 -30.30
CA ALA IA 388 92.27 5.77 -31.12
C ALA IA 388 92.88 7.14 -31.34
N VAL IA 389 94.17 7.28 -31.06
CA VAL IA 389 94.85 8.56 -31.11
C VAL IA 389 96.13 8.40 -31.93
N VAL IA 390 96.39 9.37 -32.81
CA VAL IA 390 97.61 9.42 -33.59
C VAL IA 390 98.42 10.62 -33.13
N VAL IA 391 99.72 10.42 -32.95
CA VAL IA 391 100.63 11.48 -32.53
C VAL IA 391 101.70 11.65 -33.60
N ASN IA 392 102.18 12.87 -33.76
CA ASN IA 392 103.11 13.18 -34.83
C ASN IA 392 104.55 12.99 -34.37
N TYR IA 393 105.42 12.72 -35.33
CA TYR IA 393 106.85 12.73 -35.10
C TYR IA 393 107.34 14.16 -34.88
N LYS IA 394 108.62 14.28 -34.55
CA LYS IA 394 109.23 15.58 -34.34
C LYS IA 394 110.75 15.51 -34.47
N LEU IA 402 112.71 10.63 -36.61
CA LEU IA 402 112.25 11.61 -35.65
C LEU IA 402 111.24 11.02 -34.65
N PRO IA 403 111.61 9.93 -33.98
CA PRO IA 403 110.63 9.21 -33.16
C PRO IA 403 110.50 9.82 -31.78
N LEU IA 404 109.28 9.83 -31.25
CA LEU IA 404 109.09 10.17 -29.84
C LEU IA 404 109.47 8.99 -28.96
N THR IA 405 110.09 9.30 -27.82
CA THR IA 405 110.65 8.26 -26.97
C THR IA 405 109.56 7.43 -26.31
N ALA IA 406 109.98 6.48 -25.47
CA ALA IA 406 109.05 5.57 -24.83
C ALA IA 406 108.41 6.19 -23.58
N ASP IA 407 109.19 6.95 -22.81
CA ASP IA 407 108.65 7.55 -21.59
C ASP IA 407 107.60 8.60 -21.93
N GLN IA 408 107.89 9.46 -22.91
CA GLN IA 408 106.91 10.46 -23.32
C GLN IA 408 105.65 9.80 -23.86
N MET IA 409 105.81 8.74 -24.66
CA MET IA 409 104.64 8.00 -25.14
C MET IA 409 103.84 7.43 -23.98
N LYS IA 410 104.50 6.90 -22.95
CA LYS IA 410 103.76 6.31 -21.85
C LYS IA 410 103.01 7.38 -21.06
N GLN IA 411 103.65 8.52 -20.81
CA GLN IA 411 102.93 9.56 -20.09
C GLN IA 411 101.80 10.15 -20.92
N ILE IA 412 101.94 10.18 -22.25
CA ILE IA 412 100.85 10.66 -23.08
C ILE IA 412 99.69 9.68 -23.06
N GLU IA 413 99.99 8.39 -23.15
CA GLU IA 413 98.94 7.38 -22.98
C GLU IA 413 98.25 7.53 -21.65
N ASP IA 414 99.00 7.83 -20.59
CA ASP IA 414 98.40 7.95 -19.27
C ASP IA 414 97.52 9.18 -19.17
N LEU IA 415 97.97 10.32 -19.71
CA LEU IA 415 97.13 11.51 -19.78
C LEU IA 415 95.83 11.21 -20.50
N THR IA 416 95.91 10.53 -21.65
CA THR IA 416 94.70 10.22 -22.39
C THR IA 416 93.79 9.31 -21.59
N ARG IA 417 94.34 8.28 -20.96
CA ARG IA 417 93.54 7.40 -20.13
C ARG IA 417 92.81 8.17 -19.04
N GLU IA 418 93.49 9.11 -18.40
CA GLU IA 418 92.84 9.86 -17.33
C GLU IA 418 91.84 10.88 -17.87
N ALA IA 419 92.06 11.42 -19.06
CA ALA IA 419 91.14 12.39 -19.62
C ALA IA 419 89.89 11.76 -20.21
N MET IA 420 89.97 10.49 -20.60
CA MET IA 420 88.78 9.80 -21.12
C MET IA 420 87.71 9.66 -20.06
N GLY IA 421 88.11 9.29 -18.85
CA GLY IA 421 87.17 8.75 -17.90
C GLY IA 421 87.30 7.24 -17.94
N PHE IA 422 88.53 6.78 -18.11
CA PHE IA 422 88.79 5.37 -18.32
C PHE IA 422 88.31 4.55 -17.14
N SER IA 423 87.91 3.31 -17.41
CA SER IA 423 87.44 2.42 -16.38
C SER IA 423 87.53 0.98 -16.87
N ASP IA 424 88.39 0.19 -16.21
CA ASP IA 424 88.51 -1.22 -16.53
C ASP IA 424 87.25 -2.01 -16.17
N LYS IA 425 86.25 -1.38 -15.54
CA LYS IA 425 84.99 -2.06 -15.30
C LYS IA 425 84.19 -2.18 -16.59
N ARG IA 426 84.05 -1.09 -17.33
CA ARG IA 426 83.24 -1.10 -18.53
C ARG IA 426 83.91 -1.80 -19.69
N GLY IA 427 85.18 -2.16 -19.55
CA GLY IA 427 85.89 -2.79 -20.64
C GLY IA 427 86.38 -1.81 -21.69
N ASP IA 428 86.67 -0.57 -21.28
CA ASP IA 428 87.12 0.43 -22.23
C ASP IA 428 88.46 0.04 -22.83
N THR IA 429 88.73 0.58 -24.01
CA THR IA 429 89.94 0.26 -24.76
C THR IA 429 90.57 1.54 -25.28
N LEU IA 430 91.90 1.61 -25.17
CA LEU IA 430 92.66 2.74 -25.65
C LEU IA 430 93.86 2.23 -26.44
N ASN IA 431 94.23 2.93 -27.50
CA ASN IA 431 95.47 2.63 -28.21
C ASN IA 431 95.99 3.89 -28.89
N VAL IA 432 97.19 4.30 -28.51
CA VAL IA 432 97.85 5.47 -29.07
C VAL IA 432 99.04 4.98 -29.89
N VAL IA 433 99.12 5.44 -31.14
CA VAL IA 433 100.19 5.04 -32.04
C VAL IA 433 100.91 6.27 -32.56
N ASN IA 434 102.18 6.10 -32.88
CA ASN IA 434 103.02 7.18 -33.38
C ASN IA 434 103.47 6.85 -34.78
N SER IA 435 103.18 7.75 -35.73
CA SER IA 435 103.54 7.54 -37.12
C SER IA 435 103.66 8.90 -37.78
N PRO IA 436 104.59 9.05 -38.73
CA PRO IA 436 104.81 10.37 -39.33
C PRO IA 436 103.60 10.82 -40.13
N PHE IA 437 103.33 12.12 -40.10
CA PHE IA 437 102.17 12.65 -40.80
C PHE IA 437 102.56 13.00 -42.23
N SER IA 438 101.56 13.30 -43.05
CA SER IA 438 101.79 13.65 -44.44
C SER IA 438 100.63 14.49 -44.96
N ASP JA 232 60.89 0.32 -44.68
CA ASP JA 232 60.69 1.74 -44.96
C ASP JA 232 61.85 2.61 -44.47
N ALA JA 233 61.77 3.10 -43.23
CA ALA JA 233 62.81 3.99 -42.71
C ALA JA 233 64.00 3.24 -42.16
N GLN JA 234 63.85 1.94 -41.88
CA GLN JA 234 64.94 1.16 -41.32
C GLN JA 234 66.19 1.24 -42.18
N LEU JA 235 66.02 1.22 -43.50
CA LEU JA 235 67.16 1.34 -44.40
C LEU JA 235 67.86 2.68 -44.23
N LYS JA 236 67.10 3.76 -44.05
CA LYS JA 236 67.72 5.06 -43.88
C LYS JA 236 68.49 5.14 -42.57
N PHE JA 237 67.91 4.60 -41.49
CA PHE JA 237 68.62 4.59 -40.22
C PHE JA 237 69.92 3.79 -40.31
N ALA JA 238 69.86 2.60 -40.92
CA ALA JA 238 71.07 1.79 -41.08
C ALA JA 238 72.09 2.52 -41.95
N ASN JA 239 71.65 3.19 -43.00
CA ASN JA 239 72.58 3.93 -43.84
C ASN JA 239 73.26 5.03 -43.05
N ASP JA 240 72.52 5.72 -42.18
CA ASP JA 240 73.14 6.77 -41.36
C ASP JA 240 74.20 6.20 -40.43
N VAL JA 241 73.90 5.08 -39.77
CA VAL JA 241 74.87 4.48 -38.86
C VAL JA 241 76.13 4.09 -39.63
N GLU JA 242 75.94 3.43 -40.79
CA GLU JA 242 77.09 3.02 -41.59
C GLU JA 242 77.91 4.23 -42.04
N SER JA 243 77.24 5.33 -42.39
CA SER JA 243 77.97 6.52 -42.83
C SER JA 243 78.80 7.09 -41.68
N ARG JA 244 78.23 7.13 -40.48
CA ARG JA 244 79.00 7.57 -39.31
C ARG JA 244 80.27 6.75 -39.16
N ILE JA 245 80.13 5.43 -39.10
CA ILE JA 245 81.31 4.60 -38.84
C ILE JA 245 82.32 4.73 -39.96
N GLN JA 246 81.85 4.82 -41.21
CA GLN JA 246 82.77 4.94 -42.33
C GLN JA 246 83.55 6.25 -42.29
N ARG JA 247 82.86 7.36 -42.07
CA ARG JA 247 83.56 8.64 -42.02
C ARG JA 247 84.54 8.69 -40.86
N ARG JA 248 84.19 8.07 -39.73
CA ARG JA 248 85.12 8.06 -38.60
C ARG JA 248 86.36 7.26 -38.91
N ILE JA 249 86.21 6.07 -39.49
CA ILE JA 249 87.37 5.25 -39.83
C ILE JA 249 88.26 5.98 -40.83
N GLU JA 250 87.67 6.56 -41.87
CA GLU JA 250 88.49 7.25 -42.83
C GLU JA 250 89.17 8.48 -42.24
N ALA JA 251 88.49 9.23 -41.37
CA ALA JA 251 89.10 10.41 -40.77
C ALA JA 251 90.21 10.09 -39.80
N ILE JA 252 90.14 8.98 -39.08
CA ILE JA 252 91.27 8.59 -38.24
C ILE JA 252 92.42 8.03 -39.04
N LEU JA 253 92.16 7.23 -40.08
CA LEU JA 253 93.24 6.60 -40.82
C LEU JA 253 93.86 7.47 -41.90
N SER JA 254 93.21 8.56 -42.28
CA SER JA 254 93.78 9.39 -43.34
C SER JA 254 95.10 10.06 -42.96
N PRO JA 255 95.26 10.71 -41.79
CA PRO JA 255 96.52 11.41 -41.54
C PRO JA 255 97.76 10.54 -41.61
N ILE JA 256 97.62 9.23 -41.39
CA ILE JA 256 98.80 8.36 -41.42
C ILE JA 256 99.18 8.04 -42.87
N VAL JA 257 98.22 7.61 -43.68
CA VAL JA 257 98.52 7.08 -45.01
C VAL JA 257 98.39 8.12 -46.12
N GLY JA 258 97.65 9.19 -45.90
CA GLY JA 258 97.51 10.24 -46.89
C GLY JA 258 96.10 10.77 -46.95
N ASN JA 259 95.91 11.73 -47.87
CA ASN JA 259 94.63 12.39 -48.00
C ASN JA 259 93.52 11.40 -48.39
N GLY JA 260 93.70 10.71 -49.50
CA GLY JA 260 92.63 9.88 -50.02
C GLY JA 260 93.08 8.51 -50.48
N ASN JA 261 94.10 7.96 -49.83
CA ASN JA 261 94.65 6.66 -50.18
C ASN JA 261 94.06 5.53 -49.36
N VAL JA 262 92.80 5.66 -48.94
CA VAL JA 262 92.14 4.60 -48.17
C VAL JA 262 90.63 4.74 -48.37
N HIS JA 263 89.95 3.60 -48.45
CA HIS JA 263 88.49 3.56 -48.55
C HIS JA 263 87.97 2.44 -47.66
N ALA JA 264 86.77 2.61 -47.15
CA ALA JA 264 86.16 1.62 -46.27
C ALA JA 264 84.67 1.57 -46.51
N GLN JA 265 84.10 0.38 -46.35
CA GLN JA 265 82.66 0.15 -46.46
C GLN JA 265 82.24 -0.80 -45.37
N VAL JA 266 81.19 -0.45 -44.64
CA VAL JA 266 80.77 -1.20 -43.46
C VAL JA 266 79.34 -1.66 -43.66
N THR JA 267 79.03 -2.85 -43.15
CA THR JA 267 77.69 -3.40 -43.24
C THR JA 267 77.19 -3.69 -41.83
N ALA JA 268 76.12 -3.01 -41.44
CA ALA JA 268 75.61 -3.06 -40.08
C ALA JA 268 74.38 -3.95 -40.02
N GLN JA 269 74.42 -4.97 -39.17
CA GLN JA 269 73.27 -5.81 -38.91
C GLN JA 269 72.49 -5.23 -37.74
N LEU JA 270 71.46 -4.45 -38.04
CA LEU JA 270 70.66 -3.81 -37.02
C LEU JA 270 69.53 -4.73 -36.59
N ASP JA 271 69.04 -4.53 -35.37
CA ASP JA 271 67.96 -5.33 -34.82
C ASP JA 271 66.81 -4.41 -34.46
N PHE JA 272 65.61 -4.75 -34.91
CA PHE JA 272 64.44 -3.92 -34.65
C PHE JA 272 63.33 -4.67 -33.91
N ALA JA 273 63.63 -5.87 -33.41
CA ALA JA 273 62.60 -6.65 -32.74
C ALA JA 273 62.30 -6.08 -31.36
N ASN JA 274 61.07 -5.62 -31.18
CA ASN JA 274 60.64 -5.13 -29.88
C ASN JA 274 60.74 -6.25 -28.85
N LYS JA 275 61.32 -5.95 -27.69
CA LYS JA 275 61.66 -6.99 -26.72
C LYS JA 275 61.52 -6.43 -25.32
N GLU JA 276 60.86 -7.19 -24.44
CA GLU JA 276 60.79 -6.88 -23.04
C GLU JA 276 61.51 -7.95 -22.23
N GLN JA 277 61.44 -7.84 -20.91
CA GLN JA 277 62.04 -8.82 -20.03
C GLN JA 277 61.61 -8.56 -18.59
N THR JA 278 61.64 -9.59 -17.77
CA THR JA 278 61.35 -9.46 -16.34
C THR JA 278 62.09 -10.54 -15.56
N GLU JA 279 63.25 -10.22 -15.03
CA GLU JA 279 63.91 -11.17 -14.14
C GLU JA 279 63.24 -11.16 -12.77
N GLU JA 280 63.57 -12.18 -11.97
CA GLU JA 280 63.15 -12.21 -10.57
C GLU JA 280 64.14 -13.14 -9.86
N HIS JA 281 65.10 -12.55 -9.17
CA HIS JA 281 66.20 -13.30 -8.61
C HIS JA 281 66.02 -13.47 -7.10
N TYR JA 282 66.38 -14.65 -6.61
CA TYR JA 282 66.27 -14.97 -5.20
C TYR JA 282 67.61 -15.45 -4.69
N SER JA 283 68.06 -14.89 -3.59
CA SER JA 283 69.32 -15.35 -3.04
C SER JA 283 69.11 -16.60 -2.22
N PRO JA 284 70.02 -17.57 -2.32
CA PRO JA 284 69.82 -18.83 -1.59
C PRO JA 284 69.91 -18.64 -0.09
N ASN JA 285 69.00 -19.29 0.62
CA ASN JA 285 69.00 -19.28 2.08
C ASN JA 285 68.97 -20.70 2.63
N GLY JA 286 69.59 -21.64 1.91
CA GLY JA 286 69.65 -23.00 2.40
C GLY JA 286 70.59 -23.16 3.57
N ASP JA 287 71.77 -22.55 3.49
CA ASP JA 287 72.75 -22.69 4.56
C ASP JA 287 72.25 -21.96 5.79
N ALA JA 288 72.36 -22.62 6.94
CA ALA JA 288 71.87 -22.05 8.20
C ALA JA 288 72.71 -20.88 8.70
N SER JA 289 73.84 -20.60 8.06
CA SER JA 289 74.70 -19.52 8.51
C SER JA 289 74.09 -18.14 8.28
N LYS JA 290 73.31 -17.97 7.21
CA LYS JA 290 72.67 -16.69 6.96
C LYS JA 290 71.21 -16.83 6.54
N ALA JA 291 70.48 -17.81 7.07
CA ALA JA 291 69.04 -17.83 6.90
C ALA JA 291 68.42 -16.64 7.60
N THR JA 292 67.18 -16.35 7.27
CA THR JA 292 66.44 -15.25 7.87
C THR JA 292 65.13 -15.79 8.41
N LEU JA 293 65.15 -16.30 9.63
CA LEU JA 293 63.98 -16.91 10.24
C LEU JA 293 62.99 -15.82 10.66
N ARG JA 294 61.72 -16.01 10.32
CA ARG JA 294 60.67 -15.16 10.86
C ARG JA 294 59.99 -15.83 12.04
N SER JA 295 59.79 -17.14 11.95
CA SER JA 295 59.26 -17.93 13.04
C SER JA 295 60.14 -19.15 13.24
N ARG JA 296 59.74 -20.02 14.16
CA ARG JA 296 60.42 -21.28 14.40
C ARG JA 296 59.65 -22.04 15.45
N GLN JA 297 59.83 -23.35 15.52
CA GLN JA 297 59.29 -24.18 16.58
C GLN JA 297 60.10 -25.47 16.62
N LEU JA 298 60.81 -25.69 17.71
CA LEU JA 298 61.76 -26.80 17.80
C LEU JA 298 61.41 -27.64 19.03
N ASN JA 299 60.69 -28.73 18.83
CA ASN JA 299 60.36 -29.65 19.91
C ASN JA 299 61.36 -30.78 19.93
N ILE JA 300 61.78 -31.20 21.12
CA ILE JA 300 62.76 -32.25 21.29
C ILE JA 300 62.34 -33.11 22.47
N SER JA 301 61.98 -34.35 22.20
CA SER JA 301 61.73 -35.34 23.23
C SER JA 301 62.87 -36.35 23.24
N GLU JA 302 63.03 -37.04 24.36
CA GLU JA 302 64.08 -38.04 24.49
C GLU JA 302 63.80 -38.89 25.71
N GLN JA 303 63.77 -40.21 25.53
CA GLN JA 303 63.52 -41.15 26.61
C GLN JA 303 64.65 -42.16 26.67
N VAL JA 304 64.85 -42.75 27.85
CA VAL JA 304 65.83 -43.83 28.01
C VAL JA 304 65.25 -44.92 28.88
N PRO JA 355 67.41 -48.49 24.94
CA PRO JA 355 66.06 -48.10 24.49
C PRO JA 355 65.94 -46.59 24.26
N ARG JA 356 66.98 -46.01 23.68
CA ARG JA 356 67.10 -44.56 23.55
C ARG JA 356 66.16 -44.06 22.47
N SER JA 357 64.88 -44.03 22.77
CA SER JA 357 63.89 -43.42 21.88
C SER JA 357 64.13 -41.92 21.82
N THR JA 358 63.83 -41.32 20.67
CA THR JA 358 64.09 -39.90 20.46
C THR JA 358 62.95 -39.31 19.66
N GLN JA 359 63.05 -38.01 19.39
CA GLN JA 359 62.07 -37.27 18.61
C GLN JA 359 62.62 -35.87 18.37
N ARG JA 360 62.31 -35.30 17.20
CA ARG JA 360 62.77 -33.95 16.89
C ARG JA 360 61.87 -33.36 15.81
N ASN JA 361 60.95 -32.48 16.19
CA ASN JA 361 60.14 -31.76 15.23
C ASN JA 361 60.67 -30.34 15.09
N GLU JA 362 60.51 -29.76 13.90
CA GLU JA 362 61.07 -28.43 13.64
C GLU JA 362 60.32 -27.79 12.49
N THR JA 363 59.52 -26.77 12.79
CA THR JA 363 58.88 -25.95 11.78
C THR JA 363 59.64 -24.64 11.66
N SER JA 364 59.81 -24.17 10.42
CA SER JA 364 60.55 -22.93 10.19
C SER JA 364 59.86 -22.13 9.10
N ASN JA 365 59.71 -20.83 9.34
CA ASN JA 365 59.22 -19.90 8.33
C ASN JA 365 60.33 -18.91 8.01
N TYR JA 366 60.63 -18.74 6.73
CA TYR JA 366 61.78 -17.97 6.32
C TYR JA 366 61.35 -16.64 5.71
N GLU JA 367 62.33 -15.78 5.50
CA GLU JA 367 62.18 -14.58 4.69
C GLU JA 367 63.30 -14.59 3.66
N VAL JA 368 63.00 -14.15 2.44
CA VAL JA 368 63.91 -14.31 1.33
C VAL JA 368 64.14 -12.96 0.66
N ASP JA 369 65.37 -12.77 0.16
CA ASP JA 369 65.68 -11.61 -0.64
C ASP JA 369 64.90 -11.65 -1.94
N ARG JA 370 64.96 -10.56 -2.71
CA ARG JA 370 64.27 -10.52 -3.99
C ARG JA 370 64.82 -9.38 -4.83
N THR JA 371 65.02 -9.64 -6.11
CA THR JA 371 65.38 -8.61 -7.08
C THR JA 371 64.48 -8.73 -8.29
N ILE JA 372 63.98 -7.61 -8.78
CA ILE JA 372 63.03 -7.58 -9.89
C ILE JA 372 63.46 -6.47 -10.84
N ARG JA 373 63.77 -6.83 -12.07
CA ARG JA 373 64.11 -5.85 -13.11
C ARG JA 373 63.07 -5.94 -14.23
N HIS JA 374 62.78 -4.80 -14.85
CA HIS JA 374 61.88 -4.75 -15.98
C HIS JA 374 62.63 -4.08 -17.12
N THR JA 375 63.40 -4.85 -17.86
CA THR JA 375 64.27 -4.33 -18.91
C THR JA 375 63.50 -4.34 -20.22
N LYS JA 376 63.29 -3.16 -20.79
CA LYS JA 376 62.65 -3.01 -22.08
C LYS JA 376 63.71 -2.60 -23.09
N MET JA 377 64.16 -3.56 -23.90
CA MET JA 377 65.28 -3.33 -24.81
C MET JA 377 64.96 -2.20 -25.78
N ASN JA 378 66.01 -1.71 -26.44
CA ASN JA 378 65.86 -0.62 -27.40
C ASN JA 378 65.80 -1.19 -28.80
N VAL JA 379 65.05 -0.51 -29.67
CA VAL JA 379 64.90 -0.93 -31.05
C VAL JA 379 65.81 -0.06 -31.92
N GLY JA 380 66.86 -0.67 -32.45
CA GLY JA 380 67.79 0.08 -33.29
C GLY JA 380 69.23 -0.05 -32.88
N ASP JA 381 69.54 -1.08 -32.10
CA ASP JA 381 70.91 -1.32 -31.68
C ASP JA 381 71.69 -2.06 -32.75
N ILE JA 382 73.01 -2.09 -32.59
CA ILE JA 382 73.89 -2.74 -33.55
C ILE JA 382 74.19 -4.14 -33.04
N GLU JA 383 73.74 -5.15 -33.78
CA GLU JA 383 73.96 -6.53 -33.36
C GLU JA 383 75.26 -7.10 -33.91
N ARG JA 384 75.71 -6.61 -35.06
CA ARG JA 384 76.91 -7.14 -35.67
C ARG JA 384 77.40 -6.15 -36.72
N LEU JA 385 78.72 -6.08 -36.88
CA LEU JA 385 79.33 -5.21 -37.87
C LEU JA 385 80.26 -6.03 -38.75
N SER JA 386 80.60 -5.49 -39.91
CA SER JA 386 81.57 -6.08 -40.81
C SER JA 386 82.19 -4.95 -41.61
N VAL JA 387 83.51 -4.86 -41.59
CA VAL JA 387 84.23 -3.73 -42.18
C VAL JA 387 85.28 -4.26 -43.14
N ALA JA 388 85.35 -3.65 -44.32
CA ALA JA 388 86.37 -3.96 -45.31
C ALA JA 388 87.07 -2.66 -45.69
N VAL JA 389 88.39 -2.66 -45.62
CA VAL JA 389 89.17 -1.45 -45.85
C VAL JA 389 90.28 -1.76 -46.85
N VAL JA 390 90.48 -0.86 -47.80
CA VAL JA 390 91.56 -0.95 -48.77
C VAL JA 390 92.54 0.18 -48.50
N VAL JA 391 93.83 -0.14 -48.52
CA VAL JA 391 94.89 0.83 -48.30
C VAL JA 391 95.78 0.86 -49.54
N ASN JA 392 96.35 2.02 -49.82
CA ASN JA 392 97.12 2.20 -51.04
C ASN JA 392 98.58 1.88 -50.81
N TYR JA 393 99.27 1.49 -51.89
CA TYR JA 393 100.71 1.36 -51.87
C TYR JA 393 101.36 2.74 -51.82
N LYS JA 394 102.68 2.75 -51.70
CA LYS JA 394 103.45 3.99 -51.64
C LYS JA 394 104.91 3.75 -52.00
N LEU JA 402 106.01 -1.37 -54.20
CA LEU JA 402 105.81 -0.31 -53.21
C LEU JA 402 104.93 -0.77 -52.05
N PRO JA 403 105.30 -1.87 -51.40
CA PRO JA 403 104.40 -2.46 -50.39
C PRO JA 403 104.56 -1.79 -49.03
N LEU JA 404 103.44 -1.65 -48.33
CA LEU JA 404 103.52 -1.24 -46.94
C LEU JA 404 103.93 -2.43 -46.07
N THR JA 405 104.74 -2.15 -45.06
CA THR JA 405 105.33 -3.20 -44.25
C THR JA 405 104.29 -3.89 -43.39
N ALA JA 406 104.75 -4.86 -42.59
CA ALA JA 406 103.85 -5.64 -41.75
C ALA JA 406 103.49 -4.92 -40.46
N ASP JA 407 104.45 -4.23 -39.85
CA ASP JA 407 104.18 -3.53 -38.60
C ASP JA 407 103.18 -2.39 -38.81
N GLN JA 408 103.39 -1.60 -39.86
CA GLN JA 408 102.45 -0.53 -40.16
C GLN JA 408 101.08 -1.07 -40.47
N MET JA 409 101.01 -2.17 -41.23
CA MET JA 409 99.71 -2.79 -41.47
C MET JA 409 99.05 -3.24 -40.19
N LYS JA 410 99.82 -3.81 -39.25
CA LYS JA 410 99.23 -4.28 -38.01
C LYS JA 410 98.71 -3.13 -37.17
N GLN JA 411 99.47 -2.05 -37.08
CA GLN JA 411 98.99 -0.91 -36.30
C GLN JA 411 97.80 -0.24 -36.97
N ILE JA 412 97.73 -0.26 -38.30
CA ILE JA 412 96.56 0.30 -38.98
C ILE JA 412 95.34 -0.56 -38.73
N GLU JA 413 95.50 -1.87 -38.80
CA GLU JA 413 94.41 -2.77 -38.43
C GLU JA 413 93.95 -2.50 -37.00
N ASP JA 414 94.89 -2.24 -36.10
CA ASP JA 414 94.52 -2.03 -34.70
C ASP JA 414 93.78 -0.71 -34.52
N LEU JA 415 94.26 0.36 -35.18
CA LEU JA 415 93.53 1.62 -35.16
C LEU JA 415 92.11 1.44 -35.67
N THR JA 416 91.93 0.72 -36.78
CA THR JA 416 90.60 0.50 -37.31
C THR JA 416 89.74 -0.28 -36.32
N ARG JA 417 90.29 -1.34 -35.75
CA ARG JA 417 89.56 -2.12 -34.75
C ARG JA 417 89.10 -1.24 -33.60
N GLU JA 418 89.95 -0.35 -33.11
CA GLU JA 418 89.56 0.50 -32.00
C GLU JA 418 88.58 1.60 -32.42
N ALA JA 419 88.65 2.07 -33.65
CA ALA JA 419 87.76 3.12 -34.11
C ALA JA 419 86.37 2.59 -34.46
N MET JA 420 86.27 1.30 -34.80
CA MET JA 420 84.96 0.71 -35.09
C MET JA 420 84.06 0.72 -33.87
N GLY JA 421 84.61 0.36 -32.72
CA GLY JA 421 83.80 -0.06 -31.60
C GLY JA 421 83.77 -1.56 -31.59
N PHE JA 422 84.91 -2.15 -31.93
CA PHE JA 422 85.00 -3.59 -32.12
C PHE JA 422 84.65 -4.32 -30.84
N SER JA 423 84.09 -5.52 -30.99
CA SER JA 423 83.71 -6.33 -29.84
C SER JA 423 83.59 -7.78 -30.27
N ASP JA 424 84.46 -8.63 -29.72
CA ASP JA 424 84.39 -10.06 -29.99
C ASP JA 424 83.14 -10.70 -29.40
N LYS JA 425 82.33 -9.96 -28.65
CA LYS JA 425 81.05 -10.50 -28.19
C LYS JA 425 80.04 -10.58 -29.32
N ARG JA 426 79.90 -9.50 -30.08
CA ARG JA 426 78.90 -9.46 -31.13
C ARG JA 426 79.31 -10.26 -32.35
N GLY JA 427 80.54 -10.75 -32.39
CA GLY JA 427 81.00 -11.49 -33.56
C GLY JA 427 81.40 -10.59 -34.71
N ASP JA 428 81.87 -9.38 -34.41
CA ASP JA 428 82.25 -8.46 -35.47
C ASP JA 428 83.43 -9.00 -36.26
N THR JA 429 83.57 -8.53 -37.49
CA THR JA 429 84.60 -9.00 -38.41
C THR JA 429 85.26 -7.80 -39.08
N LEU JA 430 86.58 -7.86 -39.18
CA LEU JA 430 87.36 -6.83 -39.84
C LEU JA 430 88.35 -7.49 -40.77
N ASN JA 431 88.62 -6.86 -41.91
CA ASN JA 431 89.69 -7.30 -42.79
C ASN JA 431 90.21 -6.13 -43.60
N VAL JA 432 91.49 -5.84 -43.44
CA VAL JA 432 92.16 -4.76 -44.16
C VAL JA 432 93.15 -5.38 -45.13
N VAL JA 433 93.07 -4.97 -46.39
CA VAL JA 433 93.93 -5.52 -47.44
C VAL JA 433 94.67 -4.37 -48.12
N ASN JA 434 95.85 -4.69 -48.63
CA ASN JA 434 96.69 -3.71 -49.30
C ASN JA 434 96.87 -4.13 -50.76
N SER JA 435 96.52 -3.23 -51.68
CA SER JA 435 96.63 -3.52 -53.10
C SER JA 435 96.78 -2.21 -53.84
N PRO JA 436 97.55 -2.18 -54.93
CA PRO JA 436 97.79 -0.91 -55.61
C PRO JA 436 96.52 -0.37 -56.24
N PHE JA 437 96.38 0.95 -56.22
CA PHE JA 437 95.18 1.57 -56.75
C PHE JA 437 95.35 1.83 -58.25
N SER JA 438 94.27 2.20 -58.91
CA SER JA 438 94.30 2.49 -60.34
C SER JA 438 93.16 3.43 -60.71
N ASP KA 232 52.98 -6.94 -53.55
CA ASP KA 232 52.86 -5.52 -53.87
C ASP KA 232 54.15 -4.74 -53.61
N ALA KA 233 54.31 -4.20 -52.40
CA ALA KA 233 55.49 -3.39 -52.09
C ALA KA 233 56.70 -4.23 -51.68
N GLN KA 234 56.47 -5.49 -51.32
CA GLN KA 234 57.57 -6.35 -50.90
C GLN KA 234 58.67 -6.43 -51.94
N LEU KA 235 58.28 -6.47 -53.22
CA LEU KA 235 59.28 -6.49 -54.29
C LEU KA 235 60.11 -5.21 -54.30
N LYS KA 236 59.48 -4.06 -54.05
CA LYS KA 236 60.23 -2.82 -54.05
C LYS KA 236 61.20 -2.76 -52.88
N PHE KA 237 60.76 -3.22 -51.70
CA PHE KA 237 61.66 -3.25 -50.55
C PHE KA 237 62.85 -4.17 -50.80
N ALA KA 238 62.59 -5.37 -51.33
CA ALA KA 238 63.69 -6.28 -51.63
C ALA KA 238 64.62 -5.69 -52.67
N ASN KA 239 64.08 -5.03 -53.69
CA ASN KA 239 64.92 -4.40 -54.70
C ASN KA 239 65.82 -3.33 -54.08
N ASP KA 240 65.28 -2.55 -53.13
CA ASP KA 240 66.10 -1.54 -52.49
C ASP KA 240 67.24 -2.16 -51.70
N VAL KA 241 66.96 -3.22 -50.93
CA VAL KA 241 68.02 -3.88 -50.17
C VAL KA 241 69.10 -4.43 -51.11
N GLU KA 242 68.67 -5.09 -52.18
CA GLU KA 242 69.63 -5.63 -53.13
C GLU KA 242 70.47 -4.53 -53.76
N SER KA 243 69.85 -3.38 -54.06
CA SER KA 243 70.61 -2.28 -54.65
C SER KA 243 71.65 -1.76 -53.68
N ARG KA 244 71.29 -1.62 -52.41
CA ARG KA 244 72.26 -1.21 -51.39
C ARG KA 244 73.46 -2.14 -51.39
N ILE KA 245 73.23 -3.44 -51.26
CA ILE KA 245 74.35 -4.37 -51.14
C ILE KA 245 75.18 -4.36 -52.41
N GLN KA 246 74.54 -4.27 -53.57
CA GLN KA 246 75.27 -4.28 -54.83
C GLN KA 246 76.16 -3.06 -54.97
N ARG KA 247 75.61 -1.87 -54.70
CA ARG KA 247 76.41 -0.67 -54.82
C ARG KA 247 77.57 -0.66 -53.83
N ARG KA 248 77.34 -1.20 -52.63
CA ARG KA 248 78.43 -1.25 -51.66
C ARG KA 248 79.55 -2.18 -52.12
N ILE KA 249 79.20 -3.37 -52.61
CA ILE KA 249 80.22 -4.31 -53.07
C ILE KA 249 81.00 -3.71 -54.24
N GLU KA 250 80.30 -3.12 -55.20
CA GLU KA 250 81.01 -2.52 -56.32
C GLU KA 250 81.88 -1.34 -55.90
N ALA KA 251 81.42 -0.51 -54.97
CA ALA KA 251 82.20 0.63 -54.54
C ALA KA 251 83.44 0.25 -53.73
N ILE KA 252 83.38 -0.84 -52.96
CA ILE KA 252 84.59 -1.29 -52.27
C ILE KA 252 85.55 -1.98 -53.22
N LEU KA 253 85.06 -2.80 -54.17
CA LEU KA 253 85.96 -3.55 -55.03
C LEU KA 253 86.46 -2.78 -56.23
N SER KA 254 85.87 -1.64 -56.57
CA SER KA 254 86.32 -0.90 -57.74
C SER KA 254 87.74 -0.35 -57.60
N PRO KA 255 88.14 0.31 -56.51
CA PRO KA 255 89.48 0.91 -56.49
C PRO KA 255 90.61 -0.09 -56.69
N ILE KA 256 90.40 -1.36 -56.40
CA ILE KA 256 91.47 -2.34 -56.57
C ILE KA 256 91.60 -2.74 -58.03
N VAL KA 257 90.49 -3.12 -58.67
CA VAL KA 257 90.54 -3.71 -59.99
C VAL KA 257 90.31 -2.72 -61.12
N GLY KA 258 89.72 -1.57 -60.85
CA GLY KA 258 89.51 -0.54 -61.86
C GLY KA 258 88.15 0.12 -61.73
N ASN KA 259 87.91 1.05 -62.65
CA ASN KA 259 86.69 1.83 -62.61
C ASN KA 259 85.46 0.94 -62.78
N GLY KA 260 85.39 0.18 -63.88
CA GLY KA 260 84.18 -0.57 -64.17
C GLY KA 260 84.44 -1.99 -64.63
N ASN KA 261 85.50 -2.60 -64.12
CA ASN KA 261 85.86 -3.96 -64.49
C ASN KA 261 85.32 -5.00 -63.52
N VAL KA 262 84.16 -4.75 -62.93
CA VAL KA 262 83.53 -5.70 -62.02
C VAL KA 262 82.04 -5.43 -61.99
N HIS KA 263 81.25 -6.50 -61.90
CA HIS KA 263 79.80 -6.42 -61.78
C HIS KA 263 79.33 -7.45 -60.77
N ALA KA 264 78.24 -7.14 -60.08
CA ALA KA 264 77.70 -8.04 -59.07
C ALA KA 264 76.18 -7.97 -59.07
N GLN KA 265 75.55 -9.10 -58.76
CA GLN KA 265 74.11 -9.18 -58.65
C GLN KA 265 73.78 -10.05 -57.45
N VAL KA 266 72.89 -9.59 -56.59
CA VAL KA 266 72.60 -10.25 -55.32
C VAL KA 266 71.12 -10.58 -55.28
N THR KA 267 70.79 -11.72 -54.67
CA THR KA 267 69.41 -12.15 -54.52
C THR KA 267 69.12 -12.33 -53.05
N ALA KA 268 68.18 -11.54 -52.53
CA ALA KA 268 67.90 -11.50 -51.10
C ALA KA 268 66.62 -12.27 -50.81
N GLN KA 269 66.71 -13.25 -49.93
CA GLN KA 269 65.54 -13.99 -49.46
C GLN KA 269 65.00 -13.29 -48.21
N LEU KA 270 64.01 -12.42 -48.39
CA LEU KA 270 63.44 -11.67 -47.28
C LEU KA 270 62.32 -12.47 -46.64
N ASP KA 271 62.05 -12.19 -45.37
CA ASP KA 271 61.00 -12.87 -44.62
C ASP KA 271 60.02 -11.82 -44.13
N PHE KA 272 58.72 -12.06 -44.37
CA PHE KA 272 57.68 -11.13 -43.99
C PHE KA 272 56.65 -11.75 -43.05
N ALA KA 273 56.92 -12.94 -42.54
CA ALA KA 273 55.95 -13.60 -41.68
C ALA KA 273 55.92 -12.95 -40.31
N ASN KA 274 54.78 -12.38 -39.95
CA ASN KA 274 54.61 -11.80 -38.63
C ASN KA 274 54.76 -12.89 -37.57
N LYS KA 275 55.54 -12.60 -36.53
CA LYS KA 275 55.94 -13.64 -35.58
C LYS KA 275 56.07 -13.02 -34.20
N GLU KA 276 55.49 -13.68 -33.20
CA GLU KA 276 55.67 -13.31 -31.81
C GLU KA 276 56.41 -14.42 -31.08
N GLN KA 277 56.57 -14.26 -29.77
CA GLN KA 277 57.22 -15.26 -28.94
C GLN KA 277 57.04 -14.89 -27.47
N THR KA 278 57.10 -15.90 -26.61
CA THR KA 278 57.06 -15.69 -25.16
C THR KA 278 57.81 -16.81 -24.46
N GLU KA 279 59.08 -16.58 -24.11
CA GLU KA 279 59.77 -17.55 -23.30
C GLU KA 279 59.33 -17.44 -21.85
N GLU KA 280 59.69 -18.45 -21.06
CA GLU KA 280 59.51 -18.39 -19.61
C GLU KA 280 60.51 -19.37 -19.02
N HIS KA 281 61.61 -18.86 -18.51
CA HIS KA 281 62.72 -19.69 -18.09
C HIS KA 281 62.77 -19.78 -16.57
N TYR KA 282 63.09 -20.98 -16.07
CA TYR KA 282 63.18 -21.23 -14.64
C TYR KA 282 64.55 -21.81 -14.32
N SER KA 283 65.20 -21.25 -13.34
CA SER KA 283 66.50 -21.80 -12.97
C SER KA 283 66.31 -23.02 -12.07
N PRO KA 284 67.10 -24.06 -12.25
CA PRO KA 284 66.91 -25.27 -11.45
C PRO KA 284 67.25 -25.03 -9.99
N ASN KA 285 66.41 -25.57 -9.11
CA ASN KA 285 66.64 -25.51 -7.67
C ASN KA 285 66.59 -26.90 -7.06
N GLY KA 286 67.00 -27.91 -7.81
CA GLY KA 286 67.02 -29.26 -7.26
C GLY KA 286 68.11 -29.46 -6.25
N ASP KA 287 69.31 -28.97 -6.54
CA ASP KA 287 70.43 -29.16 -5.63
C ASP KA 287 70.20 -28.34 -4.37
N ALA KA 288 70.43 -28.97 -3.23
CA ALA KA 288 70.19 -28.31 -1.95
C ALA KA 288 71.20 -27.21 -1.64
N SER KA 289 72.24 -27.06 -2.45
CA SER KA 289 73.24 -26.04 -2.20
C SER KA 289 72.72 -24.62 -2.39
N LYS KA 290 71.81 -24.42 -3.34
CA LYS KA 290 71.24 -23.10 -3.55
C LYS KA 290 69.73 -23.12 -3.73
N ALA KA 291 69.02 -24.00 -3.05
CA ALA KA 291 67.58 -23.90 -3.00
C ALA KA 291 67.18 -22.63 -2.27
N THR KA 292 65.91 -22.24 -2.42
CA THR KA 292 65.39 -21.06 -1.76
C THR KA 292 64.13 -21.45 -1.01
N LEU KA 293 64.31 -21.92 0.23
CA LEU KA 293 63.19 -22.40 1.03
C LEU KA 293 62.38 -21.21 1.54
N ARG KA 294 61.06 -21.30 1.41
CA ARG KA 294 60.20 -20.32 2.07
C ARG KA 294 59.65 -20.89 3.37
N SER KA 295 59.33 -22.17 3.38
CA SER KA 295 58.91 -22.88 4.57
C SER KA 295 59.70 -24.16 4.69
N ARG KA 296 59.38 -24.95 5.72
CA ARG KA 296 59.98 -26.26 5.91
C ARG KA 296 59.32 -26.91 7.11
N GLN KA 297 59.39 -28.23 7.20
CA GLN KA 297 58.96 -28.97 8.39
C GLN KA 297 59.65 -30.32 8.35
N LEU KA 298 60.52 -30.57 9.33
CA LEU KA 298 61.35 -31.76 9.33
C LEU KA 298 61.13 -32.51 10.64
N ASN KA 299 60.31 -33.54 10.61
CA ASN KA 299 60.07 -34.38 11.77
C ASN KA 299 60.96 -35.61 11.69
N ILE KA 300 61.51 -36.01 12.82
CA ILE KA 300 62.42 -37.15 12.89
C ILE KA 300 62.12 -37.92 14.16
N SER KA 301 61.60 -39.14 14.02
CA SER KA 301 61.46 -40.06 15.13
C SER KA 301 62.49 -41.17 15.01
N GLU KA 302 62.76 -41.83 16.13
CA GLU KA 302 63.73 -42.92 16.14
C GLU KA 302 63.56 -43.70 17.43
N GLN KA 303 63.40 -45.01 17.32
CA GLN KA 303 63.25 -45.88 18.47
C GLN KA 303 64.28 -47.00 18.41
N VAL KA 304 64.61 -47.56 19.56
CA VAL KA 304 65.50 -48.71 19.63
C VAL KA 304 64.98 -49.72 20.63
N PRO KA 355 66.17 -53.60 16.59
CA PRO KA 355 64.81 -53.10 16.34
C PRO KA 355 64.79 -51.61 16.05
N ARG KA 356 65.77 -51.14 15.28
CA ARG KA 356 66.00 -49.72 15.08
C ARG KA 356 64.94 -49.18 14.11
N SER KA 357 63.72 -49.00 14.62
CA SER KA 357 62.66 -48.35 13.86
C SER KA 357 63.02 -46.88 13.68
N THR KA 358 62.59 -46.29 12.57
CA THR KA 358 62.94 -44.92 12.25
C THR KA 358 61.74 -44.24 11.60
N GLN KA 359 61.91 -42.97 11.26
CA GLN KA 359 60.89 -42.17 10.60
C GLN KA 359 61.52 -40.84 10.20
N ARG KA 360 61.07 -40.29 9.08
CA ARG KA 360 61.59 -38.99 8.63
C ARG KA 360 60.59 -38.37 7.68
N ASN KA 361 59.82 -37.40 8.15
CA ASN KA 361 58.93 -36.63 7.30
C ASN KA 361 59.55 -35.28 7.00
N GLU KA 362 59.25 -34.73 5.82
CA GLU KA 362 59.88 -33.48 5.42
C GLU KA 362 59.01 -32.79 4.36
N THR KA 363 58.36 -31.70 4.74
CA THR KA 363 57.64 -30.86 3.79
C THR KA 363 58.49 -29.62 3.48
N SER KA 364 58.50 -29.22 2.22
CA SER KA 364 59.30 -28.07 1.81
C SER KA 364 58.52 -27.25 0.80
N ASN KA 365 58.52 -25.94 0.99
CA ASN KA 365 57.96 -24.99 0.03
C ASN KA 365 59.07 -24.13 -0.50
N TYR KA 366 59.19 -24.04 -1.82
CA TYR KA 366 60.33 -23.39 -2.45
C TYR KA 366 59.92 -22.05 -3.04
N GLU KA 367 60.93 -21.29 -3.44
CA GLU KA 367 60.76 -20.11 -4.28
C GLU KA 367 61.69 -20.26 -5.47
N VAL KA 368 61.24 -19.83 -6.65
CA VAL KA 368 61.94 -20.11 -7.89
C VAL KA 368 62.19 -18.81 -8.64
N ASP KA 369 63.32 -18.76 -9.33
CA ASP KA 369 63.61 -17.66 -10.23
C ASP KA 369 62.63 -17.67 -11.39
N ARG KA 370 62.67 -16.63 -12.21
CA ARG KA 370 61.79 -16.57 -13.37
C ARG KA 370 62.31 -15.52 -14.34
N THR KA 371 62.27 -15.84 -15.62
CA THR KA 371 62.56 -14.88 -16.68
C THR KA 371 61.47 -14.97 -17.73
N ILE KA 372 61.00 -13.81 -18.20
CA ILE KA 372 59.90 -13.74 -19.15
C ILE KA 372 60.25 -12.72 -20.20
N ARG KA 373 60.34 -13.14 -21.46
CA ARG KA 373 60.58 -12.25 -22.57
C ARG KA 373 59.40 -12.28 -23.51
N HIS KA 374 59.10 -11.14 -24.14
CA HIS KA 374 58.04 -11.05 -25.13
C HIS KA 374 58.66 -10.49 -26.40
N THR KA 375 59.24 -11.36 -27.21
CA THR KA 375 59.96 -10.96 -28.41
C THR KA 375 59.00 -10.93 -29.58
N LYS KA 376 58.81 -9.77 -30.17
CA LYS KA 376 57.99 -9.61 -31.36
C LYS KA 376 58.91 -9.33 -32.53
N MET KA 377 59.14 -10.35 -33.36
CA MET KA 377 60.12 -10.25 -34.43
C MET KA 377 59.75 -9.15 -35.41
N ASN KA 378 60.71 -8.78 -36.23
CA ASN KA 378 60.52 -7.72 -37.21
C ASN KA 378 60.18 -8.32 -38.56
N VAL KA 379 59.37 -7.61 -39.33
CA VAL KA 379 58.96 -8.06 -40.66
C VAL KA 379 59.79 -7.32 -41.70
N GLY KA 380 60.70 -8.03 -42.36
CA GLY KA 380 61.54 -7.41 -43.36
C GLY KA 380 63.01 -7.66 -43.16
N ASP KA 381 63.35 -8.69 -42.39
CA ASP KA 381 64.75 -9.02 -42.17
C ASP KA 381 65.28 -9.88 -43.31
N ILE KA 382 66.60 -10.02 -43.36
CA ILE KA 382 67.27 -10.79 -44.40
C ILE KA 382 67.52 -12.20 -43.89
N GLU KA 383 66.87 -13.18 -44.51
CA GLU KA 383 67.03 -14.56 -44.04
C GLU KA 383 68.17 -15.26 -44.76
N ARG KA 384 68.47 -14.87 -46.00
CA ARG KA 384 69.53 -15.53 -46.75
C ARG KA 384 69.92 -14.63 -47.91
N LEU KA 385 71.20 -14.68 -48.27
CA LEU KA 385 71.71 -13.91 -49.39
C LEU KA 385 72.42 -14.84 -50.36
N SER KA 386 72.61 -14.37 -51.58
CA SER KA 386 73.38 -15.08 -52.59
C SER KA 386 73.96 -14.05 -53.53
N VAL KA 387 75.28 -14.08 -53.72
CA VAL KA 387 75.98 -13.05 -54.47
C VAL KA 387 76.82 -13.70 -55.55
N ALA KA 388 76.76 -13.15 -56.76
CA ALA KA 388 77.58 -13.58 -57.87
C ALA KA 388 78.31 -12.36 -58.43
N VAL KA 389 79.63 -12.48 -58.56
CA VAL KA 389 80.47 -11.36 -58.96
C VAL KA 389 81.37 -11.81 -60.09
N VAL KA 390 81.49 -10.96 -61.12
CA VAL KA 390 82.39 -11.19 -62.23
C VAL KA 390 83.51 -10.15 -62.17
N VAL KA 391 84.74 -10.59 -62.38
CA VAL KA 391 85.90 -9.70 -62.38
C VAL KA 391 86.58 -9.81 -63.73
N ASN KA 392 87.20 -8.71 -64.16
CA ASN KA 392 87.77 -8.65 -65.49
C ASN KA 392 89.23 -9.10 -65.47
N TYR KA 393 89.69 -9.59 -66.62
CA TYR KA 393 91.11 -9.85 -66.82
C TYR KA 393 91.88 -8.53 -66.94
N LYS KA 394 93.20 -8.65 -67.02
CA LYS KA 394 94.06 -7.48 -67.15
C LYS KA 394 95.43 -7.87 -67.72
N LEU KA 402 95.73 -13.14 -69.80
CA LEU KA 402 95.77 -12.03 -68.85
C LEU KA 402 95.05 -12.37 -67.55
N PRO KA 403 95.42 -13.47 -66.90
CA PRO KA 403 94.64 -13.94 -65.75
C PRO KA 403 95.06 -13.24 -64.46
N LEU KA 404 94.10 -12.97 -63.59
CA LEU KA 404 94.42 -12.53 -62.25
C LEU KA 404 94.86 -13.71 -61.40
N THR KA 405 95.85 -13.47 -60.54
CA THR KA 405 96.47 -14.54 -59.78
C THR KA 405 95.52 -15.11 -58.73
N ALA KA 406 96.02 -16.08 -57.97
CA ALA KA 406 95.19 -16.75 -56.97
C ALA KA 406 95.10 -15.95 -55.67
N ASP KA 407 96.21 -15.33 -55.25
CA ASP KA 407 96.19 -14.57 -54.01
C ASP KA 407 95.28 -13.35 -54.13
N GLN KA 408 95.38 -12.61 -55.24
CA GLN KA 408 94.51 -11.46 -55.44
C GLN KA 408 93.05 -11.89 -55.51
N MET KA 409 92.77 -13.00 -56.18
CA MET KA 409 91.41 -13.52 -56.21
C MET KA 409 90.92 -13.86 -54.80
N LYS KA 410 91.78 -14.46 -53.97
CA LYS KA 410 91.35 -14.84 -52.64
C LYS KA 410 91.07 -13.60 -51.78
N GLN KA 411 91.93 -12.60 -51.86
CA GLN KA 411 91.68 -11.39 -51.08
C GLN KA 411 90.45 -10.63 -51.59
N ILE KA 412 90.17 -10.70 -52.89
CA ILE KA 412 88.97 -10.06 -53.41
C ILE KA 412 87.73 -10.79 -52.92
N GLU KA 413 87.76 -12.12 -52.96
CA GLU KA 413 86.67 -12.89 -52.38
C GLU KA 413 86.47 -12.54 -50.92
N ASP KA 414 87.56 -12.33 -50.18
CA ASP KA 414 87.44 -12.04 -48.76
C ASP KA 414 86.85 -10.64 -48.53
N LEU KA 415 87.31 -9.66 -49.31
CA LEU KA 415 86.70 -8.33 -49.25
C LEU KA 415 85.20 -8.40 -49.51
N THR KA 416 84.80 -9.14 -50.54
CA THR KA 416 83.38 -9.25 -50.85
C THR KA 416 82.62 -9.91 -49.71
N ARG KA 417 83.17 -10.99 -49.17
CA ARG KA 417 82.54 -11.66 -48.04
C ARG KA 417 82.34 -10.71 -46.88
N GLU KA 418 83.33 -9.89 -46.58
CA GLU KA 418 83.19 -8.97 -45.46
C GLU KA 418 82.26 -7.80 -45.77
N ALA KA 419 82.18 -7.37 -47.02
CA ALA KA 419 81.31 -6.27 -47.39
C ALA KA 419 79.86 -6.68 -47.50
N MET KA 420 79.58 -7.96 -47.74
CA MET KA 420 78.20 -8.42 -47.81
C MET KA 420 77.51 -8.29 -46.46
N GLY KA 421 78.21 -8.67 -45.39
CA GLY KA 421 77.54 -8.96 -44.14
C GLY KA 421 77.39 -10.46 -44.05
N PHE KA 422 78.40 -11.16 -44.54
CA PHE KA 422 78.34 -12.61 -44.67
C PHE KA 422 78.13 -13.27 -43.31
N SER KA 423 77.46 -14.40 -43.32
CA SER KA 423 77.19 -15.14 -42.08
C SER KA 423 76.88 -16.58 -42.41
N ASP KA 424 77.75 -17.49 -41.96
CA ASP KA 424 77.52 -18.91 -42.15
C ASP KA 424 76.33 -19.42 -41.33
N LYS KA 425 75.71 -18.57 -40.51
CA LYS KA 425 74.49 -18.99 -39.83
C LYS KA 425 73.31 -19.01 -40.79
N ARG KA 426 73.13 -17.95 -41.57
CA ARG KA 426 71.98 -17.86 -42.46
C ARG KA 426 72.13 -18.74 -43.68
N GLY KA 427 73.29 -19.34 -43.89
CA GLY KA 427 73.51 -20.15 -45.08
C GLY KA 427 73.79 -19.34 -46.32
N ASP KA 428 74.40 -18.17 -46.16
CA ASP KA 428 74.69 -17.32 -47.31
C ASP KA 428 75.69 -18.00 -48.24
N THR KA 429 75.67 -17.59 -49.50
CA THR KA 429 76.49 -18.18 -50.53
C THR KA 429 77.14 -17.08 -51.36
N LEU KA 430 78.42 -17.26 -51.66
CA LEU KA 430 79.17 -16.33 -52.48
C LEU KA 430 79.94 -17.11 -53.54
N ASN KA 431 80.07 -16.55 -54.72
CA ASN KA 431 80.95 -17.13 -55.73
C ASN KA 431 81.44 -16.04 -56.67
N VAL KA 432 82.75 -15.85 -56.72
CA VAL KA 432 83.39 -14.87 -57.59
C VAL KA 432 84.15 -15.62 -58.67
N VAL KA 433 83.91 -15.25 -59.93
CA VAL KA 433 84.55 -15.91 -61.05
C VAL KA 433 85.25 -14.87 -61.90
N ASN KA 434 86.32 -15.30 -62.58
CA ASN KA 434 87.13 -14.43 -63.42
C ASN KA 434 87.04 -14.92 -64.85
N SER KA 435 86.63 -14.03 -65.76
CA SER KA 435 86.48 -14.38 -67.16
C SER KA 435 86.63 -13.11 -67.98
N PRO KA 436 87.21 -13.19 -69.17
CA PRO KA 436 87.45 -11.98 -69.95
C PRO KA 436 86.14 -11.35 -70.40
N PHE KA 437 86.13 -10.02 -70.43
CA PHE KA 437 84.91 -9.30 -70.80
C PHE KA 437 84.88 -9.11 -72.31
N SER KA 438 83.74 -8.67 -72.82
CA SER KA 438 83.57 -8.44 -74.25
C SER KA 438 82.46 -7.41 -74.49
N ASP LA 232 43.20 -13.78 -60.74
CA ASP LA 232 43.16 -12.37 -61.11
C ASP LA 232 44.54 -11.71 -61.08
N ALA LA 233 44.92 -11.14 -59.95
CA ALA LA 233 46.20 -10.43 -59.86
C ALA LA 233 47.38 -11.36 -59.59
N GLN LA 234 47.11 -12.59 -59.15
CA GLN LA 234 48.18 -13.52 -58.85
C GLN LA 234 49.09 -13.73 -60.05
N LEU LA 235 48.52 -13.79 -61.25
CA LEU LA 235 49.32 -13.94 -62.45
C LEU LA 235 50.25 -12.75 -62.65
N LYS LA 236 49.77 -11.54 -62.37
CA LYS LA 236 50.61 -10.36 -62.54
C LYS LA 236 51.75 -10.36 -61.53
N PHE LA 237 51.46 -10.72 -60.29
CA PHE LA 237 52.53 -10.79 -59.28
C PHE LA 237 53.58 -11.82 -59.67
N ALA LA 238 53.15 -13.01 -60.09
CA ALA LA 238 54.09 -14.03 -60.52
C ALA LA 238 54.91 -13.56 -61.72
N ASN LA 239 54.26 -12.89 -62.67
CA ASN LA 239 54.99 -12.37 -63.82
C ASN LA 239 56.06 -11.38 -63.40
N ASP LA 240 55.75 -10.51 -62.43
CA ASP LA 240 56.74 -9.56 -61.96
C ASP LA 240 57.94 -10.26 -61.32
N VAL LA 241 57.68 -11.26 -60.48
CA VAL LA 241 58.79 -11.98 -59.85
C VAL LA 241 59.66 -12.65 -60.90
N GLU LA 242 59.02 -13.32 -61.87
CA GLU LA 242 59.77 -13.98 -62.93
C GLU LA 242 60.58 -12.97 -63.73
N SER LA 243 60.02 -11.79 -63.99
CA SER LA 243 60.77 -10.79 -64.74
C SER LA 243 62.00 -10.32 -63.97
N ARG LA 244 61.85 -10.10 -62.66
CA ARG LA 244 63.00 -9.75 -61.84
C ARG LA 244 64.11 -10.79 -61.97
N ILE LA 245 63.78 -12.05 -61.74
CA ILE LA 245 64.83 -13.07 -61.75
C ILE LA 245 65.45 -13.19 -63.13
N GLN LA 246 64.64 -13.08 -64.18
CA GLN LA 246 65.17 -13.21 -65.53
C GLN LA 246 66.13 -12.07 -65.86
N ARG LA 247 65.72 -10.82 -65.58
CA ARG LA 247 66.61 -9.71 -65.88
C ARG LA 247 67.88 -9.77 -65.08
N ARG LA 248 67.81 -10.25 -63.83
CA ARG LA 248 69.02 -10.36 -63.03
C ARG LA 248 69.98 -11.40 -63.61
N ILE LA 249 69.45 -12.58 -63.99
CA ILE LA 249 70.32 -13.61 -64.56
C ILE LA 249 70.96 -13.13 -65.84
N GLU LA 250 70.15 -12.51 -66.72
CA GLU LA 250 70.74 -12.03 -67.96
C GLU LA 250 71.75 -10.92 -67.74
N ALA LA 251 71.52 -10.01 -66.80
CA ALA LA 251 72.45 -8.92 -66.54
C ALA LA 251 73.76 -9.40 -65.92
N ILE LA 252 73.73 -10.44 -65.09
CA ILE LA 252 74.99 -10.98 -64.58
C ILE LA 252 75.73 -11.79 -65.62
N LEU LA 253 75.03 -12.58 -66.44
CA LEU LA 253 75.72 -13.44 -67.39
C LEU LA 253 76.08 -12.77 -68.69
N SER LA 254 75.54 -11.59 -68.99
CA SER LA 254 75.88 -10.95 -70.25
C SER LA 254 77.34 -10.52 -70.35
N PRO LA 255 77.95 -9.85 -69.38
CA PRO LA 255 79.33 -9.37 -69.59
C PRO LA 255 80.33 -10.47 -69.91
N ILE LA 256 80.06 -11.72 -69.52
CA ILE LA 256 81.00 -12.79 -69.81
C ILE LA 256 80.87 -13.26 -71.25
N VAL LA 257 79.64 -13.56 -71.69
CA VAL LA 257 79.43 -14.20 -72.98
C VAL LA 257 79.13 -13.23 -74.11
N GLY LA 258 78.68 -12.01 -73.80
CA GLY LA 258 78.41 -11.02 -74.82
C GLY LA 258 77.14 -10.23 -74.53
N ASN LA 259 76.84 -9.32 -75.44
CA ASN LA 259 75.69 -8.44 -75.24
C ASN LA 259 74.39 -9.21 -75.19
N GLY LA 260 74.09 -10.00 -76.22
CA GLY LA 260 72.80 -10.65 -76.29
C GLY LA 260 72.86 -12.10 -76.71
N ASN LA 261 73.93 -12.79 -76.34
CA ASN LA 261 74.11 -14.18 -76.70
C ASN LA 261 73.64 -15.14 -75.61
N VAL LA 262 72.62 -14.76 -74.85
CA VAL LA 262 72.07 -15.61 -73.81
C VAL LA 262 70.62 -15.21 -73.57
N HIS LA 263 69.77 -16.21 -73.32
CA HIS LA 263 68.37 -15.98 -72.97
C HIS LA 263 67.98 -16.93 -71.85
N ALA LA 264 67.03 -16.51 -71.02
CA ALA LA 264 66.59 -17.32 -69.90
C ALA LA 264 65.10 -17.11 -69.68
N GLN LA 265 64.43 -18.16 -69.22
CA GLN LA 265 63.02 -18.11 -68.88
C GLN LA 265 62.82 -18.91 -67.60
N VAL LA 266 62.11 -18.33 -66.65
CA VAL LA 266 61.97 -18.91 -65.32
C VAL LA 266 60.49 -19.12 -65.03
N THR LA 267 60.16 -20.19 -64.33
CA THR LA 267 58.80 -20.50 -63.95
C THR LA 267 58.72 -20.60 -62.43
N ALA LA 268 57.95 -19.71 -61.82
CA ALA LA 268 57.89 -19.59 -60.37
C ALA LA 268 56.62 -20.22 -59.85
N GLN LA 269 56.76 -21.18 -58.94
CA GLN LA 269 55.62 -21.78 -58.26
C GLN LA 269 55.35 -21.00 -56.99
N LEU LA 270 54.42 -20.06 -57.05
CA LEU LA 270 54.09 -19.22 -55.91
C LEU LA 270 53.01 -19.89 -55.07
N ASP LA 271 52.96 -19.54 -53.79
CA ASP LA 271 51.99 -20.09 -52.86
C ASP LA 271 51.19 -18.94 -52.27
N PHE LA 272 49.86 -19.08 -52.31
CA PHE LA 272 48.97 -18.04 -51.81
C PHE LA 272 48.05 -18.52 -50.70
N ALA LA 273 48.30 -19.72 -50.18
CA ALA LA 273 47.43 -20.26 -49.15
C ALA LA 273 47.67 -19.56 -47.82
N ASN LA 274 46.64 -18.87 -47.32
CA ASN LA 274 46.72 -18.24 -46.01
C ASN LA 274 46.96 -19.29 -44.94
N LYS LA 275 47.91 -19.04 -44.05
CA LYS LA 275 48.37 -20.07 -43.12
C LYS LA 275 48.75 -19.42 -41.81
N GLU LA 276 48.29 -19.99 -40.70
CA GLU LA 276 48.71 -19.59 -39.37
C GLU LA 276 49.47 -20.74 -38.71
N GLN LA 277 49.84 -20.53 -37.45
CA GLN LA 277 50.52 -21.56 -36.68
C GLN LA 277 50.62 -21.13 -35.23
N THR LA 278 50.72 -22.11 -34.33
CA THR LA 278 50.91 -21.83 -32.91
C THR LA 278 51.67 -22.99 -32.27
N GLU LA 279 52.98 -22.86 -32.14
CA GLU LA 279 53.72 -23.86 -31.39
C GLU LA 279 53.52 -23.66 -29.89
N GLU LA 280 53.91 -24.67 -29.13
CA GLU LA 280 53.96 -24.54 -27.67
C GLU LA 280 54.96 -25.59 -27.18
N HIS LA 281 56.17 -25.16 -26.87
CA HIS LA 281 57.26 -26.08 -26.59
C HIS LA 281 57.54 -26.12 -25.09
N TYR LA 282 57.84 -27.31 -24.60
CA TYR LA 282 58.12 -27.52 -23.19
C TYR LA 282 59.47 -28.22 -23.05
N SER LA 283 60.32 -27.68 -22.20
CA SER LA 283 61.59 -28.34 -22.01
C SER LA 283 61.45 -29.49 -21.02
N PRO LA 284 62.12 -30.60 -21.27
CA PRO LA 284 61.95 -31.76 -20.39
C PRO LA 284 62.54 -31.51 -19.02
N ASN LA 285 61.80 -31.93 -17.99
CA ASN LA 285 62.26 -31.84 -16.61
C ASN LA 285 62.18 -33.20 -15.93
N GLY LA 286 62.39 -34.27 -16.69
CA GLY LA 286 62.37 -35.59 -16.08
C GLY LA 286 63.59 -35.86 -15.24
N ASP LA 287 64.77 -35.49 -15.72
CA ASP LA 287 66.00 -35.74 -14.99
C ASP LA 287 66.03 -34.87 -13.75
N ALA LA 288 66.40 -35.47 -12.62
CA ALA LA 288 66.41 -34.74 -11.35
C ALA LA 288 67.54 -33.73 -11.26
N SER LA 289 68.45 -33.69 -12.23
CA SER LA 289 69.57 -32.77 -12.19
C SER LA 289 69.14 -31.32 -12.37
N LYS LA 290 68.11 -31.07 -13.17
CA LYS LA 290 67.63 -29.70 -13.36
C LYS LA 290 66.11 -29.60 -13.31
N ALA LA 291 65.44 -30.39 -12.47
CA ALA LA 291 64.04 -30.15 -12.22
C ALA LA 291 63.87 -28.82 -11.50
N THR LA 292 62.64 -28.34 -11.47
CA THR LA 292 62.31 -27.08 -10.81
C THR LA 292 61.16 -27.34 -9.85
N LEU LA 293 61.48 -27.77 -8.65
CA LEU LA 293 60.47 -28.11 -7.65
C LEU LA 293 59.86 -26.84 -7.09
N ARG LA 294 58.53 -26.81 -7.00
CA ARG LA 294 57.86 -25.74 -6.27
C ARG LA 294 57.48 -26.21 -4.88
N SER LA 295 57.06 -27.46 -4.76
CA SER LA 295 56.77 -28.08 -3.48
C SER LA 295 57.46 -29.43 -3.42
N ARG LA 296 57.24 -30.14 -2.32
CA ARG LA 296 57.75 -31.50 -2.15
C ARG LA 296 57.23 -32.04 -0.84
N GLN LA 297 57.20 -33.36 -0.70
CA GLN LA 297 56.91 -34.00 0.58
C GLN LA 297 57.47 -35.41 0.51
N LEU LA 298 58.45 -35.71 1.35
CA LEU LA 298 59.18 -36.97 1.29
C LEU LA 298 59.11 -37.64 2.65
N ASN LA 299 58.20 -38.60 2.79
CA ASN LA 299 58.07 -39.37 4.02
C ASN LA 299 58.84 -40.68 3.87
N ILE LA 300 59.53 -41.09 4.92
CA ILE LA 300 60.34 -42.30 4.90
C ILE LA 300 60.16 -42.99 6.25
N SER LA 301 59.55 -44.17 6.24
CA SER LA 301 59.49 -45.03 7.40
C SER LA 301 60.39 -46.23 7.19
N GLU LA 302 60.78 -46.88 8.29
CA GLU LA 302 61.65 -48.04 8.20
C GLU LA 302 61.62 -48.75 9.54
N GLN LA 303 61.33 -50.04 9.52
CA GLN LA 303 61.28 -50.86 10.73
C GLN LA 303 62.20 -52.06 10.56
N VAL LA 304 62.66 -52.61 11.68
CA VAL LA 304 63.45 -53.83 11.66
C VAL LA 304 63.01 -54.76 12.78
N PRO LA 355 63.23 -58.88 8.81
CA PRO LA 355 61.89 -58.27 8.74
C PRO LA 355 61.95 -56.79 8.38
N ARG LA 356 62.83 -56.44 7.46
CA ARG LA 356 63.15 -55.05 7.14
C ARG LA 356 62.01 -54.44 6.33
N SER LA 357 60.89 -54.15 7.00
CA SER LA 357 59.79 -53.44 6.39
C SER LA 357 60.23 -52.01 6.08
N THR LA 358 59.68 -51.42 5.02
CA THR LA 358 60.10 -50.11 4.58
C THR LA 358 58.87 -49.35 4.09
N GLN LA 359 59.09 -48.11 3.67
CA GLN LA 359 58.05 -47.24 3.14
C GLN LA 359 58.72 -45.99 2.57
N ARG LA 360 58.15 -45.44 1.50
CA ARG LA 360 58.70 -44.21 0.93
C ARG LA 360 57.61 -43.54 0.10
N ASN LA 361 57.01 -42.48 0.63
CA ASN LA 361 56.07 -41.67 -0.12
C ASN LA 361 56.75 -40.39 -0.57
N GLU LA 362 56.31 -39.86 -1.71
CA GLU LA 362 56.97 -38.67 -2.26
C GLU LA 362 56.01 -37.96 -3.21
N THR LA 363 55.52 -36.81 -2.80
CA THR LA 363 54.74 -35.94 -3.66
C THR LA 363 55.62 -34.80 -4.15
N SER LA 364 55.47 -34.44 -5.42
CA SER LA 364 56.29 -33.38 -6.00
C SER LA 364 55.44 -32.53 -6.93
N ASN LA 365 55.57 -31.21 -6.80
CA ASN LA 365 54.94 -30.27 -7.71
C ASN LA 365 56.04 -29.52 -8.45
N TYR LA 366 55.96 -29.49 -9.77
CA TYR LA 366 57.03 -28.97 -10.60
C TYR LA 366 56.65 -27.62 -11.19
N GLU LA 367 57.65 -26.97 -11.78
CA GLU LA 367 57.44 -25.82 -12.64
C GLU LA 367 58.17 -26.08 -13.95
N VAL LA 368 57.57 -25.67 -15.05
CA VAL LA 368 58.04 -26.05 -16.37
C VAL LA 368 58.28 -24.82 -17.22
N ASP LA 369 59.30 -24.89 -18.08
CA ASP LA 369 59.53 -23.85 -19.07
C ASP LA 369 58.38 -23.82 -20.06
N ARG LA 370 58.38 -22.81 -20.93
CA ARG LA 370 57.34 -22.72 -21.94
C ARG LA 370 57.78 -21.75 -23.02
N THR LA 371 57.52 -22.11 -24.28
CA THR LA 371 57.72 -21.22 -25.41
C THR LA 371 56.47 -21.25 -26.29
N ILE LA 372 56.04 -20.08 -26.72
CA ILE LA 372 54.81 -19.94 -27.50
C ILE LA 372 55.08 -18.99 -28.66
N ARG LA 373 54.93 -19.46 -29.88
CA ARG LA 373 55.08 -18.63 -31.06
C ARG LA 373 53.75 -18.59 -31.81
N HIS LA 374 53.47 -17.46 -32.43
CA HIS LA 374 52.27 -17.30 -33.25
C HIS LA 374 52.73 -16.84 -34.64
N THR LA 375 53.11 -17.79 -35.47
CA THR LA 375 53.66 -17.51 -36.79
C THR LA 375 52.54 -17.44 -37.81
N LYS LA 376 52.35 -16.28 -38.41
CA LYS LA 376 51.37 -16.09 -39.46
C LYS LA 376 52.12 -15.94 -40.78
N MET LA 377 52.14 -17.01 -41.57
CA MET LA 377 52.94 -17.04 -42.78
C MET LA 377 52.52 -15.94 -43.75
N ASN LA 378 53.37 -15.68 -44.74
CA ASN LA 378 53.11 -14.64 -45.72
C ASN LA 378 52.52 -15.26 -46.97
N VAL LA 379 51.65 -14.52 -47.65
CA VAL LA 379 51.01 -14.97 -48.87
C VAL LA 379 51.73 -14.35 -50.06
N GLY LA 380 52.46 -15.17 -50.81
CA GLY LA 380 53.18 -14.66 -51.95
C GLY LA 380 54.64 -15.04 -51.97
N ASP LA 381 55.01 -16.07 -51.22
CA ASP LA 381 56.39 -16.52 -51.20
C ASP LA 381 56.66 -17.45 -52.37
N ILE LA 382 57.94 -17.72 -52.61
CA ILE LA 382 58.36 -18.58 -53.70
C ILE LA 382 58.58 -19.98 -53.15
N GLU LA 383 57.77 -20.92 -53.62
CA GLU LA 383 57.88 -22.29 -53.12
C GLU LA 383 58.84 -23.13 -53.96
N ARG LA 384 58.97 -22.80 -55.25
CA ARG LA 384 59.84 -23.58 -56.12
C ARG LA 384 60.12 -22.76 -57.37
N LEU LA 385 61.31 -22.94 -57.93
CA LEU LA 385 61.71 -22.27 -59.14
C LEU LA 385 62.18 -23.29 -60.16
N SER LA 386 62.22 -22.89 -61.42
CA SER LA 386 62.76 -23.70 -62.50
C SER LA 386 63.27 -22.75 -63.57
N VAL LA 387 64.53 -22.91 -63.95
CA VAL LA 387 65.19 -21.97 -64.85
C VAL LA 387 65.80 -22.74 -66.00
N ALA LA 388 65.59 -22.23 -67.22
CA ALA LA 388 66.19 -22.77 -68.42
C ALA LA 388 66.93 -21.65 -69.14
N VAL LA 389 68.19 -21.89 -69.47
CA VAL LA 389 69.05 -20.86 -70.05
C VAL LA 389 69.73 -21.43 -71.29
N VAL LA 390 69.75 -20.64 -72.35
CA VAL LA 390 70.45 -20.99 -73.59
C VAL LA 390 71.64 -20.05 -73.74
N VAL LA 391 72.79 -20.61 -74.10
CA VAL LA 391 74.00 -19.83 -74.33
C VAL LA 391 74.46 -20.04 -75.76
N ASN LA 392 75.08 -19.03 -76.34
CA ASN LA 392 75.45 -19.07 -77.74
C ASN LA 392 76.85 -19.64 -77.92
N TYR LA 393 77.09 -20.21 -79.10
CA TYR LA 393 78.42 -20.60 -79.49
C TYR LA 393 79.27 -19.37 -79.80
N LYS LA 394 80.55 -19.60 -80.07
CA LYS LA 394 81.47 -18.53 -80.39
C LYS LA 394 82.69 -19.06 -81.14
N LEU LA 402 82.22 -24.41 -82.98
CA LEU LA 402 82.51 -23.28 -82.11
C LEU LA 402 81.98 -23.49 -80.69
N PRO LA 403 82.35 -24.60 -80.05
CA PRO LA 403 81.72 -24.96 -78.77
C PRO LA 403 82.41 -24.25 -77.61
N LEU LA 404 81.61 -23.86 -76.62
CA LEU LA 404 82.18 -23.40 -75.35
C LEU LA 404 82.63 -24.59 -74.52
N THR LA 405 83.77 -24.41 -73.85
CA THR LA 405 84.41 -25.50 -73.13
C THR LA 405 83.58 -25.94 -71.93
N ALA LA 406 84.12 -26.93 -71.20
CA ALA LA 406 83.40 -27.48 -70.05
C ALA LA 406 83.58 -26.64 -68.80
N ASP LA 407 84.79 -26.10 -68.58
CA ASP LA 407 85.03 -25.28 -67.40
C ASP LA 407 84.21 -24.01 -67.43
N GLN LA 408 84.20 -23.32 -68.58
CA GLN LA 408 83.41 -22.11 -68.71
C GLN LA 408 81.94 -22.40 -68.53
N MET LA 409 81.45 -23.51 -69.09
CA MET LA 409 80.07 -23.90 -68.88
C MET LA 409 79.77 -24.15 -67.41
N LYS LA 410 80.70 -24.79 -66.69
CA LYS LA 410 80.45 -25.07 -65.28
C LYS LA 410 80.42 -23.79 -64.47
N GLN LA 411 81.34 -22.87 -64.72
CA GLN LA 411 81.31 -21.62 -63.97
C GLN LA 411 80.09 -20.78 -64.32
N ILE LA 412 79.60 -20.86 -65.56
CA ILE LA 412 78.39 -20.13 -65.93
C ILE LA 412 77.18 -20.73 -65.23
N GLU LA 413 77.10 -22.06 -65.19
CA GLU LA 413 76.06 -22.71 -64.41
C GLU LA 413 76.11 -22.29 -62.96
N ASP LA 414 77.32 -22.15 -62.41
CA ASP LA 414 77.44 -21.80 -61.00
C ASP LA 414 77.02 -20.35 -60.76
N LEU LA 415 77.43 -19.43 -61.65
CA LEU LA 415 76.95 -18.06 -61.56
C LEU LA 415 75.43 -18.00 -61.58
N THR LA 416 74.81 -18.74 -62.51
CA THR LA 416 73.36 -18.73 -62.59
C THR LA 416 72.73 -19.28 -61.31
N ARG LA 417 73.27 -20.39 -60.81
CA ARG LA 417 72.76 -20.96 -59.57
C ARG LA 417 72.82 -19.95 -58.44
N GLU LA 418 73.92 -19.20 -58.32
CA GLU LA 418 74.04 -18.23 -57.25
C GLU LA 418 73.17 -17.00 -57.47
N ALA LA 419 72.92 -16.62 -58.73
CA ALA LA 419 72.11 -15.45 -59.00
C ALA LA 419 70.62 -15.73 -58.88
N MET LA 420 70.21 -16.99 -59.01
CA MET LA 420 68.80 -17.34 -58.84
C MET LA 420 68.35 -17.09 -57.41
N GLY LA 421 69.16 -17.49 -56.45
CA GLY LA 421 68.68 -17.68 -55.09
C GLY LA 421 68.42 -19.15 -54.91
N PHE LA 422 69.28 -19.96 -55.51
CA PHE LA 422 69.08 -21.41 -55.55
C PHE LA 422 69.03 -21.98 -54.15
N SER LA 423 68.26 -23.06 -53.99
CA SER LA 423 68.13 -23.72 -52.70
C SER LA 423 67.67 -25.14 -52.90
N ASP LA 424 68.51 -26.10 -52.55
CA ASP LA 424 68.13 -27.51 -52.62
C ASP LA 424 67.05 -27.88 -51.62
N LYS LA 425 66.64 -26.95 -50.76
CA LYS LA 425 65.51 -27.22 -49.87
C LYS LA 425 64.20 -27.18 -50.63
N ARG LA 426 64.00 -26.12 -51.44
CA ARG LA 426 62.73 -25.97 -52.15
C ARG LA 426 62.61 -26.90 -53.33
N GLY LA 427 63.68 -27.61 -53.68
CA GLY LA 427 63.63 -28.48 -54.84
C GLY LA 427 63.78 -27.75 -56.15
N ASP LA 428 64.51 -26.64 -56.15
CA ASP LA 428 64.68 -25.86 -57.37
C ASP LA 428 65.46 -26.65 -58.40
N THR LA 429 65.27 -26.28 -59.67
CA THR LA 429 65.88 -26.99 -60.78
C THR LA 429 66.48 -25.98 -61.75
N LEU LA 430 67.67 -26.29 -62.24
CA LEU LA 430 68.37 -25.46 -63.20
C LEU LA 430 68.90 -26.35 -64.32
N ASN LA 431 68.89 -25.84 -65.55
CA ASN LA 431 69.55 -26.54 -66.65
C ASN LA 431 69.97 -25.52 -67.71
N VAL LA 432 71.27 -25.46 -67.96
CA VAL LA 432 71.84 -24.57 -68.96
C VAL LA 432 72.37 -25.43 -70.11
N VAL LA 433 71.97 -25.09 -71.33
CA VAL LA 433 72.36 -25.84 -72.51
C VAL LA 433 73.01 -24.90 -73.51
N ASN LA 434 73.91 -25.44 -74.30
CA ASN LA 434 74.65 -24.68 -75.31
C ASN LA 434 74.30 -25.21 -76.69
N SER LA 435 73.82 -24.32 -77.56
CA SER LA 435 73.44 -24.71 -78.90
C SER LA 435 73.56 -23.49 -79.81
N PRO LA 436 73.94 -23.67 -81.07
CA PRO LA 436 74.15 -22.50 -81.93
C PRO LA 436 72.85 -21.77 -82.20
N PHE LA 437 72.94 -20.46 -82.30
CA PHE LA 437 71.75 -19.65 -82.51
C PHE LA 437 71.50 -19.52 -84.01
N SER LA 438 70.34 -18.98 -84.36
CA SER LA 438 69.96 -18.80 -85.75
C SER LA 438 68.93 -17.68 -85.87
N ASP MA 232 31.84 -20.00 -66.01
CA ASP MA 232 31.86 -18.61 -66.44
C ASP MA 232 33.27 -18.08 -66.66
N ALA MA 233 33.89 -17.50 -65.62
CA ALA MA 233 35.21 -16.91 -65.77
C ALA MA 233 36.34 -17.93 -65.65
N GLN MA 234 36.04 -19.11 -65.10
CA GLN MA 234 37.06 -20.14 -64.92
C GLN MA 234 37.75 -20.47 -66.23
N LEU MA 235 36.99 -20.52 -67.33
CA LEU MA 235 37.59 -20.78 -68.62
C LEU MA 235 38.57 -19.70 -69.02
N LYS MA 236 38.24 -18.43 -68.74
CA LYS MA 236 39.14 -17.34 -69.10
C LYS MA 236 40.42 -17.41 -68.28
N PHE MA 237 40.30 -17.69 -66.98
CA PHE MA 237 41.50 -17.82 -66.15
C PHE MA 237 42.40 -18.96 -66.64
N ALA MA 238 41.80 -20.13 -66.93
CA ALA MA 238 42.57 -21.24 -67.45
C ALA MA 238 43.23 -20.90 -68.77
N ASN MA 239 42.50 -20.20 -69.65
CA ASN MA 239 43.08 -19.81 -70.93
C ASN MA 239 44.28 -18.89 -70.72
N ASP MA 240 44.19 -17.97 -69.77
CA ASP MA 240 45.34 -17.09 -69.50
C ASP MA 240 46.55 -17.87 -69.02
N VAL MA 241 46.35 -18.81 -68.09
CA VAL MA 241 47.47 -19.61 -67.61
C VAL MA 241 48.10 -20.40 -68.75
N GLU MA 242 47.26 -21.04 -69.57
CA GLU MA 242 47.79 -21.80 -70.70
C GLU MA 242 48.55 -20.90 -71.66
N SER MA 243 48.06 -19.69 -71.89
CA SER MA 243 48.75 -18.78 -72.80
C SER MA 243 50.12 -18.40 -72.25
N ARG MA 244 50.20 -18.12 -70.95
CA ARG MA 244 51.49 -17.85 -70.33
C ARG MA 244 52.47 -18.99 -70.58
N ILE MA 245 52.08 -20.20 -70.23
CA ILE MA 245 53.02 -21.31 -70.35
C ILE MA 245 53.42 -21.55 -71.79
N GLN MA 246 52.47 -21.39 -72.72
CA GLN MA 246 52.76 -21.62 -74.13
C GLN MA 246 53.73 -20.59 -74.66
N ARG MA 247 53.49 -19.30 -74.38
CA ARG MA 247 54.40 -18.28 -74.87
C ARG MA 247 55.78 -18.44 -74.27
N ARG MA 248 55.87 -18.86 -73.01
CA ARG MA 248 57.18 -19.05 -72.41
C ARG MA 248 57.94 -20.20 -73.06
N ILE MA 249 57.27 -21.33 -73.29
CA ILE MA 249 57.93 -22.46 -73.93
C ILE MA 249 58.40 -22.08 -75.33
N GLU MA 250 57.53 -21.44 -76.11
CA GLU MA 250 57.95 -21.05 -77.45
C GLU MA 250 59.08 -20.03 -77.43
N ALA MA 251 59.07 -19.08 -76.52
CA ALA MA 251 60.13 -18.07 -76.46
C ALA MA 251 61.46 -18.64 -76.02
N ILE MA 252 61.48 -19.63 -75.14
CA ILE MA 252 62.76 -20.26 -74.81
C ILE MA 252 63.25 -21.18 -75.91
N LEU MA 253 62.37 -21.94 -76.57
CA LEU MA 253 62.83 -22.89 -77.56
C LEU MA 253 63.04 -22.31 -78.94
N SER MA 254 62.55 -21.10 -79.21
CA SER MA 254 62.74 -20.53 -80.54
C SER MA 254 64.20 -20.25 -80.89
N PRO MA 255 65.02 -19.60 -80.05
CA PRO MA 255 66.37 -19.26 -80.50
C PRO MA 255 67.21 -20.45 -80.92
N ILE MA 256 66.91 -21.66 -80.43
CA ILE MA 256 67.70 -22.83 -80.80
C ILE MA 256 67.30 -23.33 -82.18
N VAL MA 257 66.00 -23.53 -82.41
CA VAL MA 257 65.54 -24.20 -83.62
C VAL MA 257 65.13 -23.24 -84.73
N GLY MA 258 64.84 -21.98 -84.42
CA GLY MA 258 64.50 -21.01 -85.44
C GLY MA 258 63.37 -20.10 -84.99
N ASN MA 259 63.01 -19.20 -85.90
CA ASN MA 259 61.99 -18.21 -85.58
C ASN MA 259 60.64 -18.86 -85.28
N GLY MA 260 60.12 -19.65 -86.21
CA GLY MA 260 58.78 -20.19 -86.05
C GLY MA 260 58.65 -21.65 -86.41
N ASN MA 261 59.71 -22.42 -86.16
CA ASN MA 261 59.72 -23.83 -86.46
C ASN MA 261 59.34 -24.70 -85.28
N VAL MA 262 58.49 -24.20 -84.38
CA VAL MA 262 58.03 -24.97 -83.23
C VAL MA 262 56.68 -24.42 -82.80
N HIS MA 263 55.80 -25.32 -82.36
CA HIS MA 263 54.50 -24.96 -81.82
C HIS MA 263 54.21 -25.83 -80.61
N ALA MA 264 53.45 -25.30 -79.67
CA ALA MA 264 53.12 -26.01 -78.45
C ALA MA 264 51.71 -25.65 -78.01
N GLN MA 265 51.02 -26.63 -77.40
CA GLN MA 265 49.70 -26.43 -76.85
C GLN MA 265 49.62 -27.16 -75.52
N VAL MA 266 49.14 -26.48 -74.49
CA VAL MA 266 49.16 -27.00 -73.13
C VAL MA 266 47.72 -27.06 -72.62
N THR MA 267 47.43 -28.07 -71.82
CA THR MA 267 46.12 -28.23 -71.21
C THR MA 267 46.27 -28.28 -69.70
N ALA MA 268 45.68 -27.30 -69.02
CA ALA MA 268 45.86 -27.10 -67.59
C ALA MA 268 44.64 -27.61 -66.86
N GLN MA 269 44.84 -28.53 -65.93
CA GLN MA 269 43.77 -29.00 -65.05
C GLN MA 269 43.77 -28.15 -63.79
N LEU MA 270 42.92 -27.13 -63.76
CA LEU MA 270 42.85 -26.23 -62.62
C LEU MA 270 41.87 -26.77 -61.60
N ASP MA 271 42.05 -26.36 -60.35
CA ASP MA 271 41.20 -26.79 -59.25
C ASP MA 271 40.59 -25.55 -58.61
N PHE MA 272 39.27 -25.56 -58.43
CA PHE MA 272 38.57 -24.42 -57.87
C PHE MA 272 37.80 -24.79 -56.60
N ALA MA 273 38.02 -25.98 -56.06
CA ALA MA 273 37.27 -26.40 -54.88
C ALA MA 273 37.78 -25.67 -53.64
N ASN MA 274 36.90 -24.87 -53.03
CA ASN MA 274 37.24 -24.20 -51.79
C ASN MA 274 37.55 -25.24 -50.71
N LYS MA 275 38.65 -25.04 -49.98
CA LYS MA 275 39.17 -26.07 -49.09
C LYS MA 275 39.81 -25.41 -47.89
N GLU MA 276 39.48 -25.89 -46.70
CA GLU MA 276 40.13 -25.48 -45.47
C GLU MA 276 40.88 -26.66 -44.88
N GLN MA 277 41.45 -26.45 -43.69
CA GLN MA 277 42.17 -27.50 -42.98
C GLN MA 277 42.52 -27.03 -41.59
N THR MA 278 42.69 -27.98 -40.66
CA THR MA 278 43.13 -27.67 -39.30
C THR MA 278 43.87 -28.87 -38.74
N GLU MA 279 45.20 -28.86 -38.81
CA GLU MA 279 45.95 -29.90 -38.13
C GLU MA 279 46.01 -29.62 -36.63
N GLU MA 280 46.43 -30.63 -35.88
CA GLU MA 280 46.71 -30.45 -34.47
C GLU MA 280 47.68 -31.56 -34.08
N HIS MA 281 48.96 -31.24 -33.99
CA HIS MA 281 50.00 -32.23 -33.82
C HIS MA 281 50.51 -32.25 -32.39
N TYR MA 282 50.77 -33.44 -31.88
CA TYR MA 282 51.26 -33.63 -30.52
C TYR MA 282 52.55 -34.43 -30.56
N SER MA 283 53.56 -33.94 -29.87
CA SER MA 283 54.79 -34.71 -29.85
C SER MA 283 54.70 -35.80 -28.80
N PRO MA 284 55.23 -37.00 -29.09
CA PRO MA 284 55.10 -38.10 -28.13
C PRO MA 284 55.92 -37.84 -26.88
N ASN MA 285 55.32 -38.15 -25.73
CA ASN MA 285 56.00 -38.05 -24.45
C ASN MA 285 55.92 -39.37 -23.69
N GLY MA 286 55.91 -40.49 -24.41
CA GLY MA 286 55.87 -41.78 -23.74
C GLY MA 286 57.18 -42.12 -23.08
N ASP MA 287 58.29 -41.88 -23.77
CA ASP MA 287 59.60 -42.22 -23.22
C ASP MA 287 59.91 -41.30 -22.05
N ALA MA 288 60.39 -41.89 -20.96
CA ALA MA 288 60.66 -41.12 -19.75
C ALA MA 288 61.87 -40.21 -19.87
N SER MA 289 62.61 -40.30 -20.97
CA SER MA 289 63.80 -39.48 -21.14
C SER MA 289 63.48 -38.00 -21.34
N LYS MA 290 62.36 -37.69 -21.99
CA LYS MA 290 61.97 -36.29 -22.17
C LYS MA 290 60.49 -36.04 -21.90
N ALA MA 291 59.91 -36.75 -20.94
CA ALA MA 291 58.58 -36.37 -20.47
C ALA MA 291 58.64 -35.01 -19.80
N THR MA 292 57.47 -34.40 -19.62
CA THR MA 292 57.36 -33.11 -18.97
C THR MA 292 56.37 -33.22 -17.84
N LEU MA 293 56.83 -33.63 -16.67
CA LEU MA 293 55.96 -33.84 -15.52
C LEU MA 293 55.55 -32.50 -14.94
N ARG MA 294 54.27 -32.34 -14.66
CA ARG MA 294 53.81 -31.19 -13.88
C ARG MA 294 53.62 -31.57 -12.43
N SER MA 295 53.11 -32.77 -12.18
CA SER MA 295 52.98 -33.32 -10.84
C SER MA 295 53.56 -34.71 -10.82
N ARG MA 296 53.45 -35.37 -9.67
CA ARG MA 296 53.86 -36.76 -9.51
C ARG MA 296 53.51 -37.20 -8.11
N GLN MA 297 53.40 -38.50 -7.89
CA GLN MA 297 53.25 -39.07 -6.56
C GLN MA 297 53.68 -40.52 -6.63
N LEU MA 298 54.74 -40.87 -5.93
CA LEU MA 298 55.35 -42.20 -6.04
C LEU MA 298 55.44 -42.82 -4.66
N ASN MA 299 54.48 -43.67 -4.33
CA ASN MA 299 54.49 -44.39 -3.06
C ASN MA 299 55.10 -45.76 -3.26
N ILE MA 300 55.91 -46.20 -2.30
CA ILE MA 300 56.60 -47.48 -2.38
C ILE MA 300 56.59 -48.10 -0.99
N SER MA 301 55.87 -49.20 -0.84
CA SER MA 301 55.92 -50.01 0.36
C SER MA 301 56.68 -51.30 0.07
N GLU MA 302 57.18 -51.94 1.13
CA GLU MA 302 57.93 -53.19 0.96
C GLU MA 302 58.04 -53.84 2.33
N GLN MA 303 57.65 -55.11 2.42
CA GLN MA 303 57.73 -55.87 3.66
C GLN MA 303 58.50 -57.15 3.43
N VAL MA 304 59.09 -57.69 4.48
CA VAL MA 304 59.75 -58.98 4.41
C VAL MA 304 59.41 -59.82 5.63
N PRO MA 355 58.66 -64.09 1.89
CA PRO MA 355 57.38 -63.36 1.98
C PRO MA 355 57.51 -61.91 1.55
N ARG MA 356 58.26 -61.67 0.49
CA ARG MA 356 58.63 -60.33 0.05
C ARG MA 356 57.44 -59.66 -0.60
N SER MA 357 56.47 -59.25 0.21
CA SER MA 357 55.35 -58.45 -0.26
C SER MA 357 55.86 -57.09 -0.70
N THR MA 358 55.21 -56.50 -1.69
CA THR MA 358 55.65 -55.23 -2.27
C THR MA 358 54.44 -54.38 -2.59
N GLN MA 359 54.69 -53.19 -3.11
CA GLN MA 359 53.66 -52.25 -3.53
C GLN MA 359 54.32 -51.09 -4.24
N ARG MA 360 53.65 -50.52 -5.24
CA ARG MA 360 54.21 -49.37 -5.96
C ARG MA 360 53.06 -48.64 -6.64
N ASN MA 361 52.65 -47.51 -6.08
CA ASN MA 361 51.67 -46.65 -6.71
C ASN MA 361 52.38 -45.45 -7.33
N GLU MA 362 51.82 -44.93 -8.42
CA GLU MA 362 52.47 -43.83 -9.13
C GLU MA 362 51.44 -43.08 -9.95
N THR MA 363 51.12 -41.86 -9.53
CA THR MA 363 50.29 -40.96 -10.31
C THR MA 363 51.18 -39.92 -10.99
N SER MA 364 50.86 -39.60 -12.23
CA SER MA 364 51.66 -38.64 -12.99
C SER MA 364 50.75 -37.75 -13.81
N ASN MA 365 51.01 -36.46 -13.78
CA ASN MA 365 50.34 -35.49 -14.63
C ASN MA 365 51.37 -34.87 -15.57
N TYR MA 366 51.07 -34.88 -16.86
CA TYR MA 366 52.04 -34.49 -17.86
C TYR MA 366 51.69 -33.14 -18.46
N GLU MA 367 52.63 -32.60 -19.23
CA GLU MA 367 52.39 -31.47 -20.11
C GLU MA 367 52.87 -31.85 -21.48
N VAL MA 368 52.15 -31.42 -22.51
CA VAL MA 368 52.38 -31.90 -23.86
C VAL MA 368 52.59 -30.72 -24.81
N ASP MA 369 53.44 -30.92 -25.80
CA ASP MA 369 53.60 -29.94 -26.87
C ASP MA 369 52.32 -29.84 -27.68
N ARG MA 370 52.27 -28.88 -28.58
CA ARG MA 370 51.09 -28.72 -29.43
C ARG MA 370 51.43 -27.84 -30.62
N THR MA 371 50.95 -28.23 -31.79
CA THR MA 371 51.04 -27.41 -32.98
C THR MA 371 49.68 -27.35 -33.65
N ILE MA 372 49.28 -26.16 -34.08
CA ILE MA 372 47.96 -25.95 -34.66
C ILE MA 372 48.14 -25.06 -35.89
N ARG MA 373 47.76 -25.57 -37.05
CA ARG MA 373 47.77 -24.80 -38.29
C ARG MA 373 46.36 -24.66 -38.83
N HIS MA 374 46.08 -23.53 -39.46
CA HIS MA 374 44.79 -23.30 -40.09
C HIS MA 374 45.06 -22.94 -41.55
N THR MA 375 45.22 -23.95 -42.39
CA THR MA 375 45.59 -23.77 -43.78
C THR MA 375 44.33 -23.63 -44.62
N LYS MA 376 44.15 -22.48 -45.24
CA LYS MA 376 43.03 -22.25 -46.14
C LYS MA 376 43.57 -22.22 -47.57
N MET MA 377 43.37 -23.31 -48.30
CA MET MA 377 43.96 -23.46 -49.61
C MET MA 377 43.49 -22.36 -50.56
N ASN MA 378 44.20 -22.23 -51.67
CA ASN MA 378 43.88 -21.21 -52.65
C ASN MA 378 43.04 -21.82 -53.77
N VAL MA 379 42.15 -21.01 -54.35
CA VAL MA 379 41.29 -21.46 -55.43
C VAL MA 379 41.87 -20.95 -56.74
N GLY MA 380 42.39 -21.86 -57.55
CA GLY MA 380 42.96 -21.46 -58.83
C GLY MA 380 44.37 -21.96 -59.05
N ASP MA 381 44.76 -22.99 -58.31
CA ASP MA 381 46.09 -23.57 -58.46
C ASP MA 381 46.09 -24.58 -59.61
N ILE MA 382 47.29 -24.97 -60.03
CA ILE MA 382 47.47 -25.89 -61.13
C ILE MA 382 47.64 -27.30 -60.56
N GLU MA 383 46.69 -28.18 -60.83
CA GLU MA 383 46.77 -29.53 -60.30
C GLU MA 383 47.50 -30.48 -61.24
N ARG MA 384 47.46 -30.22 -62.53
CA ARG MA 384 48.10 -31.10 -63.49
C ARG MA 384 48.26 -30.36 -64.81
N LEU MA 385 49.33 -30.67 -65.53
CA LEU MA 385 49.59 -30.08 -66.83
C LEU MA 385 49.80 -31.18 -67.84
N SER MA 386 49.68 -30.83 -69.12
CA SER MA 386 49.97 -31.73 -70.22
C SER MA 386 50.38 -30.88 -71.41
N VAL MA 387 51.55 -31.16 -71.97
CA VAL MA 387 52.14 -30.33 -73.00
C VAL MA 387 52.49 -31.18 -74.20
N ALA MA 388 52.14 -30.71 -75.39
CA ALA MA 388 52.49 -31.35 -76.65
C ALA MA 388 53.20 -30.33 -77.52
N VAL MA 389 54.37 -30.69 -78.03
CA VAL MA 389 55.21 -29.77 -78.79
C VAL MA 389 55.63 -30.45 -80.08
N VAL MA 390 55.57 -29.70 -81.18
CA VAL MA 390 56.02 -30.15 -82.48
C VAL MA 390 57.25 -29.34 -82.87
N VAL MA 391 58.28 -30.01 -83.38
CA VAL MA 391 59.50 -29.35 -83.82
C VAL MA 391 59.71 -29.67 -85.29
N ASN MA 392 60.32 -28.73 -86.02
CA ASN MA 392 60.45 -28.86 -87.45
C ASN MA 392 61.76 -29.57 -87.81
N TYR MA 393 61.75 -30.20 -88.98
CA TYR MA 393 62.97 -30.73 -89.56
C TYR MA 393 63.86 -29.59 -90.05
N LYS MA 394 65.06 -29.95 -90.50
CA LYS MA 394 66.02 -28.98 -91.01
C LYS MA 394 67.05 -29.64 -91.91
N LEU MA 402 65.85 -35.00 -93.38
CA LEU MA 402 66.36 -33.85 -92.62
C LEU MA 402 66.03 -33.97 -91.13
N PRO MA 403 66.42 -35.09 -90.50
CA PRO MA 403 65.97 -35.33 -89.12
C PRO MA 403 66.88 -34.65 -88.12
N LEU MA 404 66.28 -34.16 -87.03
CA LEU MA 404 67.08 -33.70 -85.90
C LEU MA 404 67.56 -34.89 -85.09
N THR MA 405 68.80 -34.78 -84.60
CA THR MA 405 69.45 -35.91 -83.95
C THR MA 405 68.79 -36.23 -82.60
N ALA MA 406 69.34 -37.23 -81.92
CA ALA MA 406 68.77 -37.67 -80.64
C ALA MA 406 69.22 -36.80 -79.48
N ASP MA 407 70.48 -36.37 -79.48
CA ASP MA 407 70.98 -35.54 -78.39
C ASP MA 407 70.28 -34.18 -78.37
N GLN MA 408 70.16 -33.55 -79.53
CA GLN MA 408 69.45 -32.28 -79.60
C GLN MA 408 68.00 -32.42 -79.18
N MET MA 409 67.35 -33.51 -79.61
CA MET MA 409 65.98 -33.76 -79.16
C MET MA 409 65.91 -33.91 -77.65
N LYS MA 410 66.87 -34.62 -77.05
CA LYS MA 410 66.82 -34.82 -75.62
C LYS MA 410 67.03 -33.52 -74.86
N GLN MA 411 67.96 -32.69 -75.31
CA GLN MA 411 68.17 -31.42 -74.63
C GLN MA 411 66.98 -30.48 -74.83
N ILE MA 412 66.30 -30.56 -75.98
CA ILE MA 412 65.11 -29.75 -76.19
C ILE MA 412 63.99 -30.21 -75.28
N GLU MA 413 63.80 -31.52 -75.16
CA GLU MA 413 62.83 -32.04 -74.21
C GLU MA 413 63.15 -31.57 -72.80
N ASP MA 414 64.44 -31.52 -72.46
CA ASP MA 414 64.81 -31.13 -71.10
C ASP MA 414 64.56 -29.64 -70.87
N LEU MA 415 64.90 -28.80 -71.85
CA LEU MA 415 64.56 -27.38 -71.77
C LEU MA 415 63.07 -27.19 -71.56
N THR MA 416 62.24 -27.89 -72.34
CA THR MA 416 60.80 -27.76 -72.19
C THR MA 416 60.35 -28.20 -70.82
N ARG MA 417 60.85 -29.33 -70.35
CA ARG MA 417 60.51 -29.80 -69.01
C ARG MA 417 60.83 -28.76 -67.95
N GLU MA 418 61.99 -28.12 -68.05
CA GLU MA 418 62.36 -27.13 -67.05
C GLU MA 418 61.57 -25.83 -67.21
N ALA MA 419 61.17 -25.48 -68.43
CA ALA MA 419 60.42 -24.25 -68.63
C ALA MA 419 58.95 -24.39 -68.27
N MET MA 420 58.42 -25.60 -68.27
CA MET MA 420 57.03 -25.81 -67.87
C MET MA 420 56.83 -25.48 -66.40
N GLY MA 421 57.75 -25.91 -65.55
CA GLY MA 421 57.47 -26.00 -64.14
C GLY MA 421 57.12 -27.44 -63.84
N PHE MA 422 57.81 -28.35 -64.53
CA PHE MA 422 57.48 -29.77 -64.46
C PHE MA 422 57.60 -30.28 -63.03
N SER MA 423 56.78 -31.28 -62.70
CA SER MA 423 56.80 -31.87 -61.38
C SER MA 423 56.18 -33.25 -61.43
N ASP MA 424 57.00 -34.27 -61.17
CA ASP MA 424 56.49 -35.63 -61.11
C ASP MA 424 55.54 -35.87 -59.93
N LYS MA 425 55.36 -34.87 -59.07
CA LYS MA 425 54.36 -35.00 -58.01
C LYS MA 425 52.95 -34.87 -58.56
N ARG MA 426 52.71 -33.84 -59.37
CA ARG MA 426 51.37 -33.59 -59.89
C ARG MA 426 50.99 -34.55 -61.00
N GLY MA 427 51.92 -35.37 -61.47
CA GLY MA 427 51.62 -36.28 -62.56
C GLY MA 427 51.64 -35.61 -63.91
N ASP MA 428 52.44 -34.57 -64.07
CA ASP MA 428 52.48 -33.86 -65.35
C ASP MA 428 53.02 -34.76 -66.45
N THR MA 429 52.67 -34.43 -67.69
CA THR MA 429 53.03 -35.22 -68.85
C THR MA 429 53.56 -34.32 -69.95
N LEU MA 430 54.62 -34.75 -70.59
CA LEU MA 430 55.23 -34.02 -71.70
C LEU MA 430 55.51 -34.99 -72.83
N ASN MA 431 55.34 -34.53 -74.06
CA ASN MA 431 55.75 -35.33 -75.22
C ASN MA 431 56.08 -34.40 -76.38
N VAL MA 432 57.33 -34.46 -76.83
CA VAL MA 432 57.81 -33.67 -77.95
C VAL MA 432 58.08 -34.62 -79.12
N VAL MA 433 57.52 -34.29 -80.28
CA VAL MA 433 57.66 -35.12 -81.47
C VAL MA 433 58.23 -34.27 -82.60
N ASN MA 434 58.94 -34.94 -83.49
CA ASN MA 434 59.58 -34.29 -84.64
C ASN MA 434 58.97 -34.83 -85.92
N SER MA 435 58.43 -33.93 -86.76
CA SER MA 435 57.81 -34.33 -88.00
C SER MA 435 57.89 -33.16 -88.97
N PRO MA 436 58.06 -33.42 -90.27
CA PRO MA 436 58.24 -32.32 -91.21
C PRO MA 436 56.98 -31.48 -91.32
N PHE MA 437 57.16 -30.18 -91.49
CA PHE MA 437 56.02 -29.28 -91.56
C PHE MA 437 55.55 -29.18 -93.01
N SER MA 438 54.39 -28.56 -93.20
CA SER MA 438 53.82 -28.39 -94.53
C SER MA 438 52.88 -27.18 -94.55
N ASP NA 232 19.32 -25.27 -69.14
CA ASP NA 232 19.40 -23.89 -69.64
C ASP NA 232 20.80 -23.51 -70.10
N ALA NA 233 21.61 -22.95 -69.20
CA ALA NA 233 22.94 -22.50 -69.58
C ALA NA 233 23.98 -23.61 -69.58
N GLN NA 234 23.68 -24.74 -68.93
CA GLN NA 234 24.62 -25.85 -68.86
C GLN NA 234 25.06 -26.28 -70.25
N LEU NA 235 24.14 -26.30 -71.20
CA LEU NA 235 24.50 -26.67 -72.57
C LEU NA 235 25.50 -25.69 -73.16
N LYS NA 236 25.32 -24.40 -72.90
CA LYS NA 236 26.25 -23.41 -73.44
C LYS NA 236 27.63 -23.56 -72.83
N PHE NA 237 27.70 -23.79 -71.52
CA PHE NA 237 28.99 -23.99 -70.87
C PHE NA 237 29.70 -25.23 -71.44
N ALA NA 238 28.96 -26.34 -71.58
CA ALA NA 238 29.55 -27.54 -72.14
C ALA NA 238 30.01 -27.32 -73.57
N ASN NA 239 29.22 -26.58 -74.36
CA ASN NA 239 29.62 -26.29 -75.73
C ASN NA 239 30.91 -25.48 -75.76
N ASP NA 240 31.06 -24.53 -74.85
CA ASP NA 240 32.30 -23.75 -74.80
C ASP NA 240 33.50 -24.62 -74.48
N VAL NA 241 33.37 -25.50 -73.49
CA VAL NA 241 34.48 -26.38 -73.14
C VAL NA 241 34.86 -27.26 -74.33
N GLU NA 242 33.85 -27.85 -74.96
CA GLU NA 242 34.12 -28.70 -76.12
C GLU NA 242 34.80 -27.92 -77.24
N SER NA 243 34.38 -26.67 -77.45
CA SER NA 243 35.00 -25.87 -78.50
C SER NA 243 36.46 -25.60 -78.19
N ARG NA 244 36.77 -25.27 -76.93
CA ARG NA 244 38.16 -25.10 -76.53
C ARG NA 244 38.99 -26.32 -76.87
N ILE NA 245 38.55 -27.50 -76.41
CA ILE NA 245 39.37 -28.69 -76.61
C ILE NA 245 39.51 -29.00 -78.09
N GLN NA 246 38.43 -28.81 -78.86
CA GLN NA 246 38.48 -29.12 -80.28
C GLN NA 246 39.45 -28.20 -81.01
N ARG NA 247 39.36 -26.88 -80.76
CA ARG NA 247 40.27 -25.97 -81.44
C ARG NA 247 41.71 -26.23 -81.05
N ARG NA 248 41.96 -26.61 -79.80
CA ARG NA 248 43.33 -26.91 -79.39
C ARG NA 248 43.87 -28.13 -80.10
N ILE NA 249 43.07 -29.21 -80.16
CA ILE NA 249 43.54 -30.42 -80.83
C ILE NA 249 43.81 -30.13 -82.31
N GLU NA 250 42.89 -29.44 -82.98
CA GLU NA 250 43.12 -29.14 -84.38
C GLU NA 250 44.32 -28.24 -84.60
N ALA NA 251 44.54 -27.25 -83.73
CA ALA NA 251 45.67 -26.35 -83.89
C ALA NA 251 47.00 -27.01 -83.64
N ILE NA 252 47.07 -27.98 -82.73
CA ILE NA 252 48.33 -28.71 -82.55
C ILE NA 252 48.57 -29.72 -83.68
N LEU NA 253 47.53 -30.41 -84.15
CA LEU NA 253 47.73 -31.44 -85.16
C LEU NA 253 47.78 -30.92 -86.58
N SER NA 254 47.36 -29.68 -86.83
CA SER NA 254 47.39 -29.19 -88.20
C SER NA 254 48.79 -29.05 -88.78
N PRO NA 255 49.79 -28.45 -88.12
CA PRO NA 255 51.09 -28.25 -88.78
C PRO NA 255 51.73 -29.54 -89.25
N ILE NA 256 51.41 -30.69 -88.67
CA ILE NA 256 52.03 -31.93 -89.10
C ILE NA 256 51.38 -32.46 -90.38
N VAL NA 257 50.05 -32.53 -90.38
CA VAL NA 257 49.34 -33.21 -91.48
C VAL NA 257 48.85 -32.26 -92.57
N GLY NA 258 48.73 -30.98 -92.28
CA GLY NA 258 48.31 -30.00 -93.27
C GLY NA 258 47.35 -28.98 -92.71
N ASN NA 259 46.93 -28.08 -93.59
CA ASN NA 259 46.05 -26.99 -93.17
C ASN NA 259 44.72 -27.50 -92.64
N GLY NA 260 43.99 -28.28 -93.44
CA GLY NA 260 42.65 -28.67 -93.04
C GLY NA 260 42.35 -30.14 -93.30
N ASN NA 261 43.36 -30.98 -93.17
CA ASN NA 261 43.20 -32.41 -93.42
C ASN NA 261 42.94 -33.19 -92.14
N VAL NA 262 42.28 -32.58 -91.15
CA VAL NA 262 41.96 -33.26 -89.90
C VAL NA 262 40.74 -32.58 -89.29
N HIS NA 263 39.87 -33.38 -88.68
CA HIS NA 263 38.70 -32.87 -87.97
C HIS NA 263 38.54 -33.67 -86.68
N ALA NA 264 37.97 -33.03 -85.67
CA ALA NA 264 37.78 -33.67 -84.37
C ALA NA 264 36.50 -33.17 -83.74
N GLN NA 265 35.84 -34.05 -83.00
CA GLN NA 265 34.63 -33.72 -82.26
C GLN NA 265 34.71 -34.39 -80.90
N VAL NA 266 34.45 -33.62 -79.84
CA VAL NA 266 34.63 -34.09 -78.47
C VAL NA 266 33.30 -34.00 -77.75
N THR NA 267 33.06 -34.95 -76.85
CA THR NA 267 31.84 -34.96 -76.05
C THR NA 267 32.23 -34.96 -74.58
N ALA NA 268 31.84 -33.91 -73.87
CA ALA NA 268 32.26 -33.69 -72.50
C ALA NA 268 31.12 -34.05 -71.55
N GLN NA 269 31.39 -34.96 -70.62
CA GLN NA 269 30.44 -35.30 -69.57
C GLN NA 269 30.71 -34.39 -68.37
N LEU NA 270 29.96 -33.31 -68.26
CA LEU NA 270 30.15 -32.35 -67.18
C LEU NA 270 29.31 -32.76 -65.98
N ASP NA 271 29.72 -32.33 -64.80
CA ASP NA 271 29.01 -32.64 -63.57
C ASP NA 271 28.62 -31.33 -62.91
N PHE NA 272 27.36 -31.21 -62.52
CA PHE NA 272 26.84 -30.00 -61.91
C PHE NA 272 26.25 -30.23 -60.53
N ALA NA 273 26.45 -31.43 -59.97
CA ALA NA 273 25.87 -31.73 -58.67
C ALA NA 273 26.63 -31.01 -57.56
N ASN NA 274 25.93 -30.11 -56.87
CA ASN NA 274 26.51 -29.43 -55.72
C ASN NA 274 26.90 -30.44 -54.65
N LYS NA 275 28.12 -30.32 -54.12
CA LYS NA 275 28.67 -31.36 -53.27
C LYS NA 275 29.55 -30.72 -52.21
N GLU NA 276 29.36 -31.12 -50.96
CA GLU NA 276 30.24 -30.74 -49.86
C GLU NA 276 30.98 -31.95 -49.33
N GLN NA 277 31.75 -31.76 -48.26
CA GLN NA 277 32.46 -32.84 -47.62
C GLN NA 277 33.07 -32.36 -46.32
N THR NA 278 33.30 -33.28 -45.39
CA THR NA 278 33.97 -32.96 -44.13
C THR NA 278 34.70 -34.21 -43.62
N GLU NA 279 35.98 -34.32 -43.90
CA GLU NA 279 36.74 -35.40 -43.29
C GLU NA 279 37.05 -35.07 -41.85
N GLU NA 280 37.51 -36.09 -41.12
CA GLU NA 280 38.02 -35.89 -39.77
C GLU NA 280 38.94 -37.08 -39.48
N HIS NA 281 40.24 -36.86 -39.61
CA HIS NA 281 41.21 -37.94 -39.54
C HIS NA 281 41.92 -37.95 -38.20
N TYR NA 282 42.16 -39.14 -37.69
CA TYR NA 282 42.84 -39.33 -36.42
C TYR NA 282 44.04 -40.25 -36.60
N SER NA 283 45.18 -39.83 -36.11
CA SER NA 283 46.34 -40.70 -36.23
C SER NA 283 46.32 -41.75 -35.13
N PRO NA 284 46.68 -42.99 -35.43
CA PRO NA 284 46.62 -44.04 -34.42
C PRO NA 284 47.64 -43.82 -33.32
N ASN NA 285 47.21 -44.03 -32.08
CA ASN NA 285 48.08 -43.94 -30.92
C ASN NA 285 48.01 -45.23 -30.09
N GLY NA 286 47.79 -46.36 -30.75
CA GLY NA 286 47.74 -47.61 -30.02
C GLY NA 286 49.12 -48.05 -29.56
N ASP NA 287 50.12 -47.94 -30.41
CA ASP NA 287 51.46 -48.38 -30.06
C ASP NA 287 52.02 -47.45 -28.99
N ALA NA 288 52.62 -48.04 -27.96
CA ALA NA 288 53.15 -47.26 -26.84
C ALA NA 288 54.40 -46.47 -27.20
N SER NA 289 54.94 -46.67 -28.39
CA SER NA 289 56.16 -45.96 -28.79
C SER NA 289 55.93 -44.48 -29.01
N LYS NA 290 54.76 -44.09 -29.49
CA LYS NA 290 54.47 -42.67 -29.68
C LYS NA 290 53.08 -42.28 -29.19
N ALA NA 291 52.59 -42.87 -28.12
CA ALA NA 291 51.39 -42.37 -27.48
C ALA NA 291 51.67 -40.98 -26.90
N THR NA 292 50.61 -40.27 -26.56
CA THR NA 292 50.71 -38.95 -25.98
C THR NA 292 49.90 -38.93 -24.70
N LEU NA 293 50.51 -39.34 -23.60
CA LEU NA 293 49.81 -39.43 -22.32
C LEU NA 293 49.62 -38.03 -21.75
N ARG NA 294 48.41 -37.74 -21.27
CA ARG NA 294 48.18 -36.53 -20.51
C ARG NA 294 48.19 -36.83 -19.02
N SER NA 295 47.63 -37.97 -18.64
CA SER NA 295 47.66 -38.45 -17.27
C SER NA 295 48.11 -39.90 -17.26
N ARG NA 296 48.13 -40.49 -16.07
CA ARG NA 296 48.45 -41.91 -15.92
C ARG NA 296 48.28 -42.27 -14.45
N GLN NA 297 48.09 -43.54 -14.16
CA GLN NA 297 48.11 -44.05 -12.79
C GLN NA 297 48.39 -45.54 -12.86
N LEU NA 298 49.52 -45.97 -12.32
CA LEU NA 298 49.98 -47.34 -12.45
C LEU NA 298 50.23 -47.92 -11.06
N ASN NA 299 49.27 -48.66 -10.54
CA ASN NA 299 49.41 -49.33 -9.26
C ASN NA 299 49.87 -50.76 -9.49
N ILE NA 300 50.78 -51.23 -8.64
CA ILE NA 300 51.34 -52.57 -8.76
C ILE NA 300 51.50 -53.13 -7.36
N SER NA 301 50.72 -54.17 -7.05
CA SER NA 301 50.89 -54.94 -5.83
C SER NA 301 51.48 -56.29 -6.16
N GLU NA 302 52.07 -56.93 -5.16
CA GLU NA 302 52.68 -58.25 -5.38
C GLU NA 302 52.95 -58.86 -4.01
N GLN NA 303 52.47 -60.08 -3.80
CA GLN NA 303 52.68 -60.80 -2.54
C GLN NA 303 53.29 -62.16 -2.84
N VAL NA 304 53.99 -62.71 -1.85
CA VAL NA 304 54.52 -64.06 -1.97
C VAL NA 304 54.31 -64.82 -0.66
N PRO NA 355 52.60 -69.14 -4.02
CA PRO NA 355 51.43 -68.30 -3.77
C PRO NA 355 51.62 -66.87 -4.29
N ARG NA 356 52.21 -66.75 -5.47
CA ARG NA 356 52.62 -65.46 -6.02
C ARG NA 356 51.40 -64.71 -6.52
N SER NA 357 50.61 -64.17 -5.58
CA SER NA 357 49.51 -63.29 -5.92
C SER NA 357 50.05 -62.00 -6.50
N THR NA 358 49.30 -61.39 -7.42
CA THR NA 358 49.76 -60.19 -8.11
C THR NA 358 48.59 -59.25 -8.29
N GLN NA 359 48.86 -58.10 -8.90
CA GLN NA 359 47.85 -57.08 -9.20
C GLN NA 359 48.50 -56.02 -10.06
N ARG NA 360 47.73 -55.43 -10.98
CA ARG NA 360 48.25 -54.37 -11.83
C ARG NA 360 47.09 -53.55 -12.37
N ASN NA 361 46.87 -52.38 -11.80
CA ASN NA 361 45.88 -51.45 -12.32
C ASN NA 361 46.58 -50.35 -13.10
N GLU NA 362 45.89 -49.81 -14.11
CA GLU NA 362 46.52 -48.81 -14.97
C GLU NA 362 45.45 -47.99 -15.67
N THR NA 363 45.31 -46.73 -15.25
CA THR NA 363 44.44 -45.79 -15.95
C THR NA 363 45.30 -44.87 -16.80
N SER NA 364 44.81 -44.56 -18.00
CA SER NA 364 45.57 -43.71 -18.91
C SER NA 364 44.62 -42.76 -19.63
N ASN NA 365 45.00 -41.49 -19.71
CA ASN NA 365 44.28 -40.51 -20.49
C ASN NA 365 45.20 -40.02 -21.60
N TYR NA 366 44.71 -40.05 -22.83
CA TYR NA 366 45.53 -39.79 -24.00
C TYR NA 366 45.21 -38.44 -24.59
N GLU NA 367 46.05 -38.01 -25.53
CA GLU NA 367 45.79 -36.89 -26.41
C GLU NA 367 46.01 -37.38 -27.84
N VAL NA 368 45.17 -36.92 -28.76
CA VAL NA 368 45.14 -37.47 -30.10
C VAL NA 368 45.29 -36.35 -31.12
N ASP NA 369 45.97 -36.66 -32.22
CA ASP NA 369 46.05 -35.74 -33.35
C ASP NA 369 44.67 -35.56 -33.96
N ARG NA 370 44.55 -34.62 -34.89
CA ARG NA 370 43.28 -34.39 -35.55
C ARG NA 370 43.50 -33.59 -36.82
N THR NA 371 42.80 -33.97 -37.89
CA THR NA 371 42.78 -33.20 -39.12
C THR NA 371 41.34 -33.04 -39.58
N ILE NA 372 40.98 -31.84 -40.00
CA ILE NA 372 39.61 -31.52 -40.38
C ILE NA 372 39.66 -30.71 -41.66
N ARG NA 373 39.06 -31.22 -42.73
CA ARG NA 373 38.96 -30.51 -43.99
C ARG NA 373 37.49 -30.26 -44.32
N HIS NA 374 37.21 -29.13 -44.94
CA HIS NA 374 35.86 -28.80 -45.39
C HIS NA 374 35.93 -28.52 -46.88
N THR NA 375 35.87 -29.58 -47.68
CA THR NA 375 36.02 -29.47 -49.12
C THR NA 375 34.66 -29.26 -49.77
N LYS NA 376 34.49 -28.11 -50.41
CA LYS NA 376 33.26 -27.81 -51.14
C LYS NA 376 33.58 -27.88 -52.63
N MET NA 377 33.17 -28.98 -53.26
CA MET NA 377 33.54 -29.23 -54.65
C MET NA 377 33.01 -28.13 -55.56
N ASN NA 378 33.55 -28.10 -56.78
CA ASN NA 378 33.16 -27.09 -57.75
C ASN NA 378 32.11 -27.66 -58.69
N VAL NA 379 31.22 -26.81 -59.16
CA VAL NA 379 30.16 -27.21 -60.07
C VAL NA 379 30.56 -26.80 -61.49
N GLY NA 380 30.87 -27.78 -62.32
CA GLY NA 380 31.27 -27.49 -63.69
C GLY NA 380 32.58 -28.13 -64.10
N ASP NA 381 33.00 -29.16 -63.37
CA ASP NA 381 34.21 -29.86 -63.71
C ASP NA 381 33.95 -30.90 -64.79
N ILE NA 382 35.04 -31.41 -65.36
CA ILE NA 382 34.96 -32.40 -66.44
C ILE NA 382 35.10 -33.79 -65.82
N GLU NA 383 34.04 -34.59 -65.90
CA GLU NA 383 34.09 -35.92 -65.31
C GLU NA 383 34.58 -36.96 -66.30
N ARG NA 384 34.35 -36.75 -67.60
CA ARG NA 384 34.77 -37.73 -68.60
C ARG NA 384 34.78 -37.05 -69.96
N LEU NA 385 35.69 -37.48 -70.81
CA LEU NA 385 35.79 -36.97 -72.17
C LEU NA 385 35.74 -38.12 -73.14
N SER NA 386 35.45 -37.81 -74.40
CA SER NA 386 35.49 -38.77 -75.49
C SER NA 386 35.78 -38.00 -76.77
N VAL NA 387 36.82 -38.42 -77.49
CA VAL NA 387 37.30 -37.68 -78.64
C VAL NA 387 37.39 -38.60 -79.83
N ALA NA 388 36.90 -38.14 -80.97
CA ALA NA 388 36.99 -38.85 -82.23
C ALA NA 388 37.64 -37.94 -83.26
N VAL NA 389 38.68 -38.43 -83.92
CA VAL NA 389 39.47 -37.61 -84.84
C VAL NA 389 39.62 -38.37 -86.15
N VAL NA 390 39.44 -37.66 -87.26
CA VAL NA 390 39.65 -38.22 -88.59
C VAL NA 390 40.86 -37.53 -89.21
N VAL NA 391 41.73 -38.31 -89.84
CA VAL NA 391 42.93 -37.79 -90.48
C VAL NA 391 42.87 -38.17 -91.96
N ASN NA 392 43.44 -37.32 -92.81
CA ASN NA 392 43.34 -37.51 -94.24
C ASN NA 392 44.50 -38.35 -94.76
N TYR NA 393 44.25 -39.02 -95.88
CA TYR NA 393 45.32 -39.68 -96.62
C TYR NA 393 46.22 -38.65 -97.30
N LYS NA 394 47.29 -39.14 -97.91
CA LYS NA 394 48.23 -38.27 -98.61
C LYS NA 394 49.06 -39.06 -99.62
N LEU NA 402 47.18 -44.33 -100.62
CA LEU NA 402 47.91 -43.23 -100.00
C LEU NA 402 47.81 -43.25 -98.47
N PRO NA 403 48.19 -44.38 -97.86
CA PRO NA 403 47.95 -44.53 -96.42
C PRO NA 403 49.06 -43.89 -95.59
N LEU NA 404 48.69 -43.30 -94.47
CA LEU NA 404 49.68 -42.88 -93.49
C LEU NA 404 50.19 -44.09 -92.71
N THR NA 405 51.49 -44.08 -92.42
CA THR NA 405 52.13 -45.24 -91.80
C THR NA 405 51.67 -45.43 -90.37
N ALA NA 406 52.24 -46.46 -89.72
CA ALA NA 406 51.84 -46.81 -88.36
C ALA NA 406 52.53 -45.93 -87.33
N ASP NA 407 53.81 -45.62 -87.54
CA ASP NA 407 54.54 -44.80 -86.58
C ASP NA 407 53.98 -43.39 -86.52
N GLN NA 408 53.72 -42.78 -87.68
CA GLN NA 408 53.14 -41.46 -87.70
C GLN NA 408 51.75 -41.46 -87.06
N MET NA 409 50.95 -42.49 -87.33
CA MET NA 409 49.66 -42.60 -86.67
C MET NA 409 49.81 -42.69 -85.16
N LYS NA 410 50.79 -43.45 -84.68
CA LYS NA 410 50.96 -43.61 -83.24
C LYS NA 410 51.38 -42.30 -82.59
N GLN NA 411 52.32 -41.58 -83.22
CA GLN NA 411 52.72 -40.30 -82.64
C GLN NA 411 51.61 -39.27 -82.72
N ILE NA 412 50.75 -39.34 -83.74
CA ILE NA 412 49.62 -38.42 -83.81
C ILE NA 412 48.61 -38.73 -82.71
N GLU NA 413 48.33 -40.02 -82.49
CA GLU NA 413 47.49 -40.41 -81.37
C GLU NA 413 48.07 -39.92 -80.06
N ASP NA 414 49.39 -39.99 -79.92
CA ASP NA 414 50.00 -39.57 -78.66
C ASP NA 414 49.92 -38.06 -78.47
N LEU NA 415 50.17 -37.29 -79.53
CA LEU NA 415 49.97 -35.85 -79.47
C LEU NA 415 48.55 -35.51 -79.05
N THR NA 416 47.56 -36.17 -79.66
CA THR NA 416 46.17 -35.89 -79.30
C THR NA 416 45.90 -36.24 -77.84
N ARG NA 417 46.38 -37.40 -77.40
CA ARG NA 417 46.22 -37.78 -76.00
C ARG NA 417 46.78 -36.74 -75.07
N GLU NA 418 47.97 -36.22 -75.38
CA GLU NA 418 48.57 -35.22 -74.50
C GLU NA 418 47.89 -33.86 -74.59
N ALA NA 419 47.33 -33.52 -75.75
CA ALA NA 419 46.66 -32.23 -75.91
C ALA NA 419 45.26 -32.22 -75.31
N MET NA 420 44.63 -33.39 -75.17
CA MET NA 420 43.32 -33.45 -74.55
C MET NA 420 43.37 -33.05 -73.09
N GLY NA 421 44.37 -33.53 -72.37
CA GLY NA 421 44.32 -33.53 -70.93
C GLY NA 421 43.89 -34.92 -70.50
N PHE NA 422 44.38 -35.92 -71.24
CA PHE NA 422 43.95 -37.30 -71.06
C PHE NA 422 44.25 -37.77 -69.64
N SER NA 423 43.41 -38.67 -69.15
CA SER NA 423 43.60 -39.22 -67.80
C SER NA 423 42.85 -40.53 -67.70
N ASP NA 424 43.60 -41.61 -67.51
CA ASP NA 424 43.00 -42.92 -67.29
C ASP NA 424 42.24 -43.03 -65.98
N LYS NA 425 42.28 -42.00 -65.14
CA LYS NA 425 41.45 -41.99 -63.94
C LYS NA 425 40.00 -41.75 -64.28
N ARG NA 426 39.71 -40.73 -65.10
CA ARG NA 426 38.34 -40.38 -65.41
C ARG NA 426 37.71 -41.34 -66.40
N GLY NA 427 38.48 -42.26 -66.97
CA GLY NA 427 37.93 -43.17 -67.94
C GLY NA 427 37.79 -42.56 -69.32
N ASP NA 428 38.65 -41.59 -69.66
CA ASP NA 428 38.55 -40.94 -70.96
C ASP NA 428 38.83 -41.93 -72.08
N THR NA 429 38.32 -41.61 -73.26
CA THR NA 429 38.41 -42.47 -74.42
C THR NA 429 38.84 -41.66 -75.64
N LEU NA 430 39.75 -42.21 -76.42
CA LEU NA 430 40.23 -41.59 -77.63
C LEU NA 430 40.25 -42.63 -78.74
N ASN NA 431 39.93 -42.20 -79.96
CA ASN NA 431 40.09 -43.06 -81.12
C ASN NA 431 40.31 -42.22 -82.37
N VAL NA 432 41.46 -42.41 -83.01
CA VAL NA 432 41.83 -41.71 -84.22
C VAL NA 432 41.82 -42.71 -85.36
N VAL NA 433 41.12 -42.38 -86.44
CA VAL NA 433 41.00 -43.27 -87.60
C VAL NA 433 41.45 -42.51 -88.84
N ASN NA 434 41.96 -43.27 -89.80
CA ASN NA 434 42.45 -42.72 -91.06
C ASN NA 434 41.61 -43.26 -92.21
N SER NA 435 41.03 -42.36 -92.99
CA SER NA 435 40.18 -42.73 -94.11
C SER NA 435 40.21 -41.61 -95.13
N PRO NA 436 40.15 -41.93 -96.43
CA PRO NA 436 40.27 -40.88 -97.44
C PRO NA 436 39.08 -39.94 -97.39
N PHE NA 437 39.34 -38.67 -97.66
CA PHE NA 437 38.29 -37.67 -97.60
C PHE NA 437 37.61 -37.58 -98.96
N SER NA 438 36.49 -36.86 -99.01
CA SER NA 438 35.73 -36.68 -100.24
C SER NA 438 34.91 -35.41 -100.17
N ASP OA 232 6.08 -29.48 -70.05
CA ASP OA 232 6.19 -28.16 -70.62
C ASP OA 232 7.53 -27.90 -71.31
N ALA OA 233 8.52 -27.39 -70.58
CA ALA OA 233 9.81 -27.07 -71.17
C ALA OA 233 10.73 -28.29 -71.28
N GLN OA 234 10.44 -29.36 -70.54
CA GLN OA 234 11.28 -30.54 -70.55
C GLN OA 234 11.46 -31.07 -71.97
N LEU OA 235 10.40 -31.03 -72.77
CA LEU OA 235 10.51 -31.48 -74.15
C LEU OA 235 11.48 -30.61 -74.94
N LYS OA 236 11.46 -29.30 -74.71
CA LYS OA 236 12.37 -28.43 -75.45
C LYS OA 236 13.81 -28.67 -75.05
N PHE OA 237 14.07 -28.87 -73.75
CA PHE OA 237 15.43 -29.17 -73.31
C PHE OA 237 15.92 -30.48 -73.91
N ALA OA 238 15.09 -31.52 -73.87
CA ALA OA 238 15.48 -32.80 -74.46
C ALA OA 238 15.72 -32.66 -75.96
N ASN OA 239 14.89 -31.89 -76.65
CA ASN OA 239 15.09 -31.67 -78.08
C ASN OA 239 16.43 -31.00 -78.35
N ASP OA 240 16.79 -30.02 -77.52
CA ASP OA 240 18.08 -29.35 -77.70
C ASP OA 240 19.25 -30.32 -77.52
N VAL OA 241 19.19 -31.15 -76.48
CA VAL OA 241 20.28 -32.11 -76.27
C VAL OA 241 20.38 -33.08 -77.45
N GLU OA 242 19.24 -33.60 -77.90
CA GLU OA 242 19.25 -34.50 -79.04
C GLU OA 242 19.81 -33.82 -80.28
N SER OA 243 19.47 -32.55 -80.49
CA SER OA 243 19.98 -31.84 -81.66
C SER OA 243 21.49 -31.70 -81.59
N ARG OA 244 22.01 -31.36 -80.41
CA ARG OA 244 23.47 -31.30 -80.24
C ARG OA 244 24.13 -32.61 -80.64
N ILE OA 245 23.67 -33.72 -80.05
CA ILE OA 245 24.34 -34.99 -80.33
C ILE OA 245 24.21 -35.36 -81.79
N GLN OA 246 23.06 -35.10 -82.39
CA GLN OA 246 22.85 -35.46 -83.79
C GLN OA 246 23.77 -34.66 -84.70
N ARG OA 247 23.84 -33.34 -84.51
CA ARG OA 247 24.70 -32.53 -85.37
C ARG OA 247 26.16 -32.90 -85.19
N ARG OA 248 26.57 -33.27 -83.97
CA ARG OA 248 27.95 -33.66 -83.77
C ARG OA 248 28.26 -34.97 -84.49
N ILE OA 249 27.38 -35.97 -84.37
CA ILE OA 249 27.63 -37.24 -85.05
C ILE OA 249 27.69 -37.03 -86.57
N GLU OA 250 26.74 -36.28 -87.11
CA GLU OA 250 26.77 -36.06 -88.55
C GLU OA 250 28.00 -35.26 -88.99
N ALA OA 251 28.43 -34.27 -88.22
CA ALA OA 251 29.60 -33.48 -88.60
C ALA OA 251 30.89 -34.26 -88.52
N ILE OA 252 31.02 -35.20 -87.58
CA ILE OA 252 32.23 -36.03 -87.56
C ILE OA 252 32.19 -37.09 -88.66
N LEU OA 253 31.04 -37.70 -88.94
CA LEU OA 253 30.99 -38.79 -89.90
C LEU OA 253 30.86 -38.33 -91.35
N SER OA 254 30.51 -37.06 -91.60
CA SER OA 254 30.37 -36.62 -92.97
C SER OA 254 31.67 -36.64 -93.77
N PRO OA 255 32.80 -36.11 -93.29
CA PRO OA 255 33.99 -36.05 -94.15
C PRO OA 255 34.45 -37.40 -94.66
N ILE OA 256 34.13 -38.49 -93.98
CA ILE OA 256 34.56 -39.81 -94.43
C ILE OA 256 33.68 -40.31 -95.56
N VAL OA 257 32.36 -40.27 -95.36
CA VAL OA 257 31.44 -40.92 -96.31
C VAL OA 257 30.87 -39.96 -97.35
N GLY OA 258 30.89 -38.66 -97.11
CA GLY OA 258 30.41 -37.70 -98.08
C GLY OA 258 29.63 -36.57 -97.42
N ASN OA 259 29.16 -35.67 -98.28
CA ASN OA 259 28.46 -34.49 -97.78
C ASN OA 259 27.20 -34.86 -97.03
N GLY OA 260 26.28 -35.59 -97.66
CA GLY OA 260 24.99 -35.85 -97.05
C GLY OA 260 24.53 -37.28 -97.18
N ASN OA 261 25.47 -38.22 -97.18
CA ASN OA 261 25.16 -39.63 -97.32
C ASN OA 261 25.04 -40.34 -95.97
N VAL OA 262 24.60 -39.64 -94.93
CA VAL OA 262 24.41 -40.24 -93.62
C VAL OA 262 23.37 -39.42 -92.86
N HIS OA 263 22.54 -40.12 -92.09
CA HIS OA 263 21.55 -39.49 -91.22
C HIS OA 263 21.52 -40.22 -89.90
N ALA OA 264 21.18 -39.50 -88.84
CA ALA OA 264 21.13 -40.07 -87.50
C ALA OA 264 20.01 -39.44 -86.71
N GLN OA 265 19.41 -40.22 -85.82
CA GLN OA 265 18.36 -39.76 -84.92
C GLN OA 265 18.60 -40.38 -83.56
N VAL OA 266 18.57 -39.57 -82.52
CA VAL OA 266 18.93 -40.00 -81.17
C VAL OA 266 17.74 -39.76 -80.25
N THR OA 267 17.56 -40.65 -79.29
CA THR OA 267 16.49 -40.53 -78.31
C THR OA 267 17.10 -40.51 -76.92
N ALA OA 268 16.92 -39.40 -76.21
CA ALA OA 268 17.57 -39.17 -74.93
C ALA OA 268 16.57 -39.39 -73.81
N GLN OA 269 16.90 -40.29 -72.89
CA GLN OA 269 16.11 -40.50 -71.69
C GLN OA 269 16.63 -39.58 -70.59
N LEU OA 270 16.01 -38.43 -70.41
CA LEU OA 270 16.45 -37.46 -69.42
C LEU OA 270 15.76 -37.74 -68.10
N ASP OA 271 16.40 -37.31 -67.01
CA ASP OA 271 15.87 -37.52 -65.67
C ASP OA 271 15.69 -36.15 -65.02
N PHE OA 272 14.52 -35.90 -64.46
CA PHE OA 272 14.21 -34.62 -63.83
C PHE OA 272 13.83 -34.77 -62.36
N ALA OA 273 14.01 -35.94 -61.79
CA ALA OA 273 13.62 -36.14 -60.39
C ALA OA 273 14.60 -35.45 -59.45
N ASN OA 274 14.11 -34.48 -58.71
CA ASN OA 274 14.91 -33.81 -57.70
C ASN OA 274 15.38 -34.81 -56.66
N LYS OA 275 16.67 -34.78 -56.32
CA LYS OA 275 17.25 -35.85 -55.51
C LYS OA 275 18.34 -35.25 -54.63
N GLU OA 276 18.32 -35.59 -53.35
CA GLU OA 276 19.39 -35.24 -52.43
C GLU OA 276 20.09 -36.50 -51.96
N GLN OA 277 21.03 -36.34 -51.02
CA GLN OA 277 21.75 -37.47 -50.46
C GLN OA 277 22.59 -36.99 -49.29
N THR OA 278 22.89 -37.89 -48.36
CA THR OA 278 23.77 -37.60 -47.24
C THR OA 278 24.46 -38.88 -46.78
N GLU OA 279 25.67 -39.12 -47.25
CA GLU OA 279 26.42 -40.24 -46.71
C GLU OA 279 26.99 -39.89 -45.35
N GLU OA 280 27.46 -40.92 -44.65
CA GLU OA 280 28.20 -40.73 -43.41
C GLU OA 280 29.05 -41.97 -43.20
N HIS OA 281 30.33 -41.88 -43.53
CA HIS OA 281 31.20 -43.04 -43.57
C HIS OA 281 32.11 -43.07 -42.36
N TYR OA 282 32.33 -44.27 -41.83
CA TYR OA 282 33.19 -44.46 -40.66
C TYR OA 282 34.24 -45.49 -40.99
N SER OA 283 35.48 -45.16 -40.70
CA SER OA 283 36.53 -46.14 -40.96
C SER OA 283 36.59 -47.15 -39.81
N PRO OA 284 36.80 -48.42 -40.11
CA PRO OA 284 36.81 -49.43 -39.04
C PRO OA 284 38.01 -49.26 -38.13
N ASN OA 285 37.75 -49.39 -36.83
CA ASN OA 285 38.80 -49.34 -35.82
C ASN OA 285 38.75 -50.57 -34.93
N GLY OA 286 38.33 -51.71 -35.49
CA GLY OA 286 38.31 -52.93 -34.70
C GLY OA 286 39.69 -53.48 -34.43
N ASP OA 287 40.56 -53.48 -35.44
CA ASP OA 287 41.89 -54.04 -35.27
C ASP OA 287 42.69 -53.11 -34.34
N ALA OA 288 43.40 -53.73 -33.39
CA ALA OA 288 44.15 -52.96 -32.41
C ALA OA 288 45.38 -52.30 -32.99
N SER OA 289 45.73 -52.58 -34.25
CA SER OA 289 46.92 -52.01 -34.86
C SER OA 289 46.79 -50.52 -35.11
N LYS OA 290 45.59 -50.03 -35.43
CA LYS OA 290 45.39 -48.60 -35.64
C LYS OA 290 44.14 -48.07 -34.96
N ALA OA 291 43.77 -48.59 -33.80
CA ALA OA 291 42.74 -47.95 -33.00
C ALA OA 291 43.22 -46.58 -32.54
N THR OA 292 42.29 -45.76 -32.09
CA THR OA 292 42.60 -44.43 -31.59
C THR OA 292 41.99 -44.29 -30.20
N LEU OA 293 42.73 -44.72 -29.19
CA LEU OA 293 42.24 -44.69 -27.82
C LEU OA 293 42.27 -43.28 -27.29
N ARG OA 294 41.17 -42.86 -26.66
CA ARG OA 294 41.17 -41.60 -25.93
C ARG OA 294 41.38 -41.85 -24.45
N SER OA 295 40.80 -42.92 -23.92
CA SER OA 295 41.00 -43.35 -22.55
C SER OA 295 41.33 -44.83 -22.54
N ARG OA 296 41.49 -45.38 -21.35
CA ARG OA 296 41.69 -46.81 -21.17
C ARG OA 296 41.74 -47.10 -19.68
N GLN OA 297 41.48 -48.34 -19.30
CA GLN OA 297 41.67 -48.80 -17.93
C GLN OA 297 41.81 -50.32 -17.96
N LEU OA 298 42.97 -50.82 -17.58
CA LEU OA 298 43.29 -52.23 -17.72
C LEU OA 298 43.71 -52.78 -16.35
N ASN OA 299 42.78 -53.43 -15.66
CA ASN OA 299 43.07 -54.05 -14.38
C ASN OA 299 43.37 -55.52 -14.61
N ILE OA 300 44.35 -56.05 -13.89
CA ILE OA 300 44.77 -57.43 -14.02
C ILE OA 300 45.09 -57.96 -12.64
N SER OA 301 44.30 -58.91 -12.16
CA SER OA 301 44.59 -59.64 -10.94
C SER OA 301 45.00 -61.07 -11.30
N GLU OA 302 45.69 -61.72 -10.38
CA GLU OA 302 46.14 -63.09 -10.61
C GLU OA 302 46.57 -63.68 -9.28
N GLN OA 303 46.04 -64.84 -8.94
CA GLN OA 303 46.36 -65.52 -7.70
C GLN OA 303 46.81 -66.95 -8.01
N VAL OA 304 47.60 -67.53 -7.11
CA VAL OA 304 48.00 -68.92 -7.24
C VAL OA 304 47.93 -69.60 -5.89
N PRO OA 355 45.36 -73.86 -8.73
CA PRO OA 355 44.31 -72.92 -8.34
C PRO OA 355 44.53 -71.53 -8.95
N ARG OA 356 44.95 -71.51 -10.21
CA ARG OA 356 45.37 -70.29 -10.88
C ARG OA 356 44.15 -69.44 -11.22
N SER OA 357 43.57 -68.80 -10.21
CA SER OA 357 42.50 -67.84 -10.41
C SER OA 357 43.06 -66.63 -11.14
N THR OA 358 42.23 -65.98 -11.95
CA THR OA 358 42.68 -64.86 -12.76
C THR OA 358 41.57 -63.82 -12.81
N GLN OA 359 41.83 -62.72 -13.51
CA GLN OA 359 40.88 -61.63 -13.70
C GLN OA 359 41.48 -60.66 -14.71
N ARG OA 360 40.62 -60.04 -15.52
CA ARG OA 360 41.10 -59.05 -16.49
C ARG OA 360 39.94 -58.16 -16.89
N ASN OA 361 39.91 -56.95 -16.35
CA ASN OA 361 38.93 -55.95 -16.75
C ASN OA 361 39.59 -54.95 -17.68
N GLU OA 362 38.81 -54.39 -18.61
CA GLU OA 362 39.38 -53.47 -19.60
C GLU OA 362 38.27 -52.59 -20.15
N THR OA 363 38.30 -51.31 -19.79
CA THR OA 363 37.43 -50.31 -20.39
C THR OA 363 38.20 -49.50 -21.41
N SER OA 364 37.57 -49.19 -22.54
CA SER OA 364 38.24 -48.45 -23.59
C SER OA 364 37.28 -47.46 -24.21
N ASN OA 365 37.74 -46.22 -24.40
CA ASN OA 365 36.99 -45.20 -25.11
C ASN OA 365 37.76 -44.85 -26.37
N TYR OA 366 37.08 -44.87 -27.51
CA TYR OA 366 37.74 -44.73 -28.79
C TYR OA 366 37.44 -43.37 -29.41
N GLU OA 367 38.16 -43.06 -30.48
CA GLU OA 367 37.86 -41.96 -31.37
C GLU OA 367 37.80 -42.51 -32.78
N VAL OA 368 36.88 -42.01 -33.58
CA VAL OA 368 36.59 -42.60 -34.88
C VAL OA 368 36.67 -41.54 -35.97
N ASP OA 369 37.13 -41.95 -37.13
CA ASP OA 369 37.12 -41.08 -38.31
C ASP OA 369 35.67 -40.79 -38.71
N ARG OA 370 35.49 -39.87 -39.65
CA ARG OA 370 34.15 -39.56 -40.13
C ARG OA 370 34.24 -38.83 -41.45
N THR OA 371 33.36 -39.18 -42.38
CA THR OA 371 33.21 -38.46 -43.63
C THR OA 371 31.73 -38.19 -43.86
N ILE OA 372 31.41 -36.97 -44.28
CA ILE OA 372 30.02 -36.55 -44.47
C ILE OA 372 29.95 -35.79 -45.78
N ARG OA 373 29.14 -36.28 -46.71
CA ARG OA 373 28.91 -35.59 -47.98
C ARG OA 373 27.44 -35.22 -48.08
N HIS OA 374 27.16 -34.10 -48.72
CA HIS OA 374 25.79 -33.67 -48.97
C HIS OA 374 25.64 -33.45 -50.46
N THR OA 375 25.37 -34.52 -51.20
CA THR OA 375 25.30 -34.48 -52.64
C THR OA 375 23.88 -34.16 -53.08
N LYS OA 376 23.70 -33.05 -53.75
CA LYS OA 376 22.41 -32.65 -54.30
C LYS OA 376 22.48 -32.80 -55.81
N MET OA 377 21.89 -33.88 -56.32
CA MET OA 377 22.00 -34.21 -57.73
C MET OA 377 21.44 -33.10 -58.60
N ASN OA 378 21.78 -33.17 -59.89
CA ASN OA 378 21.33 -32.16 -60.84
C ASN OA 378 20.11 -32.67 -61.58
N VAL OA 379 19.22 -31.74 -61.94
CA VAL OA 379 18.00 -32.09 -62.67
C VAL OA 379 18.21 -31.76 -64.14
N GLY OA 380 18.30 -32.80 -64.97
CA GLY OA 380 18.51 -32.59 -66.39
C GLY OA 380 19.67 -33.37 -66.96
N ASP OA 381 20.11 -34.40 -66.25
CA ASP OA 381 21.20 -35.23 -66.74
C ASP OA 381 20.68 -36.27 -67.72
N ILE OA 382 21.61 -36.91 -68.43
CA ILE OA 382 21.29 -37.92 -69.42
C ILE OA 382 21.40 -39.29 -68.78
N GLU OA 383 20.28 -39.99 -68.65
CA GLU OA 383 20.31 -41.30 -68.01
C GLU OA 383 20.56 -42.42 -69.02
N ARG OA 384 20.15 -42.23 -70.26
CA ARG OA 384 20.31 -43.27 -71.26
C ARG OA 384 20.16 -42.65 -72.64
N LEU OA 385 20.89 -43.19 -73.61
CA LEU OA 385 20.82 -42.74 -74.98
C LEU OA 385 20.53 -43.92 -75.89
N SER OA 386 20.06 -43.63 -77.10
CA SER OA 386 19.85 -44.62 -78.13
C SER OA 386 19.99 -43.93 -79.47
N VAL OA 387 20.87 -44.46 -80.33
CA VAL OA 387 21.23 -43.81 -81.57
C VAL OA 387 21.04 -44.79 -82.71
N ALA OA 388 20.43 -44.32 -83.79
CA ALA OA 388 20.26 -45.08 -85.01
C ALA OA 388 20.81 -44.27 -86.16
N VAL OA 389 21.69 -44.87 -86.96
CA VAL OA 389 22.39 -44.17 -88.03
C VAL OA 389 22.26 -44.99 -89.31
N VAL OA 390 21.98 -44.30 -90.41
CA VAL OA 390 21.93 -44.92 -91.73
C VAL OA 390 23.08 -44.37 -92.56
N VAL OA 391 23.78 -45.24 -93.26
CA VAL OA 391 24.89 -44.86 -94.12
C VAL OA 391 24.56 -45.28 -95.55
N ASN OA 392 25.08 -44.52 -96.51
CA ASN OA 392 24.73 -44.76 -97.90
C ASN OA 392 25.72 -45.71 -98.56
N TYR OA 393 25.25 -46.40 -99.59
CA TYR OA 393 26.12 -47.18 -100.45
C TYR OA 393 27.00 -46.26 -101.31
N LYS OA 394 27.91 -46.86 -102.06
CA LYS OA 394 28.80 -46.11 -102.93
C LYS OA 394 29.38 -47.00 -104.02
N LEU OA 402 26.94 -52.12 -104.45
CA LEU OA 402 27.84 -51.06 -104.01
C LEU OA 402 27.98 -51.02 -102.49
N PRO OA 403 28.36 -52.15 -101.88
CA PRO OA 403 28.33 -52.23 -100.41
C PRO OA 403 29.61 -51.67 -99.80
N LEU OA 404 29.47 -51.02 -98.65
CA LEU OA 404 30.64 -50.65 -97.87
C LEU OA 404 31.16 -51.86 -97.11
N THR OA 405 32.48 -51.97 -97.03
CA THR OA 405 33.11 -53.16 -96.46
C THR OA 405 32.87 -53.27 -94.96
N ALA OA 406 33.44 -54.31 -94.37
CA ALA OA 406 33.23 -54.57 -92.95
C ALA OA 406 34.15 -53.73 -92.07
N ASP OA 407 35.41 -53.54 -92.49
CA ASP OA 407 36.34 -52.76 -91.70
C ASP OA 407 35.91 -51.30 -91.62
N GLN OA 408 35.53 -50.71 -92.76
CA GLN OA 408 35.07 -49.34 -92.76
C GLN OA 408 33.80 -49.19 -91.91
N MET OA 409 32.89 -50.15 -92.00
CA MET OA 409 31.71 -50.11 -91.15
C MET OA 409 32.08 -50.18 -89.68
N LYS OA 410 33.07 -51.01 -89.32
CA LYS OA 410 33.44 -51.12 -87.92
C LYS OA 410 34.08 -49.84 -87.41
N GLN OA 411 34.95 -49.22 -88.21
CA GLN OA 411 35.55 -47.97 -87.76
C GLN OA 411 34.53 -46.84 -87.71
N ILE OA 412 33.52 -46.87 -88.58
CA ILE OA 412 32.48 -45.85 -88.52
C ILE OA 412 31.63 -46.03 -87.27
N GLU OA 413 31.28 -47.29 -86.96
CA GLU OA 413 30.60 -47.56 -85.70
C GLU OA 413 31.42 -47.07 -84.52
N ASP OA 414 32.73 -47.26 -84.57
CA ASP OA 414 33.56 -46.86 -83.44
C ASP OA 414 33.64 -45.34 -83.33
N LEU OA 415 33.79 -44.64 -84.44
CA LEU OA 415 33.73 -43.18 -84.42
C LEU OA 415 32.42 -42.69 -83.81
N THR OA 416 31.29 -43.28 -84.22
CA THR OA 416 30.01 -42.87 -83.67
C THR OA 416 29.94 -43.13 -82.18
N ARG OA 417 30.38 -44.33 -81.75
CA ARG OA 417 30.40 -44.64 -80.34
C ARG OA 417 31.20 -43.62 -79.55
N GLU OA 418 32.36 -43.21 -80.05
CA GLU OA 418 33.17 -42.25 -79.33
C GLU OA 418 32.60 -40.84 -79.39
N ALA OA 419 31.90 -40.48 -80.46
CA ALA OA 419 31.32 -39.15 -80.58
C ALA OA 419 30.05 -39.00 -79.78
N MET OA 420 29.36 -40.09 -79.48
CA MET OA 420 28.14 -40.01 -78.66
C MET OA 420 28.46 -39.55 -77.25
N GLY OA 421 29.52 -40.10 -76.67
CA GLY OA 421 29.69 -40.07 -75.24
C GLY OA 421 29.22 -41.39 -74.69
N PHE OA 422 29.51 -42.45 -75.44
CA PHE OA 422 29.00 -43.77 -75.12
C PHE OA 422 29.47 -44.22 -73.75
N SER OA 423 28.65 -45.03 -73.08
CA SER OA 423 28.98 -45.54 -71.77
C SER OA 423 28.17 -46.77 -71.48
N ASP OA 424 28.85 -47.92 -71.35
CA ASP OA 424 28.18 -49.15 -70.99
C ASP OA 424 27.63 -49.14 -69.57
N LYS OA 425 27.88 -48.08 -68.80
CA LYS OA 425 27.26 -47.96 -67.49
C LYS OA 425 25.78 -47.60 -67.61
N ARG OA 426 25.47 -46.59 -68.43
CA ARG OA 426 24.10 -46.12 -68.54
C ARG OA 426 23.24 -47.06 -69.37
N GLY OA 427 23.84 -48.06 -70.00
CA GLY OA 427 23.06 -48.96 -70.84
C GLY OA 427 22.76 -48.38 -72.21
N ASP OA 428 23.63 -47.51 -72.72
CA ASP OA 428 23.38 -46.90 -74.02
C ASP OA 428 23.40 -47.95 -75.12
N THR OA 429 22.74 -47.63 -76.22
CA THR OA 429 22.59 -48.54 -77.34
C THR OA 429 22.87 -47.81 -78.64
N LEU OA 430 23.61 -48.48 -79.52
CA LEU OA 430 23.94 -47.94 -80.83
C LEU OA 430 23.69 -49.01 -81.88
N ASN OA 431 23.23 -48.60 -83.06
CA ASN OA 431 23.13 -49.52 -84.18
C ASN OA 431 23.22 -48.74 -85.49
N VAL OA 432 24.24 -49.06 -86.28
CA VAL OA 432 24.47 -48.44 -87.58
C VAL OA 432 24.19 -49.47 -88.66
N VAL OA 433 23.36 -49.12 -89.63
CA VAL OA 433 22.98 -50.03 -90.70
C VAL OA 433 23.30 -49.37 -92.04
N ASN OA 434 23.58 -50.20 -93.03
CA ASN OA 434 23.92 -49.74 -94.36
C ASN OA 434 22.87 -50.24 -95.34
N SER OA 435 22.25 -49.32 -96.07
CA SER OA 435 21.21 -49.66 -97.04
C SER OA 435 21.17 -48.58 -98.10
N PRO OA 436 20.88 -48.94 -99.35
CA PRO OA 436 20.91 -47.95 -100.42
C PRO OA 436 19.84 -46.90 -100.24
N PHE OA 437 20.17 -45.66 -100.60
CA PHE OA 437 19.23 -44.56 -100.44
C PHE OA 437 18.34 -44.46 -101.67
N SER OA 438 17.30 -43.65 -101.59
CA SER OA 438 16.37 -43.44 -102.69
C SER OA 438 15.68 -42.11 -102.56
N ASP PA 232 -7.41 -32.47 -68.73
CA ASP PA 232 -7.29 -31.17 -69.38
C ASP PA 232 -6.05 -31.08 -70.28
N ALA PA 233 -4.92 -30.64 -69.73
CA ALA PA 233 -3.71 -30.46 -70.53
C ALA PA 233 -2.93 -31.76 -70.71
N GLN PA 234 -3.20 -32.77 -69.88
CA GLN PA 234 -2.46 -34.03 -69.97
C GLN PA 234 -2.55 -34.62 -71.36
N LEU PA 235 -3.72 -34.52 -71.99
CA LEU PA 235 -3.88 -35.04 -73.35
C LEU PA 235 -2.97 -34.29 -74.32
N LYS PA 236 -2.84 -32.97 -74.17
CA LYS PA 236 -1.97 -32.21 -75.07
C LYS PA 236 -0.51 -32.60 -74.88
N PHE PA 237 -0.08 -32.75 -73.63
CA PHE PA 237 1.29 -33.16 -73.38
C PHE PA 237 1.58 -34.55 -73.98
N ALA PA 238 0.67 -35.50 -73.77
CA ALA PA 238 0.84 -36.83 -74.34
C ALA PA 238 0.87 -36.76 -75.86
N ASN PA 239 0.00 -35.95 -76.46
CA ASN PA 239 0.00 -35.81 -77.91
C ASN PA 239 1.32 -35.27 -78.42
N ASP PA 240 1.91 -34.31 -77.70
CA ASP PA 240 3.21 -33.77 -78.12
C ASP PA 240 4.29 -34.84 -78.06
N VAL PA 241 4.33 -35.62 -76.98
CA VAL PA 241 5.34 -36.68 -76.89
C VAL PA 241 5.17 -37.68 -78.02
N GLU PA 242 3.94 -38.11 -78.27
CA GLU PA 242 3.68 -39.06 -79.34
C GLU PA 242 4.10 -38.48 -80.69
N SER PA 243 3.85 -37.20 -80.92
CA SER PA 243 4.23 -36.59 -82.19
C SER PA 243 5.74 -36.58 -82.35
N ARG PA 244 6.47 -36.25 -81.28
CA ARG PA 244 7.93 -36.32 -81.34
C ARG PA 244 8.40 -37.70 -81.76
N ILE PA 245 7.95 -38.73 -81.06
CA ILE PA 245 8.46 -40.07 -81.36
C ILE PA 245 8.06 -40.50 -82.77
N GLN PA 246 6.86 -40.15 -83.20
CA GLN PA 246 6.40 -40.53 -84.53
C GLN PA 246 7.24 -39.86 -85.61
N ARG PA 247 7.45 -38.55 -85.50
CA ARG PA 247 8.23 -37.86 -86.52
C ARG PA 247 9.66 -38.36 -86.55
N ARG PA 248 10.22 -38.71 -85.39
CA ARG PA 248 11.58 -39.24 -85.37
C ARG PA 248 11.66 -40.59 -86.08
N ILE PA 249 10.72 -41.50 -85.77
CA ILE PA 249 10.75 -42.81 -86.42
C ILE PA 249 10.59 -42.67 -87.92
N GLU PA 250 9.63 -41.85 -88.36
CA GLU PA 250 9.46 -41.68 -89.79
C GLU PA 250 10.66 -41.03 -90.46
N ALA PA 251 11.30 -40.06 -89.81
CA ALA PA 251 12.45 -39.40 -90.40
C ALA PA 251 13.68 -40.30 -90.48
N ILE PA 252 13.87 -41.20 -89.52
CA ILE PA 252 14.98 -42.14 -89.66
C ILE PA 252 14.69 -43.23 -90.68
N LEU PA 253 13.46 -43.75 -90.74
CA LEU PA 253 13.16 -44.85 -91.63
C LEU PA 253 12.85 -44.44 -93.06
N SER PA 254 12.58 -43.16 -93.32
CA SER PA 254 12.26 -42.76 -94.68
C SER PA 254 13.41 -42.93 -95.66
N PRO PA 255 14.64 -42.50 -95.39
CA PRO PA 255 15.68 -42.58 -96.42
C PRO PA 255 15.94 -43.99 -96.93
N ILE PA 256 15.63 -45.02 -96.14
CA ILE PA 256 15.87 -46.40 -96.59
C ILE PA 256 14.78 -46.85 -97.55
N VAL PA 257 13.51 -46.68 -97.15
CA VAL PA 257 12.40 -47.26 -97.91
C VAL PA 257 11.77 -46.30 -98.90
N GLY PA 258 11.94 -45.01 -98.74
CA GLY PA 258 11.40 -44.04 -99.67
C GLY PA 258 10.85 -42.81 -98.96
N ASN PA 259 10.32 -41.90 -99.77
CA ASN PA 259 9.82 -40.64 -99.25
C ASN PA 259 8.65 -40.86 -98.29
N GLY PA 260 7.59 -41.53 -98.74
CA GLY PA 260 6.40 -41.63 -97.92
C GLY PA 260 5.79 -43.02 -97.91
N ASN PA 261 6.64 -44.04 -97.99
CA ASN PA 261 6.18 -45.42 -98.01
C ASN PA 261 6.21 -46.06 -96.64
N VAL PA 262 6.01 -45.29 -95.58
CA VAL PA 262 5.97 -45.81 -94.22
C VAL PA 262 5.13 -44.88 -93.36
N HIS PA 263 4.38 -45.46 -92.43
CA HIS PA 263 3.60 -44.71 -91.46
C HIS PA 263 3.71 -45.38 -90.11
N ALA PA 264 3.60 -44.59 -89.04
CA ALA PA 264 3.72 -45.11 -87.69
C ALA PA 264 2.80 -44.34 -86.77
N GLN PA 265 2.28 -45.03 -85.77
CA GLN PA 265 1.43 -44.43 -84.74
C GLN PA 265 1.82 -45.02 -83.40
N VAL PA 266 2.03 -44.17 -82.41
CA VAL PA 266 2.55 -44.57 -81.11
C VAL PA 266 1.55 -44.19 -80.04
N THR PA 267 1.44 -45.02 -79.02
CA THR PA 267 0.55 -44.77 -77.89
C THR PA 267 1.38 -44.74 -76.61
N ALA PA 268 1.40 -43.60 -75.94
CA ALA PA 268 2.26 -43.39 -74.79
C ALA PA 268 1.44 -43.47 -73.51
N GLN PA 269 1.82 -44.35 -72.61
CA GLN PA 269 1.21 -44.44 -71.29
C GLN PA 269 1.98 -43.54 -70.33
N LEU PA 270 1.50 -42.32 -70.14
CA LEU PA 270 2.17 -41.36 -69.27
C LEU PA 270 1.68 -41.54 -67.84
N ASP PA 271 2.51 -41.12 -66.89
CA ASP PA 271 2.19 -41.22 -65.48
C ASP PA 271 2.24 -39.82 -64.88
N PHE PA 272 1.19 -39.44 -64.16
CA PHE PA 272 1.10 -38.12 -63.56
C PHE PA 272 0.95 -38.16 -62.05
N ALA PA 273 1.11 -39.33 -61.45
CA ALA PA 273 0.92 -39.43 -60.00
C ALA PA 273 2.09 -38.82 -59.26
N ASN PA 274 1.80 -37.77 -58.49
CA ASN PA 274 2.82 -37.14 -57.67
C ASN PA 274 3.35 -38.14 -56.65
N LYS PA 275 4.68 -38.23 -56.52
CA LYS PA 275 5.29 -39.30 -55.75
C LYS PA 275 6.55 -38.78 -55.08
N GLU PA 276 6.70 -39.07 -53.79
CA GLU PA 276 7.92 -38.79 -53.07
C GLU PA 276 8.57 -40.10 -52.64
N GLN PA 277 9.66 -39.99 -51.87
CA GLN PA 277 10.35 -41.15 -51.36
C GLN PA 277 11.41 -40.71 -50.36
N THR PA 278 11.77 -41.61 -49.44
CA THR PA 278 12.84 -41.36 -48.48
C THR PA 278 13.47 -42.68 -48.07
N GLU PA 279 14.58 -43.05 -48.70
CA GLU PA 279 15.30 -44.22 -48.24
C GLU PA 279 16.10 -43.88 -46.98
N GLU PA 280 16.57 -44.91 -46.32
CA GLU PA 280 17.51 -44.75 -45.21
C GLU PA 280 18.27 -46.06 -45.07
N HIS PA 281 19.48 -46.11 -45.60
CA HIS PA 281 20.23 -47.34 -45.71
C HIS PA 281 21.33 -47.41 -44.65
N TYR PA 282 21.51 -48.60 -44.10
CA TYR PA 282 22.51 -48.83 -43.07
C TYR PA 282 23.42 -49.98 -43.50
N SER PA 283 24.71 -49.75 -43.42
CA SER PA 283 25.60 -50.83 -43.78
C SER PA 283 25.77 -51.79 -42.60
N PRO PA 284 25.81 -53.10 -42.87
CA PRO PA 284 25.89 -54.06 -41.76
C PRO PA 284 27.23 -53.96 -41.05
N ASN PA 285 27.18 -54.02 -39.73
CA ASN PA 285 28.38 -54.04 -38.89
C ASN PA 285 28.35 -55.22 -37.93
N GLY PA 286 27.76 -56.34 -38.36
CA GLY PA 286 27.74 -57.52 -37.52
C GLY PA 286 29.10 -58.18 -37.43
N ASP PA 287 29.79 -58.32 -38.55
CA ASP PA 287 31.08 -58.98 -38.57
C ASP PA 287 32.09 -58.11 -37.83
N ALA PA 288 32.88 -58.75 -36.96
CA ALA PA 288 33.84 -58.02 -36.14
C ALA PA 288 35.03 -57.50 -36.94
N SER PA 289 35.14 -57.86 -38.22
CA SER PA 289 36.27 -57.43 -39.03
C SER PA 289 36.23 -55.95 -39.34
N LYS PA 290 35.05 -55.37 -39.50
CA LYS PA 290 34.94 -53.94 -39.75
C LYS PA 290 33.87 -53.25 -38.92
N ALA PA 291 33.64 -53.69 -37.69
CA ALA PA 291 32.81 -52.93 -36.78
C ALA PA 291 33.47 -51.59 -36.48
N THR PA 292 32.69 -50.67 -35.92
CA THR PA 292 33.20 -49.36 -35.55
C THR PA 292 32.83 -49.10 -34.10
N LEU PA 293 33.69 -49.56 -33.18
CA LEU PA 293 33.42 -49.44 -31.76
C LEU PA 293 33.65 -48.00 -31.32
N ARG PA 294 32.71 -47.47 -30.54
CA ARG PA 294 32.93 -46.19 -29.89
C ARG PA 294 33.35 -46.40 -28.44
N SER PA 295 32.76 -47.39 -27.78
CA SER PA 295 33.14 -47.78 -26.44
C SER PA 295 33.33 -49.28 -26.41
N ARG PA 296 33.62 -49.81 -25.22
CA ARG PA 296 33.73 -51.24 -25.01
C ARG PA 296 33.98 -51.48 -23.53
N GLN PA 297 33.69 -52.68 -23.04
CA GLN PA 297 34.04 -53.10 -21.69
C GLN PA 297 34.04 -54.61 -21.67
N LEU PA 298 35.19 -55.21 -21.45
CA LEU PA 298 35.36 -56.65 -21.55
C LEU PA 298 35.93 -57.19 -20.25
N ASN PA 299 35.08 -57.70 -19.38
CA ASN PA 299 35.50 -58.31 -18.13
C ASN PA 299 35.63 -59.81 -18.32
N ILE PA 300 36.67 -60.40 -17.73
CA ILE PA 300 36.93 -61.83 -17.86
C ILE PA 300 37.42 -62.33 -16.51
N SER PA 301 36.63 -63.18 -15.87
CA SER PA 301 37.04 -63.89 -14.68
C SER PA 301 37.26 -65.36 -15.02
N GLU PA 302 38.03 -66.03 -14.17
CA GLU PA 302 38.31 -67.45 -14.40
C GLU PA 302 38.90 -68.03 -13.12
N GLN PA 303 38.31 -69.12 -12.64
CA GLN PA 303 38.78 -69.78 -11.43
C GLN PA 303 39.04 -71.25 -11.74
N VAL PA 304 39.90 -71.87 -10.94
CA VAL PA 304 40.15 -73.30 -11.06
C VAL PA 304 40.24 -73.93 -9.66
N PRO PA 355 36.88 -78.02 -11.86
CA PRO PA 355 36.01 -76.96 -11.37
C PRO PA 355 36.25 -75.64 -12.08
N ARG PA 356 36.45 -75.70 -13.38
CA ARG PA 356 36.87 -74.55 -14.18
C ARG PA 356 35.70 -73.60 -14.37
N SER PA 357 35.35 -72.88 -13.31
CA SER PA 357 34.34 -71.82 -13.40
C SER PA 357 34.89 -70.69 -14.27
N THR PA 358 34.00 -70.01 -14.98
CA THR PA 358 34.41 -68.97 -15.91
C THR PA 358 33.41 -67.82 -15.83
N GLN PA 359 33.66 -66.78 -16.63
CA GLN PA 359 32.79 -65.62 -16.73
C GLN PA 359 33.31 -64.74 -17.86
N ARG PA 360 32.39 -64.07 -18.57
CA ARG PA 360 32.79 -63.18 -19.64
C ARG PA 360 31.67 -62.19 -19.91
N ASN PA 361 31.83 -60.96 -19.44
CA ASN PA 361 30.89 -59.89 -19.75
C ASN PA 361 31.48 -59.00 -20.81
N GLU PA 362 30.61 -58.40 -21.64
CA GLU PA 362 31.11 -57.59 -22.75
C GLU PA 362 30.01 -56.61 -23.17
N THR PA 363 30.21 -55.33 -22.89
CA THR PA 363 29.35 -54.28 -23.40
C THR PA 363 30.03 -53.60 -24.57
N SER PA 364 29.25 -53.26 -25.59
CA SER PA 364 29.80 -52.63 -26.78
C SER PA 364 28.85 -51.57 -27.29
N ASN PA 365 29.39 -50.41 -27.62
CA ASN PA 365 28.64 -49.34 -28.26
C ASN PA 365 29.22 -49.10 -29.64
N TYR PA 366 28.37 -49.11 -30.66
CA TYR PA 366 28.83 -49.08 -32.04
C TYR PA 366 28.56 -47.72 -32.67
N GLU PA 367 29.13 -47.53 -33.84
CA GLU PA 367 28.79 -46.43 -34.73
C GLU PA 367 28.46 -47.03 -36.09
N VAL PA 368 27.48 -46.48 -36.77
CA VAL PA 368 26.94 -47.08 -37.97
C VAL PA 368 26.94 -46.08 -39.11
N ASP PA 369 27.17 -46.57 -40.32
CA ASP PA 369 27.05 -45.76 -41.51
C ASP PA 369 25.60 -45.34 -41.71
N ARG PA 370 25.35 -44.46 -42.67
CA ARG PA 370 23.99 -44.03 -42.95
C ARG PA 370 23.93 -43.36 -44.31
N THR PA 371 22.89 -43.66 -45.07
CA THR PA 371 22.61 -42.98 -46.32
C THR PA 371 21.14 -42.58 -46.34
N ILE PA 372 20.87 -41.35 -46.77
CA ILE PA 372 19.52 -40.80 -46.76
C ILE PA 372 19.30 -40.08 -48.08
N ARG PA 373 18.33 -40.54 -48.86
CA ARG PA 373 17.95 -39.88 -50.10
C ARG PA 373 16.53 -39.39 -50.00
N HIS PA 374 16.24 -38.26 -50.64
CA HIS PA 374 14.90 -37.70 -50.70
C HIS PA 374 14.54 -37.53 -52.17
N THR PA 375 14.06 -38.60 -52.80
CA THR PA 375 13.77 -38.61 -54.22
C THR PA 375 12.34 -38.18 -54.44
N LYS PA 376 12.15 -37.07 -55.14
CA LYS PA 376 10.83 -36.57 -55.51
C LYS PA 376 10.64 -36.79 -57.00
N MET PA 377 9.89 -37.83 -57.36
CA MET PA 377 9.76 -38.22 -58.75
C MET PA 377 9.16 -37.09 -59.58
N ASN PA 378 9.29 -37.24 -60.89
CA ASN PA 378 8.79 -36.24 -61.82
C ASN PA 378 7.43 -36.65 -62.34
N VAL PA 379 6.58 -35.66 -62.62
CA VAL PA 379 5.23 -35.91 -63.12
C VAL PA 379 5.24 -35.67 -64.63
N GLY PA 380 5.10 -36.74 -65.41
CA GLY PA 380 5.10 -36.60 -66.84
C GLY PA 380 6.09 -37.51 -67.54
N ASP PA 381 6.55 -38.55 -66.86
CA ASP PA 381 7.47 -39.50 -67.47
C ASP PA 381 6.72 -40.53 -68.30
N ILE PA 382 7.46 -41.26 -69.10
CA ILE PA 382 6.89 -42.29 -69.99
C ILE PA 382 6.99 -43.63 -69.29
N GLU PA 383 5.84 -44.22 -68.95
CA GLU PA 383 5.85 -45.50 -68.27
C GLU PA 383 5.84 -46.67 -69.23
N ARG PA 384 5.26 -46.50 -70.41
CA ARG PA 384 5.17 -47.59 -71.37
C ARG PA 384 4.87 -47.01 -72.74
N LEU PA 385 5.39 -47.65 -73.78
CA LEU PA 385 5.14 -47.25 -75.15
C LEU PA 385 4.60 -48.42 -75.94
N SER PA 386 3.98 -48.13 -77.07
CA SER PA 386 3.52 -49.15 -78.00
C SER PA 386 3.52 -48.52 -79.39
N VAL PA 387 4.20 -49.17 -80.34
CA VAL PA 387 4.42 -48.61 -81.65
C VAL PA 387 3.96 -49.61 -82.71
N ALA PA 388 3.23 -49.12 -83.69
CA ALA PA 388 2.81 -49.91 -84.84
C ALA PA 388 3.24 -49.20 -86.11
N VAL PA 389 3.94 -49.91 -86.99
CA VAL PA 389 4.51 -49.32 -88.18
C VAL PA 389 4.12 -50.17 -89.39
N VAL PA 390 3.73 -49.50 -90.47
CA VAL PA 390 3.42 -50.15 -91.73
C VAL PA 390 4.47 -49.75 -92.75
N VAL PA 391 4.97 -50.72 -93.52
CA VAL PA 391 5.96 -50.48 -94.54
C VAL PA 391 5.39 -50.92 -95.88
N ASN PA 392 5.80 -50.25 -96.95
CA ASN PA 392 5.22 -50.49 -98.26
C ASN PA 392 6.01 -51.56 -99.00
N TYR PA 393 5.32 -52.25 -99.92
CA TYR PA 393 5.98 -53.14 -100.85
C TYR PA 393 6.78 -52.34 -101.88
N LYS PA 394 7.51 -53.06 -102.72
CA LYS PA 394 8.31 -52.43 -103.76
C LYS PA 394 8.64 -53.42 -104.88
N LEU PA 402 5.72 -58.28 -104.67
CA LEU PA 402 6.76 -57.30 -104.42
C LEU PA 402 7.15 -57.22 -102.95
N PRO PA 403 7.51 -58.36 -102.35
CA PRO PA 403 7.70 -58.37 -100.89
C PRO PA 403 9.11 -57.92 -100.51
N LEU PA 404 9.21 -57.21 -99.39
CA LEU PA 404 10.52 -56.92 -98.82
C LEU PA 404 11.04 -58.15 -98.08
N THR PA 405 12.34 -58.39 -98.19
CA THR PA 405 12.94 -59.60 -97.68
C THR PA 405 12.93 -59.63 -96.15
N ALA PA 406 13.49 -60.70 -95.59
CA ALA PA 406 13.49 -60.88 -94.14
C ALA PA 406 14.61 -60.10 -93.48
N ASP PA 407 15.79 -60.05 -94.09
CA ASP PA 407 16.90 -59.33 -93.49
C ASP PA 407 16.63 -57.84 -93.41
N GLN PA 408 16.12 -57.26 -94.51
CA GLN PA 408 15.78 -55.86 -94.51
C GLN PA 408 14.69 -55.55 -93.49
N MET PA 409 13.69 -56.42 -93.39
CA MET PA 409 12.66 -56.25 -92.38
C MET PA 409 13.26 -56.28 -90.98
N LYS PA 410 14.21 -57.19 -90.73
CA LYS PA 410 14.79 -57.28 -89.39
C LYS PA 410 15.60 -56.04 -89.06
N GLN PA 411 16.39 -55.55 -90.00
CA GLN PA 411 17.17 -54.36 -89.73
C GLN PA 411 16.27 -53.13 -89.59
N ILE PA 412 15.13 -53.09 -90.28
CA ILE PA 412 14.21 -51.98 -90.12
C ILE PA 412 13.56 -52.03 -88.75
N GLU PA 413 13.15 -53.23 -88.32
CA GLU PA 413 12.66 -53.38 -86.96
C GLU PA 413 13.68 -52.94 -85.95
N ASP PA 414 14.95 -53.25 -86.19
CA ASP PA 414 15.98 -52.88 -85.23
C ASP PA 414 16.21 -51.37 -85.19
N LEU PA 415 16.25 -50.73 -86.36
CA LEU PA 415 16.31 -49.28 -86.40
C LEU PA 415 15.17 -48.64 -85.62
N THR PA 416 13.95 -49.14 -85.83
CA THR PA 416 12.81 -48.59 -85.12
C THR PA 416 12.95 -48.79 -83.61
N ARG PA 417 13.35 -49.99 -83.20
CA ARG PA 417 13.56 -50.26 -81.79
C ARG PA 417 14.56 -49.29 -81.18
N GLU PA 418 15.65 -49.01 -81.89
CA GLU PA 418 16.65 -48.11 -81.34
C GLU PA 418 16.21 -46.65 -81.39
N ALA PA 419 15.38 -46.27 -82.36
CA ALA PA 419 14.92 -44.90 -82.46
C ALA PA 419 13.79 -44.58 -81.48
N MET PA 420 13.05 -45.60 -81.02
CA MET PA 420 12.01 -45.37 -80.04
C MET PA 420 12.58 -44.90 -78.72
N GLY PA 421 13.67 -45.52 -78.28
CA GLY PA 421 14.06 -45.44 -76.89
C GLY PA 421 13.57 -46.69 -76.21
N PHE PA 422 13.64 -47.80 -76.93
CA PHE PA 422 13.07 -49.06 -76.47
C PHE PA 422 13.71 -49.50 -75.17
N SER PA 423 12.93 -50.20 -74.35
CA SER PA 423 13.43 -50.68 -73.07
C SER PA 423 12.55 -51.83 -72.59
N ASP PA 424 13.14 -53.03 -72.52
CA ASP PA 424 12.43 -54.18 -71.99
C ASP PA 424 12.11 -54.06 -70.51
N LYS PA 425 12.58 -53.00 -69.84
CA LYS PA 425 12.18 -52.77 -68.46
C LYS PA 425 10.75 -52.27 -68.37
N ARG PA 426 10.40 -51.27 -69.18
CA ARG PA 426 9.07 -50.68 -69.11
C ARG PA 426 8.02 -51.56 -69.75
N GLY PA 427 8.41 -52.64 -70.42
CA GLY PA 427 7.45 -53.49 -71.07
C GLY PA 427 6.98 -52.95 -72.41
N ASP PA 428 7.83 -52.18 -73.09
CA ASP PA 428 7.44 -51.60 -74.36
C ASP PA 428 7.19 -52.69 -75.40
N THR PA 429 6.40 -52.34 -76.41
CA THR PA 429 5.99 -53.28 -77.44
C THR PA 429 6.13 -52.63 -78.80
N LEU PA 430 6.66 -53.39 -79.75
CA LEU PA 430 6.83 -52.93 -81.12
C LEU PA 430 6.32 -54.02 -82.06
N ASN PA 431 5.72 -53.62 -83.18
CA ASN PA 431 5.37 -54.56 -84.23
C ASN PA 431 5.33 -53.84 -85.56
N VAL PA 432 6.17 -54.30 -86.49
CA VAL PA 432 6.24 -53.74 -87.83
C VAL PA 432 5.72 -54.79 -88.80
N VAL PA 433 4.78 -54.39 -89.66
CA VAL PA 433 4.16 -55.30 -90.60
C VAL PA 433 4.32 -54.72 -92.00
N ASN PA 434 4.37 -55.63 -92.99
CA ASN PA 434 4.54 -55.25 -94.38
C ASN PA 434 3.30 -55.68 -95.16
N SER PA 435 2.66 -54.73 -95.84
CA SER PA 435 1.46 -55.01 -96.60
C SER PA 435 1.34 -53.98 -97.71
N PRO PA 436 0.83 -54.35 -98.88
CA PRO PA 436 0.79 -53.40 -99.99
C PRO PA 436 -0.15 -52.25 -99.71
N PHE PA 437 0.23 -51.07 -100.18
CA PHE PA 437 -0.57 -49.88 -99.93
C PHE PA 437 -1.64 -49.74 -101.02
N SER PA 438 -2.57 -48.82 -100.82
CA SER PA 438 -3.63 -48.58 -101.79
C SER PA 438 -4.18 -47.17 -101.62
N ASP QA 232 -20.75 -34.19 -65.21
CA ASP QA 232 -20.61 -32.93 -65.93
C ASP QA 232 -19.53 -32.99 -67.03
N ALA QA 233 -18.29 -32.64 -66.67
CA ALA QA 233 -17.22 -32.60 -67.67
C ALA QA 233 -16.58 -33.97 -67.90
N GLN QA 234 -16.81 -34.92 -66.98
CA GLN QA 234 -16.21 -36.24 -67.12
C GLN QA 234 -16.56 -36.88 -68.45
N LEU QA 235 -17.81 -36.69 -68.90
CA LEU QA 235 -18.21 -37.23 -70.19
C LEU QA 235 -17.40 -36.62 -71.33
N LYS QA 236 -17.14 -35.31 -71.26
CA LYS QA 236 -16.37 -34.67 -72.32
C LYS QA 236 -14.94 -35.17 -72.34
N PHE QA 237 -14.33 -35.33 -71.16
CA PHE QA 237 -12.97 -35.86 -71.12
C PHE QA 237 -12.91 -37.27 -71.67
N ALA QA 238 -13.85 -38.13 -71.27
CA ALA QA 238 -13.88 -39.49 -71.81
C ALA QA 238 -14.10 -39.49 -73.31
N ASN QA 239 -14.97 -38.62 -73.81
CA ASN QA 239 -15.18 -38.54 -75.24
C ASN QA 239 -13.90 -38.14 -75.97
N ASP QA 240 -13.14 -37.21 -75.40
CA ASP QA 240 -11.89 -36.81 -76.04
C ASP QA 240 -10.90 -37.97 -76.10
N VAL QA 241 -10.76 -38.71 -75.00
CA VAL QA 241 -9.84 -39.85 -75.01
C VAL QA 241 -10.27 -40.88 -76.05
N GLU QA 242 -11.56 -41.20 -76.08
CA GLU QA 242 -12.06 -42.16 -77.06
C GLU QA 242 -11.81 -41.67 -78.48
N SER QA 243 -11.99 -40.38 -78.72
CA SER QA 243 -11.75 -39.85 -80.07
C SER QA 243 -10.30 -39.99 -80.47
N ARG QA 244 -9.38 -39.70 -79.54
CA ARG QA 244 -7.96 -39.90 -79.82
C ARG QA 244 -7.68 -41.34 -80.24
N ILE QA 245 -8.11 -42.30 -79.41
CA ILE QA 245 -7.78 -43.68 -79.73
C ILE QA 245 -8.42 -44.12 -81.04
N GLN QA 246 -9.64 -43.67 -81.30
CA GLN QA 246 -10.33 -44.07 -82.52
C GLN QA 246 -9.62 -43.52 -83.75
N ARG QA 247 -9.28 -42.22 -83.74
CA ARG QA 247 -8.61 -41.65 -84.90
C ARG QA 247 -7.25 -42.29 -85.12
N ARG QA 248 -6.55 -42.64 -84.04
CA ARG QA 248 -5.25 -43.29 -84.21
C ARG QA 248 -5.39 -44.67 -84.85
N ILE QA 249 -6.35 -45.47 -84.36
CA ILE QA 249 -6.55 -46.80 -84.93
C ILE QA 249 -6.92 -46.71 -86.39
N GLU QA 250 -7.86 -45.82 -86.72
CA GLU QA 250 -8.24 -45.69 -88.13
C GLU QA 250 -7.11 -45.18 -89.00
N ALA QA 251 -6.29 -44.24 -88.51
CA ALA QA 251 -5.20 -43.71 -89.30
C ALA QA 251 -4.09 -44.72 -89.52
N ILE QA 252 -3.82 -45.61 -88.56
CA ILE QA 252 -2.83 -46.65 -88.81
C ILE QA 252 -3.38 -47.75 -89.71
N LEU QA 253 -4.64 -48.14 -89.57
CA LEU QA 253 -5.16 -49.26 -90.34
C LEU QA 253 -5.66 -48.86 -91.73
N SER QA 254 -5.85 -47.58 -92.00
CA SER QA 254 -6.35 -47.19 -93.32
C SER QA 254 -5.39 -47.51 -94.46
N PRO QA 255 -4.09 -47.18 -94.40
CA PRO QA 255 -3.24 -47.40 -95.57
C PRO QA 255 -3.19 -48.85 -96.04
N ILE QA 256 -3.45 -49.81 -95.17
CA ILE QA 256 -3.41 -51.22 -95.57
C ILE QA 256 -4.67 -51.60 -96.33
N VAL QA 257 -5.84 -51.30 -95.75
CA VAL QA 257 -7.10 -51.81 -96.30
C VAL QA 257 -7.80 -50.83 -97.22
N GLY QA 258 -7.49 -49.55 -97.16
CA GLY QA 258 -8.09 -48.56 -98.04
C GLY QA 258 -8.41 -47.27 -97.33
N ASN QA 259 -8.98 -46.35 -98.10
CA ASN QA 259 -9.29 -45.02 -97.56
C ASN QA 259 -10.30 -45.11 -96.43
N GLY QA 260 -11.47 -45.68 -96.68
CA GLY QA 260 -12.53 -45.66 -95.69
C GLY QA 260 -13.23 -46.98 -95.50
N ASN QA 261 -12.51 -48.08 -95.67
CA ASN QA 261 -13.08 -49.40 -95.54
C ASN QA 261 -12.88 -50.00 -94.16
N VAL QA 262 -12.86 -49.17 -93.12
CA VAL QA 262 -12.73 -49.64 -91.75
C VAL QA 262 -13.33 -48.60 -90.82
N HIS QA 263 -13.99 -49.07 -89.75
CA HIS QA 263 -14.53 -48.21 -88.72
C HIS QA 263 -14.27 -48.85 -87.37
N ALA QA 264 -14.13 -48.01 -86.33
CA ALA QA 264 -13.85 -48.48 -84.99
C ALA QA 264 -14.54 -47.59 -83.98
N GLN QA 265 -14.97 -48.20 -82.87
CA GLN QA 265 -15.58 -47.49 -81.77
C GLN QA 265 -15.04 -48.07 -80.48
N VAL QA 266 -14.61 -47.20 -79.58
CA VAL QA 266 -13.92 -47.61 -78.36
C VAL QA 266 -14.71 -47.09 -77.16
N THR QA 267 -14.73 -47.87 -76.08
CA THR QA 267 -15.40 -47.49 -74.86
C THR QA 267 -14.39 -47.50 -73.72
N ALA QA 268 -14.16 -46.35 -73.12
CA ALA QA 268 -13.11 -46.17 -72.13
C ALA QA 268 -13.73 -46.12 -70.74
N GLN QA 269 -13.28 -47.01 -69.87
CA GLN QA 269 -13.69 -46.99 -68.46
C GLN QA 269 -12.70 -46.13 -67.68
N LEU QA 270 -13.04 -44.87 -67.47
CA LEU QA 270 -12.17 -43.95 -66.77
C LEU QA 270 -12.44 -44.01 -65.28
N ASP QA 271 -11.43 -43.64 -64.49
CA ASP QA 271 -11.55 -43.66 -63.03
C ASP QA 271 -11.27 -42.25 -62.53
N PHE QA 272 -12.15 -41.75 -61.67
CA PHE QA 272 -12.04 -40.40 -61.14
C PHE QA 272 -11.96 -40.38 -59.62
N ALA QA 273 -11.81 -41.54 -58.98
CA ALA QA 273 -11.77 -41.58 -57.53
C ALA QA 273 -10.45 -41.03 -57.00
N ASN QA 274 -10.52 -39.93 -56.26
CA ASN QA 274 -9.34 -39.37 -55.63
C ASN QA 274 -8.75 -40.39 -54.65
N LYS QA 275 -7.43 -40.58 -54.72
CA LYS QA 275 -6.80 -41.69 -54.01
C LYS QA 275 -5.41 -41.26 -53.56
N GLU QA 276 -5.08 -41.51 -52.30
CA GLU QA 276 -3.73 -41.32 -51.79
C GLU QA 276 -3.14 -42.66 -51.40
N GLN QA 277 -1.94 -42.62 -50.82
CA GLN QA 277 -1.28 -43.84 -50.35
C GLN QA 277 -0.05 -43.46 -49.56
N THR QA 278 0.37 -44.35 -48.65
CA THR QA 278 1.60 -44.16 -47.88
C THR QA 278 2.17 -45.52 -47.51
N GLU QA 279 3.12 -46.02 -48.29
CA GLU QA 279 3.81 -47.23 -47.88
C GLU QA 279 4.82 -46.91 -46.78
N GLU QA 280 5.31 -47.96 -46.14
CA GLU QA 280 6.43 -47.84 -45.21
C GLU QA 280 7.08 -49.22 -45.12
N HIS QA 281 8.18 -49.39 -45.82
CA HIS QA 281 8.79 -50.70 -45.98
C HIS QA 281 10.02 -50.83 -45.09
N TYR QA 282 10.20 -52.01 -44.52
CA TYR QA 282 11.33 -52.30 -43.65
C TYR QA 282 12.05 -53.53 -44.15
N SER QA 283 13.35 -53.43 -44.28
CA SER QA 283 14.09 -54.59 -44.72
C SER QA 283 14.34 -55.52 -43.53
N PRO QA 284 14.24 -56.84 -43.73
CA PRO QA 284 14.41 -57.76 -42.61
C PRO QA 284 15.85 -57.76 -42.12
N ASN QA 285 16.00 -57.78 -40.80
CA ASN QA 285 17.30 -57.87 -40.15
C ASN QA 285 17.33 -59.01 -39.15
N GLY QA 286 16.58 -60.07 -39.42
CA GLY QA 286 16.60 -61.21 -38.54
C GLY QA 286 17.88 -62.00 -38.62
N ASP QA 287 18.38 -62.24 -39.83
CA ASP QA 287 19.60 -63.02 -40.00
C ASP QA 287 20.78 -62.22 -39.47
N ALA QA 288 21.64 -62.90 -38.70
CA ALA QA 288 22.78 -62.23 -38.09
C ALA QA 288 23.86 -61.86 -39.08
N SER QA 289 23.73 -62.28 -40.34
CA SER QA 289 24.75 -61.97 -41.34
C SER QA 289 24.80 -60.50 -41.71
N LYS QA 290 23.66 -59.82 -41.71
CA LYS QA 290 23.64 -58.40 -42.02
C LYS QA 290 22.76 -57.60 -41.07
N ALA QA 291 22.70 -57.95 -39.79
CA ALA QA 291 22.08 -57.09 -38.82
C ALA QA 291 22.90 -55.82 -38.67
N THR QA 292 22.31 -54.80 -38.06
CA THR QA 292 22.98 -53.53 -37.84
C THR QA 292 22.87 -53.19 -36.37
N LEU QA 293 23.81 -53.69 -35.57
CA LEU QA 293 23.78 -53.50 -34.13
C LEU QA 293 24.19 -52.07 -33.79
N ARG QA 294 23.44 -51.42 -32.92
CA ARG QA 294 23.87 -50.15 -32.37
C ARG QA 294 24.50 -50.35 -31.00
N SER QA 295 23.93 -51.24 -30.20
CA SER QA 295 24.48 -51.63 -28.92
C SER QA 295 24.54 -53.13 -28.84
N ARG QA 296 24.97 -53.64 -27.68
CA ARG QA 296 24.99 -55.07 -27.41
C ARG QA 296 25.44 -55.27 -25.98
N GLN QA 297 25.13 -56.42 -25.40
CA GLN QA 297 25.66 -56.81 -24.11
C GLN QA 297 25.53 -58.33 -24.00
N LEU QA 298 26.66 -59.02 -23.92
CA LEU QA 298 26.67 -60.48 -23.98
C LEU QA 298 27.40 -61.02 -22.76
N ASN QA 299 26.64 -61.42 -21.75
CA ASN QA 299 27.20 -62.01 -20.54
C ASN QA 299 27.18 -63.53 -20.68
N ILE QA 300 28.24 -64.19 -20.23
CA ILE QA 300 28.36 -65.64 -20.32
C ILE QA 300 29.00 -66.13 -19.04
N SER QA 301 28.25 -66.88 -18.24
CA SER QA 301 28.79 -67.58 -17.08
C SER QA 301 28.82 -69.07 -17.39
N GLU QA 302 29.65 -69.79 -16.63
CA GLU QA 302 29.78 -71.23 -16.84
C GLU QA 302 30.51 -71.82 -15.62
N GLN QA 303 29.91 -72.83 -15.01
CA GLN QA 303 30.50 -73.48 -13.85
C GLN QA 303 30.58 -74.98 -14.11
N VAL QA 304 31.51 -75.65 -13.44
CA VAL QA 304 31.61 -77.10 -13.52
C VAL QA 304 31.85 -77.68 -12.13
N PRO QA 355 27.86 -81.53 -13.58
CA PRO QA 355 27.17 -80.37 -13.01
C PRO QA 355 27.41 -79.11 -13.80
N ARG QA 356 27.40 -79.23 -15.13
CA ARG QA 356 27.79 -78.16 -16.03
C ARG QA 356 26.68 -77.11 -16.09
N SER QA 357 26.57 -76.32 -15.03
CA SER QA 357 25.66 -75.18 -15.02
C SER QA 357 26.15 -74.14 -16.01
N THR QA 358 25.23 -73.40 -16.62
CA THR QA 358 25.58 -72.43 -17.64
C THR QA 358 24.69 -71.20 -17.47
N GLN QA 359 24.90 -70.22 -18.36
CA GLN QA 359 24.14 -68.98 -18.37
C GLN QA 359 24.53 -68.20 -19.61
N ARG QA 360 23.59 -67.47 -20.20
CA ARG QA 360 23.88 -66.67 -21.38
C ARG QA 360 22.82 -65.58 -21.52
N ASN QA 361 23.16 -64.36 -21.14
CA ASN QA 361 22.28 -63.22 -21.35
C ASN QA 361 22.77 -62.43 -22.55
N GLU QA 362 21.85 -61.78 -23.26
CA GLU QA 362 22.22 -61.05 -24.47
C GLU QA 362 21.16 -60.00 -24.77
N THR QA 363 21.51 -58.74 -24.58
CA THR QA 363 20.66 -57.63 -25.01
C THR QA 363 21.22 -57.04 -26.30
N SER QA 364 20.31 -56.69 -27.21
CA SER QA 364 20.74 -56.15 -28.50
C SER QA 364 19.80 -55.02 -28.91
N ASN QA 365 20.39 -53.93 -29.37
CA ASN QA 365 19.63 -52.83 -29.94
C ASN QA 365 20.01 -52.69 -31.41
N TYR QA 366 19.01 -52.66 -32.28
CA TYR QA 366 19.25 -52.72 -33.72
C TYR QA 366 18.99 -51.37 -34.36
N GLU QA 367 19.40 -51.27 -35.62
CA GLU QA 367 19.01 -50.18 -36.50
C GLU QA 367 18.44 -50.80 -37.76
N VAL QA 368 17.39 -50.18 -38.31
CA VAL QA 368 16.62 -50.78 -39.39
C VAL QA 368 16.54 -49.82 -40.56
N ASP QA 369 16.54 -50.37 -41.76
CA ASP QA 369 16.30 -49.60 -42.97
C ASP QA 369 14.87 -49.05 -42.95
N ARG QA 370 14.56 -48.19 -43.91
CA ARG QA 370 13.21 -47.64 -43.99
C ARG QA 370 13.00 -47.02 -45.35
N THR QA 371 11.83 -47.25 -45.94
CA THR QA 371 11.41 -46.59 -47.16
C THR QA 371 10.00 -46.06 -46.98
N ILE QA 372 9.76 -44.83 -47.42
CA ILE QA 372 8.49 -44.16 -47.24
C ILE QA 372 8.13 -43.47 -48.54
N ARG QA 373 7.01 -43.87 -49.14
CA ARG QA 373 6.50 -43.23 -50.34
C ARG QA 373 5.15 -42.59 -50.05
N HIS QA 374 4.87 -41.47 -50.70
CA HIS QA 374 3.58 -40.80 -50.58
C HIS QA 374 3.02 -40.64 -51.98
N THR QA 375 2.35 -41.69 -52.47
CA THR QA 375 1.85 -41.72 -53.83
C THR QA 375 0.44 -41.17 -53.86
N LYS QA 376 0.24 -40.07 -54.57
CA LYS QA 376 -1.07 -39.47 -54.75
C LYS QA 376 -1.50 -39.73 -56.18
N MET QA 377 -2.40 -40.70 -56.37
CA MET QA 377 -2.77 -41.13 -57.71
C MET QA 377 -3.39 -39.99 -58.49
N ASN QA 378 -3.49 -40.19 -59.80
CA ASN QA 378 -4.04 -39.17 -60.69
C ASN QA 378 -5.51 -39.49 -60.97
N VAL QA 379 -6.30 -38.44 -61.16
CA VAL QA 379 -7.72 -38.57 -61.45
C VAL QA 379 -7.93 -38.39 -62.95
N GLY QA 380 -8.27 -39.46 -63.63
CA GLY QA 380 -8.49 -39.39 -65.06
C GLY QA 380 -7.71 -40.40 -65.86
N ASP QA 381 -7.25 -41.46 -65.21
CA ASP QA 381 -6.51 -42.51 -65.90
C ASP QA 381 -7.47 -43.50 -66.55
N ILE QA 382 -6.93 -44.34 -67.42
CA ILE QA 382 -7.71 -45.33 -68.15
C ILE QA 382 -7.62 -46.65 -67.42
N GLU QA 383 -8.75 -47.11 -66.88
CA GLU QA 383 -8.74 -48.37 -66.13
C GLU QA 383 -9.01 -49.57 -67.02
N ARG QA 384 -9.75 -49.38 -68.11
CA ARG QA 384 -10.08 -50.49 -68.99
C ARG QA 384 -10.54 -49.93 -70.32
N LEU QA 385 -10.25 -50.66 -71.39
CA LEU QA 385 -10.67 -50.29 -72.73
C LEU QA 385 -11.43 -51.44 -73.36
N SER QA 386 -12.19 -51.13 -74.40
CA SER QA 386 -12.87 -52.14 -75.20
C SER QA 386 -13.04 -51.56 -76.60
N VAL QA 387 -12.58 -52.31 -77.61
CA VAL QA 387 -12.52 -51.81 -78.98
C VAL QA 387 -13.22 -52.80 -79.89
N ALA QA 388 -14.06 -52.28 -80.78
CA ALA QA 388 -14.71 -53.08 -81.80
C ALA QA 388 -14.43 -52.45 -83.15
N VAL QA 389 -13.94 -53.25 -84.09
CA VAL QA 389 -13.51 -52.77 -85.40
C VAL QA 389 -14.16 -53.62 -86.47
N VAL QA 390 -14.66 -52.96 -87.52
CA VAL QA 390 -15.22 -53.63 -88.68
C VAL QA 390 -14.30 -53.36 -89.87
N VAL QA 391 -14.02 -54.39 -90.65
CA VAL QA 391 -13.18 -54.29 -91.84
C VAL QA 391 -14.00 -54.72 -93.03
N ASN QA 392 -13.70 -54.14 -94.19
CA ASN QA 392 -14.50 -54.38 -95.38
C ASN QA 392 -13.93 -55.54 -96.19
N TYR QA 393 -14.82 -56.19 -96.95
CA TYR QA 393 -14.39 -57.17 -97.93
C TYR QA 393 -13.69 -56.49 -99.10
N LYS QA 394 -13.17 -57.30 -100.01
CA LYS QA 394 -12.49 -56.79 -101.19
C LYS QA 394 -12.43 -57.84 -102.29
N LEU QA 402 -15.69 -62.40 -101.39
CA LEU QA 402 -14.54 -61.51 -101.36
C LEU QA 402 -13.92 -61.42 -99.96
N PRO QA 403 -13.56 -62.56 -99.36
CA PRO QA 403 -13.14 -62.54 -97.96
C PRO QA 403 -11.66 -62.20 -97.82
N LEU QA 404 -11.33 -61.46 -96.77
CA LEU QA 404 -9.93 -61.28 -96.42
C LEU QA 404 -9.41 -62.53 -95.71
N THR QA 405 -8.16 -62.88 -96.01
CA THR QA 405 -7.60 -64.13 -95.53
C THR QA 405 -7.36 -64.10 -94.02
N ALA QA 406 -6.82 -65.20 -93.51
CA ALA QA 406 -6.61 -65.32 -92.06
C ALA QA 406 -5.33 -64.63 -91.61
N ASP QA 407 -4.26 -64.71 -92.41
CA ASP QA 407 -3.00 -64.07 -92.01
C ASP QA 407 -3.15 -62.56 -91.97
N GLN QA 408 -3.76 -61.98 -93.01
CA GLN QA 408 -3.98 -60.54 -93.03
C GLN QA 408 -4.86 -60.10 -91.88
N MET QA 409 -5.91 -60.87 -91.58
CA MET QA 409 -6.75 -60.57 -90.43
C MET QA 409 -5.95 -60.61 -89.13
N LYS QA 410 -5.04 -61.59 -88.98
CA LYS QA 410 -4.28 -61.69 -87.75
C LYS QA 410 -3.31 -60.51 -87.61
N GLN QA 411 -2.64 -60.14 -88.70
CA GLN QA 411 -1.74 -59.00 -88.59
C GLN QA 411 -2.49 -57.70 -88.37
N ILE QA 412 -3.71 -57.59 -88.90
CA ILE QA 412 -4.50 -56.38 -88.65
C ILE QA 412 -4.94 -56.32 -87.19
N GLU QA 413 -5.37 -57.46 -86.65
CA GLU QA 413 -5.67 -57.52 -85.23
C GLU QA 413 -4.46 -57.13 -84.40
N ASP QA 414 -3.27 -57.56 -84.83
CA ASP QA 414 -2.07 -57.27 -84.04
C ASP QA 414 -1.71 -55.79 -84.13
N LEU QA 415 -1.81 -55.19 -85.31
CA LEU QA 415 -1.62 -53.75 -85.44
C LEU QA 415 -2.57 -53.00 -84.53
N THR QA 416 -3.85 -53.38 -84.52
CA THR QA 416 -4.81 -52.70 -83.67
C THR QA 416 -4.45 -52.86 -82.20
N ARG QA 417 -4.10 -54.07 -81.79
CA ARG QA 417 -3.69 -54.30 -80.41
C ARG QA 417 -2.53 -53.41 -80.02
N GLU QA 418 -1.53 -53.27 -80.90
CA GLU QA 418 -0.39 -52.43 -80.56
C GLU QA 418 -0.72 -50.95 -80.61
N ALA QA 419 -1.64 -50.53 -81.46
CA ALA QA 419 -2.00 -49.12 -81.55
C ALA QA 419 -2.92 -48.67 -80.44
N MET QA 420 -3.66 -49.59 -79.83
CA MET QA 420 -4.52 -49.24 -78.71
C MET QA 420 -3.70 -48.77 -77.51
N GLY QA 421 -2.62 -49.47 -77.21
CA GLY QA 421 -2.01 -49.38 -75.91
C GLY QA 421 -2.49 -50.55 -75.09
N PHE QA 422 -2.64 -51.69 -75.76
CA PHE QA 422 -3.23 -52.88 -75.16
C PHE QA 422 -2.44 -53.32 -73.95
N SER QA 423 -3.12 -53.92 -72.98
CA SER QA 423 -2.49 -54.39 -71.77
C SER QA 423 -3.37 -55.44 -71.11
N ASP QA 424 -2.88 -56.68 -71.06
CA ASP QA 424 -3.60 -57.75 -70.38
C ASP QA 424 -3.67 -57.54 -68.87
N LYS QA 425 -3.02 -56.50 -68.34
CA LYS QA 425 -3.17 -56.19 -66.92
C LYS QA 425 -4.53 -55.56 -66.64
N ARG QA 426 -4.90 -54.56 -67.44
CA ARG QA 426 -6.14 -53.85 -67.20
C ARG QA 426 -7.36 -54.65 -67.62
N GLY QA 427 -7.17 -55.78 -68.29
CA GLY QA 427 -8.30 -56.56 -68.74
C GLY QA 427 -8.92 -56.02 -70.02
N ASP QA 428 -8.12 -55.37 -70.86
CA ASP QA 428 -8.65 -54.80 -72.09
C ASP QA 428 -9.16 -55.89 -73.02
N THR QA 429 -10.07 -55.51 -73.90
CA THR QA 429 -10.71 -56.45 -74.81
C THR QA 429 -10.73 -55.88 -76.22
N LEU QA 430 -10.42 -56.72 -77.19
CA LEU QA 430 -10.43 -56.33 -78.60
C LEU QA 430 -11.17 -57.39 -79.39
N ASN QA 431 -11.91 -56.97 -80.41
CA ASN QA 431 -12.50 -57.92 -81.35
C ASN QA 431 -12.69 -57.25 -82.70
N VAL QA 432 -12.04 -57.81 -83.72
CA VAL QA 432 -12.13 -57.32 -85.09
C VAL QA 432 -12.89 -58.35 -85.91
N VAL QA 433 -13.92 -57.90 -86.62
CA VAL QA 433 -14.75 -58.78 -87.43
C VAL QA 433 -14.77 -58.27 -88.87
N ASN QA 434 -14.96 -59.21 -89.79
CA ASN QA 434 -14.98 -58.90 -91.21
C ASN QA 434 -16.35 -59.24 -91.76
N SER QA 435 -17.00 -58.26 -92.39
CA SER QA 435 -18.33 -58.45 -92.94
C SER QA 435 -18.53 -57.46 -94.07
N PRO QA 436 -19.24 -57.82 -95.13
CA PRO QA 436 -19.38 -56.92 -96.28
C PRO QA 436 -20.16 -55.68 -95.90
N PHE QA 437 -19.77 -54.55 -96.49
CA PHE QA 437 -20.41 -53.29 -96.17
C PHE QA 437 -21.61 -53.09 -97.10
N SER QA 438 -22.43 -52.09 -96.81
CA SER QA 438 -23.61 -51.78 -97.60
C SER QA 438 -23.99 -50.32 -97.43
N ASP RA 232 -33.48 -34.56 -59.52
CA ASP RA 232 -33.37 -33.34 -60.33
C ASP RA 232 -32.47 -33.54 -61.56
N ALA RA 233 -31.17 -33.29 -61.42
CA ALA RA 233 -30.27 -33.39 -62.57
C ALA RA 233 -29.79 -34.82 -62.82
N GLN RA 234 -29.95 -35.71 -61.84
CA GLN RA 234 -29.50 -37.08 -62.00
C GLN RA 234 -30.11 -37.73 -63.23
N LEU RA 235 -31.39 -37.45 -63.49
CA LEU RA 235 -32.04 -38.00 -64.68
C LEU RA 235 -31.37 -37.50 -65.95
N LYS RA 236 -30.99 -36.23 -65.99
CA LYS RA 236 -30.34 -35.69 -67.18
C LYS RA 236 -28.98 -36.32 -67.40
N PHE RA 237 -28.20 -36.49 -66.32
CA PHE RA 237 -26.91 -37.13 -66.45
C PHE RA 237 -27.05 -38.58 -66.95
N ALA RA 238 -27.99 -39.32 -66.37
CA ALA RA 238 -28.22 -40.69 -66.82
C ALA RA 238 -28.67 -40.73 -68.28
N ASN RA 239 -29.53 -39.80 -68.68
CA ASN RA 239 -29.96 -39.75 -70.07
C ASN RA 239 -28.80 -39.50 -70.99
N ASP RA 240 -27.87 -38.61 -70.60
CA ASP RA 240 -26.70 -38.36 -71.45
C ASP RA 240 -25.84 -39.60 -71.60
N VAL RA 241 -25.58 -40.32 -70.50
CA VAL RA 241 -24.78 -41.53 -70.59
C VAL RA 241 -25.45 -42.56 -71.50
N GLU RA 242 -26.76 -42.75 -71.31
CA GLU RA 242 -27.48 -43.70 -72.16
C GLU RA 242 -27.43 -43.30 -73.62
N SER RA 243 -27.52 -42.00 -73.91
CA SER RA 243 -27.47 -41.54 -75.29
C SER RA 243 -26.10 -41.83 -75.89
N ARG RA 244 -25.03 -41.58 -75.14
CA ARG RA 244 -23.70 -41.93 -75.63
C ARG RA 244 -23.61 -43.40 -76.01
N ILE RA 245 -23.98 -44.29 -75.09
CA ILE RA 245 -23.82 -45.71 -75.37
C ILE RA 245 -24.69 -46.13 -76.55
N GLN RA 246 -25.90 -45.58 -76.63
CA GLN RA 246 -26.80 -45.95 -77.72
C GLN RA 246 -26.25 -45.51 -79.07
N ARG RA 247 -25.81 -44.25 -79.17
CA ARG RA 247 -25.28 -43.79 -80.46
C ARG RA 247 -24.04 -44.55 -80.84
N ARG RA 248 -23.20 -44.94 -79.87
CA ARG RA 248 -22.01 -45.70 -80.21
C ARG RA 248 -22.37 -47.08 -80.75
N ILE RA 249 -23.30 -47.78 -80.07
CA ILE RA 249 -23.69 -49.10 -80.54
C ILE RA 249 -24.29 -49.03 -81.94
N GLU RA 250 -25.19 -48.07 -82.17
CA GLU RA 250 -25.77 -47.96 -83.49
C GLU RA 250 -24.75 -47.58 -84.55
N ALA RA 251 -23.80 -46.70 -84.24
CA ALA RA 251 -22.80 -46.31 -85.22
C ALA RA 251 -21.82 -47.43 -85.55
N ILE RA 252 -21.48 -48.30 -84.60
CA ILE RA 252 -20.64 -49.43 -84.94
C ILE RA 252 -21.41 -50.50 -85.71
N LEU RA 253 -22.66 -50.78 -85.34
CA LEU RA 253 -23.39 -51.87 -85.97
C LEU RA 253 -24.07 -51.48 -87.29
N SER RA 254 -24.19 -50.20 -87.59
CA SER RA 254 -24.86 -49.82 -88.83
C SER RA 254 -24.11 -50.25 -90.09
N PRO RA 255 -22.80 -50.04 -90.25
CA PRO RA 255 -22.17 -50.38 -91.53
C PRO RA 255 -22.32 -51.84 -91.92
N ILE RA 256 -22.52 -52.74 -90.97
CA ILE RA 256 -22.66 -54.16 -91.31
C ILE RA 256 -24.05 -54.46 -91.85
N VAL RA 257 -25.09 -54.03 -91.12
CA VAL RA 257 -26.45 -54.44 -91.43
C VAL RA 257 -27.22 -53.44 -92.29
N GLY RA 258 -26.79 -52.19 -92.34
CA GLY RA 258 -27.43 -51.18 -93.17
C GLY RA 258 -27.53 -49.84 -92.47
N ASN RA 259 -28.13 -48.90 -93.18
CA ASN RA 259 -28.23 -47.54 -92.67
C ASN RA 259 -29.06 -47.48 -91.39
N GLY RA 260 -30.30 -47.96 -91.43
CA GLY RA 260 -31.18 -47.80 -90.29
C GLY RA 260 -31.96 -49.05 -89.94
N ASN RA 261 -31.36 -50.21 -90.15
CA ASN RA 261 -32.01 -51.48 -89.88
C ASN RA 261 -31.66 -52.04 -88.51
N VAL RA 262 -31.40 -51.18 -87.53
CA VAL RA 262 -31.09 -51.60 -86.18
C VAL RA 262 -31.45 -50.48 -85.22
N HIS RA 263 -31.96 -50.86 -84.05
CA HIS RA 263 -32.26 -49.92 -82.98
C HIS RA 263 -31.84 -50.52 -81.66
N ALA RA 264 -31.48 -49.67 -80.71
CA ALA RA 264 -31.04 -50.11 -79.40
C ALA RA 264 -31.49 -49.13 -78.34
N GLN RA 265 -31.77 -49.66 -77.15
CA GLN RA 265 -32.15 -48.85 -76.00
C GLN RA 265 -31.45 -49.43 -74.78
N VAL RA 266 -30.81 -48.57 -74.00
CA VAL RA 266 -29.99 -49.00 -72.88
C VAL RA 266 -30.52 -48.37 -71.61
N THR RA 267 -30.43 -49.11 -70.51
CA THR RA 267 -30.88 -48.63 -69.20
C THR RA 267 -29.70 -48.69 -68.24
N ALA RA 268 -29.28 -47.54 -67.75
CA ALA RA 268 -28.08 -47.42 -66.92
C ALA RA 268 -28.47 -47.27 -65.46
N GLN RA 269 -27.96 -48.16 -64.62
CA GLN RA 269 -28.14 -48.06 -63.18
C GLN RA 269 -26.97 -47.26 -62.61
N LEU RA 270 -27.17 -45.96 -62.41
CA LEU RA 270 -26.12 -45.11 -61.89
C LEU RA 270 -26.15 -45.10 -60.38
N ASP RA 271 -25.01 -44.79 -59.78
CA ASP RA 271 -24.89 -44.74 -58.32
C ASP RA 271 -24.42 -43.35 -57.93
N PHE RA 272 -25.12 -42.74 -56.98
CA PHE RA 272 -24.80 -41.39 -56.53
C PHE RA 272 -24.49 -41.33 -55.04
N ALA RA 273 -24.33 -42.46 -54.39
CA ALA RA 273 -24.07 -42.45 -52.96
C ALA RA 273 -22.65 -42.02 -52.67
N ASN RA 274 -22.50 -40.89 -51.98
CA ASN RA 274 -21.19 -40.42 -51.56
C ASN RA 274 -20.54 -41.44 -50.65
N LYS RA 275 -19.27 -41.76 -50.91
CA LYS RA 275 -18.63 -42.90 -50.24
C LYS RA 275 -17.16 -42.58 -50.04
N GLU RA 276 -16.65 -42.82 -48.84
CA GLU RA 276 -15.24 -42.73 -48.54
C GLU RA 276 -14.70 -44.11 -48.18
N GLN RA 277 -13.43 -44.16 -47.80
CA GLN RA 277 -12.81 -45.40 -47.38
C GLN RA 277 -11.44 -45.12 -46.80
N THR RA 278 -10.95 -46.00 -45.94
CA THR RA 278 -9.61 -45.90 -45.37
C THR RA 278 -9.11 -47.29 -45.02
N GLU RA 279 -8.33 -47.90 -45.91
CA GLU RA 279 -7.69 -49.15 -45.56
C GLU RA 279 -6.49 -48.90 -44.64
N GLU RA 280 -6.01 -49.97 -44.04
CA GLU RA 280 -4.75 -49.92 -43.28
C GLU RA 280 -4.21 -51.33 -43.24
N HIS RA 281 -3.25 -51.63 -44.10
CA HIS RA 281 -2.78 -53.00 -44.28
C HIS RA 281 -1.44 -53.21 -43.60
N TYR RA 282 -1.28 -54.38 -42.98
CA TYR RA 282 -0.06 -54.74 -42.29
C TYR RA 282 0.47 -56.05 -42.83
N SER RA 283 1.74 -56.07 -43.17
CA SER RA 283 2.30 -57.32 -43.66
C SER RA 283 2.66 -58.22 -42.48
N PRO RA 284 2.41 -59.52 -42.60
CA PRO RA 284 2.68 -60.41 -41.47
C PRO RA 284 4.17 -60.54 -41.20
N ASN RA 285 4.53 -60.51 -39.92
CA ASN RA 285 5.90 -60.70 -39.49
C ASN RA 285 5.99 -61.81 -38.45
N GLY RA 286 5.12 -62.81 -38.55
CA GLY RA 286 5.18 -63.91 -37.62
C GLY RA 286 6.37 -64.81 -37.86
N ASP RA 287 6.64 -65.14 -39.11
CA ASP RA 287 7.74 -66.03 -39.43
C ASP RA 287 9.06 -65.33 -39.13
N ALA RA 288 9.97 -66.05 -38.47
CA ALA RA 288 11.24 -65.47 -38.07
C ALA RA 288 12.18 -65.23 -39.24
N SER RA 289 11.83 -65.68 -40.44
CA SER RA 289 12.71 -65.51 -41.60
C SER RA 289 12.81 -64.06 -42.05
N LYS RA 290 11.74 -63.28 -41.91
CA LYS RA 290 11.80 -61.88 -42.28
C LYS RA 290 11.15 -60.96 -41.24
N ALA RA 291 11.26 -61.28 -39.96
CA ALA RA 291 10.89 -60.32 -38.93
C ALA RA 291 11.81 -59.11 -39.00
N THR RA 292 11.42 -58.04 -38.34
CA THR RA 292 12.21 -56.81 -38.29
C THR RA 292 12.36 -56.42 -36.83
N LEU RA 293 13.38 -56.98 -36.16
CA LEU RA 293 13.60 -56.73 -34.75
C LEU RA 293 14.17 -55.34 -34.56
N ARG RA 294 13.62 -54.59 -33.61
CA ARG RA 294 14.25 -53.34 -33.19
C ARG RA 294 15.06 -53.54 -31.93
N SER RA 295 14.55 -54.36 -31.02
CA SER RA 295 15.27 -54.74 -29.81
C SER RA 295 15.21 -56.26 -29.67
N ARG RA 296 15.78 -56.75 -28.57
CA ARG RA 296 15.71 -58.17 -28.24
C ARG RA 296 16.37 -58.36 -26.88
N GLN RA 297 16.06 -59.45 -26.20
CA GLN RA 297 16.74 -59.85 -24.99
C GLN RA 297 16.51 -61.33 -24.79
N LEU RA 298 17.57 -62.13 -24.86
CA LEU RA 298 17.45 -63.59 -24.84
C LEU RA 298 18.32 -64.13 -23.72
N ASN RA 299 17.70 -64.44 -22.58
CA ASN RA 299 18.40 -65.04 -21.46
C ASN RA 299 18.21 -66.55 -21.51
N ILE RA 300 19.27 -67.28 -21.19
CA ILE RA 300 19.26 -68.74 -21.23
C ILE RA 300 20.05 -69.24 -20.05
N SER RA 301 19.37 -69.89 -19.10
CA SER RA 301 20.02 -70.59 -18.02
C SER RA 301 19.89 -72.10 -18.24
N GLU RA 302 20.76 -72.86 -17.59
CA GLU RA 302 20.73 -74.32 -17.73
C GLU RA 302 21.58 -74.92 -16.63
N GLN RA 303 21.01 -75.84 -15.88
CA GLN RA 303 21.72 -76.52 -14.79
C GLN RA 303 21.64 -78.02 -14.99
N VAL RA 304 22.59 -78.75 -14.43
CA VAL RA 304 22.56 -80.20 -14.46
C VAL RA 304 22.97 -80.75 -13.09
N PRO RA 355 18.49 -84.27 -13.72
CA PRO RA 355 17.99 -83.03 -13.11
C PRO RA 355 18.21 -81.82 -14.00
N ARG RA 356 17.98 -82.00 -15.29
CA ARG RA 356 18.31 -80.99 -16.30
C ARG RA 356 17.30 -79.85 -16.23
N SER RA 357 17.43 -79.01 -15.21
CA SER RA 357 16.63 -77.79 -15.12
C SER RA 357 17.05 -76.85 -16.22
N THR RA 358 16.10 -76.05 -16.71
CA THR RA 358 16.36 -75.15 -17.83
C THR RA 358 15.63 -73.84 -17.59
N GLN RA 359 15.78 -72.91 -18.53
CA GLN RA 359 15.13 -71.61 -18.50
C GLN RA 359 15.39 -70.92 -19.83
N ARG RA 360 14.42 -70.13 -20.29
CA ARG RA 360 14.60 -69.39 -21.54
C ARG RA 360 13.63 -68.22 -21.57
N ASN RA 361 14.12 -67.03 -21.31
CA ASN RA 361 13.31 -65.82 -21.44
C ASN RA 361 13.68 -65.10 -22.73
N GLU RA 362 12.71 -64.41 -23.32
CA GLU RA 362 12.94 -63.76 -24.60
C GLU RA 362 11.95 -62.64 -24.79
N THR RA 363 12.42 -61.40 -24.73
CA THR RA 363 11.63 -60.23 -25.07
C THR RA 363 12.01 -59.75 -26.46
N SER RA 364 11.01 -59.35 -27.24
CA SER RA 364 11.26 -58.89 -28.60
C SER RA 364 10.38 -57.71 -28.91
N ASN RA 365 10.96 -56.67 -29.52
CA ASN RA 365 10.23 -55.54 -30.02
C ASN RA 365 10.38 -55.49 -31.53
N TYR RA 366 9.27 -55.40 -32.24
CA TYR RA 366 9.27 -55.54 -33.68
C TYR RA 366 9.04 -54.19 -34.35
N GLU RA 367 9.24 -54.17 -35.66
CA GLU RA 367 8.80 -53.08 -36.52
C GLU RA 367 7.99 -53.69 -37.65
N VAL RA 368 6.94 -52.99 -38.06
CA VAL RA 368 5.95 -53.56 -38.98
C VAL RA 368 5.76 -52.63 -40.17
N ASP RA 369 5.53 -53.23 -41.33
CA ASP RA 369 5.16 -52.48 -42.52
C ASP RA 369 3.81 -51.81 -42.31
N ARG RA 370 3.43 -50.95 -43.25
CA ARG RA 370 2.13 -50.30 -43.14
C ARG RA 370 1.76 -49.70 -44.49
N THR RA 371 0.50 -49.85 -44.88
CA THR RA 371 -0.05 -49.21 -46.05
C THR RA 371 -1.36 -48.53 -45.68
N ILE RA 372 -1.55 -47.30 -46.14
CA ILE RA 372 -2.73 -46.51 -45.80
C ILE RA 372 -3.23 -45.84 -47.06
N ARG RA 373 -4.46 -46.14 -47.46
CA ARG RA 373 -5.10 -45.51 -48.60
C ARG RA 373 -6.32 -44.74 -48.13
N HIS RA 374 -6.61 -43.63 -48.79
CA HIS RA 374 -7.80 -42.84 -48.50
C HIS RA 374 -8.56 -42.68 -49.80
N THR RA 375 -9.38 -43.67 -50.13
CA THR RA 375 -10.10 -43.72 -51.40
C THR RA 375 -11.45 -43.03 -51.23
N LYS RA 376 -11.65 -41.95 -51.97
CA LYS RA 376 -12.93 -41.24 -51.97
C LYS RA 376 -13.60 -41.50 -53.31
N MET RA 377 -14.58 -42.39 -53.30
CA MET RA 377 -15.21 -42.84 -54.53
C MET RA 377 -15.85 -41.67 -55.28
N ASN RA 378 -16.17 -41.92 -56.55
CA ASN RA 378 -16.76 -40.89 -57.39
C ASN RA 378 -18.27 -41.07 -57.43
N VAL RA 379 -18.99 -39.96 -57.54
CA VAL RA 379 -20.45 -39.98 -57.60
C VAL RA 379 -20.87 -39.83 -59.05
N GLY RA 380 -21.41 -40.90 -59.63
CA GLY RA 380 -21.85 -40.84 -61.01
C GLY RA 380 -21.28 -41.96 -61.87
N ASP RA 381 -20.81 -43.03 -61.24
CA ASP RA 381 -20.29 -44.15 -61.98
C ASP RA 381 -21.42 -45.08 -62.43
N ILE RA 382 -21.09 -45.99 -63.33
CA ILE RA 382 -22.06 -46.93 -63.88
C ILE RA 382 -21.97 -48.23 -63.10
N GLU RA 383 -23.03 -48.57 -62.38
CA GLU RA 383 -23.02 -49.79 -61.58
C GLU RA 383 -23.52 -51.00 -62.36
N ARG RA 384 -24.40 -50.78 -63.33
CA ARG RA 384 -24.96 -51.89 -64.08
C ARG RA 384 -25.58 -51.34 -65.36
N LEU RA 385 -25.53 -52.12 -66.42
CA LEU RA 385 -26.13 -51.76 -67.70
C LEU RA 385 -27.06 -52.86 -68.14
N SER RA 386 -27.95 -52.53 -69.08
CA SER RA 386 -28.84 -53.49 -69.71
C SER RA 386 -29.17 -52.96 -71.09
N VAL RA 387 -28.94 -53.77 -72.11
CA VAL RA 387 -29.05 -53.34 -73.49
C VAL RA 387 -29.97 -54.29 -74.24
N ALA RA 388 -30.89 -53.73 -75.02
CA ALA RA 388 -31.76 -54.50 -75.89
C ALA RA 388 -31.64 -53.95 -77.29
N VAL RA 389 -31.39 -54.82 -78.26
CA VAL RA 389 -31.12 -54.43 -79.64
C VAL RA 389 -32.00 -55.25 -80.56
N VAL RA 390 -32.60 -54.59 -81.54
CA VAL RA 390 -33.39 -55.24 -82.58
C VAL RA 390 -32.66 -55.10 -83.89
N VAL RA 391 -32.60 -56.18 -84.66
CA VAL RA 391 -31.95 -56.19 -85.97
C VAL RA 391 -32.98 -56.59 -87.00
N ASN RA 392 -32.82 -56.08 -88.22
CA ASN RA 392 -33.81 -56.29 -89.26
C ASN RA 392 -33.48 -57.53 -90.08
N TYR RA 393 -34.52 -58.12 -90.67
CA TYR RA 393 -34.33 -59.17 -91.65
C TYR RA 393 -33.78 -58.60 -92.95
N LYS RA 394 -33.48 -59.49 -93.89
CA LYS RA 394 -32.95 -59.08 -95.18
C LYS RA 394 -33.15 -60.17 -96.23
N LEU RA 402 -36.60 -64.38 -94.61
CA LEU RA 402 -35.38 -63.60 -94.80
C LEU RA 402 -34.55 -63.51 -93.52
N PRO RA 403 -34.20 -64.65 -92.93
CA PRO RA 403 -33.57 -64.63 -91.61
C PRO RA 403 -32.06 -64.42 -91.72
N LEU RA 404 -31.51 -63.69 -90.77
CA LEU RA 404 -30.06 -63.62 -90.64
C LEU RA 404 -29.54 -64.88 -89.97
N THR RA 405 -28.39 -65.35 -90.44
CA THR RA 405 -27.86 -66.63 -89.99
C THR RA 405 -27.40 -66.57 -88.53
N ALA RA 406 -26.87 -67.69 -88.06
CA ALA RA 406 -26.44 -67.78 -86.66
C ALA RA 406 -25.06 -67.20 -86.44
N ASP RA 407 -24.13 -67.40 -87.38
CA ASP RA 407 -22.79 -66.87 -87.23
C ASP RA 407 -22.79 -65.34 -87.25
N GLN RA 408 -23.51 -64.76 -88.20
CA GLN RA 408 -23.60 -63.31 -88.26
C GLN RA 408 -24.26 -62.74 -87.00
N MET RA 409 -25.31 -63.41 -86.51
CA MET RA 409 -25.91 -62.99 -85.26
C MET RA 409 -24.92 -63.05 -84.10
N LYS RA 410 -24.11 -64.10 -84.05
CA LYS RA 410 -23.16 -64.23 -82.94
C LYS RA 410 -22.09 -63.15 -83.01
N GLN RA 411 -21.57 -62.86 -84.20
CA GLN RA 411 -20.57 -61.82 -84.30
C GLN RA 411 -21.17 -60.44 -84.04
N ILE RA 412 -22.44 -60.24 -84.37
CA ILE RA 412 -23.08 -58.95 -84.06
C ILE RA 412 -23.27 -58.81 -82.56
N GLU RA 413 -23.71 -59.88 -81.90
CA GLU RA 413 -23.78 -59.87 -80.44
C GLU RA 413 -22.41 -59.56 -79.83
N ASP RA 414 -21.36 -60.12 -80.41
CA ASP RA 414 -20.03 -59.90 -79.85
C ASP RA 414 -19.56 -58.46 -80.05
N LEU RA 415 -19.80 -57.90 -81.24
CA LEU RA 415 -19.52 -56.49 -81.47
C LEU RA 415 -20.24 -55.62 -80.46
N THR RA 416 -21.53 -55.88 -80.23
CA THR RA 416 -22.28 -55.09 -79.28
C THR RA 416 -21.71 -55.22 -77.87
N ARG RA 417 -21.40 -56.45 -77.47
CA ARG RA 417 -20.80 -56.67 -76.16
C ARG RA 417 -19.52 -55.88 -76.00
N GLU RA 418 -18.68 -55.85 -77.02
CA GLU RA 418 -17.42 -55.11 -76.91
C GLU RA 418 -17.63 -53.60 -76.97
N ALA RA 419 -18.63 -53.14 -77.69
CA ALA RA 419 -18.89 -51.71 -77.80
C ALA RA 419 -19.57 -51.14 -76.57
N MET RA 420 -20.28 -51.97 -75.81
CA MET RA 420 -20.92 -51.49 -74.59
C MET RA 420 -19.90 -51.06 -73.56
N GLY RA 421 -18.84 -51.85 -73.40
CA GLY RA 421 -18.03 -51.77 -72.21
C GLY RA 421 -18.47 -52.86 -71.27
N PHE RA 422 -18.82 -54.01 -71.86
CA PHE RA 422 -19.41 -55.10 -71.11
C PHE RA 422 -18.46 -55.58 -70.02
N SER RA 423 -19.04 -56.07 -68.93
CA SER RA 423 -18.26 -56.57 -67.81
C SER RA 423 -19.11 -57.50 -66.97
N ASP RA 424 -18.73 -58.78 -66.94
CA ASP RA 424 -19.42 -59.75 -66.10
C ASP RA 424 -19.23 -59.48 -64.61
N LYS RA 425 -18.42 -58.50 -64.24
CA LYS RA 425 -18.32 -58.12 -62.83
C LYS RA 425 -19.56 -57.36 -62.38
N ARG RA 426 -19.97 -56.36 -63.15
CA ARG RA 426 -21.09 -55.52 -62.76
C ARG RA 426 -22.43 -56.23 -62.95
N GLY RA 427 -22.44 -57.39 -63.58
CA GLY RA 427 -23.69 -58.09 -63.82
C GLY RA 427 -24.45 -57.54 -65.01
N ASP RA 428 -23.75 -56.99 -65.99
CA ASP RA 428 -24.42 -56.42 -67.15
C ASP RA 428 -25.15 -57.49 -67.94
N THR RA 429 -26.15 -57.07 -68.69
CA THR RA 429 -27.01 -57.97 -69.44
C THR RA 429 -27.20 -57.44 -70.86
N LEU RA 430 -27.13 -58.34 -71.83
CA LEU RA 430 -27.32 -58.01 -73.22
C LEU RA 430 -28.26 -59.03 -73.84
N ASN RA 431 -29.11 -58.58 -74.76
CA ASN RA 431 -29.92 -59.49 -75.55
C ASN RA 431 -30.27 -58.86 -76.88
N VAL RA 432 -29.84 -59.52 -77.96
CA VAL RA 432 -30.10 -59.07 -79.32
C VAL RA 432 -31.07 -60.06 -79.97
N VAL RA 433 -32.15 -59.53 -80.53
CA VAL RA 433 -33.17 -60.37 -81.15
C VAL RA 433 -33.37 -59.91 -82.59
N ASN RA 434 -33.78 -60.85 -83.43
CA ASN RA 434 -34.00 -60.60 -84.85
C ASN RA 434 -35.47 -60.84 -85.16
N SER RA 435 -36.12 -59.82 -85.73
CA SER RA 435 -37.53 -59.91 -86.06
C SER RA 435 -37.82 -58.94 -87.19
N PRO RA 436 -38.73 -59.28 -88.11
CA PRO RA 436 -38.96 -58.42 -89.26
C PRO RA 436 -39.56 -57.09 -88.83
N PHE RA 437 -39.17 -56.03 -89.53
CA PHE RA 437 -39.66 -54.70 -89.18
C PHE RA 437 -40.97 -54.43 -89.92
N SER RA 438 -41.64 -53.34 -89.55
CA SER RA 438 -42.90 -52.96 -90.18
C SER RA 438 -43.12 -51.46 -90.01
N ASP SA 232 -45.19 -33.56 -52.03
CA ASP SA 232 -45.09 -32.39 -52.90
C ASP SA 232 -44.42 -32.71 -54.24
N ALA SA 233 -43.10 -32.57 -54.31
CA ALA SA 233 -42.40 -32.80 -55.58
C ALA SA 233 -42.08 -34.27 -55.83
N GLN SA 234 -42.16 -35.11 -54.79
CA GLN SA 234 -41.86 -36.52 -54.95
C GLN SA 234 -42.72 -37.16 -56.03
N LEU SA 235 -43.98 -36.77 -56.11
CA LEU SA 235 -44.85 -37.30 -57.16
C LEU SA 235 -44.36 -36.92 -58.54
N LYS SA 236 -43.88 -35.68 -58.70
CA LYS SA 236 -43.39 -35.25 -60.00
C LYS SA 236 -42.13 -36.01 -60.39
N PHE SA 237 -41.22 -36.21 -59.45
CA PHE SA 237 -40.01 -36.98 -59.74
C PHE SA 237 -40.36 -38.42 -60.14
N ALA SA 238 -41.25 -39.06 -59.38
CA ALA SA 238 -41.66 -40.41 -59.72
C ALA SA 238 -42.32 -40.47 -61.09
N ASN SA 239 -43.17 -39.47 -61.40
CA ASN SA 239 -43.81 -39.43 -62.71
C ASN SA 239 -42.77 -39.32 -63.82
N ASP SA 240 -41.73 -38.51 -63.61
CA ASP SA 240 -40.69 -38.40 -64.63
C ASP SA 240 -39.97 -39.73 -64.86
N VAL SA 241 -39.61 -40.41 -63.77
CA VAL SA 241 -38.93 -41.71 -63.92
C VAL SA 241 -39.83 -42.69 -64.67
N GLU SA 242 -41.10 -42.77 -64.27
CA GLU SA 242 -42.03 -43.67 -64.94
C GLU SA 242 -42.17 -43.32 -66.42
N SER SA 243 -42.19 -42.03 -66.75
CA SER SA 243 -42.31 -41.64 -68.15
C SER SA 243 -41.10 -42.07 -68.95
N ARG SA 244 -39.90 -41.90 -68.37
CA ARG SA 244 -38.69 -42.38 -69.03
C ARG SA 244 -38.79 -43.86 -69.36
N ILE SA 245 -39.08 -44.68 -68.35
CA ILE SA 245 -39.09 -46.12 -68.58
C ILE SA 245 -40.17 -46.50 -69.59
N GLN SA 246 -41.33 -45.85 -69.52
CA GLN SA 246 -42.41 -46.18 -70.43
C GLN SA 246 -42.05 -45.84 -71.87
N ARG SA 247 -41.52 -44.64 -72.10
CA ARG SA 247 -41.17 -44.26 -73.47
C ARG SA 247 -40.06 -45.15 -74.01
N ARG SA 248 -39.13 -45.57 -73.15
CA ARG SA 248 -38.07 -46.46 -73.64
C ARG SA 248 -38.62 -47.82 -74.03
N ILE SA 249 -39.48 -48.40 -73.20
CA ILE SA 249 -40.06 -49.70 -73.54
C ILE SA 249 -40.86 -49.62 -74.82
N GLU SA 250 -41.70 -48.60 -74.95
CA GLU SA 250 -42.47 -48.48 -76.18
C GLU SA 250 -41.60 -48.24 -77.40
N ALA SA 251 -40.54 -47.44 -77.29
CA ALA SA 251 -39.67 -47.18 -78.42
C ALA SA 251 -38.86 -48.39 -78.85
N ILE SA 252 -38.46 -49.25 -77.91
CA ILE SA 252 -37.78 -50.47 -78.33
C ILE SA 252 -38.74 -51.50 -78.91
N LEU SA 253 -39.94 -51.64 -78.34
CA LEU SA 253 -40.85 -52.67 -78.80
C LEU SA 253 -41.69 -52.29 -80.01
N SER SA 254 -41.75 -51.00 -80.36
CA SER SA 254 -42.57 -50.61 -81.50
C SER SA 254 -42.07 -51.16 -82.83
N PRO SA 255 -40.78 -51.08 -83.19
CA PRO SA 255 -40.39 -51.52 -84.55
C PRO SA 255 -40.72 -52.97 -84.83
N ILE SA 256 -40.85 -53.82 -83.81
CA ILE SA 256 -41.15 -55.23 -84.06
C ILE SA 256 -42.64 -55.41 -84.37
N VAL SA 257 -43.50 -54.87 -83.50
CA VAL SA 257 -44.93 -55.17 -83.59
C VAL SA 257 -45.72 -54.13 -84.37
N GLY SA 258 -45.22 -52.92 -84.54
CA GLY SA 258 -45.89 -51.90 -85.31
C GLY SA 258 -45.77 -50.53 -84.68
N ASN SA 259 -46.39 -49.56 -85.34
CA ASN SA 259 -46.29 -48.18 -84.89
C ASN SA 259 -46.90 -48.00 -83.50
N GLY SA 260 -48.17 -48.37 -83.32
CA GLY SA 260 -48.85 -48.08 -82.07
C GLY SA 260 -49.66 -49.24 -81.55
N ASN SA 261 -49.20 -50.46 -81.80
CA ASN SA 261 -49.91 -51.65 -81.36
C ASN SA 261 -49.40 -52.19 -80.04
N VAL SA 262 -48.91 -51.32 -79.15
CA VAL SA 262 -48.43 -51.73 -77.84
C VAL SA 262 -48.55 -50.54 -76.89
N HIS SA 263 -48.90 -50.83 -75.64
CA HIS SA 263 -48.95 -49.81 -74.59
C HIS SA 263 -48.37 -50.41 -73.32
N ALA SA 264 -47.80 -49.55 -72.47
CA ALA SA 264 -47.20 -50.00 -71.24
C ALA SA 264 -47.39 -48.94 -70.17
N GLN SA 265 -47.53 -49.39 -68.92
CA GLN SA 265 -47.65 -48.51 -67.77
C GLN SA 265 -46.82 -49.11 -66.64
N VAL SA 266 -46.00 -48.28 -66.01
CA VAL SA 266 -45.04 -48.74 -65.01
C VAL SA 266 -45.32 -48.03 -63.70
N THR SA 267 -45.13 -48.72 -62.60
CA THR SA 267 -45.31 -48.15 -61.26
C THR SA 267 -44.02 -48.29 -60.49
N ALA SA 268 -43.43 -47.16 -60.13
CA ALA SA 268 -42.11 -47.12 -59.51
C ALA SA 268 -42.25 -46.89 -58.02
N GLN SA 269 -41.70 -47.78 -57.21
CA GLN SA 269 -41.63 -47.62 -55.77
C GLN SA 269 -40.33 -46.92 -55.42
N LEU SA 270 -40.39 -45.59 -55.27
CA LEU SA 270 -39.20 -44.81 -54.96
C LEU SA 270 -38.99 -44.75 -53.46
N ASP SA 271 -37.75 -44.52 -53.05
CA ASP SA 271 -37.40 -44.43 -51.64
C ASP SA 271 -36.76 -43.07 -51.39
N PHE SA 272 -37.25 -42.37 -50.38
CA PHE SA 272 -36.75 -41.04 -50.05
C PHE SA 272 -36.20 -40.94 -48.63
N ALA SA 273 -36.05 -42.07 -47.96
CA ALA SA 273 -35.56 -42.03 -46.58
C ALA SA 273 -34.07 -41.72 -46.54
N ASN SA 274 -33.73 -40.57 -45.94
CA ASN SA 274 -32.33 -40.22 -45.75
C ASN SA 274 -31.64 -41.26 -44.90
N LYS SA 275 -30.45 -41.71 -45.32
CA LYS SA 275 -29.82 -42.87 -44.71
C LYS SA 275 -28.32 -42.67 -44.75
N GLU SA 276 -27.65 -42.91 -43.62
CA GLU SA 276 -26.20 -42.95 -43.56
C GLU SA 276 -25.73 -44.36 -43.22
N GLN SA 277 -24.43 -44.51 -43.03
CA GLN SA 277 -23.86 -45.79 -42.65
C GLN SA 277 -22.39 -45.60 -42.29
N THR SA 278 -21.87 -46.50 -41.47
CA THR SA 278 -20.44 -46.50 -41.12
C THR SA 278 -20.00 -47.93 -40.79
N GLU SA 279 -19.43 -48.63 -41.76
CA GLU SA 279 -18.85 -49.92 -41.43
C GLU SA 279 -17.52 -49.74 -40.73
N GLU SA 280 -17.02 -50.82 -40.15
CA GLU SA 280 -15.67 -50.85 -39.61
C GLU SA 280 -15.25 -52.32 -39.56
N HIS SA 281 -14.46 -52.74 -40.54
CA HIS SA 281 -14.14 -54.14 -40.73
C HIS SA 281 -12.74 -54.45 -40.24
N TYR SA 282 -12.59 -55.61 -39.61
CA TYR SA 282 -11.30 -56.05 -39.08
C TYR SA 282 -10.98 -57.43 -39.64
N SER SA 283 -9.78 -57.57 -40.17
CA SER SA 283 -9.42 -58.88 -40.67
C SER SA 283 -8.96 -59.77 -39.52
N PRO SA 284 -9.32 -61.05 -39.53
CA PRO SA 284 -8.96 -61.93 -38.42
C PRO SA 284 -7.46 -62.17 -38.37
N ASN SA 285 -6.91 -62.13 -37.16
CA ASN SA 285 -5.50 -62.43 -36.93
C ASN SA 285 -5.35 -63.49 -35.86
N GLY SA 286 -6.30 -64.41 -35.78
CA GLY SA 286 -6.19 -65.49 -34.81
C GLY SA 286 -5.13 -66.50 -35.18
N ASP SA 287 -5.08 -66.89 -36.45
CA ASP SA 287 -4.13 -67.90 -36.89
C ASP SA 287 -2.73 -67.31 -36.82
N ALA SA 288 -1.79 -68.08 -36.28
CA ALA SA 288 -0.43 -67.61 -36.10
C ALA SA 288 0.34 -67.49 -37.42
N SER SA 289 -0.23 -67.96 -38.52
CA SER SA 289 0.45 -67.91 -39.82
C SER SA 289 0.62 -66.50 -40.34
N LYS SA 290 -0.34 -65.61 -40.08
CA LYS SA 290 -0.23 -64.23 -40.53
C LYS SA 290 -0.63 -63.23 -39.46
N ALA SA 291 -0.34 -63.51 -38.19
CA ALA SA 291 -0.48 -62.48 -37.17
C ALA SA 291 0.54 -61.37 -37.42
N THR SA 292 0.33 -60.24 -36.78
CA THR SA 292 1.22 -59.10 -36.91
C THR SA 292 1.64 -58.66 -35.52
N LEU SA 293 2.69 -59.28 -34.99
CA LEU SA 293 3.15 -58.99 -33.64
C LEU SA 293 3.87 -57.66 -33.60
N ARG SA 294 3.53 -56.84 -32.62
CA ARG SA 294 4.32 -55.63 -32.37
C ARG SA 294 5.30 -55.86 -31.23
N SER SA 295 4.88 -56.59 -30.21
CA SER SA 295 5.73 -57.00 -29.11
C SER SA 295 5.57 -58.49 -28.88
N ARG SA 296 6.25 -58.99 -27.86
CA ARG SA 296 6.12 -60.39 -27.45
C ARG SA 296 6.97 -60.58 -26.21
N GLN SA 297 6.67 -61.61 -25.43
CA GLN SA 297 7.51 -62.03 -24.32
C GLN SA 297 7.18 -63.48 -24.01
N LEU SA 298 8.15 -64.37 -24.20
CA LEU SA 298 7.92 -65.81 -24.10
C LEU SA 298 8.89 -66.39 -23.09
N ASN SA 299 8.44 -66.60 -21.86
CA ASN SA 299 9.25 -67.22 -20.82
C ASN SA 299 8.93 -68.70 -20.77
N ILE SA 300 9.96 -69.52 -20.59
CA ILE SA 300 9.81 -70.97 -20.54
C ILE SA 300 10.74 -71.50 -19.47
N SER SA 301 10.17 -72.04 -18.40
CA SER SA 301 10.92 -72.76 -17.39
C SER SA 301 10.63 -74.25 -17.52
N GLU SA 302 11.52 -75.08 -16.97
CA GLU SA 302 11.34 -76.52 -17.04
C GLU SA 302 12.31 -77.16 -16.05
N GLN SA 303 11.78 -78.01 -15.16
CA GLN SA 303 12.58 -78.70 -14.17
C GLN SA 303 12.35 -80.19 -14.27
N VAL SA 304 13.32 -80.98 -13.84
CA VAL SA 304 13.16 -82.43 -13.78
C VAL SA 304 13.73 -82.96 -12.47
N PRO SA 355 8.93 -86.08 -12.22
CA PRO SA 355 8.63 -84.78 -11.61
C PRO SA 355 8.81 -83.63 -12.58
N ARG SA 356 8.37 -83.82 -13.82
CA ARG SA 356 8.63 -82.89 -14.91
C ARG SA 356 7.74 -81.66 -14.75
N SER SA 357 8.09 -80.81 -13.80
CA SER SA 357 7.42 -79.52 -13.64
C SER SA 357 7.74 -78.65 -14.86
N THR SA 358 6.80 -77.78 -15.23
CA THR SA 358 6.96 -76.96 -16.42
C THR SA 358 6.39 -75.58 -16.14
N GLN SA 359 6.46 -74.70 -17.14
CA GLN SA 359 5.94 -73.35 -17.07
C GLN SA 359 6.05 -72.73 -18.45
N ARG SA 360 5.09 -71.88 -18.81
CA ARG SA 360 5.13 -71.21 -20.11
C ARG SA 360 4.26 -69.95 -20.04
N ASN SA 361 4.90 -68.79 -19.92
CA ASN SA 361 4.18 -67.53 -19.98
C ASN SA 361 4.40 -66.90 -21.35
N GLU SA 362 3.42 -66.14 -21.82
CA GLU SA 362 3.50 -65.57 -23.16
C GLU SA 362 2.58 -64.36 -23.26
N THR SA 363 3.17 -63.17 -23.32
CA THR SA 363 2.42 -61.95 -23.60
C THR SA 363 2.62 -61.56 -25.05
N SER SA 364 1.55 -61.09 -25.69
CA SER SA 364 1.63 -60.72 -27.09
C SER SA 364 0.81 -59.46 -27.33
N ASN SA 365 1.38 -58.52 -28.07
CA ASN SA 365 0.67 -57.32 -28.51
C ASN SA 365 0.60 -57.36 -30.02
N TYR SA 366 -0.61 -57.19 -30.57
CA TYR SA 366 -0.84 -57.37 -31.98
C TYR SA 366 -1.06 -56.04 -32.67
N GLU SA 367 -1.07 -56.09 -34.00
CA GLU SA 367 -1.53 -55.00 -34.84
C GLU SA 367 -2.56 -55.57 -35.79
N VAL SA 368 -3.61 -54.80 -36.08
CA VAL SA 368 -4.76 -55.30 -36.80
C VAL SA 368 -5.05 -54.41 -37.99
N ASP SA 369 -5.52 -55.03 -39.07
CA ASP SA 369 -6.01 -54.28 -40.22
C ASP SA 369 -7.25 -53.49 -39.85
N ARG SA 370 -7.70 -52.64 -40.76
CA ARG SA 370 -8.91 -51.86 -40.50
C ARG SA 370 -9.44 -51.29 -41.80
N THR SA 371 -10.74 -51.33 -41.97
CA THR SA 371 -11.41 -50.68 -43.09
C THR SA 371 -12.59 -49.88 -42.56
N ILE SA 372 -12.75 -48.65 -43.04
CA ILE SA 372 -13.79 -47.75 -42.56
C ILE SA 372 -14.42 -47.09 -43.77
N ARG SA 373 -15.72 -47.29 -43.95
CA ARG SA 373 -16.47 -46.65 -45.02
C ARG SA 373 -17.53 -45.75 -44.40
N HIS SA 374 -17.82 -44.63 -45.07
CA HIS SA 374 -18.89 -43.73 -44.65
C HIS SA 374 -19.83 -43.55 -45.82
N THR SA 375 -20.77 -44.48 -45.97
CA THR SA 375 -21.67 -44.50 -47.11
C THR SA 375 -22.91 -43.70 -46.77
N LYS SA 376 -23.14 -42.62 -47.52
CA LYS SA 376 -24.33 -41.81 -47.37
C LYS SA 376 -25.23 -42.06 -48.57
N MET SA 377 -26.27 -42.85 -48.37
CA MET SA 377 -27.12 -43.28 -49.48
C MET SA 377 -27.77 -42.09 -50.16
N ASN SA 378 -28.29 -42.35 -51.36
CA ASN SA 378 -28.93 -41.30 -52.15
C ASN SA 378 -30.43 -41.34 -51.95
N VAL SA 379 -31.07 -40.17 -52.01
CA VAL SA 379 -32.51 -40.07 -51.84
C VAL SA 379 -33.15 -39.93 -53.22
N GLY SA 380 -33.86 -40.97 -53.64
CA GLY SA 380 -34.50 -40.93 -54.94
C GLY SA 380 -34.16 -42.12 -55.83
N ASP SA 381 -33.70 -43.20 -55.22
CA ASP SA 381 -33.40 -44.40 -55.97
C ASP SA 381 -34.66 -45.23 -56.20
N ILE SA 382 -34.55 -46.20 -57.10
CA ILE SA 382 -35.67 -47.08 -57.44
C ILE SA 382 -35.57 -48.35 -56.62
N GLU SA 383 -36.53 -48.56 -55.73
CA GLU SA 383 -36.49 -49.75 -54.88
C GLU SA 383 -37.21 -50.93 -55.51
N ARG SA 384 -38.21 -50.67 -56.34
CA ARG SA 384 -38.97 -51.75 -56.95
C ARG SA 384 -39.74 -51.20 -58.14
N LEU SA 385 -39.92 -52.03 -59.16
CA LEU SA 385 -40.67 -51.66 -60.35
C LEU SA 385 -41.76 -52.68 -60.59
N SER SA 386 -42.75 -52.30 -61.38
CA SER SA 386 -43.80 -53.20 -61.83
C SER SA 386 -44.30 -52.69 -63.17
N VAL SA 387 -44.30 -53.56 -64.18
CA VAL SA 387 -44.59 -53.16 -65.55
C VAL SA 387 -45.69 -54.05 -66.09
N ALA SA 388 -46.67 -53.44 -66.74
CA ALA SA 388 -47.73 -54.16 -67.43
C ALA SA 388 -47.78 -53.68 -68.87
N VAL SA 389 -47.75 -54.61 -69.81
CA VAL SA 389 -47.68 -54.29 -71.23
C VAL SA 389 -48.76 -55.06 -71.97
N VAL SA 390 -49.45 -54.39 -72.89
CA VAL SA 390 -50.45 -55.00 -73.74
C VAL SA 390 -49.92 -54.98 -75.17
N VAL SA 391 -50.07 -56.09 -75.88
CA VAL SA 391 -49.63 -56.21 -77.27
C VAL SA 391 -50.84 -56.55 -78.12
N ASN SA 392 -50.83 -56.10 -79.36
CA ASN SA 392 -51.98 -56.25 -80.23
C ASN SA 392 -51.90 -57.55 -81.02
N TYR SA 393 -53.06 -58.06 -81.42
CA TYR SA 393 -53.12 -59.16 -82.37
C TYR SA 393 -52.73 -58.68 -83.76
N LYS SA 394 -52.65 -59.64 -84.68
CA LYS SA 394 -52.30 -59.33 -86.06
C LYS SA 394 -52.75 -60.43 -87.01
N LEU SA 402 -56.26 -64.25 -84.67
CA LEU SA 402 -55.02 -63.59 -85.09
C LEU SA 402 -54.00 -63.53 -83.95
N PRO SA 403 -53.65 -64.68 -83.37
CA PRO SA 403 -52.82 -64.67 -82.16
C PRO SA 403 -51.34 -64.60 -82.51
N LEU SA 404 -50.58 -63.87 -81.69
CA LEU SA 404 -49.13 -63.94 -81.80
C LEU SA 404 -48.61 -65.22 -81.14
N THR SA 405 -47.60 -65.81 -81.76
CA THR SA 405 -47.11 -67.11 -81.33
C THR SA 405 -46.43 -67.04 -79.97
N ALA SA 406 -45.93 -68.19 -79.52
CA ALA SA 406 -45.30 -68.27 -78.20
C ALA SA 406 -43.86 -67.79 -78.23
N ASP SA 407 -43.12 -68.12 -79.30
CA ASP SA 407 -41.71 -67.71 -79.37
C ASP SA 407 -41.59 -66.19 -79.46
N GLN SA 408 -42.40 -65.57 -80.33
CA GLN SA 408 -42.39 -64.12 -80.44
C GLN SA 408 -42.79 -63.47 -79.13
N MET SA 409 -43.79 -64.01 -78.45
CA MET SA 409 -44.16 -63.49 -77.14
C MET SA 409 -43.01 -63.60 -76.15
N LYS SA 410 -42.28 -64.72 -76.17
CA LYS SA 410 -41.20 -64.88 -75.22
C LYS SA 410 -40.05 -63.91 -75.50
N GLN SA 411 -39.71 -63.73 -76.77
CA GLN SA 411 -38.65 -62.78 -77.07
C GLN SA 411 -39.08 -61.34 -76.79
N ILE SA 412 -40.37 -61.03 -76.93
CA ILE SA 412 -40.84 -59.69 -76.60
C ILE SA 412 -40.78 -59.47 -75.09
N GLU SA 413 -41.20 -60.47 -74.32
CA GLU SA 413 -41.04 -60.40 -72.87
C GLU SA 413 -39.58 -60.20 -72.50
N ASP SA 414 -38.67 -60.86 -73.20
CA ASP SA 414 -37.26 -60.76 -72.85
C ASP SA 414 -36.72 -59.37 -73.20
N LEU SA 415 -37.09 -58.84 -74.37
CA LEU SA 415 -36.72 -57.46 -74.71
C LEU SA 415 -37.20 -56.49 -73.64
N THR SA 416 -38.45 -56.64 -73.21
CA THR SA 416 -38.99 -55.74 -72.19
C THR SA 416 -38.21 -55.87 -70.89
N ARG SA 417 -37.95 -57.11 -70.47
CA ARG SA 417 -37.17 -57.33 -69.26
C ARG SA 417 -35.82 -56.65 -69.33
N GLU SA 418 -35.14 -56.75 -70.47
CA GLU SA 418 -33.83 -56.12 -70.59
C GLU SA 418 -33.91 -54.60 -70.71
N ALA SA 419 -34.99 -54.07 -71.28
CA ALA SA 419 -35.13 -52.64 -71.42
C ALA SA 419 -35.56 -51.95 -70.14
N MET SA 420 -36.21 -52.68 -69.23
CA MET SA 420 -36.61 -52.11 -67.96
C MET SA 420 -35.39 -51.74 -67.12
N GLY SA 421 -34.40 -52.61 -67.07
CA GLY SA 421 -33.40 -52.55 -66.04
C GLY SA 421 -33.79 -53.57 -64.99
N PHE SA 422 -34.32 -54.70 -65.46
CA PHE SA 422 -34.88 -55.71 -64.57
C PHE SA 422 -33.82 -56.23 -63.61
N SER SA 423 -34.26 -56.63 -62.42
CA SER SA 423 -33.36 -57.15 -61.41
C SER SA 423 -34.14 -57.98 -60.41
N ASP SA 424 -33.87 -59.28 -60.36
CA ASP SA 424 -34.49 -60.15 -59.39
C ASP SA 424 -34.05 -59.85 -57.96
N LYS SA 425 -33.12 -58.92 -57.77
CA LYS SA 425 -32.76 -58.50 -56.42
C LYS SA 425 -33.85 -57.62 -55.82
N ARG SA 426 -34.29 -56.62 -56.56
CA ARG SA 426 -35.27 -55.68 -56.05
C ARG SA 426 -36.67 -56.26 -55.99
N GLY SA 427 -36.87 -57.45 -56.56
CA GLY SA 427 -38.20 -58.02 -56.57
C GLY SA 427 -39.09 -57.44 -57.65
N ASP SA 428 -38.51 -57.01 -58.77
CA ASP SA 428 -39.30 -56.41 -59.83
C ASP SA 428 -40.23 -57.45 -60.44
N THR SA 429 -41.31 -56.96 -61.06
CA THR SA 429 -42.34 -57.81 -61.62
C THR SA 429 -42.70 -57.32 -63.01
N LEU SA 430 -42.86 -58.26 -63.93
CA LEU SA 430 -43.24 -57.96 -65.30
C LEU SA 430 -44.34 -58.91 -65.72
N ASN SA 431 -45.29 -58.42 -66.51
CA ASN SA 431 -46.29 -59.29 -67.12
C ASN SA 431 -46.79 -58.69 -68.42
N VAL SA 432 -46.59 -59.41 -69.52
CA VAL SA 432 -47.02 -58.99 -70.84
C VAL SA 432 -48.16 -59.91 -71.28
N VAL SA 433 -49.26 -59.32 -71.70
CA VAL SA 433 -50.44 -60.07 -72.12
C VAL SA 433 -50.81 -59.65 -73.53
N ASN SA 434 -51.43 -60.58 -74.24
CA ASN SA 434 -51.85 -60.36 -75.62
C ASN SA 434 -53.37 -60.48 -75.71
N SER SA 435 -54.02 -59.42 -76.22
CA SER SA 435 -55.46 -59.40 -76.32
C SER SA 435 -55.84 -58.44 -77.44
N PRO SA 436 -56.90 -58.74 -78.19
CA PRO SA 436 -57.24 -57.90 -79.34
C PRO SA 436 -57.65 -56.51 -78.90
N PHE SA 437 -57.29 -55.51 -79.68
CA PHE SA 437 -57.60 -54.14 -79.34
C PHE SA 437 -58.98 -53.77 -79.89
N SER SA 438 -59.49 -52.61 -79.47
CA SER SA 438 -60.79 -52.15 -79.92
C SER SA 438 -60.87 -50.63 -79.81
N ASP TA 232 -55.44 -31.21 -42.82
CA ASP TA 232 -55.38 -30.08 -43.75
C ASP TA 232 -54.96 -30.51 -45.16
N ALA TA 233 -53.65 -30.50 -45.44
CA ALA TA 233 -53.18 -30.83 -46.79
C ALA TA 233 -53.05 -32.33 -47.01
N GLN TA 234 -53.02 -33.12 -45.94
CA GLN TA 234 -52.87 -34.56 -46.07
C GLN TA 234 -53.93 -35.16 -46.98
N LEU TA 235 -55.17 -34.66 -46.88
CA LEU TA 235 -56.23 -35.14 -47.76
C LEU TA 235 -55.92 -34.84 -49.21
N LYS TA 236 -55.37 -33.67 -49.50
CA LYS TA 236 -55.06 -33.34 -50.88
C LYS TA 236 -53.95 -34.22 -51.42
N PHE TA 237 -52.92 -34.47 -50.62
CA PHE TA 237 -51.84 -35.36 -51.05
C PHE TA 237 -52.36 -36.77 -51.33
N ALA TA 238 -53.18 -37.29 -50.41
CA ALA TA 238 -53.75 -38.62 -50.62
C ALA TA 238 -54.63 -38.66 -51.86
N ASN TA 239 -55.41 -37.60 -52.09
CA ASN TA 239 -56.24 -37.55 -53.28
C ASN TA 239 -55.39 -37.57 -54.54
N ASP TA 240 -54.27 -36.87 -54.54
CA ASP TA 240 -53.40 -36.88 -55.71
C ASP TA 240 -52.83 -38.27 -55.98
N VAL TA 241 -52.37 -38.95 -54.92
CA VAL TA 241 -51.84 -40.30 -55.12
C VAL TA 241 -52.92 -41.23 -55.67
N GLU TA 242 -54.11 -41.17 -55.09
CA GLU TA 242 -55.20 -42.01 -55.57
C GLU TA 242 -55.54 -41.70 -57.02
N SER TA 243 -55.51 -40.43 -57.40
CA SER TA 243 -55.82 -40.07 -58.78
C SER TA 243 -54.77 -40.64 -59.72
N ARG TA 244 -53.50 -40.56 -59.35
CA ARG TA 244 -52.45 -41.17 -60.18
C ARG TA 244 -52.72 -42.64 -60.40
N ILE TA 245 -52.92 -43.40 -59.32
CA ILE TA 245 -53.09 -44.84 -59.48
C ILE TA 245 -54.33 -45.16 -60.28
N GLN TA 246 -55.41 -44.40 -60.07
CA GLN TA 246 -56.65 -44.67 -60.79
C GLN TA 246 -56.49 -44.41 -62.29
N ARG TA 247 -55.91 -43.27 -62.65
CA ARG TA 247 -55.74 -42.98 -64.07
C ARG TA 247 -54.81 -43.98 -64.74
N ARG TA 248 -53.79 -44.46 -64.02
CA ARG TA 248 -52.90 -45.45 -64.60
C ARG TA 248 -53.62 -46.77 -64.85
N ILE TA 249 -54.40 -47.24 -63.86
CA ILE TA 249 -55.12 -48.49 -64.04
C ILE TA 249 -56.10 -48.39 -65.20
N GLU TA 250 -56.86 -47.29 -65.25
CA GLU TA 250 -57.80 -47.15 -66.35
C GLU TA 250 -57.12 -47.04 -67.70
N ALA TA 251 -55.99 -46.34 -67.78
CA ALA TA 251 -55.29 -46.18 -69.05
C ALA TA 251 -54.66 -47.48 -69.53
N ILE TA 252 -54.19 -48.34 -68.63
CA ILE TA 252 -53.68 -49.63 -69.09
C ILE TA 252 -54.81 -50.58 -69.46
N LEU TA 253 -55.91 -50.61 -68.72
CA LEU TA 253 -56.97 -51.57 -68.98
C LEU TA 253 -57.95 -51.14 -70.06
N SER TA 254 -57.96 -49.87 -70.46
CA SER TA 254 -58.90 -49.45 -71.47
C SER TA 254 -58.68 -50.09 -72.84
N PRO TA 255 -57.45 -50.13 -73.41
CA PRO TA 255 -57.32 -50.66 -74.77
C PRO TA 255 -57.81 -52.08 -74.94
N ILE TA 256 -57.85 -52.88 -73.88
CA ILE TA 256 -58.31 -54.26 -74.00
C ILE TA 256 -59.83 -54.33 -74.06
N VAL TA 257 -60.50 -53.68 -73.11
CA VAL TA 257 -61.95 -53.84 -72.96
C VAL TA 257 -62.77 -52.76 -73.65
N GLY TA 258 -62.18 -51.62 -73.97
CA GLY TA 258 -62.89 -50.56 -74.67
C GLY TA 258 -62.55 -49.20 -74.13
N ASN TA 259 -63.19 -48.19 -74.74
CA ASN TA 259 -62.90 -46.81 -74.37
C ASN TA 259 -63.26 -46.53 -72.92
N GLY TA 260 -64.51 -46.77 -72.53
CA GLY TA 260 -64.96 -46.39 -71.21
C GLY TA 260 -65.78 -47.44 -70.51
N ASN TA 261 -65.48 -48.71 -70.76
CA ASN TA 261 -66.21 -49.81 -70.17
C ASN TA 261 -65.53 -50.35 -68.91
N VAL TA 262 -64.85 -49.49 -68.15
CA VAL TA 262 -64.20 -49.90 -66.91
C VAL TA 262 -64.06 -48.68 -66.03
N HIS TA 263 -64.23 -48.88 -64.72
CA HIS TA 263 -64.04 -47.84 -63.73
C HIS TA 263 -63.33 -48.44 -62.52
N ALA TA 264 -62.56 -47.61 -61.83
CA ALA TA 264 -61.80 -48.06 -60.67
C ALA TA 264 -61.74 -46.95 -59.64
N GLN TA 265 -61.72 -47.34 -58.37
CA GLN TA 265 -61.59 -46.42 -57.25
C GLN TA 265 -60.65 -47.05 -56.23
N VAL TA 266 -59.67 -46.27 -55.78
CA VAL TA 266 -58.61 -46.78 -54.92
C VAL TA 266 -58.62 -46.00 -53.62
N THR TA 267 -58.32 -46.67 -52.52
CA THR TA 267 -58.24 -46.04 -51.21
C THR TA 267 -56.85 -46.27 -50.64
N ALA TA 268 -56.12 -45.19 -50.42
CA ALA TA 268 -54.72 -45.25 -50.01
C ALA TA 268 -54.60 -44.95 -48.53
N GLN TA 269 -54.01 -45.87 -47.78
CA GLN TA 269 -53.71 -45.65 -46.38
C GLN TA 269 -52.31 -45.06 -46.26
N LEU TA 270 -52.23 -43.74 -46.17
CA LEU TA 270 -50.94 -43.05 -46.08
C LEU TA 270 -50.50 -42.96 -44.63
N ASP TA 271 -49.20 -42.83 -44.44
CA ASP TA 271 -48.63 -42.73 -43.10
C ASP TA 271 -47.85 -41.43 -43.02
N PHE TA 272 -48.10 -40.64 -41.97
CA PHE TA 272 -47.45 -39.34 -41.80
C PHE TA 272 -46.68 -39.25 -40.49
N ALA TA 273 -46.51 -40.36 -39.78
CA ALA TA 273 -45.83 -40.32 -38.51
C ALA TA 273 -44.32 -40.14 -38.71
N ASN TA 274 -43.80 -39.02 -38.22
CA ASN TA 274 -42.37 -38.78 -38.26
C ASN TA 274 -41.64 -39.86 -37.47
N LYS TA 275 -40.58 -40.42 -38.05
CA LYS TA 275 -39.95 -41.62 -37.49
C LYS TA 275 -38.46 -41.56 -37.77
N GLU TA 276 -37.65 -41.82 -36.75
CA GLU TA 276 -36.22 -41.98 -36.90
C GLU TA 276 -35.83 -43.41 -36.56
N GLN TA 277 -34.52 -43.67 -36.58
CA GLN TA 277 -34.01 -44.99 -36.22
C GLN TA 277 -32.49 -44.92 -36.11
N THR TA 278 -31.91 -45.84 -35.34
CA THR TA 278 -30.47 -45.95 -35.21
C THR TA 278 -30.10 -47.40 -34.88
N GLU TA 279 -29.75 -48.18 -35.88
CA GLU TA 279 -29.24 -49.51 -35.59
C GLU TA 279 -27.80 -49.43 -35.12
N GLU TA 280 -27.32 -50.53 -34.56
CA GLU TA 280 -25.90 -50.67 -34.23
C GLU TA 280 -25.61 -52.17 -34.17
N HIS TA 281 -25.02 -52.69 -35.25
CA HIS TA 281 -24.86 -54.12 -35.41
C HIS TA 281 -23.42 -54.54 -35.13
N TYR TA 282 -23.26 -55.68 -34.47
CA TYR TA 282 -21.96 -56.22 -34.13
C TYR TA 282 -21.84 -57.64 -34.66
N SER TA 283 -20.76 -57.91 -35.35
CA SER TA 283 -20.59 -59.26 -35.85
C SER TA 283 -20.03 -60.15 -34.74
N PRO TA 284 -20.51 -61.38 -34.62
CA PRO TA 284 -20.04 -62.26 -33.54
C PRO TA 284 -18.58 -62.63 -33.71
N ASN TA 285 -17.85 -62.59 -32.61
CA ASN TA 285 -16.45 -63.02 -32.58
C ASN TA 285 -16.22 -64.05 -31.49
N GLY TA 286 -17.22 -64.88 -31.22
CA GLY TA 286 -17.05 -65.92 -30.23
C GLY TA 286 -16.16 -67.04 -30.71
N ASP TA 287 -16.35 -67.48 -31.96
CA ASP TA 287 -15.56 -68.58 -32.48
C ASP TA 287 -14.12 -68.12 -32.66
N ALA TA 288 -13.18 -68.95 -32.23
CA ALA TA 288 -11.77 -68.60 -32.29
C ALA TA 288 -11.21 -68.61 -33.71
N SER TA 289 -11.98 -69.05 -34.68
CA SER TA 289 -11.51 -69.11 -36.06
C SER TA 289 -11.31 -67.74 -36.68
N LYS TA 290 -12.14 -66.76 -36.31
CA LYS TA 290 -11.98 -65.42 -36.84
C LYS TA 290 -12.12 -64.35 -35.77
N ALA TA 291 -11.66 -64.59 -34.56
CA ALA TA 291 -11.55 -63.53 -33.58
C ALA TA 291 -10.50 -62.53 -34.04
N THR TA 292 -10.50 -61.36 -33.42
CA THR TA 292 -9.55 -60.31 -33.75
C THR TA 292 -8.88 -59.86 -32.46
N LEU TA 293 -7.82 -60.56 -32.06
CA LEU TA 293 -7.14 -60.27 -30.81
C LEU TA 293 -6.31 -59.01 -30.96
N ARG TA 294 -6.41 -58.11 -29.97
CA ARG TA 294 -5.50 -56.98 -29.91
C ARG TA 294 -4.38 -57.26 -28.92
N SER TA 295 -4.70 -57.91 -27.82
CA SER TA 295 -3.72 -58.35 -26.84
C SER TA 295 -3.96 -59.82 -26.52
N ARG TA 296 -3.18 -60.34 -25.59
CA ARG TA 296 -3.35 -61.70 -25.10
C ARG TA 296 -2.34 -61.93 -23.99
N GLN TA 297 -2.60 -62.91 -23.13
CA GLN TA 297 -1.64 -63.36 -22.13
C GLN TA 297 -2.03 -64.77 -21.71
N LEU TA 298 -1.19 -65.74 -22.00
CA LEU TA 298 -1.52 -67.15 -21.79
C LEU TA 298 -0.46 -67.78 -20.92
N ASN TA 299 -0.73 -67.90 -19.63
CA ASN TA 299 0.18 -68.56 -18.70
C ASN TA 299 -0.24 -70.01 -18.53
N ILE TA 300 0.72 -70.90 -18.45
CA ILE TA 300 0.46 -72.33 -18.33
C ILE TA 300 1.50 -72.91 -17.38
N SER TA 301 1.05 -73.36 -16.22
CA SER TA 301 1.89 -74.11 -15.30
C SER TA 301 1.46 -75.57 -15.30
N GLU TA 302 2.35 -76.44 -14.87
CA GLU TA 302 2.05 -77.87 -14.83
C GLU TA 302 3.10 -78.56 -13.97
N GLN TA 303 2.65 -79.33 -12.98
CA GLN TA 303 3.54 -80.06 -12.09
C GLN TA 303 3.16 -81.53 -12.08
N VAL TA 304 4.12 -82.38 -11.76
CA VAL TA 304 3.85 -83.80 -11.60
C VAL TA 304 4.57 -84.34 -10.37
N PRO TA 355 -0.38 -86.99 -9.25
CA PRO TA 355 -0.46 -85.66 -8.65
C PRO TA 355 -0.34 -84.56 -9.70
N ARG TA 356 -0.98 -84.76 -10.84
CA ARG TA 356 -0.82 -83.90 -12.01
C ARG TA 356 -1.57 -82.59 -11.78
N SER TA 357 -1.01 -81.73 -10.93
CA SER TA 357 -1.53 -80.38 -10.74
C SER TA 357 -1.34 -79.59 -12.02
N THR TA 358 -2.24 -78.66 -12.29
CA THR TA 358 -2.21 -77.89 -13.53
C THR TA 358 -2.61 -76.45 -13.23
N GLN TA 359 -2.62 -75.63 -14.28
CA GLN TA 359 -3.01 -74.23 -14.20
C GLN TA 359 -3.07 -73.67 -15.60
N ARG TA 360 -3.99 -72.75 -15.84
CA ARG TA 360 -4.10 -72.13 -17.17
C ARG TA 360 -4.83 -70.80 -17.03
N ASN TA 361 -4.09 -69.70 -17.06
CA ASN TA 361 -4.70 -68.37 -17.08
C ASN TA 361 -4.65 -67.82 -18.49
N GLU TA 362 -5.62 -66.99 -18.84
CA GLU TA 362 -5.70 -66.47 -20.22
C GLU TA 362 -6.52 -65.19 -20.22
N THR TA 363 -5.85 -64.07 -20.43
CA THR TA 363 -6.53 -62.80 -20.65
C THR TA 363 -6.52 -62.47 -22.14
N SER TA 364 -7.63 -61.93 -22.63
CA SER TA 364 -7.75 -61.62 -24.04
C SER TA 364 -8.49 -60.31 -24.21
N ASN TA 365 -7.96 -59.44 -25.07
CA ASN TA 365 -8.63 -58.20 -25.46
C ASN TA 365 -8.95 -58.28 -26.94
N TYR TA 366 -10.19 -58.02 -27.29
CA TYR TA 366 -10.67 -58.24 -28.65
C TYR TA 366 -10.88 -56.92 -29.36
N GLU TA 367 -11.10 -57.01 -30.67
CA GLU TA 367 -11.59 -55.90 -31.48
C GLU TA 367 -12.81 -56.41 -32.24
N VAL TA 368 -13.81 -55.57 -32.39
CA VAL TA 368 -15.11 -55.98 -32.91
C VAL TA 368 -15.51 -55.11 -34.09
N ASP TA 369 -16.19 -55.72 -35.05
CA ASP TA 369 -16.78 -54.98 -36.15
C ASP TA 369 -17.87 -54.07 -35.63
N ARG TA 370 -18.39 -53.21 -36.50
CA ARG TA 370 -19.47 -52.32 -36.10
C ARG TA 370 -20.14 -51.74 -37.33
N THR TA 371 -21.47 -51.67 -37.29
CA THR TA 371 -22.24 -51.00 -38.32
C THR TA 371 -23.25 -50.08 -37.66
N ILE TA 372 -23.38 -48.87 -38.18
CA ILE TA 372 -24.24 -47.85 -37.59
C ILE TA 372 -25.01 -47.18 -38.71
N ARG TA 373 -26.33 -47.28 -38.69
CA ARG TA 373 -27.18 -46.59 -39.65
C ARG TA 373 -28.06 -45.59 -38.93
N HIS TA 374 -28.35 -44.48 -39.59
CA HIS TA 374 -29.26 -43.46 -39.06
C HIS TA 374 -30.35 -43.24 -40.08
N THR TA 375 -31.38 -44.09 -40.04
CA THR TA 375 -32.45 -44.06 -41.03
C THR TA 375 -33.55 -43.14 -40.55
N LYS TA 376 -33.80 -42.08 -41.29
CA LYS TA 376 -34.88 -41.14 -41.00
C LYS TA 376 -35.97 -41.35 -42.04
N MET TA 377 -37.04 -42.04 -41.65
CA MET TA 377 -38.08 -42.44 -42.58
C MET TA 377 -38.72 -41.22 -43.23
N ASN TA 378 -39.45 -41.46 -44.30
CA ASN TA 378 -40.10 -40.40 -45.04
C ASN TA 378 -41.56 -40.29 -44.61
N VAL TA 379 -42.09 -39.08 -44.64
CA VAL TA 379 -43.47 -38.83 -44.25
C VAL TA 379 -44.31 -38.68 -45.53
N GLY TA 380 -45.16 -39.67 -45.79
CA GLY TA 380 -45.98 -39.62 -46.97
C GLY TA 380 -45.91 -40.86 -47.84
N ASP TA 381 -45.44 -41.96 -47.26
CA ASP TA 381 -45.37 -43.22 -47.99
C ASP TA 381 -46.71 -43.93 -47.98
N ILE TA 382 -46.83 -44.94 -48.82
CA ILE TA 382 -48.06 -45.71 -48.96
C ILE TA 382 -47.94 -46.96 -48.11
N GLU TA 383 -48.76 -47.06 -47.06
CA GLU TA 383 -48.69 -48.21 -46.18
C GLU TA 383 -49.60 -49.34 -46.63
N ARG TA 384 -50.70 -49.02 -47.32
CA ARG TA 384 -51.62 -50.05 -47.75
C ARG TA 384 -52.52 -49.47 -48.83
N LEU TA 385 -52.93 -50.32 -49.77
CA LEU TA 385 -53.81 -49.91 -50.84
C LEU TA 385 -55.01 -50.84 -50.86
N SER TA 386 -56.08 -50.40 -51.51
CA SER TA 386 -57.26 -51.22 -51.75
C SER TA 386 -57.92 -50.72 -53.03
N VAL TA 387 -58.15 -51.61 -53.97
CA VAL TA 387 -58.61 -51.25 -55.30
C VAL TA 387 -59.85 -52.05 -55.63
N ALA TA 388 -60.87 -51.38 -56.15
CA ALA TA 388 -62.09 -52.02 -56.63
C ALA TA 388 -62.33 -51.59 -58.07
N VAL TA 389 -62.52 -52.55 -58.96
CA VAL TA 389 -62.65 -52.28 -60.38
C VAL TA 389 -63.88 -52.99 -60.91
N VAL TA 390 -64.65 -52.28 -61.74
CA VAL TA 390 -65.82 -52.83 -62.41
C VAL TA 390 -65.52 -52.91 -63.89
N VAL TA 391 -65.86 -54.03 -64.52
CA VAL TA 391 -65.67 -54.23 -65.95
C VAL TA 391 -67.02 -54.49 -66.59
N ASN TA 392 -67.17 -54.08 -67.84
CA ASN TA 392 -68.45 -54.17 -68.51
C ASN TA 392 -68.60 -55.49 -69.25
N TYR TA 393 -69.85 -55.91 -69.43
CA TYR TA 393 -70.15 -57.04 -70.31
C TYR TA 393 -69.94 -56.64 -71.77
N LYS TA 394 -70.09 -57.62 -72.64
CA LYS TA 394 -69.94 -57.40 -74.07
C LYS TA 394 -70.62 -58.49 -74.88
N LEU TA 402 -74.03 -61.89 -71.85
CA LEU TA 402 -72.82 -61.36 -72.48
C LEU TA 402 -71.63 -61.36 -71.53
N PRO TA 403 -71.30 -62.51 -70.94
CA PRO TA 403 -70.29 -62.53 -69.88
C PRO TA 403 -68.88 -62.61 -70.46
N LEU TA 404 -67.94 -61.93 -69.80
CA LEU TA 404 -66.54 -62.13 -70.12
C LEU TA 404 -66.04 -63.42 -69.49
N THR TA 405 -65.18 -64.12 -70.22
CA THR TA 405 -64.75 -65.45 -69.82
C THR TA 405 -63.85 -65.39 -68.58
N ALA TA 406 -63.39 -66.57 -68.16
CA ALA TA 406 -62.57 -66.66 -66.95
C ALA TA 406 -61.11 -66.32 -67.22
N ASP TA 407 -60.58 -66.74 -68.36
CA ASP TA 407 -59.18 -66.47 -68.67
C ASP TA 407 -58.94 -64.97 -68.86
N GLN TA 408 -59.83 -64.32 -69.61
CA GLN TA 408 -59.70 -62.88 -69.80
C GLN TA 408 -59.83 -62.14 -68.48
N MET TA 409 -60.77 -62.57 -67.63
CA MET TA 409 -60.88 -61.97 -66.31
C MET TA 409 -59.60 -62.15 -65.50
N LYS TA 410 -58.99 -63.33 -65.58
CA LYS TA 410 -57.78 -63.56 -64.80
C LYS TA 410 -56.63 -62.70 -65.29
N GLN TA 411 -56.47 -62.60 -66.61
CA GLN TA 411 -55.39 -61.76 -67.12
C GLN TA 411 -55.65 -60.28 -66.84
N ILE TA 412 -56.91 -59.86 -66.80
CA ILE TA 412 -57.21 -58.47 -66.46
C ILE TA 412 -56.89 -58.21 -65.00
N GLU TA 413 -57.27 -59.14 -64.12
CA GLU TA 413 -56.88 -59.03 -62.72
C GLU TA 413 -55.37 -58.95 -62.58
N ASP TA 414 -54.64 -59.72 -63.38
CA ASP TA 414 -53.20 -59.72 -63.27
C ASP TA 414 -52.59 -58.41 -63.76
N LEU TA 415 -53.09 -57.88 -64.88
CA LEU TA 415 -52.66 -56.56 -65.34
C LEU TA 415 -52.89 -55.51 -64.26
N THR TA 416 -54.07 -55.52 -63.64
CA THR TA 416 -54.35 -54.55 -62.59
C THR TA 416 -53.40 -54.71 -61.42
N ARG TA 417 -53.18 -55.95 -60.98
CA ARG TA 417 -52.26 -56.21 -59.89
C ARG TA 417 -50.87 -55.64 -60.21
N GLU TA 418 -50.39 -55.84 -61.44
CA GLU TA 418 -49.08 -55.34 -61.78
C GLU TA 418 -49.04 -53.83 -61.96
N ALA TA 419 -50.13 -53.23 -62.38
CA ALA TA 419 -50.18 -51.78 -62.58
C ALA TA 419 -50.35 -51.02 -61.27
N MET TA 420 -50.91 -51.66 -60.25
CA MET TA 420 -51.05 -51.01 -58.95
C MET TA 420 -49.70 -50.72 -58.32
N GLY TA 421 -48.78 -51.67 -58.40
CA GLY TA 421 -47.64 -51.68 -57.52
C GLY TA 421 -47.94 -52.61 -56.38
N PHE TA 422 -48.63 -53.71 -56.71
CA PHE TA 422 -49.12 -54.63 -55.70
C PHE TA 422 -47.97 -55.21 -54.88
N SER TA 423 -48.25 -55.53 -53.62
CA SER TA 423 -47.25 -56.10 -52.74
C SER TA 423 -47.94 -56.81 -51.59
N ASP TA 424 -47.77 -58.12 -51.53
CA ASP TA 424 -48.31 -58.91 -50.43
C ASP TA 424 -47.63 -58.59 -49.10
N LYS TA 425 -46.59 -57.75 -49.09
CA LYS TA 425 -46.00 -57.32 -47.84
C LYS TA 425 -46.90 -56.32 -47.12
N ARG TA 426 -47.37 -55.31 -47.84
CA ARG TA 426 -48.17 -54.26 -47.23
C ARG TA 426 -49.59 -54.71 -46.94
N GLY TA 427 -49.98 -55.89 -47.40
CA GLY TA 427 -51.33 -56.35 -47.18
C GLY TA 427 -52.33 -55.74 -48.14
N ASP TA 428 -51.89 -55.39 -49.34
CA ASP TA 428 -52.79 -54.76 -50.30
C ASP TA 428 -53.89 -55.73 -50.72
N THR TA 429 -55.00 -55.17 -51.18
CA THR TA 429 -56.18 -55.94 -51.54
C THR TA 429 -56.71 -55.47 -52.88
N LEU TA 430 -57.09 -56.42 -53.73
CA LEU TA 430 -57.65 -56.14 -55.03
C LEU TA 430 -58.89 -57.00 -55.22
N ASN TA 431 -59.91 -56.45 -55.90
CA ASN TA 431 -61.06 -57.25 -56.29
C ASN TA 431 -61.70 -56.64 -57.53
N VAL TA 432 -61.73 -57.42 -58.61
CA VAL TA 432 -62.32 -57.01 -59.87
C VAL TA 432 -63.59 -57.84 -60.08
N VAL TA 433 -64.70 -57.16 -60.36
CA VAL TA 433 -65.98 -57.82 -60.55
C VAL TA 433 -66.54 -57.41 -61.91
N ASN TA 434 -67.34 -58.31 -62.48
CA ASN TA 434 -67.95 -58.11 -63.79
C ASN TA 434 -69.46 -58.07 -63.62
N SER TA 435 -70.08 -57.00 -64.08
CA SER TA 435 -71.53 -56.85 -63.97
C SER TA 435 -71.99 -55.90 -65.07
N PRO TA 436 -73.17 -56.12 -65.62
CA PRO TA 436 -73.62 -55.29 -66.75
C PRO TA 436 -73.85 -53.85 -66.32
N PHE TA 437 -73.53 -52.92 -67.20
CA PHE TA 437 -73.66 -51.52 -66.89
C PHE TA 437 -75.07 -51.04 -67.22
N SER TA 438 -75.41 -49.84 -66.80
CA SER TA 438 -76.72 -49.26 -67.05
C SER TA 438 -76.65 -47.75 -67.00
N ASP UA 232 -63.87 -27.58 -32.32
CA ASP UA 232 -63.86 -26.50 -33.30
C ASP UA 232 -63.71 -27.01 -34.73
N ALA UA 233 -62.46 -27.13 -35.21
CA ALA UA 233 -62.24 -27.55 -36.59
C ALA UA 233 -62.26 -29.07 -36.76
N GLN UA 234 -62.15 -29.81 -35.66
CA GLN UA 234 -62.14 -31.27 -35.75
C GLN UA 234 -63.38 -31.79 -36.45
N LEU UA 235 -64.53 -31.19 -36.19
CA LEU UA 235 -65.75 -31.60 -36.86
C LEU UA 235 -65.66 -31.39 -38.37
N LYS UA 236 -65.07 -30.28 -38.80
CA LYS UA 236 -64.94 -30.02 -40.23
C LYS UA 236 -64.01 -31.03 -40.89
N PHE UA 237 -62.89 -31.34 -40.24
CA PHE UA 237 -61.98 -32.33 -40.79
C PHE UA 237 -62.65 -33.70 -40.91
N ALA UA 238 -63.35 -34.12 -39.85
CA ALA UA 238 -64.06 -35.39 -39.90
C ALA UA 238 -65.12 -35.39 -40.99
N ASN UA 239 -65.85 -34.28 -41.15
CA ASN UA 239 -66.84 -34.20 -42.20
C ASN UA 239 -66.21 -34.35 -43.57
N ASP UA 240 -65.04 -33.74 -43.78
CA ASP UA 240 -64.37 -33.87 -45.07
C ASP UA 240 -63.98 -35.32 -45.34
N VAL UA 241 -63.41 -36.00 -44.34
CA VAL UA 241 -63.02 -37.40 -44.55
C VAL UA 241 -64.25 -38.25 -44.88
N GLU UA 242 -65.34 -38.06 -44.13
CA GLU UA 242 -66.55 -38.81 -44.39
C GLU UA 242 -67.09 -38.53 -45.79
N SER UA 243 -67.01 -37.27 -46.24
CA SER UA 243 -67.50 -36.95 -47.57
C SER UA 243 -66.67 -37.64 -48.64
N ARG UA 244 -65.35 -37.66 -48.47
CA ARG UA 244 -64.50 -38.39 -49.40
C ARG UA 244 -64.93 -39.85 -49.51
N ILE UA 245 -65.02 -40.54 -48.37
CA ILE UA 245 -65.33 -41.97 -48.45
C ILE UA 245 -66.72 -42.20 -49.03
N GLN UA 246 -67.68 -41.33 -48.69
CA GLN UA 246 -69.03 -41.51 -49.20
C GLN UA 246 -69.09 -41.33 -50.70
N ARG UA 247 -68.47 -40.25 -51.22
CA ARG UA 247 -68.50 -40.04 -52.66
C ARG UA 247 -67.79 -41.14 -53.40
N ARG UA 248 -66.70 -41.68 -52.83
CA ARG UA 248 -66.00 -42.76 -53.49
C ARG UA 248 -66.86 -44.03 -53.56
N ILE UA 249 -67.51 -44.39 -52.45
CA ILE UA 249 -68.35 -45.58 -52.45
C ILE UA 249 -69.49 -45.42 -53.44
N GLU UA 250 -70.16 -44.27 -53.43
CA GLU UA 250 -71.24 -44.07 -54.38
C GLU UA 250 -70.77 -44.08 -55.82
N ALA UA 251 -69.62 -43.48 -56.12
CA ALA UA 251 -69.11 -43.45 -57.48
C ALA UA 251 -68.68 -44.81 -57.99
N ILE UA 252 -68.15 -45.67 -57.13
CA ILE UA 252 -67.83 -47.03 -57.60
C ILE UA 252 -69.08 -47.89 -57.73
N LEU UA 253 -70.05 -47.78 -56.83
CA LEU UA 253 -71.21 -48.64 -56.88
C LEU UA 253 -72.31 -48.17 -57.82
N SER UA 254 -72.27 -46.92 -58.28
CA SER UA 254 -73.33 -46.45 -59.16
C SER UA 254 -73.37 -47.15 -60.51
N PRO UA 255 -72.27 -47.33 -61.25
CA PRO UA 255 -72.38 -47.92 -62.59
C PRO UA 255 -73.01 -49.30 -62.60
N ILE UA 256 -72.95 -50.04 -61.51
CA ILE UA 256 -73.55 -51.39 -61.50
C ILE UA 256 -75.05 -51.31 -61.32
N VAL UA 257 -75.52 -50.56 -60.31
CA VAL UA 257 -76.93 -50.59 -59.93
C VAL UA 257 -77.75 -49.48 -60.55
N GLY UA 258 -77.13 -48.39 -61.01
CA GLY UA 258 -77.84 -47.31 -61.65
C GLY UA 258 -77.30 -45.95 -61.23
N ASN UA 259 -77.94 -44.92 -61.78
CA ASN UA 259 -77.49 -43.56 -61.54
C ASN UA 259 -77.60 -43.19 -60.06
N GLY UA 260 -78.79 -43.31 -59.47
CA GLY UA 260 -78.99 -42.84 -58.12
C GLY UA 260 -79.77 -43.79 -57.25
N ASN UA 261 -79.62 -45.09 -57.49
CA ASN UA 261 -80.34 -46.10 -56.72
C ASN UA 261 -79.52 -46.65 -55.56
N VAL UA 262 -78.66 -45.82 -54.97
CA VAL UA 262 -77.87 -46.25 -53.82
C VAL UA 262 -77.48 -45.01 -53.02
N HIS UA 263 -77.46 -45.16 -51.70
CA HIS UA 263 -77.03 -44.10 -50.79
C HIS UA 263 -76.19 -44.71 -49.69
N ALA UA 264 -75.25 -43.94 -49.17
CA ALA UA 264 -74.36 -44.41 -48.11
C ALA UA 264 -74.04 -43.27 -47.16
N GLN UA 265 -73.87 -43.62 -45.90
CA GLN UA 265 -73.48 -42.68 -44.86
C GLN UA 265 -72.45 -43.34 -43.97
N VAL UA 266 -71.35 -42.66 -43.70
CA VAL UA 266 -70.21 -43.23 -43.00
C VAL UA 266 -69.95 -42.40 -41.75
N THR UA 267 -69.53 -43.06 -40.67
CA THR UA 267 -69.20 -42.39 -39.43
C THR UA 267 -67.76 -42.72 -39.06
N ALA UA 268 -66.92 -41.70 -39.01
CA ALA UA 268 -65.49 -41.88 -38.83
C ALA UA 268 -65.12 -41.54 -37.40
N GLN UA 269 -64.49 -42.48 -36.70
CA GLN UA 269 -63.95 -42.24 -35.37
C GLN UA 269 -62.51 -41.77 -35.50
N LEU UA 270 -62.30 -40.46 -35.48
CA LEU UA 270 -60.97 -39.90 -35.63
C LEU UA 270 -60.30 -39.79 -34.27
N ASP UA 271 -58.97 -39.78 -34.27
CA ASP UA 271 -58.19 -39.68 -33.06
C ASP UA 271 -57.30 -38.45 -33.16
N PHE UA 272 -57.32 -37.61 -32.13
CA PHE UA 272 -56.55 -36.37 -32.12
C PHE UA 272 -55.57 -36.31 -30.95
N ALA UA 273 -55.39 -37.41 -30.23
CA ALA UA 273 -54.51 -37.37 -29.07
C ALA UA 273 -53.05 -37.34 -29.50
N ASN UA 274 -52.36 -36.25 -29.16
CA ASN UA 274 -50.94 -36.15 -29.44
C ASN UA 274 -50.18 -37.25 -28.72
N LYS UA 275 -49.29 -37.94 -29.43
CA LYS UA 275 -48.68 -39.16 -28.91
C LYS UA 275 -47.25 -39.26 -29.42
N GLU UA 276 -46.32 -39.55 -28.52
CA GLU UA 276 -44.94 -39.84 -28.88
C GLU UA 276 -44.63 -41.29 -28.54
N GLN UA 277 -43.36 -41.67 -28.73
CA GLN UA 277 -42.92 -43.02 -28.40
C GLN UA 277 -41.40 -43.09 -28.52
N THR UA 278 -40.80 -44.02 -27.80
CA THR UA 278 -39.35 -44.27 -27.89
C THR UA 278 -39.06 -45.72 -27.55
N GLU UA 279 -38.95 -46.57 -28.56
CA GLU UA 279 -38.51 -47.93 -28.28
C GLU UA 279 -37.01 -47.96 -28.03
N GLU UA 280 -36.54 -49.09 -27.50
CA GLU UA 280 -35.11 -49.35 -27.40
C GLU UA 280 -34.94 -50.85 -27.31
N HIS UA 281 -34.57 -51.47 -28.43
CA HIS UA 281 -34.56 -52.91 -28.54
C HIS UA 281 -33.14 -53.44 -28.47
N TYR UA 282 -32.98 -54.58 -27.79
CA TYR UA 282 -31.68 -55.22 -27.62
C TYR UA 282 -31.78 -56.66 -28.09
N SER UA 283 -30.85 -57.05 -28.94
CA SER UA 283 -30.86 -58.44 -29.37
C SER UA 283 -30.22 -59.33 -28.32
N PRO UA 284 -30.77 -60.51 -28.08
CA PRO UA 284 -30.21 -61.38 -27.03
C PRO UA 284 -28.84 -61.89 -27.40
N ASN UA 285 -27.94 -61.88 -26.43
CA ASN UA 285 -26.61 -62.43 -26.60
C ASN UA 285 -26.28 -63.45 -25.51
N GLY UA 286 -27.30 -64.17 -25.05
CA GLY UA 286 -27.07 -65.18 -24.04
C GLY UA 286 -26.36 -66.40 -24.60
N ASP UA 287 -26.77 -66.86 -25.77
CA ASP UA 287 -26.17 -68.04 -26.36
C ASP UA 287 -24.75 -67.73 -26.78
N ALA UA 288 -23.83 -68.63 -26.45
CA ALA UA 288 -22.41 -68.41 -26.75
C ALA UA 288 -22.09 -68.52 -28.23
N SER UA 289 -23.05 -68.92 -29.07
CA SER UA 289 -22.79 -69.08 -30.48
C SER UA 289 -22.58 -67.75 -31.20
N LYS UA 290 -23.26 -66.69 -30.76
CA LYS UA 290 -23.07 -65.39 -31.37
C LYS UA 290 -22.95 -64.27 -30.34
N ALA UA 291 -22.33 -64.51 -29.20
CA ALA UA 291 -21.97 -63.43 -28.31
C ALA UA 291 -20.93 -62.55 -28.97
N THR UA 292 -20.75 -61.35 -28.43
CA THR UA 292 -19.76 -60.41 -28.94
C THR UA 292 -18.87 -59.98 -27.79
N LEU UA 293 -17.82 -60.75 -27.53
CA LEU UA 293 -16.92 -60.49 -26.41
C LEU UA 293 -16.03 -59.31 -26.75
N ARG UA 294 -15.90 -58.38 -25.81
CA ARG UA 294 -14.90 -57.33 -25.94
C ARG UA 294 -13.66 -57.68 -25.13
N SER UA 295 -13.86 -58.26 -23.95
CA SER UA 295 -12.77 -58.75 -23.12
C SER UA 295 -13.09 -60.18 -22.69
N ARG UA 296 -12.21 -60.73 -21.87
CA ARG UA 296 -12.43 -62.06 -21.28
C ARG UA 296 -11.28 -62.34 -20.34
N GLN UA 297 -11.48 -63.25 -19.40
CA GLN UA 297 -10.42 -63.75 -18.54
C GLN UA 297 -10.86 -65.10 -17.99
N LEU UA 298 -10.15 -66.16 -18.36
CA LEU UA 298 -10.57 -67.52 -18.03
C LEU UA 298 -9.43 -68.22 -17.30
N ASN UA 299 -9.50 -68.27 -15.98
CA ASN UA 299 -8.53 -68.97 -15.18
C ASN UA 299 -9.04 -70.36 -14.86
N ILE UA 300 -8.15 -71.35 -14.90
CA ILE UA 300 -8.50 -72.74 -14.66
C ILE UA 300 -7.38 -73.37 -13.85
N SER UA 301 -7.67 -73.74 -12.61
CA SER UA 301 -6.78 -74.53 -11.80
C SER UA 301 -7.33 -75.94 -11.67
N GLU UA 302 -6.45 -76.88 -11.32
CA GLU UA 302 -6.86 -78.27 -11.17
C GLU UA 302 -5.75 -79.02 -10.45
N GLN UA 303 -6.10 -79.70 -9.37
CA GLN UA 303 -5.15 -80.48 -8.59
C GLN UA 303 -5.66 -81.90 -8.45
N VAL UA 304 -4.73 -82.83 -8.23
CA VAL UA 304 -5.09 -84.22 -7.96
C VAL UA 304 -4.23 -84.77 -6.84
N PRO UA 355 -9.15 -86.93 -4.84
CA PRO UA 355 -9.02 -85.56 -4.30
C PRO UA 355 -8.97 -84.52 -5.41
N ARG UA 356 -9.81 -84.70 -6.42
CA ARG UA 356 -9.76 -83.90 -7.65
C ARG UA 356 -10.35 -82.52 -7.37
N SER UA 357 -9.59 -81.68 -6.67
CA SER UA 357 -9.96 -80.29 -6.46
C SER UA 357 -9.90 -79.57 -7.80
N THR UA 358 -10.76 -78.57 -7.97
CA THR UA 358 -10.85 -77.86 -9.24
C THR UA 358 -11.08 -76.37 -8.95
N GLN UA 359 -11.18 -75.59 -10.02
CA GLN UA 359 -11.44 -74.16 -9.95
C GLN UA 359 -11.66 -73.65 -11.36
N ARG UA 360 -12.54 -72.65 -11.51
CA ARG UA 360 -12.79 -72.08 -12.83
C ARG UA 360 -13.38 -70.69 -12.65
N ASN UA 361 -12.57 -69.66 -12.84
CA ASN UA 361 -13.05 -68.29 -12.83
C ASN UA 361 -13.18 -67.78 -14.27
N GLU UA 362 -14.13 -66.88 -14.50
CA GLU UA 362 -14.37 -66.41 -15.86
C GLU UA 362 -15.07 -65.06 -15.81
N THR UA 363 -14.35 -64.01 -16.18
CA THR UA 363 -14.93 -62.69 -16.35
C THR UA 363 -15.15 -62.41 -17.84
N SER UA 364 -16.27 -61.80 -18.18
CA SER UA 364 -16.58 -61.53 -19.57
C SER UA 364 -17.22 -60.16 -19.69
N ASN UA 365 -16.77 -59.38 -20.66
CA ASN UA 365 -17.37 -58.10 -21.01
C ASN UA 365 -17.92 -58.20 -22.42
N TYR UA 366 -19.19 -57.84 -22.59
CA TYR UA 366 -19.89 -58.06 -23.84
C TYR UA 366 -20.09 -56.76 -24.58
N GLU UA 367 -20.52 -56.87 -25.83
CA GLU UA 367 -21.04 -55.76 -26.61
C GLU UA 367 -22.40 -56.18 -27.15
N VAL UA 368 -23.34 -55.25 -27.19
CA VAL UA 368 -24.73 -55.57 -27.47
C VAL UA 368 -25.24 -54.71 -28.63
N ASP UA 369 -26.11 -55.29 -29.44
CA ASP UA 369 -26.80 -54.53 -30.47
C ASP UA 369 -27.71 -53.50 -29.83
N ARG UA 370 -28.29 -52.63 -30.65
CA ARG UA 370 -29.21 -51.63 -30.13
C ARG UA 370 -30.02 -51.05 -31.28
N THR UA 371 -31.31 -50.85 -31.05
CA THR UA 371 -32.18 -50.15 -31.98
C THR UA 371 -32.99 -49.12 -31.21
N ILE UA 372 -33.09 -47.92 -31.76
CA ILE UA 372 -33.77 -46.81 -31.09
C ILE UA 372 -34.64 -46.10 -32.12
N ARG UA 373 -35.94 -46.08 -31.90
CA ARG UA 373 -36.87 -45.36 -32.76
C ARG UA 373 -37.54 -44.25 -31.96
N HIS UA 374 -37.84 -43.15 -32.62
CA HIS UA 374 -38.55 -42.04 -32.00
C HIS UA 374 -39.78 -41.75 -32.86
N THR UA 375 -40.85 -42.49 -32.62
CA THR UA 375 -42.06 -42.41 -33.42
C THR UA 375 -42.99 -41.37 -32.83
N LYS UA 376 -43.26 -40.32 -33.59
CA LYS UA 376 -44.20 -39.28 -33.17
C LYS UA 376 -45.45 -39.42 -34.03
N MET UA 377 -46.50 -40.01 -33.44
CA MET UA 377 -47.70 -40.33 -34.19
C MET UA 377 -48.33 -39.08 -34.79
N ASN UA 378 -49.24 -39.31 -35.72
CA ASN UA 378 -49.91 -38.21 -36.40
C ASN UA 378 -51.27 -37.96 -35.76
N VAL UA 379 -51.69 -36.70 -35.77
CA VAL UA 379 -52.97 -36.32 -35.18
C VAL UA 379 -53.98 -36.14 -36.32
N GLY UA 380 -54.94 -37.04 -36.40
CA GLY UA 380 -55.94 -36.96 -37.44
C GLY UA 380 -56.10 -38.24 -38.24
N ASP UA 381 -55.65 -39.36 -37.69
CA ASP UA 381 -55.79 -40.64 -38.36
C ASP UA 381 -57.17 -41.22 -38.11
N ILE UA 382 -57.51 -42.25 -38.88
CA ILE UA 382 -58.80 -42.91 -38.78
C ILE UA 382 -58.65 -44.13 -37.89
N GLU UA 383 -59.31 -44.12 -36.73
CA GLU UA 383 -59.20 -45.24 -35.82
C GLU UA 383 -60.26 -46.29 -36.07
N ARG UA 384 -61.42 -45.91 -36.59
CA ARG UA 384 -62.48 -46.86 -36.82
C ARG UA 384 -63.49 -46.24 -37.78
N LEU UA 385 -64.11 -47.07 -38.61
CA LEU UA 385 -65.12 -46.63 -39.54
C LEU UA 385 -66.38 -47.46 -39.34
N SER UA 386 -67.49 -46.94 -39.85
CA SER UA 386 -68.76 -47.66 -39.85
C SER UA 386 -69.57 -47.14 -41.03
N VAL UA 387 -70.02 -48.04 -41.89
CA VAL UA 387 -70.66 -47.68 -43.15
C VAL UA 387 -72.00 -48.38 -43.24
N ALA UA 388 -73.03 -47.64 -43.63
CA ALA UA 388 -74.35 -48.18 -43.89
C ALA UA 388 -74.77 -47.78 -45.29
N VAL UA 389 -75.18 -48.75 -46.10
CA VAL UA 389 -75.51 -48.53 -47.49
C VAL UA 389 -76.87 -49.13 -47.78
N VAL UA 390 -77.70 -48.38 -48.52
CA VAL UA 390 -78.99 -48.86 -48.98
C VAL UA 390 -78.94 -49.01 -50.49
N VAL UA 391 -79.48 -50.11 -50.99
CA VAL UA 391 -79.53 -50.39 -52.43
C VAL UA 391 -80.98 -50.55 -52.83
N ASN UA 392 -81.28 -50.17 -54.07
CA ASN UA 392 -82.66 -50.16 -54.53
C ASN UA 392 -83.03 -51.49 -55.17
N TYR UA 393 -84.32 -51.81 -55.14
CA TYR UA 393 -84.86 -52.92 -55.89
C TYR UA 393 -84.85 -52.60 -57.39
N LYS UA 394 -85.22 -53.60 -58.19
CA LYS UA 394 -85.27 -53.44 -59.63
C LYS UA 394 -86.17 -54.50 -60.27
N LEU UA 402 -89.32 -57.46 -56.59
CA LEU UA 402 -88.19 -57.07 -57.43
C LEU UA 402 -86.87 -57.13 -56.67
N PRO UA 403 -86.55 -58.29 -56.08
CA PRO UA 403 -85.39 -58.36 -55.18
C PRO UA 403 -84.10 -58.60 -55.96
N LEU UA 404 -83.02 -57.98 -55.49
CA LEU UA 404 -81.70 -58.32 -56.02
C LEU UA 404 -81.22 -59.63 -55.40
N THR UA 405 -80.55 -60.43 -56.23
CA THR UA 405 -80.18 -61.78 -55.82
C THR UA 405 -79.10 -61.76 -54.74
N ALA UA 406 -78.67 -62.96 -54.34
CA ALA UA 406 -77.69 -63.08 -53.27
C ALA UA 406 -76.27 -62.88 -53.77
N ASP UA 407 -75.95 -63.39 -54.97
CA ASP UA 407 -74.61 -63.26 -55.50
C ASP UA 407 -74.27 -61.80 -55.79
N GLN UA 408 -75.20 -61.10 -56.44
CA GLN UA 408 -74.99 -59.68 -56.71
C GLN UA 408 -74.84 -58.89 -55.42
N MET UA 409 -75.67 -59.19 -54.42
CA MET UA 409 -75.53 -58.54 -53.13
C MET UA 409 -74.16 -58.81 -52.51
N LYS UA 410 -73.65 -60.04 -52.63
CA LYS UA 410 -72.36 -60.36 -52.04
C LYS UA 410 -71.24 -59.63 -52.74
N GLN UA 411 -71.29 -59.58 -54.07
CA GLN UA 411 -70.23 -58.86 -54.78
C GLN UA 411 -70.31 -57.36 -54.54
N ILE UA 412 -71.51 -56.82 -54.33
CA ILE UA 412 -71.64 -55.41 -54.01
C ILE UA 412 -71.08 -55.11 -52.63
N GLU UA 413 -71.39 -55.97 -51.67
CA GLU UA 413 -70.77 -55.85 -50.35
C GLU UA 413 -69.26 -55.90 -50.45
N ASP UA 414 -68.74 -56.77 -51.31
CA ASP UA 414 -67.29 -56.90 -51.41
C ASP UA 414 -66.66 -55.66 -52.06
N LEU UA 415 -67.29 -55.14 -53.11
CA LEU UA 415 -66.83 -53.88 -53.70
C LEU UA 415 -66.80 -52.77 -52.65
N THR UA 416 -67.86 -52.66 -51.85
CA THR UA 416 -67.89 -51.62 -50.83
C THR UA 416 -66.79 -51.82 -49.81
N ARG UA 417 -66.60 -53.07 -49.35
CA ARG UA 417 -65.53 -53.36 -48.41
C ARG UA 417 -64.18 -52.95 -48.96
N GLU UA 418 -63.92 -53.23 -50.23
CA GLU UA 418 -62.63 -52.86 -50.80
C GLU UA 418 -62.50 -51.37 -51.06
N ALA UA 419 -63.60 -50.68 -51.34
CA ALA UA 419 -63.54 -49.25 -51.59
C ALA UA 419 -63.44 -48.42 -50.32
N MET UA 420 -63.89 -48.98 -49.18
CA MET UA 420 -63.77 -48.27 -47.92
C MET UA 420 -62.31 -48.07 -47.53
N GLY UA 421 -61.51 -49.13 -47.69
CA GLY UA 421 -60.24 -49.19 -47.00
C GLY UA 421 -60.43 -50.06 -45.78
N PHE UA 422 -61.25 -51.10 -45.93
CA PHE UA 422 -61.67 -51.93 -44.83
C PHE UA 422 -60.46 -52.58 -44.17
N SER UA 423 -60.57 -52.83 -42.87
CA SER UA 423 -59.48 -53.46 -42.12
C SER UA 423 -60.04 -54.05 -40.84
N ASP UA 424 -59.98 -55.38 -40.75
CA ASP UA 424 -60.40 -56.07 -39.52
C ASP UA 424 -59.49 -55.78 -38.34
N LYS UA 425 -58.40 -55.03 -38.54
CA LYS UA 425 -57.59 -54.62 -37.41
C LYS UA 425 -58.27 -53.51 -36.61
N ARG UA 426 -58.76 -52.48 -37.31
CA ARG UA 426 -59.36 -51.34 -36.63
C ARG UA 426 -60.75 -51.65 -36.10
N GLY UA 427 -61.31 -52.81 -36.44
CA GLY UA 427 -62.65 -53.13 -35.99
C GLY UA 427 -63.73 -52.47 -36.82
N ASP UA 428 -63.46 -52.20 -38.09
CA ASP UA 428 -64.44 -51.54 -38.94
C ASP UA 428 -65.67 -52.41 -39.12
N THR UA 429 -66.78 -51.77 -39.44
CA THR UA 429 -68.07 -52.44 -39.57
C THR UA 429 -68.76 -51.97 -40.84
N LEU UA 430 -69.34 -52.91 -41.57
CA LEU UA 430 -70.09 -52.63 -42.78
C LEU UA 430 -71.40 -53.38 -42.74
N ASN UA 431 -72.45 -52.76 -43.28
CA ASN UA 431 -73.72 -53.47 -43.45
C ASN UA 431 -74.49 -52.84 -44.61
N VAL UA 432 -74.77 -53.66 -45.62
CA VAL UA 432 -75.51 -53.25 -46.80
C VAL UA 432 -76.86 -53.95 -46.78
N VAL UA 433 -77.94 -53.19 -46.91
CA VAL UA 433 -79.28 -53.73 -46.88
C VAL UA 433 -80.02 -53.33 -48.15
N ASN UA 434 -80.96 -54.18 -48.54
CA ASN UA 434 -81.75 -53.96 -49.76
C ASN UA 434 -83.21 -53.79 -49.36
N SER UA 435 -83.81 -52.67 -49.77
CA SER UA 435 -85.19 -52.39 -49.45
C SER UA 435 -85.75 -51.45 -50.50
N PRO UA 436 -87.02 -51.57 -50.86
CA PRO UA 436 -87.56 -50.74 -51.94
C PRO UA 436 -87.59 -49.27 -51.55
N PHE UA 437 -87.34 -48.41 -52.53
CA PHE UA 437 -87.30 -46.99 -52.26
C PHE UA 437 -88.70 -46.40 -52.41
N SER UA 438 -88.87 -45.15 -51.99
CA SER UA 438 -90.15 -44.48 -52.07
C SER UA 438 -89.94 -42.97 -52.11
N ASP VA 232 -70.23 -22.82 -20.83
CA ASP VA 232 -70.28 -21.79 -21.86
C ASP VA 232 -70.40 -22.36 -23.27
N ALA VA 233 -69.26 -22.61 -23.93
CA ALA VA 233 -69.29 -23.10 -25.31
C ALA VA 233 -69.47 -24.61 -25.39
N GLN VA 234 -69.25 -25.33 -24.29
CA GLN VA 234 -69.37 -26.77 -24.30
C GLN VA 234 -70.75 -27.21 -24.78
N LEU VA 235 -71.79 -26.49 -24.37
CA LEU VA 235 -73.13 -26.81 -24.84
C LEU VA 235 -73.26 -26.67 -26.34
N LYS VA 236 -72.65 -25.63 -26.92
CA LYS VA 236 -72.73 -25.44 -28.36
C LYS VA 236 -71.99 -26.55 -29.10
N PHE VA 237 -70.81 -26.94 -28.61
CA PHE VA 237 -70.09 -28.03 -29.24
C PHE VA 237 -70.89 -29.33 -29.19
N ALA VA 238 -71.45 -29.65 -28.03
CA ALA VA 238 -72.26 -30.86 -27.90
C ALA VA 238 -73.47 -30.80 -28.81
N ASN VA 239 -74.11 -29.64 -28.91
CA ASN VA 239 -75.25 -29.49 -29.81
C ASN VA 239 -74.86 -29.75 -31.25
N ASP VA 240 -73.69 -29.26 -31.66
CA ASP VA 240 -73.23 -29.50 -33.03
C ASP VA 240 -73.01 -30.99 -33.29
N VAL VA 241 -72.36 -31.69 -32.36
CA VAL VA 241 -72.13 -33.11 -32.54
C VAL VA 241 -73.46 -33.86 -32.64
N GLU VA 242 -74.39 -33.55 -31.74
CA GLU VA 242 -75.70 -34.20 -31.78
C GLU VA 242 -76.42 -33.91 -33.09
N SER VA 243 -76.31 -32.70 -33.61
CA SER VA 243 -76.97 -32.36 -34.86
C SER VA 243 -76.38 -33.17 -36.02
N ARG VA 244 -75.05 -33.30 -36.05
CA ARG VA 244 -74.42 -34.15 -37.06
C ARG VA 244 -74.98 -35.56 -37.03
N ILE VA 245 -74.96 -36.20 -35.86
CA ILE VA 245 -75.39 -37.59 -35.80
C ILE VA 245 -76.86 -37.72 -36.16
N GLN VA 246 -77.69 -36.76 -35.73
CA GLN VA 246 -79.12 -36.83 -36.02
C GLN VA 246 -79.38 -36.70 -37.51
N ARG VA 247 -78.77 -35.70 -38.15
CA ARG VA 247 -79.00 -35.53 -39.59
C ARG VA 247 -78.50 -36.73 -40.37
N ARG VA 248 -77.39 -37.34 -39.94
CA ARG VA 248 -76.91 -38.52 -40.65
C ARG VA 248 -77.87 -39.69 -40.52
N ILE VA 249 -78.36 -39.96 -39.30
CA ILE VA 249 -79.30 -41.06 -39.12
C ILE VA 249 -80.56 -40.84 -39.94
N GLU VA 250 -81.11 -39.63 -39.89
CA GLU VA 250 -82.32 -39.37 -40.66
C GLU VA 250 -82.07 -39.46 -42.16
N ALA VA 251 -80.93 -38.99 -42.65
CA ALA VA 251 -80.65 -39.05 -44.08
C ALA VA 251 -80.41 -40.46 -44.58
N ILE VA 252 -79.82 -41.35 -43.78
CA ILE VA 252 -79.70 -42.73 -44.21
C ILE VA 252 -81.03 -43.48 -44.12
N LEU VA 253 -81.83 -43.24 -43.08
CA LEU VA 253 -83.05 -44.01 -42.92
C LEU VA 253 -84.25 -43.47 -43.70
N SER VA 254 -84.17 -42.24 -44.21
CA SER VA 254 -85.31 -41.71 -44.95
C SER VA 254 -85.62 -42.46 -46.24
N PRO VA 255 -84.66 -42.77 -47.13
CA PRO VA 255 -85.03 -43.39 -48.40
C PRO VA 255 -85.78 -44.71 -48.26
N ILE VA 256 -85.61 -45.42 -47.15
CA ILE VA 256 -86.31 -46.70 -46.98
C ILE VA 256 -87.76 -46.47 -46.58
N VAL VA 257 -87.99 -45.65 -45.55
CA VAL VA 257 -89.32 -45.54 -44.96
C VAL VA 257 -90.14 -44.38 -45.50
N GLY VA 258 -89.50 -43.37 -46.09
CA GLY VA 258 -90.21 -42.25 -46.68
C GLY VA 258 -89.50 -40.94 -46.42
N ASN VA 259 -90.13 -39.87 -46.92
CA ASN VA 259 -89.53 -38.55 -46.81
C ASN VA 259 -89.38 -38.12 -45.35
N GLY VA 260 -90.46 -38.10 -44.59
CA GLY VA 260 -90.42 -37.57 -43.24
C GLY VA 260 -91.13 -38.41 -42.22
N ASN VA 261 -91.13 -39.72 -42.42
CA ASN VA 261 -91.80 -40.64 -41.50
C ASN VA 261 -90.86 -41.22 -40.46
N VAL VA 262 -89.86 -40.46 -40.04
CA VAL VA 262 -88.93 -40.91 -39.01
C VAL VA 262 -88.32 -39.68 -38.34
N HIS VA 263 -88.11 -39.78 -37.02
CA HIS VA 263 -87.45 -38.74 -36.25
C HIS VA 263 -86.51 -39.38 -35.26
N ALA VA 264 -85.44 -38.68 -34.92
CA ALA VA 264 -84.44 -39.19 -34.00
C ALA VA 264 -83.88 -38.05 -33.16
N GLN VA 265 -83.53 -38.37 -31.92
CA GLN VA 265 -82.91 -37.43 -31.00
C GLN VA 265 -81.82 -38.16 -30.24
N VAL VA 266 -80.63 -37.56 -30.19
CA VAL VA 266 -79.46 -38.21 -29.63
C VAL VA 266 -78.93 -37.36 -28.48
N THR VA 267 -78.41 -38.01 -27.45
CA THR VA 267 -77.84 -37.33 -26.30
C THR VA 267 -76.39 -37.78 -26.14
N ALA VA 268 -75.46 -36.85 -26.27
CA ALA VA 268 -74.04 -37.15 -26.30
C ALA VA 268 -73.42 -36.77 -24.95
N GLN VA 269 -72.78 -37.75 -24.32
CA GLN VA 269 -72.03 -37.51 -23.09
C GLN VA 269 -70.59 -37.19 -23.46
N LEU VA 270 -70.26 -35.90 -23.55
CA LEU VA 270 -68.93 -35.47 -23.92
C LEU VA 270 -68.05 -35.37 -22.69
N ASP VA 271 -66.74 -35.47 -22.90
CA ASP VA 271 -65.78 -35.40 -21.81
C ASP VA 271 -64.81 -34.27 -22.12
N PHE VA 272 -64.60 -33.39 -21.14
CA PHE VA 272 -63.74 -32.24 -21.31
C PHE VA 272 -62.59 -32.22 -20.31
N ALA VA 273 -62.40 -33.29 -19.57
CA ALA VA 273 -61.33 -33.30 -18.56
C ALA VA 273 -59.96 -33.42 -19.21
N ASN VA 274 -59.14 -32.38 -19.04
CA ASN VA 274 -57.78 -32.42 -19.53
C ASN VA 274 -57.02 -33.57 -18.87
N LYS VA 275 -56.30 -34.35 -19.68
CA LYS VA 275 -55.73 -35.60 -19.19
C LYS VA 275 -54.41 -35.85 -19.91
N GLU VA 276 -53.38 -36.19 -19.15
CA GLU VA 276 -52.10 -36.62 -19.70
C GLU VA 276 -51.86 -38.09 -19.33
N GLN VA 277 -50.68 -38.58 -19.70
CA GLN VA 277 -50.30 -39.95 -19.37
C GLN VA 277 -48.84 -40.16 -19.72
N THR VA 278 -48.20 -41.12 -19.06
CA THR VA 278 -46.83 -41.50 -19.35
C THR VA 278 -46.61 -42.97 -18.98
N GLU VA 279 -46.72 -43.86 -19.96
CA GLU VA 279 -46.36 -45.24 -19.67
C GLU VA 279 -44.84 -45.40 -19.66
N GLU VA 280 -44.40 -46.54 -19.15
CA GLU VA 280 -42.99 -46.92 -19.25
C GLU VA 280 -42.94 -48.44 -19.11
N HIS VA 281 -42.81 -49.12 -20.25
CA HIS VA 281 -42.93 -50.57 -20.29
C HIS VA 281 -41.57 -51.22 -20.40
N TYR VA 282 -41.40 -52.34 -19.70
CA TYR VA 282 -40.16 -53.09 -19.70
C TYR VA 282 -40.43 -54.53 -20.08
N SER VA 283 -39.69 -55.04 -21.03
CA SER VA 283 -39.89 -56.43 -21.39
C SER VA 283 -39.17 -57.34 -20.41
N PRO VA 284 -39.78 -58.46 -20.03
CA PRO VA 284 -39.14 -59.32 -19.03
C PRO VA 284 -37.89 -59.98 -19.58
N ASN VA 285 -36.85 -60.02 -18.76
CA ASN VA 285 -35.61 -60.69 -19.10
C ASN VA 285 -35.21 -61.69 -18.02
N GLY VA 286 -36.20 -62.30 -17.37
CA GLY VA 286 -35.89 -63.30 -16.37
C GLY VA 286 -35.39 -64.59 -16.96
N ASP VA 287 -36.02 -65.06 -18.03
CA ASP VA 287 -35.62 -66.32 -18.65
C ASP VA 287 -34.26 -66.14 -19.30
N ALA VA 288 -33.36 -67.11 -19.07
CA ALA VA 288 -32.01 -67.03 -19.59
C ALA VA 288 -31.94 -67.22 -21.09
N SER VA 289 -33.04 -67.56 -21.74
CA SER VA 289 -33.03 -67.80 -23.19
C SER VA 289 -32.81 -66.52 -23.98
N LYS VA 290 -33.33 -65.39 -23.50
CA LYS VA 290 -33.13 -64.13 -24.20
C LYS VA 290 -32.75 -62.99 -23.27
N ALA VA 291 -31.98 -63.25 -22.21
CA ALA VA 291 -31.40 -62.17 -21.44
C ALA VA 291 -30.41 -61.40 -22.30
N THR VA 292 -30.02 -60.22 -21.84
CA THR VA 292 -29.06 -59.38 -22.55
C THR VA 292 -27.97 -59.00 -21.58
N LEU VA 293 -26.96 -59.86 -21.43
CA LEU VA 293 -25.89 -59.63 -20.49
C LEU VA 293 -24.95 -58.55 -21.01
N ARG VA 294 -24.60 -57.61 -20.15
CA ARG VA 294 -23.55 -56.66 -20.48
C ARG VA 294 -22.23 -57.08 -19.85
N SER VA 295 -22.29 -57.60 -18.63
CA SER VA 295 -21.14 -58.16 -17.95
C SER VA 295 -21.51 -59.53 -17.41
N ARG VA 296 -20.56 -60.14 -16.70
CA ARG VA 296 -20.79 -61.41 -16.02
C ARG VA 296 -19.55 -61.77 -15.25
N GLN VA 297 -19.67 -62.63 -14.25
CA GLN VA 297 -18.52 -63.19 -13.54
C GLN VA 297 -19.00 -64.47 -12.86
N LEU VA 298 -18.45 -65.60 -13.28
CA LEU VA 298 -18.92 -66.90 -12.82
C LEU VA 298 -17.75 -67.68 -12.25
N ASN VA 299 -17.62 -67.67 -10.92
CA ASN VA 299 -16.58 -68.42 -10.23
C ASN VA 299 -17.16 -69.75 -9.78
N ILE VA 300 -16.37 -70.82 -9.90
CA ILE VA 300 -16.80 -72.16 -9.55
C ILE VA 300 -15.64 -72.87 -8.88
N SER VA 301 -15.76 -73.15 -7.60
CA SER VA 301 -14.81 -74.00 -6.90
C SER VA 301 -15.45 -75.35 -6.61
N GLU VA 302 -14.61 -76.35 -6.36
CA GLU VA 302 -15.12 -77.69 -6.07
C GLU VA 302 -13.97 -78.51 -5.49
N GLN VA 303 -14.21 -79.12 -4.34
CA GLN VA 303 -13.21 -79.95 -3.67
C GLN VA 303 -13.81 -81.32 -3.40
N VAL VA 304 -12.94 -82.32 -3.26
CA VAL VA 304 -13.37 -83.66 -2.88
C VAL VA 304 -12.40 -84.25 -1.87
N PRO VA 355 -17.11 -85.87 0.96
CA PRO VA 355 -16.79 -84.51 1.40
C PRO VA 355 -16.83 -83.51 0.25
N ARG VA 356 -17.82 -83.65 -0.63
CA ARG VA 356 -17.90 -82.90 -1.87
C ARG VA 356 -18.31 -81.46 -1.58
N SER VA 357 -17.38 -80.68 -1.03
CA SER VA 357 -17.60 -79.25 -0.85
C SER VA 357 -17.68 -78.58 -2.22
N THR VA 358 -18.48 -77.51 -2.31
CA THR VA 358 -18.70 -76.84 -3.58
C THR VA 358 -18.76 -75.34 -3.34
N GLN VA 359 -18.95 -74.59 -4.42
CA GLN VA 359 -19.07 -73.14 -4.38
C GLN VA 359 -19.48 -72.66 -5.76
N ARG VA 360 -20.27 -71.60 -5.83
CA ARG VA 360 -20.68 -71.05 -7.11
C ARG VA 360 -21.12 -69.60 -6.91
N ASN VA 361 -20.26 -68.66 -7.29
CA ASN VA 361 -20.62 -67.25 -7.29
C ASN VA 361 -20.92 -66.79 -8.70
N GLU VA 362 -21.82 -65.82 -8.83
CA GLU VA 362 -22.23 -65.38 -10.16
C GLU VA 362 -22.80 -63.96 -10.07
N THR VA 363 -22.06 -63.00 -10.60
CA THR VA 363 -22.55 -61.63 -10.74
C THR VA 363 -22.96 -61.41 -12.19
N SER VA 364 -24.07 -60.70 -12.38
CA SER VA 364 -24.57 -60.45 -13.73
C SER VA 364 -25.10 -59.03 -13.82
N ASN VA 365 -24.74 -58.33 -14.89
CA ASN VA 365 -25.29 -57.02 -15.19
C ASN VA 365 -26.06 -57.12 -16.50
N TYR VA 366 -27.30 -56.65 -16.49
CA TYR VA 366 -28.20 -56.86 -17.61
C TYR VA 366 -28.41 -55.56 -18.37
N GLU VA 367 -29.03 -55.68 -19.54
CA GLU VA 367 -29.57 -54.57 -20.29
C GLU VA 367 -31.03 -54.87 -20.59
N VAL VA 368 -31.88 -53.86 -20.54
CA VAL VA 368 -33.32 -54.07 -20.60
C VAL VA 368 -33.92 -53.20 -21.69
N ASP VA 369 -34.95 -53.73 -22.33
CA ASP VA 369 -35.73 -52.96 -23.28
C ASP VA 369 -36.45 -51.83 -22.57
N ARG VA 370 -37.07 -50.93 -23.34
CA ARG VA 370 -37.81 -49.84 -22.74
C ARG VA 370 -38.74 -49.22 -23.77
N THR VA 371 -39.95 -48.90 -23.36
CA THR VA 371 -40.89 -48.16 -24.18
C THR VA 371 -41.48 -47.03 -23.34
N ILE VA 372 -41.57 -45.85 -23.94
CA ILE VA 372 -42.04 -44.65 -23.23
C ILE VA 372 -42.99 -43.92 -24.16
N ARG VA 373 -44.24 -43.75 -23.73
CA ARG VA 373 -45.23 -42.99 -24.47
C ARG VA 373 -45.67 -41.80 -23.64
N HIS VA 374 -45.97 -40.69 -24.31
CA HIS VA 374 -46.49 -39.50 -23.64
C HIS VA 374 -47.80 -39.14 -24.31
N THR VA 375 -48.88 -39.77 -23.87
CA THR VA 375 -50.19 -39.61 -24.49
C THR VA 375 -50.92 -38.47 -23.82
N LYS VA 376 -51.22 -37.42 -24.58
CA LYS VA 376 -52.00 -36.29 -24.08
C LYS VA 376 -53.37 -36.35 -24.72
N MET VA 377 -54.36 -36.81 -23.96
CA MET VA 377 -55.69 -37.05 -24.49
C MET VA 377 -56.29 -35.77 -25.05
N ASN VA 378 -57.35 -35.94 -25.83
CA ASN VA 378 -58.02 -34.82 -26.46
C ASN VA 378 -59.24 -34.42 -25.62
N VAL VA 379 -59.55 -33.13 -25.63
CA VAL VA 379 -60.69 -32.61 -24.88
C VAL VA 379 -61.84 -32.39 -25.85
N GLY VA 380 -62.88 -33.20 -25.74
CA GLY VA 380 -64.02 -33.07 -26.63
C GLY VA 380 -64.40 -34.35 -27.33
N ASP VA 381 -63.97 -35.49 -26.80
CA ASP VA 381 -64.32 -36.77 -27.38
C ASP VA 381 -65.69 -37.22 -26.89
N ILE VA 382 -66.23 -38.24 -27.54
CA ILE VA 382 -67.55 -38.77 -27.21
C ILE VA 382 -67.36 -39.97 -26.30
N GLU VA 383 -67.83 -39.86 -25.06
CA GLU VA 383 -67.67 -40.94 -24.11
C GLU VA 383 -68.84 -41.91 -24.15
N ARG VA 384 -70.04 -41.44 -24.50
CA ARG VA 384 -71.20 -42.30 -24.52
C ARG VA 384 -72.28 -41.63 -25.34
N LEU VA 385 -73.09 -42.43 -26.03
CA LEU VA 385 -74.20 -41.94 -26.82
C LEU VA 385 -75.48 -42.63 -26.39
N SER VA 386 -76.61 -42.03 -26.75
CA SER VA 386 -77.92 -42.63 -26.52
C SER VA 386 -78.85 -42.08 -27.59
N VAL VA 387 -79.49 -42.98 -28.33
CA VAL VA 387 -80.29 -42.60 -29.49
C VAL VA 387 -81.69 -43.18 -29.34
N ALA VA 388 -82.69 -42.37 -29.62
CA ALA VA 388 -84.09 -42.79 -29.63
C ALA VA 388 -84.68 -42.40 -30.97
N VAL VA 389 -85.30 -43.37 -31.65
CA VAL VA 389 -85.82 -43.17 -33.00
C VAL VA 389 -87.25 -43.64 -33.06
N VAL VA 390 -88.12 -42.86 -33.69
CA VAL VA 390 -89.51 -43.22 -33.91
C VAL VA 390 -89.70 -43.44 -35.41
N VAL VA 391 -90.40 -44.51 -35.77
CA VAL VA 391 -90.69 -44.82 -37.16
C VAL VA 391 -92.20 -44.87 -37.35
N ASN VA 392 -92.66 -44.51 -38.54
CA ASN VA 392 -94.08 -44.39 -38.78
C ASN VA 392 -94.66 -45.71 -39.29
N TYR VA 393 -95.95 -45.90 -39.05
CA TYR VA 393 -96.69 -46.99 -39.66
C TYR VA 393 -96.89 -46.73 -41.15
N LYS VA 394 -97.47 -47.72 -41.82
CA LYS VA 394 -97.72 -47.61 -43.25
C LYS VA 394 -98.79 -48.60 -43.70
N LEU VA 402 -101.58 -51.12 -39.43
CA LEU VA 402 -100.57 -50.87 -40.45
C LEU VA 402 -99.14 -51.03 -39.90
N PRO VA 403 -98.84 -52.18 -39.31
CA PRO VA 403 -97.57 -52.33 -38.60
C PRO VA 403 -96.44 -52.70 -39.55
N LEU VA 404 -95.25 -52.18 -39.28
CA LEU VA 404 -94.06 -52.66 -39.98
C LEU VA 404 -93.61 -53.97 -39.39
N THR VA 405 -93.14 -54.87 -40.26
CA THR VA 405 -92.82 -56.23 -39.85
C THR VA 405 -91.60 -56.26 -38.95
N ALA VA 406 -91.21 -57.49 -38.55
CA ALA VA 406 -90.09 -57.65 -37.64
C ALA VA 406 -88.75 -57.60 -38.36
N ASP VA 407 -88.67 -58.20 -39.56
CA ASP VA 407 -87.41 -58.20 -40.30
C ASP VA 407 -87.01 -56.78 -40.72
N GLN VA 408 -87.97 -56.02 -41.25
CA GLN VA 408 -87.68 -54.64 -41.62
C GLN VA 408 -87.27 -53.82 -40.41
N MET VA 409 -87.95 -54.01 -39.28
CA MET VA 409 -87.55 -53.33 -38.06
C MET VA 409 -86.14 -53.70 -37.65
N LYS VA 410 -85.76 -54.98 -37.77
CA LYS VA 410 -84.43 -55.39 -37.36
C LYS VA 410 -83.37 -54.79 -38.28
N GLN VA 411 -83.61 -54.79 -39.58
CA GLN VA 411 -82.63 -54.19 -40.48
C GLN VA 411 -82.54 -52.69 -40.31
N ILE VA 412 -83.65 -52.03 -39.94
CA ILE VA 412 -83.59 -50.59 -39.69
C ILE VA 412 -82.81 -50.30 -38.42
N GLU VA 413 -83.04 -51.10 -37.37
CA GLU VA 413 -82.22 -50.98 -36.17
C GLU VA 413 -80.74 -51.18 -36.49
N ASP VA 414 -80.44 -52.12 -37.38
CA ASP VA 414 -79.04 -52.38 -37.70
C ASP VA 414 -78.42 -51.24 -38.49
N LEU VA 415 -79.16 -50.70 -39.47
CA LEU VA 415 -78.69 -49.50 -40.17
C LEU VA 415 -78.40 -48.37 -39.20
N THR VA 416 -79.31 -48.13 -38.26
CA THR VA 416 -79.09 -47.06 -37.29
C THR VA 416 -77.87 -47.32 -36.44
N ARG VA 417 -77.73 -48.56 -35.95
CA ARG VA 417 -76.55 -48.92 -35.17
C ARG VA 417 -75.27 -48.64 -35.95
N GLU VA 418 -75.23 -49.00 -37.23
CA GLU VA 418 -74.02 -48.77 -38.00
C GLU VA 418 -73.81 -47.31 -38.34
N ALA VA 419 -74.87 -46.53 -38.49
CA ALA VA 419 -74.73 -45.12 -38.82
C ALA VA 419 -74.37 -44.26 -37.63
N MET VA 420 -74.68 -44.73 -36.41
CA MET VA 420 -74.31 -43.99 -35.21
C MET VA 420 -72.79 -43.92 -35.05
N GLY VA 421 -72.11 -45.03 -35.28
CA GLY VA 421 -70.77 -45.20 -34.80
C GLY VA 421 -70.84 -46.00 -33.52
N PHE VA 422 -71.76 -46.96 -33.50
CA PHE VA 422 -72.06 -47.72 -32.30
C PHE VA 422 -70.82 -48.45 -31.80
N SER VA 423 -70.75 -48.63 -30.49
CA SER VA 423 -69.63 -49.33 -29.89
C SER VA 423 -70.03 -49.83 -28.51
N ASP VA 424 -70.06 -51.15 -28.35
CA ASP VA 424 -70.34 -51.75 -27.05
C ASP VA 424 -69.24 -51.50 -26.03
N LYS VA 425 -68.14 -50.87 -26.43
CA LYS VA 425 -67.12 -50.48 -25.46
C LYS VA 425 -67.58 -49.29 -24.63
N ARG VA 426 -68.09 -48.25 -25.29
CA ARG VA 426 -68.47 -47.04 -24.58
C ARG VA 426 -69.79 -47.20 -23.83
N GLY VA 427 -70.48 -48.31 -24.03
CA GLY VA 427 -71.76 -48.50 -23.37
C GLY VA 427 -72.89 -47.76 -24.05
N ASP VA 428 -72.80 -47.58 -25.37
CA ASP VA 428 -73.84 -46.85 -26.08
C ASP VA 428 -75.16 -47.62 -26.03
N THR VA 429 -76.25 -46.89 -26.21
CA THR VA 429 -77.59 -47.45 -26.12
C THR VA 429 -78.43 -46.96 -27.29
N LEU VA 430 -79.20 -47.87 -27.86
CA LEU VA 430 -80.10 -47.56 -28.97
C LEU VA 430 -81.45 -48.18 -28.69
N ASN VA 431 -82.52 -47.51 -29.09
CA ASN VA 431 -83.84 -48.09 -29.03
C ASN VA 431 -84.73 -47.45 -30.09
N VAL VA 432 -85.23 -48.27 -31.01
CA VAL VA 432 -86.11 -47.83 -32.08
C VAL VA 432 -87.49 -48.41 -31.82
N VAL VA 433 -88.51 -47.56 -31.83
CA VAL VA 433 -89.88 -47.97 -31.55
C VAL VA 433 -90.76 -47.56 -32.72
N ASN VA 434 -91.82 -48.32 -32.93
CA ASN VA 434 -92.77 -48.08 -34.01
C ASN VA 434 -94.14 -47.76 -33.41
N SER VA 435 -94.69 -46.61 -33.78
CA SER VA 435 -95.98 -46.18 -33.26
C SER VA 435 -96.60 -45.24 -34.27
N PRO VA 436 -97.93 -45.26 -34.42
CA PRO VA 436 -98.55 -44.43 -35.46
C PRO VA 436 -98.40 -42.96 -35.14
N PHE VA 437 -98.23 -42.16 -36.17
CA PHE VA 437 -98.03 -40.73 -35.99
C PHE VA 437 -99.38 -40.03 -35.95
N SER VA 438 -99.38 -38.76 -35.58
CA SER VA 438 -100.60 -37.97 -35.50
C SER VA 438 -100.27 -36.49 -35.64
N ASP WA 232 -74.40 -17.14 -8.62
CA ASP WA 232 -74.52 -16.14 -9.66
C ASP WA 232 -74.90 -16.75 -11.02
N ALA WA 233 -73.90 -17.11 -11.83
CA ALA WA 233 -74.19 -17.64 -13.16
C ALA WA 233 -74.50 -19.13 -13.16
N GLN WA 234 -74.16 -19.83 -12.07
CA GLN WA 234 -74.40 -21.26 -11.99
C GLN WA 234 -75.87 -21.59 -12.24
N LEU WA 235 -76.78 -20.77 -11.72
CA LEU WA 235 -78.19 -20.99 -11.96
C LEU WA 235 -78.54 -20.88 -13.43
N LYS WA 236 -77.94 -19.92 -14.14
CA LYS WA 236 -78.23 -19.77 -15.56
C LYS WA 236 -77.71 -20.96 -16.35
N PHE WA 237 -76.50 -21.43 -16.03
CA PHE WA 237 -75.97 -22.60 -16.72
C PHE WA 237 -76.85 -23.83 -16.48
N ALA WA 238 -77.26 -24.06 -15.23
CA ALA WA 238 -78.13 -25.18 -14.93
C ALA WA 238 -79.46 -25.06 -15.66
N ASN WA 239 -80.02 -23.84 -15.71
CA ASN WA 239 -81.27 -23.63 -16.42
C ASN WA 239 -81.12 -23.96 -17.90
N ASP WA 240 -79.99 -23.60 -18.51
CA ASP WA 240 -79.78 -23.91 -19.92
C ASP WA 240 -79.72 -25.42 -20.14
N VAL WA 241 -78.99 -26.14 -19.29
CA VAL WA 241 -78.91 -27.59 -19.45
C VAL WA 241 -80.29 -28.22 -19.31
N GLU WA 242 -81.04 -27.80 -18.29
CA GLU WA 242 -82.39 -28.33 -18.10
C GLU WA 242 -83.28 -28.04 -19.30
N SER WA 243 -83.15 -26.84 -19.88
CA SER WA 243 -83.97 -26.50 -21.04
C SER WA 243 -83.63 -27.39 -22.22
N ARG WA 244 -82.34 -27.64 -22.45
CA ARG WA 244 -81.94 -28.56 -23.50
C ARG WA 244 -82.61 -29.91 -23.33
N ILE WA 245 -82.45 -30.53 -22.16
CA ILE WA 245 -82.98 -31.87 -21.98
C ILE WA 245 -84.50 -31.88 -22.09
N GLN WA 246 -85.16 -30.84 -21.59
CA GLN WA 246 -86.62 -30.79 -21.65
C GLN WA 246 -87.11 -30.68 -23.09
N ARG WA 247 -86.52 -29.77 -23.86
CA ARG WA 247 -86.96 -29.62 -25.24
C ARG WA 247 -86.68 -30.88 -26.05
N ARG WA 248 -85.57 -31.57 -25.76
CA ARG WA 248 -85.30 -32.81 -26.49
C ARG WA 248 -86.32 -33.89 -26.17
N ILE WA 249 -86.64 -34.08 -24.88
CA ILE WA 249 -87.62 -35.08 -24.51
C ILE WA 249 -88.97 -34.78 -25.13
N GLU WA 250 -89.41 -33.53 -25.05
CA GLU WA 250 -90.70 -33.20 -25.64
C GLU WA 250 -90.70 -33.36 -27.16
N ALA WA 251 -89.61 -33.00 -27.84
CA ALA WA 251 -89.56 -33.12 -29.28
C ALA WA 251 -89.52 -34.56 -29.75
N ILE WA 252 -88.89 -35.47 -29.01
CA ILE WA 252 -88.95 -36.88 -29.39
C ILE WA 252 -90.29 -37.50 -29.07
N LEU WA 253 -90.91 -37.17 -27.94
CA LEU WA 253 -92.15 -37.82 -27.55
C LEU WA 253 -93.40 -37.20 -28.17
N SER WA 254 -93.30 -36.01 -28.74
CA SER WA 254 -94.50 -35.40 -29.32
C SER WA 254 -95.07 -36.16 -30.52
N PRO WA 255 -94.28 -36.57 -31.52
CA PRO WA 255 -94.90 -37.20 -32.69
C PRO WA 255 -95.71 -38.44 -32.39
N ILE WA 256 -95.43 -39.13 -31.28
CA ILE WA 256 -96.19 -40.33 -30.95
C ILE WA 256 -97.54 -39.98 -30.34
N VAL WA 257 -97.54 -39.11 -29.33
CA VAL WA 257 -98.75 -38.86 -28.56
C VAL WA 257 -99.55 -37.65 -29.01
N GLY WA 258 -98.94 -36.73 -29.74
CA GLY WA 258 -99.63 -35.57 -30.26
C GLY WA 258 -98.79 -34.31 -30.17
N ASN WA 259 -99.40 -33.21 -30.61
CA ASN WA 259 -98.69 -31.95 -30.64
C ASN WA 259 -98.28 -31.49 -29.25
N GLY WA 260 -99.23 -31.35 -28.33
CA GLY WA 260 -98.92 -30.78 -27.04
C GLY WA 260 -99.55 -31.52 -25.88
N ASN WA 261 -99.67 -32.84 -26.02
CA ASN WA 261 -100.26 -33.66 -24.99
C ASN WA 261 -99.23 -34.29 -24.05
N VAL WA 262 -98.11 -33.61 -23.83
CA VAL WA 262 -97.07 -34.10 -22.94
C VAL WA 262 -96.27 -32.91 -22.42
N HIS WA 263 -95.87 -32.98 -21.15
CA HIS WA 263 -95.02 -31.98 -20.53
C HIS WA 263 -93.99 -32.68 -19.67
N ALA WA 264 -92.83 -32.05 -19.53
CA ALA WA 264 -91.74 -32.62 -18.74
C ALA WA 264 -90.97 -31.52 -18.05
N GLN WA 265 -90.45 -31.82 -16.86
CA GLN WA 265 -89.63 -30.91 -16.10
C GLN WA 265 -88.49 -31.71 -15.47
N VAL WA 266 -87.27 -31.21 -15.63
CA VAL WA 266 -86.08 -31.95 -15.23
C VAL WA 266 -85.31 -31.10 -14.22
N THR WA 267 -84.69 -31.77 -13.24
CA THR WA 267 -83.89 -31.11 -12.22
C THR WA 267 -82.49 -31.67 -12.27
N ALA WA 268 -81.52 -30.82 -12.58
CA ALA WA 268 -80.15 -31.24 -12.81
C ALA WA 268 -79.29 -30.90 -11.59
N GLN WA 269 -78.64 -31.90 -11.02
CA GLN WA 269 -77.70 -31.69 -9.94
C GLN WA 269 -76.31 -31.49 -10.54
N LEU WA 270 -75.91 -30.24 -10.72
CA LEU WA 270 -74.61 -29.95 -11.32
C LEU WA 270 -73.55 -29.88 -10.24
N ASP WA 271 -72.30 -30.11 -10.63
CA ASP WA 271 -71.17 -30.09 -9.72
C ASP WA 271 -70.18 -29.04 -10.21
N PHE WA 272 -69.75 -28.16 -9.31
CA PHE WA 272 -68.83 -27.09 -9.66
C PHE WA 272 -67.54 -27.14 -8.85
N ALA WA 273 -67.31 -28.20 -8.10
CA ALA WA 273 -66.13 -28.28 -7.27
C ALA WA 273 -64.90 -28.53 -8.11
N ASN WA 274 -63.97 -27.57 -8.10
CA ASN WA 274 -62.70 -27.74 -8.79
C ASN WA 274 -61.95 -28.92 -8.22
N LYS WA 275 -61.43 -29.79 -9.08
CA LYS WA 275 -60.89 -31.07 -8.64
C LYS WA 275 -59.72 -31.45 -9.53
N GLU WA 276 -58.61 -31.86 -8.92
CA GLU WA 276 -57.47 -32.42 -9.65
C GLU WA 276 -57.30 -33.88 -9.26
N GLN WA 277 -56.24 -34.49 -9.78
CA GLN WA 277 -55.93 -35.88 -9.46
C GLN WA 277 -54.55 -36.23 -10.01
N THR WA 278 -53.90 -37.20 -9.40
CA THR WA 278 -52.62 -37.72 -9.89
C THR WA 278 -52.47 -39.18 -9.49
N GLU WA 279 -52.80 -40.09 -10.39
CA GLU WA 279 -52.52 -41.49 -10.12
C GLU WA 279 -51.04 -41.78 -10.32
N GLU WA 280 -50.60 -42.94 -9.84
CA GLU WA 280 -49.27 -43.44 -10.12
C GLU WA 280 -49.32 -44.95 -9.95
N HIS WA 281 -49.41 -45.68 -11.05
CA HIS WA 281 -49.67 -47.10 -11.01
C HIS WA 281 -48.39 -47.88 -11.30
N TYR WA 282 -48.20 -48.98 -10.58
CA TYR WA 282 -47.04 -49.84 -10.73
C TYR WA 282 -47.49 -51.26 -11.00
N SER WA 283 -46.94 -51.86 -12.03
CA SER WA 283 -47.31 -53.24 -12.30
C SER WA 283 -46.52 -54.18 -11.40
N PRO WA 284 -47.15 -55.23 -10.89
CA PRO WA 284 -46.44 -56.12 -9.96
C PRO WA 284 -45.34 -56.89 -10.67
N ASN WA 285 -44.20 -56.99 -10.00
CA ASN WA 285 -43.08 -57.78 -10.50
C ASN WA 285 -42.61 -58.78 -9.45
N GLY WA 286 -43.52 -59.28 -8.64
CA GLY WA 286 -43.15 -60.27 -7.65
C GLY WA 286 -42.84 -61.62 -8.26
N ASP WA 287 -43.67 -62.06 -9.20
CA ASP WA 287 -43.48 -63.36 -9.81
C ASP WA 287 -42.22 -63.33 -10.66
N ALA WA 288 -41.38 -64.36 -10.54
CA ALA WA 288 -40.12 -64.42 -11.25
C ALA WA 288 -40.29 -64.66 -12.75
N SER WA 289 -41.51 -64.93 -13.21
CA SER WA 289 -41.74 -65.20 -14.62
C SER WA 289 -41.55 -63.97 -15.49
N LYS WA 290 -41.89 -62.79 -14.99
CA LYS WA 290 -41.70 -61.58 -15.77
C LYS WA 290 -41.10 -60.44 -14.96
N ALA WA 291 -40.20 -60.73 -14.02
CA ALA WA 291 -39.42 -59.69 -13.39
C ALA WA 291 -38.50 -59.05 -14.42
N THR WA 292 -37.97 -57.88 -14.08
CA THR WA 292 -37.07 -57.15 -14.96
C THR WA 292 -35.80 -56.84 -14.18
N LEU WA 293 -34.86 -57.77 -14.16
CA LEU WA 293 -33.64 -57.60 -13.39
C LEU WA 293 -32.72 -56.63 -14.10
N ARG WA 294 -32.16 -55.69 -13.34
CA ARG WA 294 -31.10 -54.85 -13.87
C ARG WA 294 -29.73 -55.37 -13.43
N SER WA 295 -29.65 -55.84 -12.20
CA SER WA 295 -28.45 -56.48 -11.67
C SER WA 295 -28.83 -57.79 -11.02
N ARG WA 296 -27.84 -58.46 -10.44
CA ARG WA 296 -28.08 -59.69 -9.69
C ARG WA 296 -26.75 -60.12 -9.09
N GLN WA 297 -26.79 -60.92 -8.04
CA GLN WA 297 -25.60 -61.57 -7.49
C GLN WA 297 -26.06 -62.78 -6.70
N LEU WA 298 -25.67 -63.97 -7.14
CA LEU WA 298 -26.17 -65.21 -6.57
C LEU WA 298 -24.99 -66.07 -6.14
N ASN WA 299 -24.66 -66.03 -4.85
CA ASN WA 299 -23.60 -66.84 -4.30
C ASN WA 299 -24.20 -68.11 -3.71
N ILE WA 300 -23.54 -69.24 -3.90
CA ILE WA 300 -24.01 -70.53 -3.42
C ILE WA 300 -22.81 -71.31 -2.91
N SER WA 301 -22.75 -71.55 -1.62
CA SER WA 301 -21.78 -72.46 -1.02
C SER WA 301 -22.48 -73.73 -0.59
N GLU WA 302 -21.70 -74.79 -0.42
CA GLU WA 302 -22.25 -76.08 -0.01
C GLU WA 302 -21.11 -76.97 0.43
N GLN WA 303 -21.20 -77.52 1.63
CA GLN WA 303 -20.19 -78.41 2.18
C GLN WA 303 -20.84 -79.72 2.60
N VAL WA 304 -20.05 -80.79 2.64
CA VAL WA 304 -20.52 -82.07 3.14
C VAL WA 304 -19.45 -82.71 4.02
N PRO WA 355 -23.78 -83.83 7.60
CA PRO WA 355 -23.29 -82.49 7.93
C PRO WA 355 -23.42 -81.52 6.75
N ARG WA 356 -24.54 -81.61 6.04
CA ARG WA 356 -24.75 -80.89 4.79
C ARG WA 356 -25.00 -79.42 5.09
N SER WA 357 -23.95 -78.70 5.44
CA SER WA 357 -24.01 -77.25 5.59
C SER WA 357 -24.26 -76.62 4.23
N THR WA 358 -24.96 -75.49 4.21
CA THR WA 358 -25.32 -74.85 2.96
C THR WA 358 -25.22 -73.33 3.14
N GLN WA 359 -25.53 -72.61 2.08
CA GLN WA 359 -25.52 -71.15 2.07
C GLN WA 359 -26.09 -70.68 0.73
N ARG WA 360 -26.81 -69.56 0.76
CA ARG WA 360 -27.36 -69.01 -0.48
C ARG WA 360 -27.65 -67.52 -0.28
N ASN WA 361 -26.79 -66.68 -0.82
CA ASN WA 361 -27.02 -65.24 -0.82
C ASN WA 361 -27.50 -64.80 -2.19
N GLU WA 362 -28.33 -63.76 -2.23
CA GLU WA 362 -28.90 -63.33 -3.50
C GLU WA 362 -29.34 -61.87 -3.38
N THR WA 363 -28.61 -60.98 -4.06
CA THR WA 363 -29.01 -59.59 -4.20
C THR WA 363 -29.62 -59.37 -5.57
N SER WA 364 -30.68 -58.58 -5.63
CA SER WA 364 -31.36 -58.32 -6.89
C SER WA 364 -31.78 -56.88 -6.96
N ASN WA 365 -31.53 -56.24 -8.10
CA ASN WA 365 -32.02 -54.90 -8.38
C ASN WA 365 -32.99 -54.97 -9.54
N TYR WA 366 -34.17 -54.40 -9.37
CA TYR WA 366 -35.25 -54.56 -10.33
C TYR WA 366 -35.46 -53.27 -11.11
N GLU WA 367 -36.27 -53.38 -12.15
CA GLU WA 367 -36.82 -52.24 -12.86
C GLU WA 367 -38.33 -52.44 -12.92
N VAL WA 368 -39.08 -51.35 -12.79
CA VAL WA 368 -40.53 -51.43 -12.62
C VAL WA 368 -41.21 -50.56 -13.65
N ASP WA 369 -42.38 -51.01 -14.10
CA ASP WA 369 -43.22 -50.20 -14.95
C ASP WA 369 -43.74 -48.99 -14.19
N ARG WA 370 -44.39 -48.07 -14.89
CA ARG WA 370 -44.93 -46.90 -14.23
C ARG WA 370 -45.96 -46.24 -15.13
N THR WA 371 -47.07 -45.80 -14.56
CA THR WA 371 -48.06 -45.01 -15.26
C THR WA 371 -48.43 -43.80 -14.41
N ILE WA 372 -48.51 -42.63 -15.03
CA ILE WA 372 -48.76 -41.39 -14.32
C ILE WA 372 -49.79 -40.60 -15.11
N ARG WA 373 -50.93 -40.32 -14.51
CA ARG WA 373 -51.96 -39.50 -15.12
C ARG WA 373 -52.17 -38.24 -14.29
N HIS WA 374 -52.48 -37.14 -14.94
CA HIS WA 374 -52.79 -35.89 -14.26
C HIS WA 374 -54.16 -35.43 -14.75
N THR WA 375 -55.21 -35.95 -14.12
CA THR WA 375 -56.58 -35.69 -14.54
C THR WA 375 -57.10 -34.48 -13.81
N LYS WA 376 -57.43 -33.43 -14.56
CA LYS WA 376 -58.02 -32.23 -14.00
C LYS WA 376 -59.48 -32.19 -14.42
N MET WA 377 -60.38 -32.54 -13.49
CA MET WA 377 -61.79 -32.68 -13.81
C MET WA 377 -62.37 -31.37 -14.33
N ASN WA 378 -63.55 -31.47 -14.93
CA ASN WA 378 -64.21 -30.32 -15.50
C ASN WA 378 -65.25 -29.79 -14.51
N VAL WA 379 -65.45 -28.47 -14.52
CA VAL WA 379 -66.42 -27.84 -13.63
C VAL WA 379 -67.68 -27.55 -14.43
N GLY WA 380 -68.75 -28.27 -14.13
CA GLY WA 380 -70.00 -28.06 -14.83
C GLY WA 380 -70.59 -29.33 -15.41
N ASP WA 381 -70.17 -30.47 -14.90
CA ASP WA 381 -70.71 -31.74 -15.37
C ASP WA 381 -72.02 -32.06 -14.65
N ILE WA 382 -72.73 -33.05 -15.18
CA ILE WA 382 -74.02 -33.46 -14.63
C ILE WA 382 -73.79 -34.64 -13.70
N GLU WA 383 -74.06 -34.44 -12.41
CA GLU WA 383 -73.84 -35.51 -11.45
C GLU WA 383 -75.07 -36.38 -11.27
N ARG WA 384 -76.26 -35.81 -11.45
CA ARG WA 384 -77.49 -36.57 -11.26
C ARG WA 384 -78.62 -35.83 -11.94
N LEU WA 385 -79.58 -36.58 -12.45
CA LEU WA 385 -80.76 -36.02 -13.10
C LEU WA 385 -82.01 -36.58 -12.44
N SER WA 386 -83.13 -35.90 -12.65
CA SER WA 386 -84.44 -36.38 -12.21
C SER WA 386 -85.47 -35.79 -13.14
N VAL WA 387 -86.30 -36.65 -13.73
CA VAL WA 387 -87.23 -36.24 -14.77
C VAL WA 387 -88.63 -36.69 -14.39
N ALA WA 388 -89.60 -35.80 -14.54
CA ALA WA 388 -91.01 -36.10 -14.33
C ALA WA 388 -91.77 -35.71 -15.58
N VAL WA 389 -92.56 -36.64 -16.12
CA VAL WA 389 -93.26 -36.44 -17.38
C VAL WA 389 -94.73 -36.79 -17.19
N VAL WA 390 -95.61 -35.95 -17.73
CA VAL WA 390 -97.05 -36.20 -17.73
C VAL WA 390 -97.48 -36.44 -19.16
N VAL WA 391 -98.31 -37.46 -19.36
CA VAL WA 391 -98.84 -37.79 -20.68
C VAL WA 391 -100.36 -37.72 -20.62
N ASN WA 392 -100.97 -37.36 -21.74
CA ASN WA 392 -102.40 -37.11 -21.77
C ASN WA 392 -103.15 -38.40 -22.13
N TYR WA 393 -104.40 -38.47 -21.69
CA TYR WA 393 -105.31 -39.51 -22.13
C TYR WA 393 -105.71 -39.28 -23.59
N LYS WA 394 -106.46 -40.24 -24.12
CA LYS WA 394 -106.93 -40.15 -25.51
C LYS WA 394 -108.14 -41.06 -25.73
N LEU WA 402 -110.42 -43.20 -20.99
CA LEU WA 402 -109.56 -43.06 -22.16
C LEU WA 402 -108.08 -43.33 -21.82
N PRO WA 403 -107.79 -44.49 -21.24
CA PRO WA 403 -106.44 -44.72 -20.72
C PRO WA 403 -105.50 -45.22 -21.82
N LEU WA 404 -104.25 -44.79 -21.76
CA LEU WA 404 -103.23 -45.39 -22.60
C LEU WA 404 -102.79 -46.72 -22.03
N THR WA 405 -102.55 -47.68 -22.92
CA THR WA 405 -102.27 -49.05 -22.51
C THR WA 405 -100.92 -49.16 -21.80
N ALA WA 406 -100.58 -50.40 -21.42
CA ALA WA 406 -99.35 -50.63 -20.68
C ALA WA 406 -98.15 -50.72 -21.60
N ASP WA 407 -98.29 -51.35 -22.77
CA ASP WA 407 -97.17 -51.49 -23.69
C ASP WA 407 -96.72 -50.13 -24.22
N GLN WA 408 -97.69 -49.31 -24.63
CA GLN WA 408 -97.35 -47.97 -25.10
C GLN WA 408 -96.70 -47.14 -24.01
N MET WA 409 -97.21 -47.24 -22.78
CA MET WA 409 -96.57 -46.56 -21.67
C MET WA 409 -95.14 -47.04 -21.46
N LYS WA 410 -94.90 -48.34 -21.58
CA LYS WA 410 -93.55 -48.86 -21.36
C LYS WA 410 -92.60 -48.37 -22.45
N GLN WA 411 -93.04 -48.40 -23.71
CA GLN WA 411 -92.16 -47.92 -24.76
C GLN WA 411 -91.93 -46.42 -24.67
N ILE WA 412 -92.91 -45.66 -24.17
CA ILE WA 412 -92.71 -44.23 -23.99
C ILE WA 412 -91.71 -43.97 -22.87
N GLU WA 413 -91.84 -44.71 -21.77
CA GLU WA 413 -90.84 -44.64 -20.71
C GLU WA 413 -89.45 -44.96 -21.25
N ASP WA 414 -89.36 -45.95 -22.14
CA ASP WA 414 -88.06 -46.34 -22.64
C ASP WA 414 -87.48 -45.28 -23.57
N LEU WA 415 -88.31 -44.71 -24.44
CA LEU WA 415 -87.87 -43.58 -25.26
C LEU WA 415 -87.34 -42.45 -24.40
N THR WA 416 -88.07 -42.10 -23.34
CA THR WA 416 -87.62 -41.02 -22.47
C THR WA 416 -86.30 -41.36 -21.80
N ARG WA 417 -86.18 -42.58 -21.29
CA ARG WA 417 -84.94 -43.02 -20.68
C ARG WA 417 -83.78 -42.89 -21.64
N GLU WA 418 -83.97 -43.28 -22.90
CA GLU WA 418 -82.87 -43.18 -23.86
C GLU WA 418 -82.60 -41.76 -24.30
N ALA WA 419 -83.60 -40.89 -24.32
CA ALA WA 419 -83.41 -39.51 -24.72
C ALA WA 419 -82.79 -38.66 -23.63
N MET WA 420 -82.95 -39.05 -22.36
CA MET WA 420 -82.33 -38.31 -21.27
C MET WA 420 -80.82 -38.37 -21.35
N GLY WA 421 -80.28 -39.54 -21.63
CA GLY WA 421 -78.88 -39.81 -21.34
C GLY WA 421 -78.82 -40.56 -20.04
N PHE WA 422 -79.80 -41.44 -19.84
CA PHE WA 422 -79.98 -42.13 -18.57
C PHE WA 422 -78.74 -42.95 -18.23
N SER WA 423 -78.48 -43.10 -16.95
CA SER WA 423 -77.33 -43.87 -16.48
C SER WA 423 -77.55 -44.29 -15.05
N ASP WA 424 -77.66 -45.60 -14.83
CA ASP WA 424 -77.80 -46.14 -13.48
C ASP WA 424 -76.53 -45.95 -12.65
N LYS WA 425 -75.45 -45.42 -13.23
CA LYS WA 425 -74.27 -45.09 -12.45
C LYS WA 425 -74.50 -43.85 -11.61
N ARG WA 426 -75.02 -42.78 -12.23
CA ARG WA 426 -75.19 -41.52 -11.53
C ARG WA 426 -76.38 -41.55 -10.58
N GLY WA 427 -77.19 -42.60 -10.62
CA GLY WA 427 -78.35 -42.65 -9.77
C GLY WA 427 -79.52 -41.86 -10.30
N ASP WA 428 -79.62 -41.71 -11.62
CA ASP WA 428 -80.69 -40.92 -12.20
C ASP WA 428 -82.04 -41.57 -11.92
N THR WA 429 -83.08 -40.75 -11.96
CA THR WA 429 -84.44 -41.19 -11.65
C THR WA 429 -85.41 -40.67 -12.69
N LEU WA 430 -86.33 -41.53 -13.11
CA LEU WA 430 -87.35 -41.18 -14.07
C LEU WA 430 -88.70 -41.67 -13.56
N ASN WA 431 -89.76 -40.91 -13.83
CA ASN WA 431 -91.11 -41.39 -13.54
C ASN WA 431 -92.09 -40.70 -14.48
N VAL WA 432 -92.79 -41.50 -15.28
CA VAL WA 432 -93.79 -41.03 -16.21
C VAL WA 432 -95.15 -41.48 -15.72
N VAL WA 433 -96.09 -40.54 -15.62
CA VAL WA 433 -97.43 -40.83 -15.13
C VAL WA 433 -98.44 -40.37 -16.15
N ASN WA 434 -99.58 -41.05 -16.17
CA ASN WA 434 -100.66 -40.76 -17.11
C ASN WA 434 -101.89 -40.31 -16.32
N SER WA 435 -102.39 -39.12 -16.65
CA SER WA 435 -103.55 -38.58 -15.97
C SER WA 435 -104.25 -37.60 -16.90
N PRO WA 436 -105.57 -37.52 -16.86
CA PRO WA 436 -106.29 -36.67 -17.81
C PRO WA 436 -105.97 -35.20 -17.58
N PHE WA 437 -105.90 -34.46 -18.67
CA PHE WA 437 -105.56 -33.04 -18.58
C PHE WA 437 -106.83 -32.23 -18.37
N SER WA 438 -106.66 -30.95 -18.05
CA SER WA 438 -107.79 -30.05 -17.84
C SER WA 438 -107.37 -28.61 -18.09
N ASP XA 232 -75.86 -10.52 3.36
CA ASP XA 232 -76.07 -9.56 2.28
C ASP XA 232 -76.71 -10.19 1.04
N ALA XA 233 -75.89 -10.68 0.11
CA ALA XA 233 -76.43 -11.23 -1.13
C ALA XA 233 -76.87 -12.69 -0.99
N GLN XA 234 -76.42 -13.36 0.08
CA GLN XA 234 -76.78 -14.77 0.27
C GLN XA 234 -78.28 -14.97 0.27
N LEU XA 235 -79.02 -14.04 0.88
CA LEU XA 235 -80.47 -14.14 0.88
C LEU XA 235 -81.04 -14.06 -0.52
N LYS XA 236 -80.47 -13.19 -1.37
CA LYS XA 236 -80.98 -13.07 -2.73
C LYS XA 236 -80.70 -14.34 -3.51
N PHE XA 237 -79.51 -14.91 -3.36
CA PHE XA 237 -79.20 -16.16 -4.06
C PHE XA 237 -80.14 -17.29 -3.62
N ALA XA 238 -80.35 -17.42 -2.31
CA ALA XA 238 -81.27 -18.44 -1.81
C ALA XA 238 -82.68 -18.21 -2.32
N ASN XA 239 -83.12 -16.96 -2.36
CA ASN XA 239 -84.44 -16.66 -2.88
C ASN XA 239 -84.57 -17.08 -4.34
N ASP XA 240 -83.52 -16.84 -5.13
CA ASP XA 240 -83.57 -17.24 -6.53
C ASP XA 240 -83.68 -18.75 -6.68
N VAL XA 241 -82.89 -19.51 -5.91
CA VAL XA 241 -82.97 -20.97 -5.99
C VAL XA 241 -84.36 -21.45 -5.60
N GLU XA 242 -84.90 -20.92 -4.50
CA GLU XA 242 -86.23 -21.30 -4.07
C GLU XA 242 -87.28 -20.97 -5.14
N SER XA 243 -87.13 -19.83 -5.80
CA SER XA 243 -88.10 -19.46 -6.83
C SER XA 243 -88.03 -20.43 -8.00
N ARG XA 244 -86.83 -20.81 -8.42
CA ARG XA 244 -86.69 -21.82 -9.46
C ARG XA 244 -87.43 -23.09 -9.10
N ILE XA 245 -87.14 -23.66 -7.93
CA ILE XA 245 -87.75 -24.94 -7.59
C ILE XA 245 -89.26 -24.80 -7.47
N GLN XA 246 -89.74 -23.69 -6.93
CA GLN XA 246 -91.18 -23.51 -6.76
C GLN XA 246 -91.88 -23.41 -8.11
N ARG XA 247 -91.35 -22.59 -9.03
CA ARG XA 247 -91.99 -22.46 -10.33
C ARG XA 247 -91.96 -23.78 -11.08
N ARG XA 248 -90.89 -24.56 -10.94
CA ARG XA 248 -90.84 -25.84 -11.62
C ARG XA 248 -91.88 -26.81 -11.08
N ILE XA 249 -92.01 -26.90 -9.75
CA ILE XA 249 -93.00 -27.80 -9.16
C ILE XA 249 -94.41 -27.39 -9.59
N GLU XA 250 -94.71 -26.10 -9.52
CA GLU XA 250 -96.04 -25.67 -9.92
C GLU XA 250 -96.30 -25.90 -11.41
N ALA XA 251 -95.31 -25.68 -12.27
CA ALA XA 251 -95.51 -25.87 -13.69
C ALA XA 251 -95.67 -27.34 -14.08
N ILE XA 252 -95.00 -28.26 -13.39
CA ILE XA 252 -95.25 -29.67 -13.67
C ILE XA 252 -96.58 -30.14 -13.10
N LEU XA 253 -96.97 -29.71 -11.90
CA LEU XA 253 -98.19 -30.22 -11.29
C LEU XA 253 -99.46 -29.51 -11.75
N SER XA 254 -99.36 -28.36 -12.39
CA SER XA 254 -100.56 -27.66 -12.81
C SER XA 254 -101.38 -28.42 -13.86
N PRO XA 255 -100.81 -28.95 -14.95
CA PRO XA 255 -101.67 -29.56 -15.97
C PRO XA 255 -102.53 -30.71 -15.46
N ILE XA 256 -102.14 -31.37 -14.39
CA ILE XA 256 -102.93 -32.48 -13.87
C ILE XA 256 -104.13 -31.97 -13.07
N VAL XA 257 -103.89 -31.06 -12.13
CA VAL XA 257 -104.94 -30.67 -11.19
C VAL XA 257 -105.68 -29.40 -11.59
N GLY XA 258 -105.11 -28.57 -12.46
CA GLY XA 258 -105.78 -27.38 -12.93
C GLY XA 258 -104.83 -26.21 -13.05
N ASN XA 259 -105.40 -25.07 -13.45
CA ASN XA 259 -104.59 -23.89 -13.68
C ASN XA 259 -103.92 -23.41 -12.39
N GLY XA 260 -104.70 -23.14 -11.36
CA GLY XA 260 -104.14 -22.54 -10.16
C GLY XA 260 -104.63 -23.17 -8.87
N ASN XA 261 -104.89 -24.47 -8.90
CA ASN XA 261 -105.38 -25.19 -7.74
C ASN XA 261 -104.27 -25.87 -6.96
N VAL XA 262 -103.07 -25.29 -6.95
CA VAL XA 262 -101.95 -25.85 -6.20
C VAL XA 262 -100.98 -24.71 -5.89
N HIS XA 263 -100.39 -24.76 -4.69
CA HIS XA 263 -99.36 -23.82 -4.27
C HIS XA 263 -98.26 -24.58 -3.55
N ALA XA 264 -97.05 -24.06 -3.62
CA ALA XA 264 -95.90 -24.70 -2.99
C ALA XA 264 -94.93 -23.64 -2.49
N GLN XA 265 -94.27 -23.93 -1.38
CA GLN XA 265 -93.25 -23.07 -0.81
C GLN XA 265 -92.11 -23.95 -0.34
N VAL XA 266 -90.88 -23.58 -0.71
CA VAL XA 266 -89.71 -24.41 -0.45
C VAL XA 266 -88.73 -23.60 0.38
N THR XA 267 -88.02 -24.28 1.28
CA THR XA 267 -87.01 -23.66 2.11
C THR XA 267 -85.68 -24.35 1.89
N ALA XA 268 -84.70 -23.62 1.38
CA ALA XA 268 -83.42 -24.17 0.96
C ALA XA 268 -82.37 -23.86 2.01
N GLN XA 269 -81.72 -24.88 2.53
CA GLN XA 269 -80.59 -24.72 3.44
C GLN XA 269 -79.32 -24.70 2.62
N LEU XA 270 -78.83 -23.50 2.30
CA LEU XA 270 -77.63 -23.35 1.50
C LEU XA 270 -76.41 -23.34 2.38
N ASP XA 271 -75.27 -23.71 1.81
CA ASP XA 271 -74.01 -23.75 2.54
C ASP XA 271 -73.02 -22.83 1.84
N PHE XA 272 -72.37 -21.95 2.60
CA PHE XA 272 -71.43 -20.99 2.05
C PHE XA 272 -70.04 -21.12 2.65
N ALA XA 273 -69.79 -22.18 3.42
CA ALA XA 273 -68.50 -22.32 4.06
C ALA XA 273 -67.44 -22.74 3.05
N ASN XA 274 -66.45 -21.87 2.85
CA ASN XA 274 -65.33 -22.19 1.97
C ASN XA 274 -64.59 -23.42 2.50
N LYS XA 275 -64.30 -24.37 1.61
CA LYS XA 275 -63.82 -25.67 2.05
C LYS XA 275 -62.84 -26.20 1.00
N GLU XA 276 -61.69 -26.69 1.46
CA GLU XA 276 -60.74 -27.39 0.60
C GLU XA 276 -60.64 -28.84 1.05
N GLN XA 277 -59.73 -29.58 0.40
CA GLN XA 277 -59.49 -30.97 0.76
C GLN XA 277 -58.26 -31.47 0.02
N THR XA 278 -57.61 -32.49 0.57
CA THR XA 278 -56.47 -33.14 -0.08
C THR XA 278 -56.39 -34.59 0.38
N GLU XA 279 -56.94 -35.51 -0.40
CA GLU XA 279 -56.74 -36.91 -0.09
C GLU XA 279 -55.34 -37.35 -0.52
N GLU XA 280 -54.95 -38.52 -0.03
CA GLU XA 280 -53.72 -39.16 -0.49
C GLU XA 280 -53.87 -40.65 -0.22
N HIS XA 281 -54.21 -41.42 -1.24
CA HIS XA 281 -54.57 -42.81 -1.07
C HIS XA 281 -53.44 -43.72 -1.52
N TYR XA 282 -53.24 -44.80 -0.77
CA TYR XA 282 -52.20 -45.77 -1.06
C TYR XA 282 -52.81 -47.15 -1.17
N SER XA 283 -52.49 -47.85 -2.24
CA SER XA 283 -53.02 -49.20 -2.36
C SER XA 283 -52.17 -50.17 -1.53
N PRO XA 284 -52.80 -51.13 -0.87
CA PRO XA 284 -52.03 -52.04 -0.02
C PRO XA 284 -51.14 -52.94 -0.83
N ASN XA 285 -49.91 -53.13 -0.36
CA ASN XA 285 -48.96 -54.04 -0.97
C ASN XA 285 -48.42 -55.03 0.05
N GLY XA 286 -49.24 -55.40 1.03
CA GLY XA 286 -48.79 -56.38 2.00
C GLY XA 286 -48.71 -57.78 1.44
N ASP XA 287 -49.71 -58.18 0.66
CA ASP XA 287 -49.73 -59.52 0.11
C ASP XA 287 -48.63 -59.64 -0.94
N ALA XA 288 -47.89 -60.76 -0.88
CA ALA XA 288 -46.76 -60.95 -1.78
C ALA XA 288 -47.19 -61.25 -3.21
N SER XA 289 -48.49 -61.42 -3.46
CA SER XA 289 -48.97 -61.73 -4.79
C SER XA 289 -48.82 -60.57 -5.76
N LYS XA 290 -48.96 -59.34 -5.28
CA LYS XA 290 -48.79 -58.19 -6.15
C LYS XA 290 -47.97 -57.08 -5.51
N ALA XA 291 -46.96 -57.41 -4.71
CA ALA XA 291 -46.00 -56.42 -4.28
C ALA XA 291 -45.22 -55.91 -5.48
N THR XA 292 -44.53 -54.79 -5.29
CA THR XA 292 -43.71 -54.20 -6.35
C THR XA 292 -42.32 -53.97 -5.79
N LEU XA 293 -41.48 -54.99 -5.87
CA LEU XA 293 -40.13 -54.91 -5.31
C LEU XA 293 -39.25 -54.06 -6.21
N ARG XA 294 -38.50 -53.15 -5.60
CA ARG XA 294 -37.47 -52.43 -6.35
C ARG XA 294 -36.11 -53.05 -6.08
N SER XA 295 -35.86 -53.48 -4.85
CA SER XA 295 -34.66 -54.20 -4.49
C SER XA 295 -35.05 -55.45 -3.72
N ARG XA 296 -34.04 -56.18 -3.26
CA ARG XA 296 -34.25 -57.35 -2.40
C ARG XA 296 -32.89 -57.87 -2.00
N GLN XA 297 -32.84 -58.63 -0.91
CA GLN XA 297 -31.63 -59.35 -0.51
C GLN XA 297 -32.06 -60.49 0.41
N LEU XA 298 -31.86 -61.72 -0.02
CA LEU XA 298 -32.37 -62.89 0.71
C LEU XA 298 -31.21 -63.83 1.00
N ASN XA 299 -30.67 -63.76 2.21
CA ASN XA 299 -29.61 -64.66 2.64
C ASN XA 299 -30.22 -65.83 3.39
N ILE XA 300 -29.69 -67.02 3.16
CA ILE XA 300 -30.20 -68.24 3.78
C ILE XA 300 -29.00 -69.11 4.14
N SER XA 301 -28.77 -69.30 5.43
CA SER XA 301 -27.79 -70.26 5.92
C SER XA 301 -28.52 -71.44 6.54
N GLU XA 302 -27.81 -72.57 6.63
CA GLU XA 302 -28.41 -73.76 7.21
C GLU XA 302 -27.29 -74.75 7.52
N GLN XA 303 -27.24 -75.24 8.75
CA GLN XA 303 -26.24 -76.19 9.17
C GLN XA 303 -26.92 -77.41 9.78
N VAL XA 304 -26.24 -78.54 9.75
CA VAL XA 304 -26.73 -79.75 10.40
C VAL XA 304 -25.60 -80.45 11.13
N PRO XA 355 -29.38 -80.98 15.42
CA PRO XA 355 -28.72 -79.69 15.58
C PRO XA 355 -28.95 -78.77 14.38
N ARG XA 356 -30.18 -78.78 13.87
CA ARG XA 356 -30.52 -78.10 12.62
C ARG XA 356 -30.59 -76.60 12.86
N SER XA 357 -29.43 -75.96 13.00
CA SER XA 357 -29.34 -74.52 13.08
C SER XA 357 -29.75 -73.93 11.73
N THR XA 358 -30.35 -72.73 11.76
CA THR XA 358 -30.84 -72.12 10.54
C THR XA 358 -30.58 -70.62 10.62
N GLN XA 359 -30.99 -69.90 9.57
CA GLN XA 359 -30.85 -68.46 9.47
C GLN XA 359 -31.59 -68.00 8.22
N ARG XA 360 -32.19 -66.80 8.28
CA ARG XA 360 -32.89 -66.27 7.12
C ARG XA 360 -33.00 -64.76 7.27
N ASN XA 361 -32.17 -64.02 6.56
CA ASN XA 361 -32.27 -62.57 6.51
C ASN XA 361 -32.93 -62.15 5.20
N GLU XA 362 -33.65 -61.03 5.23
CA GLU XA 362 -34.38 -60.61 4.04
C GLU XA 362 -34.67 -59.11 4.13
N THR XA 363 -33.98 -58.33 3.30
CA THR XA 363 -34.27 -56.92 3.15
C THR XA 363 -35.07 -56.70 1.87
N SER XA 364 -36.06 -55.81 1.94
CA SER XA 364 -36.90 -55.55 0.79
C SER XA 364 -37.21 -54.07 0.70
N ASN XA 365 -37.09 -53.51 -0.50
CA ASN XA 365 -37.50 -52.15 -0.78
C ASN XA 365 -38.64 -52.17 -1.77
N TYR XA 366 -39.72 -51.49 -1.45
CA TYR XA 366 -40.95 -51.58 -2.22
C TYR XA 366 -41.18 -50.31 -3.04
N GLU XA 367 -42.14 -50.39 -3.94
CA GLU XA 367 -42.71 -49.24 -4.61
C GLU XA 367 -44.21 -49.29 -4.43
N VAL XA 368 -44.84 -48.14 -4.24
CA VAL XA 368 -46.23 -48.06 -3.84
C VAL XA 368 -47.00 -47.17 -4.80
N ASP XA 369 -48.26 -47.53 -5.04
CA ASP XA 369 -49.16 -46.69 -5.80
C ASP XA 369 -49.43 -45.40 -5.03
N ARG XA 370 -50.10 -44.46 -5.68
CA ARG XA 370 -50.43 -43.20 -5.02
C ARG XA 370 -51.53 -42.49 -5.79
N THR XA 371 -52.48 -41.92 -5.07
CA THR XA 371 -53.50 -41.07 -5.65
C THR XA 371 -53.62 -39.80 -4.82
N ILE XA 372 -53.69 -38.66 -5.49
CA ILE XA 372 -53.72 -37.37 -4.82
C ILE XA 372 -54.78 -36.52 -5.49
N ARG XA 373 -55.79 -36.10 -4.74
CA ARG XA 373 -56.83 -35.21 -5.23
C ARG XA 373 -56.79 -33.91 -4.44
N HIS XA 374 -57.10 -32.80 -5.12
CA HIS XA 374 -57.19 -31.50 -4.47
C HIS XA 374 -58.57 -30.94 -4.76
N THR XA 375 -59.55 -31.33 -3.96
CA THR XA 375 -60.93 -30.96 -4.16
C THR XA 375 -61.22 -29.67 -3.43
N LYS XA 376 -61.57 -28.63 -4.18
CA LYS XA 376 -61.96 -27.34 -3.60
C LYS XA 376 -63.46 -27.18 -3.81
N MET XA 377 -64.22 -27.40 -2.73
CA MET XA 377 -65.67 -27.42 -2.81
C MET XA 377 -66.21 -26.08 -3.31
N ASN XA 378 -67.47 -26.11 -3.71
CA ASN XA 378 -68.12 -24.91 -4.23
C ASN XA 378 -68.93 -24.24 -3.13
N VAL XA 379 -69.02 -22.92 -3.19
CA VAL XA 379 -69.77 -22.15 -2.20
C VAL XA 379 -71.12 -21.77 -2.81
N GLY XA 380 -72.18 -22.38 -2.29
CA GLY XA 380 -73.50 -22.08 -2.81
C GLY XA 380 -74.30 -23.31 -3.21
N ASP XA 381 -73.89 -24.48 -2.70
CA ASP XA 381 -74.61 -25.70 -3.00
C ASP XA 381 -75.81 -25.85 -2.07
N ILE XA 382 -76.68 -26.79 -2.43
CA ILE XA 382 -77.89 -27.05 -1.66
C ILE XA 382 -77.63 -28.20 -0.70
N GLU XA 383 -77.66 -27.93 0.60
CA GLU XA 383 -77.39 -28.97 1.58
C GLU XA 383 -78.65 -29.70 2.00
N ARG XA 384 -79.79 -29.03 1.96
CA ARG XA 384 -81.04 -29.65 2.39
C ARG XA 384 -82.20 -28.84 1.86
N LEU XA 385 -83.29 -29.52 1.54
CA LEU XA 385 -84.51 -28.87 1.07
C LEU XA 385 -85.67 -29.29 1.94
N SER XA 386 -86.75 -28.52 1.87
CA SER XA 386 -88.00 -28.84 2.54
C SER XA 386 -89.12 -28.19 1.74
N VAL XA 387 -90.11 -28.99 1.35
CA VAL XA 387 -91.15 -28.54 0.44
C VAL XA 387 -92.50 -28.85 1.06
N ALA XA 388 -93.40 -27.87 1.01
CA ALA XA 388 -94.78 -28.03 1.45
C ALA XA 388 -95.69 -27.61 0.31
N VAL XA 389 -96.64 -28.49 -0.03
CA VAL XA 389 -97.52 -28.27 -1.17
C VAL XA 389 -98.96 -28.48 -0.74
N VAL XA 390 -99.84 -27.58 -1.18
CA VAL XA 390 -101.27 -27.70 -0.94
C VAL XA 390 -101.95 -27.96 -2.27
N VAL XA 391 -102.89 -28.89 -2.28
CA VAL XA 391 -103.65 -29.23 -3.48
C VAL XA 391 -105.12 -29.01 -3.19
N ASN XA 392 -105.88 -28.64 -4.22
CA ASN XA 392 -107.27 -28.27 -4.04
C ASN XA 392 -108.18 -29.49 -4.20
N TYR XA 393 -109.34 -29.41 -3.56
CA TYR XA 393 -110.40 -30.39 -3.80
C TYR XA 393 -111.01 -30.18 -5.18
N LYS XA 394 -111.92 -31.09 -5.54
CA LYS XA 394 -112.59 -31.01 -6.83
C LYS XA 394 -113.89 -31.81 -6.81
N LEU XA 402 -115.56 -33.51 -1.65
CA LEU XA 402 -114.89 -33.50 -2.94
C LEU XA 402 -113.41 -33.90 -2.82
N PRO XA 403 -113.13 -35.06 -2.23
CA PRO XA 403 -111.74 -35.39 -1.93
C PRO XA 403 -111.04 -36.03 -3.11
N LEU XA 404 -109.76 -35.71 -3.27
CA LEU XA 404 -108.95 -36.45 -4.25
C LEU XA 404 -108.54 -37.80 -3.66
N THR XA 405 -108.53 -38.81 -4.52
CA THR XA 405 -108.32 -40.17 -4.07
C THR XA 405 -106.88 -40.40 -3.58
N ALA XA 406 -106.60 -41.64 -3.18
CA ALA XA 406 -105.29 -41.95 -2.63
C ALA XA 406 -104.25 -42.20 -3.72
N ASP XA 407 -104.65 -42.87 -4.81
CA ASP XA 407 -103.71 -43.15 -5.88
C ASP XA 407 -103.23 -41.87 -6.56
N GLN XA 408 -104.17 -40.97 -6.87
CA GLN XA 408 -103.80 -39.69 -7.47
C GLN XA 408 -102.91 -38.89 -6.53
N MET XA 409 -103.22 -38.89 -5.24
CA MET XA 409 -102.35 -38.21 -4.28
C MET XA 409 -100.95 -38.82 -4.28
N LYS XA 410 -100.85 -40.15 -4.35
CA LYS XA 410 -99.54 -40.78 -4.32
C LYS XA 410 -98.74 -40.45 -5.56
N GLN XA 411 -99.38 -40.48 -6.73
CA GLN XA 411 -98.64 -40.14 -7.94
C GLN XA 411 -98.27 -38.66 -7.97
N ILE XA 412 -99.08 -37.78 -7.37
CA ILE XA 412 -98.73 -36.37 -7.31
C ILE XA 412 -97.55 -36.16 -6.38
N GLU XA 413 -97.56 -36.84 -5.23
CA GLU XA 413 -96.39 -36.81 -4.35
C GLU XA 413 -95.16 -37.29 -5.07
N ASP XA 414 -95.29 -38.32 -5.90
CA ASP XA 414 -94.13 -38.87 -6.59
C ASP XA 414 -93.61 -37.91 -7.66
N LEU XA 415 -94.52 -37.30 -8.42
CA LEU XA 415 -94.12 -36.26 -9.36
C LEU XA 415 -93.36 -35.14 -8.67
N THR XA 416 -93.87 -34.67 -7.52
CA THR XA 416 -93.19 -33.61 -6.80
C THR XA 416 -91.83 -34.05 -6.33
N ARG XA 417 -91.74 -35.25 -5.77
CA ARG XA 417 -90.45 -35.78 -5.34
C ARG XA 417 -89.45 -35.80 -6.48
N GLU XA 418 -89.87 -36.23 -7.67
CA GLU XA 418 -88.95 -36.29 -8.79
C GLU XA 418 -88.61 -34.91 -9.35
N ALA XA 419 -89.53 -33.95 -9.26
CA ALA XA 419 -89.29 -32.62 -9.78
C ALA XA 419 -88.43 -31.78 -8.85
N MET XA 420 -88.41 -32.10 -7.56
CA MET XA 420 -87.57 -31.37 -6.62
C MET XA 420 -86.09 -31.58 -6.93
N GLY XA 421 -85.71 -32.81 -7.21
CA GLY XA 421 -84.32 -33.20 -7.14
C GLY XA 421 -84.11 -33.89 -5.81
N PHE XA 422 -85.13 -34.66 -5.41
CA PHE XA 422 -85.15 -35.28 -4.09
C PHE XA 422 -83.96 -36.19 -3.90
N SER XA 423 -83.50 -36.31 -2.66
CA SER XA 423 -82.37 -37.17 -2.35
C SER XA 423 -82.39 -37.50 -0.87
N ASP XA 424 -82.59 -38.79 -0.55
CA ASP XA 424 -82.54 -39.24 0.82
C ASP XA 424 -81.15 -39.13 1.44
N LYS XA 425 -80.14 -38.75 0.66
CA LYS XA 425 -78.82 -38.49 1.23
C LYS XA 425 -78.80 -37.20 2.02
N ARG XA 426 -79.32 -36.11 1.43
CA ARG XA 426 -79.26 -34.82 2.07
C ARG XA 426 -80.28 -34.69 3.18
N GLY XA 427 -81.17 -35.65 3.34
CA GLY XA 427 -82.19 -35.56 4.36
C GLY XA 427 -83.35 -34.67 3.97
N ASP XA 428 -83.64 -34.58 2.68
CA ASP XA 428 -84.72 -33.72 2.22
C ASP XA 428 -86.06 -34.22 2.76
N THR XA 429 -87.03 -33.31 2.82
CA THR XA 429 -88.34 -33.60 3.38
C THR XA 429 -89.42 -33.03 2.46
N LEU XA 430 -90.46 -33.82 2.26
CA LEU XA 430 -91.60 -33.41 1.44
C LEU XA 430 -92.88 -33.76 2.18
N ASN XA 431 -93.89 -32.91 2.04
CA ASN XA 431 -95.21 -33.23 2.56
C ASN XA 431 -96.27 -32.51 1.75
N VAL XA 432 -97.15 -33.27 1.12
CA VAL XA 432 -98.25 -32.74 0.33
C VAL XA 432 -99.55 -33.03 1.05
N VAL XA 433 -100.37 -32.00 1.24
CA VAL XA 433 -101.63 -32.15 1.96
C VAL XA 433 -102.76 -31.64 1.07
N ASN XA 434 -103.94 -32.20 1.28
CA ASN XA 434 -105.13 -31.85 0.51
C ASN XA 434 -106.16 -31.25 1.44
N SER XA 435 -106.62 -30.04 1.13
CA SER XA 435 -107.59 -29.34 1.95
C SER XA 435 -108.35 -28.36 1.08
N PRO XA 436 -109.63 -28.14 1.33
CA PRO XA 436 -110.41 -27.27 0.45
C PRO XA 436 -109.93 -25.84 0.54
N PHE XA 437 -109.97 -25.15 -0.59
CA PHE XA 437 -109.50 -23.78 -0.64
C PHE XA 437 -110.64 -22.83 -0.28
N SER XA 438 -110.31 -21.57 -0.08
CA SER XA 438 -111.30 -20.55 0.26
C SER XA 438 -110.81 -19.17 -0.13
N ASP YA 232 -74.86 -3.45 15.39
CA ASP YA 232 -75.14 -2.50 14.32
C ASP YA 232 -76.02 -3.11 13.23
N ALA YA 233 -75.41 -3.72 12.20
CA ALA YA 233 -76.19 -4.27 11.10
C ALA YA 233 -76.72 -5.66 11.37
N GLN YA 234 -76.18 -6.34 12.39
CA GLN YA 234 -76.62 -7.70 12.70
C GLN YA 234 -78.11 -7.76 12.95
N LEU YA 235 -78.66 -6.74 13.61
CA LEU YA 235 -80.09 -6.70 13.86
C LEU YA 235 -80.87 -6.61 12.54
N LYS YA 236 -80.38 -5.84 11.58
CA LYS YA 236 -81.08 -5.73 10.31
C LYS YA 236 -81.04 -7.04 9.55
N PHE YA 237 -79.89 -7.71 9.54
CA PHE YA 237 -79.81 -9.01 8.88
C PHE YA 237 -80.75 -10.03 9.51
N ALA YA 238 -80.76 -10.09 10.85
CA ALA YA 238 -81.68 -11.00 11.52
C ALA YA 238 -83.13 -10.66 11.22
N ASN YA 239 -83.47 -9.38 11.19
CA ASN YA 239 -84.82 -8.97 10.87
C ASN YA 239 -85.21 -9.42 9.47
N ASP YA 240 -84.29 -9.31 8.52
CA ASP YA 240 -84.59 -9.76 7.16
C ASP YA 240 -84.86 -11.26 7.11
N VAL YA 241 -84.02 -12.05 7.79
CA VAL YA 241 -84.23 -13.50 7.79
C VAL YA 241 -85.58 -13.83 8.41
N GLU YA 242 -85.90 -13.22 9.55
CA GLU YA 242 -87.17 -13.47 10.20
C GLU YA 242 -88.34 -13.08 9.30
N SER YA 243 -88.20 -11.97 8.57
CA SER YA 243 -89.29 -11.55 7.68
C SER YA 243 -89.49 -12.57 6.56
N ARG YA 244 -88.40 -13.07 5.99
CA ARG YA 244 -88.53 -14.12 4.98
C ARG YA 244 -89.31 -15.31 5.51
N ILE YA 245 -88.89 -15.85 6.65
CA ILE YA 245 -89.55 -17.05 7.14
C ILE YA 245 -90.99 -16.78 7.49
N GLN YA 246 -91.28 -15.60 8.04
CA GLN YA 246 -92.66 -15.29 8.42
C GLN YA 246 -93.56 -15.17 7.19
N ARG YA 247 -93.10 -14.44 6.17
CA ARG YA 247 -93.94 -14.30 4.98
C ARG YA 247 -94.13 -15.64 4.29
N ARG YA 248 -93.12 -16.51 4.31
CA ARG YA 248 -93.30 -17.82 3.69
C ARG YA 248 -94.33 -18.66 4.44
N ILE YA 249 -94.24 -18.70 5.77
CA ILE YA 249 -95.21 -19.47 6.55
C ILE YA 249 -96.62 -18.95 6.32
N GLU YA 250 -96.80 -17.63 6.38
CA GLU YA 250 -98.13 -17.10 6.16
C GLU YA 250 -98.64 -17.35 4.75
N ALA YA 251 -97.78 -17.25 3.73
CA ALA YA 251 -98.22 -17.48 2.38
C ALA YA 251 -98.56 -18.93 2.09
N ILE YA 252 -97.88 -19.89 2.72
CA ILE YA 252 -98.29 -21.28 2.54
C ILE YA 252 -99.56 -21.61 3.33
N LEU YA 253 -99.71 -21.10 4.55
CA LEU YA 253 -100.86 -21.46 5.37
C LEU YA 253 -102.11 -20.66 5.08
N SER YA 254 -102.02 -19.54 4.36
CA SER YA 254 -103.21 -18.75 4.11
C SER YA 254 -104.25 -19.47 3.23
N PRO YA 255 -103.91 -20.08 2.10
CA PRO YA 255 -104.96 -20.65 1.25
C PRO YA 255 -105.83 -21.69 1.94
N ILE YA 256 -105.32 -22.35 2.99
CA ILE YA 256 -106.13 -23.36 3.67
C ILE YA 256 -107.14 -22.71 4.61
N VAL YA 257 -106.67 -21.80 5.46
CA VAL YA 257 -107.51 -21.27 6.54
C VAL YA 257 -108.20 -19.96 6.19
N GLY YA 258 -107.70 -19.22 5.20
CA GLY YA 258 -108.33 -17.99 4.79
C GLY YA 258 -107.31 -16.91 4.47
N ASN YA 259 -107.84 -15.74 4.09
CA ASN YA 259 -106.98 -14.65 3.69
C ASN YA 259 -106.08 -14.19 4.83
N GLY YA 260 -106.66 -13.81 5.97
CA GLY YA 260 -105.87 -13.23 7.03
C GLY YA 260 -106.19 -13.76 8.41
N ASN YA 261 -106.57 -15.03 8.48
CA ASN YA 261 -106.93 -15.66 9.73
C ASN YA 261 -105.77 -16.41 10.38
N VAL YA 262 -104.54 -15.95 10.16
CA VAL YA 262 -103.37 -16.58 10.76
C VAL YA 262 -102.26 -15.53 10.87
N HIS YA 263 -101.49 -15.61 11.95
CA HIS YA 263 -100.34 -14.75 12.15
C HIS YA 263 -99.21 -15.57 12.74
N ALA YA 264 -97.98 -15.18 12.45
CA ALA YA 264 -96.81 -15.89 12.94
C ALA YA 264 -95.69 -14.92 13.22
N GLN YA 265 -94.89 -15.23 14.23
CA GLN YA 265 -93.71 -14.45 14.59
C GLN YA 265 -92.59 -15.41 14.93
N VAL YA 266 -91.41 -15.18 14.36
CA VAL YA 266 -90.29 -16.10 14.47
C VAL YA 266 -89.12 -15.36 15.10
N THR YA 267 -88.34 -16.07 15.90
CA THR YA 267 -87.16 -15.51 16.54
C THR YA 267 -85.96 -16.34 16.15
N ALA YA 268 -85.01 -15.71 15.46
CA ALA YA 268 -83.87 -16.40 14.89
C ALA YA 268 -82.63 -16.16 15.73
N GLN YA 269 -82.00 -17.22 16.20
CA GLN YA 269 -80.74 -17.13 16.91
C GLN YA 269 -79.61 -17.26 15.90
N LEU YA 270 -79.08 -16.12 15.45
CA LEU YA 270 -78.02 -16.11 14.47
C LEU YA 270 -76.66 -16.19 15.16
N ASP YA 271 -75.67 -16.67 14.43
CA ASP YA 271 -74.32 -16.81 14.96
C ASP YA 271 -73.38 -16.02 14.07
N PHE YA 272 -72.55 -15.17 14.68
CA PHE YA 272 -71.62 -14.33 13.94
C PHE YA 272 -70.17 -14.57 14.32
N ALA YA 273 -69.89 -15.62 15.10
CA ALA YA 273 -68.53 -15.87 15.53
C ALA YA 273 -67.69 -16.41 14.39
N ASN YA 274 -66.67 -15.64 14.00
CA ASN YA 274 -65.74 -16.09 12.98
C ASN YA 274 -65.03 -17.37 13.45
N LYS YA 275 -64.97 -18.37 12.58
CA LYS YA 275 -64.53 -19.70 12.99
C LYS YA 275 -63.79 -20.36 11.84
N GLU YA 276 -62.63 -20.93 12.13
CA GLU YA 276 -61.90 -21.75 11.18
C GLU YA 276 -61.85 -23.18 11.66
N GLN YA 277 -61.12 -24.02 10.93
CA GLN YA 277 -60.95 -25.42 11.30
C GLN YA 277 -59.90 -26.06 10.41
N THR YA 278 -59.26 -27.10 10.91
CA THR YA 278 -58.30 -27.89 10.12
C THR YA 278 -58.27 -29.32 10.64
N GLU YA 279 -59.02 -30.21 9.99
CA GLU YA 279 -58.90 -31.62 10.33
C GLU YA 279 -57.63 -32.20 9.73
N GLU YA 280 -57.27 -33.39 10.20
CA GLU YA 280 -56.19 -34.16 9.59
C GLU YA 280 -56.42 -35.61 9.95
N HIS YA 281 -56.98 -36.37 9.04
CA HIS YA 281 -57.43 -37.72 9.32
C HIS YA 281 -56.47 -38.75 8.75
N TYR YA 282 -56.25 -39.82 9.51
CA TYR YA 282 -55.35 -40.89 9.12
C TYR YA 282 -56.10 -42.22 9.17
N SER YA 283 -56.00 -42.97 8.11
CA SER YA 283 -56.66 -44.27 8.13
C SER YA 283 -55.79 -45.29 8.86
N PRO YA 284 -56.37 -46.15 9.67
CA PRO YA 284 -55.57 -47.10 10.43
C PRO YA 284 -54.90 -48.12 9.53
N ASN YA 285 -53.64 -48.40 9.82
CA ASN YA 285 -52.88 -49.42 9.11
C ASN YA 285 -52.26 -50.42 10.08
N GLY YA 286 -52.95 -50.68 11.19
CA GLY YA 286 -52.45 -51.66 12.14
C GLY YA 286 -52.57 -53.08 11.63
N ASP YA 287 -53.71 -53.41 11.04
CA ASP YA 287 -53.94 -54.77 10.57
C ASP YA 287 -53.03 -55.03 9.37
N ALA YA 288 -52.39 -56.19 9.37
CA ALA YA 288 -51.44 -56.54 8.31
C ALA YA 288 -52.12 -56.84 6.99
N SER YA 289 -53.45 -56.89 6.95
CA SER YA 289 -54.16 -57.21 5.72
C SER YA 289 -54.06 -56.10 4.68
N LYS YA 290 -54.03 -54.84 5.12
CA LYS YA 290 -53.90 -53.74 4.18
C LYS YA 290 -52.89 -52.69 4.63
N ALA YA 291 -51.80 -53.09 5.28
CA ALA YA 291 -50.70 -52.18 5.51
C ALA YA 291 -50.07 -51.79 4.18
N THR YA 292 -49.27 -50.73 4.20
CA THR YA 292 -48.58 -50.26 3.00
C THR YA 292 -47.10 -50.14 3.33
N LEU YA 293 -46.38 -51.23 3.17
CA LEU YA 293 -44.96 -51.26 3.51
C LEU YA 293 -44.16 -50.54 2.44
N ARG YA 294 -43.25 -49.67 2.87
CA ARG YA 294 -42.28 -49.09 1.95
C ARG YA 294 -40.96 -49.83 2.03
N SER YA 295 -40.56 -50.23 3.23
CA SER YA 295 -39.38 -51.04 3.43
C SER YA 295 -39.76 -52.23 4.33
N ARG YA 296 -38.75 -53.03 4.66
CA ARG YA 296 -38.92 -54.14 5.59
C ARG YA 296 -37.57 -54.78 5.80
N GLN YA 297 -37.40 -55.50 6.90
CA GLN YA 297 -36.22 -56.32 7.14
C GLN YA 297 -36.59 -57.37 8.18
N LEU YA 298 -36.57 -58.63 7.79
CA LEU YA 298 -37.06 -59.72 8.63
C LEU YA 298 -35.96 -60.75 8.79
N ASN YA 299 -35.24 -60.70 9.90
CA ASN YA 299 -34.20 -61.67 10.21
C ASN YA 299 -34.78 -62.75 11.10
N ILE YA 300 -34.40 -64.00 10.85
CA ILE YA 300 -34.90 -65.13 11.60
C ILE YA 300 -33.75 -66.10 11.82
N SER YA 301 -33.32 -66.27 13.06
CA SER YA 301 -32.37 -67.29 13.43
C SER YA 301 -33.09 -68.39 14.21
N GLU YA 302 -32.48 -69.57 14.26
CA GLU YA 302 -33.09 -70.69 14.97
C GLU YA 302 -32.02 -71.76 15.16
N GLN YA 303 -31.83 -72.20 16.39
CA GLN YA 303 -30.85 -73.24 16.71
C GLN YA 303 -31.53 -74.36 17.46
N VAL YA 304 -30.96 -75.56 17.39
CA VAL YA 304 -31.45 -76.69 18.16
C VAL YA 304 -30.28 -77.46 18.75
N PRO YA 355 -33.36 -77.49 23.58
CA PRO YA 355 -32.58 -76.25 23.56
C PRO YA 355 -32.91 -75.36 22.38
N ARG YA 356 -34.20 -75.27 22.07
CA ARG YA 356 -34.68 -74.61 20.86
C ARG YA 356 -34.58 -73.10 21.03
N SER YA 357 -33.36 -72.58 20.96
CA SER YA 357 -33.14 -71.14 20.94
C SER YA 357 -33.69 -70.55 19.66
N THR YA 358 -34.17 -69.32 19.71
CA THR YA 358 -34.81 -68.70 18.56
C THR YA 358 -34.40 -67.23 18.52
N GLN YA 359 -34.91 -66.52 17.51
CA GLN YA 359 -34.67 -65.10 17.33
C GLN YA 359 -35.55 -64.61 16.19
N ARG YA 360 -36.02 -63.37 16.28
CA ARG YA 360 -36.85 -62.81 15.21
C ARG YA 360 -36.81 -61.30 15.30
N ASN YA 361 -36.03 -60.66 14.43
CA ASN YA 361 -36.02 -59.21 14.33
C ASN YA 361 -36.83 -58.78 13.12
N GLU YA 362 -37.44 -57.60 13.20
CA GLU YA 362 -38.32 -57.14 12.13
C GLU YA 362 -38.45 -55.62 12.19
N THR YA 363 -37.84 -54.94 11.23
CA THR YA 363 -38.03 -53.52 11.05
C THR YA 363 -39.00 -53.26 9.91
N SER YA 364 -39.88 -52.29 10.07
CA SER YA 364 -40.87 -51.99 9.06
C SER YA 364 -41.06 -50.49 8.94
N ASN YA 365 -41.09 -49.99 7.72
CA ASN YA 365 -41.40 -48.60 7.43
C ASN YA 365 -42.69 -48.56 6.64
N TYR YA 366 -43.64 -47.76 7.09
CA TYR YA 366 -44.98 -47.77 6.51
C TYR YA 366 -45.22 -46.52 5.69
N GLU YA 367 -46.33 -46.54 4.95
CA GLU YA 367 -46.89 -45.36 4.32
C GLU YA 367 -48.34 -45.25 4.74
N VAL YA 368 -48.83 -44.04 4.96
CA VAL YA 368 -50.12 -43.83 5.57
C VAL YA 368 -50.96 -42.90 4.70
N ASP YA 369 -52.26 -43.16 4.67
CA ASP YA 369 -53.20 -42.25 4.02
C ASP YA 369 -53.23 -40.92 4.75
N ARG YA 370 -53.91 -39.95 4.17
CA ARG YA 370 -54.02 -38.64 4.82
C ARG YA 370 -55.16 -37.86 4.19
N THR YA 371 -55.93 -37.17 5.02
CA THR YA 371 -56.96 -36.25 4.56
C THR YA 371 -56.83 -34.95 5.33
N ILE YA 372 -56.91 -33.83 4.63
CA ILE YA 372 -56.72 -32.52 5.23
C ILE YA 372 -57.79 -31.59 4.69
N ARG YA 373 -58.63 -31.06 5.57
CA ARG YA 373 -59.65 -30.09 5.20
C ARG YA 373 -59.37 -28.77 5.90
N HIS YA 374 -59.69 -27.67 5.23
CA HIS YA 374 -59.56 -26.35 5.81
C HIS YA 374 -60.92 -25.66 5.72
N THR YA 375 -61.78 -25.93 6.69
CA THR YA 375 -63.15 -25.44 6.67
C THR YA 375 -63.21 -24.10 7.37
N LYS YA 376 -63.58 -23.06 6.63
CA LYS YA 376 -63.76 -21.73 7.20
C LYS YA 376 -65.25 -21.44 7.24
N MET YA 377 -65.84 -21.55 8.42
CA MET YA 377 -67.29 -21.43 8.57
C MET YA 377 -67.77 -20.07 8.09
N ASN YA 378 -69.09 -19.99 7.89
CA ASN YA 378 -69.70 -18.75 7.43
C ASN YA 378 -70.27 -17.98 8.60
N VAL YA 379 -70.25 -16.66 8.50
CA VAL YA 379 -70.76 -15.79 9.55
C VAL YA 379 -72.15 -15.30 9.14
N GLY YA 380 -73.17 -15.79 9.84
CA GLY YA 380 -74.53 -15.38 9.52
C GLY YA 380 -75.47 -16.55 9.31
N ASP YA 381 -75.10 -17.72 9.80
CA ASP YA 381 -75.96 -18.88 9.68
C ASP YA 381 -77.01 -18.90 10.79
N ILE YA 382 -78.00 -19.76 10.63
CA ILE YA 382 -79.10 -19.87 11.58
C ILE YA 382 -78.78 -21.02 12.54
N GLU YA 383 -78.58 -20.69 13.81
CA GLU YA 383 -78.25 -21.72 14.78
C GLU YA 383 -79.49 -22.31 15.44
N ARG YA 384 -80.56 -21.54 15.54
CA ARG YA 384 -81.77 -22.03 16.19
C ARG YA 384 -82.93 -21.14 15.80
N LEU YA 385 -84.11 -21.72 15.70
CA LEU YA 385 -85.32 -20.98 15.38
C LEU YA 385 -86.37 -21.25 16.44
N SER YA 386 -87.38 -20.39 16.50
CA SER YA 386 -88.52 -20.57 17.37
C SER YA 386 -89.69 -19.85 16.73
N VAL YA 387 -90.80 -20.56 16.53
CA VAL YA 387 -91.93 -20.05 15.77
C VAL YA 387 -93.19 -20.20 16.61
N ALA YA 388 -94.00 -19.14 16.65
CA ALA YA 388 -95.29 -19.16 17.30
C ALA YA 388 -96.33 -18.71 16.31
N VAL YA 389 -97.40 -19.49 16.15
CA VAL YA 389 -98.42 -19.24 15.15
C VAL YA 389 -99.78 -19.29 15.81
N VAL YA 390 -100.65 -18.34 15.47
CA VAL YA 390 -102.02 -18.31 15.93
C VAL YA 390 -102.93 -18.55 14.74
N VAL YA 391 -103.94 -19.40 14.92
CA VAL YA 391 -104.91 -19.71 13.87
C VAL YA 391 -106.29 -19.33 14.38
N ASN YA 392 -107.16 -18.94 13.45
CA ASN YA 392 -108.46 -18.42 13.83
C ASN YA 392 -109.49 -19.55 13.87
N TYR YA 393 -110.53 -19.34 14.68
CA TYR YA 393 -111.69 -20.23 14.66
C TYR YA 393 -112.49 -20.01 13.37
N LYS YA 394 -113.51 -20.84 13.21
CA LYS YA 394 -114.38 -20.75 12.03
C LYS YA 394 -115.73 -21.42 12.29
N LEU YA 402 -116.70 -22.77 17.73
CA LEU YA 402 -116.24 -22.88 16.34
C LEU YA 402 -114.81 -23.40 16.26
N PRO YA 403 -114.53 -24.56 16.86
CA PRO YA 403 -113.14 -25.01 16.96
C PRO YA 403 -112.71 -25.76 15.70
N LEU YA 404 -111.44 -25.57 15.33
CA LEU YA 404 -110.86 -26.41 14.30
C LEU YA 404 -110.49 -27.77 14.88
N THR YA 405 -110.69 -28.81 14.07
CA THR YA 405 -110.54 -30.17 14.55
C THR YA 405 -109.07 -30.50 14.83
N ALA YA 406 -108.84 -31.75 15.23
CA ALA YA 406 -107.49 -32.17 15.59
C ALA YA 406 -106.67 -32.56 14.37
N ASP YA 407 -107.29 -33.22 13.38
CA ASP YA 407 -106.55 -33.62 12.19
C ASP YA 407 -106.09 -32.42 11.39
N GLN YA 408 -106.98 -31.45 11.18
CA GLN YA 408 -106.60 -30.24 10.48
C GLN YA 408 -105.50 -29.48 11.22
N MET YA 409 -105.60 -29.41 12.55
CA MET YA 409 -104.53 -28.79 13.32
C MET YA 409 -103.21 -29.52 13.14
N LYS YA 410 -103.24 -30.86 13.12
CA LYS YA 410 -101.99 -31.60 12.98
C LYS YA 410 -101.38 -31.39 11.60
N GLN YA 411 -102.19 -31.40 10.56
CA GLN YA 411 -101.63 -31.17 9.23
C GLN YA 411 -101.14 -29.74 9.07
N ILE YA 412 -101.77 -28.78 9.75
CA ILE YA 412 -101.29 -27.40 9.68
C ILE YA 412 -99.96 -27.27 10.40
N GLU YA 413 -99.85 -27.90 11.58
CA GLU YA 413 -98.57 -27.95 12.26
C GLU YA 413 -97.49 -28.57 11.38
N ASP YA 414 -97.85 -29.61 10.63
CA ASP YA 414 -96.86 -30.29 9.81
C ASP YA 414 -96.44 -29.41 8.62
N LEU YA 415 -97.40 -28.75 7.98
CA LEU YA 415 -97.07 -27.80 6.93
C LEU YA 415 -96.11 -26.73 7.45
N THR YA 416 -96.41 -26.17 8.63
CA THR YA 416 -95.53 -25.15 9.19
C THR YA 416 -94.14 -25.70 9.46
N ARG YA 417 -94.07 -26.88 10.06
CA ARG YA 417 -92.78 -27.52 10.32
C ARG YA 417 -91.98 -27.67 9.04
N GLU YA 418 -92.62 -28.10 7.95
CA GLU YA 418 -91.89 -28.28 6.71
C GLU YA 418 -91.55 -26.96 6.03
N ALA YA 419 -92.35 -25.92 6.21
CA ALA YA 419 -92.07 -24.64 5.60
C ALA YA 419 -91.00 -23.85 6.35
N MET YA 420 -90.81 -24.12 7.64
CA MET YA 420 -89.77 -23.45 8.40
C MET YA 420 -88.39 -23.81 7.87
N GLY YA 421 -88.17 -25.08 7.59
CA GLY YA 421 -86.82 -25.58 7.47
C GLY YA 421 -86.47 -26.24 8.78
N PHE YA 422 -87.47 -26.91 9.37
CA PHE YA 422 -87.33 -27.46 10.71
C PHE YA 422 -86.20 -28.49 10.75
N SER YA 423 -85.57 -28.60 11.91
CA SER YA 423 -84.48 -29.54 12.09
C SER YA 423 -84.30 -29.83 13.57
N ASP YA 424 -84.55 -31.07 13.97
CA ASP YA 424 -84.33 -31.48 15.35
C ASP YA 424 -82.85 -31.49 15.73
N LYS YA 425 -81.95 -31.23 14.79
CA LYS YA 425 -80.54 -31.08 15.14
C LYS YA 425 -80.28 -29.76 15.85
N ARG YA 426 -80.79 -28.67 15.28
CA ARG YA 426 -80.52 -27.35 15.84
C ARG YA 426 -81.33 -27.08 17.11
N GLY YA 427 -82.27 -27.96 17.44
CA GLY YA 427 -83.10 -27.72 18.61
C GLY YA 427 -84.22 -26.75 18.35
N ASP YA 428 -84.71 -26.68 17.12
CA ASP YA 428 -85.78 -25.74 16.80
C ASP YA 428 -87.05 -26.09 17.55
N THR YA 429 -87.91 -25.09 17.72
CA THR YA 429 -89.14 -25.24 18.49
C THR YA 429 -90.29 -24.61 17.72
N LEU YA 430 -91.42 -25.30 17.71
CA LEU YA 430 -92.63 -24.82 17.07
C LEU YA 430 -93.80 -25.01 18.01
N ASN YA 431 -94.75 -24.08 18.00
CA ASN YA 431 -95.99 -24.26 18.72
C ASN YA 431 -97.10 -23.46 18.06
N VAL YA 432 -98.13 -24.16 17.60
CA VAL YA 432 -99.30 -23.56 16.96
C VAL YA 432 -100.48 -23.70 17.90
N VAL YA 433 -101.17 -22.59 18.16
CA VAL YA 433 -102.31 -22.59 19.07
C VAL YA 433 -103.51 -22.02 18.34
N ASN YA 434 -104.69 -22.46 18.76
CA ASN YA 434 -105.95 -22.03 18.17
C ASN YA 434 -106.77 -21.30 19.22
N SER YA 435 -107.15 -20.06 18.92
CA SER YA 435 -107.93 -19.25 19.85
C SER YA 435 -108.72 -18.22 19.05
N PRO YA 436 -109.93 -17.89 19.49
CA PRO YA 436 -110.76 -16.97 18.70
C PRO YA 436 -110.14 -15.59 18.64
N PHE YA 437 -110.31 -14.94 17.49
CA PHE YA 437 -109.72 -13.62 17.30
C PHE YA 437 -110.71 -12.56 17.78
N SER YA 438 -110.25 -11.32 17.88
CA SER YA 438 -111.08 -10.21 18.33
C SER YA 438 -110.53 -8.90 17.78
N ASP ZA 232 -71.49 3.96 26.68
CA ASP ZA 232 -71.86 4.88 25.61
C ASP ZA 232 -72.94 4.32 24.69
N ALA ZA 233 -72.55 3.62 23.62
CA ALA ZA 233 -73.54 3.12 22.67
C ALA ZA 233 -74.13 1.78 23.10
N GLN ZA 234 -73.50 1.09 24.05
CA GLN ZA 234 -73.99 -0.21 24.50
C GLN ZA 234 -75.44 -0.11 24.97
N LEU ZA 235 -75.79 0.97 25.66
CA LEU ZA 235 -77.16 1.15 26.10
C LEU ZA 235 -78.12 1.25 24.94
N LYS ZA 236 -77.71 1.95 23.87
CA LYS ZA 236 -78.59 2.08 22.72
C LYS ZA 236 -78.79 0.75 22.02
N PHE ZA 237 -77.71 -0.04 21.87
CA PHE ZA 237 -77.85 -1.35 21.27
C PHE ZA 237 -78.76 -2.26 22.10
N ALA ZA 238 -78.58 -2.28 23.41
CA ALA ZA 238 -79.44 -3.07 24.27
C ALA ZA 238 -80.89 -2.61 24.17
N ASN ZA 239 -81.12 -1.30 24.13
CA ASN ZA 239 -82.47 -0.79 24.00
C ASN ZA 239 -83.11 -1.25 22.70
N ASP ZA 240 -82.35 -1.26 21.61
CA ASP ZA 240 -82.89 -1.73 20.34
C ASP ZA 240 -83.28 -3.20 20.41
N VAL ZA 241 -82.43 -4.04 20.98
CA VAL ZA 241 -82.75 -5.46 21.10
C VAL ZA 241 -84.02 -5.64 21.93
N GLU ZA 242 -84.09 -4.96 23.07
CA GLU ZA 242 -85.28 -5.07 23.91
C GLU ZA 242 -86.52 -4.61 23.18
N SER ZA 243 -86.41 -3.54 22.39
CA SER ZA 243 -87.58 -3.06 21.65
C SER ZA 243 -88.04 -4.09 20.64
N ARG ZA 244 -87.10 -4.71 19.92
CA ARG ZA 244 -87.47 -5.79 19.00
C ARG ZA 244 -88.26 -6.88 19.70
N ILE ZA 245 -87.71 -7.42 20.78
CA ILE ZA 245 -88.38 -8.54 21.44
C ILE ZA 245 -89.74 -8.12 21.99
N GLN ZA 246 -89.83 -6.90 22.52
CA GLN ZA 246 -91.09 -6.44 23.09
C GLN ZA 246 -92.16 -6.29 22.00
N ARG ZA 247 -91.81 -5.64 20.88
CA ARG ZA 247 -92.81 -5.47 19.82
C ARG ZA 247 -93.23 -6.81 19.25
N ARG ZA 248 -92.30 -7.76 19.15
CA ARG ZA 248 -92.68 -9.07 18.64
C ARG ZA 248 -93.64 -9.79 19.57
N ILE ZA 249 -93.36 -9.78 20.88
CA ILE ZA 249 -94.25 -10.45 21.82
C ILE ZA 249 -95.63 -9.80 21.79
N GLU ZA 250 -95.69 -8.47 21.81
CA GLU ZA 250 -96.99 -7.82 21.78
C GLU ZA 250 -97.73 -8.08 20.47
N ALA ZA 251 -97.04 -8.10 19.33
CA ALA ZA 251 -97.70 -8.34 18.06
C ALA ZA 251 -98.22 -9.76 17.91
N ILE ZA 252 -97.52 -10.75 18.48
CA ILE ZA 252 -98.07 -12.10 18.44
C ILE ZA 252 -99.22 -12.29 19.42
N LEU ZA 253 -99.13 -11.71 20.62
CA LEU ZA 253 -100.17 -11.95 21.62
C LEU ZA 253 -101.38 -11.04 21.49
N SER ZA 254 -101.29 -9.96 20.71
CA SER ZA 254 -102.45 -9.08 20.60
C SER ZA 254 -103.66 -9.73 19.93
N PRO ZA 255 -103.56 -10.42 18.79
CA PRO ZA 255 -104.78 -10.92 18.14
C PRO ZA 255 -105.61 -11.85 19.00
N ILE ZA 256 -105.01 -12.50 19.99
CA ILE ZA 256 -105.78 -13.41 20.84
C ILE ZA 256 -106.57 -12.64 21.88
N VAL ZA 257 -105.90 -11.74 22.61
CA VAL ZA 257 -106.52 -11.11 23.77
C VAL ZA 257 -107.14 -9.75 23.47
N GLY ZA 258 -106.74 -9.10 22.39
CA GLY ZA 258 -107.32 -7.82 22.00
C GLY ZA 258 -106.27 -6.85 21.48
N ASN ZA 259 -106.76 -5.67 21.15
CA ASN ZA 259 -105.88 -4.66 20.56
C ASN ZA 259 -104.77 -4.25 21.52
N GLY ZA 260 -105.13 -3.78 22.71
CA GLY ZA 260 -104.14 -3.23 23.61
C GLY ZA 260 -104.30 -3.68 25.04
N ASN ZA 261 -104.76 -4.91 25.23
CA ASN ZA 261 -104.97 -5.46 26.57
C ASN ZA 261 -103.79 -6.29 27.05
N VAL ZA 262 -102.57 -5.95 26.64
CA VAL ZA 262 -101.38 -6.66 27.08
C VAL ZA 262 -100.19 -5.71 26.96
N HIS ZA 263 -99.27 -5.82 27.92
CA HIS ZA 263 -98.03 -5.07 27.90
C HIS ZA 263 -96.90 -5.96 28.36
N ALA ZA 264 -95.69 -5.70 27.86
CA ALA ZA 264 -94.54 -6.51 28.20
C ALA ZA 264 -93.30 -5.62 28.27
N GLN ZA 265 -92.39 -5.97 29.15
CA GLN ZA 265 -91.11 -5.30 29.29
C GLN ZA 265 -90.03 -6.34 29.51
N VAL ZA 266 -88.94 -6.24 28.75
CA VAL ZA 266 -87.90 -7.24 28.73
C VAL ZA 266 -86.58 -6.60 29.14
N THR ZA 267 -85.75 -7.34 29.86
CA THR ZA 267 -84.45 -6.87 30.28
C THR ZA 267 -83.39 -7.83 29.75
N ALA ZA 268 -82.51 -7.32 28.90
CA ALA ZA 268 -81.53 -8.13 28.18
C ALA ZA 268 -80.17 -7.96 28.82
N GLN ZA 269 -79.57 -9.07 29.24
CA GLN ZA 269 -78.21 -9.06 29.75
C GLN ZA 269 -77.26 -9.33 28.59
N LEU ZA 270 -76.71 -8.27 28.01
CA LEU ZA 270 -75.82 -8.38 26.87
C LEU ZA 270 -74.39 -8.56 27.35
N ASP ZA 271 -73.56 -9.17 26.50
CA ASP ZA 271 -72.16 -9.40 26.83
C ASP ZA 271 -71.31 -8.74 25.77
N PHE ZA 272 -70.32 -7.95 26.21
CA PHE ZA 272 -69.45 -7.22 25.29
C PHE ZA 272 -67.99 -7.58 25.46
N ALA ZA 273 -67.68 -8.61 26.23
CA ALA ZA 273 -66.30 -8.98 26.47
C ALA ZA 273 -65.68 -9.63 25.24
N ASN ZA 274 -64.68 -8.98 24.66
CA ASN ZA 274 -63.96 -9.55 23.55
C ASN ZA 274 -63.31 -10.86 23.96
N LYS ZA 275 -63.47 -11.90 23.14
CA LYS ZA 275 -63.08 -13.25 23.55
C LYS ZA 275 -62.59 -14.01 22.33
N GLU ZA 276 -61.45 -14.68 22.46
CA GLU ZA 276 -60.94 -15.59 21.46
C GLU ZA 276 -60.95 -17.01 22.00
N GLN ZA 277 -60.41 -17.94 21.21
CA GLN ZA 277 -60.30 -19.33 21.63
C GLN ZA 277 -59.47 -20.09 20.62
N THR ZA 278 -58.85 -21.19 21.07
CA THR ZA 278 -58.09 -22.07 20.18
C THR ZA 278 -58.11 -23.48 20.76
N GLU ZA 279 -59.02 -24.32 20.28
CA GLU ZA 279 -58.96 -25.72 20.67
C GLU ZA 279 -57.86 -26.43 19.91
N GLU ZA 280 -57.53 -27.64 20.37
CA GLU ZA 280 -56.64 -28.52 19.64
C GLU ZA 280 -56.94 -29.94 20.12
N HIS ZA 281 -57.69 -30.68 19.33
CA HIS ZA 281 -58.21 -31.97 19.75
C HIS ZA 281 -57.43 -33.10 19.09
N TYR ZA 282 -57.18 -34.16 19.86
CA TYR ZA 282 -56.46 -35.32 19.39
C TYR ZA 282 -57.29 -36.57 19.63
N SER ZA 283 -57.43 -37.37 18.60
CA SER ZA 283 -58.18 -38.60 18.80
C SER ZA 283 -57.30 -39.67 19.43
N PRO ZA 284 -57.83 -40.45 20.36
CA PRO ZA 284 -56.99 -41.44 21.04
C PRO ZA 284 -56.57 -42.54 20.09
N ASN ZA 285 -55.30 -42.93 20.20
CA ASN ZA 285 -54.75 -44.04 19.44
C ASN ZA 285 -54.08 -45.06 20.36
N GLY ZA 286 -54.61 -45.21 21.56
CA GLY ZA 286 -54.04 -46.20 22.47
C GLY ZA 286 -54.36 -47.61 22.06
N ASP ZA 287 -55.62 -47.87 21.67
CA ASP ZA 287 -56.03 -49.21 21.30
C ASP ZA 287 -55.33 -49.59 20.00
N ALA ZA 288 -54.80 -50.81 19.97
CA ALA ZA 288 -54.07 -51.29 18.79
C ALA ZA 288 -54.96 -51.57 17.60
N SER ZA 289 -56.28 -51.51 17.77
CA SER ZA 289 -57.20 -51.79 16.68
C SER ZA 289 -57.17 -50.74 15.58
N LYS ZA 290 -56.96 -49.47 15.94
CA LYS ZA 290 -56.88 -48.42 14.94
C LYS ZA 290 -55.73 -47.46 15.18
N ALA ZA 291 -54.60 -47.94 15.67
CA ALA ZA 291 -53.40 -47.12 15.69
C ALA ZA 291 -52.96 -46.84 14.26
N THR ZA 292 -52.07 -45.86 14.11
CA THR ZA 292 -51.54 -45.49 12.81
C THR ZA 292 -50.03 -45.49 12.88
N LEU ZA 293 -49.43 -46.66 12.68
CA LEU ZA 293 -47.98 -46.80 12.79
C LEU ZA 293 -47.30 -46.19 11.59
N ARG ZA 294 -46.26 -45.40 11.83
CA ARG ZA 294 -45.41 -44.94 10.75
C ARG ZA 294 -44.15 -45.80 10.66
N SER ZA 295 -43.62 -46.19 11.80
CA SER ZA 295 -42.49 -47.11 11.87
C SER ZA 295 -42.81 -48.20 12.86
N ARG ZA 296 -41.84 -49.09 13.08
CA ARG ZA 296 -41.96 -50.14 14.08
C ARG ZA 296 -40.65 -50.90 14.12
N GLN ZA 297 -40.38 -51.58 15.22
CA GLN ZA 297 -39.25 -52.51 15.32
C GLN ZA 297 -39.55 -53.48 16.45
N LEU ZA 298 -39.69 -54.75 16.12
CA LEU ZA 298 -40.13 -55.75 17.09
C LEU ZA 298 -39.11 -56.89 17.12
N ASN ZA 299 -38.23 -56.85 18.11
CA ASN ZA 299 -37.24 -57.91 18.30
C ASN ZA 299 -37.77 -58.90 19.32
N ILE ZA 300 -37.54 -60.18 19.08
CA ILE ZA 300 -38.01 -61.23 19.96
C ILE ZA 300 -36.93 -62.30 20.04
N SER ZA 301 -36.33 -62.45 21.21
CA SER ZA 301 -35.42 -63.55 21.49
C SER ZA 301 -36.10 -64.55 22.43
N GLU ZA 302 -35.60 -65.77 22.44
CA GLU ZA 302 -36.17 -66.81 23.29
C GLU ZA 302 -35.18 -67.96 23.37
N GLN ZA 303 -34.84 -68.38 24.57
CA GLN ZA 303 -33.91 -69.48 24.78
C GLN ZA 303 -34.56 -70.52 25.69
N VAL ZA 304 -34.11 -71.76 25.59
CA VAL ZA 304 -34.57 -72.81 26.49
C VAL ZA 304 -33.40 -73.67 26.93
N PRO ZA 355 -35.69 -73.24 32.16
CA PRO ZA 355 -34.81 -72.08 31.98
C PRO ZA 355 -35.25 -71.21 30.81
N ARG ZA 356 -36.56 -71.01 30.69
CA ARG ZA 356 -37.16 -70.35 29.54
C ARG ZA 356 -36.91 -68.85 29.61
N SER ZA 357 -35.67 -68.45 29.33
CA SER ZA 357 -35.33 -67.03 29.22
C SER ZA 357 -36.03 -66.45 28.00
N THR ZA 358 -36.38 -65.18 28.06
CA THR ZA 358 -37.14 -64.54 26.99
C THR ZA 358 -36.62 -63.11 26.82
N GLN ZA 359 -37.22 -62.40 25.86
CA GLN ZA 359 -36.88 -61.01 25.57
C GLN ZA 359 -37.89 -60.49 24.56
N ARG ZA 360 -38.24 -59.21 24.65
CA ARG ZA 360 -39.17 -58.62 23.69
C ARG ZA 360 -38.99 -57.10 23.71
N ASN ZA 361 -38.30 -56.58 22.70
CA ASN ZA 361 -38.17 -55.14 22.52
C ASN ZA 361 -39.14 -54.68 21.43
N GLU ZA 362 -39.62 -53.45 21.55
CA GLU ZA 362 -40.61 -52.95 20.60
C GLU ZA 362 -40.59 -51.43 20.60
N THR ZA 363 -40.09 -50.85 19.52
CA THR ZA 363 -40.18 -49.40 19.31
C THR ZA 363 -41.29 -49.11 18.31
N SER ZA 364 -42.06 -48.05 18.57
CA SER ZA 364 -43.16 -47.70 17.70
C SER ZA 364 -43.23 -46.19 17.53
N ASN ZA 365 -43.40 -45.75 16.30
CA ASN ZA 365 -43.65 -44.34 16.00
C ASN ZA 365 -45.04 -44.21 15.40
N TYR ZA 366 -45.83 -43.31 15.95
CA TYR ZA 366 -47.24 -43.22 15.60
C TYR ZA 366 -47.50 -41.98 14.75
N GLU ZA 367 -48.70 -41.92 14.20
CA GLU ZA 367 -49.25 -40.72 13.60
C GLU ZA 367 -50.61 -40.48 14.23
N VAL ZA 368 -50.95 -39.21 14.45
CA VAL ZA 368 -52.12 -38.86 15.25
C VAL ZA 368 -52.99 -37.89 14.46
N ASP ZA 369 -54.30 -38.02 14.65
CA ASP ZA 369 -55.24 -37.07 14.10
C ASP ZA 369 -55.05 -35.70 14.76
N ARG ZA 370 -55.73 -34.69 14.24
CA ARG ZA 370 -55.62 -33.36 14.84
C ARG ZA 370 -56.77 -32.51 14.35
N THR ZA 371 -57.35 -31.73 15.24
CA THR ZA 371 -58.35 -30.72 14.90
C THR ZA 371 -57.99 -29.42 15.59
N ILE ZA 372 -58.08 -28.32 14.85
CA ILE ZA 372 -57.69 -27.00 15.34
C ILE ZA 372 -58.75 -26.01 14.93
N ARG ZA 373 -59.39 -25.37 15.90
CA ARG ZA 373 -60.37 -24.33 15.63
C ARG ZA 373 -59.88 -23.01 16.22
N HIS ZA 374 -60.21 -21.92 15.56
CA HIS ZA 374 -59.87 -20.58 16.05
C HIS ZA 374 -61.16 -19.79 16.12
N THR ZA 375 -61.89 -19.94 17.23
CA THR ZA 375 -63.19 -19.32 17.39
C THR ZA 375 -63.03 -17.95 18.03
N LYS ZA 376 -63.42 -16.92 17.30
CA LYS ZA 376 -63.40 -15.56 17.82
C LYS ZA 376 -64.83 -15.13 18.07
N MET ZA 377 -65.24 -15.14 19.33
CA MET ZA 377 -66.62 -14.89 19.69
C MET ZA 377 -67.07 -13.50 19.23
N ASN ZA 378 -68.38 -13.30 19.22
CA ASN ZA 378 -68.95 -12.04 18.79
C ASN ZA 378 -69.27 -11.17 20.00
N VAL ZA 379 -69.15 -9.86 19.83
CA VAL ZA 379 -69.41 -8.91 20.90
C VAL ZA 379 -70.80 -8.32 20.68
N GLY ZA 380 -71.74 -8.68 21.55
CA GLY ZA 380 -73.09 -8.17 21.42
C GLY ZA 380 -74.15 -9.25 21.41
N ASP ZA 381 -73.81 -10.43 21.90
CA ASP ZA 381 -74.77 -11.51 21.98
C ASP ZA 381 -75.63 -11.39 23.23
N ILE ZA 382 -76.71 -12.16 23.26
CA ILE ZA 382 -77.65 -12.14 24.37
C ILE ZA 382 -77.29 -13.27 25.33
N GLU ZA 383 -76.86 -12.91 26.54
CA GLU ZA 383 -76.48 -13.94 27.50
C GLU ZA 383 -77.65 -14.39 28.36
N ARG ZA 384 -78.61 -13.52 28.59
CA ARG ZA 384 -79.74 -13.87 29.44
C ARG ZA 384 -80.87 -12.89 29.18
N LEU ZA 385 -82.10 -13.36 29.29
CA LEU ZA 385 -83.28 -12.53 29.12
C LEU ZA 385 -84.17 -12.67 30.35
N SER ZA 386 -85.07 -11.70 30.51
CA SER ZA 386 -86.09 -11.75 31.56
C SER ZA 386 -87.27 -10.95 31.06
N VAL ZA 387 -88.45 -11.57 31.07
CA VAL ZA 387 -89.65 -10.99 30.47
C VAL ZA 387 -90.76 -10.98 31.49
N ALA ZA 388 -91.46 -9.86 31.60
CA ALA ZA 388 -92.64 -9.74 32.44
C ALA ZA 388 -93.79 -9.22 31.60
N VAL ZA 389 -94.92 -9.91 31.64
CA VAL ZA 389 -96.06 -9.60 30.79
C VAL ZA 389 -97.31 -9.50 31.66
N VAL ZA 390 -98.12 -8.49 31.40
CA VAL ZA 390 -99.40 -8.31 32.07
C VAL ZA 390 -100.50 -8.51 31.04
N VAL ZA 391 -101.54 -9.26 31.41
CA VAL ZA 391 -102.68 -9.51 30.54
C VAL ZA 391 -103.93 -8.99 31.23
N ASN ZA 392 -104.89 -8.56 30.43
CA ASN ZA 392 -106.08 -7.92 30.98
C ASN ZA 392 -107.18 -8.94 31.24
N TYR ZA 393 -108.06 -8.62 32.18
CA TYR ZA 393 -109.27 -9.38 32.38
C TYR ZA 393 -110.25 -9.15 31.22
N LYS ZA 394 -111.36 -9.88 31.25
CA LYS ZA 394 -112.39 -9.75 30.22
C LYS ZA 394 -113.72 -10.29 30.72
N LEU ZA 402 -113.95 -11.35 36.30
CA LEU ZA 402 -113.72 -11.54 34.87
C LEU ZA 402 -112.38 -12.19 34.58
N PRO ZA 403 -112.10 -13.35 35.19
CA PRO ZA 403 -110.76 -13.93 35.10
C PRO ZA 403 -110.58 -14.75 33.84
N LEU ZA 404 -109.39 -14.70 33.27
CA LEU ZA 404 -109.04 -15.63 32.20
C LEU ZA 404 -108.71 -16.99 32.79
N THR ZA 405 -109.12 -18.03 32.08
CA THR ZA 405 -109.01 -19.39 32.59
C THR ZA 405 -107.55 -19.84 32.66
N ALA ZA 406 -107.36 -21.09 33.09
CA ALA ZA 406 -106.01 -21.62 33.26
C ALA ZA 406 -105.43 -22.12 31.94
N ASP ZA 407 -106.25 -22.76 31.10
CA ASP ZA 407 -105.75 -23.28 29.83
C ASP ZA 407 -105.31 -22.15 28.91
N GLN ZA 408 -106.14 -21.11 28.80
CA GLN ZA 408 -105.76 -19.97 27.97
C GLN ZA 408 -104.50 -19.29 28.50
N MET ZA 409 -104.39 -19.16 29.83
CA MET ZA 409 -103.18 -18.61 30.40
C MET ZA 409 -101.97 -19.47 30.06
N LYS ZA 410 -102.11 -20.79 30.10
CA LYS ZA 410 -100.97 -21.65 29.81
C LYS ZA 410 -100.55 -21.55 28.36
N GLN ZA 411 -101.52 -21.53 27.45
CA GLN ZA 411 -101.16 -21.40 26.04
C GLN ZA 411 -100.57 -20.03 25.73
N ILE ZA 412 -101.00 -18.99 26.45
CA ILE ZA 412 -100.43 -17.66 26.24
C ILE ZA 412 -98.99 -17.63 26.75
N GLU ZA 413 -98.76 -18.21 27.92
CA GLU ZA 413 -97.39 -18.36 28.40
C GLU ZA 413 -96.54 -19.11 27.40
N ASP ZA 414 -97.09 -20.14 26.77
CA ASP ZA 414 -96.30 -20.93 25.84
C ASP ZA 414 -96.00 -20.14 24.57
N LEU ZA 415 -96.99 -19.42 24.04
CA LEU ZA 415 -96.73 -18.54 22.91
C LEU ZA 415 -95.63 -17.54 23.22
N THR ZA 416 -95.68 -16.93 24.40
CA THR ZA 416 -94.64 -15.96 24.77
C THR ZA 416 -93.29 -16.63 24.86
N ARG ZA 417 -93.23 -17.80 25.50
CA ARG ZA 417 -91.96 -18.53 25.58
C ARG ZA 417 -91.39 -18.81 24.21
N GLU ZA 418 -92.23 -19.21 23.26
CA GLU ZA 418 -91.72 -19.50 21.93
C GLU ZA 418 -91.36 -18.25 21.15
N ALA ZA 419 -92.04 -17.14 21.39
CA ALA ZA 419 -91.76 -15.90 20.68
C ALA ZA 419 -90.53 -15.19 21.21
N MET ZA 420 -90.16 -15.44 22.47
CA MET ZA 420 -88.95 -14.83 23.03
C MET ZA 420 -87.71 -15.33 22.32
N GLY ZA 421 -87.64 -16.63 22.07
CA GLY ZA 421 -86.37 -17.26 21.78
C GLY ZA 421 -85.88 -17.91 23.05
N PHE ZA 422 -86.83 -18.44 23.81
CA PHE ZA 422 -86.53 -18.96 25.14
C PHE ZA 422 -85.51 -20.08 25.06
N SER ZA 423 -84.72 -20.21 26.12
CA SER ZA 423 -83.70 -21.25 26.18
C SER ZA 423 -83.31 -21.50 27.63
N ASP ZA 424 -83.60 -22.69 28.13
CA ASP ZA 424 -83.20 -23.07 29.47
C ASP ZA 424 -81.69 -23.20 29.63
N LYS ZA 425 -80.93 -23.06 28.54
CA LYS ZA 425 -79.47 -23.02 28.67
C LYS ZA 425 -79.00 -21.71 29.26
N ARG ZA 426 -79.48 -20.59 28.73
CA ARG ZA 426 -79.03 -19.29 29.18
C ARG ZA 426 -79.60 -18.91 30.53
N GLY ZA 427 -80.55 -19.68 31.05
CA GLY ZA 427 -81.16 -19.33 32.31
C GLY ZA 427 -82.23 -18.26 32.18
N ASP ZA 428 -82.90 -18.19 31.03
CA ASP ZA 428 -83.91 -17.17 30.83
C ASP ZA 428 -85.08 -17.38 31.79
N THR ZA 429 -85.81 -16.30 32.04
CA THR ZA 429 -86.92 -16.30 32.98
C THR ZA 429 -88.11 -15.60 32.37
N LEU ZA 430 -89.29 -16.18 32.58
CA LEU ZA 430 -90.54 -15.61 32.10
C LEU ZA 430 -91.56 -15.67 33.21
N ASN ZA 431 -92.41 -14.66 33.29
CA ASN ZA 431 -93.54 -14.69 34.21
C ASN ZA 431 -94.66 -13.82 33.67
N VAL ZA 432 -95.82 -14.44 33.42
CA VAL ZA 432 -97.00 -13.75 32.93
C VAL ZA 432 -98.04 -13.76 34.04
N VAL ZA 433 -98.58 -12.58 34.36
CA VAL ZA 433 -99.56 -12.44 35.42
C VAL ZA 433 -100.81 -11.78 34.86
N ASN ZA 434 -101.95 -12.09 35.47
CA ASN ZA 434 -103.24 -11.58 35.05
C ASN ZA 434 -103.81 -10.73 36.18
N SER ZA 435 -104.14 -9.47 35.89
CA SER ZA 435 -104.68 -8.57 36.88
C SER ZA 435 -105.50 -7.51 36.17
N PRO ZA 436 -106.59 -7.04 36.75
CA PRO ZA 436 -107.46 -6.09 36.05
C PRO ZA 436 -106.75 -4.77 35.84
N PHE ZA 437 -107.03 -4.15 34.70
CA PHE ZA 437 -106.37 -2.89 34.36
C PHE ZA 437 -107.17 -1.73 34.94
N SER ZA 438 -106.60 -0.54 34.89
CA SER ZA 438 -107.25 0.66 35.40
C SER ZA 438 -106.69 1.90 34.71
N ASP AB 232 -65.72 11.42 36.98
CA ASP AB 232 -66.18 12.33 35.94
C ASP AB 232 -67.45 11.84 35.25
N ALA AB 233 -67.30 11.08 34.15
CA ALA AB 233 -68.45 10.62 33.40
C ALA AB 233 -69.09 9.36 33.98
N GLN AB 234 -68.37 8.65 34.85
CA GLN AB 234 -68.90 7.42 35.43
C GLN AB 234 -70.23 7.66 36.12
N LEU AB 235 -70.38 8.80 36.80
CA LEU AB 235 -71.64 9.12 37.44
C LEU AB 235 -72.75 9.27 36.43
N LYS AB 236 -72.48 9.89 35.28
CA LYS AB 236 -73.51 10.06 34.27
C LYS AB 236 -73.92 8.71 33.68
N PHE AB 237 -72.96 7.84 33.42
CA PHE AB 237 -73.29 6.51 32.90
C PHE AB 237 -74.14 5.74 33.89
N ALA AB 238 -73.75 5.75 35.17
CA ALA AB 238 -74.54 5.06 36.19
C ALA AB 238 -75.93 5.65 36.30
N ASN AB 239 -76.05 6.97 36.23
CA ASN AB 239 -77.36 7.60 36.27
C ASN AB 239 -78.23 7.15 35.12
N ASP AB 240 -77.65 7.03 33.92
CA ASP AB 240 -78.43 6.57 32.78
C ASP AB 240 -78.93 5.15 32.98
N VAL AB 241 -78.06 4.26 33.45
CA VAL AB 241 -78.49 2.87 33.68
C VAL AB 241 -79.62 2.83 34.72
N GLU AB 242 -79.45 3.56 35.82
CA GLU AB 242 -80.49 3.59 36.84
C GLU AB 242 -81.80 4.14 36.28
N SER AB 243 -81.73 5.16 35.43
CA SER AB 243 -82.95 5.72 34.86
C SER AB 243 -83.65 4.70 33.98
N ARG AB 244 -82.89 3.97 33.17
CA ARG AB 244 -83.49 2.91 32.36
C ARG AB 244 -84.25 1.92 33.23
N ILE AB 245 -83.58 1.37 34.24
CA ILE AB 245 -84.24 0.34 35.05
C ILE AB 245 -85.44 0.90 35.78
N GLN AB 246 -85.35 2.14 36.26
CA GLN AB 246 -86.47 2.73 36.98
C GLN AB 246 -87.67 2.94 36.08
N ARG AB 247 -87.46 3.52 34.89
CA ARG AB 247 -88.58 3.74 33.99
C ARG AB 247 -89.20 2.42 33.55
N ARG AB 248 -88.39 1.38 33.36
CA ARG AB 248 -88.95 0.09 32.97
C ARG AB 248 -89.81 -0.49 34.08
N ILE AB 249 -89.33 -0.47 35.32
CA ILE AB 249 -90.11 -1.01 36.43
C ILE AB 249 -91.42 -0.25 36.58
N GLU AB 250 -91.36 1.09 36.54
CA GLU AB 250 -92.59 1.84 36.67
C GLU AB 250 -93.55 1.62 35.51
N ALA AB 251 -93.05 1.49 34.28
CA ALA AB 251 -93.92 1.27 33.14
C ALA AB 251 -94.57 -0.11 33.14
N ILE AB 252 -93.89 -1.14 33.64
CA ILE AB 252 -94.54 -2.43 33.75
C ILE AB 252 -95.53 -2.49 34.91
N LEU AB 253 -95.21 -1.88 36.05
CA LEU AB 253 -96.09 -1.98 37.21
C LEU AB 253 -97.23 -0.97 37.22
N SER AB 254 -97.18 0.07 36.40
CA SER AB 254 -98.26 1.05 36.41
C SER AB 254 -99.61 0.49 35.98
N PRO AB 255 -99.74 -0.24 34.87
CA PRO AB 255 -101.09 -0.64 34.44
C PRO AB 255 -101.85 -1.47 35.47
N ILE AB 256 -101.16 -2.14 36.38
CA ILE AB 256 -101.86 -2.95 37.38
C ILE AB 256 -102.41 -2.08 38.50
N VAL AB 257 -101.55 -1.21 39.07
CA VAL AB 257 -101.93 -0.48 40.27
C VAL AB 257 -102.47 0.91 40.00
N GLY AB 258 -102.19 1.49 38.84
CA GLY AB 258 -102.72 2.80 38.49
C GLY AB 258 -101.69 3.65 37.77
N ASN AB 259 -102.12 4.87 37.45
CA ASN AB 259 -101.26 5.76 36.69
C ASN AB 259 -99.99 6.11 37.44
N GLY AB 260 -100.11 6.65 38.65
CA GLY AB 260 -98.95 7.13 39.36
C GLY AB 260 -98.91 6.75 40.81
N ASN AB 261 -99.44 5.58 41.14
CA ASN AB 261 -99.49 5.10 42.51
C ASN AB 261 -98.32 4.18 42.85
N VAL AB 262 -97.16 4.40 42.24
CA VAL AB 262 -95.98 3.60 42.53
C VAL AB 262 -94.74 4.42 42.18
N HIS AB 263 -93.70 4.26 42.99
CA HIS AB 263 -92.42 4.90 42.75
C HIS AB 263 -91.31 3.93 43.06
N ALA AB 264 -90.18 4.06 42.37
CA ALA AB 264 -89.06 3.17 42.57
C ALA AB 264 -87.75 3.94 42.39
N GLN AB 265 -86.74 3.52 43.15
CA GLN AB 265 -85.40 4.10 43.06
C GLN AB 265 -84.40 2.97 43.15
N VAL AB 266 -83.44 2.95 42.24
CA VAL AB 266 -82.50 1.84 42.10
C VAL AB 266 -81.09 2.38 42.27
N THR AB 267 -80.22 1.58 42.88
CA THR AB 267 -78.83 1.95 43.08
C THR AB 267 -77.95 0.89 42.45
N ALA AB 268 -77.18 1.28 41.43
CA ALA AB 268 -76.40 0.36 40.62
C ALA AB 268 -74.94 0.43 41.04
N GLN AB 269 -74.38 -0.71 41.41
CA GLN AB 269 -72.96 -0.82 41.70
C GLN AB 269 -72.23 -1.21 40.42
N LEU AB 270 -71.69 -0.22 39.71
CA LEU AB 270 -71.01 -0.46 38.46
C LEU AB 270 -69.54 -0.75 38.72
N ASP AB 271 -68.91 -1.46 37.79
CA ASP AB 271 -67.50 -1.82 37.91
C ASP AB 271 -66.78 -1.27 36.69
N PHE AB 272 -65.67 -0.56 36.93
CA PHE AB 272 -64.89 0.06 35.86
C PHE AB 272 -63.46 -0.43 35.83
N ALA AB 273 -63.13 -1.46 36.58
CA ALA AB 273 -61.75 -1.93 36.62
C ALA AB 273 -61.40 -2.68 35.35
N ASN AB 274 -60.45 -2.15 34.60
CA ASN AB 274 -59.96 -2.83 33.40
C ASN AB 274 -59.37 -4.18 33.78
N LYS AB 275 -59.74 -5.22 33.04
CA LYS AB 275 -59.42 -6.59 33.46
C LYS AB 275 -59.18 -7.44 32.22
N GLU AB 276 -58.10 -8.20 32.21
CA GLU AB 276 -57.84 -9.19 31.18
C GLU AB 276 -57.87 -10.58 31.79
N GLN AB 277 -57.55 -11.58 30.97
CA GLN AB 277 -57.50 -12.96 31.44
C GLN AB 277 -56.89 -13.83 30.35
N THR AB 278 -56.31 -14.96 30.75
CA THR AB 278 -55.78 -15.94 29.80
C THR AB 278 -55.83 -17.32 30.44
N GLU AB 279 -56.86 -18.09 30.15
CA GLU AB 279 -56.87 -19.48 30.60
C GLU AB 279 -55.96 -20.32 29.71
N GLU AB 280 -55.66 -21.52 30.18
CA GLU AB 280 -54.97 -22.51 29.36
C GLU AB 280 -55.31 -23.88 29.96
N HIS AB 281 -56.24 -24.57 29.33
CA HIS AB 281 -56.79 -25.80 29.88
C HIS AB 281 -56.23 -27.02 29.17
N TYR AB 282 -55.96 -28.06 29.95
CA TYR AB 282 -55.41 -29.30 29.42
C TYR AB 282 -56.30 -30.46 29.84
N SER AB 283 -56.67 -31.29 28.89
CA SER AB 283 -57.49 -32.43 29.26
C SER AB 283 -56.60 -33.55 29.81
N PRO AB 284 -57.05 -34.25 30.84
CA PRO AB 284 -56.20 -35.29 31.43
C PRO AB 284 -56.02 -36.46 30.50
N ASN AB 285 -54.79 -36.95 30.42
CA ASN AB 285 -54.46 -38.14 29.63
C ASN AB 285 -53.75 -39.18 30.49
N GLY AB 286 -54.08 -39.24 31.77
CA GLY AB 286 -53.47 -40.24 32.63
C GLY AB 286 -53.98 -41.63 32.35
N ASP AB 287 -55.29 -41.78 32.17
CA ASP AB 287 -55.86 -43.10 31.93
C ASP AB 287 -55.42 -43.59 30.56
N ALA AB 288 -55.00 -44.85 30.50
CA ALA AB 288 -54.51 -45.42 29.25
C ALA AB 288 -55.61 -45.67 28.23
N SER AB 289 -56.87 -45.48 28.59
CA SER AB 289 -57.97 -45.73 27.67
C SER AB 289 -58.02 -44.72 26.54
N LYS AB 290 -57.65 -43.47 26.80
CA LYS AB 290 -57.64 -42.46 25.74
C LYS AB 290 -56.39 -41.60 25.76
N ALA AB 291 -55.24 -42.16 26.10
CA ALA AB 291 -53.98 -41.45 25.88
C ALA AB 291 -53.75 -41.26 24.39
N THR AB 292 -52.83 -40.37 24.06
CA THR AB 292 -52.48 -40.11 22.66
C THR AB 292 -50.98 -40.25 22.52
N LEU AB 293 -50.52 -41.47 22.28
CA LEU AB 293 -49.10 -41.74 22.18
C LEU AB 293 -48.56 -41.23 20.85
N ARG AB 294 -47.43 -40.54 20.90
CA ARG AB 294 -46.73 -40.19 19.67
C ARG AB 294 -45.58 -41.16 19.43
N SER AB 295 -44.90 -41.56 20.49
CA SER AB 295 -43.86 -42.57 20.43
C SER AB 295 -44.12 -43.60 21.52
N ARG AB 296 -43.20 -44.56 21.62
CA ARG AB 296 -43.25 -45.57 22.68
C ARG AB 296 -42.01 -46.44 22.56
N GLN AB 297 -41.64 -47.11 23.63
CA GLN AB 297 -40.59 -48.12 23.60
C GLN AB 297 -40.77 -49.02 24.82
N LEU AB 298 -41.08 -50.29 24.58
CA LEU AB 298 -41.45 -51.21 25.65
C LEU AB 298 -40.53 -52.43 25.58
N ASN AB 299 -39.50 -52.44 26.41
CA ASN AB 299 -38.59 -53.57 26.50
C ASN AB 299 -39.03 -54.48 27.64
N ILE AB 300 -38.95 -55.78 27.43
CA ILE AB 300 -39.36 -56.76 28.42
C ILE AB 300 -38.38 -57.91 28.39
N SER AB 301 -37.62 -58.08 29.46
CA SER AB 301 -36.77 -59.24 29.65
C SER AB 301 -37.38 -60.13 30.72
N GLU AB 302 -36.98 -61.40 30.72
CA GLU AB 302 -37.51 -62.35 31.70
C GLU AB 302 -36.62 -63.59 31.67
N GLN AB 303 -36.12 -63.99 32.83
CA GLN AB 303 -35.28 -65.17 32.96
C GLN AB 303 -35.86 -66.11 34.00
N VAL AB 304 -35.53 -67.39 33.90
CA VAL AB 304 -35.93 -68.36 34.90
C VAL AB 304 -34.78 -69.30 35.20
N PRO AB 355 -36.17 -68.48 40.70
CA PRO AB 355 -35.23 -67.41 40.32
C PRO AB 355 -35.78 -66.54 39.20
N ARG AB 356 -37.06 -66.23 39.27
CA ARG AB 356 -37.79 -65.56 38.19
C ARG AB 356 -37.39 -64.09 38.16
N SER AB 357 -36.19 -63.81 37.66
CA SER AB 357 -35.75 -62.44 37.43
C SER AB 357 -36.59 -61.84 36.30
N THR AB 358 -36.82 -60.54 36.36
CA THR AB 358 -37.68 -59.87 35.39
C THR AB 358 -37.08 -58.51 35.07
N GLN AB 359 -37.75 -57.78 34.18
CA GLN AB 359 -37.36 -56.44 33.78
C GLN AB 359 -38.46 -55.87 32.90
N ARG AB 360 -38.68 -54.55 32.99
CA ARG AB 360 -39.69 -53.91 32.16
C ARG AB 360 -39.38 -52.43 32.07
N ASN AB 361 -38.83 -51.99 30.94
CA ASN AB 361 -38.61 -50.58 30.68
C ASN AB 361 -39.69 -50.07 29.73
N GLU AB 362 -40.05 -48.79 29.86
CA GLU AB 362 -41.12 -48.25 29.04
C GLU AB 362 -40.98 -46.74 28.96
N THR AB 363 -40.61 -46.23 27.79
CA THR AB 363 -40.60 -44.81 27.52
C THR AB 363 -41.84 -44.45 26.70
N SER AB 364 -42.46 -43.31 27.02
CA SER AB 364 -43.65 -42.90 26.31
C SER AB 364 -43.61 -41.39 26.09
N ASN AB 365 -43.94 -40.97 24.87
CA ASN AB 365 -44.11 -39.57 24.55
C ASN AB 365 -45.56 -39.33 24.17
N TYR AB 366 -46.19 -38.34 24.79
CA TYR AB 366 -47.61 -38.13 24.65
C TYR AB 366 -47.90 -36.91 23.79
N GLU AB 367 -49.17 -36.76 23.43
CA GLU AB 367 -49.70 -35.54 22.87
C GLU AB 367 -50.92 -35.15 23.68
N VAL AB 368 -51.10 -33.85 23.90
CA VAL AB 368 -52.10 -33.37 24.84
C VAL AB 368 -53.00 -32.35 24.15
N ASP AB 369 -54.27 -32.36 24.55
CA ASP AB 369 -55.20 -31.33 24.10
C ASP AB 369 -54.79 -29.99 24.65
N ARG AB 370 -55.46 -28.93 24.20
CA ARG AB 370 -55.15 -27.60 24.70
C ARG AB 370 -56.29 -26.65 24.35
N THR AB 371 -56.65 -25.79 25.30
CA THR AB 371 -57.60 -24.72 25.06
C THR AB 371 -57.03 -23.42 25.61
N ILE AB 372 -57.14 -22.34 24.84
CA ILE AB 372 -56.56 -21.06 25.21
C ILE AB 372 -57.60 -19.99 24.91
N ARG AB 373 -58.02 -19.26 25.94
CA ARG AB 373 -58.93 -18.13 25.78
C ARG AB 373 -58.25 -16.85 26.22
N HIS AB 374 -58.58 -15.76 25.56
CA HIS AB 374 -58.06 -14.45 25.92
C HIS AB 374 -59.25 -13.53 26.16
N THR AB 375 -59.80 -13.58 27.37
CA THR AB 375 -61.00 -12.84 27.70
C THR AB 375 -60.63 -11.47 28.24
N LYS AB 376 -61.04 -10.43 27.53
CA LYS AB 376 -60.82 -9.06 27.97
C LYS AB 376 -62.16 -8.49 28.41
N MET AB 377 -62.37 -8.42 29.72
CA MET AB 377 -63.65 -8.03 30.27
C MET AB 377 -64.04 -6.63 29.81
N ASN AB 378 -65.31 -6.31 30.01
CA ASN AB 378 -65.84 -5.02 29.61
C ASN AB 378 -65.88 -4.08 30.81
N VAL AB 379 -65.68 -2.80 30.55
CA VAL AB 379 -65.69 -1.78 31.60
C VAL AB 379 -67.04 -1.08 31.58
N GLY AB 380 -67.86 -1.31 32.59
CA GLY AB 380 -69.16 -0.69 32.65
C GLY AB 380 -70.30 -1.67 32.86
N ASP AB 381 -69.99 -2.86 33.35
CA ASP AB 381 -71.02 -3.85 33.62
C ASP AB 381 -71.65 -3.60 34.98
N ILE AB 382 -72.78 -4.27 35.22
CA ILE AB 382 -73.52 -4.13 36.47
C ILE AB 382 -73.11 -5.25 37.41
N GLU AB 383 -72.47 -4.90 38.52
CA GLU AB 383 -72.02 -5.91 39.45
C GLU AB 383 -73.07 -6.22 40.51
N ARG AB 384 -73.92 -5.26 40.84
CA ARG AB 384 -74.93 -5.47 41.87
C ARG AB 384 -75.99 -4.40 41.75
N LEU AB 385 -77.22 -4.75 42.06
CA LEU AB 385 -78.34 -3.83 42.04
C LEU AB 385 -79.03 -3.84 43.39
N SER AB 386 -79.81 -2.80 43.65
CA SER AB 386 -80.64 -2.71 44.84
C SER AB 386 -81.83 -1.81 44.50
N VAL AB 387 -83.04 -2.33 44.71
CA VAL AB 387 -84.25 -1.66 44.27
C VAL AB 387 -85.20 -1.52 45.46
N ALA AB 388 -85.77 -0.34 45.62
CA ALA AB 388 -86.79 -0.07 46.62
C ALA AB 388 -88.00 0.51 45.93
N VAL AB 389 -89.17 -0.07 46.19
CA VAL AB 389 -90.40 0.31 45.51
C VAL AB 389 -91.48 0.55 46.56
N VAL AB 390 -92.24 1.62 46.38
CA VAL AB 390 -93.37 1.94 47.23
C VAL AB 390 -94.64 1.81 46.40
N VAL AB 391 -95.66 1.17 46.96
CA VAL AB 391 -96.94 0.99 46.29
C VAL AB 391 -98.02 1.65 47.13
N ASN AB 392 -99.06 2.15 46.47
CA ASN AB 392 -100.09 2.91 47.15
C ASN AB 392 -101.22 2.00 47.63
N TYR AB 393 -101.91 2.44 48.67
CA TYR AB 393 -103.13 1.79 49.10
C TYR AB 393 -104.26 2.07 48.11
N LYS AB 394 -105.40 1.45 48.35
CA LYS AB 394 -106.56 1.63 47.48
C LYS AB 394 -107.84 1.24 48.20
N LEU AB 402 -107.28 0.40 53.79
CA LEU AB 402 -107.29 0.14 52.36
C LEU AB 402 -106.06 -0.65 51.90
N PRO AB 403 -105.81 -1.80 52.52
CA PRO AB 403 -104.54 -2.50 52.26
C PRO AB 403 -104.65 -3.38 51.02
N LEU AB 404 -103.54 -3.46 50.27
CA LEU AB 404 -103.46 -4.44 49.21
C LEU AB 404 -103.15 -5.81 49.80
N THR AB 405 -103.77 -6.84 49.21
CA THR AB 405 -103.69 -8.19 49.77
C THR AB 405 -102.28 -8.77 49.63
N ALA AB 406 -102.12 -10.01 50.09
CA ALA AB 406 -100.82 -10.65 50.07
C ALA AB 406 -100.49 -11.25 48.71
N ASP AB 407 -101.49 -11.85 48.04
CA ASP AB 407 -101.24 -12.46 46.74
C ASP AB 407 -100.86 -11.40 45.71
N GLN AB 408 -101.61 -10.29 45.67
CA GLN AB 408 -101.27 -9.21 44.74
C GLN AB 408 -99.90 -8.65 45.04
N MET AB 409 -99.56 -8.47 46.32
CA MET AB 409 -98.22 -8.02 46.67
C MET AB 409 -97.16 -8.99 46.19
N LYS AB 410 -97.40 -10.30 46.32
CA LYS AB 410 -96.41 -11.27 45.90
C LYS AB 410 -96.22 -11.26 44.40
N GLN AB 411 -97.31 -11.17 43.65
CA GLN AB 411 -97.16 -11.13 42.20
C GLN AB 411 -96.52 -9.83 41.73
N ILE AB 412 -96.75 -8.73 42.45
CA ILE AB 412 -96.11 -7.47 42.09
C ILE AB 412 -94.60 -7.55 42.37
N GLU AB 413 -94.24 -8.12 43.52
CA GLU AB 413 -92.82 -8.37 43.80
C GLU AB 413 -92.21 -9.22 42.71
N ASP AB 414 -92.94 -10.23 42.24
CA ASP AB 414 -92.38 -11.12 41.22
C ASP AB 414 -92.21 -10.42 39.88
N LEU AB 415 -93.22 -9.61 39.48
CA LEU AB 415 -93.07 -8.80 38.28
C LEU AB 415 -91.84 -7.90 38.38
N THR AB 416 -91.66 -7.23 39.52
CA THR AB 416 -90.49 -6.36 39.67
C THR AB 416 -89.20 -7.15 39.58
N ARG AB 417 -89.14 -8.30 40.26
CA ARG AB 417 -87.95 -9.13 40.19
C ARG AB 417 -87.63 -9.51 38.75
N GLU AB 418 -88.63 -9.87 37.96
CA GLU AB 418 -88.37 -10.25 36.58
C GLU AB 418 -88.04 -9.07 35.69
N ALA AB 419 -88.58 -7.88 35.99
CA ALA AB 419 -88.29 -6.71 35.18
C ALA AB 419 -86.94 -6.09 35.49
N MET AB 420 -86.40 -6.33 36.68
CA MET AB 420 -85.08 -5.82 37.02
C MET AB 420 -84.01 -6.45 36.15
N GLY AB 421 -84.09 -7.76 35.95
CA GLY AB 421 -82.94 -8.52 35.50
C GLY AB 421 -82.31 -9.15 36.71
N PHE AB 422 -83.17 -9.58 37.65
CA PHE AB 422 -82.72 -10.08 38.93
C PHE AB 422 -81.82 -11.29 38.75
N SER AB 423 -80.88 -11.45 39.68
CA SER AB 423 -79.95 -12.57 39.63
C SER AB 423 -79.36 -12.80 41.01
N ASP AB 424 -79.68 -13.95 41.60
CA ASP AB 424 -79.10 -14.31 42.89
C ASP AB 424 -77.60 -14.58 42.81
N LYS AB 425 -77.00 -14.53 41.62
CA LYS AB 425 -75.55 -14.64 41.52
C LYS AB 425 -74.88 -13.35 41.97
N ARG AB 426 -75.35 -12.21 41.47
CA ARG AB 426 -74.71 -10.94 41.77
C ARG AB 426 -75.04 -10.45 43.17
N GLY AB 427 -75.95 -11.12 43.87
CA GLY AB 427 -76.34 -10.67 45.19
C GLY AB 427 -77.31 -9.52 45.18
N ASP AB 428 -78.13 -9.43 44.15
CA ASP AB 428 -79.09 -8.33 44.06
C ASP AB 428 -80.10 -8.39 45.18
N THR AB 429 -80.69 -7.24 45.49
CA THR AB 429 -81.62 -7.11 46.59
C THR AB 429 -82.84 -6.33 46.15
N LEU AB 430 -84.01 -6.79 46.55
CA LEU AB 430 -85.27 -6.13 46.24
C LEU AB 430 -86.11 -6.05 47.51
N ASN AB 431 -86.84 -4.96 47.66
CA ASN AB 431 -87.81 -4.86 48.75
C ASN AB 431 -88.93 -3.91 48.35
N VAL AB 432 -90.16 -4.42 48.31
CA VAL AB 432 -91.35 -3.66 47.98
C VAL AB 432 -92.19 -3.53 49.23
N VAL AB 433 -92.57 -2.29 49.57
CA VAL AB 433 -93.36 -2.03 50.76
C VAL AB 433 -94.62 -1.28 50.37
N ASN AB 434 -95.66 -1.47 51.16
CA ASN AB 434 -96.95 -0.84 50.92
C ASN AB 434 -97.28 0.09 52.09
N SER AB 435 -97.53 1.36 51.79
CA SER AB 435 -97.83 2.34 52.80
C SER AB 435 -98.67 3.44 52.17
N PRO AB 436 -99.60 4.04 52.90
CA PRO AB 436 -100.49 5.03 52.29
C PRO AB 436 -99.71 6.27 51.90
N PHE AB 437 -100.11 6.88 50.79
CA PHE AB 437 -99.42 8.06 50.30
C PHE AB 437 -100.02 9.31 50.93
N SER AB 438 -99.36 10.44 50.73
CA SER AB 438 -99.82 11.71 51.28
C SER AB 438 -99.27 12.86 50.45
N ASP BB 232 -57.85 18.67 45.83
CA ASP BB 232 -58.37 19.57 44.83
C ASP BB 232 -59.78 19.18 44.36
N ALA BB 233 -59.86 18.36 43.30
CA ALA BB 233 -61.16 17.98 42.75
C ALA BB 233 -61.79 16.81 43.48
N GLN BB 234 -61.01 16.08 44.27
CA GLN BB 234 -61.54 14.92 44.99
C GLN BB 234 -62.73 15.31 45.86
N LEU BB 235 -62.67 16.48 46.49
CA LEU BB 235 -63.78 16.94 47.30
C LEU BB 235 -65.03 17.15 46.46
N LYS BB 236 -64.89 17.70 45.25
CA LYS BB 236 -66.04 17.92 44.41
C LYS BB 236 -66.65 16.60 43.95
N PHE BB 237 -65.82 15.63 43.59
CA PHE BB 237 -66.34 14.33 43.20
C PHE BB 237 -67.09 13.67 44.35
N ALA BB 238 -66.50 13.69 45.56
CA ALA BB 238 -67.18 13.12 46.70
C ALA BB 238 -68.49 13.84 47.00
N ASN BB 239 -68.50 15.16 46.88
CA ASN BB 239 -69.73 15.91 47.09
C ASN BB 239 -70.81 15.50 46.10
N ASP BB 240 -70.43 15.28 44.85
CA ASP BB 240 -71.42 14.85 43.85
C ASP BB 240 -72.00 13.49 44.20
N VAL BB 241 -71.15 12.53 44.59
CA VAL BB 241 -71.65 11.21 44.95
C VAL BB 241 -72.60 11.31 46.14
N GLU BB 242 -72.20 12.07 47.16
CA GLU BB 242 -73.06 12.22 48.33
C GLU BB 242 -74.39 12.87 47.95
N SER BB 243 -74.36 13.85 47.05
CA SER BB 243 -75.61 14.50 46.64
C SER BB 243 -76.53 13.51 45.93
N ARG BB 244 -75.96 12.68 45.05
CA ARG BB 244 -76.76 11.64 44.40
C ARG BB 244 -77.46 10.77 45.42
N ILE BB 245 -76.70 10.20 46.35
CA ILE BB 245 -77.30 9.26 47.30
C ILE BB 245 -78.34 9.96 48.17
N GLN BB 246 -78.07 11.20 48.56
CA GLN BB 246 -79.00 11.92 49.42
C GLN BB 246 -80.31 12.21 48.70
N ARG BB 247 -80.23 12.71 47.46
CA ARG BB 247 -81.46 13.00 46.74
C ARG BB 247 -82.24 11.73 46.46
N ARG BB 248 -81.56 10.62 46.21
CA ARG BB 248 -82.29 9.38 45.98
C ARG BB 248 -83.01 8.91 47.23
N ILE BB 249 -82.34 8.94 48.38
CA ILE BB 249 -82.98 8.51 49.62
C ILE BB 249 -84.19 9.40 49.93
N GLU BB 250 -84.01 10.72 49.81
CA GLU BB 250 -85.14 11.59 50.09
C GLU BB 250 -86.29 11.40 49.10
N ALA BB 251 -85.99 11.19 47.83
CA ALA BB 251 -87.04 11.01 46.84
C ALA BB 251 -87.80 9.70 47.00
N ILE BB 252 -87.14 8.62 47.45
CA ILE BB 252 -87.88 7.40 47.72
C ILE BB 252 -88.68 7.49 49.01
N LEU BB 253 -88.14 8.11 50.07
CA LEU BB 253 -88.82 8.13 51.35
C LEU BB 253 -89.86 9.24 51.48
N SER BB 254 -89.86 10.23 50.60
CA SER BB 254 -90.83 11.30 50.73
C SER BB 254 -92.28 10.85 50.53
N PRO BB 255 -92.64 10.09 49.49
CA PRO BB 255 -94.07 9.80 49.30
C PRO BB 255 -94.72 9.10 50.47
N ILE BB 256 -93.96 8.39 51.30
CA ILE BB 256 -94.56 7.69 52.44
C ILE BB 256 -94.85 8.66 53.58
N VAL BB 257 -93.85 9.46 53.97
CA VAL BB 257 -93.97 10.27 55.18
C VAL BB 257 -94.43 11.69 54.92
N GLY BB 258 -94.29 12.20 53.71
CA GLY BB 258 -94.74 13.53 53.37
C GLY BB 258 -93.78 14.25 52.46
N ASN BB 259 -94.14 15.49 52.14
CA ASN BB 259 -93.35 16.28 51.21
C ASN BB 259 -91.95 16.54 51.75
N GLY BB 260 -91.83 17.12 52.93
CA GLY BB 260 -90.53 17.53 53.43
C GLY BB 260 -90.30 17.20 54.88
N ASN BB 261 -90.87 16.10 55.35
CA ASN BB 261 -90.75 15.68 56.72
C ASN BB 261 -89.63 14.68 56.94
N VAL BB 262 -88.56 14.76 56.14
CA VAL BB 262 -87.42 13.86 56.29
C VAL BB 262 -86.19 14.55 55.72
N HIS BB 263 -85.04 14.35 56.36
CA HIS BB 263 -83.77 14.85 55.90
C HIS BB 263 -82.71 13.78 56.09
N ALA BB 264 -81.69 13.79 55.23
CA ALA BB 264 -80.63 12.80 55.30
C ALA BB 264 -79.31 13.44 54.90
N GLN BB 265 -78.24 12.97 55.51
CA GLN BB 265 -76.88 13.42 55.19
C GLN BB 265 -75.98 12.20 55.18
N VAL BB 266 -75.17 12.05 54.13
CA VAL BB 266 -74.37 10.86 53.92
C VAL BB 266 -72.91 11.28 53.85
N THR BB 267 -72.03 10.43 54.36
CA THR BB 267 -70.59 10.68 54.33
C THR BB 267 -69.92 9.52 53.61
N ALA BB 268 -69.29 9.80 52.48
CA ALA BB 268 -68.72 8.77 51.61
C ALA BB 268 -67.21 8.72 51.80
N GLN BB 269 -66.70 7.55 52.14
CA GLN BB 269 -65.27 7.33 52.22
C GLN BB 269 -64.78 6.83 50.86
N LEU BB 270 -64.29 7.74 50.03
CA LEU BB 270 -63.81 7.38 48.70
C LEU BB 270 -62.35 6.97 48.75
N ASP BB 271 -61.94 6.17 47.77
CA ASP BB 271 -60.57 5.69 47.70
C ASP BB 271 -59.99 6.13 46.36
N PHE BB 272 -58.81 6.74 46.38
CA PHE BB 272 -58.16 7.24 45.18
C PHE BB 272 -56.79 6.63 44.96
N ALA BB 273 -56.43 5.60 45.71
CA ALA BB 273 -55.12 5.01 45.57
C ALA BB 273 -55.03 4.18 44.29
N ASN BB 274 -54.16 4.59 43.38
CA ASN BB 274 -53.93 3.82 42.16
C ASN BB 274 -53.40 2.44 42.51
N LYS BB 275 -53.97 1.41 41.90
CA LYS BB 275 -53.70 0.04 42.32
C LYS BB 275 -53.74 -0.87 41.11
N GLU BB 276 -52.74 -1.73 40.98
CA GLU BB 276 -52.73 -2.78 39.98
C GLU BB 276 -52.78 -4.14 40.65
N GLN BB 277 -52.68 -5.19 39.84
CA GLN BB 277 -52.67 -6.55 40.37
C GLN BB 277 -52.33 -7.52 39.24
N THR BB 278 -51.78 -8.68 39.61
CA THR BB 278 -51.49 -9.75 38.65
C THR BB 278 -51.56 -11.09 39.35
N GLU BB 279 -52.68 -11.77 39.26
CA GLU BB 279 -52.74 -13.12 39.78
C GLU BB 279 -52.05 -14.08 38.81
N GLU BB 280 -51.79 -15.29 39.29
CA GLU BB 280 -51.32 -16.37 38.43
C GLU BB 280 -51.67 -17.67 39.13
N HIS BB 281 -52.76 -18.31 38.69
CA HIS BB 281 -53.31 -19.45 39.39
C HIS BB 281 -52.97 -20.74 38.67
N TYR BB 282 -52.67 -21.78 39.44
CA TYR BB 282 -52.32 -23.09 38.90
C TYR BB 282 -53.23 -24.13 39.51
N SER BB 283 -53.80 -24.96 38.68
CA SER BB 283 -54.65 -26.01 39.22
C SER BB 283 -53.79 -27.19 39.67
N PRO BB 284 -54.12 -27.80 40.80
CA PRO BB 284 -53.29 -28.89 41.32
C PRO BB 284 -53.35 -30.11 40.42
N ASN BB 285 -52.19 -30.71 40.18
CA ASN BB 285 -52.10 -31.95 39.42
C ASN BB 285 -51.35 -33.02 40.21
N GLY BB 286 -51.49 -33.00 41.53
CA GLY BB 286 -50.84 -34.02 42.33
C GLY BB 286 -51.50 -35.37 42.20
N ASP BB 287 -52.82 -35.41 42.23
CA ASP BB 287 -53.54 -36.68 42.15
C ASP BB 287 -53.37 -37.26 40.76
N ALA BB 288 -53.06 -38.56 40.70
CA ALA BB 288 -52.82 -39.22 39.43
C ALA BB 288 -54.08 -39.40 38.60
N SER BB 289 -55.25 -39.08 39.14
CA SER BB 289 -56.49 -39.26 38.41
C SER BB 289 -56.64 -38.29 37.24
N LYS BB 290 -56.13 -37.07 37.38
CA LYS BB 290 -56.20 -36.11 36.29
C LYS BB 290 -54.89 -35.37 36.06
N ALA BB 291 -53.75 -36.02 36.25
CA ALA BB 291 -52.49 -35.44 35.82
C ALA BB 291 -52.48 -35.33 34.30
N THR BB 292 -51.55 -34.54 33.79
CA THR BB 292 -51.40 -34.36 32.35
C THR BB 292 -49.95 -34.64 31.98
N LEU BB 293 -49.64 -35.90 31.73
CA LEU BB 293 -48.28 -36.31 31.43
C LEU BB 293 -47.91 -35.90 30.01
N ARG BB 294 -46.74 -35.31 29.86
CA ARG BB 294 -46.21 -35.08 28.51
C ARG BB 294 -45.20 -36.16 28.15
N SER BB 295 -44.39 -36.58 29.12
CA SER BB 295 -43.47 -37.68 28.96
C SER BB 295 -43.64 -38.65 30.12
N ARG BB 296 -42.80 -39.68 30.13
CA ARG BB 296 -42.77 -40.63 31.25
C ARG BB 296 -41.65 -41.62 30.97
N GLN BB 297 -41.17 -42.29 32.01
CA GLN BB 297 -40.22 -43.39 31.88
C GLN BB 297 -40.30 -44.21 33.15
N LEU BB 298 -40.74 -45.46 33.02
CA LEU BB 298 -41.01 -46.30 34.18
C LEU BB 298 -40.22 -47.60 34.05
N ASN BB 299 -39.09 -47.68 34.71
CA ASN BB 299 -38.27 -48.88 34.72
C ASN BB 299 -38.60 -49.70 35.96
N ILE BB 300 -38.67 -51.02 35.81
CA ILE BB 300 -39.01 -51.91 36.89
C ILE BB 300 -38.13 -53.15 36.77
N SER BB 301 -37.24 -53.35 37.72
CA SER BB 301 -36.47 -54.58 37.84
C SER BB 301 -36.98 -55.37 39.04
N GLU BB 302 -36.70 -56.66 39.04
CA GLU BB 302 -37.13 -57.52 40.14
C GLU BB 302 -36.37 -58.83 40.04
N GLN BB 303 -35.74 -59.24 41.13
CA GLN BB 303 -34.98 -60.48 41.19
C GLN BB 303 -35.47 -61.32 42.36
N VAL BB 304 -35.28 -62.63 42.27
CA VAL BB 304 -35.60 -63.52 43.37
C VAL BB 304 -34.49 -64.56 43.54
N PRO BB 355 -34.94 -63.41 49.13
CA PRO BB 355 -34.00 -62.44 48.56
C PRO BB 355 -34.63 -61.57 47.49
N ARG BB 356 -35.86 -61.14 47.74
CA ARG BB 356 -36.68 -60.45 46.75
C ARG BB 356 -36.17 -59.02 46.58
N SER BB 357 -35.04 -58.87 45.90
CA SER BB 357 -34.53 -57.55 45.53
C SER BB 357 -35.48 -56.93 44.51
N THR BB 358 -35.59 -55.61 44.55
CA THR BB 358 -36.53 -54.90 43.68
C THR BB 358 -35.87 -53.61 43.20
N GLN BB 359 -36.60 -52.86 42.39
CA GLN BB 359 -36.17 -51.58 41.86
C GLN BB 359 -37.34 -50.93 41.13
N ARG BB 360 -37.43 -49.61 41.19
CA ARG BB 360 -38.51 -48.91 40.49
C ARG BB 360 -38.08 -47.46 40.28
N ASN BB 361 -37.68 -47.12 39.05
CA ASN BB 361 -37.39 -45.75 38.69
C ASN BB 361 -38.55 -45.19 37.89
N GLU BB 362 -38.77 -43.87 38.00
CA GLU BB 362 -39.92 -43.26 37.34
C GLU BB 362 -39.66 -41.77 37.16
N THR BB 363 -39.43 -41.35 35.92
CA THR BB 363 -39.35 -39.94 35.59
C THR BB 363 -40.65 -39.51 34.94
N SER BB 364 -41.12 -38.31 35.29
CA SER BB 364 -42.37 -37.80 34.75
C SER BB 364 -42.25 -36.32 34.45
N ASN BB 365 -42.72 -35.92 33.28
CA ASN BB 365 -42.82 -34.51 32.91
C ASN BB 365 -44.29 -34.17 32.74
N TYR BB 366 -44.72 -33.10 33.40
CA TYR BB 366 -46.14 -32.77 33.46
C TYR BB 366 -46.44 -31.56 32.60
N GLU BB 367 -47.74 -31.30 32.42
CA GLU BB 367 -48.24 -30.05 31.88
C GLU BB 367 -49.28 -29.53 32.85
N VAL BB 368 -49.32 -28.22 33.03
CA VAL BB 368 -50.12 -27.60 34.08
C VAL BB 368 -51.02 -26.54 33.49
N ASP BB 369 -52.21 -26.41 34.07
CA ASP BB 369 -53.11 -25.32 33.72
C ASP BB 369 -52.50 -24.00 34.14
N ARG BB 370 -53.14 -22.91 33.74
CA ARG BB 370 -52.65 -21.59 34.11
C ARG BB 370 -53.74 -20.56 33.89
N THR BB 371 -53.88 -19.63 34.84
CA THR BB 371 -54.76 -18.49 34.69
C THR BB 371 -54.00 -17.23 35.08
N ILE BB 372 -54.14 -16.17 34.28
CA ILE BB 372 -53.41 -14.93 34.49
C ILE BB 372 -54.38 -13.78 34.30
N ARG BB 373 -54.57 -12.98 35.34
CA ARG BB 373 -55.41 -11.79 35.26
C ARG BB 373 -54.55 -10.56 35.52
N HIS BB 374 -54.88 -9.45 34.87
CA HIS BB 374 -54.20 -8.19 35.08
C HIS BB 374 -55.27 -7.16 35.45
N THR BB 375 -55.62 -7.11 36.73
CA THR BB 375 -56.69 -6.26 37.20
C THR BB 375 -56.13 -4.91 37.60
N LYS BB 376 -56.55 -3.86 36.92
CA LYS BB 376 -56.16 -2.50 37.24
C LYS BB 376 -57.35 -1.80 37.85
N MET BB 377 -57.34 -1.66 39.18
CA MET BB 377 -58.49 -1.12 39.90
C MET BB 377 -58.83 0.28 39.44
N ASN BB 378 -60.02 0.73 39.80
CA ASN BB 378 -60.49 2.04 39.41
C ASN BB 378 -60.26 3.03 40.55
N VAL BB 379 -60.00 4.28 40.21
CA VAL BB 379 -59.76 5.32 41.20
C VAL BB 379 -61.04 6.15 41.34
N GLY BB 380 -61.70 6.03 42.48
CA GLY BB 380 -62.92 6.76 42.69
C GLY BB 380 -64.09 5.91 43.13
N ASP BB 381 -63.81 4.71 43.63
CA ASP BB 381 -64.87 3.83 44.10
C ASP BB 381 -65.26 4.19 45.53
N ILE BB 382 -66.38 3.63 45.97
CA ILE BB 382 -66.91 3.90 47.31
C ILE BB 382 -66.46 2.78 48.23
N GLU BB 383 -65.63 3.12 49.20
CA GLU BB 383 -65.12 2.09 50.12
C GLU BB 383 -66.02 1.92 51.34
N ARG BB 384 -66.72 2.98 51.74
CA ARG BB 384 -67.57 2.89 52.92
C ARG BB 384 -68.54 4.05 52.90
N LEU BB 385 -69.74 3.81 53.42
CA LEU BB 385 -70.76 4.84 53.52
C LEU BB 385 -71.24 4.95 54.96
N SER BB 386 -71.87 6.06 55.28
CA SER BB 386 -72.51 6.27 56.57
C SER BB 386 -73.65 7.25 56.36
N VAL BB 387 -74.85 6.87 56.78
CA VAL BB 387 -76.06 7.62 56.51
C VAL BB 387 -76.79 7.90 57.81
N ALA BB 388 -77.22 9.13 57.99
CA ALA BB 388 -78.05 9.52 59.13
C ALA BB 388 -79.30 10.19 58.61
N VAL BB 389 -80.46 9.73 59.06
CA VAL BB 389 -81.74 10.20 58.56
C VAL BB 389 -82.63 10.57 59.74
N VAL BB 390 -83.31 11.70 59.63
CA VAL BB 390 -84.27 12.16 60.62
C VAL BB 390 -85.65 12.11 60.00
N VAL BB 391 -86.63 11.59 60.74
CA VAL BB 391 -88.00 11.50 60.28
C VAL BB 391 -88.88 12.28 61.24
N ASN BB 392 -89.97 12.86 60.72
CA ASN BB 392 -90.80 13.73 61.53
C ASN BB 392 -91.91 12.95 62.20
N TYR BB 393 -92.39 13.49 63.32
CA TYR BB 393 -93.59 12.97 63.95
C TYR BB 393 -94.83 13.32 63.13
N LYS BB 394 -95.97 12.81 63.57
CA LYS BB 394 -97.23 13.07 62.88
C LYS BB 394 -98.42 12.82 63.81
N LEU BB 402 -97.07 12.14 69.28
CA LEU BB 402 -97.33 11.83 67.88
C LEU BB 402 -96.26 10.92 67.29
N PRO BB 403 -96.00 9.77 67.92
CA PRO BB 403 -94.85 8.95 67.51
C PRO BB 403 -95.22 8.03 66.34
N LEU BB 404 -94.26 7.83 65.45
CA LEU BB 404 -94.43 6.80 64.43
C LEU BB 404 -94.14 5.43 65.04
N THR BB 405 -94.92 4.44 64.61
CA THR BB 405 -94.87 3.12 65.22
C THR BB 405 -93.56 2.40 64.89
N ALA BB 406 -93.45 1.17 65.39
CA ALA BB 406 -92.21 0.41 65.21
C ALA BB 406 -92.16 -0.27 63.85
N ASP BB 407 -93.30 -0.79 63.36
CA ASP BB 407 -93.31 -1.47 62.07
C ASP BB 407 -93.00 -0.49 60.94
N GLN BB 408 -93.64 0.68 60.96
CA GLN BB 408 -93.37 1.68 59.94
C GLN BB 408 -91.92 2.13 59.99
N MET BB 409 -91.38 2.32 61.19
CA MET BB 409 -89.97 2.67 61.32
C MET BB 409 -89.08 1.58 60.73
N LYS BB 410 -89.41 0.31 60.97
CA LYS BB 410 -88.58 -0.77 60.45
C LYS BB 410 -88.63 -0.82 58.94
N GLN BB 411 -89.81 -0.67 58.35
CA GLN BB 411 -89.88 -0.70 56.90
C GLN BB 411 -89.22 0.53 56.28
N ILE BB 412 -89.24 1.67 56.97
CA ILE BB 412 -88.54 2.84 56.45
C ILE BB 412 -87.04 2.64 56.50
N GLU BB 413 -86.55 2.09 57.61
CA GLU BB 413 -85.14 1.71 57.68
C GLU BB 413 -84.76 0.76 56.56
N ASP BB 414 -85.64 -0.19 56.25
CA ASP BB 414 -85.33 -1.16 55.22
C ASP BB 414 -85.31 -0.52 53.83
N LEU BB 415 -86.29 0.34 53.54
CA LEU BB 415 -86.25 1.10 52.30
C LEU BB 415 -84.97 1.89 52.15
N THR BB 416 -84.56 2.57 53.22
CA THR BB 416 -83.31 3.34 53.15
C THR BB 416 -82.12 2.44 52.91
N ARG BB 417 -82.05 1.32 53.62
CA ARG BB 417 -80.96 0.37 53.42
C ARG BB 417 -80.90 -0.08 51.98
N GLU BB 418 -82.04 -0.39 51.36
CA GLU BB 418 -82.03 -0.84 49.98
C GLU BB 418 -81.73 0.28 49.00
N ALA BB 419 -82.13 1.51 49.31
CA ALA BB 419 -81.87 2.63 48.40
C ALA BB 419 -80.44 3.12 48.47
N MET BB 420 -79.74 2.89 49.58
CA MET BB 420 -78.35 3.29 49.68
C MET BB 420 -77.47 2.53 48.70
N GLY BB 421 -77.70 1.23 48.59
CA GLY BB 421 -76.71 0.35 48.00
C GLY BB 421 -75.95 -0.30 49.14
N PHE BB 422 -76.69 -0.61 50.20
CA PHE BB 422 -76.08 -1.10 51.44
C PHE BB 422 -75.32 -2.39 51.18
N SER BB 423 -74.27 -2.61 51.97
CA SER BB 423 -73.47 -3.80 51.84
C SER BB 423 -72.69 -4.03 53.12
N ASP BB 424 -73.00 -5.12 53.82
CA ASP BB 424 -72.27 -5.49 55.02
C ASP BB 424 -70.82 -5.89 54.73
N LYS BB 425 -70.42 -5.95 53.45
CA LYS BB 425 -69.02 -6.20 53.14
C LYS BB 425 -68.18 -4.96 53.42
N ARG BB 426 -68.63 -3.79 52.93
CA ARG BB 426 -67.84 -2.58 53.08
C ARG BB 426 -67.90 -2.01 54.48
N GLY BB 427 -68.75 -2.57 55.34
CA GLY BB 427 -68.88 -2.03 56.68
C GLY BB 427 -69.74 -0.80 56.75
N ASP BB 428 -70.71 -0.67 55.86
CA ASP BB 428 -71.57 0.50 55.85
C ASP BB 428 -72.40 0.57 57.12
N THR BB 429 -72.83 1.79 57.46
CA THR BB 429 -73.57 2.05 58.69
C THR BB 429 -74.76 2.93 58.39
N LEU BB 430 -75.90 2.59 58.98
CA LEU BB 430 -77.13 3.35 58.83
C LEU BB 430 -77.74 3.55 60.21
N ASN BB 431 -78.36 4.71 60.42
CA ASN BB 431 -79.14 4.93 61.63
C ASN BB 431 -80.21 5.97 61.36
N VAL BB 432 -81.47 5.56 61.53
CA VAL BB 432 -82.62 6.42 61.34
C VAL BB 432 -83.25 6.68 62.71
N VAL BB 433 -83.47 7.95 63.02
CA VAL BB 433 -84.04 8.34 64.31
C VAL BB 433 -85.28 9.19 64.08
N ASN BB 434 -86.19 9.12 65.03
CA ASN BB 434 -87.46 9.85 64.96
C ASN BB 434 -87.52 10.85 66.11
N SER BB 435 -87.71 12.12 65.78
CA SER BB 435 -87.75 13.18 66.78
C SER BB 435 -88.58 14.32 66.22
N PRO BB 436 -89.34 15.02 67.06
CA PRO BB 436 -90.22 16.08 66.54
C PRO BB 436 -89.41 17.22 65.97
N PHE BB 437 -89.92 17.82 64.90
CA PHE BB 437 -89.21 18.92 64.25
C PHE BB 437 -89.61 20.23 64.90
N SER BB 438 -88.89 21.30 64.55
CA SER BB 438 -89.15 22.62 65.09
C SER BB 438 -88.64 23.69 64.14
N ASP CB 232 -48.01 25.50 53.08
CA ASP CB 232 -48.61 26.42 52.11
C ASP CB 232 -50.11 26.13 51.88
N ALA CB 233 -50.42 25.29 50.89
CA ALA CB 233 -51.82 25.02 50.55
C ALA CB 233 -52.43 23.94 51.45
N GLN CB 234 -51.60 23.16 52.15
CA GLN CB 234 -52.11 22.09 52.99
C GLN CB 234 -53.11 22.61 54.00
N LEU CB 235 -52.85 23.79 54.56
CA LEU CB 235 -53.78 24.38 55.51
C LEU CB 235 -55.12 24.68 54.87
N LYS CB 236 -55.11 25.17 53.62
CA LYS CB 236 -56.37 25.47 52.95
C LYS CB 236 -57.16 24.20 52.67
N PHE CB 237 -56.48 23.14 52.22
CA PHE CB 237 -57.16 21.88 51.99
C PHE CB 237 -57.78 21.33 53.27
N ALA CB 238 -57.00 21.34 54.37
CA ALA CB 238 -57.53 20.87 55.64
C ALA CB 238 -58.72 21.72 56.09
N ASN CB 239 -58.64 23.03 55.91
CA ASN CB 239 -59.74 23.90 56.27
C ASN CB 239 -61.00 23.56 55.48
N ASP CB 240 -60.84 23.26 54.19
CA ASP CB 240 -62.00 22.89 53.38
C ASP CB 240 -62.64 21.61 53.88
N VAL CB 241 -61.83 20.59 54.19
CA VAL CB 241 -62.37 19.33 54.68
C VAL CB 241 -63.12 19.56 56.00
N GLU CB 242 -62.50 20.31 56.91
CA GLU CB 242 -63.15 20.59 58.19
C GLU CB 242 -64.46 21.35 57.99
N SER CB 243 -64.49 22.28 57.04
CA SER CB 243 -65.72 23.03 56.79
C SER CB 243 -66.82 22.10 56.28
N ARG CB 244 -66.47 21.20 55.37
CA ARG CB 244 -67.46 20.22 54.91
C ARG CB 244 -68.06 19.45 56.07
N ILE CB 245 -67.21 18.84 56.89
CA ILE CB 245 -67.73 18.00 57.96
C ILE CB 245 -68.56 18.82 58.95
N GLN CB 246 -68.12 20.04 59.23
CA GLN CB 246 -68.84 20.87 60.18
C GLN CB 246 -70.22 21.25 59.66
N ARG CB 247 -70.29 21.70 58.40
CA ARG CB 247 -71.59 22.09 57.86
C ARG CB 247 -72.52 20.89 57.77
N ARG CB 248 -71.98 19.70 57.47
CA ARG CB 248 -72.84 18.52 57.42
C ARG CB 248 -73.40 18.18 58.79
N ILE CB 249 -72.55 18.18 59.82
CA ILE CB 249 -73.03 17.86 61.16
C ILE CB 249 -74.08 18.87 61.61
N GLU CB 250 -73.82 20.15 61.41
CA GLU CB 250 -74.81 21.14 61.80
C GLU CB 250 -76.11 21.02 61.01
N ALA CB 251 -76.04 20.74 59.71
CA ALA CB 251 -77.25 20.62 58.91
C ALA CB 251 -78.07 19.39 59.26
N ILE CB 252 -77.45 18.29 59.65
CA ILE CB 252 -78.24 17.14 60.10
C ILE CB 252 -78.81 17.35 61.49
N LEU CB 253 -78.06 17.95 62.41
CA LEU CB 253 -78.53 18.08 63.79
C LEU CB 253 -79.43 19.29 64.03
N SER CB 254 -79.48 20.25 63.10
CA SER CB 254 -80.33 21.41 63.32
C SER CB 254 -81.82 21.09 63.38
N PRO CB 255 -82.41 20.33 62.44
CA PRO CB 255 -83.87 20.16 62.48
C PRO CB 255 -84.39 19.56 63.78
N ILE CB 256 -83.57 18.82 64.52
CA ILE CB 256 -84.04 18.22 65.76
C ILE CB 256 -84.06 19.25 66.89
N VAL CB 257 -82.95 19.96 67.08
CA VAL CB 257 -82.81 20.83 68.25
C VAL CB 257 -83.18 22.28 67.99
N GLY CB 258 -83.19 22.72 66.75
CA GLY CB 258 -83.58 24.08 66.42
C GLY CB 258 -82.71 24.68 65.33
N ASN CB 259 -83.01 25.93 65.01
CA ASN CB 259 -82.30 26.61 63.94
C ASN CB 259 -80.81 26.76 64.24
N GLY CB 260 -80.46 27.37 65.36
CA GLY CB 260 -79.08 27.68 65.63
C GLY CB 260 -78.65 27.38 67.05
N ASN CB 261 -79.24 26.34 67.65
CA ASN CB 261 -78.92 25.97 69.02
C ASN CB 261 -77.88 24.87 69.10
N VAL CB 262 -76.95 24.83 68.15
CA VAL CB 262 -75.88 23.84 68.17
C VAL CB 262 -74.70 24.39 67.38
N HIS CB 263 -73.49 24.10 67.85
CA HIS CB 263 -72.26 24.47 67.16
C HIS CB 263 -71.28 23.31 67.25
N ALA CB 264 -70.42 23.19 66.25
CA ALA CB 264 -69.45 22.11 66.20
C ALA CB 264 -68.16 22.61 65.56
N GLN CB 265 -67.04 22.07 66.02
CA GLN CB 265 -65.73 22.37 65.48
C GLN CB 265 -64.95 21.08 65.40
N VAL CB 266 -64.34 20.82 64.25
CA VAL CB 266 -63.67 19.56 63.97
C VAL CB 266 -62.21 19.83 63.66
N THR CB 267 -61.33 18.93 64.07
CA THR CB 267 -59.91 19.03 63.79
C THR CB 267 -59.45 17.79 63.05
N ALA CB 268 -58.98 17.97 61.83
CA ALA CB 268 -58.66 16.87 60.94
C ALA CB 268 -57.16 16.69 60.88
N GLN CB 269 -56.69 15.49 61.20
CA GLN CB 269 -55.28 15.14 61.07
C GLN CB 269 -55.06 14.55 59.68
N LEU CB 270 -54.62 15.37 58.74
CA LEU CB 270 -54.41 14.93 57.37
C LEU CB 270 -53.00 14.39 57.22
N ASP CB 271 -52.81 13.52 56.24
CA ASP CB 271 -51.52 12.91 55.96
C ASP CB 271 -51.12 13.25 54.53
N PHE CB 272 -49.90 13.74 54.36
CA PHE CB 272 -49.42 14.14 53.04
C PHE CB 272 -48.15 13.39 52.64
N ALA CB 273 -47.77 12.36 53.38
CA ALA CB 273 -46.54 11.65 53.06
C ALA CB 273 -46.74 10.76 51.84
N ASN CB 274 -45.99 11.07 50.78
CA ASN CB 274 -46.02 10.25 49.58
C ASN CB 274 -45.57 8.83 49.91
N LYS CB 275 -46.31 7.83 49.44
CA LYS CB 275 -46.10 6.46 49.90
C LYS CB 275 -46.40 5.51 48.74
N GLU CB 276 -45.52 4.55 48.50
CA GLU CB 276 -45.74 3.48 47.56
C GLU CB 276 -45.81 2.15 48.31
N GLN CB 277 -45.93 1.06 47.55
CA GLN CB 277 -45.96 -0.27 48.13
C GLN CB 277 -45.87 -1.30 47.01
N THR CB 278 -45.38 -2.50 47.35
CA THR CB 278 -45.33 -3.61 46.41
C THR CB 278 -45.41 -4.92 47.19
N GLU CB 279 -46.59 -5.50 47.31
CA GLU CB 279 -46.67 -6.82 47.89
C GLU CB 279 -46.24 -7.87 46.87
N GLU CB 280 -46.01 -9.09 47.37
CA GLU CB 280 -45.77 -10.23 46.50
C GLU CB 280 -46.12 -11.47 47.31
N HIS CB 281 -47.31 -12.01 47.07
CA HIS CB 281 -47.85 -13.08 47.90
C HIS CB 281 -47.73 -14.42 47.20
N TYR CB 282 -47.40 -15.45 47.97
CA TYR CB 282 -47.26 -16.81 47.46
C TYR CB 282 -48.15 -17.75 48.25
N SER CB 283 -48.92 -18.54 47.55
CA SER CB 283 -49.76 -19.49 48.27
C SER CB 283 -48.94 -20.73 48.65
N PRO CB 284 -49.14 -21.26 49.84
CA PRO CB 284 -48.33 -22.41 50.27
C PRO CB 284 -48.65 -23.65 49.45
N ASN CB 285 -47.60 -24.36 49.08
CA ASN CB 285 -47.72 -25.63 48.37
C ASN CB 285 -46.95 -26.73 49.08
N GLY CB 286 -46.88 -26.65 50.41
CA GLY CB 286 -46.20 -27.70 51.15
C GLY CB 286 -46.99 -28.99 51.20
N ASP CB 287 -48.30 -28.90 51.43
CA ASP CB 287 -49.12 -30.10 51.53
C ASP CB 287 -49.22 -30.74 50.15
N ALA CB 288 -49.04 -32.06 50.11
CA ALA CB 288 -49.07 -32.79 48.85
C ALA CB 288 -50.45 -32.88 48.22
N SER CB 289 -51.48 -32.44 48.93
CA SER CB 289 -52.84 -32.54 48.41
C SER CB 289 -53.09 -31.59 47.24
N LYS CB 290 -52.45 -30.43 47.23
CA LYS CB 290 -52.61 -29.50 46.11
C LYS CB 290 -51.29 -28.89 45.65
N ALA CB 291 -50.19 -29.64 45.69
CA ALA CB 291 -48.98 -29.19 45.04
C ALA CB 291 -49.19 -29.14 43.54
N THR CB 292 -48.29 -28.47 42.85
CA THR CB 292 -48.36 -28.33 41.40
C THR CB 292 -47.02 -28.77 40.82
N LEU CB 293 -46.85 -30.07 40.60
CA LEU CB 293 -45.59 -30.60 40.11
C LEU CB 293 -45.43 -30.28 38.64
N ARG CB 294 -44.25 -29.81 38.27
CA ARG CB 294 -43.91 -29.68 36.86
C ARG CB 294 -43.07 -30.86 36.40
N SER CB 295 -42.16 -31.32 37.25
CA SER CB 295 -41.37 -32.51 37.01
C SER CB 295 -41.44 -33.41 38.22
N ARG CB 296 -40.71 -34.52 38.17
CA ARG CB 296 -40.59 -35.42 39.30
C ARG CB 296 -39.61 -36.52 38.91
N GLN CB 297 -39.03 -37.19 39.90
CA GLN CB 297 -38.22 -38.38 39.67
C GLN CB 297 -38.16 -39.15 40.98
N LEU CB 298 -38.72 -40.36 40.99
CA LEU CB 298 -38.88 -41.13 42.21
C LEU CB 298 -38.24 -42.49 42.02
N ASN CB 299 -37.02 -42.66 42.50
CA ASN CB 299 -36.32 -43.93 42.44
C ASN CB 299 -36.52 -44.66 43.76
N ILE CB 300 -36.72 -45.97 43.69
CA ILE CB 300 -36.96 -46.80 44.86
C ILE CB 300 -36.23 -48.11 44.67
N SER CB 301 -35.21 -48.36 45.48
CA SER CB 301 -34.55 -49.65 45.54
C SER CB 301 -34.92 -50.34 46.83
N GLU CB 302 -34.75 -51.66 46.86
CA GLU CB 302 -35.09 -52.43 48.06
C GLU CB 302 -34.47 -53.82 47.90
N GLN CB 303 -33.70 -54.24 48.90
CA GLN CB 303 -33.07 -55.55 48.90
C GLN CB 303 -33.43 -56.29 50.18
N VAL CB 304 -33.38 -57.61 50.12
CA VAL CB 304 -33.59 -58.43 51.31
C VAL CB 304 -32.57 -59.56 51.35
N PRO CB 355 -32.02 -58.17 56.88
CA PRO CB 355 -31.10 -57.32 56.13
C PRO CB 355 -31.82 -56.43 55.13
N ARG CB 356 -32.95 -55.88 55.53
CA ARG CB 356 -33.86 -55.16 54.65
C ARG CB 356 -33.27 -53.78 54.33
N SER CB 357 -32.24 -53.76 53.48
CA SER CB 357 -31.69 -52.51 52.98
C SER CB 357 -32.73 -51.84 52.09
N THR CB 358 -32.71 -50.51 52.07
CA THR CB 358 -33.70 -49.76 51.32
C THR CB 358 -33.02 -48.55 50.69
N GLN CB 359 -33.82 -47.75 49.96
CA GLN CB 359 -33.36 -46.55 49.31
C GLN CB 359 -34.58 -45.83 48.74
N ARG CB 360 -34.54 -44.49 48.73
CA ARG CB 360 -35.65 -43.72 48.18
C ARG CB 360 -35.14 -42.32 47.83
N ASN CB 361 -34.91 -42.09 46.54
CA ASN CB 361 -34.56 -40.75 46.08
C ASN CB 361 -35.78 -40.11 45.43
N GLU CB 362 -35.87 -38.78 45.52
CA GLU CB 362 -37.05 -38.09 45.01
C GLU CB 362 -36.69 -36.63 44.73
N THR CB 363 -36.62 -36.28 43.44
CA THR CB 363 -36.47 -34.90 43.03
C THR CB 363 -37.82 -34.36 42.57
N SER CB 364 -38.12 -33.12 42.92
CA SER CB 364 -39.40 -32.52 42.56
C SER CB 364 -39.20 -31.07 42.17
N ASN CB 365 -39.81 -30.67 41.07
CA ASN CB 365 -39.84 -29.27 40.64
C ASN CB 365 -41.28 -28.79 40.68
N TYR CB 366 -41.52 -27.67 41.35
CA TYR CB 366 -42.87 -27.21 41.61
C TYR CB 366 -43.20 -26.00 40.75
N GLU CB 367 -44.47 -25.64 40.77
CA GLU CB 367 -44.95 -24.37 40.25
C GLU CB 367 -45.78 -23.72 41.33
N VAL CB 368 -45.67 -22.40 41.45
CA VAL CB 368 -46.24 -21.67 42.59
C VAL CB 368 -47.14 -20.56 42.09
N ASP CB 369 -48.20 -20.29 42.83
CA ASP CB 369 -49.05 -19.15 42.57
C ASP CB 369 -48.27 -17.86 42.83
N ARG CB 370 -48.86 -16.73 42.47
CA ARG CB 370 -48.21 -15.45 42.71
C ARG CB 370 -49.23 -14.33 42.60
N THR CB 371 -49.13 -13.37 43.50
CA THR CB 371 -49.93 -12.15 43.44
C THR CB 371 -49.01 -10.95 43.65
N ILE CB 372 -49.19 -9.92 42.83
CA ILE CB 372 -48.32 -8.75 42.86
C ILE CB 372 -49.21 -7.53 42.76
N ARG CB 373 -49.17 -6.66 43.78
CA ARG CB 373 -49.90 -5.40 43.78
C ARG CB 373 -48.91 -4.25 43.84
N HIS CB 374 -49.25 -3.15 43.19
CA HIS CB 374 -48.43 -1.94 43.23
C HIS CB 374 -49.34 -0.80 43.70
N THR CB 375 -49.48 -0.68 45.02
CA THR CB 375 -50.39 0.28 45.61
C THR CB 375 -49.65 1.59 45.85
N LYS CB 376 -50.08 2.65 45.18
CA LYS CB 376 -49.52 3.98 45.38
C LYS CB 376 -50.54 4.81 46.14
N MET CB 377 -50.32 5.00 47.43
CA MET CB 377 -51.29 5.65 48.29
C MET CB 377 -51.57 7.08 47.82
N ASN CB 378 -52.65 7.64 48.34
CA ASN CB 378 -53.06 8.97 47.96
C ASN CB 378 -52.57 9.98 49.01
N VAL CB 379 -52.26 11.19 48.56
CA VAL CB 379 -51.77 12.24 49.45
C VAL CB 379 -52.94 13.19 49.74
N GLY CB 380 -53.43 13.16 50.97
CA GLY CB 380 -54.53 14.02 51.34
C GLY CB 380 -55.69 13.29 51.99
N ASP CB 381 -55.43 12.10 52.50
CA ASP CB 381 -56.47 11.33 53.17
C ASP CB 381 -56.61 11.77 54.63
N ILE CB 382 -57.69 11.34 55.25
CA ILE CB 382 -57.97 11.70 56.64
C ILE CB 382 -57.48 10.57 57.54
N GLU CB 383 -56.48 10.87 58.37
CA GLU CB 383 -55.92 9.84 59.24
C GLU CB 383 -56.63 9.79 60.59
N ARG CB 384 -57.17 10.92 61.04
CA ARG CB 384 -57.83 10.94 62.34
C ARG CB 384 -58.69 12.19 62.41
N LEU CB 385 -59.80 12.10 63.12
CA LEU CB 385 -60.71 13.21 63.32
C LEU CB 385 -60.94 13.41 64.81
N SER CB 386 -61.42 14.60 65.17
CA SER CB 386 -61.82 14.91 66.53
C SER CB 386 -62.90 15.98 66.45
N VAL CB 387 -64.03 15.72 67.08
CA VAL CB 387 -65.20 16.58 66.95
C VAL CB 387 -65.70 16.97 68.33
N ALA CB 388 -65.99 18.24 68.51
CA ALA CB 388 -66.58 18.75 69.75
C ALA CB 388 -67.85 19.52 69.39
N VAL CB 389 -68.95 19.18 70.04
CA VAL CB 389 -70.25 19.75 69.71
C VAL CB 389 -70.90 20.24 70.99
N VAL CB 390 -71.49 21.43 70.93
CA VAL CB 390 -72.25 22.00 72.04
C VAL CB 390 -73.71 22.06 71.63
N VAL CB 391 -74.59 21.66 72.55
CA VAL CB 391 -76.03 21.68 72.31
C VAL CB 391 -76.67 22.58 73.36
N ASN CB 392 -77.77 23.23 72.98
CA ASN CB 392 -78.39 24.21 73.85
C ASN CB 392 -79.45 23.55 74.74
N TYR CB 393 -79.70 24.17 75.88
CA TYR CB 393 -80.82 23.80 76.71
C TYR CB 393 -82.14 24.22 76.07
N LYS CB 394 -83.24 23.83 76.71
CA LYS CB 394 -84.57 24.19 76.21
C LYS CB 394 -85.61 24.09 77.32
N LEU CB 402 -83.48 23.48 82.55
CA LEU CB 402 -83.98 23.15 81.23
C LEU CB 402 -83.09 22.12 80.52
N PRO CB 403 -82.84 20.97 81.16
CA PRO CB 403 -81.86 20.03 80.62
C PRO CB 403 -82.48 19.11 79.57
N LEU CB 404 -81.70 18.79 78.54
CA LEU CB 404 -82.10 17.74 77.63
C LEU CB 404 -81.85 16.38 78.25
N THR CB 405 -82.76 15.45 77.99
CA THR CB 405 -82.73 14.15 78.65
C THR CB 405 -81.56 13.31 78.16
N ALA CB 406 -81.48 12.09 78.70
CA ALA CB 406 -80.35 11.21 78.37
C ALA CB 406 -80.57 10.47 77.05
N ASP CB 407 -81.80 10.05 76.77
CA ASP CB 407 -82.07 9.34 75.53
C ASP CB 407 -81.88 10.23 74.32
N GLN CB 408 -82.40 11.46 74.38
CA GLN CB 408 -82.21 12.40 73.28
C GLN CB 408 -80.73 12.72 73.09
N MET CB 409 -80.00 12.90 74.18
CA MET CB 409 -78.56 13.11 74.07
C MET CB 409 -77.88 11.93 73.41
N LYS CB 410 -78.27 10.70 73.76
CA LYS CB 410 -77.62 9.53 73.18
C LYS CB 410 -77.91 9.43 71.68
N GLN CB 411 -79.16 9.67 71.28
CA GLN CB 411 -79.46 9.60 69.86
C GLN CB 411 -78.79 10.73 69.09
N ILE CB 412 -78.61 11.89 69.72
CA ILE CB 412 -77.91 12.99 69.04
C ILE CB 412 -76.44 12.64 68.87
N GLU CB 413 -75.83 12.08 69.92
CA GLU CB 413 -74.46 11.59 69.79
C GLU CB 413 -74.35 10.57 68.68
N ASP CB 414 -75.35 9.70 68.55
CA ASP CB 414 -75.28 8.66 67.53
C ASP CB 414 -75.43 9.24 66.13
N LEU CB 415 -76.36 10.18 65.95
CA LEU CB 415 -76.47 10.89 64.68
C LEU CB 415 -75.15 11.55 64.30
N THR CB 416 -74.51 12.23 65.25
CA THR CB 416 -73.24 12.88 64.96
C THR CB 416 -72.18 11.86 64.58
N ARG CB 417 -72.09 10.76 65.33
CA ARG CB 417 -71.14 9.71 65.01
C ARG CB 417 -71.34 9.20 63.59
N GLU CB 418 -72.59 8.99 63.18
CA GLU CB 418 -72.83 8.48 61.85
C GLU CB 418 -72.61 9.54 60.77
N ALA CB 419 -72.83 10.81 61.07
CA ALA CB 419 -72.63 11.86 60.09
C ALA CB 419 -71.17 12.23 59.91
N MET CB 420 -70.32 11.96 60.91
CA MET CB 420 -68.91 12.24 60.78
C MET CB 420 -68.27 11.37 59.71
N GLY CB 421 -68.62 10.09 59.70
CA GLY CB 421 -67.81 9.10 59.01
C GLY CB 421 -66.94 8.43 60.05
N PHE CB 422 -67.52 8.23 61.23
CA PHE CB 422 -66.78 7.73 62.37
C PHE CB 422 -66.18 6.36 62.08
N SER CB 423 -65.05 6.08 62.70
CA SER CB 423 -64.38 4.80 62.50
C SER CB 423 -63.43 4.55 63.66
N ASP CB 424 -63.72 3.51 64.44
CA ASP CB 424 -62.84 3.13 65.53
C ASP CB 424 -61.50 2.58 65.05
N LYS CB 425 -61.31 2.44 63.74
CA LYS CB 425 -60.00 2.07 63.23
C LYS CB 425 -59.02 3.22 63.31
N ARG CB 426 -59.44 4.40 62.84
CA ARG CB 426 -58.54 5.55 62.80
C ARG CB 426 -58.33 6.17 64.17
N GLY CB 427 -59.08 5.72 65.17
CA GLY CB 427 -58.94 6.31 66.49
C GLY CB 427 -59.67 7.63 66.64
N ASP CB 428 -60.76 7.81 65.90
CA ASP CB 428 -61.50 9.06 65.96
C ASP CB 428 -62.11 9.25 67.34
N THR CB 429 -62.38 10.51 67.68
CA THR CB 429 -62.89 10.88 68.99
C THR CB 429 -64.04 11.86 68.83
N LEU CB 430 -65.09 11.64 69.61
CA LEU CB 430 -66.26 12.50 69.62
C LEU CB 430 -66.62 12.81 71.06
N ASN CB 431 -67.10 14.03 71.31
CA ASN CB 431 -67.66 14.38 72.61
C ASN CB 431 -68.67 15.50 72.45
N VAL CB 432 -69.92 15.21 72.83
CA VAL CB 432 -71.01 16.17 72.78
C VAL CB 432 -71.39 16.53 74.21
N VAL CB 433 -71.44 17.83 74.50
CA VAL CB 433 -71.76 18.31 75.84
C VAL CB 433 -72.94 19.26 75.75
N ASN CB 434 -73.71 19.32 76.84
CA ASN CB 434 -74.89 20.16 76.92
C ASN CB 434 -74.69 21.20 78.01
N SER CB 435 -74.82 22.47 77.66
CA SER CB 435 -74.62 23.56 78.60
C SER CB 435 -75.42 24.76 78.12
N PRO CB 436 -75.97 25.55 79.03
CA PRO CB 436 -76.83 26.67 78.60
C PRO CB 436 -76.02 27.71 77.85
N PHE CB 437 -76.65 28.32 76.85
CA PHE CB 437 -75.97 29.31 76.04
C PHE CB 437 -76.13 30.68 76.68
N SER CB 438 -75.38 31.66 76.17
CA SER CB 438 -75.45 33.02 76.68
C SER CB 438 -75.00 34.01 75.61
N ASP DB 232 -36.66 31.67 58.29
CA ASP DB 232 -37.34 32.61 57.39
C ASP DB 232 -38.86 32.45 57.41
N ALA DB 233 -39.39 31.61 56.52
CA ALA DB 233 -40.84 31.45 56.43
C ALA DB 233 -41.40 30.47 57.44
N GLN DB 234 -40.55 29.64 58.04
CA GLN DB 234 -41.00 28.65 59.01
C GLN DB 234 -41.78 29.30 60.14
N LEU DB 235 -41.33 30.48 60.59
CA LEU DB 235 -42.05 31.18 61.64
C LEU DB 235 -43.45 31.57 61.19
N LYS DB 236 -43.59 32.01 59.94
CA LYS DB 236 -44.91 32.40 59.45
C LYS DB 236 -45.84 31.20 59.36
N PHE DB 237 -45.33 30.07 58.87
CA PHE DB 237 -46.15 28.87 58.81
C PHE DB 237 -46.59 28.43 60.19
N ALA DB 238 -45.67 28.41 61.15
CA ALA DB 238 -46.03 28.04 62.52
C ALA DB 238 -47.05 29.01 63.10
N ASN DB 239 -46.88 30.30 62.84
CA ASN DB 239 -47.84 31.28 63.33
C ASN DB 239 -49.23 31.02 62.76
N ASP DB 240 -49.31 30.67 61.48
CA ASP DB 240 -50.60 30.38 60.87
C ASP DB 240 -51.27 29.17 61.53
N VAL DB 241 -50.50 28.10 61.75
CA VAL DB 241 -51.07 26.91 62.40
C VAL DB 241 -51.57 27.26 63.79
N GLU DB 242 -50.76 27.98 64.57
CA GLU DB 242 -51.17 28.37 65.90
C GLU DB 242 -52.43 29.23 65.87
N SER DB 243 -52.53 30.14 64.89
CA SER DB 243 -53.71 30.98 64.80
C SER DB 243 -54.96 30.15 64.51
N ARG DB 244 -54.84 29.18 63.61
CA ARG DB 244 -55.96 28.27 63.34
C ARG DB 244 -56.44 27.60 64.62
N ILE DB 245 -55.52 26.96 65.34
CA ILE DB 245 -55.94 26.20 66.52
C ILE DB 245 -56.52 27.13 67.57
N GLN DB 246 -55.95 28.32 67.73
CA GLN DB 246 -56.44 29.26 68.74
C GLN DB 246 -57.84 29.73 68.40
N ARG DB 247 -58.07 30.15 67.16
CA ARG DB 247 -59.40 30.62 66.80
C ARG DB 247 -60.43 29.51 66.92
N ARG DB 248 -60.05 28.27 66.60
CA ARG DB 248 -61.00 27.18 66.73
C ARG DB 248 -61.37 26.93 68.20
N ILE DB 249 -60.37 26.90 69.08
CA ILE DB 249 -60.66 26.68 70.50
C ILE DB 249 -61.54 27.79 71.04
N GLU DB 250 -61.21 29.04 70.73
CA GLU DB 250 -62.04 30.13 71.24
C GLU DB 250 -63.44 30.10 70.66
N ALA DB 251 -63.61 29.76 69.37
CA ALA DB 251 -64.93 29.72 68.78
C ALA DB 251 -65.79 28.59 69.31
N ILE DB 252 -65.21 27.45 69.66
CA ILE DB 252 -66.02 26.40 70.27
C ILE DB 252 -66.35 26.71 71.73
N LEU DB 253 -65.40 27.28 72.49
CA LEU DB 253 -65.65 27.50 73.92
C LEU DB 253 -66.40 28.79 74.22
N SER DB 254 -66.51 29.71 73.27
CA SER DB 254 -67.20 30.95 73.56
C SER DB 254 -68.70 30.78 73.86
N PRO DB 255 -69.49 30.05 73.06
CA PRO DB 255 -70.93 30.01 73.34
C PRO DB 255 -71.29 29.51 74.72
N ILE DB 256 -70.43 28.73 75.37
CA ILE DB 256 -70.75 28.22 76.70
C ILE DB 256 -70.51 29.28 77.76
N VAL DB 257 -69.32 29.90 77.75
CA VAL DB 257 -68.92 30.79 78.83
C VAL DB 257 -69.20 32.26 78.56
N GLY DB 258 -69.37 32.66 77.31
CA GLY DB 258 -69.68 34.03 76.98
C GLY DB 258 -68.95 34.51 75.74
N ASN DB 259 -69.19 35.76 75.41
CA ASN DB 259 -68.60 36.34 74.20
C ASN DB 259 -67.08 36.35 74.26
N GLY DB 260 -66.51 36.98 75.29
CA GLY DB 260 -65.08 37.16 75.33
C GLY DB 260 -64.46 36.88 76.67
N ASN DB 261 -65.03 35.93 77.41
CA ASN DB 261 -64.54 35.58 78.73
C ASN DB 261 -63.59 34.39 78.72
N VAL DB 262 -62.83 34.23 77.63
CA VAL DB 262 -61.86 33.14 77.54
C VAL DB 262 -60.78 33.56 76.55
N HIS DB 263 -59.53 33.17 76.84
CA HIS DB 263 -58.40 33.40 75.96
C HIS DB 263 -57.53 32.16 75.96
N ALA DB 264 -56.85 31.93 74.84
CA ALA DB 264 -55.99 30.77 74.70
C ALA DB 264 -54.78 31.12 73.85
N GLN DB 265 -53.66 30.49 74.16
CA GLN DB 265 -52.42 30.65 73.41
C GLN DB 265 -51.77 29.29 73.28
N VAL DB 266 -51.37 28.94 72.06
CA VAL DB 266 -50.87 27.60 71.75
C VAL DB 266 -49.46 27.73 71.20
N THR DB 267 -48.61 26.76 71.52
CA THR DB 267 -47.24 26.74 71.03
C THR DB 267 -47.02 25.43 70.29
N ALA DB 268 -46.73 25.52 68.99
CA ALA DB 268 -46.64 24.37 68.12
C ALA DB 268 -45.18 24.04 67.86
N GLN DB 269 -44.78 22.82 68.16
CA GLN DB 269 -43.45 22.33 67.83
C GLN DB 269 -43.50 21.67 66.46
N LEU DB 270 -43.15 22.41 65.42
CA LEU DB 270 -43.18 21.91 64.06
C LEU DB 270 -41.86 21.23 63.72
N ASP DB 271 -41.91 20.31 62.77
CA ASP DB 271 -40.73 19.58 62.34
C ASP DB 271 -40.54 19.82 60.84
N PHE DB 272 -39.32 20.20 60.45
CA PHE DB 272 -39.01 20.50 59.06
C PHE DB 272 -37.91 19.62 58.51
N ALA DB 273 -37.50 18.59 59.24
CA ALA DB 273 -36.40 17.75 58.77
C ALA DB 273 -36.86 16.84 57.64
N ASN DB 274 -36.27 17.04 56.46
CA ASN DB 274 -36.56 16.17 55.33
C ASN DB 274 -36.17 14.74 55.66
N LYS DB 275 -37.06 13.80 55.36
CA LYS DB 275 -36.90 12.43 55.84
C LYS DB 275 -37.46 11.47 54.80
N GLU DB 276 -36.70 10.43 54.48
CA GLU DB 276 -37.17 9.35 53.64
C GLU DB 276 -37.24 8.06 54.45
N GLN DB 277 -37.56 6.96 53.78
CA GLN DB 277 -37.60 5.66 54.42
C GLN DB 277 -37.79 4.58 53.37
N THR DB 278 -37.35 3.36 53.68
CA THR DB 278 -37.56 2.22 52.81
C THR DB 278 -37.61 0.94 53.64
N GLU DB 279 -38.81 0.48 53.98
CA GLU DB 279 -38.92 -0.82 54.63
C GLU DB 279 -38.73 -1.93 53.62
N GLU DB 280 -38.53 -3.14 54.14
CA GLU DB 280 -38.53 -4.33 53.30
C GLU DB 280 -38.86 -5.51 54.22
N HIS DB 281 -40.11 -5.95 54.19
CA HIS DB 281 -40.59 -6.93 55.15
C HIS DB 281 -40.71 -8.30 54.50
N TYR DB 282 -40.36 -9.32 55.27
CA TYR DB 282 -40.40 -10.70 54.81
C TYR DB 282 -41.24 -11.53 55.77
N SER DB 283 -42.18 -12.27 55.24
CA SER DB 283 -42.96 -13.11 56.13
C SER DB 283 -42.20 -14.40 56.44
N PRO DB 284 -42.26 -14.87 57.67
CA PRO DB 284 -41.50 -16.07 58.04
C PRO DB 284 -42.04 -17.30 57.34
N ASN DB 285 -41.12 -18.14 56.85
CA ASN DB 285 -41.47 -19.41 56.23
C ASN DB 285 -40.69 -20.55 56.88
N GLY DB 286 -40.40 -20.43 58.17
CA GLY DB 286 -39.71 -21.50 58.85
C GLY DB 286 -40.59 -22.72 59.08
N ASP DB 287 -41.83 -22.50 59.51
CA ASP DB 287 -42.73 -23.60 59.79
C ASP DB 287 -43.09 -24.29 58.48
N ALA DB 288 -43.04 -25.62 58.48
CA ALA DB 288 -43.31 -26.39 57.28
C ALA DB 288 -44.79 -26.38 56.88
N SER DB 289 -45.66 -25.82 57.71
CA SER DB 289 -47.08 -25.80 57.41
C SER DB 289 -47.43 -24.90 56.24
N LYS DB 290 -46.70 -23.78 56.07
CA LYS DB 290 -46.96 -22.90 54.95
C LYS DB 290 -45.68 -22.43 54.26
N ALA DB 291 -44.66 -23.26 54.18
CA ALA DB 291 -43.52 -22.96 53.33
C ALA DB 291 -43.97 -22.94 51.87
N THR DB 292 -43.13 -22.38 51.02
CA THR DB 292 -43.41 -22.31 49.59
C THR DB 292 -42.23 -22.88 48.84
N LEU DB 293 -42.21 -24.19 48.66
CA LEU DB 293 -41.09 -24.86 48.02
C LEU DB 293 -41.13 -24.62 46.52
N ARG DB 294 -39.98 -24.27 45.95
CA ARG DB 294 -39.87 -24.22 44.50
C ARG DB 294 -39.21 -25.48 43.98
N SER DB 295 -38.23 -26.00 44.71
CA SER DB 295 -37.58 -27.26 44.40
C SER DB 295 -37.54 -28.10 45.66
N ARG DB 296 -36.92 -29.27 45.54
CA ARG DB 296 -36.70 -30.15 46.69
C ARG DB 296 -35.89 -31.34 46.22
N GLN DB 297 -35.21 -32.03 47.14
CA GLN DB 297 -34.55 -33.29 46.85
C GLN DB 297 -34.37 -34.01 48.17
N LEU DB 298 -35.01 -35.16 48.32
CA LEU DB 298 -35.05 -35.87 49.60
C LEU DB 298 -34.57 -37.30 49.38
N ASN DB 299 -33.30 -37.55 49.68
CA ASN DB 299 -32.73 -38.89 49.58
C ASN DB 299 -32.78 -39.54 50.95
N ILE DB 300 -33.10 -40.83 50.97
CA ILE DB 300 -33.22 -41.59 52.22
C ILE DB 300 -32.65 -42.97 51.97
N SER DB 301 -31.53 -43.27 52.63
CA SER DB 301 -30.99 -44.62 52.66
C SER DB 301 -31.21 -45.23 54.03
N GLU DB 302 -31.16 -46.56 54.10
CA GLU DB 302 -31.36 -47.25 55.36
C GLU DB 302 -30.90 -48.69 55.20
N GLN DB 303 -30.02 -49.14 56.09
CA GLN DB 303 -29.50 -50.50 56.05
C GLN DB 303 -29.73 -51.16 57.40
N VAL DB 304 -29.80 -52.49 57.41
CA VAL DB 304 -29.89 -53.24 58.65
C VAL DB 304 -28.97 -54.44 58.60
N PRO DB 355 -27.44 -52.91 63.91
CA PRO DB 355 -26.58 -52.18 62.97
C PRO DB 355 -27.37 -51.26 62.05
N ARG DB 356 -28.38 -50.60 62.60
CA ARG DB 356 -29.34 -49.82 61.82
C ARG DB 356 -28.69 -48.53 61.36
N SER DB 357 -27.82 -48.63 60.35
CA SER DB 357 -27.25 -47.46 59.71
C SER DB 357 -28.35 -46.73 58.95
N THR DB 358 -28.23 -45.41 58.87
CA THR DB 358 -29.26 -44.59 58.25
C THR DB 358 -28.58 -43.48 57.45
N GLN DB 359 -29.41 -42.64 56.81
CA GLN DB 359 -28.96 -41.50 56.03
C GLN DB 359 -30.19 -40.70 55.63
N ARG DB 360 -30.04 -39.38 55.54
CA ARG DB 360 -31.15 -38.53 55.13
C ARG DB 360 -30.58 -37.20 54.63
N ASN DB 361 -30.54 -37.02 53.32
CA ASN DB 361 -30.16 -35.75 52.73
C ASN DB 361 -31.40 -35.02 52.26
N GLU DB 362 -31.37 -33.69 52.28
CA GLU DB 362 -32.54 -32.91 51.92
C GLU DB 362 -32.12 -31.51 51.50
N THR DB 363 -32.22 -31.22 50.22
CA THR DB 363 -32.02 -29.86 49.71
C THR DB 363 -33.37 -29.22 49.44
N SER DB 364 -33.51 -27.94 49.77
CA SER DB 364 -34.77 -27.24 49.58
C SER DB 364 -34.51 -25.84 49.09
N ASN DB 365 -35.25 -25.42 48.07
CA ASN DB 365 -35.23 -24.05 47.59
C ASN DB 365 -36.60 -23.43 47.82
N TYR DB 366 -36.63 -22.27 48.45
CA TYR DB 366 -37.88 -21.67 48.90
C TYR DB 366 -38.24 -20.48 48.04
N GLU DB 367 -39.46 -20.00 48.23
CA GLU DB 367 -39.91 -18.72 47.73
C GLU DB 367 -40.50 -17.95 48.89
N VAL DB 368 -40.26 -16.64 48.92
CA VAL DB 368 -40.57 -15.83 50.09
C VAL DB 368 -41.44 -14.65 49.68
N ASP DB 369 -42.35 -14.26 50.57
CA ASP DB 369 -43.13 -13.05 50.39
C ASP DB 369 -42.21 -11.84 50.45
N ARG DB 370 -42.76 -10.67 50.13
CA ARG DB 370 -41.97 -9.45 50.19
C ARG DB 370 -42.89 -8.24 50.19
N THR DB 371 -42.58 -7.26 51.02
CA THR DB 371 -43.26 -5.98 51.02
C THR DB 371 -42.22 -4.86 51.02
N ILE DB 372 -42.43 -3.85 50.18
CA ILE DB 372 -41.48 -2.76 50.02
C ILE DB 372 -42.27 -1.46 50.00
N ARG DB 373 -41.99 -0.58 50.96
CA ARG DB 373 -42.60 0.74 50.99
C ARG DB 373 -41.53 1.80 50.85
N HIS DB 374 -41.86 2.91 50.19
CA HIS DB 374 -40.96 4.04 50.06
C HIS DB 374 -41.67 5.26 50.61
N THR DB 375 -41.60 5.46 51.91
CA THR DB 375 -42.32 6.53 52.59
C THR DB 375 -41.44 7.76 52.64
N LYS DB 376 -41.88 8.83 52.00
CA LYS DB 376 -41.18 10.11 52.04
C LYS DB 376 -42.01 11.06 52.90
N MET DB 377 -41.56 11.27 54.12
CA MET DB 377 -42.32 12.04 55.09
C MET DB 377 -42.56 13.47 54.60
N ASN DB 378 -43.49 14.14 55.25
CA ASN DB 378 -43.84 15.51 54.87
C ASN DB 378 -43.11 16.49 55.77
N VAL DB 379 -42.77 17.65 55.22
CA VAL DB 379 -42.07 18.69 55.97
C VAL DB 379 -43.08 19.74 56.39
N GLY DB 380 -43.38 19.81 57.68
CA GLY DB 380 -44.33 20.78 58.17
C GLY DB 380 -45.42 20.19 59.02
N ASP DB 381 -45.20 18.98 59.55
CA ASP DB 381 -46.18 18.36 60.41
C ASP DB 381 -46.04 18.86 61.84
N ILE DB 382 -47.04 18.56 62.65
CA ILE DB 382 -47.08 18.99 64.05
C ILE DB 382 -46.54 17.86 64.91
N GLU DB 383 -45.41 18.08 65.56
CA GLU DB 383 -44.81 17.05 66.39
C GLU DB 383 -45.31 17.11 67.82
N ARG DB 384 -45.66 18.30 68.30
CA ARG DB 384 -46.10 18.44 69.68
C ARG DB 384 -46.84 19.76 69.82
N LEU DB 385 -47.83 19.79 70.70
CA LEU DB 385 -48.59 21.00 70.98
C LEU DB 385 -48.57 21.28 72.47
N SER DB 386 -48.89 22.51 72.84
CA SER DB 386 -49.04 22.91 74.22
C SER DB 386 -50.02 24.07 74.26
N VAL DB 387 -51.07 23.95 75.06
CA VAL DB 387 -52.16 24.90 75.07
C VAL DB 387 -52.40 25.38 76.49
N ALA DB 388 -52.55 26.68 76.65
CA ALA DB 388 -52.90 27.30 77.93
C ALA DB 388 -54.13 28.16 77.73
N VAL DB 389 -55.15 27.95 78.57
CA VAL DB 389 -56.43 28.62 78.41
C VAL DB 389 -56.83 29.22 79.75
N VAL DB 390 -57.32 30.45 79.72
CA VAL DB 390 -57.84 31.13 80.90
C VAL DB 390 -59.34 31.31 80.71
N VAL DB 391 -60.09 31.03 81.77
CA VAL DB 391 -61.54 31.18 81.76
C VAL DB 391 -61.93 32.16 82.84
N ASN DB 392 -63.02 32.89 82.61
CA ASN DB 392 -63.42 33.96 83.51
C ASN DB 392 -64.37 33.44 84.58
N TYR DB 393 -64.38 34.12 85.72
CA TYR DB 393 -65.39 33.88 86.74
C TYR DB 393 -66.75 34.41 86.27
N LYS DB 394 -67.77 34.15 87.09
CA LYS DB 394 -69.12 34.59 86.79
C LYS DB 394 -69.97 34.63 88.04
N LEU DB 402 -67.11 34.03 92.90
CA LEU DB 402 -67.84 33.69 91.70
C LEU DB 402 -67.17 32.56 90.93
N PRO DB 403 -66.92 31.42 91.58
CA PRO DB 403 -66.11 30.38 90.93
C PRO DB 403 -66.96 29.48 90.04
N LEU DB 404 -66.38 29.05 88.93
CA LEU DB 404 -67.01 28.01 88.13
C LEU DB 404 -66.78 26.65 88.77
N THR DB 405 -67.81 25.80 88.71
CA THR DB 405 -67.78 24.54 89.42
C THR DB 405 -66.78 23.57 88.81
N ALA DB 406 -66.71 22.37 89.39
CA ALA DB 406 -65.74 21.38 88.94
C ALA DB 406 -66.22 20.62 87.70
N ASP DB 407 -67.51 20.30 87.64
CA ASP DB 407 -68.04 19.56 86.50
C ASP DB 407 -67.95 20.39 85.23
N GLN DB 408 -68.36 21.66 85.29
CA GLN DB 408 -68.25 22.53 84.14
C GLN DB 408 -66.81 22.72 83.70
N MET DB 409 -65.90 22.86 84.66
CA MET DB 409 -64.48 22.94 84.32
C MET DB 409 -64.01 21.68 83.63
N LYS DB 410 -64.45 20.51 84.09
CA LYS DB 410 -64.00 19.26 83.47
C LYS DB 410 -64.53 19.13 82.06
N GLN DB 411 -65.80 19.46 81.85
CA GLN DB 411 -66.33 19.37 80.49
C GLN DB 411 -65.70 20.41 79.57
N ILE DB 412 -65.31 21.57 80.10
CA ILE DB 412 -64.64 22.56 79.27
C ILE DB 412 -63.25 22.08 78.89
N GLU DB 413 -62.53 21.51 79.86
CA GLU DB 413 -61.25 20.88 79.55
C GLU DB 413 -61.40 19.82 78.48
N ASP DB 414 -62.48 19.04 78.56
CA ASP DB 414 -62.66 17.96 77.60
C ASP DB 414 -62.98 18.51 76.20
N LEU DB 415 -63.84 19.52 76.12
CA LEU DB 415 -64.08 20.19 74.85
C LEU DB 415 -62.79 20.70 74.24
N THR DB 416 -61.96 21.36 75.05
CA THR DB 416 -60.70 21.88 74.53
C THR DB 416 -59.80 20.75 74.04
N ARG DB 417 -59.69 19.68 74.83
CA ARG DB 417 -58.89 18.54 74.42
C ARG DB 417 -59.36 17.99 73.08
N GLU DB 418 -60.67 17.88 72.88
CA GLU DB 418 -61.16 17.35 71.62
C GLU DB 418 -61.02 18.33 70.47
N ALA DB 419 -61.07 19.63 70.74
CA ALA DB 419 -60.95 20.62 69.68
C ALA DB 419 -59.51 20.85 69.26
N MET DB 420 -58.55 20.55 70.13
CA MET DB 420 -57.13 20.69 69.77
C MET DB 420 -56.76 19.71 68.67
N GLY DB 421 -57.21 18.48 68.77
CA GLY DB 421 -56.61 17.40 68.02
C GLY DB 421 -55.65 16.69 68.95
N PHE DB 422 -56.05 16.58 70.21
CA PHE DB 422 -55.18 16.06 71.26
C PHE DB 422 -54.76 14.64 70.93
N SER DB 423 -53.56 14.27 71.39
CA SER DB 423 -53.04 12.94 71.16
C SER DB 423 -51.95 12.64 72.18
N ASP DB 424 -52.21 11.66 73.05
CA ASP DB 424 -51.20 11.24 74.01
C ASP DB 424 -50.00 10.56 73.36
N LYS DB 425 -50.03 10.35 72.04
CA LYS DB 425 -48.86 9.84 71.35
C LYS DB 425 -47.78 10.90 71.22
N ARG DB 426 -48.17 12.10 70.76
CA ARG DB 426 -47.20 13.15 70.53
C ARG DB 426 -46.72 13.80 71.81
N GLY DB 427 -47.34 13.46 72.95
CA GLY DB 427 -46.95 14.09 74.20
C GLY DB 427 -47.54 15.47 74.38
N ASP DB 428 -48.71 15.72 73.80
CA ASP DB 428 -49.32 17.04 73.92
C ASP DB 428 -49.68 17.34 75.36
N THR DB 429 -49.78 18.63 75.67
CA THR DB 429 -50.05 19.09 77.02
C THR DB 429 -51.12 20.16 77.00
N LEU DB 430 -52.05 20.07 77.94
CA LEU DB 430 -53.13 21.04 78.08
C LEU DB 430 -53.24 21.44 79.54
N ASN DB 431 -53.57 22.70 79.79
CA ASN DB 431 -53.88 23.14 81.14
C ASN DB 431 -54.80 24.34 81.09
N VAL DB 432 -55.99 24.19 81.67
CA VAL DB 432 -56.99 25.25 81.74
C VAL DB 432 -57.11 25.69 83.19
N VAL DB 433 -57.01 27.00 83.42
CA VAL DB 433 -57.08 27.56 84.76
C VAL DB 433 -58.17 28.61 84.81
N ASN DB 434 -58.75 28.77 85.99
CA ASN DB 434 -59.83 29.72 86.21
C ASN DB 434 -59.36 30.78 87.21
N SER DB 435 -59.45 32.05 86.81
CA SER DB 435 -59.01 33.14 87.66
C SER DB 435 -59.77 34.39 87.24
N PRO DB 436 -60.11 35.27 88.17
CA PRO DB 436 -60.91 36.44 87.83
C PRO DB 436 -60.15 37.38 86.92
N PHE DB 437 -60.87 38.00 85.99
CA PHE DB 437 -60.24 38.90 85.04
C PHE DB 437 -60.19 40.31 85.62
N SER DB 438 -59.46 41.19 84.96
CA SER DB 438 -59.32 42.57 85.40
C SER DB 438 -58.96 43.46 84.22
N ASP EB 232 -24.19 37.00 61.43
CA ASP EB 232 -24.91 37.96 60.60
C ASP EB 232 -26.42 37.94 60.84
N ALA EB 233 -27.16 37.12 60.10
CA ALA EB 233 -28.62 37.09 60.24
C ALA EB 233 -29.08 36.20 61.38
N GLN EB 234 -28.21 35.32 61.88
CA GLN EB 234 -28.60 34.41 62.95
C GLN EB 234 -29.13 35.17 64.16
N LEU EB 235 -28.52 36.32 64.47
CA LEU EB 235 -29.00 37.13 65.59
C LEU EB 235 -30.41 37.63 65.34
N LYS EB 236 -30.71 38.03 64.10
CA LYS EB 236 -32.06 38.53 63.80
C LYS EB 236 -33.08 37.41 63.91
N PHE EB 237 -32.75 36.22 63.41
CA PHE EB 237 -33.67 35.09 63.54
C PHE EB 237 -33.93 34.75 65.00
N ALA EB 238 -32.86 34.68 65.81
CA ALA EB 238 -33.04 34.39 67.22
C ALA EB 238 -33.87 35.47 67.90
N ASN EB 239 -33.63 36.74 67.56
CA ASN EB 239 -34.42 37.81 68.14
C ASN EB 239 -35.90 37.67 67.80
N ASP EB 240 -36.20 37.27 66.56
CA ASP EB 240 -37.60 37.08 66.19
C ASP EB 240 -38.25 35.96 67.00
N VAL EB 241 -37.55 34.84 67.15
CA VAL EB 241 -38.11 33.74 67.93
C VAL EB 241 -38.36 34.17 69.38
N GLU EB 242 -37.37 34.85 69.97
CA GLU EB 242 -37.53 35.33 71.35
C GLU EB 242 -38.70 36.29 71.46
N SER EB 243 -38.88 37.16 70.47
CA SER EB 243 -39.99 38.11 70.51
C SER EB 243 -41.32 37.39 70.47
N ARG EB 244 -41.44 36.37 69.60
CA ARG EB 244 -42.66 35.57 69.56
C ARG EB 244 -42.98 34.99 70.93
N ILE EB 245 -42.02 34.30 71.53
CA ILE EB 245 -42.31 33.62 72.80
C ILE EB 245 -42.64 34.64 73.88
N GLN EB 246 -41.94 35.78 73.89
CA GLN EB 246 -42.18 36.79 74.91
C GLN EB 246 -43.58 37.39 74.77
N ARG EB 247 -43.97 37.77 73.55
CA ARG EB 247 -45.30 38.36 73.38
C ARG EB 247 -46.38 37.35 73.72
N ARG EB 248 -46.16 36.07 73.40
CA ARG EB 248 -47.17 35.07 73.74
C ARG EB 248 -47.32 34.91 75.24
N ILE EB 249 -46.20 34.82 75.97
CA ILE EB 249 -46.28 34.68 77.42
C ILE EB 249 -46.97 35.88 78.04
N GLU EB 250 -46.58 37.09 77.62
CA GLU EB 250 -47.23 38.27 78.20
C GLU EB 250 -48.71 38.34 77.84
N ALA EB 251 -49.10 37.97 76.63
CA ALA EB 251 -50.49 38.03 76.24
C ALA EB 251 -51.36 37.02 76.96
N ILE EB 252 -50.83 35.83 77.27
CA ILE EB 252 -51.61 34.88 78.05
C ILE EB 252 -51.67 35.27 79.52
N LEU EB 253 -50.58 35.78 80.10
CA LEU EB 253 -50.58 36.07 81.53
C LEU EB 253 -51.16 37.44 81.88
N SER EB 254 -51.34 38.34 80.91
CA SER EB 254 -51.87 39.65 81.25
C SER EB 254 -53.30 39.63 81.78
N PRO EB 255 -54.27 38.94 81.15
CA PRO EB 255 -55.65 39.04 81.65
C PRO EB 255 -55.83 38.62 83.09
N ILE EB 256 -54.94 37.79 83.64
CA ILE EB 256 -55.09 37.36 85.02
C ILE EB 256 -54.60 38.44 85.98
N VAL EB 257 -53.38 38.94 85.76
CA VAL EB 257 -52.74 39.83 86.72
C VAL EB 257 -52.93 41.31 86.42
N GLY EB 258 -53.27 41.68 85.19
CA GLY EB 258 -53.51 43.06 84.85
C GLY EB 258 -52.94 43.42 83.49
N ASN EB 259 -53.12 44.69 83.14
CA ASN EB 259 -52.68 45.15 81.83
C ASN EB 259 -51.18 45.03 81.65
N GLY EB 260 -50.40 45.64 82.53
CA GLY EB 260 -48.97 45.70 82.35
C GLY EB 260 -48.17 45.40 83.60
N ASN EB 261 -48.69 44.54 84.46
CA ASN EB 261 -48.04 44.19 85.70
C ASN EB 261 -47.21 42.92 85.60
N VAL EB 262 -46.64 42.65 84.42
CA VAL EB 262 -45.80 41.48 84.23
C VAL EB 262 -44.86 41.75 83.07
N HIS EB 263 -43.62 41.26 83.19
CA HIS EB 263 -42.62 41.35 82.13
C HIS EB 263 -41.87 40.04 82.05
N ALA EB 264 -41.39 39.72 80.86
CA ALA EB 264 -40.67 38.47 80.64
C ALA EB 264 -39.59 38.68 79.61
N GLN EB 265 -38.48 37.96 79.76
CA GLN EB 265 -37.37 37.98 78.82
C GLN EB 265 -36.87 36.56 78.66
N VAL EB 266 -36.70 36.13 77.41
CA VAL EB 266 -36.37 34.74 77.10
C VAL EB 266 -35.06 34.72 76.34
N THR EB 267 -34.25 33.69 76.56
CA THR EB 267 -32.99 33.51 75.87
C THR EB 267 -33.00 32.16 75.17
N ALA EB 268 -32.92 32.19 73.85
CA ALA EB 268 -33.07 31.00 73.03
C ALA EB 268 -31.70 30.53 72.55
N GLN EB 269 -31.37 29.29 72.86
CA GLN EB 269 -30.15 28.67 72.35
C GLN EB 269 -30.48 27.97 71.03
N LEU EB 270 -30.23 28.64 69.92
CA LEU EB 270 -30.52 28.08 68.61
C LEU EB 270 -29.34 27.27 68.10
N ASP EB 271 -29.61 26.34 67.21
CA ASP EB 271 -28.58 25.48 66.64
C ASP EB 271 -28.61 25.65 65.14
N PHE EB 272 -27.45 25.90 64.54
CA PHE EB 272 -27.34 26.12 63.11
C PHE EB 272 -26.40 25.12 62.44
N ALA EB 273 -25.98 24.09 63.14
CA ALA EB 273 -25.04 23.14 62.56
C ALA EB 273 -25.75 22.24 61.55
N ASN EB 274 -25.34 22.33 60.28
CA ASN EB 274 -25.87 21.46 59.25
C ASN EB 274 -25.56 20.01 59.60
N LYS EB 275 -26.57 19.14 59.49
CA LYS EB 275 -26.45 17.78 60.00
C LYS EB 275 -27.25 16.84 59.11
N GLU EB 276 -26.64 15.72 58.73
CA GLU EB 276 -27.33 14.66 58.03
C GLU EB 276 -27.37 13.41 58.91
N GLN EB 277 -27.88 12.32 58.35
CA GLN EB 277 -27.94 11.05 59.05
C GLN EB 277 -28.38 9.96 58.10
N THR EB 278 -28.00 8.72 58.40
CA THR EB 278 -28.44 7.56 57.63
C THR EB 278 -28.47 6.33 58.53
N GLU EB 279 -29.63 6.00 59.06
CA GLU EB 279 -29.75 4.74 59.79
C GLU EB 279 -29.82 3.58 58.82
N GLU EB 280 -29.65 2.38 59.35
CA GLU EB 280 -29.89 1.16 58.59
C GLU EB 280 -30.16 0.05 59.61
N HIS EB 281 -31.43 -0.27 59.80
CA HIS EB 281 -31.84 -1.17 60.87
C HIS EB 281 -32.17 -2.55 60.32
N TYR EB 282 -31.79 -3.57 61.07
CA TYR EB 282 -32.03 -4.95 60.68
C TYR EB 282 -32.76 -5.66 61.81
N SER EB 283 -33.84 -6.34 61.47
CA SER EB 283 -34.54 -7.06 62.51
C SER EB 283 -33.86 -8.41 62.76
N PRO EB 284 -33.76 -8.83 64.02
CA PRO EB 284 -33.04 -10.08 64.31
C PRO EB 284 -33.79 -11.28 63.77
N ASN EB 285 -33.05 -12.20 63.19
CA ASN EB 285 -33.59 -13.47 62.69
C ASN EB 285 -32.82 -14.65 63.27
N GLY EB 286 -32.32 -14.50 64.49
CA GLY EB 286 -31.63 -15.62 65.11
C GLY EB 286 -32.55 -16.74 65.53
N ASP EB 287 -33.69 -16.39 66.13
CA ASP EB 287 -34.62 -17.40 66.61
C ASP EB 287 -35.24 -18.09 65.41
N ALA EB 288 -35.31 -19.42 65.48
CA ALA EB 288 -35.84 -20.20 64.36
C ALA EB 288 -37.34 -20.07 64.20
N SER EB 289 -38.02 -19.40 65.12
CA SER EB 289 -39.47 -19.27 65.04
C SER EB 289 -39.92 -18.38 63.89
N LYS EB 290 -39.14 -17.35 63.57
CA LYS EB 290 -39.49 -16.48 62.45
C LYS EB 290 -38.31 -16.15 61.56
N ALA EB 291 -37.39 -17.08 61.35
CA ALA EB 291 -36.38 -16.91 60.32
C ALA EB 291 -37.04 -16.91 58.96
N THR EB 292 -36.31 -16.46 57.95
CA THR EB 292 -36.81 -16.41 56.58
C THR EB 292 -35.79 -17.11 55.69
N LEU EB 293 -35.93 -18.43 55.58
CA LEU EB 293 -34.99 -19.23 54.80
C LEU EB 293 -35.25 -19.03 53.32
N ARG EB 294 -34.17 -18.80 52.57
CA ARG EB 294 -34.28 -18.82 51.11
C ARG EB 294 -33.83 -20.17 50.56
N SER EB 295 -32.79 -20.74 51.15
CA SER EB 295 -32.32 -22.07 50.81
C SER EB 295 -32.13 -22.87 52.09
N ARG EB 296 -31.65 -24.10 51.94
CA ARG EB 296 -31.33 -24.94 53.08
C ARG EB 296 -30.71 -26.22 52.55
N GLN EB 297 -29.96 -26.93 53.38
CA GLN EB 297 -29.46 -28.26 53.07
C GLN EB 297 -29.13 -28.95 54.38
N LEU EB 298 -29.84 -30.02 54.69
CA LEU EB 298 -29.73 -30.68 55.99
C LEU EB 298 -29.41 -32.15 55.77
N ASN EB 299 -28.14 -32.51 55.88
CA ASN EB 299 -27.71 -33.89 55.76
C ASN EB 299 -27.60 -34.50 57.15
N ILE EB 300 -28.02 -35.75 57.28
CA ILE EB 300 -28.01 -36.44 58.56
C ILE EB 300 -27.60 -37.88 58.31
N SER EB 301 -26.42 -38.27 58.81
CA SER EB 301 -26.00 -39.65 58.81
C SER EB 301 -26.05 -40.19 60.23
N GLU EB 302 -26.10 -41.51 60.36
CA GLU EB 302 -26.16 -42.14 61.67
C GLU EB 302 -25.85 -43.62 61.51
N GLN EB 303 -24.88 -44.11 62.27
CA GLN EB 303 -24.50 -45.51 62.22
C GLN EB 303 -24.57 -46.10 63.63
N VAL EB 304 -24.73 -47.42 63.71
CA VAL EB 304 -24.70 -48.11 64.99
C VAL EB 304 -23.91 -49.40 64.85
N PRO EB 355 -21.43 -47.82 69.78
CA PRO EB 355 -20.67 -47.21 68.69
C PRO EB 355 -21.52 -46.25 67.86
N ARG EB 356 -22.36 -45.48 68.52
CA ARG EB 356 -23.37 -44.64 67.87
C ARG EB 356 -22.70 -43.43 67.24
N SER EB 357 -22.00 -43.65 66.12
CA SER EB 357 -21.44 -42.57 65.34
C SER EB 357 -22.58 -41.76 64.73
N THR EB 358 -22.37 -40.46 64.56
CA THR EB 358 -23.41 -39.58 64.06
C THR EB 358 -22.78 -38.55 63.11
N GLN EB 359 -23.62 -37.68 62.56
CA GLN EB 359 -23.20 -36.61 61.68
C GLN EB 359 -24.40 -35.71 61.42
N ARG EB 360 -24.16 -34.41 61.26
CA ARG EB 360 -25.24 -33.48 60.97
C ARG EB 360 -24.65 -32.23 60.33
N ASN EB 361 -24.80 -32.11 59.01
CA ASN EB 361 -24.41 -30.90 58.31
C ASN EB 361 -25.64 -30.07 58.00
N GLU EB 362 -25.49 -28.75 57.95
CA GLU EB 362 -26.64 -27.88 57.74
C GLU EB 362 -26.18 -26.54 57.19
N THR EB 363 -26.46 -26.28 55.92
CA THR EB 363 -26.23 -24.98 55.33
C THR EB 363 -27.55 -24.22 55.23
N SER EB 364 -27.51 -22.93 55.52
CA SER EB 364 -28.73 -22.13 55.49
C SER EB 364 -28.42 -20.76 54.89
N ASN EB 365 -29.29 -20.32 53.99
CA ASN EB 365 -29.22 -18.96 53.44
C ASN EB 365 -30.48 -18.22 53.85
N TYR EB 366 -30.31 -17.04 54.42
CA TYR EB 366 -31.41 -16.32 55.03
C TYR EB 366 -31.80 -15.12 54.17
N GLU EB 367 -32.94 -14.53 54.52
CA GLU EB 367 -33.34 -13.22 54.02
C GLU EB 367 -33.67 -12.36 55.23
N VAL EB 368 -33.33 -11.08 55.16
CA VAL EB 368 -33.38 -10.21 56.32
C VAL EB 368 -34.19 -8.96 55.99
N ASP EB 369 -34.92 -8.47 56.99
CA ASP EB 369 -35.61 -7.20 56.86
C ASP EB 369 -34.60 -6.08 56.72
N ARG EB 370 -35.08 -4.87 56.44
CA ARG EB 370 -34.19 -3.73 56.31
C ARG EB 370 -35.00 -2.44 56.39
N THR EB 371 -34.47 -1.46 57.12
CA THR EB 371 -35.03 -0.12 57.15
C THR EB 371 -33.92 0.88 56.93
N ILE EB 372 -34.18 1.89 56.09
CA ILE EB 372 -33.17 2.88 55.73
C ILE EB 372 -33.84 4.24 55.76
N ARG EB 373 -33.35 5.13 56.62
CA ARG EB 373 -33.83 6.50 56.68
C ARG EB 373 -32.70 7.45 56.32
N HIS EB 374 -33.04 8.56 55.68
CA HIS EB 374 -32.08 9.59 55.34
C HIS EB 374 -32.58 10.90 55.93
N THR EB 375 -32.30 11.13 57.20
CA THR EB 375 -32.80 12.28 57.93
C THR EB 375 -31.82 13.44 57.78
N LYS EB 376 -32.27 14.52 57.17
CA LYS EB 376 -31.46 15.73 57.02
C LYS EB 376 -32.05 16.78 57.96
N MET EB 377 -31.41 16.99 59.10
CA MET EB 377 -31.94 17.86 60.13
C MET EB 377 -32.12 19.29 59.60
N ASN EB 378 -32.88 20.07 60.35
CA ASN EB 378 -33.16 21.45 59.96
C ASN EB 378 -32.22 22.39 60.70
N VAL EB 379 -31.87 23.49 60.04
CA VAL EB 379 -30.98 24.49 60.62
C VAL EB 379 -31.82 25.65 61.13
N GLY EB 380 -31.89 25.79 62.45
CA GLY EB 380 -32.68 26.86 63.04
C GLY EB 380 -33.67 26.40 64.08
N ASP EB 381 -33.46 25.21 64.61
CA ASP EB 381 -34.34 24.69 65.66
C ASP EB 381 -33.94 25.24 67.02
N ILE EB 382 -34.83 25.05 67.99
CA ILE EB 382 -34.60 25.54 69.35
C ILE EB 382 -34.04 24.39 70.18
N GLU EB 383 -32.80 24.55 70.62
CA GLU EB 383 -32.17 23.48 71.41
C GLU EB 383 -32.42 23.65 72.90
N ARG EB 384 -32.59 24.88 73.36
CA ARG EB 384 -32.80 25.11 74.79
C ARG EB 384 -33.38 26.50 74.97
N LEU EB 385 -34.22 26.65 75.98
CA LEU EB 385 -34.82 27.94 76.32
C LEU EB 385 -34.53 28.26 77.77
N SER EB 386 -34.69 29.53 78.12
CA SER EB 386 -34.58 29.99 79.50
C SER EB 386 -35.44 31.25 79.63
N VAL EB 387 -36.35 31.24 80.59
CA VAL EB 387 -37.35 32.30 80.71
C VAL EB 387 -37.32 32.83 82.13
N ALA EB 388 -37.33 34.16 82.25
CA ALA EB 388 -37.41 34.84 83.53
C ALA EB 388 -38.58 35.81 83.48
N VAL EB 389 -39.48 35.71 84.47
CA VAL EB 389 -40.70 36.50 84.48
C VAL EB 389 -40.83 37.18 85.84
N VAL EB 390 -41.21 38.46 85.81
CA VAL EB 390 -41.48 39.23 87.03
C VAL EB 390 -42.97 39.53 87.07
N VAL EB 391 -43.57 39.36 88.24
CA VAL EB 391 -44.98 39.64 88.44
C VAL EB 391 -45.11 40.70 89.53
N ASN EB 392 -46.16 41.52 89.43
CA ASN EB 392 -46.31 42.65 90.33
C ASN EB 392 -47.12 42.25 91.56
N TYR EB 393 -46.89 42.97 92.65
CA TYR EB 393 -47.75 42.87 93.82
C TYR EB 393 -49.11 43.49 93.55
N LYS EB 394 -50.01 43.36 94.52
CA LYS EB 394 -51.34 43.92 94.41
C LYS EB 394 -51.99 44.08 95.78
N LEU EB 402 -48.44 43.40 100.16
CA LEU EB 402 -49.39 43.08 99.10
C LEU EB 402 -48.95 41.87 98.28
N PRO EB 403 -48.70 40.74 98.95
CA PRO EB 403 -48.09 39.60 98.25
C PRO EB 403 -49.14 38.75 97.55
N LEU EB 404 -48.79 38.23 96.38
CA LEU EB 404 -49.63 37.22 95.74
C LEU EB 404 -49.41 35.87 96.41
N THR EB 405 -50.51 35.13 96.55
CA THR EB 405 -50.47 33.88 97.31
C THR EB 405 -49.66 32.81 96.60
N ALA EB 406 -49.61 31.63 97.22
CA ALA EB 406 -48.81 30.53 96.67
C ALA EB 406 -49.54 29.79 95.56
N ASP EB 407 -50.85 29.58 95.72
CA ASP EB 407 -51.61 28.85 94.70
C ASP EB 407 -51.65 29.62 93.39
N GLN EB 408 -51.93 30.93 93.47
CA GLN EB 408 -51.94 31.74 92.27
C GLN EB 408 -50.58 31.77 91.61
N MET EB 409 -49.51 31.87 92.41
CA MET EB 409 -48.17 31.81 91.85
C MET EB 409 -47.92 30.49 91.15
N LYS EB 410 -48.38 29.37 91.73
CA LYS EB 410 -48.15 28.07 91.12
C LYS EB 410 -48.90 27.94 89.82
N GLN EB 411 -50.16 28.39 89.78
CA GLN EB 411 -50.90 28.29 88.53
C GLN EB 411 -50.33 29.23 87.47
N ILE EB 412 -49.78 30.38 87.87
CA ILE EB 412 -49.16 31.27 86.90
C ILE EB 412 -47.89 30.65 86.34
N GLU EB 413 -47.08 30.04 87.21
CA GLU EB 413 -45.92 29.30 86.74
C GLU EB 413 -46.34 28.21 85.76
N ASP EB 414 -47.44 27.53 86.04
CA ASP EB 414 -47.87 26.45 85.17
C ASP EB 414 -48.36 26.96 83.83
N LEU EB 415 -49.14 28.06 83.82
CA LEU EB 415 -49.51 28.68 82.57
C LEU EB 415 -48.30 29.07 81.75
N THR EB 416 -47.29 29.66 82.38
CA THR EB 416 -46.09 30.05 81.65
C THR EB 416 -45.38 28.82 81.09
N ARG EB 417 -45.24 27.78 81.90
CA ARG EB 417 -44.62 26.55 81.43
C ARG EB 417 -45.34 26.00 80.21
N GLU EB 418 -46.66 26.00 80.22
CA GLU EB 418 -47.39 25.48 79.07
C GLU EB 418 -47.35 26.40 77.87
N ALA EB 419 -47.26 27.72 78.08
CA ALA EB 419 -47.21 28.65 76.97
C ALA EB 419 -45.84 28.73 76.32
N MET EB 420 -44.78 28.38 77.04
CA MET EB 420 -43.45 28.36 76.47
C MET EB 420 -43.33 27.33 75.36
N GLY EB 421 -43.87 26.14 75.60
CA GLY EB 421 -43.48 24.98 74.82
C GLY EB 421 -42.45 24.22 75.62
N PHE EB 422 -42.66 24.20 76.94
CA PHE EB 422 -41.68 23.64 77.86
C PHE EB 422 -41.43 22.17 77.55
N SER EB 423 -40.22 21.71 77.83
CA SER EB 423 -39.86 20.33 77.59
C SER EB 423 -38.65 19.97 78.44
N ASP EB 424 -38.84 19.06 79.39
CA ASP EB 424 -37.73 18.57 80.21
C ASP EB 424 -36.72 17.76 79.41
N LYS EB 425 -36.98 17.50 78.13
CA LYS EB 425 -35.97 16.86 77.29
C LYS EB 425 -34.85 17.82 76.94
N ARG EB 426 -35.20 19.02 76.49
CA ARG EB 426 -34.19 19.97 76.05
C ARG EB 426 -33.46 20.63 77.22
N GLY EB 427 -33.91 20.39 78.44
CA GLY EB 427 -33.28 21.02 79.59
C GLY EB 427 -33.72 22.46 79.79
N ASP EB 428 -34.93 22.79 79.39
CA ASP EB 428 -35.41 24.17 79.53
C ASP EB 428 -35.51 24.55 81.00
N THR EB 429 -35.46 25.85 81.25
CA THR EB 429 -35.46 26.38 82.61
C THR EB 429 -36.43 27.54 82.70
N LEU EB 430 -37.20 27.58 83.77
CA LEU EB 430 -38.16 28.65 84.02
C LEU EB 430 -38.00 29.10 85.46
N ASN EB 431 -38.17 30.41 85.70
CA ASN EB 431 -38.23 30.92 87.06
C ASN EB 431 -39.04 32.20 87.10
N VAL EB 432 -40.13 32.18 87.86
CA VAL EB 432 -41.01 33.32 88.02
C VAL EB 432 -40.87 33.83 89.45
N VAL EB 433 -40.62 35.12 89.59
CA VAL EB 433 -40.43 35.74 90.90
C VAL EB 433 -41.41 36.89 91.07
N ASN EB 434 -41.77 37.14 92.31
CA ASN EB 434 -42.73 38.20 92.65
C ASN EB 434 -42.01 39.24 93.51
N SER EB 435 -42.04 40.50 93.07
CA SER EB 435 -41.39 41.58 93.77
C SER EB 435 -42.10 42.88 93.42
N PRO EB 436 -42.20 43.82 94.35
CA PRO EB 436 -42.96 45.04 94.08
C PRO EB 436 -42.27 45.87 93.01
N PHE EB 437 -43.07 46.52 92.19
CA PHE EB 437 -42.53 47.32 91.10
C PHE EB 437 -42.26 48.74 91.59
N SER EB 438 -41.57 49.53 90.78
CA SER EB 438 -41.25 50.90 91.13
C SER EB 438 -41.01 51.72 89.86
N ASP FB 232 -10.95 41.24 62.37
CA ASP FB 232 -11.70 42.23 61.61
C ASP FB 232 -13.15 42.36 62.09
N ALA FB 233 -14.06 41.59 61.50
CA ALA FB 233 -15.47 41.70 61.86
C ALA FB 233 -15.84 40.89 63.11
N GLN FB 234 -14.98 39.96 63.51
CA GLN FB 234 -15.27 39.14 64.68
C GLN FB 234 -15.53 39.98 65.90
N LEU FB 235 -14.79 41.07 66.07
CA LEU FB 235 -15.02 41.96 67.20
C LEU FB 235 -16.40 42.58 67.14
N LYS FB 236 -16.86 42.97 65.95
CA LYS FB 236 -18.19 43.57 65.84
C LYS FB 236 -19.27 42.56 66.16
N PHE FB 237 -19.12 41.32 65.67
CA PHE FB 237 -20.11 40.29 65.98
C PHE FB 237 -20.16 40.02 67.49
N ALA FB 238 -19.00 39.89 68.13
CA ALA FB 238 -18.97 39.67 69.57
C ALA FB 238 -19.59 40.84 70.32
N ASN FB 239 -19.30 42.07 69.87
CA ASN FB 239 -19.90 43.24 70.51
C ASN FB 239 -21.41 43.21 70.41
N ASP FB 240 -21.94 42.80 69.25
CA ASP FB 240 -23.39 42.73 69.11
C ASP FB 240 -23.99 41.70 70.06
N VAL FB 241 -23.38 40.52 70.17
CA VAL FB 241 -23.91 39.50 71.07
C VAL FB 241 -23.89 40.02 72.52
N GLU FB 242 -22.76 40.62 72.92
CA GLU FB 242 -22.67 41.16 74.27
C GLU FB 242 -23.71 42.23 74.52
N SER FB 243 -23.98 43.08 73.52
CA SER FB 243 -24.98 44.12 73.69
C SER FB 243 -26.36 43.53 73.88
N ARG FB 244 -26.69 42.50 73.10
CA ARG FB 244 -27.97 41.81 73.28
C ARG FB 244 -28.12 41.32 74.72
N ILE FB 245 -27.14 40.54 75.20
CA ILE FB 245 -27.29 39.96 76.52
C ILE FB 245 -27.36 41.04 77.59
N GLN FB 246 -26.57 42.11 77.43
CA GLN FB 246 -26.57 43.18 78.43
C GLN FB 246 -27.91 43.89 78.47
N ARG FB 247 -28.45 44.27 77.31
CA ARG FB 247 -29.74 44.96 77.32
C ARG FB 247 -30.84 44.07 77.86
N ARG FB 248 -30.78 42.77 77.58
CA ARG FB 248 -31.80 41.88 78.12
C ARG FB 248 -31.73 41.79 79.64
N ILE FB 249 -30.52 41.61 80.19
CA ILE FB 249 -30.38 41.53 81.64
C ILE FB 249 -30.86 42.82 82.30
N GLU FB 250 -30.45 43.96 81.77
CA GLU FB 250 -30.89 45.22 82.37
C GLU FB 250 -32.39 45.42 82.24
N ALA FB 251 -33.00 45.05 81.12
CA ALA FB 251 -34.43 45.22 80.94
C ALA FB 251 -35.26 44.31 81.83
N ILE FB 252 -34.79 43.09 82.12
CA ILE FB 252 -35.51 42.25 83.06
C ILE FB 252 -35.31 42.70 84.50
N LEU FB 253 -34.11 43.13 84.88
CA LEU FB 253 -33.86 43.47 86.28
C LEU FB 253 -34.25 44.90 86.65
N SER FB 254 -34.50 45.77 85.68
CA SER FB 254 -34.86 47.13 86.02
C SER FB 254 -36.19 47.26 86.76
N PRO FB 255 -37.30 46.63 86.33
CA PRO FB 255 -38.57 46.89 87.01
C PRO FB 255 -38.55 46.54 88.50
N ILE FB 256 -37.67 45.64 88.94
CA ILE FB 256 -37.64 45.29 90.35
C ILE FB 256 -36.91 46.35 91.16
N VAL FB 257 -35.71 46.74 90.73
CA VAL FB 257 -34.85 47.60 91.54
C VAL FB 257 -34.96 49.07 91.20
N GLY FB 258 -35.45 49.42 90.03
CA GLY FB 258 -35.62 50.81 89.65
C GLY FB 258 -35.24 51.06 88.20
N ASN FB 259 -35.37 52.33 87.82
CA ASN FB 259 -35.11 52.71 86.44
C ASN FB 259 -33.66 52.44 86.04
N GLY FB 260 -32.70 53.01 86.77
CA GLY FB 260 -31.32 52.92 86.36
C GLY FB 260 -30.37 52.60 87.49
N ASN FB 261 -30.83 51.82 88.45
CA ASN FB 261 -30.02 51.47 89.60
C ASN FB 261 -29.32 50.12 89.44
N VAL FB 262 -28.97 49.75 88.20
CA VAL FB 262 -28.27 48.50 87.94
C VAL FB 262 -27.49 48.65 86.64
N HIS FB 263 -26.30 48.06 86.60
CA HIS FB 263 -25.48 48.02 85.39
C HIS FB 263 -24.86 46.64 85.27
N ALA FB 264 -24.61 46.22 84.04
CA ALA FB 264 -24.04 44.91 83.77
C ALA FB 264 -23.12 44.98 82.57
N GLN FB 265 -22.06 44.17 82.60
CA GLN FB 265 -21.12 44.06 81.50
C GLN FB 265 -20.77 42.59 81.33
N VAL FB 266 -20.83 42.10 80.10
CA VAL FB 266 -20.68 40.68 79.81
C VAL FB 266 -19.51 40.51 78.85
N THR FB 267 -18.77 39.42 79.02
CA THR FB 267 -17.65 39.11 78.14
C THR FB 267 -17.88 37.74 77.51
N ALA FB 268 -18.00 37.71 76.20
CA ALA FB 268 -18.37 36.51 75.47
C ALA FB 268 -17.15 35.90 74.82
N GLN FB 269 -16.87 34.64 75.13
CA GLN FB 269 -15.81 33.89 74.47
C GLN FB 269 -16.39 33.17 73.26
N LEU FB 270 -16.27 33.78 72.09
CA LEU FB 270 -16.81 33.20 70.87
C LEU FB 270 -15.79 32.27 70.23
N ASP FB 271 -16.29 31.34 69.44
CA ASP FB 271 -15.43 30.37 68.76
C ASP FB 271 -15.68 30.48 67.26
N PHE FB 272 -14.60 30.60 66.49
CA PHE FB 272 -14.70 30.76 65.05
C PHE FB 272 -13.97 29.67 64.29
N ALA FB 273 -13.53 28.62 64.98
CA ALA FB 273 -12.78 27.57 64.31
C ALA FB 273 -13.72 26.70 63.47
N ASN FB 274 -13.50 26.71 62.15
CA ASN FB 274 -14.26 25.85 61.26
C ASN FB 274 -14.02 24.39 61.61
N LYS FB 275 -15.10 23.62 61.71
CA LYS FB 275 -15.02 22.27 62.27
C LYS FB 275 -16.02 21.38 61.56
N GLU FB 276 -15.59 20.20 61.14
CA GLU FB 276 -16.46 19.17 60.60
C GLU FB 276 -16.47 17.97 61.54
N GLN FB 277 -17.16 16.91 61.12
CA GLN FB 277 -17.21 15.68 61.89
C GLN FB 277 -17.89 14.60 61.07
N THR FB 278 -17.57 13.34 61.38
CA THR FB 278 -18.22 12.20 60.74
C THR FB 278 -18.22 11.01 61.68
N GLU FB 279 -19.31 10.81 62.41
CA GLU FB 279 -19.41 9.60 63.21
C GLU FB 279 -19.74 8.40 62.32
N GLU FB 280 -19.59 7.22 62.88
CA GLU FB 280 -20.03 5.99 62.23
C GLU FB 280 -20.25 4.96 63.32
N HIS FB 281 -21.49 4.76 63.72
CA HIS FB 281 -21.80 3.95 64.88
C HIS FB 281 -22.34 2.58 64.46
N TYR FB 282 -21.93 1.56 65.20
CA TYR FB 282 -22.34 0.19 64.92
C TYR FB 282 -22.94 -0.41 66.18
N SER FB 283 -24.11 -1.01 66.04
CA SER FB 283 -24.70 -1.63 67.21
C SER FB 283 -24.10 -3.01 67.43
N PRO FB 284 -23.85 -3.39 68.67
CA PRO FB 284 -23.21 -4.69 68.92
C PRO FB 284 -24.13 -5.84 68.56
N ASN FB 285 -23.57 -6.85 67.91
CA ASN FB 285 -24.28 -8.07 67.58
C ASN FB 285 -23.54 -9.30 68.08
N GLY FB 286 -22.85 -9.16 69.21
CA GLY FB 286 -22.15 -10.30 69.77
C GLY FB 286 -23.10 -11.31 70.38
N ASP FB 287 -24.09 -10.84 71.13
CA ASP FB 287 -25.02 -11.75 71.78
C ASP FB 287 -25.89 -12.43 70.73
N ALA FB 288 -26.05 -13.74 70.87
CA ALA FB 288 -26.81 -14.51 69.90
C ALA FB 288 -28.31 -14.25 69.95
N SER FB 289 -28.78 -13.49 70.94
CA SER FB 289 -30.20 -13.22 71.08
C SER FB 289 -30.74 -12.33 69.96
N LYS FB 290 -29.93 -11.39 69.47
CA LYS FB 290 -30.39 -10.54 68.39
C LYS FB 290 -29.33 -10.35 67.29
N ALA FB 291 -28.54 -11.37 67.01
CA ALA FB 291 -27.69 -11.33 65.83
C ALA FB 291 -28.56 -11.32 64.58
N THR FB 292 -27.96 -10.96 63.45
CA THR FB 292 -28.65 -10.93 62.17
C THR FB 292 -27.86 -11.75 61.18
N LEU FB 293 -28.12 -13.06 61.15
CA LEU FB 293 -27.38 -13.96 60.28
C LEU FB 293 -27.85 -13.79 58.85
N ARG FB 294 -26.90 -13.70 57.93
CA ARG FB 294 -27.24 -13.76 56.51
C ARG FB 294 -26.98 -15.16 55.97
N SER FB 295 -25.92 -15.79 56.42
CA SER FB 295 -25.61 -17.17 56.07
C SER FB 295 -25.32 -17.94 57.35
N ARG FB 296 -24.96 -19.21 57.19
CA ARG FB 296 -24.53 -20.05 58.32
C ARG FB 296 -24.12 -21.39 57.75
N GLN FB 297 -23.31 -22.13 58.49
CA GLN FB 297 -22.99 -23.52 58.17
C GLN FB 297 -22.51 -24.19 59.45
N LEU FB 298 -23.26 -25.18 59.93
CA LEU FB 298 -23.00 -25.79 61.22
C LEU FB 298 -22.85 -27.30 61.02
N ASN FB 299 -21.60 -27.77 60.96
CA ASN FB 299 -21.31 -29.18 60.85
C ASN FB 299 -21.04 -29.75 62.23
N ILE FB 300 -21.55 -30.94 62.50
CA ILE FB 300 -21.39 -31.59 63.80
C ILE FB 300 -21.15 -33.08 63.55
N SER FB 301 -19.95 -33.55 63.88
CA SER FB 301 -19.64 -34.97 63.89
C SER FB 301 -19.52 -35.44 65.33
N GLU FB 302 -19.67 -36.75 65.52
CA GLU FB 302 -19.58 -37.32 66.86
C GLU FB 302 -19.41 -38.82 66.72
N GLN FB 303 -18.39 -39.38 67.36
CA GLN FB 303 -18.14 -40.81 67.32
C GLN FB 303 -18.03 -41.34 68.75
N VAL FB 304 -18.30 -42.62 68.92
CA VAL FB 304 -18.12 -43.27 70.21
C VAL FB 304 -17.48 -44.64 70.02
N PRO FB 355 -14.14 -43.12 74.43
CA PRO FB 355 -13.51 -42.61 73.20
C PRO FB 355 -14.39 -41.62 72.46
N ARG FB 356 -15.05 -40.74 73.21
CA ARG FB 356 -16.07 -39.86 72.68
C ARG FB 356 -15.40 -38.73 71.89
N SER FB 357 -14.91 -39.05 70.70
CA SER FB 357 -14.40 -38.04 69.78
C SER FB 357 -15.54 -37.16 69.32
N THR FB 358 -15.25 -35.89 69.04
CA THR FB 358 -16.28 -34.94 68.67
C THR FB 358 -15.71 -34.02 67.59
N GLN FB 359 -16.55 -33.08 67.13
CA GLN FB 359 -16.19 -32.09 66.13
C GLN FB 359 -17.33 -31.10 66.03
N ARG FB 360 -17.01 -29.83 65.76
CA ARG FB 360 -18.04 -28.82 65.59
C ARG FB 360 -17.46 -27.64 64.81
N ASN FB 361 -17.80 -27.56 63.54
CA ASN FB 361 -17.42 -26.41 62.72
C ASN FB 361 -18.61 -25.49 62.55
N GLU FB 362 -18.36 -24.19 62.42
CA GLU FB 362 -19.45 -23.23 62.34
C GLU FB 362 -18.95 -21.95 61.66
N THR FB 363 -19.41 -21.72 60.44
CA THR FB 363 -19.17 -20.46 59.75
C THR FB 363 -20.42 -19.60 59.83
N SER FB 364 -20.23 -18.30 60.03
CA SER FB 364 -21.36 -17.40 60.15
C SER FB 364 -21.04 -16.09 59.45
N ASN FB 365 -21.99 -15.59 58.66
CA ASN FB 365 -21.90 -14.28 58.04
C ASN FB 365 -23.01 -13.41 58.61
N TYR FB 366 -22.65 -12.23 59.08
CA TYR FB 366 -23.58 -11.38 59.80
C TYR FB 366 -24.00 -10.19 58.97
N GLU FB 367 -25.01 -9.49 59.45
CA GLU FB 367 -25.38 -8.17 58.96
C GLU FB 367 -25.44 -7.24 60.16
N VAL FB 368 -25.00 -6.00 59.97
CA VAL FB 368 -24.80 -5.08 61.08
C VAL FB 368 -25.55 -3.78 60.81
N ASP FB 369 -26.06 -3.18 61.89
CA ASP FB 369 -26.65 -1.86 61.80
C ASP FB 369 -25.58 -0.83 61.46
N ARG FB 370 -26.00 0.40 61.19
CA ARG FB 370 -25.05 1.45 60.88
C ARG FB 370 -25.71 2.80 61.02
N THR FB 371 -25.01 3.76 61.59
CA THR FB 371 -25.45 5.14 61.65
C THR FB 371 -24.29 6.03 61.22
N ILE FB 372 -24.59 7.02 60.39
CA ILE FB 372 -23.58 7.90 59.82
C ILE FB 372 -24.11 9.32 59.89
N ARG FB 373 -23.40 10.19 60.61
CA ARG FB 373 -23.76 11.60 60.68
C ARG FB 373 -22.62 12.43 60.11
N HIS FB 374 -22.97 13.55 59.47
CA HIS FB 374 -21.98 14.47 58.93
C HIS FB 374 -22.28 15.84 59.52
N THR FB 375 -21.77 16.09 60.72
CA THR FB 375 -22.06 17.31 61.46
C THR FB 375 -21.03 18.36 61.11
N LYS FB 376 -21.47 19.46 60.52
CA LYS FB 376 -20.60 20.58 60.21
C LYS FB 376 -20.94 21.72 61.15
N MET FB 377 -20.11 21.91 62.17
CA MET FB 377 -20.40 22.87 63.21
C MET FB 377 -20.54 24.28 62.66
N ASN FB 378 -21.11 25.16 63.48
CA ASN FB 378 -21.33 26.53 63.07
C ASN FB 378 -20.21 27.41 63.60
N VAL FB 379 -19.87 28.45 62.85
CA VAL FB 379 -18.81 29.39 63.24
C VAL FB 379 -19.46 30.63 63.81
N GLY FB 380 -19.31 30.83 65.12
CA GLY FB 380 -19.90 31.99 65.76
C GLY FB 380 -20.76 31.66 66.95
N ASP FB 381 -20.57 30.48 67.52
CA ASP FB 381 -21.32 30.08 68.70
C ASP FB 381 -20.67 30.64 69.96
N ILE FB 382 -21.40 30.57 71.06
CA ILE FB 382 -20.93 31.08 72.35
C ILE FB 382 -20.34 29.93 73.14
N GLU FB 383 -19.03 29.97 73.39
CA GLU FB 383 -18.39 28.88 74.11
C GLU FB 383 -18.38 29.13 75.61
N ARG FB 384 -18.38 30.38 76.04
CA ARG FB 384 -18.34 30.69 77.46
C ARG FB 384 -18.77 32.13 77.66
N LEU FB 385 -19.41 32.40 78.78
CA LEU FB 385 -19.85 33.74 79.14
C LEU FB 385 -19.32 34.08 80.52
N SER FB 386 -19.30 35.37 80.82
CA SER FB 386 -18.95 35.88 82.14
C SER FB 386 -19.66 37.20 82.33
N VAL FB 387 -20.41 37.31 83.42
CA VAL FB 387 -21.28 38.46 83.64
C VAL FB 387 -20.98 39.05 85.01
N ALA FB 388 -20.87 40.37 85.06
CA ALA FB 388 -20.70 41.11 86.31
C ALA FB 388 -21.77 42.17 86.40
N VAL FB 389 -22.50 42.20 87.50
CA VAL FB 389 -23.63 43.09 87.68
C VAL FB 389 -23.49 43.84 88.99
N VAL FB 390 -23.76 45.14 88.97
CA VAL FB 390 -23.77 45.97 90.16
C VAL FB 390 -25.20 46.41 90.41
N VAL FB 391 -25.63 46.34 91.68
CA VAL FB 391 -26.96 46.76 92.08
C VAL FB 391 -26.83 47.86 93.11
N ASN FB 392 -27.81 48.76 93.13
CA ASN FB 392 -27.72 49.93 93.97
C ASN FB 392 -28.36 49.66 95.33
N TYR FB 393 -27.90 50.40 96.35
CA TYR FB 393 -28.57 50.41 97.64
C TYR FB 393 -29.90 51.16 97.54
N LYS FB 394 -30.64 51.14 98.65
CA LYS FB 394 -31.92 51.81 98.72
C LYS FB 394 -32.34 52.08 100.16
N LEU FB 402 -28.22 51.24 103.99
CA LEU FB 402 -29.35 50.97 103.09
C LEU FB 402 -29.13 49.69 102.28
N PRO FB 403 -28.88 48.57 102.95
CA PRO FB 403 -28.49 47.36 102.22
C PRO FB 403 -29.71 46.59 101.74
N LEU FB 404 -29.59 45.99 100.55
CA LEU FB 404 -30.60 45.04 100.11
C LEU FB 404 -30.40 43.70 100.80
N THR FB 405 -31.51 43.06 101.14
CA THR FB 405 -31.48 41.85 101.95
C THR FB 405 -30.87 40.68 101.17
N ALA FB 406 -30.82 39.52 101.83
CA ALA FB 406 -30.22 38.35 101.23
C ALA FB 406 -31.18 37.62 100.29
N ASP FB 407 -32.46 37.55 100.65
CA ASP FB 407 -33.42 36.85 99.80
C ASP FB 407 -33.60 37.58 98.48
N GLN FB 408 -33.76 38.91 98.53
CA GLN FB 408 -33.89 39.68 97.30
C GLN FB 408 -32.64 39.55 96.44
N MET FB 409 -31.46 39.59 97.06
CA MET FB 409 -30.23 39.38 96.30
C MET FB 409 -30.21 38.01 95.65
N LYS FB 410 -30.67 36.97 96.35
CA LYS FB 410 -30.64 35.64 95.77
C LYS FB 410 -31.60 35.52 94.60
N GLN FB 411 -32.80 36.07 94.74
CA GLN FB 411 -33.73 36.00 93.62
C GLN FB 411 -33.26 36.85 92.45
N ILE FB 412 -32.56 37.95 92.70
CA ILE FB 412 -32.03 38.75 91.60
C ILE FB 412 -30.92 37.99 90.89
N GLU FB 413 -30.04 37.35 91.65
CA GLU FB 413 -29.03 36.49 91.05
C GLU FB 413 -29.68 35.40 90.21
N ASP FB 414 -30.79 34.84 90.68
CA ASP FB 414 -31.43 33.77 89.94
C ASP FB 414 -32.09 34.28 88.66
N LEU FB 415 -32.75 35.44 88.72
CA LEU FB 415 -33.27 36.05 87.51
C LEU FB 415 -32.17 36.28 86.49
N THR FB 416 -31.03 36.82 86.94
CA THR FB 416 -29.92 37.07 86.01
C THR FB 416 -29.42 35.77 85.41
N ARG FB 417 -29.24 34.74 86.25
CA ARG FB 417 -28.81 33.45 85.74
C ARG FB 417 -29.76 32.92 84.68
N GLU FB 418 -31.05 33.05 84.89
CA GLU FB 418 -32.00 32.55 83.90
C GLU FB 418 -32.07 33.42 82.66
N ALA FB 419 -31.83 34.72 82.79
CA ALA FB 419 -31.87 35.61 81.63
C ALA FB 419 -30.63 35.53 80.78
N MET FB 420 -29.50 35.11 81.35
CA MET FB 420 -28.28 34.96 80.58
C MET FB 420 -28.42 33.88 79.52
N GLY FB 421 -29.01 32.75 79.90
CA GLY FB 421 -28.86 31.54 79.13
C GLY FB 421 -27.78 30.71 79.80
N PHE FB 422 -27.79 30.76 81.13
CA PHE FB 422 -26.73 30.15 81.92
C PHE FB 422 -26.66 28.65 81.65
N SER FB 423 -25.45 28.09 81.77
CA SER FB 423 -25.26 26.67 81.55
C SER FB 423 -23.96 26.24 82.21
N ASP FB 424 -24.08 25.38 83.23
CA ASP FB 424 -22.90 24.83 83.88
C ASP FB 424 -22.10 23.90 82.98
N LYS FB 425 -22.58 23.62 81.77
CA LYS FB 425 -21.77 22.85 80.82
C LYS FB 425 -20.64 23.69 80.27
N ARG FB 426 -20.95 24.91 79.80
CA ARG FB 426 -19.95 25.75 79.18
C ARG FB 426 -18.99 26.37 80.19
N GLY FB 427 -19.26 26.23 81.47
CA GLY FB 427 -18.41 26.82 82.47
C GLY FB 427 -18.68 28.31 82.67
N ASP FB 428 -19.92 28.74 82.45
CA ASP FB 428 -20.23 30.15 82.59
C ASP FB 428 -20.09 30.60 84.03
N THR FB 429 -19.88 31.89 84.21
CA THR FB 429 -19.63 32.48 85.53
C THR FB 429 -20.48 33.72 85.69
N LEU FB 430 -21.06 33.87 86.88
CA LEU FB 430 -21.87 35.03 87.22
C LEU FB 430 -21.45 35.52 88.59
N ASN FB 431 -21.47 36.84 88.79
CA ASN FB 431 -21.27 37.40 90.12
C ASN FB 431 -21.96 38.76 90.21
N VAL FB 432 -22.91 38.87 91.12
CA VAL FB 432 -23.67 40.09 91.37
C VAL FB 432 -23.25 40.63 92.73
N VAL FB 433 -22.87 41.90 92.76
CA VAL FB 433 -22.42 42.54 93.99
C VAL FB 433 -23.27 43.78 94.25
N ASN FB 434 -23.40 44.12 95.52
CA ASN FB 434 -24.20 45.26 95.95
C ASN FB 434 -23.28 46.27 96.63
N SER FB 435 -23.27 47.49 96.14
CA SER FB 435 -22.43 48.54 96.69
C SER FB 435 -23.06 49.88 96.38
N PRO FB 436 -22.95 50.86 97.28
CA PRO FB 436 -23.64 52.15 97.05
C PRO FB 436 -23.05 52.87 95.86
N PHE FB 437 -23.92 53.56 95.13
CA PHE FB 437 -23.48 54.26 93.93
C PHE FB 437 -23.02 55.67 94.32
N SER FB 438 -22.40 56.36 93.37
CA SER FB 438 -21.91 57.72 93.59
C SER FB 438 -21.81 58.46 92.27
N ASP GB 232 2.58 44.29 61.03
CA ASP GB 232 1.81 45.31 60.35
C ASP GB 232 0.47 45.59 61.04
N ALA GB 233 -0.59 44.88 60.64
CA ALA GB 233 -1.91 45.13 61.21
C ALA GB 233 -2.14 44.41 62.53
N GLN GB 234 -1.31 43.42 62.84
CA GLN GB 234 -1.48 42.66 64.08
C GLN GB 234 -1.47 43.58 65.29
N LEU GB 235 -0.62 44.60 65.28
CA LEU GB 235 -0.60 45.54 66.39
C LEU GB 235 -1.92 46.29 66.52
N LYS GB 236 -2.52 46.67 65.39
CA LYS GB 236 -3.79 47.39 65.45
C LYS GB 236 -4.90 46.49 65.99
N PHE GB 237 -4.93 45.23 65.55
CA PHE GB 237 -5.94 44.31 66.07
C PHE GB 237 -5.78 44.10 67.56
N ALA GB 238 -4.54 43.88 68.03
CA ALA GB 238 -4.31 43.72 69.46
C ALA GB 238 -4.69 44.96 70.22
N ASN GB 239 -4.39 46.15 69.68
CA ASN GB 239 -4.77 47.39 70.34
C ASN GB 239 -6.29 47.50 70.48
N ASP GB 240 -7.02 47.09 69.45
CA ASP GB 240 -8.48 47.14 69.52
C ASP GB 240 -9.01 46.21 70.61
N VAL GB 241 -8.49 44.99 70.68
CA VAL GB 241 -8.94 44.06 71.70
C VAL GB 241 -8.65 44.62 73.10
N GLU GB 242 -7.44 45.13 73.29
CA GLU GB 242 -7.09 45.70 74.58
C GLU GB 242 -7.99 46.88 74.94
N SER GB 243 -8.33 47.70 73.95
CA SER GB 243 -9.19 48.84 74.22
C SER GB 243 -10.58 48.39 74.65
N ARG GB 244 -11.12 47.37 73.97
CA ARG GB 244 -12.40 46.80 74.39
C ARG GB 244 -12.37 46.38 75.85
N ILE GB 245 -11.40 45.53 76.21
CA ILE GB 245 -11.38 45.02 77.58
C ILE GB 245 -11.18 46.13 78.58
N GLN GB 246 -10.35 47.13 78.26
CA GLN GB 246 -10.10 48.22 79.18
C GLN GB 246 -11.35 49.05 79.41
N ARG GB 247 -12.03 49.43 78.32
CA ARG GB 247 -13.24 50.25 78.49
C ARG GB 247 -14.31 49.48 79.24
N ARG GB 248 -14.41 48.17 79.02
CA ARG GB 248 -15.41 47.40 79.75
C ARG GB 248 -15.10 47.35 81.25
N ILE GB 249 -13.85 47.10 81.60
CA ILE GB 249 -13.49 47.05 83.02
C ILE GB 249 -13.74 48.40 83.68
N GLU GB 250 -13.32 49.48 83.03
CA GLU GB 250 -13.56 50.80 83.63
C GLU GB 250 -15.03 51.13 83.72
N ALA GB 251 -15.84 50.76 82.73
CA ALA GB 251 -17.27 51.07 82.77
C ALA GB 251 -18.01 50.26 83.82
N ILE GB 252 -17.61 49.02 84.09
CA ILE GB 252 -18.25 48.28 85.17
C ILE GB 252 -17.79 48.77 86.54
N LEU GB 253 -16.51 49.09 86.71
CA LEU GB 253 -16.01 49.46 88.03
C LEU GB 253 -16.21 50.93 88.39
N SER GB 254 -16.55 51.79 87.42
CA SER GB 254 -16.73 53.19 87.75
C SER GB 254 -17.91 53.47 88.68
N PRO GB 255 -19.12 52.94 88.46
CA PRO GB 255 -20.24 53.32 89.31
C PRO GB 255 -20.03 53.03 90.79
N ILE GB 256 -19.17 52.08 91.14
CA ILE GB 256 -18.93 51.77 92.54
C ILE GB 256 -18.00 52.78 93.18
N VAL GB 257 -16.85 53.04 92.55
CA VAL GB 257 -15.81 53.85 93.17
C VAL GB 257 -15.84 55.32 92.78
N GLY GB 258 -16.48 55.66 91.68
CA GLY GB 258 -16.59 57.05 91.26
C GLY GB 258 -16.43 57.21 89.77
N ASN GB 259 -16.51 58.47 89.35
CA ASN GB 259 -16.44 58.78 87.92
C ASN GB 259 -15.10 58.36 87.32
N GLY GB 260 -13.99 58.87 87.86
CA GLY GB 260 -12.70 58.64 87.26
C GLY GB 260 -11.61 58.28 88.23
N ASN GB 261 -11.98 57.58 89.31
CA ASN GB 261 -11.03 57.18 90.33
C ASN GB 261 -10.48 55.78 90.12
N VAL GB 262 -10.37 55.34 88.88
CA VAL GB 262 -9.83 54.02 88.57
C VAL GB 262 -9.25 54.05 87.15
N HIS GB 263 -8.14 53.35 86.96
CA HIS GB 263 -7.52 53.19 85.66
C HIS GB 263 -7.05 51.76 85.50
N ALA GB 264 -7.03 51.27 84.26
CA ALA GB 264 -6.62 49.91 83.98
C ALA GB 264 -5.90 49.85 82.66
N GLN GB 265 -4.93 48.94 82.56
CA GLN GB 265 -4.18 48.71 81.34
C GLN GB 265 -3.98 47.22 81.19
N VAL GB 266 -4.28 46.68 80.00
CA VAL GB 266 -4.30 45.25 79.77
C VAL GB 266 -3.31 44.94 78.65
N THR GB 267 -2.65 43.79 78.75
CA THR GB 267 -1.71 43.34 77.74
C THR GB 267 -2.16 41.99 77.23
N ALA GB 268 -2.48 41.92 75.94
CA ALA GB 268 -3.06 40.72 75.35
C ALA GB 268 -2.01 39.98 74.55
N GLN GB 269 -1.80 38.72 74.87
CA GLN GB 269 -0.92 37.85 74.09
C GLN GB 269 -1.74 37.15 73.02
N LEU GB 270 -1.75 37.70 71.82
CA LEU GB 270 -2.53 37.14 70.73
C LEU GB 270 -1.71 36.09 69.99
N ASP GB 271 -2.39 35.17 69.33
CA ASP GB 271 -1.74 34.11 68.58
C ASP GB 271 -2.21 34.19 67.13
N PHE GB 272 -1.26 34.19 66.20
CA PHE GB 272 -1.57 34.29 64.78
C PHE GB 272 -1.08 33.10 63.98
N ALA GB 273 -0.62 32.06 64.63
CA ALA GB 273 -0.08 30.92 63.91
C ALA GB 273 -1.20 30.11 63.28
N ASN GB 274 -1.19 30.05 61.94
CA ASN GB 274 -2.15 29.23 61.22
C ASN GB 274 -1.99 27.77 61.61
N LYS GB 275 -3.10 27.10 61.90
CA LYS GB 275 -3.04 25.77 62.52
C LYS GB 275 -4.22 24.95 62.01
N GLU GB 276 -3.95 23.72 61.59
CA GLU GB 276 -4.98 22.76 61.25
C GLU GB 276 -4.94 21.60 62.24
N GLN GB 277 -5.78 20.60 61.98
CA GLN GB 277 -5.81 19.40 62.81
C GLN GB 277 -6.71 18.36 62.16
N THR GB 278 -6.46 17.09 62.47
CA THR GB 278 -7.29 15.98 62.00
C THR GB 278 -7.23 14.84 63.00
N GLU GB 279 -8.21 14.76 63.88
CA GLU GB 279 -8.29 13.60 64.74
C GLU GB 279 -8.86 12.41 63.98
N GLU GB 280 -8.71 11.23 64.58
CA GLU GB 280 -9.37 10.03 64.05
C GLU GB 280 -9.49 9.06 65.22
N HIS GB 281 -10.67 8.99 65.81
CA HIS GB 281 -10.86 8.26 67.05
C HIS GB 281 -11.57 6.93 66.78
N TYR GB 282 -11.13 5.90 67.50
CA TYR GB 282 -11.70 4.57 67.37
C TYR GB 282 -12.15 4.07 68.73
N SER GB 283 -13.37 3.58 68.80
CA SER GB 283 -13.82 3.06 70.07
C SER GB 283 -13.31 1.63 70.26
N PRO GB 284 -12.90 1.28 71.47
CA PRO GB 284 -12.34 -0.06 71.68
C PRO GB 284 -13.40 -1.13 71.52
N ASN GB 285 -13.03 -2.22 70.85
CA ASN GB 285 -13.89 -3.37 70.69
C ASN GB 285 -13.19 -4.65 71.14
N GLY GB 286 -12.32 -4.53 72.14
CA GLY GB 286 -11.65 -5.72 72.65
C GLY GB 286 -12.56 -6.62 73.44
N ASP GB 287 -13.38 -6.04 74.31
CA ASP GB 287 -14.27 -6.82 75.15
C ASP GB 287 -15.34 -7.45 74.27
N ALA GB 288 -15.60 -8.74 74.50
CA ALA GB 288 -16.56 -9.48 73.69
C ALA GB 288 -18.00 -9.07 73.97
N SER GB 289 -18.25 -8.24 74.97
CA SER GB 289 -19.60 -7.84 75.31
C SER GB 289 -20.23 -6.95 74.25
N LYS GB 290 -19.44 -6.10 73.59
CA LYS GB 290 -19.98 -5.24 72.55
C LYS GB 290 -19.10 -5.19 71.31
N ALA GB 291 -18.44 -6.30 70.95
CA ALA GB 291 -17.80 -6.37 69.65
C ALA GB 291 -18.86 -6.33 68.56
N THR GB 292 -18.40 -6.08 67.33
CA THR GB 292 -19.29 -6.02 66.18
C THR GB 292 -18.74 -6.96 65.11
N LEU GB 293 -19.10 -8.22 65.19
CA LEU GB 293 -18.58 -9.22 64.27
C LEU GB 293 -19.26 -9.07 62.91
N ARG GB 294 -18.46 -9.09 61.85
CA ARG GB 294 -19.02 -9.17 60.51
C ARG GB 294 -18.98 -10.61 60.00
N SER GB 295 -17.91 -11.33 60.32
CA SER GB 295 -17.79 -12.73 60.00
C SER GB 295 -17.35 -13.48 61.26
N ARG GB 296 -17.13 -14.78 61.10
CA ARG GB 296 -16.61 -15.62 62.19
C ARG GB 296 -16.40 -17.00 61.64
N GLN GB 297 -15.55 -17.80 62.29
CA GLN GB 297 -15.40 -19.22 61.99
C GLN GB 297 -14.79 -19.88 63.20
N LEU GB 298 -15.54 -20.78 63.84
CA LEU GB 298 -15.13 -21.37 65.11
C LEU GB 298 -15.13 -22.89 64.97
N ASN GB 299 -13.97 -23.46 64.74
CA ASN GB 299 -13.83 -24.91 64.66
C ASN GB 299 -13.38 -25.44 66.01
N ILE GB 300 -13.94 -26.59 66.41
CA ILE GB 300 -13.64 -27.19 67.70
C ILE GB 300 -13.56 -28.70 67.49
N SER GB 301 -12.37 -29.27 67.65
CA SER GB 301 -12.19 -30.70 67.69
C SER GB 301 -11.88 -31.13 69.11
N GLU GB 302 -12.10 -32.41 69.39
CA GLU GB 302 -11.85 -32.94 70.73
C GLU GB 302 -11.85 -34.47 70.65
N GLN GB 303 -10.78 -35.09 71.14
CA GLN GB 303 -10.66 -36.53 71.14
C GLN GB 303 -10.38 -37.02 72.56
N VAL GB 304 -10.72 -38.27 72.84
CA VAL GB 304 -10.40 -38.88 74.11
C VAL GB 304 -9.91 -40.30 73.89
N PRO GB 355 -5.80 -38.93 77.66
CA PRO GB 355 -5.33 -38.54 76.32
C PRO GB 355 -6.23 -37.50 75.68
N ARG GB 356 -6.68 -36.54 76.48
CA ARG GB 356 -7.71 -35.57 76.06
C ARG GB 356 -7.07 -34.54 75.13
N SER GB 357 -6.81 -34.95 73.89
CA SER GB 357 -6.36 -34.03 72.86
C SER GB 357 -7.49 -33.07 72.53
N THR GB 358 -7.12 -31.84 72.15
CA THR GB 358 -8.11 -30.81 71.89
C THR GB 358 -7.67 -29.98 70.69
N GLN GB 359 -8.47 -28.99 70.33
CA GLN GB 359 -8.19 -28.08 69.23
C GLN GB 359 -9.25 -26.99 69.24
N ARG GB 360 -8.86 -25.77 68.87
CA ARG GB 360 -9.82 -24.67 68.82
C ARG GB 360 -9.27 -23.59 67.90
N ASN GB 361 -9.80 -23.52 66.68
CA ASN GB 361 -9.46 -22.44 65.77
C ASN GB 361 -10.58 -21.42 65.74
N GLU GB 362 -10.24 -20.15 65.50
CA GLU GB 362 -11.25 -19.10 65.54
C GLU GB 362 -10.76 -17.90 64.73
N THR GB 363 -11.38 -17.67 63.59
CA THR GB 363 -11.14 -16.47 62.81
C THR GB 363 -12.28 -15.49 63.03
N SER GB 364 -11.96 -14.20 63.14
CA SER GB 364 -12.97 -13.20 63.38
C SER GB 364 -12.66 -11.95 62.58
N ASN GB 365 -13.67 -11.41 61.92
CA ASN GB 365 -13.57 -10.13 61.23
C ASN GB 365 -14.50 -9.14 61.91
N TYR GB 366 -13.98 -7.98 62.27
CA TYR GB 366 -14.70 -7.03 63.09
C TYR GB 366 -15.15 -5.83 62.25
N GLU GB 367 -16.00 -5.02 62.86
CA GLU GB 367 -16.33 -3.69 62.36
C GLU GB 367 -16.13 -2.72 63.51
N VAL GB 368 -15.62 -1.53 63.20
CA VAL GB 368 -15.17 -0.59 64.21
C VAL GB 368 -15.83 0.76 64.00
N ASP GB 369 -16.12 1.44 65.11
CA ASP GB 369 -16.60 2.81 65.05
C ASP GB 369 -15.52 3.72 64.50
N ARG GB 370 -15.87 4.97 64.23
CA ARG GB 370 -14.89 5.92 63.72
C ARG GB 370 -15.42 7.33 63.90
N THR GB 371 -14.55 8.23 64.31
CA THR GB 371 -14.85 9.65 64.36
C THR GB 371 -13.71 10.43 63.72
N ILE GB 372 -14.05 11.41 62.88
CA ILE GB 372 -13.07 12.17 62.13
C ILE GB 372 -13.45 13.64 62.21
N ARG GB 373 -12.58 14.46 62.77
CA ARG GB 373 -12.79 15.90 62.82
C ARG GB 373 -11.70 16.59 62.04
N HIS GB 374 -12.04 17.71 61.40
CA HIS GB 374 -11.08 18.53 60.68
C HIS GB 374 -11.16 19.93 61.24
N THR GB 375 -10.45 20.19 62.34
CA THR GB 375 -10.52 21.45 63.05
C THR GB 375 -9.46 22.39 62.49
N LYS GB 376 -9.90 23.50 61.91
CA LYS GB 376 -9.00 24.53 61.41
C LYS GB 376 -9.10 25.72 62.35
N MET GB 377 -8.09 25.88 63.21
CA MET GB 377 -8.13 26.89 64.24
C MET GB 377 -8.25 28.29 63.64
N ASN GB 378 -8.59 29.24 64.49
CA ASN GB 378 -8.76 30.62 64.06
C ASN GB 378 -7.50 31.41 64.37
N VAL GB 379 -7.20 32.40 63.52
CA VAL GB 379 -6.02 33.24 63.69
C VAL GB 379 -6.46 34.56 64.30
N GLY GB 380 -6.10 34.78 65.56
CA GLY GB 380 -6.48 36.02 66.22
C GLY GB 380 -7.16 35.81 67.55
N ASP GB 381 -6.99 34.64 68.13
CA ASP GB 381 -7.58 34.36 69.43
C ASP GB 381 -6.68 34.89 70.55
N ILE GB 382 -7.24 34.94 71.75
CA ILE GB 382 -6.52 35.44 72.92
C ILE GB 382 -5.93 34.27 73.67
N GLU GB 383 -4.59 34.21 73.71
CA GLU GB 383 -3.94 33.09 74.39
C GLU GB 383 -3.68 33.39 75.86
N ARG GB 384 -3.50 34.66 76.21
CA ARG GB 384 -3.21 35.00 77.59
C ARG GB 384 -3.48 36.49 77.78
N LEU GB 385 -3.92 36.85 78.98
CA LEU GB 385 -4.17 38.24 79.33
C LEU GB 385 -3.41 38.58 80.59
N SER GB 386 -3.24 39.89 80.83
CA SER GB 386 -2.63 40.39 82.05
C SER GB 386 -3.20 41.78 82.28
N VAL GB 387 -3.76 42.01 83.46
CA VAL GB 387 -4.48 43.24 83.75
C VAL GB 387 -3.92 43.85 85.02
N ALA GB 388 -3.68 45.15 85.00
CA ALA GB 388 -3.26 45.91 86.16
C ALA GB 388 -4.21 47.07 86.35
N VAL GB 389 -4.74 47.21 87.57
CA VAL GB 389 -5.76 48.20 87.86
C VAL GB 389 -5.35 48.98 89.11
N VAL GB 390 -5.51 50.30 89.06
CA VAL GB 390 -5.27 51.17 90.19
C VAL GB 390 -6.60 51.75 90.64
N VAL GB 391 -6.82 51.77 91.96
CA VAL GB 391 -8.04 52.31 92.54
C VAL GB 391 -7.65 53.44 93.48
N ASN GB 392 -8.53 54.42 93.60
CA ASN GB 392 -8.21 55.61 94.37
C ASN GB 392 -8.66 55.45 95.82
N TYR GB 393 -7.98 56.18 96.71
CA TYR GB 393 -8.43 56.30 98.09
C TYR GB 393 -9.69 57.16 98.16
N LYS GB 394 -10.25 57.25 99.36
CA LYS GB 394 -11.45 58.04 99.60
C LYS GB 394 -11.60 58.39 101.07
N LEU GB 402 -7.02 57.32 104.26
CA LEU GB 402 -8.29 57.13 103.56
C LEU GB 402 -8.33 55.81 102.80
N PRO GB 403 -8.06 54.69 103.47
CA PRO GB 403 -7.90 53.41 102.75
C PRO GB 403 -9.24 52.75 102.50
N LEU GB 404 -9.35 52.10 101.34
CA LEU GB 404 -10.50 51.23 101.10
C LEU GB 404 -10.31 49.90 101.83
N THR GB 405 -11.40 49.38 102.36
CA THR GB 405 -11.34 48.20 103.22
C THR GB 405 -10.97 46.96 102.42
N ALA GB 406 -10.91 45.82 103.12
CA ALA GB 406 -10.51 44.57 102.48
C ALA GB 406 -11.67 43.91 101.75
N ASP GB 407 -12.88 43.96 102.30
CA ASP GB 407 -14.01 43.33 101.65
C ASP GB 407 -14.35 44.02 100.33
N GLN GB 408 -14.37 45.35 100.34
CA GLN GB 408 -14.63 46.09 99.11
C GLN GB 408 -13.55 45.83 98.07
N MET GB 409 -12.29 45.77 98.50
CA MET GB 409 -11.22 45.43 97.58
C MET GB 409 -11.42 44.04 97.00
N LYS GB 410 -11.84 43.07 97.81
CA LYS GB 410 -12.02 41.72 97.30
C LYS GB 410 -13.16 41.65 96.30
N GLN GB 411 -14.27 42.31 96.60
CA GLN GB 411 -15.37 42.28 95.64
C GLN GB 411 -15.02 43.05 94.36
N ILE GB 412 -14.19 44.09 94.45
CA ILE GB 412 -13.77 44.79 93.25
C ILE GB 412 -12.86 43.91 92.40
N GLU GB 413 -11.93 43.21 93.06
CA GLU GB 413 -11.10 42.25 92.35
C GLU GB 413 -11.97 41.19 91.67
N ASP GB 414 -13.03 40.76 92.34
CA ASP GB 414 -13.87 39.72 91.77
C ASP GB 414 -14.66 40.25 90.58
N LEU GB 415 -15.22 41.45 90.69
CA LEU GB 415 -15.87 42.08 89.54
C LEU GB 415 -14.92 42.17 88.35
N THR GB 416 -13.69 42.61 88.58
CA THR GB 416 -12.73 42.72 87.49
C THR GB 416 -12.43 41.36 86.88
N ARG GB 417 -12.22 40.36 87.73
CA ARG GB 417 -11.97 39.01 87.23
C ARG GB 417 -13.12 38.52 86.35
N GLU GB 418 -14.35 38.79 86.75
CA GLU GB 418 -15.48 38.33 85.94
C GLU GB 418 -15.67 39.16 84.69
N ALA GB 419 -15.31 40.45 84.71
CA ALA GB 419 -15.46 41.29 83.54
C ALA GB 419 -14.37 41.07 82.51
N MET GB 420 -13.21 40.56 82.93
CA MET GB 420 -12.13 40.28 81.98
C MET GB 420 -12.53 39.17 81.01
N GLY GB 421 -13.15 38.12 81.53
CA GLY GB 421 -13.22 36.87 80.81
C GLY GB 421 -12.14 35.97 81.35
N PHE GB 422 -11.92 36.07 82.67
CA PHE GB 422 -10.81 35.39 83.31
C PHE GB 422 -10.91 33.89 83.11
N SER GB 423 -9.75 33.22 83.06
CA SER GB 423 -9.71 31.79 82.89
C SER GB 423 -8.38 31.26 83.37
N ASP GB 424 -8.41 30.45 84.44
CA ASP GB 424 -7.20 29.82 84.93
C ASP GB 424 -6.62 28.79 83.96
N LYS GB 425 -7.30 28.52 82.85
CA LYS GB 425 -6.72 27.65 81.84
C LYS GB 425 -5.63 28.36 81.06
N ARG GB 426 -5.90 29.58 80.60
CA ARG GB 426 -4.94 30.30 79.78
C ARG GB 426 -3.79 30.87 80.60
N GLY GB 427 -3.88 30.79 81.92
CA GLY GB 427 -2.82 31.36 82.75
C GLY GB 427 -2.93 32.85 82.91
N ASP GB 428 -4.14 33.40 82.85
CA ASP GB 428 -4.32 34.83 82.97
C ASP GB 428 -3.90 35.31 84.35
N THR GB 429 -3.56 36.60 84.44
CA THR GB 429 -3.05 37.20 85.66
C THR GB 429 -3.76 38.53 85.90
N LEU GB 430 -4.14 38.77 87.15
CA LEU GB 430 -4.78 40.01 87.55
C LEU GB 430 -4.11 40.51 88.81
N ASN GB 431 -4.00 41.82 88.94
CA ASN GB 431 -3.54 42.42 90.19
C ASN GB 431 -4.08 43.82 90.32
N VAL GB 432 -4.88 44.06 91.37
CA VAL GB 432 -5.46 45.35 91.67
C VAL GB 432 -4.80 45.90 92.92
N VAL GB 433 -4.32 47.13 92.84
CA VAL GB 433 -3.63 47.77 93.94
C VAL GB 433 -4.31 49.09 94.27
N ASN GB 434 -4.22 49.49 95.53
CA ASN GB 434 -4.84 50.71 96.01
C ASN GB 434 -3.74 51.66 96.50
N SER GB 435 -3.71 52.87 95.94
CA SER GB 435 -2.70 53.84 96.31
C SER GB 435 -3.26 55.23 96.03
N PRO GB 436 -2.92 56.23 96.85
CA PRO GB 436 -3.52 57.55 96.66
C PRO GB 436 -3.08 58.19 95.36
N PHE GB 437 -3.97 58.92 94.74
CA PHE GB 437 -3.68 59.54 93.46
C PHE GB 437 -3.05 60.90 93.69
N SER GB 438 -2.53 61.51 92.62
CA SER GB 438 -1.90 62.81 92.71
C SER GB 438 -1.94 63.49 91.34
N ASP HB 232 15.97 45.99 57.46
CA ASP HB 232 15.19 47.05 56.85
C ASP HB 232 14.00 47.48 57.73
N ALA HB 233 12.84 46.86 57.53
CA ALA HB 233 11.65 47.25 58.28
C ALA HB 233 11.57 46.60 59.65
N GLN HB 234 12.35 45.55 59.90
CA GLN HB 234 12.31 44.86 61.18
C GLN HB 234 12.58 45.82 62.32
N LEU HB 235 13.51 46.75 62.14
CA LEU HB 235 13.80 47.73 63.18
C LEU HB 235 12.57 48.60 63.47
N LYS HB 236 11.84 48.99 62.43
CA LYS HB 236 10.67 49.82 62.65
C LYS HB 236 9.57 49.05 63.40
N PHE HB 237 9.36 47.79 63.02
CA PHE HB 237 8.38 46.98 63.73
C PHE HB 237 8.76 46.81 65.20
N ALA HB 238 10.02 46.49 65.48
CA ALA HB 238 10.48 46.36 66.86
C ALA HB 238 10.31 47.67 67.61
N ASN HB 239 10.64 48.79 66.98
CA ASN HB 239 10.47 50.09 67.63
C ASN HB 239 9.02 50.33 67.99
N ASP HB 240 8.09 49.98 67.10
CA ASP HB 240 6.67 50.16 67.40
C ASP HB 240 6.24 49.33 68.60
N VAL HB 241 6.66 48.06 68.65
CA VAL HB 241 6.30 47.21 69.78
C VAL HB 241 6.84 47.79 71.08
N GLU HB 242 8.12 48.19 71.06
CA GLU HB 242 8.72 48.78 72.26
C GLU HB 242 7.99 50.04 72.67
N SER HB 243 7.57 50.86 71.72
CA SER HB 243 6.86 52.08 72.07
C SER HB 243 5.51 51.77 72.72
N ARG HB 244 4.80 50.79 72.18
CA ARG HB 244 3.55 50.36 72.82
C ARG HB 244 3.77 49.98 74.28
N ILE HB 245 4.72 49.07 74.53
CA ILE HB 245 4.91 48.60 75.89
C ILE HB 245 5.36 49.73 76.81
N GLN HB 246 6.21 50.62 76.30
CA GLN HB 246 6.70 51.72 77.13
C GLN HB 246 5.57 52.68 77.50
N ARG HB 247 4.76 53.08 76.52
CA ARG HB 247 3.68 54.00 76.82
C ARG HB 247 2.67 53.37 77.77
N ARG HB 248 2.42 52.06 77.64
CA ARG HB 248 1.49 51.42 78.55
C ARG HB 248 2.03 51.40 79.98
N ILE HB 249 3.30 51.04 80.16
CA ILE HB 249 3.87 51.01 81.50
C ILE HB 249 3.84 52.40 82.11
N GLU HB 250 4.24 53.41 81.36
CA GLU HB 250 4.22 54.76 81.92
C GLU HB 250 2.81 55.23 82.23
N ALA HB 251 1.82 54.91 81.39
CA ALA HB 251 0.46 55.34 81.64
C ALA HB 251 -0.18 54.66 82.82
N ILE HB 252 0.16 53.39 83.09
CA ILE HB 252 -0.36 52.76 84.30
C ILE HB 252 0.34 53.24 85.55
N LEU HB 253 1.66 53.45 85.51
CA LEU HB 253 2.39 53.82 86.71
C LEU HB 253 2.36 55.31 87.02
N SER HB 254 1.96 56.16 86.07
CA SER HB 254 1.96 57.59 86.36
C SER HB 254 0.96 58.01 87.44
N PRO HB 255 -0.31 57.58 87.43
CA PRO HB 255 -1.24 58.10 88.44
C PRO HB 255 -0.82 57.84 89.88
N ILE HB 256 0.00 56.83 90.13
CA ILE HB 256 0.42 56.55 91.50
C ILE HB 256 1.53 57.50 91.93
N VAL HB 257 2.58 57.62 91.13
CA VAL HB 257 3.78 58.34 91.54
C VAL HB 257 3.81 59.80 91.09
N GLY HB 258 3.03 60.17 90.07
CA GLY HB 258 2.98 61.54 89.62
C GLY HB 258 2.92 61.64 88.10
N ASN HB 259 2.88 62.89 87.63
CA ASN HB 259 2.75 63.13 86.21
C ASN HB 259 3.94 62.57 85.43
N GLY HB 260 5.15 63.00 85.76
CA GLY HB 260 6.30 62.62 84.98
C GLY HB 260 7.50 62.19 85.79
N ASN HB 261 7.25 61.57 86.94
CA ASN HB 261 8.31 61.13 87.83
C ASN HB 261 8.69 59.67 87.61
N VAL HB 262 8.58 59.18 86.38
CA VAL HB 262 8.95 57.80 86.06
C VAL HB 262 9.29 57.73 84.58
N HIS HB 263 10.29 56.93 84.25
CA HIS HB 263 10.68 56.66 82.87
C HIS HB 263 11.00 55.19 82.72
N ALA HB 264 10.78 54.66 81.52
CA ALA HB 264 11.03 53.26 81.24
C ALA HB 264 11.52 53.08 79.83
N GLN HB 265 12.39 52.10 79.63
CA GLN HB 265 12.91 51.74 78.32
C GLN HB 265 12.95 50.22 78.22
N VAL HB 266 12.41 49.69 77.12
CA VAL HB 266 12.24 48.25 76.96
C VAL HB 266 13.01 47.81 75.72
N THR HB 267 13.58 46.61 75.78
CA THR HB 267 14.31 46.04 74.66
C THR HB 267 13.68 44.71 74.29
N ALA HB 268 13.14 44.63 73.07
CA ALA HB 268 12.37 43.48 72.63
C ALA HB 268 13.22 42.62 71.72
N GLN HB 269 13.36 41.34 72.07
CA GLN HB 269 14.04 40.38 71.21
C GLN HB 269 12.99 39.72 70.31
N LEU HB 270 12.84 40.22 69.10
CA LEU HB 270 11.86 39.69 68.16
C LEU HB 270 12.47 38.56 67.37
N ASP HB 271 11.60 37.68 66.86
CA ASP HB 271 12.03 36.53 66.08
C ASP HB 271 11.35 36.61 64.72
N PHE HB 272 12.13 36.48 63.65
CA PHE HB 272 11.62 36.57 62.29
C PHE HB 272 11.88 35.31 61.47
N ALA HB 273 12.35 34.25 62.12
CA ALA HB 273 12.66 33.03 61.38
C ALA HB 273 11.38 32.31 60.95
N ASN HB 274 11.18 32.21 59.64
CA ASN HB 274 10.05 31.46 59.12
C ASN HB 274 10.15 30.00 59.56
N LYS HB 275 9.04 29.45 60.05
CA LYS HB 275 9.08 28.14 60.71
C LYS HB 275 7.77 27.41 60.43
N GLU HB 276 7.86 26.15 60.04
CA GLU HB 276 6.71 25.28 59.91
C GLU HB 276 6.80 24.16 60.94
N GLN HB 277 5.85 23.23 60.86
CA GLN HB 277 5.85 22.07 61.74
C GLN HB 277 4.78 21.09 61.28
N THR HB 278 4.97 19.81 61.62
CA THR HB 278 3.98 18.78 61.34
C THR HB 278 4.09 17.67 62.37
N GLU HB 279 3.26 17.72 63.41
CA GLU HB 279 3.23 16.59 64.32
C GLU HB 279 2.45 15.43 63.71
N GLU HB 280 2.58 14.27 64.34
CA GLU HB 280 1.75 13.12 63.99
C GLU HB 280 1.74 12.20 65.21
N HIS HB 281 0.67 12.26 65.97
CA HIS HB 281 0.60 11.59 67.26
C HIS HB 281 -0.24 10.34 67.18
N TYR HB 282 0.20 9.29 67.87
CA TYR HB 282 -0.49 8.01 67.89
C TYR HB 282 -0.76 7.61 69.32
N SER HB 283 -1.99 7.24 69.60
CA SER HB 283 -2.28 6.81 70.96
C SER HB 283 -1.88 5.35 71.13
N PRO HB 284 -1.30 5.00 72.28
CA PRO HB 284 -0.84 3.62 72.47
C PRO HB 284 -1.99 2.64 72.53
N ASN HB 285 -1.82 1.51 71.86
CA ASN HB 285 -2.80 0.43 71.89
C ASN HB 285 -2.15 -0.89 72.29
N GLY HB 286 -1.12 -0.82 73.13
CA GLY HB 286 -0.48 -2.04 73.59
C GLY HB 286 -1.34 -2.81 74.57
N ASP HB 287 -1.95 -2.13 75.52
CA ASP HB 287 -2.76 -2.81 76.52
C ASP HB 287 -4.01 -3.36 75.85
N ALA HB 288 -4.34 -4.62 76.18
CA ALA HB 288 -5.48 -5.29 75.57
C ALA HB 288 -6.81 -4.74 76.05
N SER HB 289 -6.82 -3.86 77.03
CA SER HB 289 -8.07 -3.32 77.56
C SER HB 289 -8.78 -2.41 76.57
N LYS HB 290 -8.03 -1.66 75.75
CA LYS HB 290 -8.65 -0.80 74.76
C LYS HB 290 -7.97 -0.88 73.40
N ALA HB 291 -7.49 -2.05 73.00
CA ALA HB 291 -7.06 -2.23 71.62
C ALA HB 291 -8.27 -2.12 70.70
N THR HB 292 -7.99 -1.96 69.41
CA THR HB 292 -9.04 -1.87 68.41
C THR HB 292 -8.75 -2.88 67.32
N LEU HB 293 -9.20 -4.11 67.51
CA LEU HB 293 -8.93 -5.18 66.57
C LEU HB 293 -9.80 -5.01 65.33
N ARG HB 294 -9.18 -5.15 64.16
CA ARG HB 294 -9.95 -5.23 62.93
C ARG HB 294 -10.11 -6.67 62.49
N SER HB 295 -9.07 -7.47 62.68
CA SER HB 295 -9.12 -8.90 62.42
C SER HB 295 -8.55 -9.64 63.62
N ARG HB 296 -8.47 -10.96 63.50
CA ARG HB 296 -7.87 -11.79 64.53
C ARG HB 296 -7.87 -13.22 64.03
N GLN HB 297 -7.00 -14.06 64.58
CA GLN HB 297 -7.02 -15.50 64.33
C GLN HB 297 -6.28 -16.18 65.47
N LEU HB 298 -6.99 -16.98 66.25
CA LEU HB 298 -6.44 -17.56 67.48
C LEU HB 298 -6.60 -19.07 67.41
N ASN HB 299 -5.53 -19.77 67.04
CA ASN HB 299 -5.53 -21.21 67.00
C ASN HB 299 -4.92 -21.74 68.29
N ILE HB 300 -5.51 -22.81 68.83
CA ILE HB 300 -5.06 -23.40 70.09
C ILE HB 300 -5.15 -24.91 69.95
N SER HB 301 -4.00 -25.58 69.95
CA SER HB 301 -3.94 -27.03 70.03
C SER HB 301 -3.45 -27.44 71.41
N GLU HB 302 -3.73 -28.68 71.78
CA GLU HB 302 -3.31 -29.18 73.09
C GLU HB 302 -3.45 -30.69 73.08
N GLN HB 303 -2.39 -31.39 73.44
CA GLN HB 303 -2.39 -32.85 73.49
C GLN HB 303 -1.93 -33.30 74.86
N VAL HB 304 -2.33 -34.51 75.25
CA VAL HB 304 -1.86 -35.10 76.50
C VAL HB 304 -1.54 -36.57 76.28
N PRO HB 355 3.21 -35.45 79.28
CA PRO HB 355 3.50 -35.14 77.88
C PRO HB 355 2.60 -34.05 77.33
N ARG HB 356 2.35 -33.03 78.14
CA ARG HB 356 1.38 -31.99 77.83
C ARG HB 356 1.94 -31.06 76.77
N SER HB 357 1.97 -31.53 75.53
CA SER HB 357 2.32 -30.70 74.39
C SER HB 357 1.25 -29.64 74.19
N THR HB 358 1.64 -28.47 73.70
CA THR HB 358 0.72 -27.36 73.55
C THR HB 358 1.05 -26.62 72.26
N GLN HB 359 0.27 -25.58 71.98
CA GLN HB 359 0.46 -24.73 70.81
C GLN HB 359 -0.48 -23.55 70.93
N ARG HB 360 -0.06 -22.38 70.44
CA ARG HB 360 -0.92 -21.20 70.48
C ARG HB 360 -0.43 -20.21 69.42
N ASN HB 361 -1.13 -20.13 68.31
CA ASN HB 361 -0.85 -19.12 67.29
C ASN HB 361 -1.87 -18.00 67.40
N GLU HB 362 -1.46 -16.79 67.04
CA GLU HB 362 -2.36 -15.64 67.19
C GLU HB 362 -1.90 -14.52 66.26
N THR HB 363 -2.68 -14.28 65.20
CA THR HB 363 -2.46 -13.13 64.34
C THR HB 363 -3.47 -12.05 64.69
N SER HB 364 -3.02 -10.80 64.68
CA SER HB 364 -3.89 -9.69 65.03
C SER HB 364 -3.61 -8.51 64.12
N ASN HB 365 -4.67 -7.88 63.60
CA ASN HB 365 -4.56 -6.65 62.85
C ASN HB 365 -5.28 -5.56 63.61
N TYR HB 366 -4.61 -4.44 63.83
CA TYR HB 366 -5.12 -3.39 64.70
C TYR HB 366 -5.58 -2.19 63.89
N GLU HB 367 -6.26 -1.29 64.57
CA GLU HB 367 -6.54 0.05 64.07
C GLU HB 367 -6.07 1.04 65.12
N VAL HB 368 -5.53 2.17 64.67
CA VAL HB 368 -4.85 3.09 65.56
C VAL HB 368 -5.41 4.49 65.39
N ASP HB 369 -5.46 5.22 66.49
CA ASP HB 369 -5.83 6.64 66.44
C ASP HB 369 -4.78 7.42 65.68
N ARG HB 370 -5.05 8.69 65.41
CA ARG HB 370 -4.09 9.52 64.72
C ARG HB 370 -4.46 10.99 64.89
N THR HB 371 -3.46 11.82 65.12
CA THR HB 371 -3.62 13.26 65.15
C THR HB 371 -2.54 13.90 64.30
N ILE HB 372 -2.92 14.87 63.48
CA ILE HB 372 -2.00 15.52 62.55
C ILE HB 372 -2.25 17.01 62.62
N ARG HB 373 -1.24 17.78 62.99
CA ARG HB 373 -1.31 19.23 63.00
C ARG HB 373 -0.30 19.80 62.02
N HIS HB 374 -0.64 20.91 61.40
CA HIS HB 374 0.26 21.62 60.50
C HIS HB 374 0.39 23.04 61.00
N THR HB 375 1.28 23.26 61.95
CA THR HB 375 1.44 24.55 62.59
C THR HB 375 2.47 25.37 61.84
N LYS HB 376 2.04 26.49 61.29
CA LYS HB 376 2.94 27.41 60.60
C LYS HB 376 3.10 28.65 61.48
N MET HB 377 4.23 28.74 62.17
CA MET HB 377 4.44 29.79 63.14
C MET HB 377 4.36 31.17 62.50
N ASN HB 378 4.23 32.18 63.34
CA ASN HB 378 4.12 33.55 62.87
C ASN HB 378 5.47 34.23 62.94
N VAL HB 379 5.71 35.15 62.01
CA VAL HB 379 6.97 35.88 61.96
C VAL HB 379 6.75 37.26 62.57
N GLY HB 380 7.32 37.50 63.73
CA GLY HB 380 7.16 38.78 64.38
C GLY HB 380 6.69 38.69 65.81
N ASP HB 381 6.84 37.53 66.42
CA ASP HB 381 6.45 37.35 67.82
C ASP HB 381 7.55 37.84 68.75
N ILE HB 382 7.20 37.98 70.02
CA ILE HB 382 8.13 38.46 71.03
C ILE HB 382 8.73 37.26 71.74
N GLU HB 383 10.04 37.08 71.58
CA GLU HB 383 10.71 35.93 72.20
C GLU HB 383 11.22 36.25 73.59
N ARG HB 384 11.55 37.51 73.86
CA ARG HB 384 12.09 37.88 75.16
C ARG HB 384 11.99 39.38 75.31
N LEU HB 385 11.77 39.84 76.55
CA LEU HB 385 11.69 41.25 76.86
C LEU HB 385 12.68 41.57 77.97
N SER HB 386 13.00 42.85 78.10
CA SER HB 386 13.83 43.35 79.19
C SER HB 386 13.43 44.80 79.44
N VAL HB 387 13.08 45.11 80.68
CA VAL HB 387 12.52 46.41 81.02
C VAL HB 387 13.33 47.01 82.17
N ALA HB 388 13.66 48.28 82.03
CA ALA HB 388 14.33 49.04 83.08
C ALA HB 388 13.52 50.29 83.36
N VAL HB 389 13.21 50.52 84.63
CA VAL HB 389 12.33 51.62 85.02
C VAL HB 389 13.00 52.39 86.15
N VAL HB 390 12.95 53.72 86.07
CA VAL HB 390 13.45 54.61 87.10
C VAL HB 390 12.26 55.32 87.72
N VAL HB 391 12.24 55.40 89.05
CA VAL HB 391 11.18 56.08 89.79
C VAL HB 391 11.81 57.20 90.60
N ASN HB 392 11.05 58.27 90.81
CA ASN HB 392 11.59 59.44 91.46
C ASN HB 392 11.36 59.38 92.97
N TYR HB 393 12.23 60.07 93.71
CA TYR HB 393 12.02 60.28 95.12
C TYR HB 393 10.86 61.25 95.35
N LYS HB 394 10.51 61.44 96.62
CA LYS HB 394 9.44 62.35 96.99
C LYS HB 394 9.55 62.77 98.46
N LEU HB 402 14.46 61.39 100.94
CA LEU HB 402 13.09 61.29 100.47
C LEU HB 402 12.82 59.95 99.78
N PRO HB 403 13.10 58.84 100.46
CA PRO HB 403 13.03 57.53 99.79
C PRO HB 403 11.62 56.98 99.78
N LEU HB 404 11.26 56.31 98.69
CA LEU HB 404 10.03 55.54 98.67
C LEU HB 404 10.22 54.23 99.42
N THR HB 405 9.18 53.83 100.14
CA THR HB 405 9.28 52.68 101.04
C THR HB 405 9.41 51.38 100.25
N ALA HB 406 9.47 50.27 100.99
CA ALA HB 406 9.66 48.96 100.37
C ALA HB 406 8.36 48.38 99.84
N ASP HB 407 7.26 48.56 100.59
CA ASP HB 407 5.97 48.03 100.14
C ASP HB 407 5.50 48.69 98.86
N GLN HB 408 5.59 50.02 98.81
CA GLN HB 408 5.21 50.73 97.60
C GLN HB 408 6.08 50.34 96.42
N MET HB 409 7.39 50.18 96.66
CA MET HB 409 8.27 49.71 95.59
C MET HB 409 7.86 48.32 95.12
N LYS HB 410 7.49 47.42 96.04
CA LYS HB 410 7.12 46.08 95.63
C LYS HB 410 5.83 46.08 94.82
N GLN HB 411 4.84 46.85 95.25
CA GLN HB 411 3.61 46.89 94.47
C GLN HB 411 3.81 47.57 93.13
N ILE HB 412 4.73 48.53 93.03
CA ILE HB 412 5.01 49.16 91.75
C ILE HB 412 5.71 48.16 90.82
N GLU HB 413 6.67 47.41 91.36
CA GLU HB 413 7.28 46.34 90.57
C GLU HB 413 6.23 45.35 90.09
N ASP HB 414 5.25 45.04 90.94
CA ASP HB 414 4.25 44.06 90.55
C ASP HB 414 3.32 44.62 89.47
N LEU HB 415 2.90 45.88 89.60
CA LEU HB 415 2.14 46.52 88.54
C LEU HB 415 2.88 46.48 87.22
N THR HB 416 4.17 46.81 87.24
CA THR HB 416 4.96 46.79 86.01
C THR HB 416 5.03 45.38 85.43
N ARG HB 417 5.29 44.40 86.29
CA ARG HB 417 5.33 43.02 85.83
C ARG HB 417 4.03 42.61 85.15
N GLU HB 418 2.89 42.99 85.73
CA GLU HB 418 1.62 42.63 85.13
C GLU HB 418 1.31 43.42 83.88
N ALA HB 419 1.78 44.67 83.78
CA ALA HB 419 1.52 45.48 82.60
C ALA HB 419 2.41 45.13 81.43
N MET HB 420 3.57 44.53 81.69
CA MET HB 420 4.45 44.11 80.60
C MET HB 420 3.81 43.01 79.76
N GLY HB 421 3.20 42.04 80.42
CA GLY HB 421 2.90 40.78 79.78
C GLY HB 421 3.99 39.81 80.20
N PHE HB 422 4.41 39.93 81.44
CA PHE HB 422 5.55 39.17 81.95
C PHE HB 422 5.29 37.68 81.84
N SER HB 423 6.37 36.91 81.65
CA SER HB 423 6.25 35.47 81.54
C SER HB 423 7.60 34.84 81.84
N ASP HB 424 7.67 34.08 82.93
CA ASP HB 424 8.89 33.35 83.27
C ASP HB 424 9.21 32.25 82.28
N LYS HB 425 8.34 31.99 81.30
CA LYS HB 425 8.68 31.03 80.25
C LYS HB 425 9.69 31.62 79.28
N ARG HB 426 9.45 32.83 78.80
CA ARG HB 426 10.33 33.44 77.81
C ARG HB 426 11.64 33.92 78.42
N GLY HB 427 11.77 33.90 79.73
CA GLY HB 427 12.98 34.40 80.36
C GLY HB 427 13.02 35.91 80.47
N ASP HB 428 11.87 36.55 80.57
CA ASP HB 428 11.83 38.01 80.65
C ASP HB 428 12.51 38.49 81.92
N THR HB 429 12.96 39.74 81.88
CA THR HB 429 13.70 40.33 82.98
C THR HB 429 13.16 41.73 83.25
N LEU HB 430 13.01 42.04 84.54
CA LEU HB 430 12.54 43.35 84.97
C LEU HB 430 13.45 43.84 86.10
N ASN HB 431 13.70 45.14 86.14
CA ASN HB 431 14.39 45.74 87.27
C ASN HB 431 13.99 47.19 87.42
N VAL HB 432 13.41 47.53 88.56
CA VAL HB 432 12.99 48.88 88.88
C VAL HB 432 13.87 49.42 89.98
N VAL HB 433 14.45 50.60 89.76
CA VAL HB 433 15.36 51.20 90.73
C VAL HB 433 14.85 52.59 91.08
N ASN HB 434 15.17 53.03 92.29
CA ASN HB 434 14.75 54.32 92.80
C ASN HB 434 15.98 55.17 93.07
N SER HB 435 16.03 56.35 92.46
CA SER HB 435 17.17 57.25 92.60
C SER HB 435 16.69 58.67 92.36
N PRO HB 436 17.23 59.66 93.05
CA PRO HB 436 16.73 61.02 92.91
C PRO HB 436 17.02 61.56 91.51
N PHE HB 437 16.10 62.36 91.00
CA PHE HB 437 16.24 62.91 89.66
C PHE HB 437 17.01 64.21 89.73
N SER HB 438 17.41 64.72 88.58
CA SER HB 438 18.15 65.97 88.48
C SER HB 438 17.95 66.61 87.12
N ASP IB 232 28.68 46.33 51.81
CA ASP IB 232 27.91 47.44 51.27
C ASP IB 232 26.91 48.01 52.30
N ALA IB 233 25.69 47.48 52.31
CA ALA IB 233 24.66 48.02 53.22
C ALA IB 233 24.75 47.42 54.62
N GLN IB 234 25.46 46.31 54.78
CA GLN IB 234 25.57 45.68 56.09
C GLN IB 234 26.11 46.65 57.14
N LEU IB 235 27.06 47.49 56.76
CA LEU IB 235 27.59 48.47 57.69
C LEU IB 235 26.51 49.46 58.12
N LYS IB 236 25.65 49.88 57.19
CA LYS IB 236 24.60 50.82 57.55
C LYS IB 236 23.58 50.19 58.49
N PHE IB 237 23.21 48.93 58.22
CA PHE IB 237 22.28 48.25 59.11
C PHE IB 237 22.88 48.09 60.52
N ALA IB 238 24.13 47.67 60.60
CA ALA IB 238 24.78 47.56 61.90
C ALA IB 238 24.85 48.89 62.61
N ASN IB 239 25.17 49.96 61.87
CA ASN IB 239 25.22 51.28 62.47
C ASN IB 239 23.86 51.68 63.04
N ASP IB 240 22.78 51.37 62.32
CA ASP IB 240 21.45 51.70 62.83
C ASP IB 240 21.14 50.95 64.12
N VAL IB 241 21.46 49.65 64.17
CA VAL IB 241 21.20 48.88 65.38
C VAL IB 241 21.99 49.46 66.55
N GLU IB 242 23.28 49.74 66.32
CA GLU IB 242 24.10 50.32 67.37
C GLU IB 242 23.55 51.66 67.84
N SER IB 243 23.07 52.48 66.91
CA SER IB 243 22.52 53.78 67.31
C SER IB 243 21.29 53.61 68.17
N ARG IB 244 20.41 52.67 67.81
CA ARG IB 244 19.25 52.39 68.65
C ARG IB 244 19.66 52.04 70.07
N ILE IB 245 20.56 51.06 70.21
CA ILE IB 245 20.91 50.62 71.56
C ILE IB 245 21.59 51.74 72.34
N GLN IB 246 22.43 52.54 71.66
CA GLN IB 246 23.13 53.62 72.34
C GLN IB 246 22.16 54.68 72.84
N ARG IB 247 21.24 55.13 71.97
CA ARG IB 247 20.30 56.16 72.39
C ARG IB 247 19.41 55.64 73.51
N ARG IB 248 19.04 54.37 73.49
CA ARG IB 248 18.21 53.84 74.56
C ARG IB 248 18.96 53.83 75.89
N ILE IB 249 20.20 53.36 75.88
CA ILE IB 249 20.98 53.33 77.13
C ILE IB 249 21.16 54.74 77.67
N GLU IB 250 21.52 55.69 76.81
CA GLU IB 250 21.70 57.05 77.29
C GLU IB 250 20.40 57.66 77.80
N ALA IB 251 19.27 57.40 77.14
CA ALA IB 251 18.01 57.96 77.55
C ALA IB 251 17.50 57.38 78.87
N ILE IB 252 17.77 56.10 79.14
CA ILE IB 252 17.39 55.56 80.45
C ILE IB 252 18.33 56.03 81.55
N LEU IB 253 19.64 56.11 81.29
CA LEU IB 253 20.57 56.46 82.35
C LEU IB 253 20.73 57.96 82.58
N SER IB 254 20.25 58.80 81.67
CA SER IB 254 20.41 60.23 81.88
C SER IB 254 19.64 60.78 83.08
N PRO IB 255 18.36 60.47 83.29
CA PRO IB 255 17.63 61.12 84.40
C PRO IB 255 18.25 60.87 85.76
N ILE IB 256 19.02 59.80 85.94
CA ILE IB 256 19.62 59.53 87.24
C ILE IB 256 20.86 60.40 87.45
N VAL IB 257 21.78 60.39 86.48
CA VAL IB 257 23.08 61.02 86.67
C VAL IB 257 23.16 62.45 86.15
N GLY IB 258 22.27 62.85 85.25
CA GLY IB 258 22.25 64.20 84.73
C GLY IB 258 21.96 64.24 83.25
N ASN IB 259 21.97 65.47 82.73
CA ASN IB 259 21.63 65.67 81.32
C ASN IB 259 22.63 64.98 80.40
N GLY IB 260 23.91 65.30 80.53
CA GLY IB 260 24.90 64.79 79.59
C GLY IB 260 26.17 64.30 80.23
N ASN IB 261 26.05 63.74 81.44
CA ASN IB 261 27.20 63.24 82.17
C ASN IB 261 27.41 61.74 81.98
N VAL IB 262 27.06 61.21 80.80
CA VAL IB 262 27.26 59.80 80.50
C VAL IB 262 27.36 59.64 78.99
N HIS IB 263 28.22 58.73 78.55
CA HIS IB 263 28.37 58.39 77.15
C HIS IB 263 28.53 56.88 77.02
N ALA IB 264 28.09 56.34 75.90
CA ALA IB 264 28.16 54.90 75.67
C ALA IB 264 28.42 54.63 74.19
N GLN IB 265 29.15 53.57 73.92
CA GLN IB 265 29.42 53.11 72.57
C GLN IB 265 29.32 51.60 72.54
N VAL IB 266 28.59 51.07 71.57
CA VAL IB 266 28.28 49.65 71.51
C VAL IB 266 28.79 49.10 70.19
N THR IB 267 29.26 47.85 70.22
CA THR IB 267 29.75 47.18 69.02
C THR IB 267 28.96 45.90 68.83
N ALA IB 268 28.24 45.82 67.72
CA ALA IB 268 27.30 44.73 67.46
C ALA IB 268 27.93 43.76 66.46
N GLN IB 269 28.03 42.49 66.86
CA GLN IB 269 28.46 41.44 65.96
C GLN IB 269 27.24 40.84 65.27
N LEU IB 270 26.94 41.31 64.07
CA LEU IB 270 25.79 40.84 63.33
C LEU IB 270 26.16 39.62 62.50
N ASP IB 271 25.16 38.80 62.19
CA ASP IB 271 25.37 37.60 61.40
C ASP IB 271 24.49 37.69 60.16
N PHE IB 272 25.09 37.45 58.99
CA PHE IB 272 24.36 37.53 57.73
C PHE IB 272 24.39 36.23 56.95
N ALA IB 273 24.85 35.14 57.56
CA ALA IB 273 24.94 33.88 56.85
C ALA IB 273 23.57 33.26 56.66
N ASN IB 274 23.15 33.13 55.40
CA ASN IB 274 21.90 32.47 55.10
C ASN IB 274 21.93 31.02 55.59
N LYS IB 275 20.88 30.60 56.28
CA LYS IB 275 20.91 29.32 56.99
C LYS IB 275 19.51 28.71 56.95
N GLU IB 276 19.44 27.42 56.61
CA GLU IB 276 18.21 26.65 56.71
C GLU IB 276 18.37 25.56 57.76
N GLN IB 277 17.34 24.72 57.88
CA GLN IB 277 17.38 23.62 58.82
C GLN IB 277 16.18 22.71 58.58
N THR IB 278 16.30 21.44 58.94
CA THR IB 278 15.20 20.49 58.87
C THR IB 278 15.39 19.42 59.92
N GLU IB 279 14.73 19.57 61.08
CA GLU IB 279 14.75 18.49 62.04
C GLU IB 279 13.79 17.39 61.62
N GLU IB 280 13.92 16.24 62.28
CA GLU IB 280 12.95 15.16 62.12
C GLU IB 280 13.05 14.30 63.37
N HIS IB 281 12.12 14.48 64.28
CA HIS IB 281 12.20 13.87 65.60
C HIS IB 281 11.25 12.69 65.70
N TYR IB 282 11.71 11.63 66.37
CA TYR IB 282 10.93 10.43 66.56
C TYR IB 282 10.85 10.11 68.05
N SER IB 283 9.66 9.86 68.52
CA SER IB 283 9.55 9.51 69.94
C SER IB 283 9.86 8.02 70.12
N PRO IB 284 10.56 7.67 71.18
CA PRO IB 284 10.93 6.26 71.37
C PRO IB 284 9.73 5.40 71.66
N ASN IB 285 9.69 4.23 71.03
CA ASN IB 285 8.64 3.25 71.27
C ASN IB 285 9.24 1.89 71.62
N GLY IB 286 10.38 1.90 72.30
CA GLY IB 286 10.98 0.64 72.71
C GLY IB 286 10.23 -0.02 73.85
N ASP IB 287 9.83 0.76 74.85
CA ASP IB 287 9.14 0.20 75.99
C ASP IB 287 7.76 -0.28 75.55
N ALA IB 288 7.39 -1.48 75.99
CA ALA IB 288 6.11 -2.06 75.60
C ALA IB 288 4.92 -1.38 76.25
N SER IB 289 5.13 -0.46 77.17
CA SER IB 289 4.03 0.21 77.86
C SER IB 289 3.26 1.15 76.94
N LYS IB 290 3.93 1.79 75.99
CA LYS IB 290 3.23 2.66 75.05
C LYS IB 290 3.67 2.47 73.61
N ALA IB 291 3.99 1.25 73.20
CA ALA IB 291 4.18 0.97 71.79
C ALA IB 291 2.86 1.15 71.06
N THR IB 292 2.94 1.25 69.74
CA THR IB 292 1.75 1.40 68.89
C THR IB 292 1.79 0.33 67.83
N LEU IB 293 1.27 -0.86 68.16
CA LEU IB 293 1.31 -1.98 67.24
C LEU IB 293 0.27 -1.78 66.14
N ARG IB 294 0.68 -2.02 64.90
CA ARG IB 294 -0.27 -2.07 63.81
C ARG IB 294 -0.63 -3.51 63.48
N SER IB 295 0.36 -4.39 63.53
CA SER IB 295 0.15 -5.83 63.36
C SER IB 295 0.84 -6.56 64.50
N ARG IB 296 0.78 -7.88 64.44
CA ARG IB 296 1.47 -8.74 65.41
C ARG IB 296 1.27 -10.18 64.98
N GLN IB 297 2.14 -11.07 65.44
CA GLN IB 297 1.96 -12.51 65.26
C GLN IB 297 2.82 -13.20 66.31
N LEU IB 298 2.18 -13.91 67.24
CA LEU IB 298 2.85 -14.50 68.39
C LEU IB 298 2.56 -15.98 68.42
N ASN IB 299 3.50 -16.79 67.93
CA ASN IB 299 3.37 -18.24 67.97
C ASN IB 299 4.11 -18.77 69.18
N ILE IB 300 3.54 -19.76 69.85
CA ILE IB 300 4.12 -20.34 71.05
C ILE IB 300 3.89 -21.83 71.01
N SER IB 301 4.96 -22.60 70.87
CA SER IB 301 4.92 -24.04 71.01
C SER IB 301 5.58 -24.44 72.32
N GLU IB 302 5.26 -25.64 72.79
CA GLU IB 302 5.83 -26.13 74.04
C GLU IB 302 5.57 -27.62 74.14
N GLN IB 303 6.61 -28.41 74.36
CA GLN IB 303 6.49 -29.85 74.49
C GLN IB 303 7.13 -30.29 75.79
N VAL IB 304 6.69 -31.44 76.31
CA VAL IB 304 7.30 -32.03 77.49
C VAL IB 304 7.45 -33.52 77.30
N PRO IB 355 12.70 -32.73 79.48
CA PRO IB 355 12.79 -32.51 78.04
C PRO IB 355 11.90 -31.35 77.57
N ARG IB 356 11.88 -30.29 78.36
CA ARG IB 356 10.96 -29.17 78.16
C ARG IB 356 11.42 -28.34 76.97
N SER IB 357 11.21 -28.86 75.76
CA SER IB 357 11.46 -28.11 74.54
C SER IB 357 10.46 -26.96 74.46
N THR IB 358 10.87 -25.86 73.85
CA THR IB 358 10.02 -24.67 73.78
C THR IB 358 10.21 -24.01 72.42
N GLN IB 359 9.49 -22.91 72.21
CA GLN IB 359 9.56 -22.13 70.98
C GLN IB 359 8.75 -20.86 71.19
N ARG IB 360 9.19 -19.76 70.58
CA ARG IB 360 8.45 -18.51 70.69
C ARG IB 360 8.85 -17.60 69.53
N ASN IB 361 7.98 -17.50 68.53
CA ASN IB 361 8.20 -16.57 67.44
C ASN IB 361 7.29 -15.36 67.63
N GLU IB 362 7.75 -14.19 67.16
CA GLU IB 362 6.99 -12.96 67.38
C GLU IB 362 7.38 -11.94 66.34
N THR IB 363 6.48 -11.66 65.40
CA THR IB 363 6.65 -10.56 64.45
C THR IB 363 5.80 -9.38 64.89
N SER IB 364 6.35 -8.18 64.76
CA SER IB 364 5.64 -6.99 65.18
C SER IB 364 5.87 -5.87 64.18
N ASN IB 365 4.81 -5.18 63.80
CA ASN IB 365 4.90 -3.98 62.97
C ASN IB 365 4.40 -2.80 63.78
N TYR IB 366 5.19 -1.74 63.83
CA TYR IB 366 4.91 -0.63 64.72
C TYR IB 366 4.43 0.59 63.93
N GLU IB 367 3.95 1.58 64.66
CA GLU IB 367 3.69 2.91 64.14
C GLU IB 367 4.41 3.90 65.05
N VAL IB 368 4.98 4.94 64.47
CA VAL IB 368 5.86 5.84 65.20
C VAL IB 368 5.39 7.27 65.04
N ASP IB 369 5.57 8.06 66.10
CA ASP IB 369 5.33 9.49 66.03
C ASP IB 369 6.31 10.15 65.07
N ARG IB 370 6.11 11.42 64.79
CA ARG IB 370 7.01 12.13 63.91
C ARG IB 370 6.81 13.63 64.07
N THR IB 371 7.90 14.38 64.10
CA THR IB 371 7.86 15.84 64.08
C THR IB 371 8.85 16.34 63.04
N ILE IB 372 8.42 17.31 62.25
CA ILE IB 372 9.23 17.83 61.15
C ILE IB 372 9.11 19.35 61.17
N ARG IB 373 10.24 20.03 61.35
CA ARG IB 373 10.30 21.48 61.30
C ARG IB 373 11.18 21.92 60.14
N HIS IB 374 10.85 23.04 59.53
CA HIS IB 374 11.65 23.61 58.46
C HIS IB 374 11.98 25.05 58.86
N THR IB 375 13.03 25.21 59.66
CA THR IB 375 13.39 26.51 60.20
C THR IB 375 14.35 27.20 59.26
N LYS IB 376 13.94 28.34 58.72
CA LYS IB 376 14.78 29.15 57.86
C LYS IB 376 15.18 30.40 58.63
N MET IB 377 16.42 30.41 59.14
CA MET IB 377 16.87 31.48 60.02
C MET IB 377 16.80 32.83 59.32
N ASN IB 378 16.89 33.87 60.12
CA ASN IB 378 16.82 35.23 59.60
C ASN IB 378 18.23 35.79 59.43
N VAL IB 379 18.39 36.65 58.43
CA VAL IB 379 19.69 37.26 58.14
C VAL IB 379 19.67 38.68 58.70
N GLY IB 380 20.45 38.90 59.75
CA GLY IB 380 20.50 40.22 60.36
C GLY IB 380 20.25 40.23 61.85
N ASP IB 381 20.40 39.08 62.49
CA ASP IB 381 20.21 38.99 63.92
C ASP IB 381 21.49 39.41 64.65
N ILE IB 382 21.35 39.63 65.96
CA ILE IB 382 22.46 40.06 66.79
C ILE IB 382 23.07 38.83 67.46
N GLU IB 383 24.32 38.53 67.10
CA GLU IB 383 24.97 37.35 67.67
C GLU IB 383 25.72 37.68 68.95
N ARG IB 384 26.20 38.91 69.10
CA ARG IB 384 26.96 39.28 70.28
C ARG IB 384 27.01 40.79 70.38
N LEU IB 385 27.03 41.30 71.60
CA LEU IB 385 27.12 42.73 71.85
C LEU IB 385 28.30 43.00 72.78
N SER IB 386 28.73 44.25 72.80
CA SER IB 386 29.76 44.71 73.72
C SER IB 386 29.53 46.20 73.95
N VAL IB 387 29.42 46.58 75.21
CA VAL IB 387 29.02 47.94 75.57
C VAL IB 387 30.05 48.51 76.54
N ALA IB 388 30.47 49.75 76.29
CA ALA IB 388 31.35 50.48 77.18
C ALA IB 388 30.71 51.81 77.52
N VAL IB 389 30.61 52.11 78.81
CA VAL IB 389 29.91 53.30 79.28
C VAL IB 389 30.81 54.05 80.24
N VAL IB 390 30.85 55.37 80.10
CA VAL IB 390 31.58 56.25 81.00
C VAL IB 390 30.57 57.09 81.77
N VAL IB 391 30.78 57.22 83.07
CA VAL IB 391 29.90 58.02 83.92
C VAL IB 391 30.75 59.10 84.58
N ASN IB 392 30.12 60.25 84.84
CA ASN IB 392 30.85 61.40 85.34
C ASN IB 392 30.86 61.40 86.87
N TYR IB 393 31.88 62.06 87.42
CA TYR IB 393 31.92 62.33 88.84
C TYR IB 393 30.90 63.41 89.20
N LYS IB 394 30.77 63.67 90.50
CA LYS IB 394 29.84 64.69 90.98
C LYS IB 394 30.21 65.16 92.38
N LEU IB 402 35.33 63.43 94.16
CA LEU IB 402 33.89 63.43 93.90
C LEU IB 402 33.41 62.09 93.34
N PRO IB 403 33.70 60.99 94.03
CA PRO IB 403 33.41 59.67 93.44
C PRO IB 403 31.97 59.25 93.68
N LEU IB 404 31.40 58.58 92.68
CA LEU IB 404 30.11 57.92 92.89
C LEU IB 404 30.31 56.63 93.67
N THR IB 405 29.36 56.35 94.57
CA THR IB 405 29.50 55.24 95.49
C THR IB 405 29.40 53.90 94.76
N ALA IB 406 29.48 52.82 95.54
CA ALA IB 406 29.47 51.48 94.97
C ALA IB 406 28.05 51.00 94.68
N ASP IB 407 27.10 51.31 95.57
CA ASP IB 407 25.72 50.87 95.36
C ASP IB 407 25.12 51.53 94.13
N GLN IB 408 25.31 52.84 93.99
CA GLN IB 408 24.79 53.54 92.82
C GLN IB 408 25.45 53.02 91.55
N MET IB 409 26.75 52.76 91.58
CA MET IB 409 27.40 52.16 90.43
C MET IB 409 26.82 50.80 90.10
N LYS IB 410 26.52 49.98 91.11
CA LYS IB 410 25.98 48.65 90.84
C LYS IB 410 24.59 48.74 90.23
N GLN IB 411 23.74 49.62 90.76
CA GLN IB 411 22.41 49.75 90.18
C GLN IB 411 22.45 50.35 88.79
N ILE IB 412 23.42 51.22 88.50
CA ILE IB 412 23.56 51.77 87.16
C ILE IB 412 24.01 50.68 86.19
N GLU IB 413 24.97 49.87 86.60
CA GLU IB 413 25.36 48.71 85.80
C GLU IB 413 24.17 47.81 85.54
N ASP IB 414 23.32 47.62 86.53
CA ASP IB 414 22.18 46.72 86.36
C ASP IB 414 21.15 47.32 85.40
N LEU IB 415 20.86 48.62 85.53
CA LEU IB 415 19.99 49.29 84.57
C LEU IB 415 20.52 49.12 83.16
N THR IB 416 21.83 49.34 82.96
CA THR IB 416 22.39 49.21 81.62
C THR IB 416 22.26 47.77 81.12
N ARG IB 417 22.57 46.80 81.97
CA ARG IB 417 22.42 45.41 81.58
C ARG IB 417 21.00 45.10 81.14
N GLU IB 418 20.01 45.61 81.86
CA GLU IB 418 18.63 45.34 81.48
C GLU IB 418 18.19 46.10 80.25
N ALA IB 419 18.75 47.29 80.02
CA ALA IB 419 18.37 48.09 78.86
C ALA IB 419 19.03 47.60 77.57
N MET IB 420 20.17 46.92 77.68
CA MET IB 420 20.82 46.37 76.51
C MET IB 420 19.98 45.32 75.83
N GLY IB 421 19.39 44.43 76.63
CA GLY IB 421 18.90 43.17 76.10
C GLY IB 421 19.95 42.12 76.39
N PHE IB 422 20.58 42.25 77.56
CA PHE IB 422 21.71 41.41 77.92
C PHE IB 422 21.30 39.95 77.93
N SER IB 423 22.26 39.08 77.62
CA SER IB 423 22.02 37.65 77.60
C SER IB 423 23.34 36.91 77.72
N ASP IB 424 23.51 36.19 78.83
CA ASP IB 424 24.70 35.37 79.01
C ASP IB 424 24.78 34.20 78.04
N LYS IB 425 23.74 33.99 77.21
CA LYS IB 425 23.82 32.97 76.18
C LYS IB 425 24.73 33.41 75.05
N ARG IB 426 24.52 34.64 74.54
CA ARG IB 426 25.28 35.12 73.40
C ARG IB 426 26.70 35.50 73.77
N GLY IB 427 27.03 35.52 75.06
CA GLY IB 427 28.35 35.93 75.47
C GLY IB 427 28.54 37.42 75.48
N ASP IB 428 27.48 38.18 75.73
CA ASP IB 428 27.58 39.63 75.73
C ASP IB 428 28.48 40.10 76.86
N THR IB 429 29.03 41.30 76.69
CA THR IB 429 29.99 41.87 77.63
C THR IB 429 29.62 43.32 77.92
N LEU IB 430 29.69 43.69 79.18
CA LEU IB 430 29.42 45.05 79.62
C LEU IB 430 30.52 45.49 80.56
N ASN IB 431 30.88 46.77 80.50
CA ASN IB 431 31.79 47.34 81.48
C ASN IB 431 31.54 48.83 81.61
N VAL IB 432 31.18 49.26 82.81
CA VAL IB 432 30.92 50.66 83.12
C VAL IB 432 32.02 51.15 84.05
N VAL IB 433 32.65 52.27 83.68
CA VAL IB 433 33.75 52.82 84.46
C VAL IB 433 33.42 54.26 84.82
N ASN IB 434 33.96 54.72 85.93
CA ASN IB 434 33.73 56.06 86.44
C ASN IB 434 35.06 56.81 86.47
N SER IB 435 35.12 57.95 85.80
CA SER IB 435 36.32 58.74 85.73
C SER IB 435 35.94 60.19 85.48
N PRO IB 436 36.67 61.15 86.04
CA PRO IB 436 36.27 62.55 85.90
C PRO IB 436 36.37 63.01 84.46
N PHE IB 437 35.45 63.87 84.06
CA PHE IB 437 35.43 64.35 82.68
C PHE IB 437 36.31 65.59 82.55
N SER IB 438 36.56 66.01 81.33
CA SER IB 438 37.38 67.18 81.06
C SER IB 438 37.03 67.78 79.71
N ASP JB 232 50.58 42.90 35.09
CA ASP JB 232 49.87 44.10 34.69
C ASP JB 232 49.35 44.90 35.89
N ALA JB 233 48.11 44.62 36.33
CA ALA JB 233 47.53 45.39 37.43
C ALA JB 233 47.96 44.87 38.79
N GLN JB 234 48.50 43.66 38.88
CA GLN JB 234 48.90 43.10 40.15
C GLN JB 234 49.88 44.01 40.87
N LEU JB 235 50.80 44.63 40.13
CA LEU JB 235 51.75 45.55 40.75
C LEU JB 235 51.03 46.74 41.37
N LYS JB 236 50.00 47.26 40.69
CA LYS JB 236 49.27 48.41 41.23
C LYS JB 236 48.52 48.03 42.49
N PHE JB 237 47.89 46.86 42.50
CA PHE JB 237 47.19 46.41 43.70
C PHE JB 237 48.16 46.24 44.87
N ALA JB 238 49.29 45.59 44.63
CA ALA JB 238 50.28 45.42 45.69
C ALA JB 238 50.80 46.77 46.18
N ASN JB 239 51.03 47.71 45.26
CA ASN JB 239 51.48 49.03 45.66
C ASN JB 239 50.45 49.72 46.57
N ASP JB 240 49.16 49.57 46.23
CA ASP JB 240 48.13 50.16 47.08
C ASP JB 240 48.13 49.57 48.48
N VAL JB 241 48.22 48.24 48.58
CA VAL JB 241 48.25 47.61 49.90
C VAL JB 241 49.45 48.09 50.70
N GLU JB 242 50.62 48.12 50.07
CA GLU JB 242 51.82 48.58 50.75
C GLU JB 242 51.68 50.03 51.21
N SER JB 243 51.05 50.87 50.37
CA SER JB 243 50.87 52.26 50.76
C SER JB 243 49.96 52.38 51.97
N ARG JB 244 48.87 51.61 51.99
CA ARG JB 244 48.00 51.59 53.17
C ARG JB 244 48.79 51.27 54.43
N ILE JB 245 49.51 50.14 54.42
CA ILE JB 245 50.19 49.72 55.64
C ILE JB 245 51.25 50.75 56.04
N GLN JB 246 51.95 51.33 55.06
CA GLN JB 246 53.00 52.29 55.39
C GLN JB 246 52.42 53.55 56.01
N ARG JB 247 51.35 54.10 55.41
CA ARG JB 247 50.77 55.31 55.98
C ARG JB 247 50.20 55.05 57.36
N ARG JB 248 49.64 53.87 57.59
CA ARG JB 248 49.11 53.56 58.92
C ARG JB 248 50.23 53.50 59.96
N ILE JB 249 51.32 52.80 59.64
CA ILE JB 249 52.43 52.69 60.58
C ILE JB 249 53.00 54.08 60.88
N GLU JB 250 53.23 54.89 59.86
CA GLU JB 250 53.76 56.21 60.12
C GLU JB 250 52.80 57.09 60.90
N ALA JB 251 51.50 57.00 60.63
CA ALA JB 251 50.54 57.82 61.35
C ALA JB 251 50.38 57.42 62.81
N ILE JB 252 50.51 56.13 63.13
CA ILE JB 252 50.48 55.75 64.54
C ILE JB 252 51.78 56.10 65.26
N LEU JB 253 52.93 55.92 64.62
CA LEU JB 253 54.20 56.14 65.30
C LEU JB 253 54.65 57.59 65.31
N SER JB 254 54.06 58.46 64.49
CA SER JB 254 54.50 59.85 64.47
C SER JB 254 54.24 60.59 65.78
N PRO JB 255 53.06 60.55 66.39
CA PRO JB 255 52.83 61.39 67.58
C PRO JB 255 53.81 61.10 68.72
N ILE JB 256 54.40 59.91 68.78
CA ILE JB 256 55.33 59.63 69.87
C ILE JB 256 56.70 60.25 69.60
N VAL JB 257 57.25 60.02 68.41
CA VAL JB 257 58.63 60.40 68.13
C VAL JB 257 58.77 61.75 67.45
N GLY JB 258 57.72 62.26 66.81
CA GLY JB 258 57.76 63.55 66.18
C GLY JB 258 57.04 63.56 64.85
N ASN JB 259 57.07 64.74 64.22
CA ASN JB 259 56.35 64.91 62.96
C ASN JB 259 56.89 64.00 61.87
N GLY JB 260 58.18 64.07 61.57
CA GLY JB 260 58.72 63.34 60.45
C GLY JB 260 60.03 62.64 60.74
N ASN JB 261 60.21 62.19 61.98
CA ASN JB 261 61.43 61.53 62.39
C ASN JB 261 61.32 60.01 62.31
N VAL JB 262 60.54 59.49 61.37
CA VAL JB 262 60.41 58.05 61.18
C VAL JB 262 60.01 57.79 59.74
N HIS JB 263 60.53 56.71 59.16
CA HIS JB 263 60.17 56.26 57.83
C HIS JB 263 60.04 54.74 57.83
N ALA JB 264 59.19 54.23 56.97
CA ALA JB 264 58.95 52.79 56.89
C ALA JB 264 58.69 52.39 55.45
N GLN JB 265 59.11 51.19 55.09
CA GLN JB 265 58.87 50.62 53.77
C GLN JB 265 58.52 49.15 53.95
N VAL JB 266 57.45 48.72 53.31
CA VAL JB 266 56.91 47.39 53.50
C VAL JB 266 56.89 46.67 52.17
N THR JB 267 57.13 45.36 52.20
CA THR JB 267 57.11 44.54 50.99
C THR JB 267 56.10 43.42 51.19
N ALA JB 268 55.06 43.41 50.36
CA ALA JB 268 53.94 42.50 50.52
C ALA JB 268 54.05 41.38 49.50
N GLN JB 269 54.06 40.14 49.99
CA GLN JB 269 54.02 38.97 49.12
C GLN JB 269 52.56 38.57 48.91
N LEU JB 270 51.99 39.02 47.80
CA LEU JB 270 50.59 38.73 47.50
C LEU JB 270 50.49 37.42 46.74
N ASP JB 271 49.32 36.79 46.83
CA ASP JB 271 49.08 35.53 46.16
C ASP JB 271 47.88 35.70 45.24
N PHE JB 272 48.03 35.29 43.99
CA PHE JB 272 46.97 35.44 42.99
C PHE JB 272 46.54 34.10 42.39
N ALA JB 273 46.99 32.99 42.96
CA ALA JB 273 46.65 31.69 42.39
C ALA JB 273 45.21 31.34 42.71
N ASN JB 274 44.39 31.21 41.65
CA ASN JB 274 43.02 30.78 41.81
C ASN JB 274 42.98 29.39 42.42
N LYS JB 275 42.13 29.20 43.44
CA LYS JB 275 42.17 27.99 44.25
C LYS JB 275 40.76 27.64 44.70
N GLU JB 276 40.38 26.39 44.55
CA GLU JB 276 39.14 25.87 45.09
C GLU JB 276 39.44 24.84 46.17
N GLN JB 277 38.38 24.21 46.68
CA GLN JB 277 38.53 23.17 47.68
C GLN JB 277 37.19 22.50 47.91
N THR JB 278 37.22 21.25 48.38
CA THR JB 278 36.00 20.52 48.74
C THR JB 278 36.33 19.49 49.81
N GLU JB 279 36.10 19.84 51.07
CA GLU JB 279 36.25 18.84 52.11
C GLU JB 279 35.04 17.91 52.12
N GLU JB 280 35.18 16.80 52.83
CA GLU JB 280 34.05 15.91 53.10
C GLU JB 280 34.40 15.12 54.35
N HIS JB 281 33.84 15.53 55.48
CA HIS JB 281 34.23 14.99 56.76
C HIS JB 281 33.18 14.02 57.28
N TYR JB 282 33.66 12.94 57.90
CA TYR JB 282 32.79 11.92 58.45
C TYR JB 282 33.13 11.69 59.92
N SER JB 283 32.13 11.72 60.75
CA SER JB 283 32.41 11.47 62.16
C SER JB 283 32.51 9.97 62.42
N PRO JB 284 33.44 9.55 63.25
CA PRO JB 284 33.63 8.11 63.48
C PRO JB 284 32.44 7.51 64.21
N ASN JB 285 32.02 6.33 63.76
CA ASN JB 285 30.96 5.58 64.40
C ASN JB 285 31.42 4.16 64.72
N GLY JB 286 32.70 3.99 65.01
CA GLY JB 286 33.19 2.67 65.38
C GLY JB 286 32.73 2.23 66.75
N ASP JB 287 32.79 3.13 67.73
CA ASP JB 287 32.41 2.78 69.09
C ASP JB 287 30.91 2.55 69.13
N ALA JB 288 30.50 1.47 69.80
CA ALA JB 288 29.09 1.11 69.86
C ALA JB 288 28.28 2.04 70.76
N SER JB 289 28.93 2.96 71.47
CA SER JB 289 28.22 3.87 72.37
C SER JB 289 27.37 4.87 71.63
N LYS JB 290 27.79 5.32 70.45
CA LYS JB 290 26.99 6.26 69.68
C LYS JB 290 26.93 5.89 68.20
N ALA JB 291 26.89 4.62 67.85
CA ALA JB 291 26.59 4.23 66.49
C ALA JB 291 25.15 4.61 66.17
N THR JB 292 24.83 4.61 64.88
CA THR JB 292 23.48 4.93 64.42
C THR JB 292 23.00 3.81 63.52
N LEU JB 293 22.43 2.77 64.12
CA LEU JB 293 21.98 1.61 63.37
C LEU JB 293 20.71 1.93 62.62
N ARG JB 294 20.67 1.55 61.34
CA ARG JB 294 19.42 1.62 60.59
C ARG JB 294 18.76 0.26 60.55
N SER JB 295 19.55 -0.80 60.42
CA SER JB 295 19.07 -2.17 60.48
C SER JB 295 19.95 -2.96 61.44
N ARG JB 296 19.67 -4.24 61.54
CA ARG JB 296 20.48 -5.15 62.35
C ARG JB 296 19.93 -6.55 62.17
N GLN JB 297 20.75 -7.56 62.44
CA GLN JB 297 20.29 -8.95 62.50
C GLN JB 297 21.30 -9.73 63.31
N LEU JB 298 20.87 -10.25 64.46
CA LEU JB 298 21.78 -10.87 65.42
C LEU JB 298 21.28 -12.28 65.72
N ASN JB 299 21.86 -13.28 65.05
CA ASN JB 299 21.52 -14.67 65.29
C ASN JB 299 22.52 -15.26 66.28
N ILE JB 300 22.03 -16.08 67.20
CA ILE JB 300 22.86 -16.69 68.23
C ILE JB 300 22.38 -18.12 68.43
N SER JB 301 23.22 -19.08 68.06
CA SER JB 301 22.99 -20.48 68.38
C SER JB 301 23.95 -20.92 69.47
N GLU JB 302 23.60 -22.01 70.15
CA GLU JB 302 24.46 -22.52 71.22
C GLU JB 302 24.00 -23.93 71.56
N GLN JB 303 24.92 -24.88 71.55
CA GLN JB 303 24.61 -26.26 71.86
C GLN JB 303 25.54 -26.74 72.98
N VAL JB 304 25.11 -27.75 73.71
CA VAL JB 304 25.96 -28.37 74.72
C VAL JB 304 25.81 -29.89 74.67
N PRO JB 355 31.52 -29.97 75.08
CA PRO JB 355 31.18 -29.85 73.66
C PRO JB 355 30.41 -28.58 73.35
N ARG JB 356 30.80 -27.48 73.98
CA ARG JB 356 30.05 -26.22 73.94
C ARG JB 356 30.25 -25.56 72.58
N SER JB 357 29.60 -26.12 71.56
CA SER JB 357 29.56 -25.49 70.25
C SER JB 357 28.78 -24.18 70.33
N THR JB 358 29.15 -23.21 69.50
CA THR JB 358 28.54 -21.89 69.56
C THR JB 358 28.39 -21.36 68.13
N GLN JB 359 27.83 -20.16 68.02
CA GLN JB 359 27.64 -19.48 66.75
C GLN JB 359 27.14 -18.07 67.05
N ARG JB 360 27.55 -17.12 66.21
CA ARG JB 360 27.09 -15.74 66.40
C ARG JB 360 27.25 -14.99 65.08
N ASN JB 361 26.14 -14.79 64.36
CA ASN JB 361 26.15 -13.97 63.17
C ASN JB 361 25.56 -12.61 63.47
N GLU JB 362 26.02 -11.58 62.76
CA GLU JB 362 25.58 -10.23 63.06
C GLU JB 362 25.79 -9.35 61.83
N THR JB 363 24.70 -8.96 61.19
CA THR JB 363 24.73 -7.97 60.12
C THR JB 363 24.27 -6.63 60.65
N SER JB 364 24.93 -5.56 60.22
CA SER JB 364 24.59 -4.23 60.69
C SER JB 364 24.68 -3.24 59.56
N ASN JB 365 23.67 -2.38 59.43
CA ASN JB 365 23.69 -1.28 58.49
C ASN JB 365 23.67 0.02 59.26
N TYR JB 366 24.60 0.91 58.96
CA TYR JB 366 24.80 2.11 59.75
C TYR JB 366 24.30 3.34 59.01
N GLU JB 367 24.23 4.45 59.74
CA GLU JB 367 24.05 5.77 59.16
C GLU JB 367 25.16 6.66 59.70
N VAL JB 368 25.68 7.54 58.86
CA VAL JB 368 26.88 8.29 59.18
C VAL JB 368 26.62 9.78 59.02
N ASP JB 369 27.25 10.57 59.87
CA ASP JB 369 27.24 12.02 59.71
C ASP JB 369 27.96 12.42 58.45
N ARG JB 370 27.88 13.70 58.09
CA ARG JB 370 28.58 14.18 56.90
C ARG JB 370 28.67 15.69 56.94
N THR JB 371 29.82 16.23 56.57
CA THR JB 371 30.01 17.65 56.40
C THR JB 371 30.68 17.90 55.06
N ILE JB 372 30.20 18.89 54.32
CA ILE JB 372 30.70 19.18 52.98
C ILE JB 372 30.85 20.69 52.87
N ARG JB 373 32.06 21.15 52.62
CA ARG JB 373 32.34 22.56 52.39
C ARG JB 373 32.88 22.75 50.99
N HIS JB 374 32.54 23.88 50.37
CA HIS JB 374 33.06 24.23 49.06
C HIS JB 374 33.71 25.60 49.17
N THR JB 375 34.97 25.61 49.60
CA THR JB 375 35.70 26.85 49.86
C THR JB 375 36.41 27.29 48.60
N LYS JB 376 36.04 28.45 48.08
CA LYS JB 376 36.70 29.03 46.91
C LYS JB 376 37.51 30.22 47.39
N MET JB 377 38.83 30.03 47.50
CA MET JB 377 39.70 31.04 48.08
C MET JB 377 39.63 32.34 47.29
N ASN JB 378 40.14 33.40 47.90
CA ASN JB 378 40.13 34.72 47.28
C ASN JB 378 41.48 34.99 46.63
N VAL JB 379 41.46 35.73 45.53
CA VAL JB 379 42.68 36.08 44.81
C VAL JB 379 43.07 37.50 45.18
N GLY JB 380 44.17 37.64 45.92
CA GLY JB 380 44.61 38.95 46.32
C GLY JB 380 44.84 39.10 47.81
N ASP JB 381 45.00 37.97 48.50
CA ASP JB 381 45.26 38.01 49.93
C ASP JB 381 46.75 38.23 50.20
N ILE JB 382 47.07 38.54 51.44
CA ILE JB 382 48.44 38.80 51.87
C ILE JB 382 49.02 37.52 52.45
N GLU JB 383 50.03 36.96 51.78
CA GLU JB 383 50.62 35.72 52.26
C GLU JB 383 51.78 35.98 53.22
N ARG JB 384 52.47 37.11 53.07
CA ARG JB 384 53.61 37.39 53.91
C ARG JB 384 53.94 38.87 53.82
N LEU JB 385 54.42 39.43 54.92
CA LEU JB 385 54.81 40.83 54.96
C LEU JB 385 56.25 40.94 55.46
N SER JB 386 56.86 42.08 55.20
CA SER JB 386 58.19 42.39 55.72
C SER JB 386 58.29 43.90 55.84
N VAL JB 387 58.64 44.38 57.03
CA VAL JB 387 58.61 45.81 57.33
C VAL JB 387 59.96 46.22 57.88
N ALA JB 388 60.47 47.34 57.37
CA ALA JB 388 61.70 47.95 57.88
C ALA JB 388 61.41 49.39 58.23
N VAL JB 389 61.78 49.78 59.45
CA VAL JB 389 61.45 51.10 59.97
C VAL JB 389 62.72 51.72 60.54
N VAL JB 390 62.93 53.00 60.23
CA VAL JB 390 64.04 53.77 60.77
C VAL JB 390 63.47 54.84 61.70
N VAL JB 391 64.09 55.01 62.86
CA VAL JB 391 63.67 56.01 63.83
C VAL JB 391 64.84 56.95 64.08
N ASN JB 392 64.52 58.20 64.39
CA ASN JB 392 65.55 59.23 64.51
C ASN JB 392 66.03 59.32 65.95
N TYR JB 393 67.27 59.79 66.11
CA TYR JB 393 67.79 60.15 67.42
C TYR JB 393 67.13 61.41 67.93
N LYS JB 394 67.45 61.76 69.17
CA LYS JB 394 66.90 62.97 69.78
C LYS JB 394 67.77 63.43 70.95
N LEU JB 402 72.83 60.88 71.31
CA LEU JB 402 71.41 61.14 71.49
C LEU JB 402 70.56 59.89 71.25
N PRO JB 403 70.86 58.79 71.95
CA PRO JB 403 70.21 57.52 71.63
C PRO JB 403 68.86 57.39 72.32
N LEU JB 404 67.91 56.78 71.63
CA LEU JB 404 66.66 56.40 72.29
C LEU JB 404 66.88 55.14 73.12
N THR JB 405 66.24 55.09 74.28
CA THR JB 405 66.47 54.02 75.24
C THR JB 405 65.93 52.69 74.74
N ALA JB 406 66.08 51.66 75.57
CA ALA JB 406 65.66 50.32 75.18
C ALA JB 406 64.18 50.09 75.39
N ASP JB 407 63.61 50.64 76.47
CA ASP JB 407 62.19 50.45 76.73
C ASP JB 407 61.33 51.14 75.68
N GLN JB 408 61.69 52.39 75.34
CA GLN JB 408 60.96 53.10 74.30
C GLN JB 408 61.08 52.39 72.97
N MET JB 409 62.26 51.88 72.64
CA MET JB 409 62.43 51.12 71.42
C MET JB 409 61.55 49.88 71.43
N LYS JB 410 61.46 49.18 72.57
CA LYS JB 410 60.65 47.97 72.62
C LYS JB 410 59.17 48.29 72.45
N GLN JB 411 58.69 49.34 73.10
CA GLN JB 411 57.28 49.67 72.94
C GLN JB 411 56.98 50.18 71.54
N ILE JB 412 57.95 50.83 70.88
CA ILE JB 412 57.74 51.26 69.50
C ILE JB 412 57.68 50.05 68.58
N GLU JB 413 58.58 49.10 68.78
CA GLU JB 413 58.50 47.85 68.02
C GLU JB 413 57.16 47.17 68.23
N ASP JB 414 56.64 47.21 69.46
CA ASP JB 414 55.38 46.53 69.73
C ASP JB 414 54.21 47.26 69.07
N LEU JB 415 54.19 48.59 69.13
CA LEU JB 415 53.20 49.35 68.40
C LEU JB 415 53.21 49.01 66.92
N THR JB 416 54.41 48.97 66.32
CA THR JB 416 54.50 48.64 64.90
C THR JB 416 53.98 47.24 64.62
N ARG JB 417 54.38 46.28 65.44
CA ARG JB 417 53.90 44.91 65.28
C ARG JB 417 52.38 44.86 65.32
N GLU JB 418 51.76 45.59 66.24
CA GLU JB 418 50.30 45.55 66.32
C GLU JB 418 49.64 46.32 65.20
N ALA JB 419 50.27 47.37 64.68
CA ALA JB 419 49.69 48.14 63.61
C ALA JB 419 49.82 47.48 62.25
N MET JB 420 50.81 46.59 62.09
CA MET JB 420 50.97 45.87 60.83
C MET JB 420 49.79 44.95 60.57
N GLY JB 421 49.35 44.24 61.59
CA GLY JB 421 48.52 43.07 61.39
C GLY JB 421 49.43 41.86 61.48
N PHE JB 422 50.40 41.94 62.38
CA PHE JB 422 51.44 40.92 62.47
C PHE JB 422 50.83 39.56 62.78
N SER JB 423 51.50 38.52 62.29
CA SER JB 423 51.03 37.16 62.51
C SER JB 423 52.18 36.19 62.31
N ASP JB 424 52.56 35.51 63.39
CA ASP JB 424 53.61 34.49 63.30
C ASP JB 424 53.18 33.28 62.50
N LYS JB 425 51.92 33.22 62.06
CA LYS JB 425 51.51 32.15 61.16
C LYS JB 425 52.07 32.35 59.76
N ARG JB 426 51.92 33.55 59.22
CA ARG JB 426 52.34 33.81 57.85
C ARG JB 426 53.85 33.94 57.73
N GLY JB 427 54.57 33.98 58.86
CA GLY JB 427 56.01 34.15 58.80
C GLY JB 427 56.43 35.58 58.58
N ASP JB 428 55.63 36.53 59.05
CA ASP JB 428 55.96 37.93 58.85
C ASP JB 428 57.24 38.29 59.61
N THR JB 429 57.89 39.36 59.15
CA THR JB 429 59.17 39.79 59.69
C THR JB 429 59.15 41.29 59.90
N LEU JB 430 59.68 41.72 61.04
CA LEU JB 430 59.77 43.13 61.38
C LEU JB 430 61.17 43.41 61.90
N ASN JB 431 61.70 44.59 61.59
CA ASN JB 431 62.95 45.04 62.17
C ASN JB 431 63.00 46.55 62.20
N VAL JB 432 63.10 47.11 63.40
CA VAL JB 432 63.18 48.55 63.60
C VAL JB 432 64.58 48.88 64.10
N VAL JB 433 65.24 49.83 63.45
CA VAL JB 433 66.60 50.22 63.79
C VAL JB 433 66.63 51.71 64.06
N ASN JB 434 67.56 52.11 64.92
CA ASN JB 434 67.73 53.51 65.31
C ASN JB 434 69.10 53.99 64.86
N SER JB 435 69.12 55.06 64.07
CA SER JB 435 70.37 55.61 63.56
C SER JB 435 70.15 57.09 63.27
N PRO JB 436 71.17 57.92 63.47
CA PRO JB 436 70.98 59.36 63.30
C PRO JB 436 70.71 59.70 61.85
N PHE JB 437 69.85 60.70 61.65
CA PHE JB 437 69.47 61.09 60.30
C PHE JB 437 70.46 62.13 59.78
N SER JB 438 70.38 62.43 58.49
CA SER JB 438 71.26 63.40 57.85
C SER JB 438 70.60 63.98 56.61
N ASP KB 232 40.39 45.27 44.27
CA ASP KB 232 39.64 46.43 43.81
C ASP KB 232 38.87 47.12 44.93
N ALA KB 233 37.62 46.71 45.16
CA ALA KB 233 36.79 47.38 46.18
C ALA KB 233 37.05 46.83 47.58
N GLN KB 234 37.68 45.66 47.69
CA GLN KB 234 37.95 45.07 49.00
C GLN KB 234 38.72 46.02 49.91
N LEU KB 235 39.67 46.76 49.34
CA LEU KB 235 40.42 47.73 50.13
C LEU KB 235 39.51 48.82 50.67
N LYS KB 236 38.56 49.28 49.86
CA LYS KB 236 37.66 50.33 50.32
C LYS KB 236 36.75 49.83 51.43
N PHE KB 237 36.23 48.61 51.30
CA PHE KB 237 35.40 48.04 52.35
C PHE KB 237 36.19 47.90 53.66
N ALA KB 238 37.41 47.36 53.57
CA ALA KB 238 38.23 47.23 54.76
C ALA KB 238 38.54 48.58 55.38
N ASN KB 239 38.82 49.59 54.55
CA ASN KB 239 39.08 50.92 55.07
C ASN KB 239 37.87 51.47 55.81
N ASP KB 240 36.67 51.23 55.28
CA ASP KB 240 35.46 51.70 55.97
C ASP KB 240 35.30 51.04 57.33
N VAL KB 241 35.50 49.72 57.39
CA VAL KB 241 35.38 49.02 58.68
C VAL KB 241 36.40 49.56 59.68
N GLU KB 242 37.64 49.72 59.24
CA GLU KB 242 38.68 50.25 60.13
C GLU KB 242 38.32 51.66 60.60
N SER KB 243 37.76 52.48 59.72
CA SER KB 243 37.40 53.83 60.11
C SER KB 243 36.30 53.82 61.16
N ARG KB 244 35.30 52.95 60.99
CA ARG KB 244 34.27 52.81 62.01
C ARG KB 244 34.87 52.47 63.38
N ILE KB 245 35.69 51.43 63.43
CA ILE KB 245 36.21 51.01 64.73
C ILE KB 245 37.10 52.09 65.33
N GLN KB 246 37.88 52.77 64.50
CA GLN KB 246 38.77 53.80 65.01
C GLN KB 246 37.99 54.97 65.58
N ARG KB 247 36.99 55.47 64.85
CA ARG KB 247 36.21 56.59 65.35
C ARG KB 247 35.46 56.22 66.62
N ARG KB 248 34.99 54.98 66.72
CA ARG KB 248 34.29 54.57 67.93
C ARG KB 248 35.23 54.54 69.13
N ILE KB 249 36.43 53.95 68.97
CA ILE KB 249 37.38 53.90 70.06
C ILE KB 249 37.76 55.31 70.51
N GLU KB 250 38.08 56.18 69.55
CA GLU KB 250 38.44 57.54 69.94
C GLU KB 250 37.29 58.29 70.59
N ALA KB 251 36.06 58.11 70.12
CA ALA KB 251 34.91 58.80 70.71
C ALA KB 251 34.59 58.32 72.11
N ILE KB 252 34.78 57.03 72.40
CA ILE KB 252 34.56 56.58 73.77
C ILE KB 252 35.70 57.00 74.70
N LEU KB 253 36.94 56.95 74.24
CA LEU KB 253 38.07 57.25 75.12
C LEU KB 253 38.39 58.73 75.26
N SER KB 254 37.85 59.59 74.38
CA SER KB 254 38.16 61.00 74.49
C SER KB 254 37.64 61.66 75.77
N PRO KB 255 36.38 61.48 76.18
CA PRO KB 255 35.90 62.23 77.35
C PRO KB 255 36.70 61.99 78.62
N ILE KB 256 37.38 60.85 78.73
CA ILE KB 256 38.16 60.58 79.94
C ILE KB 256 39.48 61.33 79.91
N VAL KB 257 40.23 61.20 78.82
CA VAL KB 257 41.60 61.72 78.77
C VAL KB 257 41.73 63.11 78.17
N GLY KB 258 40.75 63.56 77.39
CA GLY KB 258 40.76 64.88 76.82
C GLY KB 258 40.25 64.89 75.40
N ASN KB 259 40.27 66.10 74.82
CA ASN KB 259 39.74 66.27 73.47
C ASN KB 259 40.52 65.46 72.45
N GLY KB 260 41.84 65.66 72.36
CA GLY KB 260 42.60 65.04 71.31
C GLY KB 260 43.91 64.44 71.78
N ASN KB 261 43.94 63.95 73.02
CA ASN KB 261 45.14 63.37 73.59
C ASN KB 261 45.19 61.85 73.44
N VAL KB 262 44.62 61.32 72.36
CA VAL KB 262 44.65 59.88 72.11
C VAL KB 262 44.49 59.65 70.62
N HIS KB 263 45.20 58.66 70.09
CA HIS KB 263 45.09 58.24 68.70
C HIS KB 263 45.10 56.73 68.63
N ALA KB 264 44.44 56.18 67.62
CA ALA KB 264 44.35 54.74 67.45
C ALA KB 264 44.35 54.40 65.97
N GLN KB 265 44.93 53.25 65.65
CA GLN KB 265 44.95 52.73 64.29
C GLN KB 265 44.72 51.24 64.36
N VAL KB 266 43.80 50.74 63.54
CA VAL KB 266 43.37 49.35 63.60
C VAL KB 266 43.61 48.70 62.25
N THR KB 267 43.97 47.42 62.27
CA THR KB 267 44.21 46.66 61.05
C THR KB 267 43.29 45.45 61.05
N ALA KB 268 42.40 45.41 60.06
CA ALA KB 268 41.35 44.39 60.01
C ALA KB 268 41.72 43.33 58.98
N GLN KB 269 41.77 42.08 59.42
CA GLN KB 269 41.97 40.95 58.52
C GLN KB 269 40.61 40.44 58.06
N LEU KB 270 40.17 40.90 56.88
CA LEU KB 270 38.87 40.51 56.36
C LEU KB 270 39.01 39.23 55.55
N ASP KB 271 37.91 38.50 55.43
CA ASP KB 271 37.88 37.25 54.68
C ASP KB 271 36.83 37.37 53.59
N PHE KB 272 37.21 37.03 52.36
CA PHE KB 272 36.31 37.14 51.22
C PHE KB 272 36.10 35.81 50.52
N ALA KB 273 36.56 34.72 51.10
CA ALA KB 273 36.43 33.42 50.44
C ALA KB 273 34.99 32.93 50.50
N ASN KB 274 34.37 32.79 49.34
CA ASN KB 274 33.02 32.23 49.26
C ASN KB 274 33.02 30.81 49.81
N LYS KB 275 32.05 30.51 50.68
CA LYS KB 275 32.08 29.26 51.44
C LYS KB 275 30.66 28.78 51.65
N GLU KB 276 30.42 27.50 51.39
CA GLU KB 276 29.15 26.85 51.71
C GLU KB 276 29.39 25.80 52.78
N GLN KB 277 28.32 25.06 53.09
CA GLN KB 277 28.41 23.98 54.07
C GLN KB 277 27.11 23.19 54.06
N THR KB 278 27.18 21.93 54.47
CA THR KB 278 26.00 21.08 54.62
C THR KB 278 26.25 20.03 55.69
N GLU KB 279 25.80 20.30 56.92
CA GLU KB 279 25.88 19.26 57.93
C GLU KB 279 24.77 18.23 57.71
N GLU KB 280 24.90 17.10 58.40
CA GLU KB 280 23.83 16.11 58.44
C GLU KB 280 24.05 15.29 59.70
N HIS KB 281 23.30 15.59 60.75
CA HIS KB 281 23.54 15.02 62.06
C HIS KB 281 22.52 13.94 62.37
N TYR KB 282 22.98 12.87 63.01
CA TYR KB 282 22.14 11.76 63.38
C TYR KB 282 22.26 11.50 64.88
N SER KB 283 21.14 11.39 65.54
CA SER KB 283 21.22 11.09 66.97
C SER KB 283 21.43 9.60 67.19
N PRO KB 284 22.27 9.22 68.14
CA PRO KB 284 22.54 7.79 68.34
C PRO KB 284 21.31 7.05 68.85
N ASN KB 285 21.08 5.87 68.30
CA ASN KB 285 20.00 5.00 68.75
C ASN KB 285 20.53 3.61 69.07
N GLY KB 286 21.76 3.53 69.57
CA GLY KB 286 22.30 2.24 69.95
C GLY KB 286 21.69 1.70 71.21
N ASP KB 287 21.52 2.55 72.23
CA ASP KB 287 20.96 2.10 73.49
C ASP KB 287 19.50 1.75 73.30
N ALA KB 288 19.09 0.60 73.84
CA ALA KB 288 17.73 0.12 73.67
C ALA KB 288 16.71 0.93 74.46
N SER KB 289 17.16 1.87 75.30
CA SER KB 289 16.23 2.66 76.10
C SER KB 289 15.41 3.62 75.27
N LYS KB 290 15.97 4.16 74.20
CA LYS KB 290 15.22 5.07 73.34
C LYS KB 290 15.41 4.78 71.86
N ALA KB 291 15.56 3.52 71.47
CA ALA KB 291 15.49 3.18 70.05
C ALA KB 291 14.11 3.45 69.52
N THR KB 292 13.98 3.48 68.21
CA THR KB 292 12.70 3.72 67.55
C THR KB 292 12.47 2.61 66.55
N LEU KB 293 11.90 1.49 67.01
CA LEU KB 293 11.69 0.33 66.16
C LEU KB 293 10.53 0.59 65.22
N ARG KB 294 10.72 0.27 63.95
CA ARG KB 294 9.60 0.26 63.01
C ARG KB 294 9.07 -1.15 62.81
N SER KB 295 9.97 -2.12 62.77
CA SER KB 295 9.62 -3.53 62.71
C SER KB 295 10.41 -4.28 63.76
N ARG KB 296 10.24 -5.60 63.78
CA ARG KB 296 11.00 -6.47 64.67
C ARG KB 296 10.60 -7.90 64.35
N GLN KB 297 11.46 -8.86 64.71
CA GLN KB 297 11.13 -10.28 64.65
C GLN KB 297 12.08 -11.01 65.59
N LEU KB 298 11.52 -11.62 66.63
CA LEU KB 298 12.33 -12.21 67.70
C LEU KB 298 11.92 -13.67 67.86
N ASN KB 299 12.68 -14.57 67.26
CA ASN KB 299 12.44 -16.00 67.39
C ASN KB 299 13.32 -16.55 68.50
N ILE KB 300 12.77 -17.46 69.30
CA ILE KB 300 13.49 -18.04 70.44
C ILE KB 300 13.12 -19.52 70.50
N SER KB 301 14.09 -20.38 70.24
CA SER KB 301 13.94 -21.81 70.46
C SER KB 301 14.76 -22.22 71.68
N GLU KB 302 14.42 -23.37 72.25
CA GLU KB 302 15.13 -23.86 73.43
C GLU KB 302 14.75 -25.32 73.63
N GLN KB 303 15.75 -26.19 73.74
CA GLN KB 303 15.54 -27.60 73.95
C GLN KB 303 16.32 -28.06 75.17
N VAL KB 304 15.88 -29.13 75.80
CA VAL KB 304 16.61 -29.73 76.90
C VAL KB 304 16.61 -31.25 76.77
N PRO KB 355 22.18 -30.87 78.08
CA PRO KB 355 22.05 -30.71 76.63
C PRO KB 355 21.21 -29.49 76.25
N ARG KB 356 21.41 -28.39 76.97
CA ARG KB 356 20.57 -27.21 76.86
C ARG KB 356 20.90 -26.47 75.57
N SER KB 357 20.47 -27.02 74.45
CA SER KB 357 20.58 -26.33 73.16
C SER KB 357 19.67 -25.11 73.17
N THR KB 358 20.08 -24.06 72.46
CA THR KB 358 19.34 -22.81 72.45
C THR KB 358 19.38 -22.22 71.05
N GLN KB 359 18.73 -21.07 70.90
CA GLN KB 359 18.67 -20.35 69.63
C GLN KB 359 18.02 -19.00 69.89
N ARG KB 360 18.45 -17.96 69.17
CA ARG KB 360 17.85 -16.64 69.32
C ARG KB 360 18.13 -15.82 68.07
N ASN KB 361 17.13 -15.68 67.21
CA ASN KB 361 17.25 -14.81 66.05
C ASN KB 361 16.50 -13.51 66.32
N GLU KB 362 16.97 -12.42 65.73
CA GLU KB 362 16.36 -11.12 66.00
C GLU KB 362 16.68 -10.16 64.85
N THR KB 363 15.67 -9.84 64.05
CA THR KB 363 15.79 -8.81 63.04
C THR KB 363 15.12 -7.53 63.54
N SER KB 364 15.74 -6.39 63.26
CA SER KB 364 15.21 -5.12 63.72
C SER KB 364 15.38 -4.08 62.64
N ASN KB 365 14.33 -3.30 62.39
CA ASN KB 365 14.39 -2.15 61.50
C ASN KB 365 14.13 -0.90 62.32
N TYR KB 366 15.01 0.08 62.19
CA TYR KB 366 14.98 1.26 63.04
C TYR KB 366 14.48 2.47 62.28
N GLU KB 367 14.20 3.53 63.03
CA GLU KB 367 13.99 4.86 62.48
C GLU KB 367 14.92 5.81 63.22
N VAL KB 368 15.47 6.78 62.51
CA VAL KB 368 16.54 7.61 63.04
C VAL KB 368 16.18 9.08 62.89
N ASP KB 369 16.59 9.89 63.86
CA ASP KB 369 16.46 11.32 63.76
C ASP KB 369 17.33 11.85 62.64
N ARG KB 370 17.20 13.13 62.32
CA ARG KB 370 18.02 13.72 61.28
C ARG KB 370 17.96 15.23 61.38
N THR KB 371 19.11 15.88 61.21
CA THR KB 371 19.19 17.32 61.12
C THR KB 371 20.04 17.70 59.92
N ILE KB 372 19.59 18.68 59.14
CA ILE KB 372 20.25 19.09 57.92
C ILE KB 372 20.28 20.60 57.88
N ARG KB 373 21.47 21.18 57.85
CA ARG KB 373 21.64 22.62 57.72
C ARG KB 373 22.38 22.93 56.42
N HIS KB 374 22.04 24.05 55.80
CA HIS KB 374 22.72 24.50 54.60
C HIS KB 374 23.22 25.92 54.87
N THR KB 375 24.39 26.01 55.49
CA THR KB 375 24.95 27.29 55.90
C THR KB 375 25.80 27.86 54.79
N LYS KB 376 25.41 29.01 54.26
CA LYS KB 376 26.18 29.70 53.24
C LYS KB 376 26.80 30.93 53.88
N MET KB 377 28.09 30.85 54.19
CA MET KB 377 28.77 31.90 54.93
C MET KB 377 28.71 33.22 54.19
N ASN KB 378 29.01 34.29 54.91
CA ASN KB 378 28.98 35.63 54.34
C ASN KB 378 30.39 36.05 53.93
N VAL KB 379 30.47 36.85 52.86
CA VAL KB 379 31.75 37.32 52.36
C VAL KB 379 31.95 38.76 52.83
N GLY KB 380 32.89 38.94 53.74
CA GLY KB 380 33.14 40.28 54.27
C GLY KB 380 33.13 40.36 55.77
N ASP KB 381 33.28 39.22 56.44
CA ASP KB 381 33.32 39.21 57.89
C ASP KB 381 34.72 39.54 58.39
N ILE KB 382 34.81 39.82 59.69
CA ILE KB 382 36.08 40.18 60.33
C ILE KB 382 36.67 38.93 60.95
N GLU KB 383 37.82 38.49 60.43
CA GLU KB 383 38.45 37.28 60.95
C GLU KB 383 39.41 37.58 62.09
N ARG KB 384 40.01 38.77 62.08
CA ARG KB 384 40.98 39.11 63.13
C ARG KB 384 41.18 40.61 63.13
N LEU KB 385 41.43 41.16 64.31
CA LEU KB 385 41.69 42.59 64.47
C LEU KB 385 43.01 42.78 65.19
N SER KB 386 43.55 43.98 65.08
CA SER KB 386 44.75 44.38 65.80
C SER KB 386 44.68 45.89 65.99
N VAL KB 387 44.80 46.33 67.24
CA VAL KB 387 44.59 47.73 67.58
C VAL KB 387 45.79 48.24 68.35
N ALA KB 388 46.27 49.42 67.98
CA ALA KB 388 47.35 50.09 68.69
C ALA KB 388 46.88 51.49 69.05
N VAL KB 389 47.01 51.85 70.32
CA VAL KB 389 46.50 53.12 70.83
C VAL KB 389 47.59 53.82 71.61
N VAL KB 390 47.73 55.13 71.39
CA VAL KB 390 48.67 55.96 72.13
C VAL KB 390 47.87 56.92 72.99
N VAL KB 391 48.28 57.09 74.24
CA VAL KB 391 47.62 57.99 75.17
C VAL KB 391 48.65 59.01 75.64
N ASN KB 392 48.17 60.23 75.94
CA ASN KB 392 49.07 61.32 76.26
C ASN KB 392 49.32 61.38 77.76
N TYR KB 393 50.47 61.95 78.12
CA TYR KB 393 50.75 62.28 79.51
C TYR KB 393 49.89 63.46 79.96
N LYS KB 394 50.00 63.78 81.24
CA LYS KB 394 49.25 64.90 81.80
C LYS KB 394 49.88 65.38 83.11
N LEU KB 402 55.04 63.24 84.17
CA LEU KB 402 53.59 63.37 84.13
C LEU KB 402 52.90 62.07 83.72
N PRO KB 403 53.19 60.97 84.42
CA PRO KB 403 52.71 59.66 83.95
C PRO KB 403 51.30 59.39 84.42
N LEU KB 404 50.52 58.73 83.56
CA LEU KB 404 49.23 58.20 84.00
C LEU KB 404 49.43 56.93 84.81
N THR KB 405 48.62 56.78 85.85
CA THR KB 405 48.81 55.68 86.80
C THR KB 405 48.47 54.34 86.17
N ALA KB 406 48.59 53.28 86.98
CA ALA KB 406 48.36 51.93 86.48
C ALA KB 406 46.88 51.58 86.44
N ASP KB 407 46.11 52.01 87.43
CA ASP KB 407 44.69 51.70 87.46
C ASP KB 407 43.96 52.36 86.31
N GLN KB 408 44.23 53.64 86.08
CA GLN KB 408 43.61 54.34 84.97
C GLN KB 408 44.00 53.71 83.64
N MET KB 409 45.27 53.33 83.48
CA MET KB 409 45.69 52.64 82.28
C MET KB 409 44.93 51.32 82.11
N LYS KB 410 44.72 50.58 83.20
CA LYS KB 410 44.04 49.30 83.07
C LYS KB 410 42.58 49.50 82.69
N GLN KB 411 41.92 50.47 83.29
CA GLN KB 411 40.52 50.69 82.92
C GLN KB 411 40.40 51.24 81.50
N ILE KB 412 41.38 52.00 81.03
CA ILE KB 412 41.35 52.48 79.66
C ILE KB 412 41.54 51.32 78.69
N GLU KB 413 42.49 50.44 78.99
CA GLU KB 413 42.65 49.23 78.21
C GLU KB 413 41.36 48.43 78.16
N ASP KB 414 40.66 48.36 79.29
CA ASP KB 414 39.44 47.56 79.33
C ASP KB 414 38.32 48.21 78.52
N LEU KB 415 38.18 49.54 78.63
CA LEU KB 415 37.23 50.25 77.78
C LEU KB 415 37.51 49.99 76.30
N THR KB 416 38.77 50.07 75.91
CA THR KB 416 39.12 49.83 74.51
C THR KB 416 38.79 48.40 74.10
N ARG KB 417 39.14 47.44 74.94
CA ARG KB 417 38.81 46.04 74.65
C ARG KB 417 37.33 45.86 74.45
N GLU KB 418 36.49 46.48 75.29
CA GLU KB 418 35.06 46.32 75.14
C GLU KB 418 34.50 47.09 73.95
N ALA KB 419 35.11 48.21 73.58
CA ALA KB 419 34.63 48.99 72.45
C ALA KB 419 35.03 48.41 71.10
N MET KB 420 36.11 47.62 71.07
CA MET KB 420 36.53 46.98 69.84
C MET KB 420 35.49 45.97 69.36
N GLY KB 421 34.97 45.17 70.27
CA GLY KB 421 34.30 43.95 69.90
C GLY KB 421 35.28 42.82 70.08
N PHE KB 422 36.10 42.93 71.13
CA PHE KB 422 37.19 42.01 71.35
C PHE KB 422 36.67 40.59 71.49
N SER KB 423 37.49 39.62 71.09
CA SER KB 423 37.12 38.22 71.18
C SER KB 423 38.38 37.37 71.14
N ASP KB 424 38.66 36.67 72.24
CA ASP KB 424 39.79 35.76 72.28
C ASP KB 424 39.60 34.55 71.38
N LYS KB 425 38.44 34.40 70.73
CA LYS KB 425 38.27 33.35 69.75
C LYS KB 425 39.02 33.66 68.46
N ARG KB 426 38.84 34.87 67.95
CA ARG KB 426 39.45 35.24 66.67
C ARG KB 426 40.94 35.51 66.80
N GLY KB 427 41.46 35.55 68.02
CA GLY KB 427 42.87 35.84 68.20
C GLY KB 427 43.19 37.31 68.11
N ASP KB 428 42.24 38.17 68.47
CA ASP KB 428 42.47 39.60 68.39
C ASP KB 428 43.58 40.03 69.34
N THR KB 429 44.20 41.17 69.03
CA THR KB 429 45.32 41.68 69.79
C THR KB 429 45.14 43.17 70.05
N LEU KB 430 45.44 43.58 71.27
CA LEU KB 430 45.36 44.97 71.67
C LEU KB 430 46.62 45.34 72.41
N ASN KB 431 47.09 46.58 72.23
CA ASN KB 431 48.18 47.10 73.03
C ASN KB 431 48.08 48.61 73.11
N VAL KB 432 47.95 49.11 74.33
CA VAL KB 432 47.87 50.55 74.60
C VAL KB 432 49.14 50.96 75.33
N VAL KB 433 49.80 52.00 74.81
CA VAL KB 433 51.05 52.48 75.38
C VAL KB 433 50.90 53.96 75.71
N ASN KB 434 51.65 54.40 76.72
CA ASN KB 434 51.63 55.77 77.18
C ASN KB 434 53.00 56.40 76.97
N SER KB 435 53.04 57.50 76.23
CA SER KB 435 54.29 58.18 75.94
C SER KB 435 54.00 59.65 75.68
N PRO KB 436 54.89 60.55 76.07
CA PRO KB 436 54.59 61.99 75.92
C PRO KB 436 54.51 62.37 74.46
N PHE KB 437 53.61 63.30 74.16
CA PHE KB 437 53.41 63.72 72.78
C PHE KB 437 54.37 64.87 72.46
N SER KB 438 54.46 65.22 71.19
CA SER KB 438 55.33 66.30 70.74
C SER KB 438 54.82 66.87 69.43
N ASP LB 232 59.01 39.28 24.60
CA ASP LB 232 58.34 40.52 24.25
C ASP LB 232 58.09 41.42 25.47
N ALA LB 233 56.92 41.26 26.10
CA ALA LB 233 56.58 42.12 27.24
C ALA LB 233 57.17 41.62 28.55
N GLN LB 234 57.61 40.36 28.60
CA GLN LB 234 58.16 39.82 29.83
C GLN LB 234 59.32 40.65 30.35
N LEU LB 235 60.15 41.17 29.46
CA LEU LB 235 61.25 42.02 29.87
C LEU LB 235 60.74 43.30 30.53
N LYS LB 236 59.67 43.88 29.99
CA LYS LB 236 59.14 45.11 30.58
C LYS LB 236 58.56 44.85 31.96
N PHE LB 237 57.84 43.73 32.12
CA PHE LB 237 57.30 43.39 33.43
C PHE LB 237 58.41 43.18 34.44
N ALA LB 238 59.44 42.42 34.07
CA ALA LB 238 60.57 42.21 34.97
C ALA LB 238 61.26 43.52 35.31
N ASN LB 239 61.43 44.40 34.33
CA ASN LB 239 62.05 45.70 34.59
C ASN LB 239 61.23 46.49 35.59
N ASP LB 240 59.89 46.46 35.48
CA ASP LB 240 59.06 47.17 36.43
C ASP LB 240 59.23 46.63 37.84
N VAL LB 241 59.23 45.30 37.99
CA VAL LB 241 59.39 44.72 39.32
C VAL LB 241 60.75 45.13 39.91
N GLU LB 242 61.80 45.02 39.10
CA GLU LB 242 63.12 45.41 39.58
C GLU LB 242 63.17 46.87 39.98
N SER LB 243 62.51 47.73 39.21
CA SER LB 243 62.50 49.15 39.55
C SER LB 243 61.80 49.40 40.88
N ARG LB 244 60.67 48.73 41.11
CA ARG LB 244 59.99 48.83 42.40
C ARG LB 244 60.94 48.48 43.54
N ILE LB 245 61.54 47.30 43.47
CA ILE LB 245 62.37 46.86 44.60
C ILE LB 245 63.57 47.79 44.78
N GLN LB 246 64.15 48.27 43.68
CA GLN LB 246 65.31 49.16 43.79
C GLN LB 246 64.94 50.48 44.44
N ARG LB 247 63.85 51.11 43.98
CA ARG LB 247 63.47 52.38 44.56
C ARG LB 247 63.09 52.23 46.03
N ARG LB 248 62.48 51.11 46.40
CA ARG LB 248 62.15 50.90 47.81
C ARG LB 248 63.40 50.77 48.66
N ILE LB 249 64.37 49.97 48.22
CA ILE LB 249 65.59 49.81 48.99
C ILE LB 249 66.31 51.13 49.13
N GLU LB 250 66.44 51.88 48.04
CA GLU LB 250 67.13 53.16 48.14
C GLU LB 250 66.37 54.15 49.03
N ALA LB 251 65.04 54.17 48.96
CA ALA LB 251 64.27 55.10 49.78
C ALA LB 251 64.31 54.77 51.26
N ILE LB 252 64.39 53.49 51.63
CA ILE LB 252 64.54 53.17 53.04
C ILE LB 252 65.96 53.41 53.53
N LEU LB 253 66.97 53.11 52.73
CA LEU LB 253 68.35 53.25 53.21
C LEU LB 253 68.92 54.66 53.08
N SER LB 254 68.28 55.54 52.31
CA SER LB 254 68.83 56.88 52.16
C SER LB 254 68.84 57.69 53.45
N PRO LB 255 67.76 57.78 54.24
CA PRO LB 255 67.80 58.67 55.40
C PRO LB 255 68.91 58.35 56.40
N ILE LB 256 69.40 57.11 56.43
CA ILE LB 256 70.46 56.77 57.37
C ILE LB 256 71.82 57.27 56.87
N VAL LB 257 72.15 56.94 55.63
CA VAL LB 257 73.51 57.18 55.12
C VAL LB 257 73.65 58.49 54.35
N GLY LB 258 72.56 59.06 53.86
CA GLY LB 258 72.62 60.34 53.16
C GLY LB 258 71.70 60.36 51.96
N ASN LB 259 71.72 61.50 51.28
CA ASN LB 259 70.84 61.69 50.13
C ASN LB 259 71.12 60.69 49.02
N GLY LB 260 72.35 60.64 48.53
CA GLY LB 260 72.65 59.82 47.37
C GLY LB 260 73.93 59.03 47.50
N ASN LB 261 74.25 58.60 48.72
CA ASN LB 261 75.47 57.84 48.97
C ASN LB 261 75.23 56.34 48.98
N VAL LB 262 74.27 55.86 48.20
CA VAL LB 262 73.99 54.43 48.10
C VAL LB 262 73.34 54.16 46.75
N HIS LB 263 73.69 53.01 46.17
CA HIS LB 263 73.09 52.55 44.92
C HIS LB 263 72.84 51.06 45.02
N ALA LB 264 71.81 50.58 44.32
CA ALA LB 264 71.45 49.18 44.35
C ALA LB 264 70.93 48.76 42.99
N GLN LB 265 71.20 47.51 42.63
CA GLN LB 265 70.72 46.91 41.40
C GLN LB 265 70.27 45.49 41.70
N VAL LB 266 69.07 45.13 41.25
CA VAL LB 266 68.46 43.85 41.59
C VAL LB 266 68.18 43.09 40.31
N THR LB 267 68.31 41.78 40.36
CA THR LB 267 68.04 40.91 39.23
C THR LB 267 66.98 39.90 39.62
N ALA LB 268 65.83 39.95 38.97
CA ALA LB 268 64.67 39.15 39.33
C ALA LB 268 64.53 37.99 38.37
N GLN LB 269 64.52 36.77 38.91
CA GLN LB 269 64.25 35.58 38.13
C GLN LB 269 62.75 35.31 38.15
N LEU LB 270 62.03 35.76 37.12
CA LEU LB 270 60.60 35.59 37.05
C LEU LB 270 60.27 34.27 36.38
N ASP LB 271 59.08 33.75 36.68
CA ASP LB 271 58.63 32.48 36.12
C ASP LB 271 57.32 32.74 35.39
N PHE LB 272 57.24 32.27 34.14
CA PHE LB 272 56.06 32.47 33.31
C PHE LB 272 55.43 31.16 32.85
N ALA LB 273 55.87 30.03 33.39
CA ALA LB 273 55.34 28.75 32.96
C ALA LB 273 53.94 28.54 33.50
N ASN LB 274 52.97 28.45 32.58
CA ASN LB 274 51.60 28.15 32.98
C ASN LB 274 51.54 26.79 33.65
N LYS LB 275 50.85 26.72 34.79
CA LYS LB 275 50.92 25.53 35.65
C LYS LB 275 49.57 25.34 36.33
N GLU LB 276 49.06 24.11 36.30
CA GLU LB 276 47.88 23.72 37.05
C GLU LB 276 48.26 22.72 38.11
N GLN LB 277 47.25 22.20 38.81
CA GLN LB 277 47.46 21.19 39.83
C GLN LB 277 46.11 20.65 40.30
N THR LB 278 46.11 19.42 40.81
CA THR LB 278 44.91 18.82 41.38
C THR LB 278 45.31 17.81 42.45
N GLU LB 279 45.32 18.21 43.71
CA GLU LB 279 45.54 17.24 44.76
C GLU LB 279 44.27 16.43 44.99
N GLU LB 280 44.43 15.34 45.74
CA GLU LB 280 43.28 14.56 46.21
C GLU LB 280 43.76 13.79 47.44
N HIS LB 281 43.42 14.30 48.61
CA HIS LB 281 43.96 13.77 49.86
C HIS LB 281 42.92 12.92 50.57
N TYR LB 282 43.40 11.82 51.16
CA TYR LB 282 42.54 10.89 51.89
C TYR LB 282 43.09 10.70 53.29
N SER LB 283 42.23 10.84 54.27
CA SER LB 283 42.70 10.63 55.64
C SER LB 283 42.72 9.13 55.95
N PRO LB 284 43.74 8.66 56.65
CA PRO LB 284 43.83 7.22 56.92
C PRO LB 284 42.73 6.75 57.85
N ASN LB 285 42.15 5.60 57.52
CA ASN LB 285 41.13 4.98 58.36
C ASN LB 285 41.52 3.53 58.68
N GLY LB 286 42.81 3.26 58.79
CA GLY LB 286 43.23 1.92 59.13
C GLY LB 286 42.96 1.57 60.57
N ASP LB 287 43.26 2.49 61.49
CA ASP LB 287 43.06 2.23 62.90
C ASP LB 287 41.57 2.14 63.19
N ALA LB 288 41.19 1.12 63.96
CA ALA LB 288 39.78 0.90 64.26
C ALA LB 288 39.19 1.93 65.22
N SER LB 289 40.01 2.81 65.78
CA SER LB 289 39.53 3.80 66.72
C SER LB 289 38.65 4.86 66.07
N LYS LB 290 38.94 5.22 64.83
CA LYS LB 290 38.10 6.20 64.13
C LYS LB 290 37.78 5.79 62.70
N ALA LB 291 37.59 4.51 62.43
CA ALA LB 291 37.04 4.10 61.15
C ALA LB 291 35.61 4.59 61.02
N THR LB 292 35.08 4.58 59.81
CA THR LB 292 33.72 5.00 59.54
C THR LB 292 33.02 3.89 58.77
N LEU LB 293 32.46 2.94 59.50
CA LEU LB 293 31.80 1.79 58.89
C LEU LB 293 30.46 2.20 58.32
N ARG LB 294 30.19 1.77 57.09
CA ARG LB 294 28.86 1.92 56.54
C ARG LB 294 28.08 0.62 56.66
N SER LB 295 28.76 -0.50 56.46
CA SER LB 295 28.19 -1.82 56.66
C SER LB 295 29.13 -2.64 57.52
N ARG LB 296 28.76 -3.90 57.73
CA ARG LB 296 29.61 -4.85 58.45
C ARG LB 296 28.92 -6.19 58.43
N GLN LB 297 29.68 -7.27 58.63
CA GLN LB 297 29.13 -8.60 58.82
C GLN LB 297 30.18 -9.44 59.51
N LEU LB 298 29.90 -9.87 60.73
CA LEU LB 298 30.89 -10.54 61.58
C LEU LB 298 30.32 -11.89 62.01
N ASN LB 299 30.71 -12.96 61.31
CA ASN LB 299 30.30 -14.31 61.67
C ASN LB 299 31.39 -14.94 62.53
N ILE LB 300 30.99 -15.68 63.55
CA ILE LB 300 31.91 -16.33 64.48
C ILE LB 300 31.36 -17.69 64.81
N SER LB 301 32.04 -18.74 64.38
CA SER LB 301 31.73 -20.10 64.79
C SER LB 301 32.82 -20.59 65.74
N GLU LB 302 32.50 -21.61 66.52
CA GLU LB 302 33.46 -22.16 67.48
C GLU LB 302 32.93 -23.51 67.95
N GLN LB 303 33.76 -24.54 67.85
CA GLN LB 303 33.40 -25.88 68.28
C GLN LB 303 34.45 -26.40 69.25
N VAL LB 304 34.06 -27.34 70.10
CA VAL LB 304 34.98 -27.99 71.00
C VAL LB 304 34.71 -29.48 71.04
N PRO LB 355 40.39 -30.07 70.59
CA PRO LB 355 39.85 -29.97 69.23
C PRO LB 355 39.15 -28.65 68.99
N ARG LB 356 39.72 -27.57 69.49
CA ARG LB 356 39.08 -26.25 69.50
C ARG LB 356 39.12 -25.66 68.10
N SER LB 357 38.27 -26.19 67.22
CA SER LB 357 38.08 -25.61 65.89
C SER LB 357 37.44 -24.24 66.02
N THR LB 358 37.76 -23.34 65.11
CA THR LB 358 37.27 -21.96 65.19
C THR LB 358 36.95 -21.48 63.79
N GLN LB 359 36.48 -20.24 63.70
CA GLN LB 359 36.15 -19.59 62.44
C GLN LB 359 35.83 -18.13 62.73
N ARG LB 360 36.18 -17.24 61.80
CA ARG LB 360 35.87 -15.82 61.97
C ARG LB 360 35.88 -15.15 60.61
N ASN LB 361 34.70 -14.87 60.07
CA ASN LB 361 34.59 -14.10 58.84
C ASN LB 361 34.16 -12.68 59.18
N GLU LB 362 34.60 -11.73 58.35
CA GLU LB 362 34.31 -10.33 58.64
C GLU LB 362 34.41 -9.51 57.35
N THR LB 363 33.26 -9.05 56.86
CA THR LB 363 33.22 -8.12 55.75
C THR LB 363 32.95 -6.72 56.27
N SER LB 364 33.63 -5.72 55.70
CA SER LB 364 33.48 -4.35 56.15
C SER LB 364 33.47 -3.42 54.96
N ASN LB 365 32.53 -2.49 54.94
CA ASN LB 365 32.49 -1.42 53.95
C ASN LB 365 32.70 -0.09 54.66
N TYR LB 366 33.64 0.70 54.17
CA TYR LB 366 34.06 1.91 54.87
C TYR LB 366 33.55 3.15 54.15
N GLU LB 367 33.69 4.27 54.82
CA GLU LB 367 33.53 5.59 54.22
C GLU LB 367 34.79 6.40 54.54
N VAL LB 368 35.24 7.19 53.59
CA VAL LB 368 36.54 7.85 53.68
C VAL LB 368 36.38 9.35 53.48
N ASP LB 369 37.20 10.12 54.19
CA ASP LB 369 37.28 11.55 53.98
C ASP LB 369 37.83 11.83 52.59
N ARG LB 370 37.80 13.10 52.19
CA ARG LB 370 38.34 13.48 50.89
C ARG LB 370 38.56 14.97 50.83
N THR LB 371 39.68 15.38 50.26
CA THR LB 371 39.97 16.78 49.99
C THR LB 371 40.44 16.91 48.56
N ILE LB 372 39.93 17.91 47.85
CA ILE LB 372 40.23 18.12 46.44
C ILE LB 372 40.49 19.60 46.23
N ARG LB 373 41.69 19.94 45.79
CA ARG LB 373 42.04 21.32 45.44
C ARG LB 373 42.37 21.40 43.97
N HIS LB 374 42.04 22.53 43.35
CA HIS LB 374 42.37 22.78 41.95
C HIS LB 374 43.15 24.09 41.91
N THR LB 375 44.46 24.01 42.13
CA THR LB 375 45.31 25.18 42.22
C THR LB 375 45.86 25.51 40.85
N LYS LB 376 45.51 26.68 40.33
CA LYS LB 376 46.02 27.16 39.06
C LYS LB 376 47.00 28.29 39.35
N MET LB 377 48.29 27.99 39.26
CA MET LB 377 49.32 28.94 39.65
C MET LB 377 49.24 30.20 38.82
N ASN LB 378 49.93 31.24 39.29
CA ASN LB 378 49.93 32.52 38.61
C ASN LB 378 51.18 32.65 37.75
N VAL LB 379 51.06 33.35 36.63
CA VAL LB 379 52.17 33.56 35.72
C VAL LB 379 52.73 34.95 35.95
N GLY LB 380 53.94 35.02 36.52
CA GLY LB 380 54.54 36.30 36.78
C GLY LB 380 55.01 36.47 38.21
N ASP LB 381 55.19 35.37 38.93
CA ASP LB 381 55.67 35.43 40.29
C ASP LB 381 57.19 35.53 40.32
N ILE LB 382 57.73 35.85 41.49
CA ILE LB 382 59.16 36.01 41.68
C ILE LB 382 59.72 34.71 42.23
N GLU LB 383 60.56 34.04 41.44
CA GLU LB 383 61.12 32.77 41.89
C GLU LB 383 62.43 32.95 42.65
N ARG LB 384 63.18 34.00 42.33
CA ARG LB 384 64.46 34.21 42.99
C ARG LB 384 64.88 35.66 42.77
N LEU LB 385 65.58 36.22 43.76
CA LEU LB 385 66.09 37.58 43.67
C LEU LB 385 67.58 37.56 43.94
N SER LB 386 68.25 38.63 43.54
CA SER LB 386 69.66 38.85 43.84
C SER LB 386 69.90 40.35 43.86
N VAL LB 387 70.46 40.84 44.95
CA VAL LB 387 70.60 42.27 45.18
C VAL LB 387 72.05 42.59 45.50
N ALA LB 388 72.57 43.63 44.87
CA ALA LB 388 73.91 44.14 45.16
C ALA LB 388 73.80 45.61 45.48
N VAL LB 389 74.38 46.02 46.61
CA VAL LB 389 74.25 47.38 47.10
C VAL LB 389 75.63 47.91 47.44
N VAL LB 390 75.90 49.15 47.04
CA VAL LB 390 77.15 49.84 47.36
C VAL LB 390 76.81 50.98 48.32
N VAL LB 391 77.62 51.14 49.36
CA VAL LB 391 77.44 52.20 50.34
C VAL LB 391 78.69 53.05 50.36
N ASN LB 392 78.54 54.34 50.65
CA ASN LB 392 79.65 55.27 50.56
C ASN LB 392 80.37 55.36 51.91
N TYR LB 393 81.65 55.73 51.85
CA TYR LB 393 82.39 56.09 53.04
C TYR LB 393 81.92 57.43 53.59
N LYS LB 394 82.47 57.80 54.74
CA LYS LB 394 82.11 59.06 55.38
C LYS LB 394 83.19 59.50 56.37
N LEU LB 402 88.01 56.51 56.09
CA LEU LB 402 86.67 56.89 56.47
C LEU LB 402 85.68 55.72 56.42
N PRO LB 403 86.00 54.63 57.12
CA PRO LB 403 85.20 53.42 56.96
C PRO LB 403 83.98 53.43 57.86
N LEU LB 404 82.88 52.88 57.36
CA LEU LB 404 81.72 52.64 58.21
C LEU LB 404 81.96 51.39 59.06
N THR LB 405 81.50 51.45 60.31
CA THR LB 405 81.80 50.40 61.27
C THR LB 405 81.08 49.10 60.92
N ALA LB 406 81.27 48.09 61.77
CA ALA LB 406 80.68 46.77 61.52
C ALA LB 406 79.23 46.71 61.97
N ASP LB 407 78.89 47.33 63.09
CA ASP LB 407 77.51 47.28 63.57
C ASP LB 407 76.57 48.01 62.62
N GLN LB 408 76.97 49.21 62.18
CA GLN LB 408 76.15 49.94 61.22
C GLN LB 408 76.00 49.17 59.92
N MET LB 409 77.08 48.56 59.44
CA MET LB 409 76.98 47.73 58.25
C MET LB 409 76.02 46.57 58.46
N LYS LB 410 76.04 45.94 59.63
CA LYS LB 410 75.15 44.80 59.86
C LYS LB 410 73.70 45.25 59.91
N GLN LB 411 73.42 46.36 60.58
CA GLN LB 411 72.03 46.81 60.61
C GLN LB 411 71.56 47.29 59.24
N ILE LB 412 72.46 47.83 58.42
CA ILE LB 412 72.08 48.22 57.07
C ILE LB 412 71.78 47.00 56.22
N GLU LB 413 72.62 45.97 56.33
CA GLU LB 413 72.32 44.71 55.67
C GLU LB 413 70.98 44.16 56.11
N ASP LB 414 70.66 44.28 57.39
CA ASP LB 414 69.41 43.74 57.88
C ASP LB 414 68.21 44.54 57.37
N LEU LB 415 68.31 45.86 57.37
CA LEU LB 415 67.27 46.69 56.76
C LEU LB 415 67.04 46.30 55.31
N THR LB 416 68.12 46.12 54.54
CA THR LB 416 67.96 45.74 53.14
C THR LB 416 67.30 44.38 53.01
N ARG LB 417 67.74 43.41 53.82
CA ARG LB 417 67.12 42.10 53.79
C ARG LB 417 65.63 42.17 54.06
N GLU LB 418 65.21 42.99 55.03
CA GLU LB 418 63.79 43.09 55.33
C GLU LB 418 63.02 43.87 54.29
N ALA LB 419 63.66 44.84 53.63
CA ALA LB 419 62.98 45.63 52.61
C ALA LB 419 62.85 44.90 51.29
N MET LB 420 63.73 43.93 51.03
CA MET LB 420 63.63 43.15 49.80
C MET LB 420 62.35 42.33 49.76
N GLY LB 421 62.01 41.69 50.88
CA GLY LB 421 61.07 40.60 50.87
C GLY LB 421 61.88 39.32 50.87
N PHE LB 422 62.97 39.34 51.61
CA PHE LB 422 63.93 38.24 51.60
C PHE LB 422 63.27 36.95 52.05
N SER LB 423 63.75 35.84 51.53
CA SER LB 423 63.22 34.53 51.88
C SER LB 423 64.23 33.46 51.56
N ASP LB 424 64.73 32.78 52.60
CA ASP LB 424 65.66 31.67 52.41
C ASP LB 424 65.02 30.47 51.74
N LYS LB 425 63.70 30.52 51.49
CA LYS LB 425 63.07 29.45 50.73
C LYS LB 425 63.42 29.55 49.25
N ARG LB 426 63.29 30.74 48.68
CA ARG LB 426 63.52 30.91 47.25
C ARG LB 426 64.99 30.91 46.90
N GLY LB 427 65.87 30.91 47.90
CA GLY LB 427 67.29 30.95 47.61
C GLY LB 427 67.79 32.33 47.27
N ASP LB 428 67.17 33.37 47.80
CA ASP LB 428 67.58 34.73 47.49
C ASP LB 428 68.98 35.00 48.01
N THR LB 429 69.64 35.99 47.41
CA THR LB 429 71.01 36.32 47.73
C THR LB 429 71.16 37.82 47.87
N LEU LB 430 71.88 38.24 48.90
CA LEU LB 430 72.15 39.66 49.15
C LEU LB 430 73.63 39.82 49.43
N ASN LB 431 74.20 40.94 48.98
CA ASN LB 431 75.56 41.29 49.35
C ASN LB 431 75.73 42.79 49.29
N VAL LB 432 76.07 43.39 50.43
CA VAL LB 432 76.30 44.83 50.55
C VAL LB 432 77.79 45.04 50.82
N VAL LB 433 78.40 45.90 50.03
CA VAL LB 433 79.83 46.19 50.14
C VAL LB 433 80.03 47.67 50.33
N ASN LB 434 81.12 48.02 51.01
CA ASN LB 434 81.45 49.41 51.31
C ASN LB 434 82.77 49.74 50.62
N SER LB 435 82.77 50.79 49.80
CA SER LB 435 83.95 51.20 49.07
C SER LB 435 83.82 52.68 48.74
N PRO LB 436 84.93 53.42 48.76
CA PRO LB 436 84.83 54.87 48.54
C PRO LB 436 84.36 55.19 47.12
N PHE LB 437 83.56 56.24 47.01
CA PHE LB 437 83.03 56.62 45.71
C PHE LB 437 84.00 57.54 45.00
N SER LB 438 83.74 57.80 43.72
CA SER LB 438 84.60 58.67 42.92
C SER LB 438 83.80 59.25 41.76
N ASP MB 232 65.37 34.47 13.12
CA ASP MB 232 64.78 35.77 12.82
C ASP MB 232 64.79 36.72 14.01
N ALA MB 233 63.73 36.71 14.83
CA ALA MB 233 63.64 37.63 15.96
C ALA MB 233 64.39 37.13 17.19
N GLN MB 234 64.72 35.84 17.23
CA GLN MB 234 65.41 35.29 18.39
C GLN MB 234 66.69 36.04 18.68
N LEU MB 235 67.42 36.43 17.64
CA LEU MB 235 68.65 37.20 17.84
C LEU MB 235 68.35 38.54 18.50
N LYS MB 236 67.27 39.20 18.11
CA LYS MB 236 66.94 40.49 18.70
C LYS MB 236 66.57 40.34 20.17
N PHE MB 237 65.78 39.30 20.49
CA PHE MB 237 65.43 39.07 21.88
C PHE MB 237 66.67 38.79 22.73
N ALA MB 238 67.56 37.93 22.23
CA ALA MB 238 68.79 37.64 22.97
C ALA MB 238 69.64 38.90 23.13
N ASN MB 239 69.72 39.72 22.09
CA ASN MB 239 70.48 40.96 22.19
C ASN MB 239 69.90 41.87 23.27
N ASP MB 240 68.57 41.95 23.35
CA ASP MB 240 67.96 42.79 24.38
C ASP MB 240 68.29 42.28 25.78
N VAL MB 241 68.20 40.97 26.00
CA VAL MB 241 68.53 40.42 27.31
C VAL MB 241 69.99 40.72 27.66
N GLU MB 242 70.89 40.48 26.72
CA GLU MB 242 72.31 40.76 26.97
C GLU MB 242 72.54 42.23 27.28
N SER MB 243 71.83 43.12 26.58
CA SER MB 243 72.01 44.55 26.83
C SER MB 243 71.55 44.91 28.24
N ARG MB 244 70.41 44.35 28.67
CA ARG MB 244 69.96 44.57 30.04
C ARG MB 244 71.03 44.18 31.04
N ILE MB 245 71.52 42.95 30.94
CA ILE MB 245 72.48 42.48 31.95
C ILE MB 245 73.76 43.30 31.90
N GLN MB 246 74.20 43.69 30.70
CA GLN MB 246 75.44 44.45 30.59
C GLN MB 246 75.28 45.83 31.21
N ARG MB 247 74.20 46.53 30.89
CA ARG MB 247 74.02 47.87 31.46
C ARG MB 247 73.87 47.80 32.97
N ARG MB 248 73.23 46.75 33.49
CA ARG MB 248 73.10 46.64 34.94
C ARG MB 248 74.45 46.42 35.61
N ILE MB 249 75.27 45.51 35.06
CA ILE MB 249 76.58 45.27 35.64
C ILE MB 249 77.43 46.53 35.61
N GLU MB 250 77.45 47.22 34.46
CA GLU MB 250 78.24 48.44 34.40
C GLU MB 250 77.73 49.52 35.33
N ALA MB 251 76.41 49.67 35.47
CA ALA MB 251 75.86 50.69 36.34
C ALA MB 251 76.11 50.42 37.82
N ILE MB 252 76.12 49.15 38.24
CA ILE MB 252 76.47 48.87 39.62
C ILE MB 252 77.96 49.00 39.88
N LEU MB 253 78.82 48.58 38.94
CA LEU MB 253 80.25 48.60 39.21
C LEU MB 253 80.91 49.94 38.91
N SER MB 254 80.24 50.85 38.20
CA SER MB 254 80.87 52.13 37.90
C SER MB 254 81.16 52.98 39.13
N PRO MB 255 80.23 53.20 40.08
CA PRO MB 255 80.53 54.13 41.17
C PRO MB 255 81.74 53.75 41.99
N ILE MB 256 82.13 52.48 42.01
CA ILE MB 256 83.29 52.08 42.81
C ILE MB 256 84.58 52.41 42.08
N VAL MB 257 84.68 52.01 40.81
CA VAL MB 257 85.96 52.11 40.10
C VAL MB 257 86.10 53.37 39.25
N GLY MB 258 85.00 54.02 38.90
CA GLY MB 258 85.05 55.26 38.14
C GLY MB 258 83.95 55.32 37.09
N ASN MB 259 83.98 56.43 36.35
CA ASN MB 259 82.95 56.65 35.35
C ASN MB 259 82.96 55.59 34.26
N GLY MB 260 84.09 55.40 33.58
CA GLY MB 260 84.14 54.51 32.45
C GLY MB 260 85.35 53.61 32.42
N ASN MB 261 85.82 53.21 33.59
CA ASN MB 261 86.99 52.35 33.70
C ASN MB 261 86.62 50.88 33.82
N VAL MB 262 85.52 50.46 33.22
CA VAL MB 262 85.10 49.06 33.24
C VAL MB 262 84.23 48.79 32.03
N HIS MB 263 84.38 47.60 31.45
CA HIS MB 263 83.55 47.15 30.34
C HIS MB 263 83.19 45.69 30.55
N ALA MB 264 82.03 45.29 30.04
CA ALA MB 264 81.56 43.92 30.20
C ALA MB 264 80.80 43.49 28.96
N GLN MB 265 80.90 42.21 28.64
CA GLN MB 265 80.18 41.63 27.52
C GLN MB 265 79.67 40.26 27.95
N VAL MB 266 78.39 40.00 27.72
CA VAL MB 266 77.73 38.80 28.22
C VAL MB 266 77.19 38.02 27.03
N THR MB 267 77.22 36.69 27.13
CA THR MB 267 76.69 35.82 26.10
C THR MB 267 75.63 34.92 26.71
N ALA MB 268 74.40 35.06 26.23
CA ALA MB 268 73.25 34.38 26.81
C ALA MB 268 72.85 33.20 25.95
N GLN MB 269 72.82 32.02 26.54
CA GLN MB 269 72.32 30.83 25.87
C GLN MB 269 70.83 30.70 26.13
N LEU MB 270 70.02 31.17 25.21
CA LEU MB 270 68.57 31.14 25.36
C LEU MB 270 68.02 29.83 24.82
N ASP MB 271 66.86 29.43 25.32
CA ASP MB 271 66.22 28.20 24.91
C ASP MB 271 64.84 28.54 24.37
N PHE MB 272 64.53 28.03 23.18
CA PHE MB 272 63.25 28.31 22.53
C PHE MB 272 62.45 27.05 22.24
N ALA MB 273 62.87 25.91 22.77
CA ALA MB 273 62.17 24.67 22.48
C ALA MB 273 60.85 24.61 23.24
N ASN MB 274 59.75 24.57 22.50
CA ASN MB 274 58.44 24.41 23.10
C ASN MB 274 58.37 23.10 23.86
N LYS MB 275 57.86 23.13 25.09
CA LYS MB 275 57.96 21.99 25.99
C LYS MB 275 56.72 21.93 26.86
N GLU MB 276 56.12 20.77 26.98
CA GLU MB 276 55.03 20.52 27.92
C GLU MB 276 55.49 19.52 28.97
N GLN MB 277 54.55 19.13 29.84
CA GLN MB 277 54.83 18.14 30.86
C GLN MB 277 53.54 17.76 31.56
N THR MB 278 53.51 16.55 32.13
CA THR MB 278 52.37 16.09 32.91
C THR MB 278 52.85 15.08 33.95
N GLU MB 279 53.08 15.53 35.17
CA GLU MB 279 53.38 14.59 36.23
C GLU MB 279 52.10 13.91 36.71
N GLU MB 280 52.28 12.83 37.46
CA GLU MB 280 51.16 12.19 38.14
C GLU MB 280 51.75 11.42 39.33
N HIS MB 281 51.64 11.99 40.51
CA HIS MB 281 52.32 11.47 41.68
C HIS MB 281 51.35 10.75 42.60
N TYR MB 282 51.81 9.64 43.16
CA TYR MB 282 51.00 8.82 44.06
C TYR MB 282 51.74 8.64 45.37
N SER MB 283 51.06 8.89 46.46
CA SER MB 283 51.72 8.68 47.74
C SER MB 283 51.66 7.21 48.13
N PRO MB 284 52.73 6.66 48.69
CA PRO MB 284 52.74 5.24 49.02
C PRO MB 284 51.76 4.91 50.12
N ASN MB 285 51.04 3.81 49.96
CA ASN MB 285 50.12 3.31 50.97
C ASN MB 285 50.42 1.86 51.30
N GLY MB 286 51.68 1.46 51.22
CA GLY MB 286 52.04 0.10 51.57
C GLY MB 286 51.97 -0.16 53.05
N ASP MB 287 52.47 0.76 53.86
CA ASP MB 287 52.48 0.58 55.30
C ASP MB 287 51.05 0.64 55.82
N ALA MB 288 50.71 -0.31 56.69
CA ALA MB 288 49.35 -0.39 57.21
C ALA MB 288 49.02 0.72 58.19
N SER MB 289 49.99 1.55 58.57
CA SER MB 289 49.75 2.62 59.52
C SER MB 289 48.87 3.72 58.97
N LYS MB 290 48.98 4.01 57.67
CA LYS MB 290 48.14 5.03 57.06
C LYS MB 290 47.56 4.61 55.72
N ALA MB 291 47.22 3.34 55.54
CA ALA MB 291 46.45 2.93 54.39
C ALA MB 291 45.06 3.56 54.46
N THR MB 292 44.36 3.54 53.34
CA THR MB 292 43.02 4.08 53.26
C THR MB 292 42.11 3.01 52.67
N LEU MB 293 41.59 2.15 53.53
CA LEU MB 293 40.76 1.04 53.08
C LEU MB 293 39.37 1.55 52.70
N ARG MB 294 38.88 1.10 51.55
CA ARG MB 294 37.49 1.36 51.21
C ARG MB 294 36.64 0.14 51.51
N SER MB 295 37.17 -1.05 51.27
CA SER MB 295 36.52 -2.30 51.62
C SER MB 295 37.51 -3.17 52.37
N ARG MB 296 37.08 -4.38 52.70
CA ARG MB 296 37.94 -5.38 53.33
C ARG MB 296 37.15 -6.66 53.48
N GLN MB 297 37.83 -7.79 53.62
CA GLN MB 297 37.20 -9.05 53.96
C GLN MB 297 38.28 -9.96 54.53
N LEU MB 298 38.16 -10.32 55.80
CA LEU MB 298 39.20 -11.05 56.51
C LEU MB 298 38.60 -12.31 57.10
N ASN MB 299 38.78 -13.44 56.41
CA ASN MB 299 38.31 -14.73 56.90
C ASN MB 299 39.46 -15.43 57.61
N ILE MB 300 39.16 -16.09 58.72
CA ILE MB 300 40.16 -16.78 59.52
C ILE MB 300 39.55 -18.08 60.02
N SER MB 301 40.06 -19.20 59.54
CA SER MB 301 39.72 -20.51 60.06
C SER MB 301 40.90 -21.05 60.86
N GLU MB 302 40.60 -22.02 61.74
CA GLU MB 302 41.65 -22.62 62.56
C GLU MB 302 41.09 -23.90 63.18
N GLN MB 303 41.81 -24.99 63.00
CA GLN MB 303 41.41 -26.28 63.55
C GLN MB 303 42.53 -26.85 64.38
N VAL MB 304 42.20 -27.72 65.32
CA VAL MB 304 43.21 -28.43 66.11
C VAL MB 304 42.80 -29.88 66.27
N PRO MB 355 48.28 -31.01 64.99
CA PRO MB 355 47.54 -30.92 63.73
C PRO MB 355 46.92 -29.54 63.52
N ARG MB 356 47.66 -28.50 63.87
CA ARG MB 356 47.14 -27.13 63.91
C ARG MB 356 47.02 -26.60 62.49
N SER MB 357 45.99 -27.08 61.78
CA SER MB 357 45.66 -26.54 60.47
C SER MB 357 45.16 -25.11 60.64
N THR MB 358 45.42 -24.27 59.63
CA THR MB 358 45.06 -22.86 59.71
C THR MB 358 44.57 -22.40 58.35
N GLN MB 359 44.19 -21.13 58.27
CA GLN MB 359 43.73 -20.50 57.03
C GLN MB 359 43.59 -19.01 57.29
N ARG MB 360 43.86 -18.20 56.28
CA ARG MB 360 43.70 -16.74 56.43
C ARG MB 360 43.56 -16.12 55.05
N ASN MB 361 42.34 -15.77 54.68
CA ASN MB 361 42.10 -15.04 53.44
C ASN MB 361 41.86 -13.57 53.76
N GLU MB 362 42.24 -12.70 52.83
CA GLU MB 362 42.13 -11.25 53.08
C GLU MB 362 42.09 -10.50 51.76
N THR MB 363 40.93 -9.96 51.43
CA THR MB 363 40.79 -9.07 50.29
C THR MB 363 40.74 -7.63 50.77
N SER MB 364 41.39 -6.73 50.05
CA SER MB 364 41.43 -5.34 50.44
C SER MB 364 41.32 -4.45 49.21
N ASN MB 365 40.48 -3.43 49.30
CA ASN MB 365 40.37 -2.41 48.27
C ASN MB 365 40.81 -1.08 48.87
N TYR MB 366 41.72 -0.40 48.21
CA TYR MB 366 42.35 0.79 48.76
C TYR MB 366 41.84 2.04 48.07
N GLU MB 367 42.18 3.18 48.65
CA GLU MB 367 42.05 4.47 48.01
C GLU MB 367 43.39 5.17 48.09
N VAL MB 368 43.77 5.89 47.04
CA VAL MB 368 45.11 6.42 46.91
C VAL MB 368 45.05 7.92 46.65
N ASP MB 369 46.04 8.63 47.18
CA ASP MB 369 46.20 10.04 46.88
C ASP MB 369 46.56 10.23 45.42
N ARG MB 370 46.57 11.47 44.96
CA ARG MB 370 46.93 11.74 43.58
C ARG MB 370 47.27 13.21 43.41
N THR MB 371 48.32 13.49 42.66
CA THR MB 371 48.68 14.85 42.27
C THR MB 371 48.93 14.88 40.77
N ILE MB 372 48.40 15.90 40.11
CA ILE MB 372 48.50 16.01 38.66
C ILE MB 372 48.85 17.45 38.32
N ARG MB 373 49.99 17.67 37.68
CA ARG MB 373 50.39 18.99 37.22
C ARG MB 373 50.50 18.99 35.72
N HIS MB 374 50.17 20.12 35.09
CA HIS MB 374 50.30 20.30 33.65
C HIS MB 374 51.18 21.51 33.42
N THR MB 375 52.49 21.32 33.44
CA THR MB 375 53.44 22.41 33.34
C THR MB 375 53.79 22.63 31.89
N LYS MB 376 53.47 23.81 31.37
CA LYS MB 376 53.82 24.19 30.01
C LYS MB 376 54.92 25.24 30.09
N MET MB 377 56.15 24.81 29.83
CA MET MB 377 57.31 25.66 30.00
C MET MB 377 57.21 26.91 29.12
N ASN MB 378 58.05 27.89 29.43
CA ASN MB 378 58.05 29.14 28.70
C ASN MB 378 59.16 29.11 27.65
N VAL MB 379 58.93 29.79 26.53
CA VAL MB 379 59.89 29.85 25.44
C VAL MB 379 60.61 31.20 25.51
N GLY MB 380 61.89 31.17 25.88
CA GLY MB 380 62.64 32.40 25.98
C GLY MB 380 63.34 32.58 27.32
N ASP MB 381 63.52 31.49 28.05
CA ASP MB 381 64.21 31.56 29.32
C ASP MB 381 65.72 31.52 29.11
N ILE MB 382 66.46 31.84 30.16
CA ILE MB 382 67.92 31.87 30.13
C ILE MB 382 68.44 30.55 30.66
N GLU MB 383 69.09 29.77 29.79
CA GLU MB 383 69.60 28.47 30.21
C GLU MB 383 71.02 28.56 30.74
N ARG MB 384 71.80 29.52 30.27
CA ARG MB 384 73.18 29.64 30.71
C ARG MB 384 73.69 31.02 30.36
N LEU MB 385 74.56 31.56 31.19
CA LEU MB 385 75.18 32.85 30.96
C LEU MB 385 76.69 32.71 31.00
N SER MB 386 77.38 33.70 30.44
CA SER MB 386 78.83 33.79 30.50
C SER MB 386 79.20 35.26 30.42
N VAL MB 387 79.96 35.74 31.39
CA VAL MB 387 80.26 37.16 31.52
C VAL MB 387 81.76 37.35 31.60
N ALA MB 388 82.27 38.32 30.85
CA ALA MB 388 83.67 38.71 30.88
C ALA MB 388 83.75 40.20 31.15
N VAL MB 389 84.53 40.60 32.15
CA VAL MB 389 84.60 41.99 32.58
C VAL MB 389 86.06 42.39 32.67
N VAL MB 390 86.36 43.58 32.18
CA VAL MB 390 87.70 44.17 32.28
C VAL MB 390 87.62 45.37 33.20
N VAL MB 391 88.59 45.49 34.10
CA VAL MB 391 88.65 46.61 35.03
C VAL MB 391 89.97 47.33 34.82
N ASN MB 392 89.97 48.63 35.07
CA ASN MB 392 91.14 49.45 34.76
C ASN MB 392 92.05 49.54 35.98
N TYR MB 393 93.34 49.77 35.70
CA TYR MB 393 94.29 50.10 36.75
C TYR MB 393 94.03 51.51 37.29
N LYS MB 394 94.77 51.87 38.32
CA LYS MB 394 94.64 53.19 38.93
C LYS MB 394 95.89 53.55 39.73
N LEU MB 402 100.34 50.13 38.88
CA LEU MB 402 99.10 50.65 39.44
C LEU MB 402 98.03 49.57 39.60
N PRO MB 403 98.35 48.48 40.30
CA PRO MB 403 97.44 47.34 40.33
C PRO MB 403 96.37 47.51 41.40
N LEU MB 404 95.16 47.04 41.10
CA LEU MB 404 94.15 46.94 42.13
C LEU MB 404 94.40 45.71 43.00
N THR MB 405 94.15 45.86 44.30
CA THR MB 405 94.50 44.82 45.26
C THR MB 405 93.62 43.59 45.09
N ALA MB 406 93.86 42.60 45.96
CA ALA MB 406 93.13 41.34 45.86
C ALA MB 406 91.76 41.42 46.53
N ASP MB 407 91.66 42.11 47.66
CA ASP MB 407 90.37 42.21 48.35
C ASP MB 407 89.36 42.98 47.51
N GLN MB 408 89.79 44.12 46.95
CA GLN MB 408 88.89 44.89 46.10
C GLN MB 408 88.48 44.09 44.88
N MET MB 409 89.41 43.36 44.28
CA MET MB 409 89.06 42.50 43.16
C MET MB 409 88.04 41.44 43.57
N LYS MB 410 88.19 40.86 44.76
CA LYS MB 410 87.27 39.82 45.18
C LYS MB 410 85.88 40.39 45.42
N GLN MB 411 85.80 41.56 46.06
CA GLN MB 411 84.47 42.14 46.28
C GLN MB 411 83.85 42.60 44.99
N ILE MB 412 84.65 43.02 44.00
CA ILE MB 412 84.09 43.41 42.70
C ILE MB 412 83.55 42.18 41.98
N GLU MB 413 84.31 41.08 42.01
CA GLU MB 413 83.81 39.83 41.47
C GLU MB 413 82.51 39.43 42.14
N ASP MB 414 82.41 39.62 43.45
CA ASP MB 414 81.20 39.22 44.15
C ASP MB 414 80.02 40.11 43.79
N LEU MB 415 80.23 41.42 43.70
CA LEU MB 415 79.18 42.31 43.21
C LEU MB 415 78.69 41.89 41.84
N THR MB 416 79.61 41.59 40.93
CA THR MB 416 79.21 41.17 39.58
C THR MB 416 78.42 39.87 39.63
N ARG MB 417 78.90 38.90 40.40
CA ARG MB 417 78.17 37.64 40.56
C ARG MB 417 76.75 37.88 41.05
N GLU MB 418 76.57 38.75 42.02
CA GLU MB 418 75.23 39.00 42.53
C GLU MB 418 74.37 39.82 41.57
N ALA MB 419 74.98 40.69 40.78
CA ALA MB 419 74.22 41.50 39.83
C ALA MB 419 73.82 40.74 38.59
N MET MB 420 74.56 39.68 38.24
CA MET MB 420 74.20 38.87 37.08
C MET MB 420 72.86 38.17 37.29
N GLY MB 421 72.65 37.61 38.47
CA GLY MB 421 71.63 36.61 38.65
C GLY MB 421 72.31 35.26 38.61
N PHE MB 422 73.51 35.21 39.17
CA PHE MB 422 74.35 34.03 39.07
C PHE MB 422 73.67 32.82 39.69
N SER MB 423 73.96 31.64 39.16
CA SER MB 423 73.38 30.41 39.66
C SER MB 423 74.24 29.23 39.24
N ASP MB 424 74.84 28.56 40.23
CA ASP MB 424 75.62 27.36 39.96
C ASP MB 424 74.77 26.20 39.45
N LYS MB 425 73.45 26.35 39.41
CA LYS MB 425 72.62 25.32 38.81
C LYS MB 425 72.74 25.33 37.29
N ARG MB 426 72.61 26.51 36.68
CA ARG MB 426 72.64 26.60 35.23
C ARG MB 426 74.04 26.44 34.66
N GLY MB 427 75.06 26.41 35.51
CA GLY MB 427 76.41 26.30 35.01
C GLY MB 427 76.97 27.62 34.52
N ASP MB 428 76.53 28.73 35.10
CA ASP MB 428 76.99 30.04 34.65
C ASP MB 428 78.48 30.19 34.94
N THR MB 429 79.12 31.08 34.19
CA THR MB 429 80.55 31.30 34.28
C THR MB 429 80.84 32.79 34.31
N LEU MB 430 81.77 33.18 35.19
CA LEU MB 430 82.18 34.56 35.32
C LEU MB 430 83.69 34.61 35.37
N ASN MB 431 84.28 35.64 34.78
CA ASN MB 431 85.71 35.88 34.93
C ASN MB 431 86.00 37.36 34.76
N VAL MB 432 86.56 37.97 35.81
CA VAL MB 432 86.93 39.37 35.82
C VAL MB 432 88.45 39.46 35.83
N VAL MB 433 89.01 40.24 34.92
CA VAL MB 433 90.46 40.39 34.80
C VAL MB 433 90.82 41.86 34.88
N ASN MB 434 92.01 42.13 35.36
CA ASN MB 434 92.52 43.49 35.53
C ASN MB 434 93.73 43.67 34.63
N SER MB 435 93.69 44.68 33.76
CA SER MB 435 94.78 44.95 32.85
C SER MB 435 94.73 46.42 32.46
N PRO MB 436 95.88 47.06 32.26
CA PRO MB 436 95.87 48.50 31.99
C PRO MB 436 95.22 48.80 30.65
N PHE MB 437 94.52 49.92 30.60
CA PHE MB 437 93.81 50.29 29.39
C PHE MB 437 94.74 51.09 28.49
N SER MB 438 94.31 51.32 27.25
CA SER MB 438 95.09 52.08 26.28
C SER MB 438 94.18 52.70 25.23
N ASP NB 232 69.36 28.80 1.11
CA ASP NB 232 68.84 30.13 0.83
C ASP NB 232 69.13 31.12 1.97
N ALA NB 233 68.21 31.23 2.94
CA ALA NB 233 68.39 32.20 4.02
C ALA NB 233 69.27 31.67 5.15
N GLN NB 234 69.49 30.36 5.20
CA GLN NB 234 70.30 29.79 6.26
C GLN NB 234 71.69 30.42 6.32
N LEU NB 235 72.27 30.71 5.16
CA LEU NB 235 73.57 31.36 5.13
C LEU NB 235 73.51 32.75 5.75
N LYS NB 236 72.44 33.49 5.50
CA LYS NB 236 72.32 34.82 6.08
C LYS NB 236 72.17 34.76 7.59
N PHE NB 237 71.37 33.82 8.08
CA PHE NB 237 71.22 33.66 9.53
C PHE NB 237 72.55 33.30 10.19
N ALA NB 238 73.27 32.34 9.60
CA ALA NB 238 74.57 31.97 10.14
C ALA NB 238 75.54 33.14 10.10
N ASN NB 239 75.53 33.92 9.04
CA ASN NB 239 76.40 35.08 8.96
C ASN NB 239 76.09 36.07 10.05
N ASP NB 240 74.80 36.29 10.34
CA ASP NB 240 74.43 37.21 11.41
C ASP NB 240 74.94 36.72 12.77
N VAL NB 241 74.77 35.43 13.06
CA VAL NB 241 75.26 34.91 14.33
C VAL NB 241 76.77 35.07 14.44
N GLU NB 242 77.48 34.72 13.38
CA GLU NB 242 78.93 34.87 13.38
C GLU NB 242 79.34 36.33 13.59
N SER NB 243 78.62 37.25 12.96
CA SER NB 243 78.95 38.66 13.12
C SER NB 243 78.76 39.12 14.56
N ARG NB 244 77.66 38.69 15.18
CA ARG NB 244 77.46 38.99 16.60
C ARG NB 244 78.64 38.53 17.44
N ILE NB 245 79.00 37.25 17.33
CA ILE NB 245 80.05 36.73 18.19
C ILE NB 245 81.37 37.43 17.91
N GLN NB 246 81.65 37.73 16.64
CA GLN NB 246 82.91 38.37 16.29
C GLN NB 246 82.99 39.78 16.87
N ARG NB 247 81.93 40.57 16.68
CA ARG NB 247 81.96 41.93 17.21
C ARG NB 247 82.06 41.93 18.72
N ARG NB 248 81.41 40.97 19.39
CA ARG NB 248 81.51 40.92 20.84
C ARG NB 248 82.92 40.59 21.30
N ILE NB 249 83.56 39.60 20.68
CA ILE NB 249 84.92 39.25 21.06
C ILE NB 249 85.86 40.43 20.83
N GLU NB 250 85.76 41.07 19.67
CA GLU NB 250 86.64 42.20 19.42
C GLU NB 250 86.38 43.36 20.37
N ALA NB 251 85.11 43.64 20.71
CA ALA NB 251 84.80 44.74 21.60
C ALA NB 251 85.26 44.49 23.03
N ILE NB 252 85.23 43.24 23.51
CA ILE NB 252 85.76 42.98 24.83
C ILE NB 252 87.29 42.98 24.84
N LEU NB 253 87.94 42.44 23.82
CA LEU NB 253 89.39 42.34 23.84
C LEU NB 253 90.11 43.60 23.38
N SER NB 254 89.42 44.54 22.75
CA SER NB 254 90.11 45.75 22.29
C SER NB 254 90.66 46.62 23.42
N PRO NB 255 89.91 46.95 24.48
CA PRO NB 255 90.45 47.88 25.47
C PRO NB 255 91.75 47.42 26.12
N ILE NB 256 92.02 46.11 26.14
CA ILE NB 256 93.25 45.63 26.75
C ILE NB 256 94.44 45.82 25.83
N VAL NB 257 94.31 45.37 24.57
CA VAL NB 257 95.45 45.32 23.67
C VAL NB 257 95.56 46.53 22.75
N GLY NB 258 94.48 47.27 22.54
CA GLY NB 258 94.53 48.47 21.72
C GLY NB 258 93.28 48.60 20.85
N ASN NB 259 93.29 49.67 20.06
CA ASN NB 259 92.13 49.97 19.23
C ASN NB 259 91.89 48.86 18.20
N GLY NB 260 92.87 48.55 17.37
CA GLY NB 260 92.65 47.63 16.28
C GLY NB 260 93.76 46.61 16.11
N ASN NB 261 94.38 46.21 17.22
CA ASN NB 261 95.47 45.25 17.18
C ASN NB 261 95.00 43.82 17.43
N VAL NB 262 93.78 43.48 17.03
CA VAL NB 262 93.26 42.14 17.18
C VAL NB 262 92.18 41.90 16.13
N HIS NB 263 92.13 40.69 15.60
CA HIS NB 263 91.09 40.28 14.66
C HIS NB 263 90.65 38.87 14.99
N ALA NB 264 89.39 38.57 14.69
CA ALA NB 264 88.83 37.26 14.98
C ALA NB 264 87.85 36.86 13.90
N GLN NB 265 87.78 35.56 13.63
CA GLN NB 265 86.85 35.00 12.67
C GLN NB 265 86.30 33.71 13.25
N VAL NB 266 84.98 33.56 13.22
CA VAL NB 266 84.30 32.45 13.88
C VAL NB 266 83.51 31.68 12.83
N THR NB 267 83.44 30.37 12.99
CA THR NB 267 82.67 29.51 12.09
C THR NB 267 81.65 28.74 12.90
N ALA NB 268 80.37 28.98 12.62
CA ALA NB 268 79.28 28.44 13.40
C ALA NB 268 78.65 27.26 12.67
N GLN NB 269 78.60 26.11 13.31
CA GLN NB 269 77.91 24.95 12.79
C GLN NB 269 76.47 24.97 13.29
N LEU NB 270 75.56 25.49 12.48
CA LEU NB 270 74.16 25.59 12.85
C LEU NB 270 73.43 24.33 12.48
N ASP NB 271 72.34 24.06 13.16
CA ASP NB 271 71.52 22.87 12.92
C ASP NB 271 70.11 23.33 12.58
N PHE NB 272 69.57 22.81 11.48
CA PHE NB 272 68.24 23.18 11.02
C PHE NB 272 67.29 22.00 10.92
N ALA NB 273 67.69 20.84 11.43
CA ALA NB 273 66.85 19.66 11.32
C ALA NB 273 65.66 19.75 12.28
N ASN NB 274 64.45 19.79 11.72
CA ASN NB 274 63.25 19.79 12.53
C ASN NB 274 63.19 18.50 13.35
N LYS NB 275 62.89 18.64 14.64
CA LYS NB 275 63.03 17.51 15.56
C LYS NB 275 61.95 17.61 16.63
N GLU NB 276 61.26 16.51 16.89
CA GLU NB 276 60.33 16.40 18.00
C GLU NB 276 60.85 15.39 19.02
N GLN NB 277 60.04 15.13 20.04
CA GLN NB 277 60.40 14.15 21.05
C GLN NB 277 59.20 13.91 21.96
N THR NB 278 59.15 12.73 22.58
CA THR NB 278 58.12 12.41 23.55
C THR NB 278 58.66 11.40 24.56
N GLU NB 279 59.13 11.87 25.70
CA GLU NB 279 59.51 10.94 26.75
C GLU NB 279 58.26 10.39 27.45
N GLU NB 280 58.46 9.33 28.22
CA GLU NB 280 57.41 8.83 29.10
C GLU NB 280 58.11 8.04 30.21
N HIS NB 281 58.25 8.67 31.36
CA HIS NB 281 59.06 8.12 32.44
C HIS NB 281 58.18 7.52 33.53
N TYR NB 282 58.63 6.39 34.07
CA TYR NB 282 57.91 5.69 35.12
C TYR NB 282 58.83 5.49 36.31
N SER NB 283 58.35 5.84 37.48
CA SER NB 283 59.19 5.62 38.65
C SER NB 283 59.06 4.17 39.11
N PRO NB 284 60.16 3.54 39.53
CA PRO NB 284 60.09 2.13 39.92
C PRO NB 284 59.28 1.95 41.18
N ASN NB 285 58.45 0.91 41.17
CA ASN NB 285 57.66 0.53 42.34
C ASN NB 285 57.88 -0.94 42.69
N GLY NB 286 59.08 -1.44 42.44
CA GLY NB 286 59.36 -2.82 42.79
C GLY NB 286 59.51 -3.03 44.28
N ASP NB 287 60.22 -2.13 44.96
CA ASP NB 287 60.44 -2.27 46.39
C ASP NB 287 59.12 -2.06 47.11
N ALA NB 288 58.83 -2.94 48.08
CA ALA NB 288 57.58 -2.87 48.81
C ALA NB 288 57.50 -1.70 49.77
N SER NB 289 58.58 -0.95 49.95
CA SER NB 289 58.60 0.17 50.89
C SER NB 289 57.74 1.33 50.40
N LYS NB 290 57.67 1.57 49.10
CA LYS NB 290 56.83 2.64 48.58
C LYS NB 290 56.02 2.22 47.37
N ALA NB 291 55.54 0.99 47.31
CA ALA NB 291 54.56 0.62 46.31
C ALA NB 291 53.27 1.37 46.56
N THR NB 292 52.39 1.38 45.56
CA THR NB 292 51.10 2.04 45.67
C THR NB 292 50.03 1.04 45.29
N LEU NB 293 49.57 0.26 46.26
CA LEU NB 293 48.58 -0.77 46.00
C LEU NB 293 47.21 -0.15 45.81
N ARG NB 294 46.51 -0.59 44.77
CA ARG NB 294 45.11 -0.21 44.64
C ARG NB 294 44.21 -1.34 45.13
N SER NB 295 44.60 -2.58 44.87
CA SER NB 295 43.90 -3.75 45.38
C SER NB 295 44.92 -4.69 46.00
N ARG NB 296 44.43 -5.84 46.46
CA ARG NB 296 45.30 -6.89 46.99
C ARG NB 296 44.43 -8.08 47.33
N GLN NB 297 45.02 -9.26 47.41
CA GLN NB 297 44.35 -10.45 47.91
C GLN NB 297 45.42 -11.43 48.35
N LEU NB 298 45.47 -11.73 49.64
CA LEU NB 298 46.54 -12.53 50.22
C LEU NB 298 45.93 -13.72 50.95
N ASN NB 299 45.91 -14.87 50.30
CA ASN NB 299 45.42 -16.10 50.92
C ASN NB 299 46.59 -16.88 51.47
N ILE NB 300 46.41 -17.47 52.65
CA ILE NB 300 47.46 -18.22 53.31
C ILE NB 300 46.83 -19.45 53.96
N SER NB 301 47.16 -20.63 53.46
CA SER NB 301 46.79 -21.88 54.10
C SER NB 301 48.02 -22.50 54.73
N GLU NB 302 47.79 -23.41 55.69
CA GLU NB 302 48.90 -24.07 56.37
C GLU NB 302 48.34 -25.26 57.12
N GLN NB 303 48.92 -26.44 56.89
CA GLN NB 303 48.49 -27.66 57.56
C GLN NB 303 49.69 -28.31 58.23
N VAL NB 304 49.44 -29.11 59.25
CA VAL NB 304 50.48 -29.88 59.90
C VAL NB 304 49.99 -31.29 60.20
N PRO NB 355 55.07 -32.96 58.14
CA PRO NB 355 54.15 -32.84 57.00
C PRO NB 355 53.62 -31.42 56.83
N ARG NB 356 54.51 -30.45 57.01
CA ARG NB 356 54.12 -29.04 57.06
C ARG NB 356 53.81 -28.55 55.65
N SER NB 357 52.65 -28.95 55.13
CA SER NB 357 52.16 -28.42 53.86
C SER NB 357 51.82 -26.95 54.04
N THR NB 358 51.99 -26.18 52.97
CA THR NB 358 51.78 -24.73 53.03
C THR NB 358 51.11 -24.28 51.74
N GLN NB 359 50.85 -22.98 51.66
CA GLN NB 359 50.25 -22.35 50.48
C GLN NB 359 50.28 -20.85 50.69
N ARG NB 360 50.46 -20.09 49.61
CA ARG NB 360 50.46 -18.63 49.71
C ARG NB 360 50.15 -18.05 48.33
N ASN NB 361 48.93 -17.59 48.14
CA ASN NB 361 48.56 -16.89 46.93
C ASN NB 361 48.50 -15.39 47.21
N GLU NB 362 48.80 -14.59 46.19
CA GLU NB 362 48.86 -13.14 46.39
C GLU NB 362 48.68 -12.43 45.04
N THR NB 363 47.53 -11.80 44.87
CA THR NB 363 47.29 -10.93 43.72
C THR NB 363 47.43 -9.48 44.14
N SER NB 364 48.05 -8.67 43.29
CA SER NB 364 48.27 -7.27 43.60
C SER NB 364 48.04 -6.42 42.37
N ASN NB 365 47.31 -5.33 42.53
CA ASN NB 365 47.14 -4.34 41.48
C ASN NB 365 47.78 -3.03 41.94
N TYR NB 366 48.63 -2.46 41.11
CA TYR NB 366 49.44 -1.33 41.50
C TYR NB 366 48.94 -0.05 40.84
N GLU NB 367 49.48 1.07 41.30
CA GLU NB 367 49.35 2.35 40.62
C GLU NB 367 50.75 2.92 40.47
N VAL NB 368 51.00 3.57 39.33
CA VAL NB 368 52.35 3.96 38.97
C VAL NB 368 52.39 5.45 38.65
N ASP NB 369 53.51 6.08 38.99
CA ASP NB 369 53.75 7.46 38.60
C ASP NB 369 53.87 7.55 37.08
N ARG NB 370 53.93 8.78 36.57
CA ARG NB 370 54.09 8.96 35.13
C ARG NB 370 54.52 10.39 34.85
N THR NB 371 55.46 10.54 33.92
CA THR NB 371 55.86 11.84 33.43
C THR NB 371 55.88 11.80 31.91
N ILE NB 372 55.35 12.84 31.28
CA ILE NB 372 55.22 12.90 29.83
C ILE NB 372 55.64 14.29 29.38
N ARG NB 373 56.67 14.38 28.56
CA ARG NB 373 57.11 15.64 27.98
C ARG NB 373 56.98 15.58 26.47
N HIS NB 374 56.65 16.70 25.86
CA HIS NB 374 56.57 16.81 24.40
C HIS NB 374 57.50 17.94 23.98
N THR NB 375 58.78 17.63 23.82
CA THR NB 375 59.80 18.61 23.51
C THR NB 375 59.93 18.75 22.01
N LYS NB 376 59.63 19.93 21.49
CA LYS NB 376 59.79 20.23 20.07
C LYS NB 376 60.98 21.17 19.92
N MET NB 377 62.11 20.62 19.49
CA MET NB 377 63.35 21.37 19.45
C MET NB 377 63.22 22.59 18.54
N ASN NB 378 64.18 23.50 18.66
CA ASN NB 378 64.18 24.72 17.87
C ASN NB 378 65.10 24.56 16.67
N VAL NB 379 64.75 25.20 15.57
CA VAL NB 379 65.53 25.13 14.35
C VAL NB 379 66.36 26.41 14.24
N GLY NB 380 67.67 26.28 14.41
CA GLY NB 380 68.54 27.43 14.33
C GLY NB 380 69.46 27.60 15.52
N ASP NB 381 69.66 26.52 16.27
CA ASP NB 381 70.55 26.57 17.42
C ASP NB 381 72.00 26.37 16.98
N ILE NB 382 72.92 26.66 17.89
CA ILE NB 382 74.34 26.55 17.62
C ILE NB 382 74.83 25.20 18.12
N GLU NB 383 75.26 24.33 17.21
CA GLU NB 383 75.71 23.01 17.61
C GLU NB 383 77.20 22.98 17.91
N ARG NB 384 77.98 23.85 17.28
CA ARG NB 384 79.41 23.85 17.49
C ARG NB 384 79.98 25.17 16.99
N LEU NB 385 81.03 25.64 17.66
CA LEU NB 385 81.71 26.86 17.26
C LEU NB 385 83.18 26.59 17.08
N SER NB 386 83.86 27.49 16.38
CA SER NB 386 85.30 27.45 16.20
C SER NB 386 85.78 28.86 15.99
N VAL NB 387 86.73 29.30 16.80
CA VAL NB 387 87.17 30.69 16.82
C VAL NB 387 88.68 30.75 16.65
N ALA NB 388 89.14 31.63 15.79
CA ALA NB 388 90.55 31.89 15.59
C ALA NB 388 90.81 33.37 15.76
N VAL NB 389 91.76 33.73 16.61
CA VAL NB 389 92.03 35.12 16.96
C VAL NB 389 93.52 35.39 16.80
N VAL NB 390 93.85 36.53 16.21
CA VAL NB 390 95.21 36.99 16.07
C VAL NB 390 95.39 38.23 16.93
N VAL NB 391 96.50 38.29 17.67
CA VAL NB 391 96.82 39.42 18.53
C VAL NB 391 98.14 40.01 18.07
N ASN NB 392 98.30 41.31 18.24
CA ASN NB 392 99.46 42.00 17.72
C ASN NB 392 100.57 42.04 18.77
N TYR NB 393 101.80 42.15 18.30
CA TYR NB 393 102.94 42.43 19.17
C TYR NB 393 102.89 43.87 19.67
N LYS NB 394 103.82 44.19 20.56
CA LYS NB 394 103.90 45.54 21.12
C LYS NB 394 105.28 45.80 21.69
N LEU NB 402 109.22 41.94 20.32
CA LEU NB 402 108.14 42.60 21.04
C LEU NB 402 107.02 41.64 21.42
N PRO NB 403 107.35 40.55 22.11
CA PRO NB 403 106.36 39.50 22.34
C PRO NB 403 105.49 39.80 23.56
N LEU NB 404 104.22 39.44 23.48
CA LEU NB 404 103.37 39.47 24.66
C LEU NB 404 103.66 38.26 25.53
N THR NB 405 103.63 38.47 26.85
CA THR NB 405 104.04 37.44 27.78
C THR NB 405 103.04 36.29 27.82
N ALA NB 406 103.32 35.31 28.68
CA ALA NB 406 102.49 34.12 28.76
C ALA NB 406 101.25 34.35 29.63
N ASP NB 407 101.39 35.10 30.72
CA ASP NB 407 100.24 35.34 31.60
C ASP NB 407 99.18 36.17 30.90
N GLN NB 408 99.61 37.24 30.23
CA GLN NB 408 98.66 38.07 29.48
C GLN NB 408 97.98 37.27 28.38
N MET NB 409 98.75 36.43 27.67
CA MET NB 409 98.14 35.57 26.67
C MET NB 409 97.12 34.63 27.28
N LYS NB 410 97.40 34.07 28.46
CA LYS NB 410 96.47 33.14 29.07
C LYS NB 410 95.19 33.85 29.51
N GLN NB 411 95.31 35.04 30.09
CA GLN NB 411 94.11 35.75 30.49
C GLN NB 411 93.32 36.23 29.28
N ILE NB 412 93.99 36.54 28.17
CA ILE NB 412 93.26 36.93 26.95
C ILE NB 412 92.52 35.74 26.39
N GLU NB 413 93.17 34.58 26.35
CA GLU NB 413 92.48 33.35 25.95
C GLU NB 413 91.27 33.10 26.83
N ASP NB 414 91.40 33.36 28.13
CA ASP NB 414 90.28 33.09 29.03
C ASP NB 414 89.14 34.07 28.81
N LEU NB 415 89.46 35.36 28.63
CA LEU NB 415 88.42 36.32 28.27
C LEU NB 415 87.68 35.90 27.01
N THR NB 416 88.42 35.48 25.98
CA THR NB 416 87.78 35.06 24.74
C THR NB 416 86.89 33.84 24.98
N ARG NB 417 87.40 32.86 25.72
CA ARG NB 417 86.60 31.68 26.03
C ARG NB 417 85.30 32.06 26.72
N GLU NB 418 85.36 32.99 27.67
CA GLU NB 418 84.15 33.38 28.38
C GLU NB 418 83.22 34.24 27.52
N ALA NB 419 83.76 35.02 26.60
CA ALA NB 419 82.94 35.87 25.75
C ALA NB 419 82.28 35.10 24.62
N MET NB 420 82.85 33.97 24.22
CA MET NB 420 82.24 33.15 23.17
C MET NB 420 80.91 32.59 23.61
N GLY NB 421 80.84 32.10 24.84
CA GLY NB 421 79.78 31.20 25.23
C GLY NB 421 80.31 29.80 25.14
N PHE NB 422 81.58 29.65 25.51
CA PHE NB 422 82.29 28.39 25.34
C PHE NB 422 81.61 27.28 26.12
N SER NB 423 81.71 26.06 25.60
CA SER NB 423 81.11 24.90 26.25
C SER NB 423 81.79 23.63 25.76
N ASP NB 424 82.47 22.94 26.67
CA ASP NB 424 83.09 21.68 26.34
C ASP NB 424 82.08 20.58 26.03
N LYS NB 425 80.78 20.85 26.19
CA LYS NB 425 79.77 19.88 25.78
C LYS NB 425 79.65 19.84 24.26
N ARG NB 426 79.54 20.99 23.62
CA ARG NB 426 79.34 21.04 22.18
C ARG NB 426 80.61 20.72 21.41
N GLY NB 427 81.74 20.63 22.08
CA GLY NB 427 82.99 20.37 21.39
C GLY NB 427 83.58 21.61 20.75
N ASP NB 428 83.33 22.78 21.33
CA ASP NB 428 83.83 24.01 20.76
C ASP NB 428 85.35 24.04 20.81
N THR NB 429 85.94 24.85 19.92
CA THR NB 429 87.39 24.93 19.78
C THR NB 429 87.81 26.38 19.71
N LEU NB 430 88.88 26.72 20.41
CA LEU NB 430 89.43 28.07 20.40
C LEU NB 430 90.94 27.97 20.20
N ASN NB 431 91.52 28.92 19.49
CA ASN NB 431 92.96 29.03 19.39
C ASN NB 431 93.35 30.47 19.11
N VAL NB 432 94.12 31.05 20.02
CA VAL NB 432 94.62 32.41 19.91
C VAL NB 432 96.12 32.36 19.69
N VAL NB 433 96.59 33.04 18.65
CA VAL NB 433 98.00 33.05 18.31
C VAL NB 433 98.49 34.49 18.26
N ASN NB 434 99.78 34.65 18.54
CA ASN NB 434 100.42 35.97 18.56
C ASN NB 434 101.49 36.01 17.47
N SER NB 435 101.39 36.98 16.57
CA SER NB 435 102.34 37.12 15.49
C SER NB 435 102.37 38.58 15.05
N PRO NB 436 103.51 39.09 14.64
CA PRO NB 436 103.59 40.52 14.31
C PRO NB 436 102.76 40.83 13.07
N PHE NB 437 102.16 42.01 13.08
CA PHE NB 437 101.31 42.40 11.97
C PHE NB 437 102.14 43.09 10.89
N SER NB 438 101.55 43.32 9.73
CA SER NB 438 102.23 43.96 8.62
C SER NB 438 101.22 44.62 7.70
N ASP OB 232 70.97 22.27 -11.10
CA ASP OB 232 70.52 23.64 -11.35
C ASP OB 232 71.06 24.64 -10.32
N ALA OB 233 70.32 24.86 -9.24
CA ALA OB 233 70.75 25.85 -8.25
C ALA OB 233 71.75 25.29 -7.25
N GLN OB 234 71.87 23.96 -7.15
CA GLN OB 234 72.78 23.35 -6.20
C GLN OB 234 74.20 23.87 -6.39
N LEU OB 235 74.62 24.06 -7.63
CA LEU OB 235 75.95 24.59 -7.89
C LEU OB 235 76.11 26.00 -7.33
N LYS OB 236 75.07 26.83 -7.46
CA LYS OB 236 75.16 28.19 -6.94
C LYS OB 236 75.24 28.19 -5.42
N PHE OB 237 74.44 27.34 -4.77
CA PHE OB 237 74.51 27.26 -3.31
C PHE OB 237 75.89 26.79 -2.84
N ALA OB 238 76.43 25.75 -3.49
CA ALA OB 238 77.77 25.29 -3.13
C ALA OB 238 78.81 26.36 -3.36
N ASN OB 239 78.69 27.10 -4.47
CA ASN OB 239 79.64 28.17 -4.73
C ASN OB 239 79.58 29.24 -3.65
N ASP OB 240 78.38 29.57 -3.17
CA ASP OB 240 78.25 30.56 -2.10
C ASP OB 240 78.93 30.08 -0.83
N VAL OB 241 78.70 28.82 -0.44
CA VAL OB 241 79.33 28.29 0.77
C VAL OB 241 80.85 28.33 0.63
N GLU OB 242 81.37 27.88 -0.51
CA GLU OB 242 82.81 27.90 -0.72
C GLU OB 242 83.36 29.32 -0.67
N SER OB 243 82.62 30.28 -1.22
CA SER OB 243 83.10 31.66 -1.18
C SER OB 243 83.16 32.18 0.25
N ARG OB 244 82.15 31.87 1.06
CA ARG OB 244 82.19 32.25 2.47
C ARG OB 244 83.44 31.72 3.14
N ILE OB 245 83.67 30.40 3.04
CA ILE OB 245 84.80 29.83 3.75
C ILE OB 245 86.12 30.40 3.24
N GLN OB 246 86.22 30.61 1.93
CA GLN OB 246 87.46 31.13 1.36
C GLN OB 246 87.74 32.55 1.85
N ARG OB 247 86.74 33.43 1.79
CA ARG OB 247 86.96 34.80 2.24
C ARG OB 247 87.28 34.84 3.72
N ARG OB 248 86.68 33.96 4.52
CA ARG OB 248 86.99 33.96 5.95
C ARG OB 248 88.44 33.52 6.20
N ILE OB 249 88.88 32.45 5.54
CA ILE OB 249 90.26 32.00 5.72
C ILE OB 249 91.24 33.07 5.30
N GLU OB 250 91.01 33.68 4.13
CA GLU OB 250 91.93 34.73 3.71
C GLU OB 250 91.91 35.94 4.62
N ALA OB 251 90.75 36.34 5.13
CA ALA OB 251 90.67 37.49 6.01
C ALA OB 251 91.32 37.25 7.37
N ILE OB 252 91.26 36.03 7.90
CA ILE OB 252 91.97 35.77 9.14
C ILE OB 252 93.48 35.64 8.93
N LEU OB 253 93.91 35.00 7.84
CA LEU OB 253 95.34 34.78 7.65
C LEU OB 253 96.09 35.95 7.02
N SER OB 254 95.38 36.92 6.45
CA SER OB 254 96.09 38.04 5.83
C SER OB 254 96.88 38.90 6.82
N PRO OB 255 96.33 39.33 7.97
CA PRO OB 255 97.11 40.25 8.82
C PRO OB 255 98.44 39.69 9.28
N ILE OB 256 98.60 38.37 9.32
CA ILE OB 256 99.87 37.81 9.78
C ILE OB 256 100.92 37.86 8.66
N VAL OB 257 100.55 37.38 7.47
CA VAL OB 257 101.53 37.19 6.40
C VAL OB 257 101.60 38.35 5.43
N GLY OB 258 100.57 39.18 5.34
CA GLY OB 258 100.58 40.34 4.47
C GLY OB 258 99.23 40.54 3.80
N ASN OB 259 99.20 41.58 2.97
CA ASN OB 259 97.95 41.95 2.30
C ASN OB 259 97.46 40.84 1.37
N GLY OB 260 98.28 40.41 0.43
CA GLY OB 260 97.82 39.47 -0.58
C GLY OB 260 98.79 38.35 -0.86
N ASN OB 261 99.54 37.93 0.15
CA ASN OB 261 100.52 36.89 0.00
C ASN OB 261 99.99 35.51 0.39
N VAL OB 262 98.70 35.27 0.19
CA VAL OB 262 98.10 33.99 0.50
C VAL OB 262 96.85 33.82 -0.37
N HIS OB 263 96.61 32.59 -0.83
CA HIS OB 263 95.42 32.23 -1.59
C HIS OB 263 94.91 30.88 -1.11
N ALA OB 264 93.61 30.68 -1.21
CA ALA OB 264 93.00 29.44 -0.77
C ALA OB 264 91.83 29.10 -1.67
N GLN OB 265 91.61 27.80 -1.86
CA GLN OB 265 90.49 27.30 -2.64
C GLN OB 265 89.93 26.08 -1.93
N VAL OB 266 88.61 26.05 -1.75
CA VAL OB 266 87.96 25.03 -0.94
C VAL OB 266 86.95 24.29 -1.81
N THR OB 267 86.80 23.00 -1.58
CA THR OB 267 85.84 22.18 -2.31
C THR OB 267 84.90 21.54 -1.31
N ALA OB 268 83.61 21.87 -1.41
CA ALA OB 268 82.61 21.47 -0.45
C ALA OB 268 81.78 20.32 -1.02
N GLN OB 269 81.74 19.20 -0.31
CA GLN OB 269 80.88 18.09 -0.67
C GLN OB 269 79.54 18.26 0.04
N LEU OB 270 78.56 18.83 -0.65
CA LEU OB 270 77.26 19.07 -0.07
C LEU OB 270 76.36 17.86 -0.28
N ASP OB 271 75.37 17.72 0.59
CA ASP OB 271 74.43 16.60 0.53
C ASP OB 271 73.03 17.17 0.38
N PHE OB 272 72.28 16.67 -0.59
CA PHE OB 272 70.94 17.14 -0.86
C PHE OB 272 69.89 16.04 -0.75
N ALA OB 273 70.27 14.88 -0.26
CA ALA OB 273 69.31 13.77 -0.18
C ALA OB 273 68.31 14.00 0.94
N ASN OB 274 67.04 14.13 0.56
CA ASN OB 274 65.97 14.26 1.55
C ASN OB 274 65.93 13.02 2.43
N LYS OB 275 65.85 13.23 3.75
CA LYS OB 275 66.04 12.12 4.69
C LYS OB 275 65.15 12.36 5.90
N GLU OB 276 64.42 11.33 6.31
CA GLU OB 276 63.67 11.35 7.56
C GLU OB 276 64.26 10.34 8.52
N GLN OB 277 63.60 10.18 9.68
CA GLN OB 277 64.02 9.21 10.67
C GLN OB 277 62.97 9.11 11.76
N THR OB 278 62.92 7.98 12.44
CA THR OB 278 62.02 7.78 13.58
C THR OB 278 62.64 6.76 14.53
N GLU OB 279 63.31 7.22 15.57
CA GLU OB 279 63.76 6.29 16.59
C GLU OB 279 62.60 5.89 17.49
N GLU OB 280 62.84 4.85 18.28
CA GLU OB 280 61.90 4.47 19.34
C GLU OB 280 62.69 3.67 20.36
N HIS OB 281 63.05 4.32 21.45
CA HIS OB 281 63.97 3.74 22.41
C HIS OB 281 63.24 3.26 23.65
N TYR OB 282 63.66 2.12 24.17
CA TYR OB 282 63.06 1.53 25.36
C TYR OB 282 64.12 1.28 26.40
N SER OB 283 63.87 1.72 27.61
CA SER OB 283 64.86 1.45 28.65
C SER OB 283 64.68 0.04 29.20
N PRO OB 284 65.77 -0.65 29.47
CA PRO OB 284 65.66 -2.04 29.93
C PRO OB 284 65.03 -2.11 31.32
N ASN OB 285 64.13 -3.07 31.49
CA ASN OB 285 63.50 -3.33 32.78
C ASN OB 285 63.65 -4.80 33.16
N GLY OB 286 64.75 -5.42 32.76
CA GLY OB 286 64.97 -6.81 33.13
C GLY OB 286 65.33 -6.97 34.59
N ASP OB 287 66.20 -6.12 35.10
CA ASP OB 287 66.63 -6.22 36.49
C ASP OB 287 65.46 -5.86 37.40
N ALA OB 288 65.26 -6.68 38.42
CA ALA OB 288 64.13 -6.47 39.34
C ALA OB 288 64.31 -5.27 40.25
N SER OB 289 65.47 -4.61 40.22
CA SER OB 289 65.71 -3.47 41.09
C SER OB 289 64.90 -2.25 40.68
N LYS OB 290 64.65 -2.06 39.39
CA LYS OB 290 63.83 -0.93 38.96
C LYS OB 290 62.80 -1.32 37.90
N ALA OB 291 62.23 -2.51 37.98
CA ALA OB 291 61.07 -2.82 37.16
C ALA OB 291 59.90 -1.95 37.57
N THR OB 292 58.88 -1.90 36.72
CA THR OB 292 57.69 -1.11 36.99
C THR OB 292 56.48 -2.03 36.82
N LEU OB 293 56.12 -2.74 37.88
CA LEU OB 293 55.03 -3.69 37.83
C LEU OB 293 53.70 -2.95 37.82
N ARG OB 294 52.81 -3.35 36.92
CA ARG OB 294 51.44 -2.87 36.98
C ARG OB 294 50.53 -3.88 37.66
N SER OB 295 50.77 -5.16 37.40
CA SER OB 295 50.07 -6.24 38.07
C SER OB 295 51.09 -7.25 38.57
N ARG OB 296 50.59 -8.33 39.16
CA ARG OB 296 51.44 -9.44 39.61
C ARG OB 296 50.53 -10.54 40.13
N GLN OB 297 51.04 -11.76 40.18
CA GLN OB 297 50.35 -12.87 40.83
C GLN OB 297 51.39 -13.92 41.15
N LEU OB 298 51.61 -14.18 42.43
CA LEU OB 298 52.70 -15.05 42.88
C LEU OB 298 52.11 -16.15 43.75
N ASN OB 299 51.88 -17.33 43.17
CA ASN OB 299 51.39 -18.48 43.92
C ASN OB 299 52.57 -19.34 44.33
N ILE OB 300 52.53 -19.88 45.54
CA ILE OB 300 53.61 -20.69 46.08
C ILE OB 300 52.97 -21.82 46.87
N SER OB 301 53.13 -23.05 46.39
CA SER OB 301 52.76 -24.24 47.14
C SER OB 301 54.03 -24.95 47.60
N GLU OB 302 53.87 -25.78 48.62
CA GLU OB 302 55.01 -26.52 49.16
C GLU OB 302 54.48 -27.64 50.05
N GLN OB 303 54.91 -28.87 49.79
CA GLN OB 303 54.50 -30.02 50.58
C GLN OB 303 55.73 -30.75 51.09
N VAL OB 304 55.57 -31.49 52.18
CA VAL OB 304 56.64 -32.32 52.70
C VAL OB 304 56.08 -33.67 53.14
N PRO OB 355 60.61 -35.87 50.41
CA PRO OB 355 59.55 -35.72 49.42
C PRO OB 355 59.12 -34.26 49.26
N ARG OB 356 60.09 -33.36 49.27
CA ARG OB 356 59.84 -31.92 49.31
C ARG OB 356 59.36 -31.45 47.93
N SER OB 357 58.11 -31.76 47.61
CA SER OB 357 57.48 -31.24 46.41
C SER OB 357 57.29 -29.74 46.56
N THR OB 358 57.34 -29.02 45.44
CA THR OB 358 57.27 -27.57 45.47
C THR OB 358 56.46 -27.10 44.28
N GLN OB 359 56.29 -25.79 44.16
CA GLN OB 359 55.57 -25.14 43.07
C GLN OB 359 55.76 -23.65 43.20
N ARG OB 360 55.82 -22.95 42.06
CA ARG OB 360 55.97 -21.49 42.08
C ARG OB 360 55.50 -20.94 40.74
N ASN OB 361 54.29 -20.37 40.72
CA ASN OB 361 53.80 -19.68 39.54
C ASN OB 361 53.92 -18.18 39.75
N GLU OB 362 54.12 -17.44 38.66
CA GLU OB 362 54.33 -16.01 38.77
C GLU OB 362 54.00 -15.34 37.45
N THR OB 363 52.90 -14.60 37.42
CA THR OB 363 52.55 -13.77 36.28
C THR OB 363 52.88 -12.32 36.60
N SER OB 364 53.42 -11.60 35.61
CA SER OB 364 53.81 -10.21 35.83
C SER OB 364 53.46 -9.39 34.60
N ASN OB 365 52.87 -8.22 34.82
CA ASN OB 365 52.61 -7.26 33.76
C ASN OB 365 53.41 -6.01 34.06
N TYR OB 366 54.18 -5.54 33.07
CA TYR OB 366 55.13 -4.47 33.28
C TYR OB 366 54.64 -3.18 32.64
N GLU OB 367 55.32 -2.10 32.95
CA GLU OB 367 55.21 -0.84 32.25
C GLU OB 367 56.61 -0.41 31.84
N VAL OB 368 56.74 0.18 30.66
CA VAL OB 368 58.04 0.43 30.08
C VAL OB 368 58.15 1.90 29.69
N ASP OB 369 59.35 2.44 29.82
CA ASP OB 369 59.65 3.79 29.33
C ASP OB 369 59.54 3.81 27.81
N ARG OB 370 59.62 5.00 27.24
CA ARG OB 370 59.57 5.12 25.79
C ARG OB 370 60.07 6.50 25.37
N THR OB 371 60.86 6.53 24.31
CA THR OB 371 61.29 7.77 23.68
C THR OB 371 61.07 7.67 22.19
N ILE OB 372 60.53 8.74 21.59
CA ILE OB 372 60.19 8.75 20.18
C ILE OB 372 60.64 10.08 19.61
N ARG OB 373 61.54 10.04 18.63
CA ARG OB 373 61.99 11.23 17.94
C ARG OB 373 61.61 11.13 16.46
N HIS OB 374 61.30 12.26 15.85
CA HIS OB 374 61.00 12.33 14.43
C HIS OB 374 61.94 13.35 13.81
N THR OB 375 63.14 12.91 13.47
CA THR OB 375 64.18 13.80 12.97
C THR OB 375 64.09 13.87 11.46
N LYS OB 376 63.81 15.06 10.94
CA LYS OB 376 63.78 15.29 9.50
C LYS OB 376 65.00 16.11 9.13
N MET OB 377 66.01 15.44 8.55
CA MET OB 377 67.28 16.08 8.28
C MET OB 377 67.11 17.26 7.35
N ASN OB 378 68.15 18.09 7.28
CA ASN OB 378 68.12 19.28 6.44
C ASN OB 378 68.84 18.99 5.12
N VAL OB 379 68.37 19.62 4.05
CA VAL OB 379 68.96 19.44 2.73
C VAL OB 379 69.86 20.63 2.44
N GLY OB 380 71.17 20.39 2.42
CA GLY OB 380 72.11 21.46 2.15
C GLY OB 380 73.20 21.58 3.17
N ASP OB 381 73.43 20.52 3.95
CA ASP OB 381 74.49 20.53 4.93
C ASP OB 381 75.83 20.19 4.29
N ILE OB 382 76.89 20.43 5.03
CA ILE OB 382 78.25 20.18 4.56
C ILE OB 382 78.69 18.81 5.05
N GLU OB 383 78.90 17.88 4.12
CA GLU OB 383 79.30 16.53 4.51
C GLU OB 383 80.81 16.38 4.59
N ARG OB 384 81.56 17.16 3.80
CA ARG OB 384 83.00 17.03 3.79
C ARG OB 384 83.59 18.27 3.15
N LEU OB 385 84.76 18.68 3.62
CA LEU OB 385 85.47 19.83 3.08
C LEU OB 385 86.88 19.41 2.68
N SER OB 386 87.50 20.22 1.84
CA SER OB 386 88.89 20.04 1.46
C SER OB 386 89.45 21.40 1.10
N VAL OB 387 90.55 21.78 1.74
CA VAL OB 387 91.09 23.13 1.62
C VAL OB 387 92.56 23.03 1.22
N ALA OB 388 92.95 23.84 0.25
CA ALA OB 388 94.34 23.97 -0.17
C ALA OB 388 94.73 25.44 -0.11
N VAL OB 389 95.84 25.73 0.56
CA VAL OB 389 96.27 27.09 0.80
C VAL OB 389 97.73 27.24 0.41
N VAL OB 390 98.05 28.32 -0.29
CA VAL OB 390 99.42 28.65 -0.65
C VAL OB 390 99.83 29.89 0.11
N VAL OB 391 101.04 29.88 0.68
CA VAL OB 391 101.58 31.01 1.41
C VAL OB 391 102.86 31.46 0.73
N ASN OB 392 103.15 32.75 0.82
CA ASN OB 392 104.27 33.32 0.10
C ASN OB 392 105.53 33.29 0.96
N TYR OB 393 106.69 33.27 0.30
CA TYR OB 393 107.95 33.47 0.97
C TYR OB 393 108.11 34.93 1.41
N LYS OB 394 109.19 35.21 2.12
CA LYS OB 394 109.46 36.55 2.60
C LYS OB 394 110.94 36.72 2.94
N LEU OB 402 114.28 32.48 1.18
CA LEU OB 402 113.39 33.26 2.03
C LEU OB 402 112.26 32.40 2.62
N PRO OB 403 112.61 31.32 3.31
CA PRO OB 403 111.57 30.37 3.74
C PRO OB 403 110.93 30.79 5.05
N LEU OB 404 109.64 30.55 5.18
CA LEU OB 404 108.99 30.69 6.47
C LEU OB 404 109.30 29.49 7.35
N THR OB 405 109.50 29.75 8.64
CA THR OB 405 109.96 28.73 9.56
C THR OB 405 108.89 27.67 9.80
N ALA OB 406 109.22 26.70 10.66
CA ALA OB 406 108.31 25.60 10.93
C ALA OB 406 107.24 25.97 11.95
N ASP OB 407 107.61 26.73 12.98
CA ASP OB 407 106.64 27.11 14.01
C ASP OB 407 105.57 28.01 13.43
N GLN OB 408 105.97 29.02 12.65
CA GLN OB 408 104.99 29.89 12.02
C GLN OB 408 104.08 29.12 11.07
N MET OB 409 104.65 28.19 10.30
CA MET OB 409 103.84 27.35 9.44
C MET OB 409 102.83 26.53 10.25
N LYS OB 410 103.26 25.99 11.40
CA LYS OB 410 102.36 25.17 12.19
C LYS OB 410 101.22 26.01 12.77
N GLN OB 411 101.54 27.21 13.28
CA GLN OB 411 100.47 28.04 13.81
C GLN OB 411 99.54 28.53 12.71
N ILE OB 412 100.06 28.74 11.50
CA ILE OB 412 99.19 29.15 10.40
C ILE OB 412 98.27 28.00 10.00
N GLU OB 413 98.81 26.79 9.93
CA GLU OB 413 97.97 25.63 9.70
C GLU OB 413 96.89 25.52 10.77
N ASP OB 414 97.24 25.80 12.02
CA ASP OB 414 96.26 25.66 13.09
C ASP OB 414 95.18 26.74 13.00
N LEU OB 415 95.57 27.99 12.70
CA LEU OB 415 94.58 29.03 12.46
C LEU OB 415 93.62 28.63 11.35
N THR OB 416 94.15 28.10 10.24
CA THR OB 416 93.29 27.70 9.15
C THR OB 416 92.35 26.58 9.56
N ARG OB 417 92.88 25.58 10.26
CA ARG OB 417 92.05 24.49 10.76
C ARG OB 417 90.91 25.02 11.62
N GLU OB 418 91.19 25.97 12.50
CA GLU OB 418 90.13 26.49 13.36
C GLU OB 418 89.16 27.39 12.61
N ALA OB 419 89.61 28.09 11.58
CA ALA OB 419 88.74 28.98 10.83
C ALA OB 419 87.86 28.23 9.84
N MET OB 420 88.27 27.04 9.41
CA MET OB 420 87.44 26.25 8.51
C MET OB 420 86.14 25.82 9.19
N GLY OB 421 86.23 25.37 10.43
CA GLY OB 421 85.16 24.60 11.02
C GLY OB 421 85.57 23.15 10.92
N PHE OB 422 86.86 22.90 11.10
CA PHE OB 422 87.42 21.58 10.89
C PHE OB 422 86.78 20.56 11.81
N SER OB 423 86.70 19.32 11.35
CA SER OB 423 86.11 18.25 12.13
C SER OB 423 86.60 16.90 11.61
N ASP OB 424 87.36 16.20 12.44
CA ASP OB 424 87.81 14.86 12.08
C ASP OB 424 86.67 13.85 12.00
N LYS OB 425 85.44 14.24 12.32
CA LYS OB 425 84.31 13.35 12.12
C LYS OB 425 83.95 13.26 10.64
N ARG OB 426 83.84 14.40 9.97
CA ARG OB 426 83.42 14.41 8.57
C ARG OB 426 84.52 13.96 7.64
N GLY OB 427 85.74 13.78 8.13
CA GLY OB 427 86.83 13.40 7.28
C GLY OB 427 87.42 14.56 6.50
N ASP OB 428 87.35 15.76 7.05
CA ASP OB 428 87.87 16.92 6.34
C ASP OB 428 89.37 16.81 6.17
N THR OB 429 89.88 17.53 5.17
CA THR OB 429 91.29 17.48 4.80
C THR OB 429 91.81 18.89 4.59
N LEU OB 430 93.00 19.15 5.10
CA LEU OB 430 93.67 20.44 4.95
C LEU OB 430 95.11 20.19 4.53
N ASN OB 431 95.64 21.07 3.68
CA ASN OB 431 97.06 21.04 3.37
C ASN OB 431 97.52 22.43 2.96
N VAL OB 432 98.47 22.97 3.72
CA VAL OB 432 99.05 24.28 3.46
C VAL OB 432 100.49 24.09 3.02
N VAL OB 433 100.84 24.69 1.89
CA VAL OB 433 102.18 24.55 1.34
C VAL OB 433 102.78 25.94 1.14
N ASN OB 434 104.11 26.00 1.21
CA ASN OB 434 104.84 27.25 1.07
C ASN OB 434 105.73 27.15 -0.16
N SER OB 435 105.58 28.10 -1.09
CA SER OB 435 106.35 28.11 -2.30
C SER OB 435 106.43 29.54 -2.81
N PRO OB 436 107.54 29.94 -3.42
CA PRO OB 436 107.69 31.34 -3.83
C PRO OB 436 106.71 31.68 -4.94
N PHE OB 437 106.21 32.91 -4.90
CA PHE OB 437 105.23 33.34 -5.88
C PHE OB 437 105.95 33.91 -7.11
N SER OB 438 105.20 34.15 -8.17
CA SER OB 438 105.75 34.69 -9.41
C SER OB 438 104.67 35.40 -10.20
N ASP PB 232 69.99 15.25 -22.98
CA ASP PB 232 69.61 16.64 -23.23
C ASP PB 232 70.40 17.61 -22.35
N ALA PB 233 69.85 17.95 -21.17
CA ALA PB 233 70.51 18.93 -20.30
C ALA PB 233 71.61 18.32 -19.44
N GLN PB 234 71.63 16.99 -19.31
CA GLN PB 234 72.63 16.34 -18.48
C GLN PB 234 74.04 16.71 -18.92
N LEU PB 235 74.27 16.82 -20.22
CA LEU PB 235 75.58 17.22 -20.70
C LEU PB 235 75.94 18.63 -20.24
N LYS PB 236 74.97 19.54 -20.24
CA LYS PB 236 75.26 20.90 -19.81
C LYS PB 236 75.57 20.95 -18.33
N PHE PB 237 74.82 20.20 -17.52
CA PHE PB 237 75.11 20.16 -16.09
C PHE PB 237 76.50 19.59 -15.83
N ALA PB 238 76.84 18.49 -16.48
CA ALA PB 238 78.17 17.91 -16.32
C ALA PB 238 79.26 18.88 -16.76
N ASN PB 239 79.04 19.59 -17.87
CA ASN PB 239 80.01 20.57 -18.33
C ASN PB 239 80.21 21.66 -17.30
N ASP PB 240 79.13 22.12 -16.67
CA ASP PB 240 79.27 23.16 -15.64
C ASP PB 240 80.09 22.66 -14.46
N VAL PB 241 79.82 21.44 -13.98
CA VAL PB 241 80.59 20.90 -12.86
C VAL PB 241 82.07 20.80 -13.23
N GLU PB 242 82.35 20.26 -14.41
CA GLU PB 242 83.74 20.14 -14.85
C GLU PB 242 84.40 21.50 -14.94
N SER PB 243 83.68 22.51 -15.42
CA SER PB 243 84.27 23.85 -15.53
C SER PB 243 84.60 24.41 -14.15
N ARG PB 244 83.70 24.22 -13.19
CA ARG PB 244 83.99 24.64 -11.82
C ARG PB 244 85.30 24.01 -11.32
N ILE PB 245 85.40 22.69 -11.39
CA ILE PB 245 86.58 22.04 -10.83
C ILE PB 245 87.83 22.46 -11.57
N GLN PB 246 87.74 22.63 -12.89
CA GLN PB 246 88.92 23.01 -13.66
C GLN PB 246 89.39 24.41 -13.30
N ARG PB 247 88.47 25.38 -13.23
CA ARG PB 247 88.87 26.73 -12.90
C ARG PB 247 89.43 26.80 -11.49
N ARG PB 248 88.89 26.01 -10.56
CA ARG PB 248 89.42 26.02 -9.21
C ARG PB 248 90.84 25.48 -9.16
N ILE PB 249 91.08 24.34 -9.83
CA ILE PB 249 92.43 23.77 -9.83
C ILE PB 249 93.42 24.74 -10.45
N GLU PB 250 93.07 25.32 -11.59
CA GLU PB 250 93.99 26.26 -12.22
C GLU PB 250 94.21 27.50 -11.37
N ALA PB 251 93.19 28.02 -10.70
CA ALA PB 251 93.35 29.21 -9.88
C ALA PB 251 94.17 28.97 -8.63
N ILE PB 252 94.10 27.77 -8.03
CA ILE PB 252 94.98 27.49 -6.91
C ILE PB 252 96.41 27.21 -7.35
N LEU PB 253 96.61 26.50 -8.46
CA LEU PB 253 97.96 26.14 -8.86
C LEU PB 253 98.70 27.22 -9.65
N SER PB 254 98.00 28.23 -10.15
CA SER PB 254 98.69 29.26 -10.91
C SER PB 254 99.69 30.08 -10.11
N PRO PB 255 99.38 30.60 -8.92
CA PRO PB 255 100.34 31.47 -8.23
C PRO PB 255 101.69 30.81 -7.96
N ILE PB 256 101.75 29.48 -7.88
CA ILE PB 256 103.02 28.82 -7.60
C ILE PB 256 103.87 28.74 -8.86
N VAL PB 257 103.29 28.25 -9.96
CA VAL PB 257 104.07 27.94 -11.16
C VAL PB 257 104.07 29.06 -12.19
N GLY PB 258 103.12 29.97 -12.15
CA GLY PB 258 103.08 31.09 -13.07
C GLY PB 258 101.68 31.39 -13.54
N ASN PB 259 101.59 32.40 -14.41
CA ASN PB 259 100.30 32.86 -14.89
C ASN PB 259 99.57 31.77 -15.66
N GLY PB 260 100.20 31.23 -16.71
CA GLY PB 260 99.50 30.30 -17.58
C GLY PB 260 100.32 29.09 -17.96
N ASN PB 261 101.18 28.64 -17.05
CA ASN PB 261 102.04 27.50 -17.30
C ASN PB 261 101.46 26.19 -16.77
N VAL PB 262 100.13 26.07 -16.75
CA VAL PB 262 99.48 24.85 -16.30
C VAL PB 262 98.11 24.77 -16.95
N HIS PB 263 97.70 23.55 -17.31
CA HIS PB 263 96.38 23.29 -17.86
C HIS PB 263 95.84 22.00 -17.24
N ALA PB 264 94.52 21.91 -17.12
CA ALA PB 264 93.89 20.75 -16.53
C ALA PB 264 92.56 20.48 -17.22
N GLN PB 265 92.21 19.21 -17.33
CA GLN PB 265 90.93 18.78 -17.90
C GLN PB 265 90.40 17.64 -17.05
N VAL PB 266 89.13 17.73 -16.65
CA VAL PB 266 88.52 16.81 -15.71
C VAL PB 266 87.34 16.14 -16.39
N THR PB 267 87.12 14.87 -16.07
CA THR PB 267 85.99 14.11 -16.60
C THR PB 267 85.16 13.60 -15.44
N ALA PB 268 83.91 14.05 -15.36
CA ALA PB 268 83.05 13.77 -14.24
C ALA PB 268 82.04 12.69 -14.61
N GLN PB 269 82.02 11.60 -13.85
CA GLN PB 269 81.02 10.56 -14.02
C GLN PB 269 79.83 10.87 -13.12
N LEU PB 270 78.81 11.51 -13.68
CA LEU PB 270 77.64 11.88 -12.92
C LEU PB 270 76.62 10.75 -12.92
N ASP PB 271 75.77 10.73 -11.90
CA ASP PB 271 74.75 9.70 -11.77
C ASP PB 271 73.39 10.39 -11.72
N PHE PB 272 72.46 9.92 -12.54
CA PHE PB 272 71.13 10.50 -12.63
C PHE PB 272 70.02 9.51 -12.31
N ALA PB 273 70.38 8.33 -11.81
CA ALA PB 273 69.36 7.32 -11.54
C ALA PB 273 68.57 7.68 -10.29
N ASN PB 274 67.27 7.92 -10.48
CA ASN PB 274 66.39 8.18 -9.34
C ASN PB 274 66.38 6.98 -8.41
N LYS PB 275 66.53 7.22 -7.11
CA LYS PB 275 66.76 6.15 -6.14
C LYS PB 275 66.10 6.51 -4.83
N GLU PB 276 65.37 5.56 -4.25
CA GLU PB 276 64.83 5.69 -2.91
C GLU PB 276 65.47 4.67 -2.00
N GLN PB 277 64.98 4.62 -0.75
CA GLN PB 277 65.48 3.65 0.21
C GLN PB 277 64.60 3.68 1.45
N THR PB 278 64.57 2.57 2.18
CA THR PB 278 63.85 2.49 3.45
C THR PB 278 64.51 1.47 4.35
N GLU PB 279 65.39 1.90 5.25
CA GLU PB 279 65.92 0.98 6.23
C GLU PB 279 64.89 0.72 7.32
N GLU PB 280 65.15 -0.32 8.11
CA GLU PB 280 64.35 -0.58 9.32
C GLU PB 280 65.23 -1.41 10.24
N HIS PB 281 65.82 -0.75 11.24
CA HIS PB 281 66.83 -1.38 12.07
C HIS PB 281 66.25 -1.74 13.42
N TYR PB 282 66.66 -2.91 13.93
CA TYR PB 282 66.20 -3.40 15.22
C TYR PB 282 67.40 -3.71 16.09
N SER PB 283 67.37 -3.21 17.31
CA SER PB 283 68.48 -3.52 18.20
C SER PB 283 68.28 -4.89 18.83
N PRO PB 284 69.34 -5.67 18.97
CA PRO PB 284 69.18 -7.02 19.51
C PRO PB 284 68.78 -6.99 20.98
N ASN PB 285 67.84 -7.85 21.34
CA ASN PB 285 67.40 -8.01 22.72
C ASN PB 285 67.48 -9.47 23.15
N GLY PB 286 68.45 -10.21 22.60
CA GLY PB 286 68.61 -11.59 23.01
C GLY PB 286 69.18 -11.73 24.40
N ASP PB 287 70.19 -10.94 24.73
CA ASP PB 287 70.82 -11.04 26.03
C ASP PB 287 69.84 -10.55 27.10
N ALA PB 288 69.73 -11.30 28.18
CA ALA PB 288 68.80 -10.97 29.24
C ALA PB 288 69.22 -9.75 30.06
N SER PB 289 70.41 -9.21 29.82
CA SER PB 289 70.88 -8.06 30.57
C SER PB 289 70.12 -6.80 30.25
N LYS PB 290 69.68 -6.62 29.00
CA LYS PB 290 68.91 -5.45 28.64
C LYS PB 290 67.69 -5.77 27.78
N ALA PB 291 67.03 -6.90 28.01
CA ALA PB 291 65.75 -7.13 27.39
C ALA PB 291 64.73 -6.15 27.93
N THR PB 292 63.61 -6.03 27.25
CA THR PB 292 62.53 -5.14 27.65
C THR PB 292 61.24 -5.94 27.72
N LEU PB 293 61.00 -6.57 28.86
CA LEU PB 293 59.83 -7.42 29.03
C LEU PB 293 58.58 -6.56 29.18
N ARG PB 294 57.53 -6.92 28.45
CA ARG PB 294 56.24 -6.31 28.69
C ARG PB 294 55.37 -7.21 29.56
N SER PB 295 55.46 -8.51 29.33
CA SER PB 295 54.78 -9.51 30.16
C SER PB 295 55.78 -10.59 30.54
N ARG PB 296 55.29 -11.59 31.25
CA ARG PB 296 56.10 -12.76 31.60
C ARG PB 296 55.20 -13.74 32.33
N GLN PB 297 55.60 -15.01 32.35
CA GLN PB 297 54.93 -16.03 33.16
C GLN PB 297 55.92 -17.16 33.36
N LEU PB 298 56.31 -17.40 34.60
CA LEU PB 298 57.37 -18.35 34.92
C LEU PB 298 56.85 -19.36 35.92
N ASN PB 299 56.44 -20.52 35.45
CA ASN PB 299 55.97 -21.59 36.32
C ASN PB 299 57.12 -22.55 36.58
N ILE PB 300 57.23 -23.03 37.81
CA ILE PB 300 58.30 -23.92 38.21
C ILE PB 300 57.72 -24.97 39.15
N SER PB 301 57.69 -26.22 38.70
CA SER PB 301 57.34 -27.34 39.56
C SER PB 301 58.59 -28.15 39.86
N GLU PB 302 58.54 -28.93 40.93
CA GLU PB 302 59.68 -29.75 41.32
C GLU PB 302 59.20 -30.78 42.34
N GLN PB 303 59.48 -32.05 42.08
CA GLN PB 303 59.10 -33.13 42.97
C GLN PB 303 60.33 -33.95 43.33
N VAL PB 304 60.29 -34.63 44.46
CA VAL PB 304 61.35 -35.55 44.86
C VAL PB 304 60.75 -36.82 45.43
N PRO PB 355 64.61 -39.51 42.16
CA PRO PB 355 63.42 -39.29 41.34
C PRO PB 355 63.10 -37.81 41.17
N ARG PB 356 64.13 -37.01 40.98
CA ARG PB 356 64.01 -35.55 40.98
C ARG PB 356 63.35 -35.09 39.69
N SER PB 357 62.04 -35.30 39.58
CA SER PB 357 61.27 -34.76 38.47
C SER PB 357 61.24 -33.25 38.56
N THR PB 358 61.18 -32.58 37.42
CA THR PB 358 61.23 -31.12 37.38
C THR PB 358 60.29 -30.63 36.31
N GLN PB 359 60.21 -29.31 36.16
CA GLN PB 359 59.39 -28.64 35.15
C GLN PB 359 59.72 -27.16 35.18
N ARG PB 360 59.67 -26.51 34.02
CA ARG PB 360 59.93 -25.08 33.95
C ARG PB 360 59.31 -24.52 32.67
N ASN PB 361 58.17 -23.86 32.81
CA ASN PB 361 57.55 -23.16 31.68
C ASN PB 361 57.83 -21.68 31.80
N GLU PB 362 57.92 -21.00 30.65
CA GLU PB 362 58.26 -19.58 30.66
C GLU PB 362 57.78 -18.93 29.38
N THR PB 363 56.76 -18.11 29.48
CA THR PB 363 56.30 -17.28 28.37
C THR PB 363 56.81 -15.86 28.56
N SER PB 364 57.24 -15.22 27.47
CA SER PB 364 57.77 -13.87 27.56
C SER PB 364 57.31 -13.07 26.36
N ASN PB 365 56.84 -11.85 26.60
CA ASN PB 365 56.51 -10.90 25.56
C ASN PB 365 57.46 -9.72 25.66
N TYR PB 366 58.08 -9.36 24.55
CA TYR PB 366 59.14 -8.37 24.55
C TYR PB 366 58.67 -7.07 23.94
N GLU PB 367 59.49 -6.03 24.09
CA GLU PB 367 59.37 -4.80 23.35
C GLU PB 367 60.72 -4.51 22.71
N VAL PB 368 60.71 -3.98 21.50
CA VAL PB 368 61.93 -3.86 20.71
C VAL PB 368 62.09 -2.43 20.24
N ASP PB 369 63.34 -1.99 20.16
CA ASP PB 369 63.66 -0.70 19.56
C ASP PB 369 63.32 -0.72 18.08
N ARG PB 370 63.41 0.45 17.44
CA ARG PB 370 63.14 0.51 16.01
C ARG PB 370 63.68 1.82 15.45
N THR PB 371 64.29 1.75 14.28
CA THR PB 371 64.72 2.92 13.54
C THR PB 371 64.26 2.79 12.10
N ILE PB 372 63.73 3.87 11.55
CA ILE PB 372 63.17 3.87 10.20
C ILE PB 372 63.64 5.13 9.50
N ARG PB 373 64.36 4.97 8.41
CA ARG PB 373 64.79 6.10 7.59
C ARG PB 373 64.19 5.98 6.20
N HIS PB 374 63.88 7.12 5.60
CA HIS PB 374 63.37 7.16 4.23
C HIS PB 374 64.27 8.06 3.42
N THR PB 375 65.38 7.51 2.92
CA THR PB 375 66.39 8.28 2.22
C THR PB 375 66.06 8.31 0.74
N LYS PB 376 65.81 9.49 0.21
CA LYS PB 376 65.57 9.67 -1.21
C LYS PB 376 66.78 10.37 -1.80
N MET PB 377 67.63 9.60 -2.49
CA MET PB 377 68.89 10.11 -2.98
C MET PB 377 68.68 11.26 -3.95
N ASN PB 378 69.76 11.99 -4.21
CA ASN PB 378 69.70 13.14 -5.10
C ASN PB 378 70.16 12.75 -6.49
N VAL PB 379 69.59 13.38 -7.50
CA VAL PB 379 69.93 13.11 -8.89
C VAL PB 379 70.89 14.20 -9.37
N GLY PB 380 72.14 13.84 -9.59
CA GLY PB 380 73.11 14.81 -10.05
C GLY PB 380 74.37 14.86 -9.21
N ASP PB 381 74.63 13.81 -8.44
CA ASP PB 381 75.82 13.76 -7.62
C ASP PB 381 77.02 13.28 -8.45
N ILE PB 382 78.20 13.44 -7.88
CA ILE PB 382 79.44 13.05 -8.55
C ILE PB 382 79.84 11.67 -8.07
N GLU PB 383 79.82 10.70 -8.98
CA GLU PB 383 80.16 9.33 -8.59
C GLU PB 383 81.64 9.05 -8.73
N ARG PB 384 82.31 9.73 -9.66
CA ARG PB 384 83.72 9.46 -9.88
C ARG PB 384 84.31 10.63 -10.67
N LEU PB 385 85.57 10.94 -10.41
CA LEU PB 385 86.28 12.00 -11.11
C LEU PB 385 87.56 11.44 -11.70
N SER PB 386 88.12 12.16 -12.67
CA SER PB 386 89.40 11.84 -13.25
C SER PB 386 90.02 13.14 -13.75
N VAL PB 387 91.23 13.44 -13.31
CA VAL PB 387 91.86 14.72 -13.58
C VAL PB 387 93.23 14.49 -14.19
N ALA PB 388 93.53 15.22 -15.25
CA ALA PB 388 94.84 15.21 -15.89
C ALA PB 388 95.36 16.63 -15.96
N VAL PB 389 96.57 16.85 -15.47
CA VAL PB 389 97.15 18.17 -15.37
C VAL PB 389 98.54 18.16 -16.00
N VAL PB 390 98.84 19.19 -16.79
CA VAL PB 390 100.16 19.38 -17.37
C VAL PB 390 100.79 20.60 -16.74
N VAL PB 391 102.06 20.50 -16.37
CA VAL PB 391 102.81 21.61 -15.78
C VAL PB 391 104.00 21.91 -16.67
N ASN PB 392 104.40 23.17 -16.69
CA ASN PB 392 105.44 23.62 -17.60
C ASN PB 392 106.82 23.51 -16.95
N TYR PB 393 107.84 23.36 -17.78
CA TYR PB 393 109.21 23.46 -17.33
C TYR PB 393 109.55 24.92 -16.99
N LYS PB 394 110.76 25.12 -16.46
CA LYS PB 394 111.22 26.45 -16.09
C LYS PB 394 112.74 26.49 -16.00
N LEU PB 402 115.39 21.90 -18.04
CA LEU PB 402 114.71 22.79 -17.11
C LEU PB 402 113.62 22.07 -16.31
N PRO PB 403 113.98 20.98 -15.63
CA PRO PB 403 112.95 20.15 -15.00
C PRO PB 403 112.57 20.67 -13.62
N LEU PB 404 111.29 20.54 -13.29
CA LEU PB 404 110.87 20.79 -11.92
C LEU PB 404 111.21 19.61 -11.04
N THR PB 405 111.63 19.90 -9.81
CA THR PB 405 112.14 18.86 -8.92
C THR PB 405 111.04 17.91 -8.47
N ALA PB 406 111.42 16.95 -7.62
CA ALA PB 406 110.47 15.94 -7.16
C ALA PB 406 109.62 16.45 -6.02
N ASP PB 407 110.21 17.21 -5.09
CA ASP PB 407 109.45 17.71 -3.95
C ASP PB 407 108.37 18.68 -4.40
N GLN PB 408 108.72 19.62 -5.27
CA GLN PB 408 107.74 20.56 -5.79
C GLN PB 408 106.64 19.84 -6.55
N MET PB 409 106.99 18.84 -7.34
CA MET PB 409 105.98 18.05 -8.02
C MET PB 409 105.06 17.35 -7.03
N LYS PB 410 105.61 16.81 -5.94
CA LYS PB 410 104.78 16.11 -4.98
C LYS PB 410 103.83 17.06 -4.28
N GLN PB 411 104.32 18.24 -3.89
CA GLN PB 411 103.42 19.18 -3.24
C GLN PB 411 102.37 19.73 -4.19
N ILE PB 412 102.71 19.84 -5.48
CA ILE PB 412 101.72 20.29 -6.45
C ILE PB 412 100.65 19.22 -6.65
N GLU PB 413 101.07 17.96 -6.74
CA GLU PB 413 100.10 16.86 -6.79
C GLU PB 413 99.21 16.90 -5.56
N ASP PB 414 99.77 17.19 -4.40
CA ASP PB 414 98.97 17.19 -3.18
C ASP PB 414 97.98 18.34 -3.16
N LEU PB 415 98.42 19.54 -3.57
CA LEU PB 415 97.49 20.66 -3.71
C LEU PB 415 96.34 20.31 -4.63
N THR PB 416 96.65 19.71 -5.78
CA THR PB 416 95.59 19.34 -6.72
C THR PB 416 94.64 18.32 -6.10
N ARG PB 417 95.19 17.30 -5.44
CA ARG PB 417 94.36 16.32 -4.78
C ARG PB 417 93.41 16.96 -3.77
N GLU PB 418 93.91 17.92 -3.00
CA GLU PB 418 93.04 18.56 -2.01
C GLU PB 418 92.05 19.52 -2.64
N ALA PB 419 92.40 20.14 -3.77
CA ALA PB 419 91.49 21.08 -4.42
C ALA PB 419 90.40 20.39 -5.21
N MET PB 420 90.63 19.14 -5.64
CA MET PB 420 89.61 18.40 -6.36
C MET PB 420 88.41 18.12 -5.48
N GLY PB 421 88.65 17.72 -4.25
CA GLY PB 421 87.64 17.05 -3.46
C GLY PB 421 87.88 15.57 -3.55
N PHE PB 422 89.17 15.21 -3.56
CA PHE PB 422 89.59 13.84 -3.79
C PHE PB 422 89.00 12.91 -2.73
N SER PB 423 88.75 11.67 -3.12
CA SER PB 423 88.20 10.68 -2.20
C SER PB 423 88.49 9.29 -2.73
N ASP PB 424 89.30 8.54 -1.98
CA ASP PB 424 89.58 7.15 -2.34
C ASP PB 424 88.36 6.25 -2.21
N LYS PB 425 87.24 6.77 -1.71
CA LYS PB 425 86.01 5.98 -1.70
C LYS PB 425 85.42 5.86 -3.09
N ARG PB 426 85.30 6.99 -3.79
CA ARG PB 426 84.67 6.99 -5.11
C ARG PB 426 85.57 6.41 -6.18
N GLY PB 427 86.83 6.13 -5.86
CA GLY PB 427 87.74 5.62 -6.87
C GLY PB 427 88.29 6.69 -7.78
N ASP PB 428 88.42 7.92 -7.29
CA ASP PB 428 88.91 9.00 -8.12
C ASP PB 428 90.35 8.75 -8.52
N THR PB 429 90.75 9.38 -9.61
CA THR PB 429 92.08 9.19 -10.20
C THR PB 429 92.67 10.54 -10.56
N LEU PB 430 93.95 10.71 -10.25
CA LEU PB 430 94.68 11.92 -10.56
C LEU PB 430 96.02 11.54 -11.18
N ASN PB 431 96.48 12.34 -12.14
CA ASN PB 431 97.83 12.17 -12.67
C ASN PB 431 98.33 13.49 -13.21
N VAL PB 432 99.43 13.97 -12.63
CA VAL PB 432 100.08 15.21 -13.04
C VAL PB 432 101.41 14.87 -13.70
N VAL PB 433 101.63 15.40 -14.89
CA VAL PB 433 102.84 15.13 -15.64
C VAL PB 433 103.51 16.44 -16.00
N ASN PB 434 104.84 16.39 -16.13
CA ASN PB 434 105.65 17.55 -16.44
C ASN PB 434 106.33 17.34 -17.79
N SER PB 435 106.10 18.26 -18.72
CA SER PB 435 106.68 18.16 -20.05
C SER PB 435 106.79 19.56 -20.63
N PRO PB 436 107.82 19.84 -21.41
CA PRO PB 436 108.02 21.20 -21.92
C PRO PB 436 106.91 21.59 -22.88
N PHE PB 437 106.53 22.86 -22.83
CA PHE PB 437 105.44 23.34 -23.66
C PHE PB 437 106.00 23.80 -25.00
N SER PB 438 105.12 24.07 -25.96
CA SER PB 438 105.51 24.51 -27.29
C SER PB 438 104.38 25.29 -27.93
#